data_1OGY
#
_entry.id   1OGY
#
_cell.length_a   123.000
_cell.length_b   225.200
_cell.length_c   154.600
_cell.angle_alpha   90.00
_cell.angle_beta   92.10
_cell.angle_gamma   90.00
#
_symmetry.space_group_name_H-M   'P 1 21 1'
#
loop_
_entity.id
_entity.type
_entity.pdbx_description
1 polymer 'PERIPLASMIC NITRATE REDUCTASE'
2 polymer 'DIHEME CYTOCHROME C NAPB MOLECULE: NITRATE REDUCTASE'
3 non-polymer 'IRON/SULFUR CLUSTER'
4 non-polymer 'MOLYBDENUM ATOM'
5 non-polymer '2-AMINO-5,6-DIMERCAPTO-7-METHYL-3,7,8A,9-TETRAHYDRO-8-OXA-1,3,9,10-TETRAAZA-ANTHRACEN-4-ONE GUANOSINE DINUCLEOTIDE'
6 non-polymer 'HEME C'
#
loop_
_entity_poly.entity_id
_entity_poly.type
_entity_poly.pdbx_seq_one_letter_code
_entity_poly.pdbx_strand_id
1 'polypeptide(L)'
;QPVTGGAEALRIRWSKAPCRFCGTGCGVMVGTRDGQVVATHGDTQAEVNRGLNCVKGYFLSKIMYGEDRLTTPLLRMKDG
VYHKEGEFAPVSWDEAFDVMAAQAKLVLKEKAPEAVGMFGSGQWTIWEGYAASKLMRAGFRSNNLDPNARHCMASAATAF
MRTFGMDEPMGCYDDFEAADAFVLWGSNMAEMHPILWSRLTDRRLSHEHVRVAVLSTFTHRSSDLSDTPIIFRPGTDRAI
LNYIAHHIISTGRVNRDFVDRHTNFALGATDIGYGLRPEHQLQLAAKGAADAGAMTPTDFETFAALVSEYTLEKAAEISG
VEPALLEELAELYADPDRKWMSLWTMGFNQHVRGVWANHMVYNLHLLTGKISEPGNSPFSLTGQPFACGTAREVGTFAHR
LPADMVVTNPEHRAHAEEIWKLPAGLLPDWVGAHAVEQDRKLHDGEINFYWVQVNNNMQAAPNIDQETYPGYRNPENFIV
VSDAYPTVTGRAADLVLPAAMWVEKEGAYGNAERRTHFWHQLVEAPGEARSDLWQLMEFSKRFTTDEVWPEEILSAAPAY
RGKTLFEVLFANGSVDRFPASDVNPDHANHEAALFGFYPQKGLFEEYAAFGRGHGHDLAPFDTYHEVRGLHWPVVEGEET
RWRYREGFDPYVKPGEGLRFYGKPDGRAVILGVPYEPPAESPDEEFGFWLVTGRVLEHWHSGSMTLRWPELYKAFPGAVC
FMHPEDARSRGLNRGSEVRVISRRGEIRTRLETRGRNRMPRGVVFVPWFDASQLINKVTLDANDPISRQTDFKKCAVKIE
AV
;
A,C,E,G,I,K,M,O
2 'polypeptide(L)'
;QDAPRLTGADRPMSEVAAPPLPETITDDRRVGRNYPEQPPVIPHSIEGYQLSVNANRCLECHRRQYSGLVAAPMISITHF
QDREGQMLADVSPRRYFCTACHVPQTNAQPLVTNEFRDMLTLMPASNEAE
;
B,D,F,H,J,L,N,P
#
# COMPACT_ATOMS: atom_id res chain seq x y z
N ILE A 12 -7.46 -21.77 32.14
CA ILE A 12 -7.77 -23.24 32.12
C ILE A 12 -8.96 -23.62 33.00
N ARG A 13 -9.00 -23.22 34.28
CA ARG A 13 -10.12 -23.61 35.17
C ARG A 13 -11.09 -22.51 35.54
N TRP A 14 -12.32 -22.64 35.08
CA TRP A 14 -13.34 -21.65 35.31
C TRP A 14 -14.25 -21.91 36.52
N SER A 15 -14.29 -20.92 37.41
CA SER A 15 -15.11 -21.00 38.60
C SER A 15 -16.12 -19.88 38.69
N LYS A 16 -17.28 -20.20 39.23
CA LYS A 16 -18.41 -19.30 39.42
C LYS A 16 -18.07 -18.30 40.55
N ALA A 17 -18.54 -17.05 40.45
CA ALA A 17 -18.33 -16.04 41.51
C ALA A 17 -19.06 -14.72 41.25
N PRO A 18 -19.60 -14.08 42.28
CA PRO A 18 -20.32 -12.83 42.08
C PRO A 18 -19.39 -11.62 42.05
N CYS A 19 -19.68 -10.62 41.23
CA CYS A 19 -18.83 -9.42 41.11
C CYS A 19 -18.54 -8.81 42.46
N ARG A 20 -17.30 -8.44 42.70
CA ARG A 20 -16.88 -7.89 43.97
C ARG A 20 -17.25 -6.43 44.16
N PHE A 21 -17.97 -5.86 43.22
CA PHE A 21 -18.31 -4.47 43.36
C PHE A 21 -19.81 -4.32 43.59
N CYS A 22 -20.42 -3.58 42.68
CA CYS A 22 -21.84 -3.31 42.52
C CYS A 22 -22.90 -4.10 43.31
N GLY A 23 -24.02 -3.46 43.64
CA GLY A 23 -25.08 -4.18 44.31
C GLY A 23 -25.96 -4.89 43.29
N THR A 24 -25.66 -4.68 42.03
CA THR A 24 -26.42 -5.34 40.97
C THR A 24 -26.25 -6.80 41.22
N GLY A 25 -25.00 -7.25 41.28
CA GLY A 25 -24.73 -8.64 41.57
C GLY A 25 -24.51 -9.55 40.40
N CYS A 26 -23.79 -9.07 39.39
CA CYS A 26 -23.50 -9.84 38.21
C CYS A 26 -22.70 -11.09 38.51
N GLY A 27 -22.92 -12.13 37.74
CA GLY A 27 -22.17 -13.36 37.93
C GLY A 27 -20.97 -13.33 37.01
N VAL A 28 -19.83 -13.72 37.55
CA VAL A 28 -18.60 -13.74 36.82
C VAL A 28 -18.09 -15.15 36.83
N MET A 29 -17.29 -15.47 35.84
CA MET A 29 -16.69 -16.77 35.78
C MET A 29 -15.18 -16.55 35.83
N VAL A 30 -14.60 -16.85 36.99
CA VAL A 30 -13.20 -16.63 37.23
C VAL A 30 -12.33 -17.70 36.63
N GLY A 31 -11.36 -17.25 35.82
CA GLY A 31 -10.43 -18.12 35.15
C GLY A 31 -9.18 -18.25 35.97
N THR A 32 -8.84 -19.49 36.29
CA THR A 32 -7.74 -19.76 37.16
C THR A 32 -6.65 -20.67 36.60
N ARG A 33 -5.39 -20.27 36.78
CA ARG A 33 -4.26 -21.05 36.33
C ARG A 33 -3.07 -20.90 37.25
N ASP A 34 -2.50 -22.00 37.70
CA ASP A 34 -1.35 -21.95 38.60
C ASP A 34 -1.53 -21.06 39.81
N GLY A 35 -2.65 -21.22 40.49
CA GLY A 35 -2.92 -20.41 41.66
C GLY A 35 -3.10 -18.94 41.39
N GLN A 36 -3.36 -18.62 40.12
CA GLN A 36 -3.55 -17.26 39.66
C GLN A 36 -4.85 -17.04 38.88
N VAL A 37 -5.47 -15.88 39.05
CA VAL A 37 -6.68 -15.55 38.31
C VAL A 37 -6.11 -14.98 37.05
N VAL A 38 -6.37 -15.61 35.92
CA VAL A 38 -5.80 -15.13 34.68
C VAL A 38 -6.83 -14.61 33.70
N ALA A 39 -8.10 -14.59 34.11
CA ALA A 39 -9.18 -14.14 33.25
C ALA A 39 -10.46 -13.95 34.03
N THR A 40 -11.28 -13.03 33.57
CA THR A 40 -12.55 -12.76 34.21
C THR A 40 -13.62 -12.58 33.15
N HIS A 41 -14.48 -13.57 32.95
CA HIS A 41 -15.54 -13.44 31.96
C HIS A 41 -16.96 -13.32 32.55
N GLY A 42 -17.94 -13.04 31.70
CA GLY A 42 -19.32 -12.93 32.17
C GLY A 42 -19.99 -14.31 32.20
N ASP A 43 -20.68 -14.58 33.30
CA ASP A 43 -21.35 -15.84 33.53
C ASP A 43 -22.67 -15.95 32.82
N THR A 44 -22.68 -16.59 31.66
CA THR A 44 -23.92 -16.73 30.88
C THR A 44 -25.02 -17.52 31.53
N GLN A 45 -24.73 -18.19 32.63
CA GLN A 45 -25.74 -18.96 33.34
C GLN A 45 -26.36 -18.19 34.51
N ALA A 46 -25.88 -16.96 34.76
CA ALA A 46 -26.37 -16.12 35.84
C ALA A 46 -27.56 -15.30 35.40
N GLU A 47 -28.65 -15.29 36.17
CA GLU A 47 -29.85 -14.56 35.82
C GLU A 47 -29.66 -13.06 35.86
N VAL A 48 -28.85 -12.56 36.76
CA VAL A 48 -28.68 -11.14 36.85
C VAL A 48 -28.24 -10.58 35.53
N ASN A 49 -26.98 -10.81 35.18
CA ASN A 49 -26.36 -10.30 33.98
C ASN A 49 -26.45 -11.13 32.72
N ARG A 50 -26.29 -12.43 32.84
CA ARG A 50 -26.35 -13.30 31.69
C ARG A 50 -25.23 -13.02 30.69
N GLY A 51 -23.99 -13.28 31.12
CA GLY A 51 -22.81 -13.10 30.30
C GLY A 51 -22.26 -11.69 30.09
N LEU A 52 -22.88 -10.71 30.73
CA LEU A 52 -22.47 -9.34 30.55
C LEU A 52 -21.98 -8.73 31.81
N ASN A 53 -20.90 -7.96 31.75
CA ASN A 53 -20.35 -7.23 32.91
C ASN A 53 -20.09 -5.83 32.40
N CYS A 54 -19.48 -4.98 33.21
CA CYS A 54 -19.16 -3.60 32.80
C CYS A 54 -17.66 -3.49 32.86
N VAL A 55 -17.11 -2.32 32.67
CA VAL A 55 -15.66 -2.29 32.70
C VAL A 55 -15.08 -2.89 33.97
N LYS A 56 -15.52 -2.41 35.13
CA LYS A 56 -15.00 -2.87 36.40
C LYS A 56 -15.10 -4.37 36.55
N GLY A 57 -16.17 -4.95 35.99
CA GLY A 57 -16.39 -6.38 36.11
C GLY A 57 -15.37 -7.22 35.38
N TYR A 58 -15.21 -6.94 34.10
CA TYR A 58 -14.24 -7.65 33.29
C TYR A 58 -12.83 -7.51 33.86
N PHE A 59 -12.56 -6.41 34.56
CA PHE A 59 -11.24 -6.22 35.12
C PHE A 59 -11.13 -6.69 36.57
N LEU A 60 -12.00 -7.59 36.96
CA LEU A 60 -11.90 -8.09 38.31
C LEU A 60 -10.59 -8.88 38.37
N SER A 61 -10.12 -9.34 37.24
CA SER A 61 -8.92 -10.14 37.20
C SER A 61 -7.72 -9.45 37.73
N LYS A 62 -7.72 -8.12 37.64
CA LYS A 62 -6.56 -7.34 38.09
C LYS A 62 -6.64 -6.68 39.44
N ILE A 63 -7.68 -6.95 40.22
CA ILE A 63 -7.93 -6.32 41.49
C ILE A 63 -7.12 -6.76 42.70
N MET A 64 -6.82 -8.05 42.80
CA MET A 64 -6.08 -8.53 43.96
C MET A 64 -4.60 -8.48 43.69
N TYR A 65 -4.18 -7.86 42.59
CA TYR A 65 -2.79 -7.93 42.24
C TYR A 65 -1.92 -6.70 42.23
N GLY A 66 -2.34 -5.63 42.88
CA GLY A 66 -1.47 -4.46 42.96
C GLY A 66 -0.25 -4.91 43.75
N GLU A 67 0.91 -4.32 43.51
CA GLU A 67 2.12 -4.77 44.23
C GLU A 67 2.16 -4.40 45.69
N ASP A 68 1.15 -3.67 46.17
CA ASP A 68 1.07 -3.24 47.57
C ASP A 68 0.50 -4.26 48.54
N ARG A 69 -0.39 -5.09 48.02
CA ARG A 69 -1.06 -6.06 48.86
C ARG A 69 -0.33 -6.24 50.18
N LEU A 70 -0.98 -5.81 51.26
CA LEU A 70 -0.46 -5.93 52.61
C LEU A 70 -0.22 -7.43 52.84
N THR A 71 0.94 -7.76 53.39
CA THR A 71 1.29 -9.15 53.61
C THR A 71 1.63 -9.50 55.04
N THR A 72 1.82 -8.48 55.87
CA THR A 72 2.21 -8.67 57.27
C THR A 72 1.50 -7.69 58.14
N PRO A 73 1.09 -8.10 59.33
CA PRO A 73 0.43 -7.13 60.18
C PRO A 73 1.44 -6.02 60.46
N LEU A 74 0.99 -4.78 60.60
CA LEU A 74 1.88 -3.66 60.87
C LEU A 74 1.48 -2.86 62.10
N LEU A 75 2.30 -2.92 63.14
CA LEU A 75 2.06 -2.18 64.38
C LEU A 75 2.95 -0.94 64.41
N ARG A 76 2.52 0.08 65.13
CA ARG A 76 3.30 1.30 65.23
C ARG A 76 4.33 1.20 66.31
N MET A 77 5.44 0.59 65.91
CA MET A 77 6.63 0.29 66.72
C MET A 77 6.62 -1.23 67.06
N LYS A 78 7.55 -1.94 66.43
CA LYS A 78 7.77 -3.37 66.61
C LYS A 78 8.21 -3.56 68.07
N ASP A 79 9.40 -3.03 68.39
CA ASP A 79 9.95 -3.06 69.74
C ASP A 79 10.25 -1.61 70.11
N GLY A 80 10.24 -1.34 71.39
CA GLY A 80 10.41 0.02 71.85
C GLY A 80 9.04 0.12 72.47
N VAL A 81 8.23 -0.92 72.22
CA VAL A 81 6.89 -1.11 72.73
C VAL A 81 5.80 -0.89 71.67
N TYR A 82 5.32 0.32 71.54
CA TYR A 82 4.25 0.69 70.62
C TYR A 82 3.87 2.10 71.05
N HIS A 83 3.91 3.03 70.12
CA HIS A 83 3.63 4.42 70.43
C HIS A 83 2.79 5.03 69.32
N LYS A 84 1.64 5.57 69.70
CA LYS A 84 0.81 6.21 68.71
C LYS A 84 1.56 7.49 68.41
N GLU A 85 2.14 7.56 67.22
CA GLU A 85 2.95 8.67 66.73
C GLU A 85 4.25 7.96 66.38
N GLY A 86 4.14 6.65 66.21
CA GLY A 86 5.29 5.82 65.90
C GLY A 86 5.63 5.65 64.45
N GLU A 87 6.09 4.45 64.13
CA GLU A 87 6.51 4.06 62.80
C GLU A 87 5.56 2.92 62.49
N PHE A 88 5.81 2.18 61.43
CA PHE A 88 4.98 1.02 61.16
C PHE A 88 5.97 -0.09 60.95
N ALA A 89 5.77 -1.18 61.68
CA ALA A 89 6.70 -2.26 61.59
C ALA A 89 6.04 -3.61 61.42
N PRO A 90 6.73 -4.53 60.72
CA PRO A 90 6.25 -5.87 60.48
C PRO A 90 6.09 -6.46 61.88
N VAL A 91 5.24 -7.46 62.02
CA VAL A 91 5.03 -8.02 63.34
C VAL A 91 4.20 -9.28 63.14
N SER A 92 4.50 -10.33 63.88
CA SER A 92 3.76 -11.58 63.75
C SER A 92 2.29 -11.41 64.04
N TRP A 93 1.48 -12.36 63.59
CA TRP A 93 0.05 -12.33 63.85
C TRP A 93 -0.14 -12.39 65.35
N ASP A 94 0.49 -13.37 65.97
CA ASP A 94 0.42 -13.55 67.42
C ASP A 94 0.76 -12.26 68.12
N GLU A 95 1.90 -11.67 67.76
CA GLU A 95 2.31 -10.42 68.36
C GLU A 95 1.19 -9.40 68.18
N ALA A 96 0.79 -9.23 66.93
CA ALA A 96 -0.25 -8.29 66.59
C ALA A 96 -1.47 -8.46 67.47
N PHE A 97 -1.93 -9.69 67.64
CA PHE A 97 -3.09 -9.94 68.46
C PHE A 97 -2.79 -9.72 69.94
N ASP A 98 -1.57 -10.06 70.36
CA ASP A 98 -1.16 -9.88 71.75
C ASP A 98 -1.42 -8.44 72.14
N VAL A 99 -0.92 -7.51 71.32
CA VAL A 99 -1.05 -6.08 71.57
C VAL A 99 -2.48 -5.59 71.45
N MET A 100 -3.14 -6.09 70.42
CA MET A 100 -4.50 -5.71 70.11
C MET A 100 -5.46 -6.24 71.15
N ALA A 101 -5.10 -7.31 71.83
CA ALA A 101 -5.98 -7.91 72.82
C ALA A 101 -5.86 -7.15 74.11
N ALA A 102 -4.61 -6.80 74.46
CA ALA A 102 -4.32 -6.07 75.68
C ALA A 102 -5.06 -4.76 75.69
N GLN A 103 -4.95 -4.00 74.60
CA GLN A 103 -5.61 -2.71 74.47
C GLN A 103 -7.11 -2.89 74.71
N ALA A 104 -7.67 -3.93 74.13
CA ALA A 104 -9.08 -4.24 74.28
C ALA A 104 -9.42 -4.45 75.76
N LYS A 105 -8.84 -5.49 76.36
CA LYS A 105 -9.08 -5.83 77.76
C LYS A 105 -9.08 -4.58 78.67
N LEU A 106 -8.09 -3.72 78.50
CA LEU A 106 -7.99 -2.51 79.30
C LEU A 106 -9.26 -1.67 79.16
N VAL A 107 -9.50 -1.16 77.96
CA VAL A 107 -10.67 -0.34 77.62
C VAL A 107 -11.92 -1.01 78.15
N LEU A 108 -11.93 -2.32 78.03
CA LEU A 108 -13.03 -3.15 78.44
C LEU A 108 -13.07 -3.26 79.98
N LYS A 109 -12.45 -2.31 80.68
CA LYS A 109 -12.40 -2.31 82.14
C LYS A 109 -12.38 -0.91 82.73
N GLU A 110 -12.04 0.06 81.90
CA GLU A 110 -12.02 1.42 82.37
C GLU A 110 -13.33 2.10 82.00
N LYS A 111 -13.85 1.75 80.84
CA LYS A 111 -15.11 2.31 80.36
C LYS A 111 -16.06 1.25 79.87
N ALA A 112 -15.54 0.03 79.70
CA ALA A 112 -16.35 -1.12 79.30
C ALA A 112 -16.92 -1.18 77.86
N PRO A 113 -17.84 -2.13 77.56
CA PRO A 113 -18.38 -2.25 76.22
C PRO A 113 -18.75 -1.00 75.44
N GLU A 114 -19.41 -0.03 76.07
CA GLU A 114 -19.80 1.18 75.35
C GLU A 114 -18.57 2.00 74.91
N ALA A 115 -17.38 1.39 74.99
CA ALA A 115 -16.12 2.03 74.60
C ALA A 115 -15.34 1.26 73.52
N VAL A 116 -15.75 0.02 73.25
CA VAL A 116 -15.12 -0.75 72.17
C VAL A 116 -16.12 -0.54 71.01
N GLY A 117 -15.64 -0.48 69.78
CA GLY A 117 -16.51 -0.31 68.63
C GLY A 117 -15.98 -0.89 67.32
N MET A 118 -16.88 -1.41 66.48
CA MET A 118 -16.52 -1.95 65.17
C MET A 118 -17.24 -1.24 64.06
N PHE A 119 -16.58 -1.17 62.91
CA PHE A 119 -17.14 -0.52 61.76
C PHE A 119 -16.99 -1.44 60.57
N GLY A 120 -18.04 -2.23 60.30
CA GLY A 120 -18.03 -3.19 59.20
C GLY A 120 -18.50 -2.70 57.84
N SER A 121 -18.74 -3.60 56.91
CA SER A 121 -19.20 -3.17 55.61
C SER A 121 -20.10 -4.13 54.85
N GLY A 122 -20.81 -3.54 53.89
CA GLY A 122 -21.70 -4.28 53.03
C GLY A 122 -20.84 -4.97 52.02
N GLN A 123 -19.56 -5.01 52.31
CA GLN A 123 -18.59 -5.69 51.45
C GLN A 123 -18.03 -6.92 52.22
N TRP A 124 -18.47 -7.09 53.45
CA TRP A 124 -18.11 -8.23 54.31
C TRP A 124 -18.92 -9.39 53.76
N THR A 125 -18.43 -10.59 53.92
CA THR A 125 -19.18 -11.75 53.51
C THR A 125 -20.32 -12.01 54.50
N ILE A 126 -21.37 -12.71 54.09
CA ILE A 126 -22.47 -12.99 54.99
C ILE A 126 -21.95 -13.52 56.32
N TRP A 127 -21.07 -14.51 56.29
CA TRP A 127 -20.57 -15.03 57.54
C TRP A 127 -19.51 -14.17 58.22
N GLU A 128 -19.01 -13.13 57.57
CA GLU A 128 -18.05 -12.28 58.22
C GLU A 128 -18.83 -11.29 59.08
N GLY A 129 -19.98 -10.85 58.57
CA GLY A 129 -20.79 -9.93 59.34
C GLY A 129 -21.51 -10.66 60.44
N TYR A 130 -21.66 -11.96 60.28
CA TYR A 130 -22.34 -12.73 61.29
C TYR A 130 -21.35 -12.96 62.42
N ALA A 131 -20.15 -13.42 62.07
CA ALA A 131 -19.12 -13.67 63.07
C ALA A 131 -18.84 -12.39 63.82
N ALA A 132 -18.97 -11.26 63.13
CA ALA A 132 -18.73 -9.99 63.78
C ALA A 132 -19.84 -9.66 64.76
N SER A 133 -21.09 -9.75 64.31
CA SER A 133 -22.23 -9.45 65.17
C SER A 133 -22.09 -10.26 66.45
N LYS A 134 -21.82 -11.55 66.26
CA LYS A 134 -21.68 -12.46 67.38
C LYS A 134 -20.59 -12.00 68.33
N LEU A 135 -19.40 -11.81 67.78
CA LEU A 135 -18.24 -11.39 68.57
C LEU A 135 -18.43 -10.10 69.34
N MET A 136 -19.05 -9.12 68.69
CA MET A 136 -19.27 -7.85 69.34
C MET A 136 -20.33 -7.91 70.40
N ARG A 137 -21.38 -8.66 70.15
CA ARG A 137 -22.45 -8.71 71.13
C ARG A 137 -22.44 -9.83 72.12
N ALA A 138 -22.49 -11.07 71.64
CA ALA A 138 -22.45 -12.23 72.53
C ALA A 138 -21.09 -12.26 73.21
N GLY A 139 -20.08 -11.74 72.54
CA GLY A 139 -18.77 -11.74 73.11
C GLY A 139 -18.47 -10.57 74.01
N PHE A 140 -17.93 -9.50 73.43
CA PHE A 140 -17.57 -8.31 74.18
C PHE A 140 -18.78 -7.60 74.75
N ARG A 141 -19.97 -8.14 74.52
CA ARG A 141 -21.20 -7.53 75.02
C ARG A 141 -21.35 -6.03 74.68
N SER A 142 -21.14 -5.68 73.41
CA SER A 142 -21.25 -4.32 72.92
C SER A 142 -22.04 -4.23 71.61
N ASN A 143 -23.03 -3.37 71.54
CA ASN A 143 -23.84 -3.19 70.34
C ASN A 143 -23.28 -1.99 69.55
N ASN A 144 -22.00 -1.70 69.77
CA ASN A 144 -21.35 -0.60 69.10
C ASN A 144 -20.79 -1.02 67.74
N LEU A 145 -21.56 -1.85 67.05
CA LEU A 145 -21.17 -2.36 65.73
C LEU A 145 -22.05 -1.73 64.66
N ASP A 146 -21.43 -0.95 63.78
CA ASP A 146 -22.16 -0.30 62.70
C ASP A 146 -21.39 -0.46 61.38
N PRO A 147 -22.09 -0.43 60.25
CA PRO A 147 -21.44 -0.59 58.96
C PRO A 147 -21.35 0.69 58.15
N ASN A 148 -20.65 0.59 57.03
CA ASN A 148 -20.49 1.71 56.11
C ASN A 148 -21.84 1.86 55.40
N ALA A 149 -22.67 0.82 55.50
CA ALA A 149 -23.98 0.83 54.87
C ALA A 149 -24.84 1.91 55.50
N ARG A 150 -24.38 2.43 56.64
CA ARG A 150 -25.08 3.51 57.32
C ARG A 150 -25.06 4.76 56.43
N HIS A 151 -23.98 4.91 55.67
CA HIS A 151 -23.84 6.03 54.77
C HIS A 151 -24.66 5.77 53.54
N CYS A 152 -24.99 4.49 53.32
CA CYS A 152 -25.68 3.98 52.09
C CYS A 152 -27.18 3.57 52.05
N MET A 153 -27.56 2.51 52.76
CA MET A 153 -28.93 2.00 52.73
C MET A 153 -29.81 2.26 53.95
N ALA A 154 -29.25 2.91 54.97
CA ALA A 154 -30.00 3.15 56.17
C ALA A 154 -31.34 3.76 55.86
N SER A 155 -31.34 4.87 55.13
CA SER A 155 -32.60 5.51 54.82
C SER A 155 -33.60 4.54 54.24
N ALA A 156 -33.21 3.82 53.22
CA ALA A 156 -34.11 2.90 52.58
C ALA A 156 -34.58 1.82 53.52
N ALA A 157 -33.66 1.27 54.28
CA ALA A 157 -34.02 0.21 55.21
C ALA A 157 -35.00 0.74 56.26
N THR A 158 -34.69 1.91 56.76
CA THR A 158 -35.52 2.54 57.78
C THR A 158 -36.95 2.72 57.26
N ALA A 159 -37.10 3.26 56.07
CA ALA A 159 -38.44 3.46 55.53
C ALA A 159 -39.15 2.13 55.27
N PHE A 160 -38.36 1.09 54.97
CA PHE A 160 -38.92 -0.24 54.69
C PHE A 160 -39.71 -0.72 55.87
N MET A 161 -39.07 -0.71 57.04
CA MET A 161 -39.69 -1.16 58.25
C MET A 161 -40.89 -0.30 58.51
N ARG A 162 -40.72 1.02 58.55
CA ARG A 162 -41.84 1.89 58.80
C ARG A 162 -43.04 1.63 57.84
N THR A 163 -42.83 1.66 56.53
CA THR A 163 -43.96 1.43 55.64
C THR A 163 -44.38 -0.01 55.44
N PHE A 164 -43.45 -0.97 55.46
CA PHE A 164 -43.82 -2.37 55.24
C PHE A 164 -43.56 -3.29 56.42
N GLY A 165 -42.87 -2.79 57.42
CA GLY A 165 -42.59 -3.63 58.58
C GLY A 165 -41.58 -4.73 58.35
N MET A 166 -40.99 -4.73 57.15
CA MET A 166 -39.99 -5.73 56.76
C MET A 166 -39.02 -5.16 55.72
N ASP A 167 -37.74 -5.49 55.82
CA ASP A 167 -36.74 -4.93 54.92
C ASP A 167 -36.61 -5.53 53.52
N GLU A 168 -35.85 -4.87 52.64
CA GLU A 168 -35.62 -5.27 51.25
C GLU A 168 -36.87 -5.19 50.40
N PRO A 169 -36.72 -5.02 49.08
CA PRO A 169 -37.79 -4.89 48.08
C PRO A 169 -38.74 -6.05 47.97
N MET A 170 -39.91 -5.76 47.39
CA MET A 170 -40.93 -6.76 47.18
C MET A 170 -40.89 -7.16 45.70
N GLY A 171 -40.11 -6.43 44.93
CA GLY A 171 -40.00 -6.75 43.50
C GLY A 171 -38.65 -7.40 43.24
N CYS A 172 -38.23 -7.42 41.98
CA CYS A 172 -36.97 -8.03 41.58
C CYS A 172 -36.63 -7.59 40.17
N TYR A 173 -35.39 -7.86 39.75
CA TYR A 173 -34.88 -7.46 38.43
C TYR A 173 -35.80 -7.88 37.29
N ASP A 174 -36.60 -8.92 37.52
CA ASP A 174 -37.55 -9.41 36.55
C ASP A 174 -38.49 -8.28 36.13
N ASP A 175 -38.59 -7.24 36.95
CA ASP A 175 -39.45 -6.12 36.63
C ASP A 175 -38.90 -5.36 35.43
N PHE A 176 -37.59 -5.28 35.29
CA PHE A 176 -37.00 -4.57 34.17
C PHE A 176 -37.59 -4.93 32.82
N GLU A 177 -37.93 -6.20 32.67
CA GLU A 177 -38.47 -6.70 31.42
C GLU A 177 -39.98 -6.56 31.30
N ALA A 178 -40.63 -6.34 32.44
CA ALA A 178 -42.07 -6.24 32.51
C ALA A 178 -42.61 -4.84 32.57
N ALA A 179 -41.79 -3.91 33.05
CA ALA A 179 -42.24 -2.54 33.20
C ALA A 179 -42.75 -1.89 31.94
N ASP A 180 -43.51 -0.83 32.12
CA ASP A 180 -44.14 -0.08 31.05
C ASP A 180 -43.53 1.29 30.99
N ALA A 181 -42.78 1.64 32.01
CA ALA A 181 -42.08 2.92 32.03
C ALA A 181 -41.32 3.11 33.32
N PHE A 182 -40.13 3.65 33.18
CA PHE A 182 -39.20 3.79 34.29
C PHE A 182 -38.98 5.20 34.83
N VAL A 183 -39.03 5.34 36.15
CA VAL A 183 -38.73 6.62 36.75
C VAL A 183 -37.49 6.48 37.62
N LEU A 184 -36.46 7.25 37.28
CA LEU A 184 -35.19 7.23 37.99
C LEU A 184 -35.04 8.42 38.93
N TRP A 185 -35.34 8.25 40.21
CA TRP A 185 -35.23 9.37 41.11
C TRP A 185 -33.83 9.77 41.54
N GLY A 186 -33.11 10.40 40.64
CA GLY A 186 -31.77 10.85 40.95
C GLY A 186 -30.71 9.78 40.89
N SER A 187 -31.07 8.69 40.24
CA SER A 187 -30.14 7.58 40.09
C SER A 187 -29.25 7.85 38.90
N ASN A 188 -28.19 7.07 38.79
CA ASN A 188 -27.28 7.21 37.67
C ASN A 188 -26.87 5.83 37.31
N MET A 189 -27.88 5.01 37.05
CA MET A 189 -27.66 3.63 36.70
C MET A 189 -26.64 3.44 35.60
N ALA A 190 -26.66 4.32 34.62
CA ALA A 190 -25.76 4.25 33.47
C ALA A 190 -24.32 4.00 33.84
N GLU A 191 -23.94 4.56 34.98
CA GLU A 191 -22.59 4.44 35.49
C GLU A 191 -22.47 3.66 36.77
N MET A 192 -23.54 3.58 37.55
CA MET A 192 -23.43 2.88 38.83
C MET A 192 -24.08 1.52 38.94
N HIS A 193 -24.96 1.20 37.99
CA HIS A 193 -25.63 -0.08 37.92
C HIS A 193 -25.77 -0.35 36.43
N PRO A 194 -24.65 -0.37 35.73
CA PRO A 194 -24.63 -0.61 34.31
C PRO A 194 -25.44 -1.77 33.80
N ILE A 195 -25.20 -2.96 34.30
CA ILE A 195 -25.94 -4.07 33.77
C ILE A 195 -27.43 -3.96 34.01
N LEU A 196 -27.83 -3.21 35.01
CA LEU A 196 -29.25 -3.04 35.24
C LEU A 196 -29.73 -2.01 34.23
N TRP A 197 -28.89 -1.01 33.97
CA TRP A 197 -29.23 0.03 33.02
C TRP A 197 -29.27 -0.60 31.65
N SER A 198 -28.47 -1.64 31.44
CA SER A 198 -28.44 -2.34 30.17
C SER A 198 -29.77 -3.05 30.04
N ARG A 199 -30.20 -3.64 31.12
CA ARG A 199 -31.43 -4.39 31.13
C ARG A 199 -32.62 -3.48 30.90
N LEU A 200 -32.53 -2.24 31.39
CA LEU A 200 -33.60 -1.24 31.26
C LEU A 200 -33.60 -0.67 29.85
N THR A 201 -32.40 -0.44 29.35
CA THR A 201 -32.25 0.06 28.01
C THR A 201 -32.78 -0.94 26.97
N ASP A 202 -32.50 -2.23 27.17
CA ASP A 202 -32.97 -3.25 26.24
C ASP A 202 -34.48 -3.23 26.18
N ARG A 203 -35.13 -3.01 27.33
CA ARG A 203 -36.59 -2.96 27.40
C ARG A 203 -37.11 -1.72 26.69
N ARG A 204 -36.51 -0.57 26.98
CA ARG A 204 -36.93 0.68 26.39
C ARG A 204 -36.75 0.68 24.87
N LEU A 205 -35.56 0.36 24.41
CA LEU A 205 -35.29 0.36 23.00
C LEU A 205 -35.99 -0.72 22.20
N SER A 206 -36.27 -1.85 22.84
CA SER A 206 -36.90 -3.00 22.18
C SER A 206 -38.39 -2.87 22.06
N HIS A 207 -39.03 -2.10 22.93
CA HIS A 207 -40.47 -1.92 22.86
C HIS A 207 -40.70 -0.44 22.92
N GLU A 208 -40.94 0.20 21.76
CA GLU A 208 -41.09 1.65 21.73
C GLU A 208 -42.27 2.28 22.45
N HIS A 209 -43.12 1.46 23.06
CA HIS A 209 -44.23 2.03 23.79
C HIS A 209 -43.77 2.45 25.18
N VAL A 210 -42.65 1.88 25.62
CA VAL A 210 -42.08 2.15 26.94
C VAL A 210 -41.54 3.57 27.07
N ARG A 211 -41.70 4.16 28.25
CA ARG A 211 -41.21 5.51 28.48
C ARG A 211 -40.33 5.64 29.70
N VAL A 212 -39.17 6.27 29.54
CA VAL A 212 -38.20 6.48 30.63
C VAL A 212 -38.16 7.95 31.10
N ALA A 213 -38.19 8.16 32.41
CA ALA A 213 -38.10 9.51 32.91
C ALA A 213 -36.99 9.48 33.93
N VAL A 214 -35.99 10.32 33.72
CA VAL A 214 -34.91 10.38 34.66
C VAL A 214 -34.89 11.77 35.32
N LEU A 215 -34.84 11.83 36.65
CA LEU A 215 -34.76 13.10 37.32
C LEU A 215 -33.36 13.20 37.92
N SER A 216 -32.77 14.40 37.94
CA SER A 216 -31.42 14.57 38.48
C SER A 216 -31.08 15.99 38.84
N THR A 217 -30.02 16.11 39.62
CA THR A 217 -29.52 17.38 40.06
C THR A 217 -28.68 17.99 38.96
N PHE A 218 -28.07 17.14 38.14
CA PHE A 218 -27.26 17.58 37.02
C PHE A 218 -27.47 16.60 35.89
N THR A 219 -27.06 16.96 34.66
CA THR A 219 -27.23 16.08 33.50
C THR A 219 -26.07 15.16 33.36
N HIS A 220 -26.34 13.86 33.38
CA HIS A 220 -25.30 12.83 33.28
C HIS A 220 -25.65 11.79 32.25
N ARG A 221 -24.79 10.78 32.12
CA ARG A 221 -25.03 9.70 31.15
C ARG A 221 -26.39 9.04 31.25
N SER A 222 -27.04 9.10 32.40
CA SER A 222 -28.32 8.46 32.49
C SER A 222 -29.43 9.25 31.85
N SER A 223 -29.49 10.58 32.00
CA SER A 223 -30.63 11.25 31.35
C SER A 223 -30.43 11.34 29.85
N ASP A 224 -29.57 10.46 29.34
CA ASP A 224 -29.31 10.36 27.90
C ASP A 224 -30.26 9.36 27.25
N LEU A 225 -31.00 8.60 28.05
CA LEU A 225 -31.94 7.63 27.53
C LEU A 225 -33.35 8.09 27.86
N SER A 226 -33.45 9.26 28.47
CA SER A 226 -34.74 9.76 28.91
C SER A 226 -35.67 10.40 27.93
N ASP A 227 -36.94 10.12 28.14
CA ASP A 227 -38.00 10.68 27.33
C ASP A 227 -38.57 11.87 28.10
N THR A 228 -38.44 11.82 29.41
CA THR A 228 -38.93 12.89 30.25
C THR A 228 -37.74 13.28 31.10
N PRO A 229 -36.87 14.15 30.58
CA PRO A 229 -35.68 14.62 31.28
C PRO A 229 -35.91 15.81 32.22
N ILE A 230 -35.83 15.56 33.52
CA ILE A 230 -36.08 16.55 34.53
C ILE A 230 -34.88 16.85 35.39
N ILE A 231 -34.50 18.12 35.46
CA ILE A 231 -33.41 18.55 36.35
C ILE A 231 -33.96 19.48 37.43
N PHE A 232 -34.05 18.99 38.66
CA PHE A 232 -34.59 19.77 39.75
C PHE A 232 -33.54 20.35 40.66
N ARG A 233 -34.00 21.07 41.67
CA ARG A 233 -33.13 21.73 42.64
C ARG A 233 -32.75 20.75 43.76
N PRO A 234 -31.48 20.74 44.15
CA PRO A 234 -31.04 19.84 45.20
C PRO A 234 -32.01 19.84 46.39
N GLY A 235 -32.59 18.70 46.69
CA GLY A 235 -33.48 18.62 47.85
C GLY A 235 -34.92 18.86 47.60
N THR A 236 -35.22 19.42 46.43
CA THR A 236 -36.59 19.70 46.10
C THR A 236 -37.38 18.49 45.56
N ASP A 237 -36.74 17.33 45.49
CA ASP A 237 -37.45 16.17 45.00
C ASP A 237 -38.65 15.88 45.87
N ARG A 238 -38.55 16.24 47.16
CA ARG A 238 -39.62 16.05 48.14
C ARG A 238 -40.93 16.69 47.66
N ALA A 239 -40.85 17.93 47.19
CA ALA A 239 -42.01 18.66 46.69
C ALA A 239 -42.59 17.96 45.49
N ILE A 240 -41.75 17.65 44.50
CA ILE A 240 -42.23 16.96 43.32
C ILE A 240 -43.00 15.71 43.67
N LEU A 241 -42.46 14.90 44.57
CA LEU A 241 -43.11 13.66 44.97
C LEU A 241 -44.52 13.86 45.47
N ASN A 242 -44.72 14.91 46.26
CA ASN A 242 -46.04 15.22 46.81
C ASN A 242 -46.93 15.71 45.67
N TYR A 243 -46.42 16.54 44.77
CA TYR A 243 -47.27 16.96 43.68
C TYR A 243 -47.90 15.75 43.00
N ILE A 244 -47.09 14.76 42.66
CA ILE A 244 -47.59 13.58 41.98
C ILE A 244 -48.69 12.90 42.78
N ALA A 245 -48.54 12.87 44.10
CA ALA A 245 -49.52 12.26 44.96
C ALA A 245 -50.80 13.05 44.80
N HIS A 246 -50.68 14.37 44.92
CA HIS A 246 -51.79 15.29 44.76
C HIS A 246 -52.47 15.05 43.40
N HIS A 247 -51.65 14.94 42.34
CA HIS A 247 -52.17 14.73 41.01
C HIS A 247 -52.89 13.40 40.88
N ILE A 248 -52.40 12.38 41.55
CA ILE A 248 -53.09 11.10 41.47
C ILE A 248 -54.48 11.28 42.10
N ILE A 249 -54.50 11.95 43.26
CA ILE A 249 -55.72 12.18 44.01
C ILE A 249 -56.71 13.14 43.29
N SER A 250 -56.23 14.28 42.80
CA SER A 250 -57.05 15.30 42.12
C SER A 250 -57.77 14.80 40.89
N THR A 251 -57.08 13.97 40.10
CA THR A 251 -57.66 13.44 38.89
C THR A 251 -58.50 12.18 39.17
N GLY A 252 -58.68 11.88 40.45
CA GLY A 252 -59.49 10.74 40.87
C GLY A 252 -59.07 9.39 40.34
N ARG A 253 -57.78 9.11 40.44
CA ARG A 253 -57.23 7.87 39.94
C ARG A 253 -56.54 7.10 41.02
N VAL A 254 -57.12 7.11 42.20
CA VAL A 254 -56.57 6.36 43.31
C VAL A 254 -57.12 4.94 43.13
N ASN A 255 -56.42 3.93 43.59
CA ASN A 255 -56.94 2.59 43.49
C ASN A 255 -57.65 2.32 44.81
N ARG A 256 -58.90 2.71 44.88
CA ARG A 256 -59.66 2.55 46.09
C ARG A 256 -59.66 1.15 46.67
N ASP A 257 -60.08 0.16 45.89
CA ASP A 257 -60.10 -1.22 46.38
C ASP A 257 -58.78 -1.61 47.05
N PHE A 258 -57.67 -1.04 46.58
CA PHE A 258 -56.35 -1.33 47.14
C PHE A 258 -56.06 -0.48 48.37
N VAL A 259 -56.26 0.82 48.25
CA VAL A 259 -56.01 1.70 49.37
C VAL A 259 -56.90 1.38 50.54
N ASP A 260 -58.19 1.13 50.27
CA ASP A 260 -59.13 0.79 51.33
C ASP A 260 -58.79 -0.51 52.00
N ARG A 261 -58.41 -1.50 51.20
CA ARG A 261 -58.11 -2.84 51.69
C ARG A 261 -56.68 -3.10 52.19
N HIS A 262 -55.69 -2.40 51.65
CA HIS A 262 -54.30 -2.64 52.02
C HIS A 262 -53.49 -1.47 52.55
N THR A 263 -54.15 -0.40 52.98
CA THR A 263 -53.43 0.80 53.42
C THR A 263 -53.88 1.50 54.70
N ASN A 264 -52.94 2.19 55.34
CA ASN A 264 -53.21 3.00 56.52
C ASN A 264 -52.53 4.33 56.19
N PHE A 265 -52.83 5.37 56.95
CA PHE A 265 -52.15 6.64 56.71
C PHE A 265 -51.47 7.13 57.99
N ALA A 266 -50.70 8.20 57.90
CA ALA A 266 -50.02 8.69 59.09
C ALA A 266 -49.36 10.00 58.77
N LEU A 267 -48.91 10.69 59.79
CA LEU A 267 -48.28 11.96 59.54
C LEU A 267 -46.92 11.98 60.20
N GLY A 268 -45.92 12.54 59.55
CA GLY A 268 -44.61 12.52 60.18
C GLY A 268 -44.30 13.76 60.97
N ALA A 269 -43.41 13.62 61.95
CA ALA A 269 -43.00 14.75 62.75
C ALA A 269 -42.37 15.76 61.80
N THR A 270 -42.75 17.02 61.89
CA THR A 270 -42.26 18.01 60.95
C THR A 270 -41.03 18.91 61.18
N ASP A 271 -40.68 19.32 62.40
CA ASP A 271 -39.52 20.19 62.50
C ASP A 271 -38.30 19.41 62.91
N ILE A 272 -38.22 18.21 62.37
CA ILE A 272 -37.11 17.29 62.56
C ILE A 272 -35.82 18.08 62.34
N GLY A 273 -34.68 17.61 62.81
CA GLY A 273 -33.51 18.45 62.62
C GLY A 273 -32.16 17.92 62.25
N TYR A 274 -31.83 18.09 60.97
CA TYR A 274 -30.54 17.70 60.40
C TYR A 274 -29.48 17.00 61.30
N GLY A 275 -29.74 15.76 61.70
CA GLY A 275 -28.84 14.99 62.57
C GLY A 275 -27.42 15.41 62.87
N LEU A 276 -27.26 16.51 63.60
CA LEU A 276 -25.93 17.01 63.97
C LEU A 276 -25.75 16.85 65.44
N ARG A 277 -24.81 17.61 66.01
CA ARG A 277 -24.56 17.55 67.43
C ARG A 277 -25.49 18.53 68.11
N PRO A 278 -25.97 18.19 69.30
CA PRO A 278 -26.83 19.16 69.97
C PRO A 278 -25.77 20.23 70.25
N GLU A 279 -26.03 21.50 69.98
CA GLU A 279 -25.03 22.57 70.17
C GLU A 279 -25.07 23.34 68.87
N HIS A 280 -25.15 22.60 67.76
CA HIS A 280 -25.20 23.22 66.46
C HIS A 280 -26.57 23.89 66.41
N GLN A 281 -26.64 25.07 65.83
CA GLN A 281 -27.88 25.80 65.81
C GLN A 281 -29.08 25.05 65.29
N LEU A 282 -28.96 24.53 64.07
CA LEU A 282 -30.05 23.82 63.43
C LEU A 282 -30.83 22.86 64.31
N GLN A 283 -30.17 22.33 65.33
CA GLN A 283 -30.83 21.40 66.23
C GLN A 283 -31.58 22.10 67.36
N LEU A 284 -30.98 23.16 67.88
CA LEU A 284 -31.60 23.91 68.95
C LEU A 284 -32.94 24.45 68.40
N ALA A 285 -32.89 24.97 67.17
CA ALA A 285 -34.06 25.50 66.48
C ALA A 285 -35.05 24.39 66.16
N ALA A 286 -34.56 23.16 66.06
CA ALA A 286 -35.37 22.00 65.71
C ALA A 286 -36.38 21.49 66.72
N LYS A 287 -37.29 22.33 67.16
CA LYS A 287 -38.33 21.90 68.10
C LYS A 287 -38.90 20.57 67.56
N GLY A 288 -38.69 19.47 68.25
CA GLY A 288 -39.21 18.20 67.74
C GLY A 288 -38.14 17.26 67.20
N ALA A 289 -36.89 17.57 67.43
CA ALA A 289 -35.81 16.70 67.01
C ALA A 289 -35.71 15.55 68.02
N ALA A 290 -36.34 15.71 69.18
CA ALA A 290 -36.30 14.68 70.23
C ALA A 290 -37.09 13.44 69.81
N ASP A 291 -38.10 13.63 68.97
CA ASP A 291 -38.83 12.46 68.50
C ASP A 291 -38.25 12.19 67.11
N ALA A 292 -38.85 12.76 66.06
CA ALA A 292 -38.38 12.55 64.69
C ALA A 292 -38.66 11.09 64.42
N GLY A 293 -39.58 10.83 63.50
CA GLY A 293 -39.95 9.46 63.22
C GLY A 293 -41.19 9.15 64.03
N ALA A 294 -41.84 10.21 64.47
CA ALA A 294 -43.08 10.07 65.23
C ALA A 294 -44.08 9.82 64.13
N MET A 295 -44.99 8.86 64.36
CA MET A 295 -45.99 8.54 63.37
C MET A 295 -47.33 9.22 63.58
N THR A 296 -48.13 8.76 64.52
CA THR A 296 -49.47 9.35 64.74
C THR A 296 -50.37 9.14 63.51
N PRO A 297 -51.28 8.18 63.59
CA PRO A 297 -52.23 7.83 62.53
C PRO A 297 -53.01 9.03 62.06
N THR A 298 -53.75 8.83 60.98
CA THR A 298 -54.60 9.88 60.47
C THR A 298 -55.82 9.44 59.71
N ASP A 299 -56.01 10.08 58.57
CA ASP A 299 -57.21 9.95 57.77
C ASP A 299 -56.84 10.03 56.32
N PHE A 300 -57.56 9.33 55.44
CA PHE A 300 -57.26 9.46 54.03
C PHE A 300 -57.44 10.93 53.69
N GLU A 301 -58.47 11.54 54.26
CA GLU A 301 -58.81 12.94 54.00
C GLU A 301 -57.73 13.93 54.37
N THR A 302 -57.08 13.73 55.53
CA THR A 302 -56.04 14.66 56.00
C THR A 302 -54.81 14.62 55.12
N PHE A 303 -54.40 13.42 54.73
CA PHE A 303 -53.24 13.24 53.87
C PHE A 303 -53.49 14.05 52.60
N ALA A 304 -54.54 13.69 51.88
CA ALA A 304 -54.88 14.38 50.64
C ALA A 304 -54.77 15.89 50.75
N ALA A 305 -55.24 16.44 51.86
CA ALA A 305 -55.22 17.89 52.11
C ALA A 305 -53.82 18.44 52.34
N LEU A 306 -52.95 17.61 52.90
CA LEU A 306 -51.56 18.01 53.14
C LEU A 306 -50.87 18.09 51.80
N VAL A 307 -51.09 17.08 50.98
CA VAL A 307 -50.52 16.99 49.65
C VAL A 307 -51.08 18.07 48.73
N SER A 308 -52.21 18.67 49.12
CA SER A 308 -52.85 19.71 48.32
C SER A 308 -52.01 20.95 48.20
N GLU A 309 -51.26 21.24 49.26
CA GLU A 309 -50.43 22.42 49.27
C GLU A 309 -49.45 22.43 48.11
N TYR A 310 -49.02 21.25 47.69
CA TYR A 310 -48.07 21.10 46.60
C TYR A 310 -48.77 21.01 45.26
N THR A 311 -49.23 22.16 44.80
CA THR A 311 -49.90 22.33 43.53
C THR A 311 -48.87 22.12 42.44
N LEU A 312 -49.30 21.80 41.22
CA LEU A 312 -48.34 21.66 40.13
C LEU A 312 -47.61 22.98 40.05
N GLU A 313 -48.37 24.06 40.22
CA GLU A 313 -47.82 25.40 40.16
C GLU A 313 -46.80 25.61 41.27
N LYS A 314 -47.02 24.99 42.42
CA LYS A 314 -46.09 25.19 43.51
C LYS A 314 -44.89 24.31 43.36
N ALA A 315 -45.12 23.04 43.08
CA ALA A 315 -44.00 22.12 42.94
C ALA A 315 -43.04 22.73 41.92
N ALA A 316 -43.57 23.12 40.77
CA ALA A 316 -42.75 23.71 39.75
C ALA A 316 -41.92 24.86 40.33
N GLU A 317 -42.54 25.75 41.10
CA GLU A 317 -41.83 26.90 41.68
C GLU A 317 -40.63 26.46 42.53
N ILE A 318 -40.83 25.44 43.37
CA ILE A 318 -39.78 24.98 44.26
C ILE A 318 -38.67 24.21 43.55
N SER A 319 -39.02 23.39 42.56
CA SER A 319 -38.00 22.61 41.84
C SER A 319 -37.24 23.41 40.80
N GLY A 320 -37.97 23.97 39.84
CA GLY A 320 -37.31 24.77 38.83
C GLY A 320 -37.53 24.09 37.51
N VAL A 321 -38.47 23.13 37.54
CA VAL A 321 -38.82 22.33 36.37
C VAL A 321 -40.05 22.88 35.70
N GLU A 322 -40.06 22.97 34.37
CA GLU A 322 -41.22 23.47 33.69
C GLU A 322 -42.37 22.54 34.06
N PRO A 323 -43.51 23.10 34.46
CA PRO A 323 -44.67 22.29 34.86
C PRO A 323 -45.08 21.18 33.90
N ALA A 324 -44.93 21.41 32.60
CA ALA A 324 -45.30 20.43 31.59
C ALA A 324 -44.64 19.04 31.79
N LEU A 325 -43.40 19.07 32.30
CA LEU A 325 -42.64 17.86 32.57
C LEU A 325 -43.19 17.16 33.80
N LEU A 326 -43.52 17.91 34.83
CA LEU A 326 -44.09 17.34 36.03
C LEU A 326 -45.46 16.77 35.70
N GLU A 327 -46.10 17.30 34.68
CA GLU A 327 -47.40 16.77 34.29
C GLU A 327 -47.12 15.45 33.58
N GLU A 328 -45.98 15.39 32.88
CA GLU A 328 -45.61 14.16 32.19
C GLU A 328 -45.31 13.07 33.19
N LEU A 329 -44.54 13.40 34.22
CA LEU A 329 -44.22 12.43 35.25
C LEU A 329 -45.54 12.00 35.88
N ALA A 330 -46.17 12.90 36.62
CA ALA A 330 -47.43 12.63 37.29
C ALA A 330 -48.28 11.61 36.55
N GLU A 331 -48.56 11.90 35.29
CA GLU A 331 -49.40 11.04 34.47
C GLU A 331 -48.94 9.61 34.33
N LEU A 332 -47.66 9.43 34.14
CA LEU A 332 -47.10 8.10 33.99
C LEU A 332 -47.42 7.32 35.24
N TYR A 333 -47.04 7.87 36.37
CA TYR A 333 -47.34 7.27 37.66
C TYR A 333 -48.83 7.11 37.85
N ALA A 334 -49.64 7.59 36.92
CA ALA A 334 -51.10 7.49 37.08
C ALA A 334 -51.97 6.71 36.08
N ASP A 335 -51.73 6.77 34.75
CA ASP A 335 -52.62 5.99 33.87
C ASP A 335 -52.52 4.62 34.44
N PRO A 336 -53.62 4.14 35.02
CA PRO A 336 -53.69 2.85 35.66
C PRO A 336 -53.39 1.69 34.75
N ASP A 337 -52.48 1.88 33.79
CA ASP A 337 -52.10 0.76 32.96
C ASP A 337 -50.60 0.80 32.78
N ARG A 338 -50.02 1.98 32.95
CA ARG A 338 -48.58 2.10 32.86
C ARG A 338 -48.06 1.40 34.10
N LYS A 339 -47.28 0.35 33.92
CA LYS A 339 -46.68 -0.30 35.07
C LYS A 339 -45.47 0.57 35.37
N TRP A 340 -45.57 1.37 36.42
CA TRP A 340 -44.48 2.22 36.76
C TRP A 340 -43.42 1.40 37.42
N MET A 341 -42.18 1.84 37.35
CA MET A 341 -41.12 1.08 37.97
C MET A 341 -40.16 2.12 38.45
N SER A 342 -40.35 2.60 39.67
CA SER A 342 -39.52 3.64 40.23
C SER A 342 -38.26 3.06 40.81
N LEU A 343 -37.13 3.70 40.50
CA LEU A 343 -35.83 3.28 40.97
C LEU A 343 -35.12 4.46 41.60
N TRP A 344 -34.43 4.20 42.70
CA TRP A 344 -33.71 5.24 43.42
C TRP A 344 -32.51 4.71 44.17
N THR A 345 -31.43 5.49 44.17
CA THR A 345 -30.24 5.09 44.90
C THR A 345 -29.84 6.16 45.90
N MET A 346 -28.57 6.53 45.97
CA MET A 346 -28.14 7.54 46.96
C MET A 346 -28.81 8.94 46.91
N GLY A 347 -29.48 9.25 45.79
CA GLY A 347 -30.18 10.52 45.70
C GLY A 347 -31.17 10.70 46.82
N PHE A 348 -31.96 9.66 47.09
CA PHE A 348 -32.96 9.63 48.13
C PHE A 348 -32.38 9.19 49.49
N ASN A 349 -31.39 8.32 49.45
CA ASN A 349 -30.80 7.80 50.68
C ASN A 349 -29.88 8.74 51.43
N GLN A 350 -29.04 9.48 50.71
CA GLN A 350 -28.12 10.44 51.32
C GLN A 350 -28.84 11.78 51.25
N HIS A 351 -29.98 11.84 51.92
CA HIS A 351 -30.87 12.99 51.90
C HIS A 351 -31.23 13.24 53.36
N VAL A 352 -31.09 14.48 53.83
CA VAL A 352 -31.43 14.78 55.22
C VAL A 352 -32.89 14.49 55.50
N ARG A 353 -33.64 14.17 54.47
CA ARG A 353 -35.03 13.81 54.59
C ARG A 353 -35.22 12.61 53.69
N GLY A 354 -34.25 11.70 53.72
CA GLY A 354 -34.29 10.51 52.88
C GLY A 354 -35.39 9.54 53.23
N VAL A 355 -35.58 9.29 54.50
CA VAL A 355 -36.62 8.40 54.92
C VAL A 355 -37.98 8.91 54.41
N TRP A 356 -38.17 10.22 54.41
CA TRP A 356 -39.40 10.80 53.91
C TRP A 356 -39.50 10.54 52.43
N ALA A 357 -38.42 10.78 51.70
CA ALA A 357 -38.39 10.56 50.26
C ALA A 357 -38.80 9.15 49.95
N ASN A 358 -38.12 8.17 50.54
CA ASN A 358 -38.47 6.76 50.37
C ASN A 358 -39.97 6.63 50.61
N HIS A 359 -40.44 7.09 51.75
CA HIS A 359 -41.87 7.04 52.07
C HIS A 359 -42.72 7.59 50.94
N MET A 360 -42.38 8.78 50.47
CA MET A 360 -43.13 9.42 49.39
C MET A 360 -43.18 8.62 48.08
N VAL A 361 -42.14 7.84 47.75
CA VAL A 361 -42.19 7.08 46.51
C VAL A 361 -43.15 5.94 46.69
N TYR A 362 -43.07 5.28 47.82
CA TYR A 362 -43.98 4.20 48.03
C TYR A 362 -45.42 4.70 47.98
N ASN A 363 -45.68 5.89 48.50
CA ASN A 363 -47.03 6.42 48.47
C ASN A 363 -47.64 6.42 47.06
N LEU A 364 -46.86 6.92 46.11
CA LEU A 364 -47.34 6.98 44.74
C LEU A 364 -47.75 5.61 44.29
N HIS A 365 -47.00 4.61 44.70
CA HIS A 365 -47.27 3.23 44.36
C HIS A 365 -48.43 2.64 45.17
N LEU A 366 -48.48 2.94 46.46
CA LEU A 366 -49.56 2.45 47.30
C LEU A 366 -50.90 3.07 46.84
N LEU A 367 -50.92 4.37 46.62
CA LEU A 367 -52.12 5.06 46.18
C LEU A 367 -52.68 4.41 44.93
N THR A 368 -51.82 4.02 44.00
CA THR A 368 -52.27 3.44 42.74
C THR A 368 -52.37 1.93 42.68
N GLY A 369 -51.85 1.27 43.71
CA GLY A 369 -51.88 -0.17 43.76
C GLY A 369 -50.82 -0.80 42.86
N LYS A 370 -49.79 -0.02 42.52
CA LYS A 370 -48.72 -0.50 41.65
C LYS A 370 -47.56 -1.03 42.46
N ILE A 371 -47.73 -2.26 42.95
CA ILE A 371 -46.72 -2.88 43.80
C ILE A 371 -46.83 -4.41 43.87
N SER A 372 -45.70 -5.07 44.07
CA SER A 372 -45.68 -6.51 44.17
C SER A 372 -46.22 -7.26 42.95
N GLU A 373 -46.03 -6.68 41.77
CA GLU A 373 -46.46 -7.32 40.54
C GLU A 373 -45.34 -7.21 39.53
N PRO A 374 -45.27 -8.14 38.57
CA PRO A 374 -44.22 -8.05 37.56
C PRO A 374 -44.44 -6.76 36.81
N GLY A 375 -43.41 -5.92 36.76
CA GLY A 375 -43.49 -4.65 36.06
C GLY A 375 -43.90 -3.46 36.89
N ASN A 376 -44.72 -3.67 37.92
CA ASN A 376 -45.14 -2.57 38.76
C ASN A 376 -44.35 -2.64 40.02
N SER A 377 -43.34 -1.79 40.16
CA SER A 377 -42.55 -1.86 41.38
C SER A 377 -41.66 -0.70 41.78
N PRO A 378 -41.68 -0.37 43.08
CA PRO A 378 -40.82 0.69 43.55
C PRO A 378 -39.54 -0.04 43.99
N PHE A 379 -38.54 -0.08 43.11
CA PHE A 379 -37.30 -0.76 43.44
C PHE A 379 -36.21 0.10 44.08
N SER A 380 -35.80 -0.28 45.27
CA SER A 380 -34.73 0.46 45.89
C SER A 380 -33.47 -0.24 45.45
N LEU A 381 -32.61 0.49 44.77
CA LEU A 381 -31.36 -0.08 44.32
C LEU A 381 -30.40 -0.07 45.49
N THR A 382 -29.68 -1.15 45.70
CA THR A 382 -28.70 -1.18 46.76
C THR A 382 -27.31 -1.01 46.18
N GLY A 383 -26.46 -0.30 46.90
CA GLY A 383 -25.12 -0.04 46.45
C GLY A 383 -24.04 -1.10 46.55
N GLN A 384 -23.61 -1.45 47.76
CA GLN A 384 -22.57 -2.46 47.88
C GLN A 384 -22.99 -3.87 47.48
N PRO A 385 -22.03 -4.77 47.31
CA PRO A 385 -22.32 -6.14 46.93
C PRO A 385 -23.21 -6.90 47.94
N PHE A 386 -23.00 -6.68 49.24
CA PHE A 386 -23.79 -7.34 50.25
C PHE A 386 -24.19 -6.40 51.35
N ALA A 387 -24.59 -5.17 51.00
CA ALA A 387 -25.07 -4.26 52.03
C ALA A 387 -26.40 -4.87 52.45
N CYS A 388 -27.00 -5.63 51.54
CA CYS A 388 -28.23 -6.34 51.80
C CYS A 388 -27.91 -7.66 52.48
N GLY A 389 -27.26 -8.54 51.73
CA GLY A 389 -26.92 -9.84 52.23
C GLY A 389 -26.26 -9.91 53.56
N THR A 390 -25.43 -8.93 53.85
CA THR A 390 -24.73 -8.92 55.12
C THR A 390 -25.20 -7.80 56.04
N ALA A 391 -24.72 -6.58 55.84
CA ALA A 391 -25.09 -5.48 56.70
C ALA A 391 -26.56 -5.51 57.10
N ARG A 392 -27.46 -5.41 56.14
CA ARG A 392 -28.86 -5.40 56.46
C ARG A 392 -29.40 -6.71 56.97
N GLU A 393 -29.27 -7.78 56.20
CA GLU A 393 -29.83 -9.05 56.63
C GLU A 393 -29.27 -9.70 57.87
N VAL A 394 -27.95 -9.69 58.04
CA VAL A 394 -27.36 -10.26 59.23
C VAL A 394 -27.55 -9.24 60.36
N GLY A 395 -27.79 -8.00 59.97
CA GLY A 395 -28.03 -6.98 60.97
C GLY A 395 -26.74 -6.57 61.66
N THR A 396 -25.96 -5.80 60.91
CA THR A 396 -24.67 -5.31 61.33
C THR A 396 -24.71 -3.81 61.59
N PHE A 397 -25.83 -3.36 62.15
CA PHE A 397 -26.02 -1.96 62.51
C PHE A 397 -26.16 -1.84 64.03
N ALA A 398 -25.66 -0.75 64.59
CA ALA A 398 -25.69 -0.48 66.01
C ALA A 398 -26.94 -0.93 66.78
N HIS A 399 -28.12 -0.84 66.19
CA HIS A 399 -29.36 -1.18 66.89
C HIS A 399 -30.00 -2.50 66.48
N ARG A 400 -29.27 -3.32 65.75
CA ARG A 400 -29.91 -4.49 65.19
C ARG A 400 -29.38 -5.88 65.43
N LEU A 401 -30.25 -6.87 65.21
CA LEU A 401 -29.95 -8.30 65.30
C LEU A 401 -30.46 -8.94 64.00
N PRO A 402 -30.10 -10.21 63.74
CA PRO A 402 -30.54 -10.91 62.51
C PRO A 402 -32.03 -10.81 62.22
N ALA A 403 -32.36 -11.07 60.96
CA ALA A 403 -33.72 -11.10 60.46
C ALA A 403 -34.67 -10.02 60.95
N ASP A 404 -34.26 -8.77 60.75
CA ASP A 404 -35.08 -7.62 61.15
C ASP A 404 -35.34 -7.39 62.64
N MET A 405 -34.62 -8.12 63.51
CA MET A 405 -34.80 -7.97 64.95
C MET A 405 -33.99 -6.82 65.54
N VAL A 406 -34.54 -6.20 66.57
CA VAL A 406 -33.88 -5.10 67.25
C VAL A 406 -33.35 -5.55 68.60
N VAL A 407 -32.26 -4.90 69.01
CA VAL A 407 -31.57 -5.15 70.27
C VAL A 407 -32.44 -4.68 71.46
N THR A 408 -33.30 -3.71 71.17
CA THR A 408 -34.23 -3.14 72.12
C THR A 408 -35.19 -4.21 72.61
N ASN A 409 -35.95 -4.77 71.68
CA ASN A 409 -36.92 -5.82 71.97
C ASN A 409 -36.31 -7.01 72.71
N PRO A 410 -36.86 -7.34 73.86
CA PRO A 410 -36.41 -8.43 74.74
C PRO A 410 -36.69 -9.81 74.22
N GLU A 411 -37.77 -9.94 73.46
CA GLU A 411 -38.14 -11.23 72.92
C GLU A 411 -37.11 -11.62 71.90
N HIS A 412 -36.67 -10.65 71.11
CA HIS A 412 -35.66 -10.89 70.07
C HIS A 412 -34.36 -11.26 70.74
N ARG A 413 -33.93 -10.40 71.67
CA ARG A 413 -32.70 -10.61 72.40
C ARG A 413 -32.70 -12.05 72.90
N ALA A 414 -33.81 -12.46 73.50
CA ALA A 414 -33.93 -13.80 74.03
C ALA A 414 -33.77 -14.82 72.94
N HIS A 415 -34.50 -14.63 71.85
CA HIS A 415 -34.43 -15.53 70.70
C HIS A 415 -33.00 -15.72 70.21
N ALA A 416 -32.25 -14.63 70.14
CA ALA A 416 -30.86 -14.68 69.71
C ALA A 416 -30.08 -15.47 70.73
N GLU A 417 -30.33 -15.19 71.99
CA GLU A 417 -29.64 -15.89 73.05
C GLU A 417 -29.90 -17.38 72.97
N GLU A 418 -31.13 -17.79 72.67
CA GLU A 418 -31.47 -19.23 72.59
C GLU A 418 -30.73 -19.92 71.47
N ILE A 419 -30.58 -19.24 70.34
CA ILE A 419 -29.90 -19.83 69.17
C ILE A 419 -28.39 -19.83 69.30
N TRP A 420 -27.85 -18.77 69.90
CA TRP A 420 -26.40 -18.63 70.08
C TRP A 420 -25.89 -19.41 71.29
N LYS A 421 -26.79 -20.17 71.90
CA LYS A 421 -26.49 -20.98 73.08
C LYS A 421 -25.84 -20.12 74.13
N LEU A 422 -26.58 -19.13 74.60
CA LEU A 422 -26.05 -18.23 75.60
C LEU A 422 -26.89 -18.19 76.86
N PRO A 423 -26.28 -17.69 77.96
CA PRO A 423 -26.99 -17.55 79.22
C PRO A 423 -27.99 -16.39 79.10
N ALA A 424 -29.19 -16.59 79.60
CA ALA A 424 -30.24 -15.58 79.53
C ALA A 424 -29.80 -14.20 80.02
N GLY A 425 -30.34 -13.17 79.39
CA GLY A 425 -30.01 -11.81 79.77
C GLY A 425 -28.56 -11.42 79.48
N LEU A 426 -27.85 -12.19 78.66
CA LEU A 426 -26.47 -11.87 78.35
C LEU A 426 -26.37 -10.73 77.34
N LEU A 427 -27.11 -10.83 76.24
CA LEU A 427 -27.08 -9.82 75.20
C LEU A 427 -27.49 -8.45 75.73
N PRO A 428 -26.77 -7.38 75.31
CA PRO A 428 -27.00 -5.98 75.70
C PRO A 428 -28.29 -5.36 75.14
N ASP A 429 -28.94 -4.48 75.89
CA ASP A 429 -30.19 -3.82 75.46
C ASP A 429 -29.99 -2.45 74.89
N TRP A 430 -28.82 -1.87 75.13
CA TRP A 430 -28.52 -0.53 74.65
C TRP A 430 -28.19 -0.41 73.17
N VAL A 431 -28.72 0.62 72.53
CA VAL A 431 -28.45 0.89 71.13
C VAL A 431 -27.04 1.46 70.97
N GLY A 432 -26.27 0.91 70.05
CA GLY A 432 -24.91 1.36 69.83
C GLY A 432 -24.75 2.68 69.12
N ALA A 433 -23.50 3.07 68.89
CA ALA A 433 -23.20 4.32 68.22
C ALA A 433 -23.24 4.15 66.72
N HIS A 434 -24.06 4.93 66.04
CA HIS A 434 -24.13 4.83 64.59
C HIS A 434 -22.94 5.49 63.93
N ALA A 435 -22.71 5.19 62.66
CA ALA A 435 -21.54 5.66 61.93
C ALA A 435 -21.07 7.05 62.29
N VAL A 436 -21.92 8.04 62.05
CA VAL A 436 -21.55 9.40 62.37
C VAL A 436 -21.17 9.49 63.84
N GLU A 437 -22.07 9.11 64.73
CA GLU A 437 -21.81 9.13 66.17
C GLU A 437 -20.46 8.49 66.46
N GLN A 438 -20.25 7.31 65.91
CA GLN A 438 -19.01 6.58 66.11
C GLN A 438 -17.79 7.44 65.91
N ASP A 439 -17.83 8.34 64.93
CA ASP A 439 -16.70 9.23 64.64
C ASP A 439 -16.61 10.25 65.77
N ARG A 440 -17.76 10.80 66.13
CA ARG A 440 -17.83 11.79 67.15
C ARG A 440 -17.36 11.20 68.48
N LYS A 441 -17.99 10.11 68.94
CA LYS A 441 -17.57 9.49 70.18
C LYS A 441 -16.06 9.16 70.18
N LEU A 442 -15.47 9.13 68.99
CA LEU A 442 -14.08 8.80 68.85
C LEU A 442 -13.32 10.07 69.08
N HIS A 443 -13.84 11.16 68.57
CA HIS A 443 -13.24 12.49 68.71
C HIS A 443 -13.16 12.85 70.17
N ASP A 444 -14.26 12.58 70.87
CA ASP A 444 -14.42 12.89 72.27
C ASP A 444 -13.67 11.99 73.24
N GLY A 445 -13.57 10.71 72.92
CA GLY A 445 -12.86 9.79 73.78
C GLY A 445 -13.74 8.75 74.43
N GLU A 446 -14.97 8.61 73.92
CA GLU A 446 -15.93 7.65 74.44
C GLU A 446 -15.62 6.23 73.95
N ILE A 447 -15.17 6.11 72.72
CA ILE A 447 -14.83 4.80 72.16
C ILE A 447 -13.34 4.82 72.08
N ASN A 448 -12.70 3.88 72.75
CA ASN A 448 -11.25 3.86 72.81
C ASN A 448 -10.57 2.70 72.12
N PHE A 449 -11.36 1.71 71.72
CA PHE A 449 -10.82 0.57 71.00
C PHE A 449 -11.68 0.56 69.77
N TYR A 450 -11.04 0.53 68.59
CA TYR A 450 -11.77 0.57 67.33
C TYR A 450 -11.25 -0.39 66.30
N TRP A 451 -12.14 -1.22 65.75
CA TRP A 451 -11.75 -2.15 64.71
C TRP A 451 -12.54 -1.86 63.43
N VAL A 452 -11.83 -1.38 62.41
CA VAL A 452 -12.41 -1.04 61.12
C VAL A 452 -12.20 -2.23 60.20
N GLN A 453 -13.23 -2.63 59.48
CA GLN A 453 -13.09 -3.76 58.54
C GLN A 453 -13.78 -3.64 57.17
N VAL A 454 -13.00 -3.89 56.13
CA VAL A 454 -13.46 -3.85 54.76
C VAL A 454 -14.13 -2.54 54.40
N ASN A 455 -13.51 -1.45 54.82
CA ASN A 455 -13.98 -0.11 54.47
C ASN A 455 -12.80 0.83 54.60
N ASN A 456 -12.94 2.01 54.02
CA ASN A 456 -11.90 3.01 54.03
C ASN A 456 -12.58 4.29 54.52
N ASN A 457 -13.17 4.20 55.70
CA ASN A 457 -13.93 5.28 56.30
C ASN A 457 -13.24 6.62 56.47
N MET A 458 -11.92 6.64 56.47
CA MET A 458 -11.23 7.92 56.60
C MET A 458 -11.45 8.75 55.35
N GLN A 459 -11.92 8.10 54.31
CA GLN A 459 -12.18 8.75 53.02
C GLN A 459 -13.67 8.82 52.79
N ALA A 460 -14.36 7.77 53.22
CA ALA A 460 -15.78 7.68 53.02
C ALA A 460 -16.60 8.59 53.92
N ALA A 461 -16.24 8.64 55.18
CA ALA A 461 -16.98 9.43 56.15
C ALA A 461 -17.01 10.95 55.92
N PRO A 462 -18.08 11.62 56.38
CA PRO A 462 -18.29 13.07 56.26
C PRO A 462 -17.52 13.92 57.27
N ASN A 463 -17.07 15.08 56.82
CA ASN A 463 -16.33 16.02 57.68
C ASN A 463 -15.09 15.45 58.33
N ILE A 464 -14.35 14.62 57.63
CA ILE A 464 -13.15 14.04 58.22
C ILE A 464 -12.24 14.94 59.06
N ASP A 465 -12.04 16.19 58.65
CA ASP A 465 -11.14 17.09 59.37
C ASP A 465 -11.71 17.51 60.72
N GLN A 466 -13.02 17.70 60.77
CA GLN A 466 -13.68 18.08 62.00
C GLN A 466 -13.75 16.97 63.04
N GLU A 467 -14.30 15.82 62.68
CA GLU A 467 -14.45 14.75 63.65
C GLU A 467 -13.93 13.34 63.38
N THR A 468 -13.54 13.01 62.17
CA THR A 468 -13.06 11.65 61.95
C THR A 468 -11.57 11.51 62.11
N TYR A 469 -10.81 12.41 61.53
CA TYR A 469 -9.36 12.34 61.64
C TYR A 469 -8.86 12.49 63.10
N PRO A 470 -9.30 13.53 63.81
CA PRO A 470 -8.85 13.71 65.20
C PRO A 470 -9.28 12.53 66.04
N GLY A 471 -10.45 11.97 65.73
CA GLY A 471 -10.95 10.82 66.47
C GLY A 471 -10.09 9.58 66.30
N TYR A 472 -9.47 9.42 65.13
CA TYR A 472 -8.62 8.26 64.90
C TYR A 472 -7.25 8.51 65.49
N ARG A 473 -6.84 9.77 65.57
CA ARG A 473 -5.52 10.10 66.11
C ARG A 473 -5.53 10.49 67.59
N ASN A 474 -6.70 10.45 68.22
CA ASN A 474 -6.84 10.77 69.63
C ASN A 474 -5.99 9.76 70.42
N PRO A 475 -4.94 10.22 71.10
CA PRO A 475 -4.07 9.33 71.85
C PRO A 475 -4.72 8.44 72.91
N GLU A 476 -5.94 8.72 73.34
CA GLU A 476 -6.57 7.82 74.30
C GLU A 476 -7.23 6.67 73.57
N ASN A 477 -7.08 6.68 72.25
CA ASN A 477 -7.66 5.68 71.37
C ASN A 477 -6.67 4.76 70.63
N PHE A 478 -7.08 3.52 70.43
CA PHE A 478 -6.30 2.53 69.71
C PHE A 478 -7.14 2.12 68.52
N ILE A 479 -6.56 2.18 67.32
CA ILE A 479 -7.31 1.86 66.10
C ILE A 479 -6.75 0.78 65.20
N VAL A 480 -7.56 -0.24 64.92
CA VAL A 480 -7.15 -1.31 64.04
C VAL A 480 -7.89 -1.25 62.72
N VAL A 481 -7.21 -1.55 61.64
CA VAL A 481 -7.81 -1.51 60.31
C VAL A 481 -7.37 -2.73 59.54
N SER A 482 -8.31 -3.60 59.25
CA SER A 482 -8.02 -4.78 58.45
C SER A 482 -8.31 -4.31 57.03
N ASP A 483 -7.39 -4.60 56.13
CA ASP A 483 -7.55 -4.20 54.74
C ASP A 483 -6.62 -5.02 53.89
N ALA A 484 -6.70 -4.83 52.57
CA ALA A 484 -5.89 -5.57 51.61
C ALA A 484 -4.91 -4.68 50.90
N TYR A 485 -5.04 -3.38 51.07
CA TYR A 485 -4.11 -2.46 50.45
C TYR A 485 -3.91 -1.30 51.38
N PRO A 486 -2.82 -0.56 51.19
CA PRO A 486 -2.48 0.62 51.94
C PRO A 486 -3.70 1.40 52.47
N THR A 487 -4.25 2.33 51.69
CA THR A 487 -5.42 3.09 52.17
C THR A 487 -5.08 4.19 53.15
N VAL A 488 -5.75 5.32 53.01
CA VAL A 488 -5.50 6.43 53.92
C VAL A 488 -5.97 6.04 55.34
N THR A 489 -7.13 5.38 55.47
CA THR A 489 -7.63 4.95 56.76
C THR A 489 -6.56 4.17 57.51
N GLY A 490 -5.86 3.27 56.81
CA GLY A 490 -4.84 2.49 57.46
C GLY A 490 -3.69 3.38 57.85
N ARG A 491 -3.34 4.33 56.98
CA ARG A 491 -2.27 5.25 57.25
C ARG A 491 -2.59 5.99 58.54
N ALA A 492 -3.86 6.28 58.72
CA ALA A 492 -4.30 6.98 59.88
C ALA A 492 -4.69 6.05 61.06
N ALA A 493 -4.23 4.79 61.04
CA ALA A 493 -4.56 3.85 62.16
C ALA A 493 -3.32 3.49 62.97
N ASP A 494 -3.46 2.56 63.91
CA ASP A 494 -2.33 2.17 64.76
C ASP A 494 -1.89 0.72 64.51
N LEU A 495 -2.84 -0.13 64.16
CA LEU A 495 -2.56 -1.51 63.84
C LEU A 495 -3.31 -1.84 62.55
N VAL A 496 -2.58 -2.30 61.53
CA VAL A 496 -3.20 -2.63 60.25
C VAL A 496 -3.03 -4.13 60.00
N LEU A 497 -4.15 -4.86 59.93
CA LEU A 497 -4.08 -6.28 59.73
C LEU A 497 -4.38 -6.63 58.28
N PRO A 498 -3.53 -7.44 57.62
CA PRO A 498 -3.68 -7.87 56.23
C PRO A 498 -4.80 -8.85 55.96
N ALA A 499 -5.63 -8.58 54.95
CA ALA A 499 -6.77 -9.45 54.66
C ALA A 499 -6.74 -10.22 53.36
N ALA A 500 -7.29 -11.44 53.37
CA ALA A 500 -7.38 -12.23 52.17
C ALA A 500 -8.66 -11.61 51.59
N MET A 501 -8.55 -11.28 50.31
CA MET A 501 -9.55 -10.56 49.55
C MET A 501 -10.40 -11.43 48.61
N TRP A 502 -11.52 -10.88 48.16
CA TRP A 502 -12.40 -11.55 47.22
C TRP A 502 -12.31 -13.05 47.14
N VAL A 503 -11.69 -13.54 46.09
CA VAL A 503 -11.61 -14.97 45.80
C VAL A 503 -10.49 -15.76 46.50
N GLU A 504 -9.79 -15.09 47.40
CA GLU A 504 -8.71 -15.69 48.16
C GLU A 504 -9.34 -16.30 49.43
N LYS A 505 -10.65 -16.12 49.54
CA LYS A 505 -11.39 -16.62 50.67
C LYS A 505 -12.78 -17.06 50.21
N GLU A 506 -13.31 -18.15 50.76
CA GLU A 506 -14.66 -18.57 50.39
C GLU A 506 -15.65 -17.59 51.04
N GLY A 507 -16.64 -17.14 50.26
CA GLY A 507 -17.61 -16.19 50.78
C GLY A 507 -18.97 -16.22 50.15
N ALA A 508 -19.84 -15.32 50.60
CA ALA A 508 -21.19 -15.21 50.12
C ALA A 508 -21.65 -13.78 50.19
N TYR A 509 -22.47 -13.37 49.23
CA TYR A 509 -22.99 -12.01 49.18
C TYR A 509 -24.48 -12.01 48.88
N GLY A 510 -25.11 -10.85 49.02
CA GLY A 510 -26.54 -10.69 48.76
C GLY A 510 -26.83 -9.39 48.02
N ASN A 511 -27.27 -9.51 46.77
CA ASN A 511 -27.55 -8.34 45.94
C ASN A 511 -28.84 -7.64 46.22
N ALA A 512 -29.05 -6.53 45.54
CA ALA A 512 -30.22 -5.68 45.70
C ALA A 512 -31.60 -6.32 45.50
N GLU A 513 -31.66 -7.46 44.86
CA GLU A 513 -32.93 -8.12 44.62
C GLU A 513 -33.09 -9.37 45.47
N ARG A 514 -32.46 -9.40 46.64
CA ARG A 514 -32.55 -10.54 47.55
C ARG A 514 -31.89 -11.79 47.06
N ARG A 515 -30.87 -11.65 46.23
CA ARG A 515 -30.15 -12.81 45.70
C ARG A 515 -28.91 -13.10 46.47
N THR A 516 -28.89 -14.26 47.08
CA THR A 516 -27.78 -14.66 47.93
C THR A 516 -26.91 -15.62 47.17
N HIS A 517 -25.70 -15.22 46.83
CA HIS A 517 -24.84 -16.13 46.11
C HIS A 517 -23.47 -16.33 46.75
N PHE A 518 -22.92 -17.53 46.60
CA PHE A 518 -21.63 -17.93 47.17
C PHE A 518 -20.48 -17.96 46.16
N TRP A 519 -19.30 -18.36 46.64
CA TRP A 519 -18.10 -18.55 45.83
C TRP A 519 -17.07 -19.25 46.69
N HIS A 520 -16.36 -20.19 46.10
CA HIS A 520 -15.35 -20.97 46.82
C HIS A 520 -14.06 -20.18 46.83
N GLN A 521 -13.07 -20.70 47.50
CA GLN A 521 -11.81 -20.03 47.48
C GLN A 521 -11.09 -20.58 46.27
N LEU A 522 -10.70 -19.71 45.36
CA LEU A 522 -10.06 -20.10 44.12
C LEU A 522 -8.58 -19.92 44.08
N VAL A 523 -8.03 -19.14 44.98
CA VAL A 523 -6.61 -18.90 44.99
C VAL A 523 -6.15 -18.60 46.40
N GLU A 524 -4.84 -18.56 46.63
CA GLU A 524 -4.34 -18.27 47.97
C GLU A 524 -3.93 -16.80 48.08
N ALA A 525 -4.21 -16.20 49.24
CA ALA A 525 -3.84 -14.80 49.46
C ALA A 525 -2.33 -14.67 49.54
N PRO A 526 -1.81 -13.47 49.30
CA PRO A 526 -0.37 -13.27 49.32
C PRO A 526 0.17 -13.16 50.72
N GLY A 527 1.39 -13.64 50.92
CA GLY A 527 2.01 -13.59 52.24
C GLY A 527 1.26 -14.18 53.40
N GLU A 528 1.13 -13.38 54.44
CA GLU A 528 0.45 -13.82 55.64
C GLU A 528 -0.97 -13.30 55.79
N ALA A 529 -1.60 -12.86 54.70
CA ALA A 529 -2.95 -12.33 54.81
C ALA A 529 -3.95 -13.44 55.03
N ARG A 530 -4.99 -13.13 55.81
CA ARG A 530 -6.02 -14.12 56.13
C ARG A 530 -7.39 -13.43 56.08
N SER A 531 -8.44 -14.18 55.77
CA SER A 531 -9.77 -13.64 55.68
C SER A 531 -10.15 -12.87 56.92
N ASP A 532 -11.07 -11.93 56.79
CA ASP A 532 -11.54 -11.17 57.93
C ASP A 532 -12.24 -12.14 58.88
N LEU A 533 -12.79 -13.20 58.31
CA LEU A 533 -13.48 -14.20 59.13
C LEU A 533 -12.48 -14.75 60.09
N TRP A 534 -11.36 -15.19 59.54
CA TRP A 534 -10.31 -15.73 60.36
C TRP A 534 -9.91 -14.72 61.41
N GLN A 535 -9.59 -13.51 60.98
CA GLN A 535 -9.17 -12.47 61.91
C GLN A 535 -10.12 -12.37 63.09
N LEU A 536 -11.40 -12.30 62.81
CA LEU A 536 -12.42 -12.21 63.83
C LEU A 536 -12.35 -13.43 64.70
N MET A 537 -12.57 -14.61 64.13
CA MET A 537 -12.56 -15.85 64.90
C MET A 537 -11.31 -16.02 65.73
N GLU A 538 -10.13 -15.79 65.17
CA GLU A 538 -8.88 -15.95 65.92
C GLU A 538 -8.77 -14.97 67.09
N PHE A 539 -9.07 -13.72 66.85
CA PHE A 539 -8.99 -12.72 67.89
C PHE A 539 -9.87 -13.13 69.03
N SER A 540 -10.80 -14.03 68.76
CA SER A 540 -11.75 -14.50 69.78
C SER A 540 -11.03 -15.30 70.83
N LYS A 541 -10.23 -16.26 70.37
CA LYS A 541 -9.47 -17.17 71.21
C LYS A 541 -8.71 -16.51 72.36
N ARG A 542 -8.82 -15.20 72.49
CA ARG A 542 -8.10 -14.46 73.51
C ARG A 542 -8.85 -14.11 74.77
N PHE A 543 -10.16 -14.05 74.69
CA PHE A 543 -10.95 -13.66 75.85
C PHE A 543 -11.59 -14.85 76.50
N THR A 544 -11.87 -14.72 77.79
CA THR A 544 -12.42 -15.79 78.57
C THR A 544 -13.76 -15.36 79.16
N THR A 545 -14.67 -16.31 79.34
CA THR A 545 -16.00 -15.98 79.87
C THR A 545 -15.88 -15.22 81.19
N ASP A 546 -14.77 -15.40 81.89
CA ASP A 546 -14.53 -14.64 83.10
C ASP A 546 -14.29 -13.29 82.40
N GLU A 547 -13.08 -12.75 82.48
CA GLU A 547 -12.67 -11.51 81.76
C GLU A 547 -13.71 -10.52 81.24
N VAL A 548 -14.55 -11.02 80.32
CA VAL A 548 -15.54 -10.20 79.62
C VAL A 548 -17.01 -10.21 80.03
N TRP A 549 -17.53 -11.35 80.51
CA TRP A 549 -18.95 -11.39 80.89
C TRP A 549 -19.20 -10.96 82.33
N PRO A 550 -20.39 -10.44 82.62
CA PRO A 550 -20.72 -10.03 83.99
C PRO A 550 -20.78 -11.27 84.90
N GLU A 551 -20.29 -11.13 86.12
CA GLU A 551 -20.22 -12.23 87.09
C GLU A 551 -21.57 -12.89 87.40
N GLU A 552 -22.62 -12.09 87.51
CA GLU A 552 -23.94 -12.65 87.80
C GLU A 552 -24.24 -13.75 86.79
N ILE A 553 -24.20 -13.40 85.52
CA ILE A 553 -24.46 -14.31 84.42
C ILE A 553 -23.62 -15.56 84.59
N LEU A 554 -22.35 -15.40 84.93
CA LEU A 554 -21.48 -16.55 85.14
C LEU A 554 -22.03 -17.41 86.26
N SER A 555 -22.20 -16.83 87.46
CA SER A 555 -22.74 -17.56 88.60
C SER A 555 -23.86 -18.47 88.11
N ALA A 556 -24.81 -17.91 87.37
CA ALA A 556 -25.94 -18.64 86.85
C ALA A 556 -25.46 -19.84 86.02
N ALA A 557 -24.38 -19.68 85.26
CA ALA A 557 -23.93 -20.80 84.44
C ALA A 557 -22.43 -21.03 84.41
N PRO A 558 -21.95 -21.94 85.26
CA PRO A 558 -20.55 -22.36 85.41
C PRO A 558 -19.91 -22.64 84.05
N ALA A 559 -20.53 -23.52 83.25
CA ALA A 559 -20.00 -23.79 81.90
C ALA A 559 -20.17 -22.47 81.19
N TYR A 560 -19.16 -21.62 81.33
CA TYR A 560 -19.07 -20.26 80.79
C TYR A 560 -18.16 -19.66 81.86
N ARG A 561 -17.11 -20.38 82.21
CA ARG A 561 -16.14 -19.91 83.18
C ARG A 561 -14.86 -20.53 82.64
N GLY A 562 -14.01 -19.67 82.10
CA GLY A 562 -12.81 -20.13 81.44
C GLY A 562 -13.30 -20.11 79.99
N LYS A 563 -13.59 -21.27 79.44
CA LYS A 563 -14.14 -21.31 78.09
C LYS A 563 -13.38 -20.56 76.99
N THR A 564 -13.50 -19.24 76.97
CA THR A 564 -12.90 -18.35 75.97
C THR A 564 -13.88 -18.08 74.82
N LEU A 565 -14.09 -16.80 74.55
CA LEU A 565 -14.97 -16.39 73.48
C LEU A 565 -14.40 -17.09 72.25
N PHE A 566 -15.06 -18.16 71.84
CA PHE A 566 -14.62 -18.91 70.68
C PHE A 566 -15.23 -20.24 70.98
N GLU A 567 -14.91 -20.79 72.13
CA GLU A 567 -15.52 -22.04 72.49
C GLU A 567 -16.99 -21.64 72.61
N VAL A 568 -17.24 -20.49 73.22
CA VAL A 568 -18.60 -20.00 73.39
C VAL A 568 -19.22 -19.46 72.11
N LEU A 569 -18.40 -18.97 71.17
CA LEU A 569 -18.93 -18.38 69.94
C LEU A 569 -18.80 -19.16 68.66
N PHE A 570 -17.73 -19.94 68.51
CA PHE A 570 -17.50 -20.68 67.29
C PHE A 570 -17.26 -22.18 67.48
N ALA A 571 -17.10 -22.60 68.72
CA ALA A 571 -16.90 -24.01 69.07
C ALA A 571 -18.07 -24.45 69.99
N ASN A 572 -19.26 -24.00 69.61
CA ASN A 572 -20.51 -24.26 70.31
C ASN A 572 -20.95 -25.68 70.13
N GLY A 573 -20.40 -26.33 69.12
CA GLY A 573 -20.83 -27.68 68.82
C GLY A 573 -22.02 -27.43 67.88
N SER A 574 -22.19 -26.15 67.53
CA SER A 574 -23.22 -25.74 66.60
C SER A 574 -22.48 -25.30 65.33
N VAL A 575 -21.51 -24.41 65.50
CA VAL A 575 -20.70 -23.91 64.41
C VAL A 575 -19.61 -24.94 64.07
N ASP A 576 -19.28 -25.83 65.02
CA ASP A 576 -18.29 -26.91 64.78
C ASP A 576 -18.95 -28.06 64.05
N ARG A 577 -20.27 -28.05 64.08
CA ARG A 577 -21.10 -29.07 63.49
C ARG A 577 -20.48 -29.81 62.32
N PHE A 578 -20.01 -29.07 61.31
CA PHE A 578 -19.46 -29.68 60.10
C PHE A 578 -17.95 -29.81 59.99
N PRO A 579 -17.46 -31.01 59.58
CA PRO A 579 -16.04 -31.36 59.44
C PRO A 579 -15.25 -30.70 58.32
N ALA A 580 -13.91 -30.76 58.41
CA ALA A 580 -13.02 -30.16 57.41
C ALA A 580 -13.25 -30.84 56.08
N SER A 581 -14.04 -31.89 56.11
CA SER A 581 -14.45 -32.59 54.90
C SER A 581 -15.66 -31.71 54.60
N ASP A 582 -16.70 -32.21 53.91
CA ASP A 582 -17.89 -31.39 53.66
C ASP A 582 -17.52 -30.09 52.99
N VAL A 583 -16.38 -30.03 52.32
CA VAL A 583 -15.94 -28.77 51.75
C VAL A 583 -15.50 -28.88 50.31
N ASN A 584 -16.24 -29.64 49.51
CA ASN A 584 -15.91 -29.84 48.10
C ASN A 584 -14.45 -30.24 47.96
N PRO A 585 -14.18 -31.48 47.52
CA PRO A 585 -12.82 -32.00 47.34
C PRO A 585 -11.90 -30.99 46.68
N ASP A 586 -12.33 -30.43 45.54
CA ASP A 586 -11.55 -29.41 44.84
C ASP A 586 -11.79 -28.18 45.69
N HIS A 587 -11.02 -27.12 45.49
CA HIS A 587 -11.21 -25.89 46.30
C HIS A 587 -10.68 -26.01 47.74
N ALA A 588 -9.79 -25.09 48.10
CA ALA A 588 -9.21 -25.06 49.45
C ALA A 588 -9.99 -24.10 50.34
N ASN A 589 -9.65 -24.07 51.62
CA ASN A 589 -10.34 -23.21 52.55
C ASN A 589 -9.40 -22.92 53.71
N HIS A 590 -8.61 -21.86 53.64
CA HIS A 590 -7.66 -21.60 54.71
C HIS A 590 -8.26 -21.50 56.11
N GLU A 591 -9.50 -21.05 56.21
CA GLU A 591 -10.13 -20.93 57.51
C GLU A 591 -10.62 -22.29 58.03
N ALA A 592 -10.45 -23.33 57.24
CA ALA A 592 -10.87 -24.66 57.68
C ALA A 592 -9.63 -25.51 57.89
N ALA A 593 -8.49 -25.10 57.34
CA ALA A 593 -7.26 -25.84 57.52
C ALA A 593 -6.80 -25.47 58.91
N LEU A 594 -6.95 -24.18 59.24
CA LEU A 594 -6.65 -23.70 60.58
C LEU A 594 -8.04 -23.96 61.15
N PHE A 595 -8.16 -24.33 62.42
CA PHE A 595 -9.47 -24.69 63.01
C PHE A 595 -9.83 -26.06 62.42
N GLY A 596 -10.65 -26.84 63.09
CA GLY A 596 -10.95 -28.15 62.54
C GLY A 596 -12.30 -28.33 61.90
N PHE A 597 -13.12 -27.30 61.95
CA PHE A 597 -14.45 -27.37 61.39
C PHE A 597 -14.46 -26.74 60.01
N TYR A 598 -15.62 -26.26 59.61
CA TYR A 598 -15.83 -25.64 58.32
C TYR A 598 -16.72 -24.45 58.69
N PRO A 599 -16.09 -23.32 59.08
CA PRO A 599 -16.71 -22.07 59.51
C PRO A 599 -17.92 -21.58 58.75
N GLN A 600 -17.72 -21.34 57.45
CA GLN A 600 -18.78 -20.86 56.60
C GLN A 600 -20.06 -21.68 56.70
N LYS A 601 -19.97 -23.00 56.49
CA LYS A 601 -21.14 -23.83 56.57
C LYS A 601 -21.78 -23.67 57.94
N GLY A 602 -20.98 -23.74 59.01
CA GLY A 602 -21.49 -23.61 60.36
C GLY A 602 -22.19 -22.31 60.61
N LEU A 603 -21.49 -21.21 60.32
CA LEU A 603 -22.07 -19.90 60.52
C LEU A 603 -23.29 -19.71 59.65
N PHE A 604 -23.19 -20.06 58.38
CA PHE A 604 -24.35 -19.91 57.51
C PHE A 604 -25.56 -20.63 58.08
N GLU A 605 -25.46 -21.94 58.29
CA GLU A 605 -26.60 -22.67 58.79
C GLU A 605 -27.09 -22.20 60.17
N GLU A 606 -26.20 -21.74 61.04
CA GLU A 606 -26.67 -21.22 62.33
C GLU A 606 -27.44 -19.97 62.01
N TYR A 607 -26.77 -18.95 61.48
CA TYR A 607 -27.39 -17.68 61.10
C TYR A 607 -28.69 -17.88 60.34
N ALA A 608 -28.75 -18.93 59.52
CA ALA A 608 -29.93 -19.22 58.73
C ALA A 608 -31.17 -19.50 59.56
N ALA A 609 -30.99 -20.05 60.75
CA ALA A 609 -32.09 -20.38 61.62
C ALA A 609 -32.88 -19.18 62.12
N PHE A 610 -32.30 -17.99 62.01
CA PHE A 610 -33.01 -16.81 62.46
C PHE A 610 -34.19 -16.53 61.54
N GLY A 611 -33.99 -16.74 60.23
CA GLY A 611 -35.04 -16.59 59.24
C GLY A 611 -35.56 -18.03 59.08
N ARG A 612 -36.17 -18.38 57.97
CA ARG A 612 -36.67 -19.74 57.84
C ARG A 612 -37.84 -19.88 58.76
N GLY A 613 -39.02 -19.74 58.19
CA GLY A 613 -40.23 -19.75 58.98
C GLY A 613 -40.53 -18.29 58.79
N HIS A 614 -40.38 -17.49 59.83
CA HIS A 614 -40.62 -16.06 59.70
C HIS A 614 -39.91 -15.53 58.44
N GLY A 615 -40.64 -15.34 57.33
CA GLY A 615 -40.05 -14.85 56.07
C GLY A 615 -38.58 -15.21 55.89
N HIS A 616 -37.77 -14.28 55.37
CA HIS A 616 -36.30 -14.45 55.25
C HIS A 616 -35.67 -15.83 54.95
N ASP A 617 -36.45 -16.76 54.43
CA ASP A 617 -35.95 -18.11 54.20
C ASP A 617 -34.73 -18.30 53.33
N LEU A 618 -33.61 -18.69 53.93
CA LEU A 618 -32.45 -18.95 53.10
C LEU A 618 -32.44 -20.43 52.75
N ALA A 619 -31.87 -20.78 51.59
CA ALA A 619 -31.80 -22.17 51.17
C ALA A 619 -30.69 -22.89 51.91
N PRO A 620 -30.60 -24.23 51.76
CA PRO A 620 -29.53 -24.96 52.43
C PRO A 620 -28.17 -24.47 51.97
N PHE A 621 -27.22 -24.29 52.89
CA PHE A 621 -25.89 -23.84 52.53
C PHE A 621 -25.40 -24.47 51.24
N ASP A 622 -25.22 -25.79 51.23
CA ASP A 622 -24.72 -26.46 50.02
C ASP A 622 -25.41 -26.09 48.70
N THR A 623 -26.72 -25.84 48.75
CA THR A 623 -27.44 -25.50 47.53
C THR A 623 -26.86 -24.29 46.85
N TYR A 624 -26.55 -23.26 47.62
CA TYR A 624 -26.02 -22.01 47.07
C TYR A 624 -24.73 -22.15 46.28
N HIS A 625 -24.04 -23.28 46.45
CA HIS A 625 -22.78 -23.49 45.75
C HIS A 625 -23.00 -24.13 44.41
N GLU A 626 -24.15 -24.80 44.25
CA GLU A 626 -24.46 -25.48 43.00
C GLU A 626 -25.22 -24.59 42.03
N VAL A 627 -25.76 -23.51 42.53
CA VAL A 627 -26.55 -22.61 41.72
C VAL A 627 -25.98 -21.20 41.68
N ARG A 628 -26.41 -20.42 40.70
CA ARG A 628 -25.96 -19.03 40.63
C ARG A 628 -27.01 -18.15 41.35
N GLY A 629 -27.07 -18.29 42.68
CA GLY A 629 -27.99 -17.54 43.52
C GLY A 629 -29.47 -17.89 43.45
N LEU A 630 -30.19 -17.52 44.52
CA LEU A 630 -31.63 -17.70 44.61
C LEU A 630 -32.17 -16.47 45.36
N HIS A 631 -33.21 -15.78 44.85
CA HIS A 631 -33.70 -14.61 45.59
C HIS A 631 -34.52 -15.15 46.78
N TRP A 632 -34.33 -14.58 47.96
CA TRP A 632 -34.95 -15.12 49.20
C TRP A 632 -36.30 -14.62 49.65
N PRO A 633 -37.07 -15.49 50.31
CA PRO A 633 -37.67 -16.60 51.03
C PRO A 633 -37.59 -17.79 50.11
N VAL A 634 -36.59 -18.61 50.34
CA VAL A 634 -36.44 -19.81 49.56
C VAL A 634 -37.10 -20.90 50.37
N VAL A 635 -38.35 -21.14 50.02
CA VAL A 635 -39.19 -22.13 50.67
C VAL A 635 -39.32 -23.41 49.83
N GLU A 636 -38.83 -24.52 50.38
CA GLU A 636 -38.86 -25.79 49.71
C GLU A 636 -38.01 -25.72 48.44
N GLY A 637 -36.87 -25.06 48.56
CA GLY A 637 -35.96 -24.93 47.45
C GLY A 637 -36.45 -24.08 46.30
N GLU A 638 -37.52 -23.30 46.52
CA GLU A 638 -38.06 -22.42 45.48
C GLU A 638 -37.97 -20.94 45.87
N GLU A 639 -37.29 -20.16 45.03
CA GLU A 639 -37.07 -18.75 45.28
C GLU A 639 -38.31 -17.93 45.06
N THR A 640 -38.29 -16.74 45.63
CA THR A 640 -39.39 -15.81 45.55
C THR A 640 -39.06 -14.54 44.79
N ARG A 641 -39.74 -14.32 43.68
CA ARG A 641 -39.49 -13.13 42.93
C ARG A 641 -40.18 -11.97 43.57
N TRP A 642 -41.51 -11.97 43.53
CA TRP A 642 -42.32 -10.89 44.12
C TRP A 642 -42.89 -11.26 45.48
N ARG A 643 -42.62 -10.42 46.48
CA ARG A 643 -43.10 -10.64 47.83
C ARG A 643 -44.45 -10.00 48.14
N TYR A 644 -45.19 -10.59 49.08
CA TYR A 644 -46.51 -10.10 49.48
C TYR A 644 -47.63 -10.27 48.46
N ARG A 645 -47.49 -11.23 47.56
CA ARG A 645 -48.54 -11.49 46.57
C ARG A 645 -48.91 -12.94 46.60
N GLU A 646 -50.19 -13.22 46.75
CA GLU A 646 -50.61 -14.60 46.77
C GLU A 646 -50.20 -15.23 45.45
N GLY A 647 -49.61 -16.41 45.52
CA GLY A 647 -49.18 -17.08 44.30
C GLY A 647 -47.71 -16.88 44.01
N PHE A 648 -47.22 -15.66 44.26
CA PHE A 648 -45.81 -15.35 44.06
C PHE A 648 -45.03 -15.55 45.37
N ASP A 649 -45.60 -15.11 46.48
CA ASP A 649 -45.02 -15.25 47.82
C ASP A 649 -45.81 -16.34 48.57
N PRO A 650 -45.13 -17.34 49.16
CA PRO A 650 -45.81 -18.41 49.87
C PRO A 650 -46.27 -18.02 51.27
N TYR A 651 -45.84 -16.86 51.74
CA TYR A 651 -46.25 -16.42 53.06
C TYR A 651 -47.59 -15.73 53.02
N VAL A 652 -48.18 -15.66 51.85
CA VAL A 652 -49.50 -15.08 51.71
C VAL A 652 -50.46 -16.27 51.65
N LYS A 653 -51.37 -16.32 52.62
CA LYS A 653 -52.33 -17.41 52.72
C LYS A 653 -53.36 -17.37 51.59
N PRO A 654 -53.73 -18.55 51.06
CA PRO A 654 -54.68 -18.71 49.96
C PRO A 654 -55.75 -17.65 49.79
N GLY A 655 -56.61 -17.48 50.78
CA GLY A 655 -57.62 -16.44 50.60
C GLY A 655 -57.07 -15.10 51.06
N GLU A 656 -56.31 -14.43 50.21
CA GLU A 656 -55.74 -13.16 50.65
C GLU A 656 -55.48 -12.14 49.58
N GLY A 657 -54.61 -12.43 48.62
CA GLY A 657 -54.33 -11.49 47.55
C GLY A 657 -53.00 -10.83 47.80
N LEU A 658 -52.99 -9.82 48.67
CA LEU A 658 -51.79 -9.11 49.07
C LEU A 658 -51.86 -9.08 50.57
N ARG A 659 -50.71 -9.01 51.22
CA ARG A 659 -50.69 -8.89 52.66
C ARG A 659 -49.30 -8.59 53.09
N PHE A 660 -49.02 -7.31 53.31
CA PHE A 660 -47.72 -6.87 53.76
C PHE A 660 -47.60 -7.42 55.19
N TYR A 661 -47.33 -8.71 55.29
CA TYR A 661 -47.24 -9.41 56.55
C TYR A 661 -46.12 -8.99 57.49
N GLY A 662 -45.45 -7.89 57.19
CA GLY A 662 -44.41 -7.43 58.10
C GLY A 662 -45.18 -6.71 59.18
N LYS A 663 -46.26 -6.07 58.74
CA LYS A 663 -47.16 -5.32 59.60
C LYS A 663 -48.16 -6.33 60.16
N PRO A 664 -48.64 -6.13 61.42
CA PRO A 664 -49.59 -7.06 62.01
C PRO A 664 -50.90 -7.06 61.26
N ASP A 665 -51.46 -5.88 61.03
CA ASP A 665 -52.72 -5.77 60.33
C ASP A 665 -52.57 -6.04 58.84
N GLY A 666 -51.32 -6.13 58.40
CA GLY A 666 -51.04 -6.42 57.00
C GLY A 666 -51.39 -5.29 56.05
N ARG A 667 -51.18 -4.06 56.50
CA ARG A 667 -51.44 -2.88 55.69
C ARG A 667 -50.18 -2.02 55.66
N ALA A 668 -49.84 -1.50 54.50
CA ALA A 668 -48.66 -0.65 54.35
C ALA A 668 -49.06 0.77 54.65
N VAL A 669 -48.15 1.50 55.29
CA VAL A 669 -48.37 2.88 55.69
C VAL A 669 -48.13 3.94 54.60
N ILE A 670 -48.99 4.96 54.56
CA ILE A 670 -48.80 6.05 53.60
C ILE A 670 -48.50 7.25 54.49
N LEU A 671 -47.32 7.84 54.33
CA LEU A 671 -46.96 8.93 55.19
C LEU A 671 -47.21 10.29 54.64
N GLY A 672 -47.86 11.13 55.43
CA GLY A 672 -48.09 12.51 55.04
C GLY A 672 -46.89 13.28 55.58
N VAL A 673 -46.02 13.75 54.69
CA VAL A 673 -44.85 14.45 55.13
C VAL A 673 -44.66 15.71 54.32
N PRO A 674 -44.06 16.75 54.92
CA PRO A 674 -43.84 18.05 54.30
C PRO A 674 -42.44 18.27 53.73
N TYR A 675 -42.35 18.95 52.61
CA TYR A 675 -41.05 19.25 52.08
C TYR A 675 -40.27 20.07 53.10
N GLU A 676 -38.98 19.88 53.17
CA GLU A 676 -38.16 20.67 54.07
C GLU A 676 -36.89 21.01 53.32
N PRO A 677 -36.11 21.95 53.83
CA PRO A 677 -34.90 22.25 53.08
C PRO A 677 -33.64 21.53 53.58
N PRO A 678 -32.60 21.46 52.73
CA PRO A 678 -31.33 20.82 53.08
C PRO A 678 -30.64 21.55 54.23
N ALA A 679 -29.76 20.85 54.92
CA ALA A 679 -29.06 21.46 56.05
C ALA A 679 -28.29 22.72 55.66
N GLU A 680 -27.58 22.67 54.55
CA GLU A 680 -26.81 23.81 54.10
C GLU A 680 -27.06 24.11 52.64
N SER A 681 -27.55 25.32 52.35
CA SER A 681 -27.80 25.76 50.97
C SER A 681 -26.81 26.86 50.62
N PRO A 682 -26.61 27.10 49.32
CA PRO A 682 -25.68 28.16 48.92
C PRO A 682 -26.07 29.55 49.41
N ASP A 683 -25.05 30.32 49.74
CA ASP A 683 -25.17 31.69 50.26
C ASP A 683 -24.62 32.68 49.25
N GLU A 684 -24.18 33.82 49.78
CA GLU A 684 -23.59 34.87 48.95
C GLU A 684 -22.09 34.59 48.97
N GLU A 685 -21.58 34.15 50.13
CA GLU A 685 -20.16 33.83 50.24
C GLU A 685 -19.91 32.50 49.49
N PHE A 686 -20.71 31.46 49.77
CA PHE A 686 -20.57 30.15 49.14
C PHE A 686 -21.72 29.93 48.17
N GLY A 687 -21.54 30.38 46.93
CA GLY A 687 -22.60 30.28 45.92
C GLY A 687 -22.91 28.99 45.19
N PHE A 688 -21.99 28.04 45.22
CA PHE A 688 -22.17 26.75 44.55
C PHE A 688 -22.70 25.58 45.34
N TRP A 689 -23.46 24.72 44.68
CA TRP A 689 -23.99 23.51 45.29
C TRP A 689 -22.90 22.47 45.12
N LEU A 690 -22.56 21.76 46.19
CA LEU A 690 -21.57 20.72 46.04
C LEU A 690 -22.24 19.36 46.03
N VAL A 691 -22.31 18.76 44.85
CA VAL A 691 -22.88 17.44 44.68
C VAL A 691 -21.67 16.53 44.67
N THR A 692 -21.83 15.36 45.24
CA THR A 692 -20.73 14.41 45.37
C THR A 692 -21.15 13.02 44.93
N GLY A 693 -20.29 12.32 44.22
CA GLY A 693 -20.72 11.01 43.78
C GLY A 693 -19.65 10.07 43.27
N ARG A 694 -19.96 9.34 42.19
CA ARG A 694 -19.01 8.39 41.64
C ARG A 694 -18.84 8.47 40.14
N VAL A 695 -18.01 7.59 39.62
CA VAL A 695 -17.72 7.57 38.20
C VAL A 695 -17.64 6.11 37.84
N LEU A 696 -18.09 5.74 36.63
CA LEU A 696 -18.07 4.36 36.16
C LEU A 696 -16.81 3.57 36.42
N GLU A 697 -15.69 4.14 36.06
CA GLU A 697 -14.42 3.48 36.18
C GLU A 697 -13.90 3.21 37.58
N HIS A 698 -14.45 3.87 38.59
CA HIS A 698 -13.92 3.68 39.94
C HIS A 698 -14.87 3.32 41.02
N TRP A 699 -14.41 2.45 41.90
CA TRP A 699 -15.19 1.98 43.02
C TRP A 699 -14.74 2.67 44.29
N HIS A 700 -15.62 3.48 44.88
CA HIS A 700 -15.37 4.20 46.13
C HIS A 700 -14.02 4.88 46.27
N SER A 701 -13.15 4.33 47.13
CA SER A 701 -11.81 4.83 47.41
C SER A 701 -10.80 4.61 46.33
N GLY A 702 -11.17 3.85 45.31
CA GLY A 702 -10.21 3.56 44.27
C GLY A 702 -9.06 2.67 44.76
N SER A 703 -9.15 2.12 45.97
CA SER A 703 -8.07 1.24 46.47
C SER A 703 -7.93 0.05 45.59
N MET A 704 -9.00 -0.33 44.90
CA MET A 704 -8.92 -1.46 44.01
C MET A 704 -8.85 -1.02 42.57
N THR A 705 -9.77 -0.13 42.14
CA THR A 705 -9.75 0.28 40.76
C THR A 705 -8.59 1.19 40.39
N LEU A 706 -8.11 2.02 41.31
CA LEU A 706 -6.99 2.89 40.98
C LEU A 706 -5.72 2.07 40.79
N ARG A 707 -5.83 0.75 40.99
CA ARG A 707 -4.68 -0.12 40.86
C ARG A 707 -4.79 -0.96 39.63
N TRP A 708 -5.99 -1.06 39.09
CA TRP A 708 -6.18 -1.77 37.84
C TRP A 708 -5.75 -0.67 36.84
N PRO A 709 -4.67 -0.89 36.07
CA PRO A 709 -4.14 0.06 35.08
C PRO A 709 -5.12 0.68 34.08
N GLU A 710 -5.93 -0.12 33.39
CA GLU A 710 -6.84 0.45 32.43
C GLU A 710 -7.88 1.35 33.07
N LEU A 711 -8.25 1.06 34.30
CA LEU A 711 -9.22 1.91 34.97
C LEU A 711 -8.55 3.20 35.45
N TYR A 712 -7.36 3.09 35.97
CA TYR A 712 -6.67 4.28 36.42
C TYR A 712 -6.46 5.18 35.21
N LYS A 713 -5.81 4.65 34.19
CA LYS A 713 -5.55 5.40 32.96
C LYS A 713 -6.82 6.05 32.40
N ALA A 714 -7.94 5.37 32.53
CA ALA A 714 -9.20 5.84 32.01
C ALA A 714 -9.72 7.07 32.68
N PHE A 715 -9.29 7.29 33.93
CA PHE A 715 -9.75 8.43 34.73
C PHE A 715 -8.80 8.49 35.94
N PRO A 716 -7.54 8.87 35.70
CA PRO A 716 -6.49 8.95 36.73
C PRO A 716 -6.80 9.66 38.04
N GLY A 717 -7.38 10.85 37.98
CA GLY A 717 -7.67 11.52 39.22
C GLY A 717 -8.98 12.27 39.20
N ALA A 718 -9.43 12.64 40.39
CA ALA A 718 -10.68 13.35 40.60
C ALA A 718 -10.67 14.70 39.89
N VAL A 719 -11.87 15.21 39.62
CA VAL A 719 -12.03 16.47 38.90
C VAL A 719 -13.29 17.16 39.34
N CYS A 720 -13.33 18.48 39.19
CA CYS A 720 -14.54 19.22 39.55
C CYS A 720 -15.33 19.50 38.27
N PHE A 721 -16.55 19.00 38.19
CA PHE A 721 -17.35 19.25 37.01
C PHE A 721 -18.03 20.58 37.27
N MET A 722 -17.92 21.50 36.31
CA MET A 722 -18.54 22.81 36.45
C MET A 722 -19.21 23.25 35.14
N HIS A 723 -20.00 24.32 35.19
CA HIS A 723 -20.68 24.79 33.98
C HIS A 723 -19.67 25.55 33.14
N PRO A 724 -19.72 25.37 31.82
CA PRO A 724 -18.77 26.07 30.96
C PRO A 724 -18.80 27.57 31.12
N GLU A 725 -19.94 28.15 31.51
CA GLU A 725 -19.99 29.59 31.67
C GLU A 725 -19.67 30.02 33.08
N ASP A 726 -20.01 29.18 34.06
CA ASP A 726 -19.68 29.51 35.45
C ASP A 726 -18.16 29.56 35.58
N ALA A 727 -17.47 29.07 34.55
CA ALA A 727 -16.02 29.10 34.55
C ALA A 727 -15.54 30.36 33.84
N ARG A 728 -15.98 30.60 32.60
CA ARG A 728 -15.58 31.80 31.84
C ARG A 728 -15.66 32.99 32.77
N SER A 729 -16.81 33.16 33.42
CA SER A 729 -17.04 34.28 34.32
C SER A 729 -15.95 34.47 35.35
N ARG A 730 -15.59 33.43 36.08
CA ARG A 730 -14.56 33.56 37.10
C ARG A 730 -13.18 33.57 36.46
N GLY A 731 -13.14 33.63 35.13
CA GLY A 731 -11.86 33.67 34.44
C GLY A 731 -11.13 32.35 34.48
N LEU A 732 -11.91 31.28 34.62
CA LEU A 732 -11.40 29.91 34.69
C LEU A 732 -11.65 29.19 33.37
N ASN A 733 -10.74 28.31 33.01
CA ASN A 733 -10.89 27.50 31.79
C ASN A 733 -10.87 26.06 32.22
N ARG A 734 -10.95 25.17 31.24
CA ARG A 734 -10.93 23.75 31.52
C ARG A 734 -9.49 23.40 31.86
N GLY A 735 -9.26 22.75 32.98
CA GLY A 735 -7.91 22.39 33.35
C GLY A 735 -7.32 23.25 34.45
N SER A 736 -7.98 24.37 34.73
CA SER A 736 -7.56 25.30 35.77
C SER A 736 -7.54 24.60 37.13
N GLU A 737 -6.57 24.92 37.97
CA GLU A 737 -6.48 24.30 39.28
C GLU A 737 -7.36 25.11 40.22
N VAL A 738 -8.52 24.58 40.60
CA VAL A 738 -9.45 25.29 41.47
C VAL A 738 -9.43 24.81 42.91
N ARG A 739 -10.02 25.62 43.78
CA ARG A 739 -10.13 25.30 45.19
C ARG A 739 -11.60 25.18 45.53
N VAL A 740 -12.04 23.97 45.83
CA VAL A 740 -13.42 23.81 46.20
C VAL A 740 -13.36 24.03 47.68
N ILE A 741 -14.00 25.11 48.13
CA ILE A 741 -13.98 25.53 49.52
C ILE A 741 -15.29 25.56 50.29
N SER A 742 -15.21 25.18 51.57
CA SER A 742 -16.35 25.16 52.49
C SER A 742 -15.97 25.73 53.83
N ARG A 743 -16.95 25.83 54.72
CA ARG A 743 -16.69 26.32 56.05
C ARG A 743 -15.84 25.26 56.77
N ARG A 744 -15.73 24.09 56.16
CA ARG A 744 -15.01 22.97 56.74
C ARG A 744 -13.72 22.58 56.06
N GLY A 745 -13.58 22.84 54.76
CA GLY A 745 -12.33 22.46 54.09
C GLY A 745 -12.18 22.82 52.63
N GLU A 746 -11.00 22.53 52.08
CA GLU A 746 -10.68 22.82 50.69
C GLU A 746 -10.01 21.65 49.99
N ILE A 747 -10.12 21.67 48.68
CA ILE A 747 -9.45 20.70 47.85
C ILE A 747 -8.96 21.51 46.67
N ARG A 748 -8.05 20.91 45.95
CA ARG A 748 -7.58 21.46 44.71
C ARG A 748 -7.86 20.31 43.77
N THR A 749 -8.80 20.48 42.85
CA THR A 749 -9.10 19.45 41.87
C THR A 749 -8.91 20.31 40.66
N ARG A 750 -8.95 19.74 39.48
CA ARG A 750 -8.86 20.60 38.34
C ARG A 750 -10.25 20.63 37.76
N LEU A 751 -10.56 21.75 37.12
CA LEU A 751 -11.84 21.97 36.52
C LEU A 751 -12.01 21.12 35.31
N GLU A 752 -13.23 20.68 35.08
CA GLU A 752 -13.50 19.98 33.87
C GLU A 752 -14.88 20.34 33.49
N THR A 753 -14.99 21.06 32.42
CA THR A 753 -16.28 21.43 31.92
C THR A 753 -16.21 20.66 30.63
N ARG A 754 -17.35 20.27 30.11
CA ARG A 754 -17.40 19.49 28.88
C ARG A 754 -17.07 18.03 29.12
N GLY A 755 -17.26 17.57 30.36
CA GLY A 755 -17.03 16.17 30.70
C GLY A 755 -18.35 15.45 30.61
N ARG A 756 -18.46 14.26 31.19
CA ARG A 756 -19.71 13.52 31.13
C ARG A 756 -20.86 14.19 31.86
N ASN A 757 -20.59 14.71 33.05
CA ASN A 757 -21.62 15.37 33.83
C ASN A 757 -21.70 16.84 33.41
N ARG A 758 -22.84 17.21 32.83
CA ARG A 758 -23.10 18.57 32.36
C ARG A 758 -23.87 19.31 33.45
N MET A 759 -23.13 20.07 34.25
CA MET A 759 -23.69 20.80 35.38
C MET A 759 -24.58 21.99 35.08
N PRO A 760 -25.58 22.25 35.93
CA PRO A 760 -26.45 23.38 35.73
C PRO A 760 -25.73 24.55 36.39
N ARG A 761 -26.08 25.78 36.05
CA ARG A 761 -25.38 26.91 36.65
C ARG A 761 -25.60 26.90 38.15
N GLY A 762 -24.50 27.01 38.89
CA GLY A 762 -24.56 27.05 40.34
C GLY A 762 -24.35 25.71 41.02
N VAL A 763 -24.19 24.63 40.24
CA VAL A 763 -23.98 23.28 40.77
C VAL A 763 -22.67 22.69 40.29
N VAL A 764 -21.94 22.09 41.21
CA VAL A 764 -20.63 21.49 40.92
C VAL A 764 -20.59 20.06 41.43
N PHE A 765 -19.91 19.16 40.70
CA PHE A 765 -19.83 17.77 41.12
C PHE A 765 -18.41 17.21 41.21
N VAL A 766 -18.01 16.62 42.33
CA VAL A 766 -16.67 16.02 42.42
C VAL A 766 -16.75 14.58 42.96
N PRO A 767 -16.16 13.63 42.23
CA PRO A 767 -16.19 12.24 42.67
C PRO A 767 -15.17 12.09 43.79
N TRP A 768 -15.39 11.15 44.70
CA TRP A 768 -14.49 10.99 45.83
C TRP A 768 -13.45 9.87 45.84
N PHE A 769 -13.19 9.22 44.72
CA PHE A 769 -12.26 8.12 44.68
C PHE A 769 -10.80 8.41 44.90
N ASP A 770 -10.42 9.68 44.78
CA ASP A 770 -9.03 10.11 44.92
C ASP A 770 -8.60 10.52 46.31
N ALA A 771 -7.67 9.80 46.93
CA ALA A 771 -7.22 10.12 48.29
C ALA A 771 -6.39 11.40 48.34
N SER A 772 -5.87 11.80 47.19
CA SER A 772 -5.13 13.04 47.17
C SER A 772 -6.18 14.12 47.32
N GLN A 773 -7.37 13.92 46.76
CA GLN A 773 -8.41 14.93 46.85
C GLN A 773 -9.57 14.57 47.80
N LEU A 774 -9.33 14.65 49.10
CA LEU A 774 -10.35 14.29 50.07
C LEU A 774 -11.51 15.25 50.14
N ILE A 775 -12.52 15.09 49.27
CA ILE A 775 -13.70 15.99 49.29
C ILE A 775 -14.46 15.91 50.59
N ASN A 776 -14.37 14.75 51.24
CA ASN A 776 -15.07 14.62 52.47
C ASN A 776 -14.61 15.53 53.59
N LYS A 777 -13.57 16.32 53.32
CA LYS A 777 -13.12 17.33 54.28
C LYS A 777 -14.11 18.49 54.09
N VAL A 778 -14.55 18.69 52.85
CA VAL A 778 -15.47 19.76 52.44
C VAL A 778 -16.92 19.53 52.82
N THR A 779 -17.32 18.27 52.86
CA THR A 779 -18.69 17.84 53.15
C THR A 779 -19.25 18.07 54.54
N LEU A 780 -20.57 18.32 54.62
CA LEU A 780 -21.21 18.55 55.91
C LEU A 780 -21.81 17.31 56.53
N ASP A 781 -21.53 17.18 57.81
CA ASP A 781 -21.90 16.13 58.73
C ASP A 781 -23.40 15.84 58.88
N ALA A 782 -24.29 16.50 58.15
CA ALA A 782 -25.73 16.28 58.35
C ALA A 782 -26.34 14.95 57.94
N ASN A 783 -27.31 14.40 58.69
CA ASN A 783 -27.95 13.10 58.40
C ASN A 783 -29.44 13.18 58.32
N ASP A 784 -30.09 12.10 57.92
CA ASP A 784 -31.54 12.09 57.95
C ASP A 784 -31.75 11.68 59.41
N PRO A 785 -32.25 12.58 60.27
CA PRO A 785 -32.48 12.30 61.68
C PRO A 785 -33.18 11.00 62.10
N ILE A 786 -33.85 10.32 61.17
CA ILE A 786 -34.50 9.03 61.47
C ILE A 786 -33.57 7.83 61.20
N SER A 787 -32.98 7.81 60.02
CA SER A 787 -32.11 6.75 59.61
C SER A 787 -30.67 6.99 60.01
N ARG A 788 -30.33 8.26 60.20
CA ARG A 788 -28.98 8.68 60.58
C ARG A 788 -27.97 8.50 59.47
N GLN A 789 -28.46 8.54 58.23
CA GLN A 789 -27.61 8.40 57.05
C GLN A 789 -27.11 9.78 56.61
N THR A 790 -25.81 10.02 56.73
CA THR A 790 -25.30 11.32 56.32
C THR A 790 -25.63 11.67 54.84
N ASP A 791 -25.72 12.96 54.53
CA ASP A 791 -26.11 13.45 53.21
C ASP A 791 -24.94 14.07 52.49
N PHE A 792 -24.44 13.35 51.51
CA PHE A 792 -23.30 13.82 50.74
C PHE A 792 -23.65 14.47 49.42
N LYS A 793 -24.92 14.66 49.11
CA LYS A 793 -25.24 15.25 47.83
C LYS A 793 -25.40 16.77 47.72
N LYS A 794 -25.31 17.52 48.81
CA LYS A 794 -25.45 18.97 48.76
C LYS A 794 -24.98 19.75 49.96
N CYS A 795 -24.31 20.85 49.67
CA CYS A 795 -23.81 21.76 50.68
C CYS A 795 -23.30 22.95 49.90
N ALA A 796 -23.06 24.07 50.58
CA ALA A 796 -22.60 25.25 49.89
C ALA A 796 -21.09 25.29 49.81
N VAL A 797 -20.57 25.60 48.63
CA VAL A 797 -19.14 25.63 48.42
C VAL A 797 -18.69 26.79 47.54
N LYS A 798 -17.51 27.32 47.78
CA LYS A 798 -17.00 28.41 46.95
C LYS A 798 -15.79 27.94 46.15
N ILE A 799 -15.56 28.51 44.97
CA ILE A 799 -14.45 28.10 44.11
C ILE A 799 -13.54 29.23 43.63
N GLU A 800 -12.23 29.13 43.89
CA GLU A 800 -11.25 30.15 43.47
C GLU A 800 -9.99 29.49 42.80
N ALA A 801 -9.20 30.12 42.04
N ASP B 2 0.48 12.56 38.06
CA ASP B 2 0.67 11.50 39.12
C ASP B 2 1.22 12.12 40.43
N ALA B 3 0.35 12.20 41.43
CA ALA B 3 0.66 12.85 42.70
C ALA B 3 0.43 12.01 43.96
N PRO B 4 0.44 12.63 45.18
CA PRO B 4 0.30 11.86 46.42
C PRO B 4 -0.58 10.70 46.31
N ARG B 5 0.08 9.57 46.15
CA ARG B 5 -0.55 8.27 46.00
C ARG B 5 -2.02 8.50 46.33
N LEU B 6 -2.79 8.70 45.26
CA LEU B 6 -4.20 8.89 45.39
C LEU B 6 -4.60 7.61 46.14
N THR B 7 -3.61 6.75 46.35
CA THR B 7 -3.80 5.51 47.05
C THR B 7 -3.51 5.64 48.56
N GLY B 8 -2.46 6.38 48.95
CA GLY B 8 -2.09 6.53 50.37
C GLY B 8 -2.24 7.89 51.04
N ALA B 9 -2.31 8.96 50.24
CA ALA B 9 -2.46 10.34 50.73
C ALA B 9 -1.37 10.78 51.71
N ASP B 10 -0.48 11.69 51.29
CA ASP B 10 0.62 12.15 52.14
C ASP B 10 0.09 12.77 53.40
N ARG B 11 0.78 12.59 54.55
CA ARG B 11 0.36 13.13 55.86
C ARG B 11 -1.04 13.73 55.67
N PRO B 12 -2.06 12.86 55.49
CA PRO B 12 -3.47 13.20 55.23
C PRO B 12 -4.01 14.56 55.56
N MET B 13 -4.81 15.05 54.61
CA MET B 13 -5.49 16.33 54.75
C MET B 13 -4.60 17.56 54.80
N SER B 14 -3.30 17.34 54.68
CA SER B 14 -2.29 18.40 54.72
C SER B 14 -2.51 19.57 53.75
N GLU B 15 -2.70 19.27 52.48
CA GLU B 15 -2.91 20.23 51.37
C GLU B 15 -2.06 19.67 50.26
N VAL B 16 -2.71 19.26 49.19
CA VAL B 16 -2.02 18.68 48.06
C VAL B 16 -2.33 19.39 46.77
N ALA B 17 -1.30 19.47 45.94
CA ALA B 17 -1.42 20.08 44.64
C ALA B 17 -1.90 19.02 43.67
N ALA B 18 -2.85 19.39 42.84
CA ALA B 18 -3.42 18.47 41.88
C ALA B 18 -2.80 18.60 40.50
N PRO B 19 -2.13 17.54 40.03
CA PRO B 19 -1.48 17.53 38.72
C PRO B 19 -2.48 17.90 37.67
N PRO B 20 -2.00 18.37 36.51
CA PRO B 20 -2.90 18.76 35.44
C PRO B 20 -3.51 17.57 34.72
N LEU B 21 -4.73 17.76 34.23
CA LEU B 21 -5.46 16.73 33.52
C LEU B 21 -4.51 16.04 32.56
N PRO B 22 -4.56 14.69 32.52
CA PRO B 22 -3.69 13.93 31.64
C PRO B 22 -4.40 13.96 30.33
N GLU B 23 -3.66 13.81 29.24
CA GLU B 23 -4.31 13.87 27.97
C GLU B 23 -4.65 12.51 27.40
N THR B 24 -5.86 12.45 26.83
CA THR B 24 -6.39 11.26 26.22
C THR B 24 -5.48 10.80 25.10
N ILE B 25 -5.46 9.51 24.84
CA ILE B 25 -4.63 8.95 23.79
C ILE B 25 -5.46 8.79 22.53
N THR B 26 -5.17 9.64 21.56
CA THR B 26 -5.89 9.71 20.29
C THR B 26 -5.18 8.95 19.19
N ASP B 27 -3.95 8.52 19.43
CA ASP B 27 -3.16 7.76 18.46
C ASP B 27 -3.97 6.50 18.22
N ASP B 28 -4.56 6.37 17.04
CA ASP B 28 -5.48 5.28 16.71
C ASP B 28 -4.98 3.83 16.67
N ARG B 29 -4.08 3.47 17.57
CA ARG B 29 -3.54 2.12 17.62
C ARG B 29 -4.28 1.23 18.62
N ARG B 30 -4.85 0.12 18.13
CA ARG B 30 -5.55 -0.84 18.97
C ARG B 30 -4.54 -1.37 19.95
N VAL B 31 -4.97 -1.73 21.15
CA VAL B 31 -4.00 -2.13 22.15
C VAL B 31 -3.62 -3.58 22.40
N GLY B 32 -4.56 -4.53 22.39
CA GLY B 32 -4.13 -5.90 22.63
C GLY B 32 -4.41 -6.38 24.04
N ARG B 33 -5.23 -7.41 24.16
CA ARG B 33 -5.63 -7.88 25.45
C ARG B 33 -5.02 -9.17 25.85
N ASN B 34 -5.37 -9.65 27.05
CA ASN B 34 -4.85 -10.88 27.64
C ASN B 34 -5.81 -12.06 27.65
N TYR B 35 -7.11 -11.77 27.70
CA TYR B 35 -8.04 -12.86 27.72
C TYR B 35 -9.18 -12.45 26.82
N PRO B 36 -9.92 -13.43 26.25
CA PRO B 36 -11.04 -13.07 25.40
C PRO B 36 -11.87 -12.24 26.34
N GLU B 37 -13.05 -11.78 25.96
CA GLU B 37 -13.84 -10.99 26.93
C GLU B 37 -13.15 -9.90 27.76
N GLN B 38 -11.94 -9.48 27.43
CA GLN B 38 -11.36 -8.36 28.16
C GLN B 38 -11.72 -7.20 27.24
N PRO B 39 -12.61 -6.33 27.67
CA PRO B 39 -13.02 -5.21 26.82
C PRO B 39 -11.89 -4.40 26.21
N PRO B 40 -11.83 -4.31 24.88
CA PRO B 40 -10.81 -3.53 24.19
C PRO B 40 -10.92 -2.11 24.74
N VAL B 41 -9.80 -1.41 24.76
CA VAL B 41 -9.75 -0.05 25.24
C VAL B 41 -10.02 0.82 24.01
N ILE B 42 -10.62 2.00 24.16
CA ILE B 42 -10.86 2.85 22.99
C ILE B 42 -9.58 3.65 22.57
N PRO B 43 -9.03 3.33 21.41
CA PRO B 43 -7.82 3.98 20.92
C PRO B 43 -8.02 5.32 20.28
N HIS B 44 -9.24 5.81 20.25
CA HIS B 44 -9.50 7.09 19.63
C HIS B 44 -10.29 7.96 20.57
N SER B 45 -10.67 9.15 20.10
CA SER B 45 -11.40 10.07 20.96
C SER B 45 -12.89 9.76 21.04
N ILE B 46 -13.52 10.24 22.10
CA ILE B 46 -14.93 10.06 22.30
C ILE B 46 -15.60 11.44 22.16
N GLU B 47 -15.11 12.40 22.94
CA GLU B 47 -15.61 13.78 22.98
C GLU B 47 -17.04 14.07 22.52
N GLY B 48 -17.17 14.50 21.27
CA GLY B 48 -18.48 14.87 20.75
C GLY B 48 -19.46 13.75 20.49
N TYR B 49 -19.01 12.51 20.60
CA TYR B 49 -19.85 11.35 20.32
C TYR B 49 -21.01 11.21 21.29
N GLN B 50 -22.21 11.16 20.74
CA GLN B 50 -23.41 11.05 21.53
C GLN B 50 -24.00 9.65 21.54
N LEU B 51 -24.44 9.25 22.71
CA LEU B 51 -25.08 7.96 22.90
C LEU B 51 -26.37 8.31 23.61
N SER B 52 -27.48 8.29 22.90
CA SER B 52 -28.75 8.66 23.50
C SER B 52 -29.88 7.81 22.96
N VAL B 53 -31.11 8.18 23.31
CA VAL B 53 -32.31 7.46 22.88
C VAL B 53 -32.48 7.62 21.40
N ASN B 54 -31.95 8.72 20.88
CA ASN B 54 -32.08 9.01 19.48
C ASN B 54 -30.88 8.74 18.60
N ALA B 55 -29.70 8.58 19.18
CA ALA B 55 -28.55 8.33 18.35
C ALA B 55 -27.44 7.61 19.07
N ASN B 56 -26.62 6.90 18.31
CA ASN B 56 -25.47 6.18 18.85
C ASN B 56 -24.34 6.38 17.85
N ARG B 57 -23.49 7.38 18.09
CA ARG B 57 -22.42 7.68 17.17
C ARG B 57 -21.56 6.47 16.82
N CYS B 58 -21.29 5.64 17.82
CA CYS B 58 -20.46 4.48 17.64
C CYS B 58 -20.95 3.53 16.59
N LEU B 59 -22.23 3.21 16.60
CA LEU B 59 -22.75 2.25 15.65
C LEU B 59 -22.67 2.68 14.20
N GLU B 60 -22.16 3.89 14.00
CA GLU B 60 -22.02 4.46 12.69
C GLU B 60 -20.81 3.95 12.02
N CYS B 61 -19.78 3.64 12.80
CA CYS B 61 -18.53 3.10 12.27
C CYS B 61 -18.40 1.61 12.66
N HIS B 62 -18.92 1.25 13.81
CA HIS B 62 -18.81 -0.11 14.32
C HIS B 62 -20.05 -0.90 14.04
N ARG B 63 -20.02 -1.58 12.89
CA ARG B 63 -21.14 -2.38 12.43
C ARG B 63 -20.61 -3.49 11.51
N ARG B 64 -21.50 -4.38 11.05
CA ARG B 64 -21.08 -5.42 10.13
C ARG B 64 -21.90 -5.31 8.85
N GLN B 65 -21.26 -5.47 7.69
CA GLN B 65 -22.04 -5.36 6.45
C GLN B 65 -22.52 -6.70 5.94
N TYR B 66 -23.75 -6.73 5.46
CA TYR B 66 -24.30 -7.94 4.91
C TYR B 66 -24.86 -7.74 3.50
N SER B 67 -26.17 -7.77 3.35
CA SER B 67 -26.83 -7.69 2.06
C SER B 67 -25.92 -8.10 0.90
N GLY B 68 -25.15 -9.15 1.14
CA GLY B 68 -24.28 -9.73 0.13
C GLY B 68 -22.89 -9.16 -0.04
N LEU B 69 -22.69 -7.97 0.50
CA LEU B 69 -21.41 -7.29 0.35
C LEU B 69 -20.37 -7.66 1.39
N VAL B 70 -19.11 -7.37 1.10
CA VAL B 70 -18.03 -7.67 1.99
C VAL B 70 -17.25 -6.44 2.40
N ALA B 71 -17.23 -6.18 3.71
CA ALA B 71 -16.46 -5.08 4.27
C ALA B 71 -15.85 -5.63 5.52
N ALA B 72 -14.89 -4.91 6.07
CA ALA B 72 -14.20 -5.37 7.28
C ALA B 72 -15.09 -5.20 8.49
N PRO B 73 -15.15 -6.23 9.32
CA PRO B 73 -15.98 -6.24 10.53
C PRO B 73 -15.52 -5.23 11.56
N MET B 74 -16.48 -4.54 12.18
CA MET B 74 -16.20 -3.53 13.19
C MET B 74 -16.78 -3.73 14.61
N ILE B 75 -17.51 -4.80 14.82
CA ILE B 75 -17.99 -5.19 16.14
C ILE B 75 -18.06 -6.70 16.02
N SER B 76 -17.85 -7.39 17.13
CA SER B 76 -17.95 -8.84 17.16
C SER B 76 -19.42 -9.23 17.20
N ILE B 77 -19.77 -10.34 16.59
CA ILE B 77 -21.17 -10.69 16.55
C ILE B 77 -21.79 -11.02 17.90
N THR B 78 -20.93 -11.07 18.91
CA THR B 78 -21.37 -11.37 20.25
C THR B 78 -22.17 -10.18 20.74
N HIS B 79 -22.07 -9.08 20.00
CA HIS B 79 -22.78 -7.87 20.37
C HIS B 79 -24.16 -7.93 19.78
N PHE B 80 -24.47 -9.05 19.15
CA PHE B 80 -25.78 -9.27 18.55
C PHE B 80 -26.69 -10.18 19.39
N GLN B 81 -26.14 -10.85 20.40
CA GLN B 81 -26.93 -11.78 21.20
C GLN B 81 -27.73 -11.07 22.25
N ASP B 82 -28.97 -11.49 22.43
CA ASP B 82 -29.85 -10.90 23.42
C ASP B 82 -29.78 -11.74 24.68
N ARG B 83 -30.33 -11.23 25.76
CA ARG B 83 -30.41 -11.97 27.01
C ARG B 83 -30.94 -13.28 26.46
N GLU B 84 -30.49 -14.42 26.94
CA GLU B 84 -30.97 -15.70 26.36
C GLU B 84 -30.06 -16.19 25.25
N GLY B 85 -29.03 -15.39 24.93
CA GLY B 85 -28.02 -15.75 23.95
C GLY B 85 -28.38 -15.81 22.50
N GLN B 86 -29.65 -15.62 22.17
CA GLN B 86 -30.11 -15.68 20.79
C GLN B 86 -29.42 -14.63 19.95
N MET B 87 -29.07 -14.96 18.71
CA MET B 87 -28.44 -13.97 17.89
C MET B 87 -29.38 -13.22 16.98
N LEU B 88 -29.61 -11.96 17.34
CA LEU B 88 -30.43 -11.04 16.60
C LEU B 88 -29.77 -10.66 15.30
N ALA B 89 -30.52 -10.04 14.40
CA ALA B 89 -29.99 -9.66 13.11
C ALA B 89 -29.24 -8.33 13.09
N ASP B 90 -28.72 -7.90 14.23
CA ASP B 90 -28.03 -6.61 14.35
C ASP B 90 -27.75 -6.39 15.84
N VAL B 91 -26.85 -5.48 16.16
CA VAL B 91 -26.49 -5.24 17.57
C VAL B 91 -27.68 -5.18 18.49
N SER B 92 -27.63 -5.85 19.63
CA SER B 92 -28.83 -5.79 20.48
C SER B 92 -28.80 -4.60 21.39
N PRO B 93 -29.97 -4.11 21.79
CA PRO B 93 -30.11 -2.96 22.66
C PRO B 93 -29.37 -3.09 23.97
N ARG B 94 -29.22 -4.30 24.51
CA ARG B 94 -28.41 -4.44 25.70
C ARG B 94 -27.14 -4.27 24.88
N ARG B 95 -26.14 -3.55 25.35
CA ARG B 95 -24.92 -3.31 24.53
C ARG B 95 -25.01 -1.98 23.80
N TYR B 96 -26.18 -1.38 23.74
CA TYR B 96 -26.32 -0.12 23.08
C TYR B 96 -25.38 0.89 23.69
N PHE B 97 -25.46 1.10 25.00
CA PHE B 97 -24.56 2.08 25.62
C PHE B 97 -23.22 1.43 25.79
N CYS B 98 -22.34 1.68 24.83
CA CYS B 98 -21.01 1.11 24.85
C CYS B 98 -20.13 1.69 25.95
N THR B 99 -20.20 2.99 26.16
CA THR B 99 -19.37 3.62 27.16
C THR B 99 -19.35 2.89 28.50
N ALA B 100 -20.26 1.94 28.69
CA ALA B 100 -20.34 1.18 29.93
C ALA B 100 -19.27 0.11 30.06
N CYS B 101 -18.81 -0.41 28.93
CA CYS B 101 -17.79 -1.46 28.90
C CYS B 101 -16.49 -1.00 28.26
N HIS B 102 -16.56 -0.13 27.27
CA HIS B 102 -15.37 0.35 26.58
C HIS B 102 -14.92 1.72 27.07
N VAL B 103 -13.70 1.72 27.55
CA VAL B 103 -13.11 2.89 28.12
C VAL B 103 -11.92 3.39 27.30
N PRO B 104 -11.79 4.72 27.15
CA PRO B 104 -10.67 5.26 26.40
C PRO B 104 -9.54 5.36 27.39
N GLN B 105 -8.37 5.81 26.97
CA GLN B 105 -7.27 5.90 27.92
C GLN B 105 -6.37 7.10 27.82
N THR B 106 -5.72 7.46 28.91
CA THR B 106 -4.84 8.63 28.93
C THR B 106 -3.44 8.23 29.20
N ASN B 107 -2.56 9.23 29.17
CA ASN B 107 -1.17 9.00 29.47
C ASN B 107 -1.11 9.16 30.96
N ALA B 108 -1.16 8.08 31.71
CA ALA B 108 -1.11 8.22 33.15
C ALA B 108 -0.26 7.10 33.66
N GLN B 109 0.68 7.41 34.56
CA GLN B 109 1.51 6.37 35.07
C GLN B 109 0.83 5.72 36.23
N PRO B 110 0.62 4.40 36.14
CA PRO B 110 -0.03 3.65 37.20
C PRO B 110 0.76 3.95 38.47
N LEU B 111 0.06 4.26 39.55
CA LEU B 111 0.71 4.58 40.80
C LEU B 111 1.38 3.38 41.46
N VAL B 112 1.14 2.20 40.93
CA VAL B 112 1.67 0.98 41.50
C VAL B 112 1.57 -0.10 40.43
N THR B 113 2.58 -0.95 40.27
CA THR B 113 2.47 -1.99 39.26
C THR B 113 1.48 -3.08 39.66
N ASN B 114 0.81 -3.64 38.66
CA ASN B 114 -0.16 -4.68 38.88
C ASN B 114 0.43 -6.00 38.39
N GLU B 115 0.57 -6.97 39.29
CA GLU B 115 1.18 -8.24 38.94
C GLU B 115 0.22 -9.29 38.40
N PHE B 116 -0.80 -8.85 37.67
CA PHE B 116 -1.77 -9.74 37.06
C PHE B 116 -1.00 -10.49 36.00
N ARG B 117 -1.20 -11.80 35.89
CA ARG B 117 -0.46 -12.59 34.92
C ARG B 117 -1.29 -13.07 33.75
N ASP B 118 -0.65 -13.25 32.60
CA ASP B 118 -1.29 -13.70 31.36
C ASP B 118 -1.59 -15.22 31.36
N MET B 119 -2.68 -15.66 30.70
CA MET B 119 -3.02 -17.08 30.68
C MET B 119 -1.93 -17.96 30.12
N LEU B 120 -1.37 -17.63 28.96
CA LEU B 120 -0.25 -18.44 28.43
C LEU B 120 1.00 -17.75 28.96
N THR B 121 1.99 -18.48 29.45
CA THR B 121 3.20 -17.82 29.98
C THR B 121 2.83 -16.92 31.15
N LEU B 122 2.51 -17.51 32.29
CA LEU B 122 2.10 -16.74 33.45
C LEU B 122 3.07 -15.61 33.84
N MET B 123 3.44 -14.81 32.87
CA MET B 123 4.35 -13.68 33.00
C MET B 123 3.46 -12.46 33.22
N PRO B 124 3.89 -11.51 34.05
CA PRO B 124 3.08 -10.31 34.26
C PRO B 124 2.67 -9.72 32.92
N ALA B 125 1.37 -9.51 32.72
CA ALA B 125 0.80 -8.99 31.47
C ALA B 125 1.40 -7.70 30.95
N SER B 126 1.59 -7.63 29.65
CA SER B 126 2.09 -6.41 29.04
C SER B 126 1.41 -6.28 27.67
N ASN B 127 0.72 -5.17 27.46
CA ASN B 127 -0.08 -4.90 26.26
C ASN B 127 0.56 -3.91 25.27
N GLU B 128 0.89 -2.82 25.75
N ILE C 12 -15.47 24.16 -26.65
CA ILE C 12 -15.38 25.66 -26.55
C ILE C 12 -16.70 26.37 -26.85
N ARG C 13 -17.39 26.07 -27.96
CA ARG C 13 -18.63 26.79 -28.27
C ARG C 13 -19.91 25.96 -28.14
N TRP C 14 -20.78 26.39 -27.22
CA TRP C 14 -22.03 25.67 -26.95
C TRP C 14 -23.25 26.20 -27.63
N SER C 15 -23.92 25.30 -28.37
CA SER C 15 -25.11 25.64 -29.12
C SER C 15 -26.29 24.81 -28.71
N LYS C 16 -27.45 25.43 -28.78
CA LYS C 16 -28.73 24.84 -28.44
C LYS C 16 -29.22 23.86 -29.51
N ALA C 17 -29.78 22.72 -29.15
CA ALA C 17 -30.32 21.79 -30.14
C ALA C 17 -31.16 20.68 -29.52
N PRO C 18 -32.21 20.23 -30.22
CA PRO C 18 -33.06 19.17 -29.67
C PRO C 18 -32.54 17.78 -29.95
N CYS C 19 -32.65 16.86 -29.00
CA CYS C 19 -32.13 15.51 -29.22
C CYS C 19 -32.63 14.92 -30.55
N ARG C 20 -31.73 14.27 -31.30
CA ARG C 20 -32.06 13.70 -32.60
C ARG C 20 -32.82 12.39 -32.57
N PHE C 21 -33.19 11.93 -31.39
CA PHE C 21 -33.90 10.66 -31.28
C PHE C 21 -35.34 10.85 -30.85
N CYS C 22 -35.70 10.20 -29.74
CA CYS C 22 -36.98 10.26 -29.02
C CYS C 22 -37.99 11.40 -29.26
N GLY C 23 -39.27 11.07 -29.10
CA GLY C 23 -40.30 12.08 -29.26
C GLY C 23 -40.45 12.89 -27.98
N THR C 24 -39.67 12.54 -26.94
CA THR C 24 -39.74 13.30 -25.71
C THR C 24 -39.34 14.70 -26.09
N GLY C 25 -38.17 14.85 -26.70
CA GLY C 25 -37.71 16.15 -27.14
C GLY C 25 -36.80 16.90 -26.20
N CYS C 26 -35.87 16.19 -25.57
CA CYS C 26 -34.95 16.81 -24.66
C CYS C 26 -34.10 17.88 -25.36
N GLY C 27 -33.64 18.87 -24.60
CA GLY C 27 -32.80 19.89 -25.17
C GLY C 27 -31.39 19.53 -24.84
N VAL C 28 -30.52 19.66 -25.83
CA VAL C 28 -29.11 19.32 -25.69
C VAL C 28 -28.31 20.57 -26.00
N MET C 29 -27.12 20.64 -25.45
CA MET C 29 -26.26 21.75 -25.73
C MET C 29 -25.03 21.15 -26.38
N VAL C 30 -24.92 21.37 -27.69
CA VAL C 30 -23.85 20.84 -28.51
C VAL C 30 -22.56 21.62 -28.41
N GLY C 31 -21.51 20.91 -28.03
CA GLY C 31 -20.20 21.51 -27.89
C GLY C 31 -19.46 21.44 -29.20
N THR C 32 -19.00 22.58 -29.66
CA THR C 32 -18.34 22.63 -30.95
C THR C 32 -16.96 23.24 -30.97
N ARG C 33 -16.03 22.57 -31.66
CA ARG C 33 -14.66 23.04 -31.76
C ARG C 33 -14.09 22.66 -33.12
N ASP C 34 -13.45 23.60 -33.79
CA ASP C 34 -12.85 23.34 -35.10
C ASP C 34 -13.75 22.58 -36.05
N GLY C 35 -15.00 23.02 -36.18
CA GLY C 35 -15.94 22.37 -37.10
C GLY C 35 -16.30 20.96 -36.71
N GLN C 36 -16.09 20.65 -35.43
CA GLN C 36 -16.38 19.33 -34.91
C GLN C 36 -17.24 19.37 -33.64
N VAL C 37 -18.12 18.38 -33.49
CA VAL C 37 -18.92 18.31 -32.26
C VAL C 37 -18.02 17.55 -31.32
N VAL C 38 -17.60 18.16 -30.21
CA VAL C 38 -16.70 17.46 -29.32
C VAL C 38 -17.28 17.15 -27.97
N ALA C 39 -18.56 17.49 -27.81
CA ALA C 39 -19.27 17.28 -26.56
C ALA C 39 -20.79 17.45 -26.72
N THR C 40 -21.53 16.73 -25.89
CA THR C 40 -22.96 16.79 -25.91
C THR C 40 -23.49 16.80 -24.49
N HIS C 41 -23.93 17.95 -23.99
CA HIS C 41 -24.47 18.04 -22.63
C HIS C 41 -25.98 18.27 -22.54
N GLY C 42 -26.54 18.15 -21.34
CA GLY C 42 -27.95 18.40 -21.17
C GLY C 42 -28.22 19.90 -21.03
N ASP C 43 -29.26 20.37 -21.67
CA ASP C 43 -29.62 21.76 -21.67
C ASP C 43 -30.41 22.11 -20.45
N THR C 44 -29.79 22.74 -19.46
CA THR C 44 -30.47 23.09 -18.22
C THR C 44 -31.53 24.18 -18.38
N GLN C 45 -31.59 24.82 -19.54
CA GLN C 45 -32.58 25.84 -19.75
C GLN C 45 -33.79 25.30 -20.49
N ALA C 46 -33.78 24.02 -20.87
CA ALA C 46 -34.90 23.41 -21.59
C ALA C 46 -35.97 22.88 -20.66
N GLU C 47 -37.24 23.23 -20.86
CA GLU C 47 -38.31 22.74 -19.99
C GLU C 47 -38.51 21.26 -20.02
N VAL C 48 -38.34 20.62 -21.16
CA VAL C 48 -38.57 19.19 -21.26
C VAL C 48 -37.76 18.42 -20.27
N ASN C 49 -36.44 18.40 -20.48
CA ASN C 49 -35.50 17.66 -19.63
C ASN C 49 -34.85 18.42 -18.48
N ARG C 50 -34.41 19.64 -18.74
CA ARG C 50 -33.76 20.44 -17.71
C ARG C 50 -32.45 19.86 -17.27
N GLY C 51 -31.51 19.78 -18.22
CA GLY C 51 -30.18 19.27 -17.94
C GLY C 51 -29.95 17.78 -17.90
N LEU C 52 -30.97 17.01 -18.22
CA LEU C 52 -30.88 15.56 -18.18
C LEU C 52 -31.18 14.93 -19.50
N ASN C 53 -30.37 13.95 -19.92
CA ASN C 53 -30.58 13.18 -21.16
C ASN C 53 -30.52 11.70 -20.76
N CYS C 54 -30.54 10.77 -21.72
CA CYS C 54 -30.39 9.37 -21.35
C CYS C 54 -29.10 8.91 -22.00
N VAL C 55 -28.82 7.63 -22.05
CA VAL C 55 -27.57 7.24 -22.71
C VAL C 55 -27.43 7.78 -24.13
N LYS C 56 -28.40 7.48 -25.00
CA LYS C 56 -28.39 7.91 -26.38
C LYS C 56 -28.19 9.40 -26.51
N GLY C 57 -28.75 10.18 -25.59
CA GLY C 57 -28.65 11.61 -25.66
C GLY C 57 -27.25 12.14 -25.49
N TYR C 58 -26.65 11.75 -24.39
CA TYR C 58 -25.29 12.16 -24.12
C TYR C 58 -24.34 11.70 -25.24
N PHE C 59 -24.70 10.63 -25.94
CA PHE C 59 -23.83 10.15 -26.99
C PHE C 59 -24.26 10.66 -28.34
N LEU C 60 -24.93 11.79 -28.36
CA LEU C 60 -25.27 12.35 -29.65
C LEU C 60 -23.96 12.79 -30.32
N SER C 61 -22.96 13.09 -29.51
CA SER C 61 -21.71 13.56 -30.03
C SER C 61 -21.04 12.65 -30.99
N LYS C 62 -21.33 11.36 -30.87
CA LYS C 62 -20.71 10.35 -31.72
C LYS C 62 -21.53 9.82 -32.88
N ILE C 63 -22.69 10.39 -33.10
CA ILE C 63 -23.60 9.91 -34.14
C ILE C 63 -23.28 10.22 -35.59
N MET C 64 -22.79 11.40 -35.87
CA MET C 64 -22.49 11.76 -37.25
C MET C 64 -21.10 11.32 -37.66
N TYR C 65 -20.41 10.59 -36.78
CA TYR C 65 -19.04 10.26 -37.06
C TYR C 65 -18.58 8.85 -37.36
N GLY C 66 -19.49 7.94 -37.71
CA GLY C 66 -19.04 6.62 -38.11
C GLY C 66 -18.22 6.81 -39.39
N GLU C 67 -17.23 5.94 -39.66
CA GLU C 67 -16.39 6.14 -40.84
C GLU C 67 -17.06 5.88 -42.17
N ASP C 68 -18.31 5.43 -42.13
CA ASP C 68 -19.10 5.13 -43.32
C ASP C 68 -19.77 6.31 -44.00
N ARG C 69 -20.10 7.32 -43.21
CA ARG C 69 -20.80 8.48 -43.71
C ARG C 69 -20.69 8.54 -45.25
N LEU C 70 -21.83 8.36 -45.91
CA LEU C 70 -21.92 8.42 -47.36
C LEU C 70 -21.45 9.82 -47.74
N THR C 71 -20.57 9.91 -48.74
CA THR C 71 -20.04 11.19 -49.16
C THR C 71 -20.27 11.55 -50.61
N THR C 72 -20.70 10.56 -51.39
CA THR C 72 -20.92 10.75 -52.83
C THR C 72 -22.16 10.02 -53.24
N PRO C 73 -22.93 10.59 -54.18
CA PRO C 73 -24.12 9.84 -54.58
C PRO C 73 -23.62 8.51 -55.22
N LEU C 74 -24.38 7.43 -55.09
CA LEU C 74 -23.95 6.16 -55.66
C LEU C 74 -24.98 5.50 -56.58
N LEU C 75 -24.70 5.51 -57.90
CA LEU C 75 -25.61 4.91 -58.86
C LEU C 75 -25.18 3.51 -59.20
N ARG C 76 -26.11 2.68 -59.67
CA ARG C 76 -25.80 1.32 -60.02
C ARG C 76 -25.31 1.21 -61.45
N MET C 77 -24.03 1.52 -61.59
CA MET C 77 -23.25 1.58 -62.83
C MET C 77 -23.03 3.05 -63.20
N LYS C 78 -21.79 3.49 -63.06
CA LYS C 78 -21.33 4.84 -63.39
C LYS C 78 -21.53 5.01 -64.91
N ASP C 79 -20.75 4.25 -65.69
CA ASP C 79 -20.84 4.22 -67.15
C ASP C 79 -21.08 2.78 -67.55
N GLY C 80 -21.71 2.62 -68.70
CA GLY C 80 -22.08 1.30 -69.13
C GLY C 80 -23.58 1.53 -69.07
N VAL C 81 -23.92 2.72 -68.54
CA VAL C 81 -25.28 3.25 -68.43
C VAL C 81 -25.84 3.25 -66.99
N TYR C 82 -26.48 2.16 -66.60
CA TYR C 82 -27.10 2.01 -65.29
C TYR C 82 -27.94 0.76 -65.45
N HIS C 83 -27.71 -0.21 -64.59
CA HIS C 83 -28.45 -1.46 -64.70
C HIS C 83 -28.87 -1.91 -63.33
N LYS C 84 -30.17 -2.16 -63.16
CA LYS C 84 -30.64 -2.65 -61.89
C LYS C 84 -30.15 -4.09 -61.86
N GLU C 85 -29.18 -4.36 -60.99
CA GLU C 85 -28.52 -5.66 -60.82
C GLU C 85 -27.06 -5.30 -61.10
N GLY C 86 -26.76 -4.00 -60.97
CA GLY C 86 -25.43 -3.49 -61.24
C GLY C 86 -24.45 -3.50 -60.09
N GLU C 87 -23.63 -2.47 -60.06
CA GLU C 87 -22.59 -2.29 -59.07
C GLU C 87 -23.02 -0.98 -58.45
N PHE C 88 -22.18 -0.38 -57.63
CA PHE C 88 -22.51 0.93 -57.06
C PHE C 88 -21.31 1.77 -57.37
N ALA C 89 -21.53 2.90 -58.02
CA ALA C 89 -20.41 3.74 -58.39
C ALA C 89 -20.57 5.19 -58.01
N PRO C 90 -19.47 5.82 -57.69
CA PRO C 90 -19.46 7.24 -57.34
C PRO C 90 -20.06 7.93 -58.54
N VAL C 91 -20.60 9.13 -58.37
CA VAL C 91 -21.21 9.80 -59.49
C VAL C 91 -21.52 11.22 -59.02
N SER C 92 -21.34 12.20 -59.88
CA SER C 92 -21.62 13.59 -59.49
C SER C 92 -23.07 13.83 -59.12
N TRP C 93 -23.34 14.91 -58.41
CA TRP C 93 -24.71 15.23 -58.03
C TRP C 93 -25.51 15.40 -59.31
N ASP C 94 -24.99 16.27 -60.17
CA ASP C 94 -25.63 16.52 -61.44
C ASP C 94 -25.95 15.20 -62.13
N GLU C 95 -24.94 14.35 -62.31
CA GLU C 95 -25.15 13.07 -62.96
C GLU C 95 -26.27 12.35 -62.27
N ALA C 96 -26.15 12.23 -60.95
CA ALA C 96 -27.15 11.54 -60.14
C ALA C 96 -28.56 12.07 -60.38
N PHE C 97 -28.69 13.38 -60.48
CA PHE C 97 -30.00 13.94 -60.73
C PHE C 97 -30.43 13.74 -62.17
N ASP C 98 -29.48 13.80 -63.10
CA ASP C 98 -29.76 13.61 -64.52
C ASP C 98 -30.49 12.28 -64.71
N VAL C 99 -29.93 11.22 -64.13
CA VAL C 99 -30.49 9.87 -64.25
C VAL C 99 -31.81 9.72 -63.51
N MET C 100 -31.81 10.30 -62.32
CA MET C 100 -32.95 10.25 -61.41
C MET C 100 -34.13 11.07 -61.95
N ALA C 101 -33.83 12.06 -62.78
CA ALA C 101 -34.86 12.91 -63.32
C ALA C 101 -35.49 12.21 -64.52
N ALA C 102 -34.64 11.60 -65.33
CA ALA C 102 -35.09 10.91 -66.51
C ALA C 102 -36.06 9.80 -66.13
N GLN C 103 -35.65 8.98 -65.17
CA GLN C 103 -36.49 7.88 -64.72
C GLN C 103 -37.87 8.43 -64.32
N ALA C 104 -37.86 9.54 -63.60
CA ALA C 104 -39.08 10.18 -63.14
C ALA C 104 -39.96 10.55 -64.35
N LYS C 105 -39.45 11.45 -65.19
CA LYS C 105 -40.17 11.93 -66.37
C LYS C 105 -40.84 10.78 -67.14
N LEU C 106 -40.11 9.70 -67.32
CA LEU C 106 -40.67 8.55 -68.02
C LEU C 106 -41.92 8.02 -67.33
N VAL C 107 -41.74 7.48 -66.13
CA VAL C 107 -42.84 6.94 -65.29
C VAL C 107 -44.02 7.93 -65.27
N LEU C 108 -43.66 9.19 -65.19
CA LEU C 108 -44.59 10.31 -65.16
C LEU C 108 -45.21 10.56 -66.55
N LYS C 109 -45.23 9.52 -67.39
CA LYS C 109 -45.79 9.61 -68.74
C LYS C 109 -46.39 8.28 -69.19
N GLU C 110 -45.99 7.19 -68.55
CA GLU C 110 -46.48 5.89 -68.89
C GLU C 110 -47.63 5.53 -67.96
N LYS C 111 -47.49 5.93 -66.71
CA LYS C 111 -48.53 5.66 -65.73
C LYS C 111 -48.89 6.89 -64.93
N ALA C 112 -48.08 7.94 -65.08
CA ALA C 112 -48.33 9.23 -64.42
C ALA C 112 -48.19 9.30 -62.86
N PRO C 113 -48.64 10.42 -62.22
CA PRO C 113 -48.52 10.58 -60.76
C PRO C 113 -48.79 9.40 -59.84
N GLU C 114 -49.85 8.66 -60.11
CA GLU C 114 -50.20 7.52 -59.25
C GLU C 114 -49.14 6.40 -59.35
N ALA C 115 -47.99 6.73 -59.94
CA ALA C 115 -46.87 5.78 -60.11
C ALA C 115 -45.56 6.28 -59.50
N VAL C 116 -45.49 7.58 -59.17
CA VAL C 116 -44.32 8.13 -58.48
C VAL C 116 -44.74 8.08 -56.99
N GLY C 117 -43.79 7.81 -56.10
CA GLY C 117 -44.09 7.75 -54.67
C GLY C 117 -42.93 8.10 -53.70
N MET C 118 -43.25 8.84 -52.62
CA MET C 118 -42.24 9.19 -51.61
C MET C 118 -42.55 8.58 -50.27
N PHE C 119 -41.50 8.32 -49.51
CA PHE C 119 -41.68 7.75 -48.20
C PHE C 119 -40.81 8.54 -47.22
N GLY C 120 -41.43 9.53 -46.57
CA GLY C 120 -40.72 10.40 -45.64
C GLY C 120 -40.67 9.90 -44.21
N SER C 121 -40.32 10.79 -43.29
CA SER C 121 -40.28 10.38 -41.90
C SER C 121 -40.49 11.47 -40.86
N GLY C 122 -40.84 11.02 -39.67
CA GLY C 122 -41.03 11.90 -38.56
C GLY C 122 -39.67 12.29 -38.04
N GLN C 123 -38.67 12.08 -38.87
CA GLN C 123 -37.28 12.42 -38.56
C GLN C 123 -36.85 13.53 -39.52
N TRP C 124 -37.74 13.87 -40.44
CA TRP C 124 -37.54 14.93 -41.41
C TRP C 124 -37.70 16.22 -40.61
N THR C 125 -37.06 17.28 -41.05
CA THR C 125 -37.24 18.57 -40.41
C THR C 125 -38.60 19.10 -40.86
N ILE C 126 -39.17 20.01 -40.07
CA ILE C 126 -40.46 20.62 -40.41
C ILE C 126 -40.45 21.08 -41.87
N TRP C 127 -39.45 21.87 -42.25
CA TRP C 127 -39.39 22.33 -43.62
C TRP C 127 -38.98 21.28 -44.65
N GLU C 128 -38.52 20.12 -44.22
CA GLU C 128 -38.15 19.10 -45.17
C GLU C 128 -39.43 18.37 -45.56
N GLY C 129 -40.34 18.22 -44.59
CA GLY C 129 -41.59 17.53 -44.85
C GLY C 129 -42.51 18.46 -45.59
N TYR C 130 -42.26 19.75 -45.46
CA TYR C 130 -43.08 20.74 -46.14
C TYR C 130 -42.60 20.81 -47.58
N ALA C 131 -41.30 20.96 -47.79
CA ALA C 131 -40.78 21.01 -49.14
C ALA C 131 -41.18 19.75 -49.87
N ALA C 132 -41.24 18.64 -49.15
CA ALA C 132 -41.63 17.41 -49.78
C ALA C 132 -43.09 17.42 -50.15
N SER C 133 -43.97 17.79 -49.23
CA SER C 133 -45.40 17.81 -49.53
C SER C 133 -45.64 18.65 -50.77
N LYS C 134 -45.03 19.83 -50.76
CA LYS C 134 -45.17 20.73 -51.88
C LYS C 134 -44.77 20.10 -53.20
N LEU C 135 -43.53 19.61 -53.25
CA LEU C 135 -42.95 18.98 -54.43
C LEU C 135 -43.75 17.80 -54.96
N MET C 136 -44.22 16.94 -54.06
CA MET C 136 -44.98 15.79 -54.50
C MET C 136 -46.35 16.14 -55.03
N ARG C 137 -46.98 17.12 -54.41
CA ARG C 137 -48.34 17.47 -54.83
C ARG C 137 -48.46 18.67 -55.79
N ALA C 138 -48.03 19.83 -55.34
CA ALA C 138 -48.12 20.99 -56.20
C ALA C 138 -47.20 20.74 -57.41
N GLY C 139 -46.17 19.92 -57.21
CA GLY C 139 -45.24 19.66 -58.31
C GLY C 139 -45.63 18.50 -59.20
N PHE C 140 -45.18 17.31 -58.84
CA PHE C 140 -45.47 16.13 -59.64
C PHE C 140 -46.94 15.77 -59.57
N ARG C 141 -47.73 16.55 -58.84
CA ARG C 141 -49.18 16.29 -58.74
C ARG C 141 -49.53 14.87 -58.31
N SER C 142 -48.87 14.40 -57.25
CA SER C 142 -49.11 13.06 -56.70
C SER C 142 -49.26 13.08 -55.17
N ASN C 143 -50.31 12.42 -54.66
CA ASN C 143 -50.54 12.38 -53.21
C ASN C 143 -50.01 11.06 -52.68
N ASN C 144 -49.06 10.50 -53.40
CA ASN C 144 -48.45 9.24 -53.01
C ASN C 144 -47.28 9.44 -52.03
N LEU C 145 -47.44 10.39 -51.13
CA LEU C 145 -46.43 10.72 -50.13
C LEU C 145 -46.86 10.25 -48.76
N ASP C 146 -46.15 9.28 -48.21
CA ASP C 146 -46.49 8.76 -46.90
C ASP C 146 -45.24 8.65 -46.06
N PRO C 147 -45.41 8.68 -44.74
CA PRO C 147 -44.24 8.59 -43.87
C PRO C 147 -44.12 7.29 -43.11
N ASN C 148 -43.00 7.15 -42.41
CA ASN C 148 -42.73 6.00 -41.59
C ASN C 148 -43.64 6.12 -40.36
N ALA C 149 -44.15 7.34 -40.15
CA ALA C 149 -45.04 7.62 -39.00
C ALA C 149 -46.32 6.81 -39.14
N ARG C 150 -46.53 6.26 -40.35
CA ARG C 150 -47.69 5.43 -40.64
C ARG C 150 -47.60 4.17 -39.80
N HIS C 151 -46.36 3.72 -39.57
CA HIS C 151 -46.11 2.54 -38.73
C HIS C 151 -46.23 2.92 -37.26
N CYS C 152 -46.12 4.22 -36.99
CA CYS C 152 -46.06 4.79 -35.62
C CYS C 152 -47.25 5.53 -34.97
N MET C 153 -47.64 6.68 -35.51
CA MET C 153 -48.67 7.52 -34.92
C MET C 153 -50.01 7.56 -35.60
N ALA C 154 -50.13 6.83 -36.71
CA ALA C 154 -51.38 6.82 -37.49
C ALA C 154 -52.59 6.52 -36.62
N SER C 155 -52.53 5.42 -35.89
CA SER C 155 -53.64 5.09 -35.06
C SER C 155 -54.05 6.24 -34.15
N ALA C 156 -53.10 6.77 -33.39
CA ALA C 156 -53.37 7.85 -32.44
C ALA C 156 -53.94 9.08 -33.10
N ALA C 157 -53.33 9.47 -34.23
CA ALA C 157 -53.79 10.63 -35.00
C ALA C 157 -55.20 10.40 -35.54
N THR C 158 -55.43 9.21 -36.07
CA THR C 158 -56.74 8.87 -36.59
C THR C 158 -57.79 9.00 -35.51
N ALA C 159 -57.56 8.41 -34.35
CA ALA C 159 -58.55 8.52 -33.30
C ALA C 159 -58.71 9.99 -32.83
N PHE C 160 -57.63 10.76 -32.91
CA PHE C 160 -57.69 12.16 -32.47
C PHE C 160 -58.78 12.87 -33.21
N MET C 161 -58.72 12.78 -34.55
CA MET C 161 -59.68 13.45 -35.41
C MET C 161 -61.07 12.95 -35.08
N ARG C 162 -61.25 11.63 -35.17
CA ARG C 162 -62.55 11.08 -34.84
C ARG C 162 -63.10 11.56 -33.47
N THR C 163 -62.36 11.39 -32.38
CA THR C 163 -62.91 11.85 -31.09
C THR C 163 -62.84 13.31 -30.80
N PHE C 164 -61.83 14.03 -31.28
CA PHE C 164 -61.74 15.44 -30.97
C PHE C 164 -61.79 16.34 -32.17
N GLY C 165 -61.71 15.74 -33.36
CA GLY C 165 -61.76 16.54 -34.57
C GLY C 165 -60.52 17.37 -34.84
N MET C 166 -59.49 17.17 -34.02
CA MET C 166 -58.21 17.88 -34.16
C MET C 166 -57.06 16.98 -33.63
N ASP C 167 -55.90 17.02 -34.27
CA ASP C 167 -54.78 16.17 -33.86
C ASP C 167 -53.95 16.67 -32.66
N GLU C 168 -53.02 15.83 -32.19
CA GLU C 168 -52.13 16.10 -31.04
C GLU C 168 -52.90 16.25 -29.71
N PRO C 169 -52.23 15.95 -28.58
CA PRO C 169 -52.76 16.01 -27.22
C PRO C 169 -53.24 17.34 -26.79
N MET C 170 -54.08 17.32 -25.76
CA MET C 170 -54.66 18.52 -25.15
C MET C 170 -53.91 18.82 -23.85
N GLY C 171 -53.07 17.88 -23.43
CA GLY C 171 -52.29 18.08 -22.21
C GLY C 171 -50.86 18.39 -22.60
N CYS C 172 -49.94 18.17 -21.66
CA CYS C 172 -48.52 18.44 -21.86
C CYS C 172 -47.74 17.84 -20.69
N TYR C 173 -46.42 17.74 -20.85
CA TYR C 173 -45.53 17.15 -19.86
C TYR C 173 -45.73 17.71 -18.48
N ASP C 174 -46.24 18.93 -18.41
CA ASP C 174 -46.52 19.58 -17.14
C ASP C 174 -47.43 18.70 -16.29
N ASP C 175 -48.14 17.76 -16.92
CA ASP C 175 -49.03 16.87 -16.21
C ASP C 175 -48.27 15.94 -15.31
N PHE C 176 -47.09 15.50 -15.76
CA PHE C 176 -46.24 14.59 -14.97
C PHE C 176 -46.07 15.02 -13.52
N GLU C 177 -45.96 16.33 -13.29
CA GLU C 177 -45.78 16.88 -11.95
C GLU C 177 -47.09 17.11 -11.21
N ALA C 178 -48.20 17.10 -11.95
CA ALA C 178 -49.53 17.35 -11.40
C ALA C 178 -50.37 16.11 -11.18
N ALA C 179 -50.10 15.07 -11.95
CA ALA C 179 -50.87 13.84 -11.83
C ALA C 179 -50.96 13.27 -10.44
N ASP C 180 -51.97 12.41 -10.24
CA ASP C 180 -52.22 11.78 -8.96
C ASP C 180 -51.97 10.30 -9.07
N ALA C 181 -51.84 9.84 -10.29
CA ALA C 181 -51.54 8.44 -10.52
C ALA C 181 -51.50 8.15 -11.99
N PHE C 182 -50.52 7.35 -12.39
CA PHE C 182 -50.23 7.08 -13.79
C PHE C 182 -50.61 5.73 -14.31
N VAL C 183 -51.27 5.68 -15.46
CA VAL C 183 -51.54 4.39 -16.06
C VAL C 183 -50.81 4.25 -17.38
N LEU C 184 -49.93 3.25 -17.46
CA LEU C 184 -49.11 2.98 -18.65
C LEU C 184 -49.67 1.84 -19.49
N TRP C 185 -50.41 2.17 -20.55
CA TRP C 185 -51.01 1.11 -21.34
C TRP C 185 -50.06 0.42 -22.31
N GLY C 186 -49.20 -0.45 -21.77
CA GLY C 186 -48.26 -1.18 -22.61
C GLY C 186 -47.07 -0.39 -23.10
N SER C 187 -46.80 0.71 -22.41
CA SER C 187 -45.67 1.57 -22.73
C SER C 187 -44.49 1.08 -21.97
N ASN C 188 -43.31 1.49 -22.40
CA ASN C 188 -42.08 1.09 -21.75
C ASN C 188 -41.24 2.33 -21.66
N MET C 189 -41.82 3.34 -21.04
CA MET C 189 -41.16 4.62 -20.90
C MET C 189 -39.75 4.50 -20.35
N ALA C 190 -39.57 3.62 -19.37
CA ALA C 190 -38.27 3.39 -18.72
C ALA C 190 -37.10 3.33 -19.70
N GLU C 191 -37.37 2.78 -20.88
CA GLU C 191 -36.37 2.61 -21.92
C GLU C 191 -36.63 3.42 -23.16
N MET C 192 -37.88 3.80 -23.40
CA MET C 192 -38.19 4.50 -24.65
C MET C 192 -38.49 5.97 -24.55
N HIS C 193 -38.77 6.44 -23.35
CA HIS C 193 -39.00 7.85 -23.06
C HIS C 193 -38.41 8.03 -21.65
N PRO C 194 -37.11 7.79 -21.51
CA PRO C 194 -36.44 7.89 -20.23
C PRO C 194 -36.62 9.17 -19.45
N ILE C 195 -36.40 10.31 -20.07
CA ILE C 195 -36.52 11.52 -19.32
C ILE C 195 -37.95 11.79 -18.93
N LEU C 196 -38.90 11.20 -19.64
CA LEU C 196 -40.28 11.41 -19.24
C LEU C 196 -40.53 10.47 -18.03
N TRP C 197 -39.97 9.26 -18.13
CA TRP C 197 -40.10 8.27 -17.07
C TRP C 197 -39.38 8.78 -15.83
N SER C 198 -38.34 9.59 -16.03
CA SER C 198 -37.58 10.20 -14.94
C SER C 198 -38.50 11.22 -14.30
N ARG C 199 -39.22 11.94 -15.14
CA ARG C 199 -40.13 12.96 -14.67
C ARG C 199 -41.30 12.35 -13.88
N LEU C 200 -41.76 11.16 -14.32
CA LEU C 200 -42.85 10.44 -13.68
C LEU C 200 -42.39 9.78 -12.39
N THR C 201 -41.19 9.23 -12.41
CA THR C 201 -40.60 8.62 -11.22
C THR C 201 -40.35 9.66 -10.13
N ASP C 202 -39.89 10.85 -10.51
CA ASP C 202 -39.64 11.88 -9.53
C ASP C 202 -40.93 12.19 -8.80
N ARG C 203 -42.04 12.24 -9.54
CA ARG C 203 -43.36 12.52 -8.98
C ARG C 203 -43.83 11.41 -8.06
N ARG C 204 -43.70 10.17 -8.49
CA ARG C 204 -44.15 9.03 -7.72
C ARG C 204 -43.34 8.89 -6.43
N LEU C 205 -42.03 8.94 -6.57
CA LEU C 205 -41.15 8.77 -5.42
C LEU C 205 -41.15 9.96 -4.50
N SER C 206 -41.42 11.13 -5.03
CA SER C 206 -41.41 12.32 -4.19
C SER C 206 -42.69 12.51 -3.39
N HIS C 207 -43.80 12.02 -3.89
CA HIS C 207 -45.07 12.16 -3.20
C HIS C 207 -45.65 10.79 -3.09
N GLU C 208 -45.53 10.17 -1.92
CA GLU C 208 -45.97 8.79 -1.73
C GLU C 208 -47.46 8.49 -1.86
N HIS C 209 -48.26 9.53 -2.04
CA HIS C 209 -49.69 9.30 -2.21
C HIS C 209 -49.99 8.88 -3.66
N VAL C 210 -49.05 9.16 -4.55
CA VAL C 210 -49.18 8.85 -5.96
C VAL C 210 -49.12 7.37 -6.25
N ARG C 211 -49.90 6.90 -7.22
CA ARG C 211 -49.87 5.48 -7.58
C ARG C 211 -49.65 5.24 -9.07
N VAL C 212 -48.74 4.30 -9.38
CA VAL C 212 -48.43 3.97 -10.77
C VAL C 212 -48.94 2.59 -11.11
N ALA C 213 -49.55 2.45 -12.27
CA ALA C 213 -50.04 1.16 -12.70
C ALA C 213 -49.52 0.97 -14.13
N VAL C 214 -48.74 -0.08 -14.32
CA VAL C 214 -48.21 -0.35 -15.64
C VAL C 214 -48.82 -1.66 -16.14
N LEU C 215 -49.35 -1.65 -17.36
CA LEU C 215 -49.90 -2.85 -17.97
C LEU C 215 -48.98 -3.22 -19.11
N SER C 216 -48.73 -4.52 -19.30
CA SER C 216 -47.81 -4.95 -20.36
C SER C 216 -48.03 -6.39 -20.81
N THR C 217 -47.45 -6.72 -21.96
CA THR C 217 -47.50 -8.05 -22.53
C THR C 217 -46.46 -8.92 -21.81
N PHE C 218 -45.36 -8.30 -21.41
CA PHE C 218 -44.28 -8.99 -20.68
C PHE C 218 -43.75 -8.05 -19.62
N THR C 219 -43.00 -8.59 -18.65
CA THR C 219 -42.43 -7.77 -17.57
C THR C 219 -41.12 -7.13 -18.00
N HIS C 220 -41.07 -5.80 -17.99
CA HIS C 220 -39.87 -5.06 -18.40
C HIS C 220 -39.44 -4.05 -17.36
N ARG C 221 -38.42 -3.25 -17.69
CA ARG C 221 -37.94 -2.24 -16.77
C ARG C 221 -39.00 -1.26 -16.30
N SER C 222 -40.09 -1.10 -17.05
CA SER C 222 -41.11 -0.15 -16.60
C SER C 222 -41.97 -0.69 -15.50
N SER C 223 -42.41 -1.96 -15.54
CA SER C 223 -43.26 -2.40 -14.44
C SER C 223 -42.45 -2.66 -13.17
N ASP C 224 -41.32 -1.98 -13.10
CA ASP C 224 -40.46 -2.07 -11.94
C ASP C 224 -40.77 -0.92 -10.99
N LEU C 225 -41.57 0.03 -11.45
CA LEU C 225 -41.91 1.18 -10.61
C LEU C 225 -43.38 1.09 -10.26
N SER C 226 -44.04 0.04 -10.74
CA SER C 226 -45.47 -0.11 -10.56
C SER C 226 -46.03 -0.59 -9.26
N ASP C 227 -47.15 0.00 -8.88
CA ASP C 227 -47.85 -0.34 -7.68
C ASP C 227 -48.94 -1.30 -8.09
N THR C 228 -49.35 -1.19 -9.34
CA THR C 228 -50.39 -2.06 -9.83
C THR C 228 -49.82 -2.68 -11.08
N PRO C 229 -49.07 -3.78 -10.93
CA PRO C 229 -48.44 -4.47 -12.04
C PRO C 229 -49.35 -5.48 -12.72
N ILE C 230 -49.75 -5.19 -13.95
CA ILE C 230 -50.66 -6.03 -14.72
C ILE C 230 -50.06 -6.60 -16.02
N ILE C 231 -50.09 -7.93 -16.15
CA ILE C 231 -49.63 -8.53 -17.39
C ILE C 231 -50.80 -9.22 -18.05
N PHE C 232 -51.27 -8.65 -19.16
CA PHE C 232 -52.39 -9.19 -19.88
C PHE C 232 -52.00 -9.96 -21.13
N ARG C 233 -53.00 -10.48 -21.83
CA ARG C 233 -52.82 -11.26 -23.04
C ARG C 233 -52.76 -10.34 -24.26
N PRO C 234 -51.82 -10.62 -25.15
CA PRO C 234 -51.68 -9.80 -26.35
C PRO C 234 -53.05 -9.49 -26.99
N GLY C 235 -53.35 -8.21 -27.12
CA GLY C 235 -54.59 -7.77 -27.76
C GLY C 235 -55.80 -7.67 -26.86
N THR C 236 -55.69 -8.27 -25.68
CA THR C 236 -56.83 -8.24 -24.79
C THR C 236 -57.01 -6.93 -24.02
N ASP C 237 -56.14 -5.95 -24.31
CA ASP C 237 -56.26 -4.68 -23.62
C ASP C 237 -57.60 -4.06 -23.91
N ARG C 238 -58.14 -4.36 -25.10
CA ARG C 238 -59.46 -3.87 -25.52
C ARG C 238 -60.55 -4.23 -24.49
N ALA C 239 -60.56 -5.48 -24.04
CA ALA C 239 -61.56 -5.88 -23.05
C ALA C 239 -61.38 -5.10 -21.75
N ILE C 240 -60.14 -5.08 -21.24
CA ILE C 240 -59.87 -4.40 -19.99
C ILE C 240 -60.39 -2.98 -20.05
N LEU C 241 -60.11 -2.28 -21.14
CA LEU C 241 -60.56 -0.89 -21.29
C LEU C 241 -62.06 -0.74 -21.10
N ASN C 242 -62.82 -1.65 -21.72
CA ASN C 242 -64.27 -1.61 -21.61
C ASN C 242 -64.68 -1.93 -20.16
N TYR C 243 -64.09 -2.95 -19.55
CA TYR C 243 -64.45 -3.22 -18.17
C TYR C 243 -64.39 -1.92 -17.36
N ILE C 244 -63.29 -1.18 -17.46
CA ILE C 244 -63.15 0.03 -16.68
C ILE C 244 -64.30 1.01 -16.96
N ALA C 245 -64.73 1.07 -18.22
CA ALA C 245 -65.83 1.96 -18.59
C ALA C 245 -67.06 1.48 -17.86
N HIS C 246 -67.31 0.18 -17.95
CA HIS C 246 -68.43 -0.45 -17.27
C HIS C 246 -68.36 -0.16 -15.78
N HIS C 247 -67.18 -0.28 -15.19
CA HIS C 247 -67.01 -0.04 -13.76
C HIS C 247 -67.29 1.42 -13.38
N ILE C 248 -66.90 2.35 -14.23
CA ILE C 248 -67.16 3.75 -13.94
C ILE C 248 -68.68 3.96 -13.90
N ILE C 249 -69.37 3.40 -14.90
CA ILE C 249 -70.82 3.48 -15.04
C ILE C 249 -71.60 2.75 -13.92
N SER C 250 -71.25 1.49 -13.66
CA SER C 250 -71.89 0.64 -12.65
C SER C 250 -71.85 1.21 -11.25
N THR C 251 -70.72 1.79 -10.85
CA THR C 251 -70.59 2.37 -9.53
C THR C 251 -71.14 3.79 -9.49
N GLY C 252 -71.77 4.21 -10.60
CA GLY C 252 -72.38 5.53 -10.70
C GLY C 252 -71.44 6.69 -10.44
N ARG C 253 -70.30 6.66 -11.12
CA ARG C 253 -69.31 7.70 -10.95
C ARG C 253 -68.96 8.39 -12.24
N VAL C 254 -69.99 8.59 -13.07
CA VAL C 254 -69.81 9.27 -14.34
C VAL C 254 -69.88 10.75 -14.00
N ASN C 255 -69.23 11.59 -14.79
CA ASN C 255 -69.31 13.02 -14.52
C ASN C 255 -70.41 13.50 -15.43
N ARG C 256 -71.64 13.44 -14.92
CA ARG C 256 -72.79 13.85 -15.70
C ARG C 256 -72.71 15.24 -16.28
N ASP C 257 -72.49 16.25 -15.43
CA ASP C 257 -72.40 17.62 -15.92
C ASP C 257 -71.46 17.73 -17.12
N PHE C 258 -70.40 16.91 -17.15
CA PHE C 258 -69.41 16.90 -18.24
C PHE C 258 -69.88 16.09 -19.44
N VAL C 259 -70.31 14.85 -19.20
CA VAL C 259 -70.78 14.00 -20.28
C VAL C 259 -72.00 14.60 -20.96
N ASP C 260 -72.94 15.15 -20.18
CA ASP C 260 -74.14 15.75 -20.75
C ASP C 260 -73.78 16.98 -21.55
N ARG C 261 -72.89 17.81 -21.01
CA ARG C 261 -72.52 19.06 -21.65
C ARG C 261 -71.43 19.01 -22.71
N HIS C 262 -70.50 18.05 -22.62
CA HIS C 262 -69.39 17.99 -23.57
C HIS C 262 -69.19 16.70 -24.38
N THR C 263 -70.18 15.83 -24.43
CA THR C 263 -70.03 14.53 -25.09
C THR C 263 -71.16 14.05 -26.02
N ASN C 264 -70.79 13.18 -26.96
CA ASN C 264 -71.73 12.52 -27.87
C ASN C 264 -71.34 11.07 -27.81
N PHE C 265 -72.18 10.19 -28.31
CA PHE C 265 -71.75 8.80 -28.32
C PHE C 265 -71.80 8.27 -29.75
N ALA C 266 -71.38 7.04 -29.97
CA ALA C 266 -71.42 6.46 -31.30
C ALA C 266 -71.03 5.00 -31.22
N LEU C 267 -71.24 4.29 -32.31
CA LEU C 267 -70.89 2.88 -32.30
C LEU C 267 -69.98 2.58 -33.46
N GLY C 268 -68.97 1.77 -33.26
CA GLY C 268 -68.07 1.51 -34.37
C GLY C 268 -68.44 0.27 -35.16
N ALA C 269 -68.06 0.25 -36.45
CA ALA C 269 -68.31 -0.90 -37.31
C ALA C 269 -67.58 -2.10 -36.69
N THR C 270 -68.27 -3.22 -36.52
CA THR C 270 -67.67 -4.34 -35.83
C THR C 270 -66.93 -5.49 -36.51
N ASP C 271 -67.26 -5.88 -37.74
CA ASP C 271 -66.49 -7.01 -38.30
C ASP C 271 -65.40 -6.53 -39.24
N ILE C 272 -64.82 -5.42 -38.84
CA ILE C 272 -63.72 -4.76 -39.53
C ILE C 272 -62.69 -5.85 -39.86
N GLY C 273 -61.79 -5.64 -40.81
CA GLY C 273 -60.89 -6.75 -41.12
C GLY C 273 -59.42 -6.58 -41.37
N TYR C 274 -58.62 -6.89 -40.36
CA TYR C 274 -57.15 -6.85 -40.38
C TYR C 274 -56.46 -6.39 -41.69
N GLY C 275 -56.51 -5.09 -41.97
CA GLY C 275 -55.94 -4.49 -43.16
C GLY C 275 -54.93 -5.22 -44.04
N LEU C 276 -55.38 -6.29 -44.70
CA LEU C 276 -54.52 -7.07 -45.59
C LEU C 276 -54.93 -6.85 -47.02
N ARG C 277 -54.56 -7.79 -47.88
CA ARG C 277 -54.92 -7.70 -49.28
C ARG C 277 -56.26 -8.38 -49.44
N PRO C 278 -57.12 -7.87 -50.34
CA PRO C 278 -58.40 -8.57 -50.55
C PRO C 278 -57.84 -9.83 -51.24
N GLU C 279 -58.25 -11.01 -50.79
CA GLU C 279 -57.71 -12.28 -51.32
C GLU C 279 -57.38 -13.09 -50.08
N HIS C 280 -56.79 -12.42 -49.10
CA HIS C 280 -56.47 -13.09 -47.85
C HIS C 280 -57.81 -13.40 -47.22
N GLN C 281 -57.90 -14.57 -46.60
CA GLN C 281 -59.16 -15.00 -46.03
C GLN C 281 -59.81 -14.03 -45.06
N LEU C 282 -59.06 -13.66 -44.05
CA LEU C 282 -59.55 -12.75 -43.02
C LEU C 282 -60.38 -11.57 -43.55
N GLN C 283 -60.09 -11.12 -44.78
CA GLN C 283 -60.82 -9.98 -45.34
C GLN C 283 -62.12 -10.41 -46.00
N LEU C 284 -62.08 -11.56 -46.67
CA LEU C 284 -63.28 -12.08 -47.33
C LEU C 284 -64.32 -12.30 -46.25
N ALA C 285 -63.89 -12.96 -45.19
CA ALA C 285 -64.77 -13.21 -44.06
C ALA C 285 -65.22 -11.88 -43.40
N ALA C 286 -64.40 -10.83 -43.53
CA ALA C 286 -64.68 -9.53 -42.91
C ALA C 286 -65.87 -8.72 -43.38
N LYS C 287 -67.06 -9.30 -43.37
CA LYS C 287 -68.27 -8.57 -43.78
C LYS C 287 -68.24 -7.21 -43.09
N GLY C 288 -68.08 -6.13 -43.86
CA GLY C 288 -68.02 -4.80 -43.26
C GLY C 288 -66.63 -4.17 -43.28
N ALA C 289 -65.68 -4.77 -43.99
CA ALA C 289 -64.34 -4.22 -44.13
C ALA C 289 -64.38 -3.06 -45.14
N ALA C 290 -65.47 -3.00 -45.93
CA ALA C 290 -65.62 -1.95 -46.92
C ALA C 290 -65.85 -0.60 -46.26
N ASP C 291 -66.42 -0.60 -45.05
CA ASP C 291 -66.57 0.69 -44.38
C ASP C 291 -65.42 0.71 -43.38
N ALA C 292 -65.65 0.25 -42.15
CA ALA C 292 -64.62 0.25 -41.12
C ALA C 292 -64.39 1.72 -40.82
N GLY C 293 -64.73 2.15 -39.62
CA GLY C 293 -64.59 3.55 -39.27
C GLY C 293 -65.94 4.19 -39.51
N ALA C 294 -66.95 3.34 -39.55
CA ALA C 294 -68.30 3.81 -39.71
C ALA C 294 -68.64 4.25 -38.31
N MET C 295 -69.31 5.39 -38.18
CA MET C 295 -69.68 5.89 -36.86
C MET C 295 -71.11 5.56 -36.41
N THR C 296 -72.10 6.24 -36.96
CA THR C 296 -73.51 6.01 -36.56
C THR C 296 -73.71 6.34 -35.07
N PRO C 297 -74.34 7.50 -34.80
CA PRO C 297 -74.63 8.01 -33.47
C PRO C 297 -75.38 7.00 -32.63
N THR C 298 -75.51 7.31 -31.34
CA THR C 298 -76.29 6.46 -30.48
C THR C 298 -76.93 7.11 -29.30
N ASP C 299 -76.74 6.47 -28.15
CA ASP C 299 -77.43 6.85 -26.93
C ASP C 299 -76.48 6.58 -25.77
N PHE C 300 -76.58 7.36 -24.70
CA PHE C 300 -75.74 7.08 -23.55
C PHE C 300 -76.11 5.67 -23.09
N GLU C 301 -77.40 5.37 -23.14
CA GLU C 301 -77.92 4.08 -22.69
C GLU C 301 -77.37 2.88 -23.46
N THR C 302 -77.26 3.00 -24.78
CA THR C 302 -76.78 1.89 -25.61
C THR C 302 -75.32 1.57 -25.33
N PHE C 303 -74.50 2.62 -25.24
CA PHE C 303 -73.08 2.47 -24.96
C PHE C 303 -72.97 1.66 -23.66
N ALA C 304 -73.48 2.23 -22.57
CA ALA C 304 -73.43 1.58 -21.29
C ALA C 304 -73.73 0.09 -21.36
N ALA C 305 -74.75 -0.27 -22.14
CA ALA C 305 -75.18 -1.67 -22.31
C ALA C 305 -74.18 -2.53 -23.09
N LEU C 306 -73.46 -1.91 -24.01
CA LEU C 306 -72.46 -2.61 -24.79
C LEU C 306 -71.28 -2.96 -23.87
N VAL C 307 -70.90 -1.97 -23.08
CA VAL C 307 -69.81 -2.09 -22.12
C VAL C 307 -70.16 -3.05 -20.99
N SER C 308 -71.45 -3.36 -20.83
CA SER C 308 -71.93 -4.26 -19.78
C SER C 308 -71.45 -5.68 -20.01
N GLU C 309 -71.31 -6.07 -21.28
CA GLU C 309 -70.87 -7.43 -21.60
C GLU C 309 -69.52 -7.74 -20.98
N TYR C 310 -68.68 -6.72 -20.84
CA TYR C 310 -67.36 -6.86 -20.26
C TYR C 310 -67.39 -6.70 -18.76
N THR C 311 -67.88 -7.74 -18.09
CA THR C 311 -67.96 -7.81 -16.64
C THR C 311 -66.54 -7.93 -16.08
N LEU C 312 -66.33 -7.56 -14.83
CA LEU C 312 -65.00 -7.72 -14.28
C LEU C 312 -64.65 -9.19 -14.46
N GLU C 313 -65.65 -10.04 -14.23
CA GLU C 313 -65.46 -11.47 -14.34
C GLU C 313 -65.12 -11.83 -15.77
N LYS C 314 -65.65 -11.09 -16.74
CA LYS C 314 -65.35 -11.44 -18.12
C LYS C 314 -64.03 -10.89 -18.56
N ALA C 315 -63.77 -9.63 -18.25
CA ALA C 315 -62.52 -9.01 -18.64
C ALA C 315 -61.38 -9.89 -18.12
N ALA C 316 -61.45 -10.25 -16.83
CA ALA C 316 -60.44 -11.09 -16.22
C ALA C 316 -60.23 -12.37 -17.04
N GLU C 317 -61.32 -13.03 -17.43
CA GLU C 317 -61.22 -14.27 -18.20
C GLU C 317 -60.47 -14.06 -19.51
N ILE C 318 -60.75 -12.97 -20.21
CA ILE C 318 -60.10 -12.71 -21.49
C ILE C 318 -58.64 -12.26 -21.37
N SER C 319 -58.32 -11.45 -20.37
CA SER C 319 -56.94 -11.01 -20.20
C SER C 319 -56.04 -12.07 -19.55
N GLY C 320 -56.39 -12.47 -18.34
CA GLY C 320 -55.60 -13.45 -17.66
C GLY C 320 -55.06 -12.82 -16.41
N VAL C 321 -55.66 -11.67 -16.06
CA VAL C 321 -55.25 -10.88 -14.90
C VAL C 321 -56.17 -11.16 -13.76
N GLU C 322 -55.62 -11.31 -12.55
CA GLU C 322 -56.46 -11.57 -11.40
C GLU C 322 -57.39 -10.37 -11.28
N PRO C 323 -58.71 -10.61 -11.15
CA PRO C 323 -59.69 -9.53 -11.05
C PRO C 323 -59.35 -8.42 -10.07
N ALA C 324 -58.72 -8.76 -8.95
CA ALA C 324 -58.36 -7.77 -7.92
C ALA C 324 -57.55 -6.60 -8.48
N LEU C 325 -56.72 -6.89 -9.48
CA LEU C 325 -55.88 -5.88 -10.09
C LEU C 325 -56.73 -4.99 -10.99
N LEU C 326 -57.62 -5.60 -11.75
CA LEU C 326 -58.51 -4.83 -12.61
C LEU C 326 -59.41 -3.95 -11.75
N GLU C 327 -59.65 -4.38 -10.51
CA GLU C 327 -60.48 -3.60 -9.62
C GLU C 327 -59.60 -2.43 -9.20
N GLU C 328 -58.30 -2.67 -9.04
CA GLU C 328 -57.39 -1.59 -8.64
C GLU C 328 -57.28 -0.54 -9.73
N LEU C 329 -57.13 -0.99 -10.96
CA LEU C 329 -57.06 -0.06 -12.08
C LEU C 329 -58.38 0.70 -12.10
N ALA C 330 -59.46 0.04 -12.51
CA ALA C 330 -60.79 0.63 -12.57
C ALA C 330 -60.99 1.78 -11.55
N GLU C 331 -60.76 1.50 -10.27
CA GLU C 331 -60.96 2.48 -9.21
C GLU C 331 -60.14 3.76 -9.33
N LEU C 332 -58.89 3.62 -9.74
CA LEU C 332 -58.00 4.75 -9.89
C LEU C 332 -58.61 5.66 -10.92
N TYR C 333 -58.91 5.10 -12.07
CA TYR C 333 -59.56 5.84 -13.15
C TYR C 333 -60.91 6.37 -12.70
N ALA C 334 -61.34 6.06 -11.48
CA ALA C 334 -62.66 6.52 -11.03
C ALA C 334 -62.79 7.39 -9.77
N ASP C 335 -62.04 7.15 -8.68
CA ASP C 335 -62.24 8.05 -7.54
C ASP C 335 -62.07 9.40 -8.15
N PRO C 336 -63.18 10.16 -8.23
CA PRO C 336 -63.19 11.48 -8.83
C PRO C 336 -62.26 12.50 -8.18
N ASP C 337 -61.11 12.04 -7.71
CA ASP C 337 -60.15 12.97 -7.14
C ASP C 337 -58.77 12.56 -7.61
N ARG C 338 -58.65 11.29 -8.00
CA ARG C 338 -57.39 10.82 -8.55
C ARG C 338 -57.29 11.46 -9.92
N LYS C 339 -56.25 12.26 -10.13
CA LYS C 339 -56.05 12.84 -11.43
C LYS C 339 -55.31 11.72 -12.15
N TRP C 340 -56.02 11.07 -13.06
CA TRP C 340 -55.45 9.97 -13.79
C TRP C 340 -54.65 10.57 -14.90
N MET C 341 -53.64 9.86 -15.36
CA MET C 341 -52.79 10.38 -16.42
C MET C 341 -52.40 9.19 -17.20
N SER C 342 -53.21 8.88 -18.20
CA SER C 342 -52.99 7.69 -19.00
C SER C 342 -52.00 7.95 -20.11
N LEU C 343 -51.03 7.05 -20.25
CA LEU C 343 -50.00 7.15 -21.25
C LEU C 343 -49.94 5.88 -22.08
N TRP C 344 -49.75 6.06 -23.39
CA TRP C 344 -49.67 4.93 -24.29
C TRP C 344 -48.82 5.21 -25.51
N THR C 345 -48.08 4.20 -25.94
CA THR C 345 -47.22 4.35 -27.13
C THR C 345 -47.58 3.26 -28.14
N MET C 346 -46.58 2.61 -28.75
CA MET C 346 -46.91 1.59 -29.77
C MET C 346 -47.78 0.42 -29.33
N GLY C 347 -47.93 0.19 -28.04
CA GLY C 347 -48.80 -0.90 -27.60
C GLY C 347 -50.21 -0.77 -28.16
N PHE C 348 -50.76 0.45 -28.18
CA PHE C 348 -52.08 0.79 -28.68
C PHE C 348 -52.03 1.13 -30.16
N ASN C 349 -50.98 1.78 -30.60
CA ASN C 349 -50.89 2.21 -31.99
C ASN C 349 -50.63 1.13 -33.03
N GLN C 350 -49.78 0.16 -32.71
CA GLN C 350 -49.45 -0.96 -33.61
C GLN C 350 -50.34 -2.09 -33.17
N HIS C 351 -51.64 -1.84 -33.21
CA HIS C 351 -52.69 -2.75 -32.75
C HIS C 351 -53.71 -2.83 -33.90
N VAL C 352 -54.07 -4.03 -34.34
CA VAL C 352 -55.03 -4.15 -35.44
C VAL C 352 -56.35 -3.50 -35.10
N ARG C 353 -56.47 -3.10 -33.85
CA ARG C 353 -57.65 -2.39 -33.37
C ARG C 353 -57.14 -1.22 -32.54
N GLY C 354 -56.09 -0.58 -33.04
CA GLY C 354 -55.47 0.54 -32.35
C GLY C 354 -56.38 1.76 -32.19
N VAL C 355 -57.00 2.16 -33.30
CA VAL C 355 -57.89 3.30 -33.27
C VAL C 355 -58.95 3.08 -32.17
N TRP C 356 -59.47 1.86 -32.04
CA TRP C 356 -60.47 1.57 -31.02
C TRP C 356 -59.86 1.72 -29.65
N ALA C 357 -58.65 1.21 -29.48
CA ALA C 357 -57.97 1.29 -28.18
C ALA C 357 -57.84 2.75 -27.78
N ASN C 358 -57.29 3.57 -28.68
CA ASN C 358 -57.16 5.00 -28.45
C ASN C 358 -58.54 5.48 -28.02
N HIS C 359 -59.54 5.23 -28.85
CA HIS C 359 -60.89 5.64 -28.52
C HIS C 359 -61.24 5.27 -27.08
N MET C 360 -61.10 3.98 -26.78
CA MET C 360 -61.43 3.50 -25.45
C MET C 360 -60.73 4.25 -24.30
N VAL C 361 -59.48 4.69 -24.48
CA VAL C 361 -58.82 5.36 -23.38
C VAL C 361 -59.46 6.69 -23.23
N TYR C 362 -59.77 7.36 -24.34
CA TYR C 362 -60.37 8.65 -24.16
C TYR C 362 -61.71 8.50 -23.42
N ASN C 363 -62.46 7.45 -23.73
CA ASN C 363 -63.75 7.24 -23.06
C ASN C 363 -63.66 7.34 -21.54
N LEU C 364 -62.72 6.58 -20.97
CA LEU C 364 -62.54 6.56 -19.53
C LEU C 364 -62.37 7.96 -19.04
N HIS C 365 -61.64 8.77 -19.80
CA HIS C 365 -61.42 10.13 -19.40
C HIS C 365 -62.65 10.99 -19.62
N LEU C 366 -63.29 10.82 -20.77
CA LEU C 366 -64.49 11.58 -21.10
C LEU C 366 -65.59 11.25 -20.13
N LEU C 367 -65.79 9.97 -19.84
CA LEU C 367 -66.83 9.60 -18.88
C LEU C 367 -66.62 10.29 -17.54
N THR C 368 -65.38 10.45 -17.12
CA THR C 368 -65.09 11.03 -15.81
C THR C 368 -64.82 12.52 -15.81
N GLY C 369 -64.61 13.09 -16.99
CA GLY C 369 -64.33 14.52 -17.07
C GLY C 369 -62.90 14.83 -16.70
N LYS C 370 -62.02 13.84 -16.80
CA LYS C 370 -60.59 13.98 -16.48
C LYS C 370 -59.84 14.22 -17.76
N ILE C 371 -59.85 15.48 -18.21
CA ILE C 371 -59.21 15.90 -19.46
C ILE C 371 -58.97 17.42 -19.52
N SER C 372 -57.94 17.80 -20.23
CA SER C 372 -57.58 19.20 -20.38
C SER C 372 -57.36 19.98 -19.09
N GLU C 373 -56.82 19.33 -18.09
CA GLU C 373 -56.52 19.97 -16.83
C GLU C 373 -55.14 19.51 -16.39
N PRO C 374 -54.44 20.34 -15.60
CA PRO C 374 -53.12 19.94 -15.13
C PRO C 374 -53.31 18.70 -14.28
N GLY C 375 -52.63 17.61 -14.64
CA GLY C 375 -52.73 16.38 -13.89
C GLY C 375 -53.71 15.38 -14.45
N ASN C 376 -54.80 15.84 -15.01
CA ASN C 376 -55.77 14.92 -15.54
C ASN C 376 -55.62 14.88 -17.03
N SER C 377 -54.99 13.82 -17.55
CA SER C 377 -54.82 13.77 -18.99
C SER C 377 -54.49 12.44 -19.66
N PRO C 378 -55.13 12.20 -20.82
CA PRO C 378 -54.85 10.99 -21.59
C PRO C 378 -53.74 11.43 -22.55
N PHE C 379 -52.49 11.17 -22.19
CA PHE C 379 -51.38 11.56 -23.04
C PHE C 379 -50.88 10.50 -24.00
N SER C 380 -50.95 10.83 -25.29
CA SER C 380 -50.46 9.91 -26.28
C SER C 380 -49.00 10.26 -26.45
N LEU C 381 -48.13 9.32 -26.18
CA LEU C 381 -46.71 9.57 -26.36
C LEU C 381 -46.38 9.41 -27.83
N THR C 382 -45.58 10.30 -28.38
CA THR C 382 -45.21 10.13 -29.77
C THR C 382 -43.78 9.64 -29.83
N GLY C 383 -43.51 8.79 -30.82
CA GLY C 383 -42.20 8.19 -30.96
C GLY C 383 -41.05 8.97 -31.56
N GLN C 384 -41.12 9.30 -32.84
CA GLN C 384 -40.03 10.04 -33.47
C GLN C 384 -39.88 11.47 -32.97
N PRO C 385 -38.76 12.12 -33.31
CA PRO C 385 -38.51 13.48 -32.91
C PRO C 385 -39.53 14.47 -33.45
N PHE C 386 -39.96 14.27 -34.68
CA PHE C 386 -40.93 15.17 -35.27
C PHE C 386 -41.97 14.42 -36.07
N ALA C 387 -42.46 13.31 -35.52
CA ALA C 387 -43.52 12.59 -36.21
C ALA C 387 -44.70 13.54 -36.07
N CYS C 388 -44.70 14.35 -35.01
CA CYS C 388 -45.71 15.35 -34.77
C CYS C 388 -45.36 16.61 -35.57
N GLY C 389 -44.30 17.29 -35.15
CA GLY C 389 -43.87 18.51 -35.80
C GLY C 389 -43.87 18.51 -37.31
N THR C 390 -43.53 17.38 -37.92
CA THR C 390 -43.44 17.25 -39.37
C THR C 390 -44.51 16.36 -39.99
N ALA C 391 -44.32 15.05 -39.88
CA ALA C 391 -45.27 14.08 -40.45
C ALA C 391 -46.71 14.50 -40.23
N ARG C 392 -47.11 14.53 -38.97
CA ARG C 392 -48.46 14.89 -38.66
C ARG C 392 -48.80 16.34 -38.96
N GLU C 393 -48.15 17.29 -38.31
CA GLU C 393 -48.49 18.68 -38.51
C GLU C 393 -48.36 19.22 -39.93
N VAL C 394 -47.28 18.91 -40.63
CA VAL C 394 -47.14 19.39 -42.00
C VAL C 394 -48.01 18.51 -42.88
N GLY C 395 -48.38 17.35 -42.34
CA GLY C 395 -49.26 16.47 -43.09
C GLY C 395 -48.57 15.81 -44.27
N THR C 396 -47.74 14.84 -43.90
CA THR C 396 -46.93 14.09 -44.84
C THR C 396 -47.42 12.66 -44.95
N PHE C 397 -48.75 12.52 -44.97
CA PHE C 397 -49.35 11.20 -45.14
C PHE C 397 -50.15 11.25 -46.44
N ALA C 398 -50.27 10.10 -47.08
CA ALA C 398 -50.97 9.97 -48.36
C ALA C 398 -52.26 10.77 -48.55
N HIS C 399 -53.09 10.88 -47.52
CA HIS C 399 -54.37 11.57 -47.65
C HIS C 399 -54.43 12.97 -47.08
N ARG C 400 -53.29 13.53 -46.73
CA ARG C 400 -53.31 14.79 -46.01
C ARG C 400 -52.61 16.03 -46.52
N LEU C 401 -53.04 17.18 -45.97
CA LEU C 401 -52.48 18.51 -46.27
C LEU C 401 -52.20 19.17 -44.90
N PRO C 402 -51.51 20.33 -44.89
CA PRO C 402 -51.18 21.01 -43.65
C PRO C 402 -52.36 21.26 -42.72
N ALA C 403 -52.03 21.49 -41.46
CA ALA C 403 -53.02 21.82 -40.45
C ALA C 403 -54.32 21.01 -40.45
N ASP C 404 -54.19 19.70 -40.37
CA ASP C 404 -55.35 18.81 -40.30
C ASP C 404 -56.25 18.76 -41.53
N MET C 405 -55.82 19.35 -42.63
CA MET C 405 -56.61 19.34 -43.86
C MET C 405 -56.43 18.09 -44.72
N VAL C 406 -57.52 17.68 -45.37
CA VAL C 406 -57.53 16.51 -46.21
C VAL C 406 -57.50 16.90 -47.68
N VAL C 407 -56.89 16.03 -48.48
CA VAL C 407 -56.77 16.21 -49.92
C VAL C 407 -58.16 16.02 -50.61
N THR C 408 -59.01 15.26 -49.94
CA THR C 408 -60.36 14.97 -50.38
C THR C 408 -61.16 16.27 -50.44
N ASN C 409 -61.29 16.91 -49.29
CA ASN C 409 -62.02 18.18 -49.18
C ASN C 409 -61.51 19.24 -50.17
N PRO C 410 -62.42 19.78 -51.01
CA PRO C 410 -62.13 20.79 -52.04
C PRO C 410 -61.84 22.16 -51.50
N GLU C 411 -62.42 22.47 -50.36
CA GLU C 411 -62.19 23.78 -49.78
C GLU C 411 -60.73 23.84 -49.34
N HIS C 412 -60.24 22.75 -48.75
CA HIS C 412 -58.87 22.68 -48.27
C HIS C 412 -57.93 22.77 -49.45
N ARG C 413 -58.18 21.91 -50.43
CA ARG C 413 -57.36 21.85 -51.63
C ARG C 413 -57.20 23.27 -52.16
N ALA C 414 -58.33 23.97 -52.21
CA ALA C 414 -58.34 25.33 -52.70
C ALA C 414 -57.49 26.21 -51.82
N HIS C 415 -57.71 26.13 -50.51
CA HIS C 415 -56.95 26.91 -49.54
C HIS C 415 -55.46 26.74 -49.73
N ALA C 416 -55.03 25.49 -49.92
CA ALA C 416 -53.62 25.18 -50.13
C ALA C 416 -53.15 25.79 -51.44
N GLU C 417 -54.00 25.72 -52.45
CA GLU C 417 -53.68 26.29 -53.75
C GLU C 417 -53.51 27.81 -53.65
N GLU C 418 -54.37 28.46 -52.87
CA GLU C 418 -54.31 29.91 -52.72
C GLU C 418 -53.00 30.34 -52.04
N ILE C 419 -52.55 29.58 -51.05
CA ILE C 419 -51.32 29.92 -50.32
C ILE C 419 -50.04 29.58 -51.10
N TRP C 420 -50.07 28.44 -51.79
CA TRP C 420 -48.92 28.00 -52.58
C TRP C 420 -48.82 28.72 -53.92
N LYS C 421 -49.70 29.71 -54.11
CA LYS C 421 -49.75 30.48 -55.35
C LYS C 421 -49.81 29.53 -56.53
N LEU C 422 -50.88 28.78 -56.60
CA LEU C 422 -51.09 27.81 -57.68
C LEU C 422 -52.37 28.06 -58.48
N PRO C 423 -52.40 27.52 -59.71
CA PRO C 423 -53.60 27.67 -60.54
C PRO C 423 -54.70 26.76 -59.94
N ALA C 424 -55.92 27.30 -59.85
CA ALA C 424 -57.06 26.57 -59.31
C ALA C 424 -57.21 25.16 -59.88
N GLY C 425 -57.63 24.23 -59.03
CA GLY C 425 -57.83 22.85 -59.44
C GLY C 425 -56.56 22.10 -59.80
N LEU C 426 -55.41 22.64 -59.40
CA LEU C 426 -54.15 21.97 -59.70
C LEU C 426 -53.95 20.79 -58.76
N LEU C 427 -54.04 21.00 -57.45
CA LEU C 427 -53.82 19.92 -56.50
C LEU C 427 -54.74 18.73 -56.74
N PRO C 428 -54.22 17.52 -56.60
CA PRO C 428 -54.91 16.23 -56.79
C PRO C 428 -55.93 15.89 -55.70
N ASP C 429 -57.03 15.23 -56.07
CA ASP C 429 -58.08 14.85 -55.13
C ASP C 429 -58.00 13.42 -54.65
N TRP C 430 -57.22 12.61 -55.34
CA TRP C 430 -57.09 11.21 -54.98
C TRP C 430 -56.20 10.90 -53.79
N VAL C 431 -56.65 9.98 -52.94
CA VAL C 431 -55.87 9.58 -51.77
C VAL C 431 -54.71 8.68 -52.23
N GLY C 432 -53.52 8.98 -51.71
CA GLY C 432 -52.34 8.20 -52.07
C GLY C 432 -52.21 6.83 -51.42
N ALA C 433 -51.11 6.17 -51.74
CA ALA C 433 -50.83 4.85 -51.22
C ALA C 433 -50.19 4.94 -49.84
N HIS C 434 -50.84 4.34 -48.84
CA HIS C 434 -50.26 4.37 -47.51
C HIS C 434 -49.09 3.38 -47.43
N ALA C 435 -48.25 3.55 -46.40
CA ALA C 435 -47.06 2.76 -46.18
C ALA C 435 -47.18 1.33 -46.63
N VAL C 436 -48.06 0.58 -45.98
CA VAL C 436 -48.20 -0.82 -46.38
C VAL C 436 -48.50 -0.91 -47.90
N GLU C 437 -49.59 -0.29 -48.32
CA GLU C 437 -49.97 -0.28 -49.73
C GLU C 437 -48.74 0.04 -50.59
N GLN C 438 -48.05 1.12 -50.26
CA GLN C 438 -46.89 1.54 -51.01
C GLN C 438 -45.93 0.39 -51.30
N ASP C 439 -45.77 -0.51 -50.33
CA ASP C 439 -44.88 -1.66 -50.50
C ASP C 439 -45.51 -2.61 -51.52
N ARG C 440 -46.79 -2.86 -51.32
CA ARG C 440 -47.53 -3.76 -52.21
C ARG C 440 -47.53 -3.21 -53.65
N LYS C 441 -47.99 -1.97 -53.82
CA LYS C 441 -48.02 -1.35 -55.16
C LYS C 441 -46.64 -1.39 -55.82
N LEU C 442 -45.63 -1.55 -54.98
CA LEU C 442 -44.27 -1.59 -55.47
C LEU C 442 -44.01 -3.00 -55.96
N HIS C 443 -44.52 -3.96 -55.21
CA HIS C 443 -44.37 -5.38 -55.53
C HIS C 443 -45.03 -5.64 -56.88
N ASP C 444 -46.22 -5.06 -57.02
CA ASP C 444 -47.04 -5.24 -58.20
C ASP C 444 -46.61 -4.50 -59.44
N GLY C 445 -46.04 -3.31 -59.25
CA GLY C 445 -45.58 -2.56 -60.41
C GLY C 445 -46.37 -1.29 -60.67
N GLU C 446 -47.19 -0.91 -59.69
CA GLU C 446 -48.02 0.29 -59.80
C GLU C 446 -47.20 1.57 -59.56
N ILE C 447 -46.27 1.50 -58.61
CA ILE C 447 -45.40 2.65 -58.33
C ILE C 447 -44.03 2.27 -58.91
N ASN C 448 -43.55 3.05 -59.85
CA ASN C 448 -42.32 2.73 -60.52
C ASN C 448 -41.15 3.67 -60.25
N PHE C 449 -41.43 4.81 -59.61
CA PHE C 449 -40.37 5.75 -59.23
C PHE C 449 -40.59 5.88 -57.73
N TYR C 450 -39.52 5.68 -56.95
CA TYR C 450 -39.67 5.73 -55.50
C TYR C 450 -38.56 6.47 -54.83
N TRP C 451 -38.91 7.43 -53.99
CA TRP C 451 -37.87 8.19 -53.28
C TRP C 451 -38.05 8.04 -51.77
N VAL C 452 -37.08 7.35 -51.15
CA VAL C 452 -37.11 7.09 -49.72
C VAL C 452 -36.26 8.14 -49.04
N GLN C 453 -36.77 8.72 -47.96
CA GLN C 453 -35.98 9.69 -47.22
C GLN C 453 -36.05 9.62 -45.67
N VAL C 454 -34.87 9.70 -45.06
CA VAL C 454 -34.74 9.65 -43.63
C VAL C 454 -35.49 8.49 -42.96
N ASN C 455 -35.40 7.32 -43.55
CA ASN C 455 -35.96 6.12 -42.96
C ASN C 455 -35.22 4.94 -43.55
N ASN C 456 -35.34 3.79 -42.89
CA ASN C 456 -34.65 2.59 -43.32
C ASN C 456 -35.77 1.51 -43.44
N ASN C 457 -36.77 1.85 -44.23
CA ASN C 457 -37.95 1.01 -44.39
C ASN C 457 -37.75 -0.48 -44.75
N MET C 458 -36.57 -0.81 -45.28
CA MET C 458 -36.34 -2.19 -45.65
C MET C 458 -36.20 -3.04 -44.41
N GLN C 459 -36.02 -2.36 -43.29
CA GLN C 459 -35.85 -3.00 -42.01
C GLN C 459 -37.08 -2.75 -41.14
N ALA C 460 -37.58 -1.53 -41.24
CA ALA C 460 -38.73 -1.11 -40.45
C ALA C 460 -40.05 -1.75 -40.89
N ALA C 461 -40.30 -1.76 -42.20
CA ALA C 461 -41.53 -2.29 -42.76
C ALA C 461 -41.83 -3.79 -42.49
N PRO C 462 -43.12 -4.15 -42.38
CA PRO C 462 -43.57 -5.52 -42.12
C PRO C 462 -43.51 -6.46 -43.33
N ASN C 463 -43.27 -7.74 -43.05
CA ASN C 463 -43.21 -8.77 -44.09
C ASN C 463 -42.27 -8.47 -45.25
N ILE C 464 -41.12 -7.89 -44.98
CA ILE C 464 -40.18 -7.57 -46.04
C ILE C 464 -39.97 -8.61 -47.15
N ASP C 465 -39.90 -9.89 -46.79
CA ASP C 465 -39.66 -10.94 -47.78
C ASP C 465 -40.82 -11.12 -48.73
N GLN C 466 -42.04 -10.95 -48.20
CA GLN C 466 -43.25 -11.10 -49.02
C GLN C 466 -43.50 -9.95 -49.99
N GLU C 467 -43.52 -8.73 -49.50
CA GLU C 467 -43.82 -7.62 -50.37
C GLU C 467 -42.93 -6.39 -50.42
N THR C 468 -41.99 -6.23 -49.49
CA THR C 468 -41.15 -5.04 -49.55
C THR C 468 -39.87 -5.23 -50.34
N TYR C 469 -39.17 -6.34 -50.11
CA TYR C 469 -37.94 -6.60 -50.83
C TYR C 469 -38.14 -6.77 -52.36
N PRO C 470 -39.10 -7.62 -52.76
CA PRO C 470 -39.33 -7.81 -54.19
C PRO C 470 -39.79 -6.53 -54.84
N GLY C 471 -40.54 -5.73 -54.07
CA GLY C 471 -41.03 -4.45 -54.58
C GLY C 471 -39.89 -3.46 -54.85
N TYR C 472 -38.80 -3.54 -54.09
CA TYR C 472 -37.69 -2.64 -54.30
C TYR C 472 -36.81 -3.16 -55.39
N ARG C 473 -36.79 -4.48 -55.57
CA ARG C 473 -35.96 -5.08 -56.60
C ARG C 473 -36.70 -5.37 -57.93
N ASN C 474 -37.98 -5.01 -58.00
CA ASN C 474 -38.77 -5.20 -59.20
C ASN C 474 -38.13 -4.36 -60.32
N PRO C 475 -37.62 -5.02 -61.36
CA PRO C 475 -36.96 -4.30 -62.47
C PRO C 475 -37.75 -3.22 -63.20
N GLU C 476 -39.08 -3.14 -63.00
CA GLU C 476 -39.83 -2.07 -63.69
C GLU C 476 -39.82 -0.84 -62.80
N ASN C 477 -39.12 -0.98 -61.67
CA ASN C 477 -39.01 0.07 -60.67
C ASN C 477 -37.62 0.64 -60.48
N PHE C 478 -37.59 1.93 -60.17
CA PHE C 478 -36.37 2.66 -59.88
C PHE C 478 -36.51 3.19 -58.44
N ILE C 479 -35.50 2.93 -57.61
CA ILE C 479 -35.54 3.35 -56.23
C ILE C 479 -34.39 4.20 -55.72
N VAL C 480 -34.72 5.38 -55.20
CA VAL C 480 -33.73 6.27 -54.61
C VAL C 480 -33.83 6.29 -53.08
N VAL C 481 -32.68 6.32 -52.44
CA VAL C 481 -32.64 6.34 -50.98
C VAL C 481 -31.65 7.38 -50.51
N SER C 482 -32.15 8.46 -49.92
CA SER C 482 -31.30 9.48 -49.36
C SER C 482 -31.04 9.01 -47.92
N ASP C 483 -29.79 9.00 -47.51
CA ASP C 483 -29.43 8.57 -46.16
C ASP C 483 -28.08 9.12 -45.78
N ALA C 484 -27.61 8.81 -44.57
CA ALA C 484 -26.32 9.28 -44.09
C ALA C 484 -25.35 8.15 -43.81
N TYR C 485 -25.85 6.92 -43.87
CA TYR C 485 -25.03 5.75 -43.63
C TYR C 485 -25.54 4.63 -44.49
N PRO C 486 -24.67 3.66 -44.78
CA PRO C 486 -24.98 2.48 -45.55
C PRO C 486 -26.46 2.06 -45.49
N THR C 487 -26.82 1.22 -44.51
CA THR C 487 -28.23 0.82 -44.40
C THR C 487 -28.64 -0.29 -45.36
N VAL C 488 -29.45 -1.22 -44.89
CA VAL C 488 -29.87 -2.28 -45.78
C VAL C 488 -30.78 -1.71 -46.88
N THR C 489 -31.63 -0.77 -46.51
CA THR C 489 -32.53 -0.16 -47.49
C THR C 489 -31.74 0.39 -48.67
N GLY C 490 -30.62 1.06 -48.37
CA GLY C 490 -29.80 1.61 -49.44
C GLY C 490 -29.18 0.50 -50.25
N ARG C 491 -28.74 -0.56 -49.57
CA ARG C 491 -28.13 -1.66 -50.25
C ARG C 491 -29.16 -2.23 -51.23
N ALA C 492 -30.43 -2.16 -50.82
CA ALA C 492 -31.50 -2.67 -51.65
C ALA C 492 -32.10 -1.62 -52.62
N ALA C 493 -31.41 -0.52 -52.86
CA ALA C 493 -31.93 0.49 -53.78
C ALA C 493 -31.12 0.60 -55.05
N ASP C 494 -31.37 1.64 -55.84
CA ASP C 494 -30.68 1.80 -57.11
C ASP C 494 -29.84 3.06 -57.14
N LEU C 495 -30.34 4.07 -56.47
CA LEU C 495 -29.61 5.32 -56.37
C LEU C 495 -29.65 5.73 -54.90
N VAL C 496 -28.48 5.99 -54.32
CA VAL C 496 -28.38 6.38 -52.93
C VAL C 496 -27.72 7.77 -52.83
N LEU C 497 -28.51 8.75 -52.37
CA LEU C 497 -28.03 10.11 -52.26
C LEU C 497 -27.63 10.41 -50.83
N PRO C 498 -26.41 10.95 -50.62
CA PRO C 498 -25.81 11.30 -49.31
C PRO C 498 -26.47 12.49 -48.64
N ALA C 499 -26.76 12.37 -47.36
CA ALA C 499 -27.43 13.45 -46.65
C ALA C 499 -26.63 14.13 -45.52
N ALA C 500 -26.84 15.43 -45.36
CA ALA C 500 -26.24 16.19 -44.25
C ALA C 500 -27.25 15.82 -43.18
N MET C 501 -26.70 15.46 -42.03
CA MET C 501 -27.43 14.92 -40.91
C MET C 501 -27.59 15.90 -39.77
N TRP C 502 -28.48 15.58 -38.84
CA TRP C 502 -28.71 16.38 -37.63
C TRP C 502 -28.24 17.83 -37.63
N VAL C 503 -27.12 18.08 -37.00
CA VAL C 503 -26.59 19.42 -36.86
C VAL C 503 -25.72 19.93 -37.99
N GLU C 504 -25.68 19.19 -39.09
CA GLU C 504 -24.89 19.58 -40.25
C GLU C 504 -25.79 20.38 -41.14
N LYS C 505 -27.02 20.53 -40.68
CA LYS C 505 -28.04 21.26 -41.42
C LYS C 505 -28.94 22.01 -40.43
N GLU C 506 -29.36 23.23 -40.75
CA GLU C 506 -30.30 23.93 -39.86
C GLU C 506 -31.68 23.24 -39.96
N GLY C 507 -32.31 23.00 -38.83
CA GLY C 507 -33.60 22.32 -38.83
C GLY C 507 -34.53 22.66 -37.67
N ALA C 508 -35.68 22.01 -37.67
CA ALA C 508 -36.70 22.22 -36.65
C ALA C 508 -37.47 20.91 -36.47
N TYR C 509 -37.91 20.64 -35.24
CA TYR C 509 -38.65 19.45 -34.92
C TYR C 509 -39.81 19.80 -34.01
N GLY C 510 -40.74 18.86 -33.84
CA GLY C 510 -41.91 19.01 -32.96
C GLY C 510 -42.16 17.77 -32.10
N ASN C 511 -41.98 17.92 -30.78
CA ASN C 511 -42.11 16.80 -29.84
C ASN C 511 -43.52 16.46 -29.47
N ALA C 512 -43.67 15.34 -28.77
CA ALA C 512 -44.97 14.82 -28.37
C ALA C 512 -45.91 15.76 -27.61
N GLU C 513 -45.40 16.85 -27.05
CA GLU C 513 -46.26 17.75 -26.32
C GLU C 513 -46.45 19.07 -27.10
N ARG C 514 -46.43 18.97 -28.42
CA ARG C 514 -46.62 20.15 -29.26
C ARG C 514 -45.51 21.18 -29.12
N ARG C 515 -44.31 20.73 -28.83
CA ARG C 515 -43.19 21.66 -28.69
C ARG C 515 -42.39 21.73 -29.97
N THR C 516 -42.32 22.93 -30.54
CA THR C 516 -41.64 23.10 -31.81
C THR C 516 -40.35 23.79 -31.55
N HIS C 517 -39.23 23.09 -31.71
CA HIS C 517 -37.93 23.70 -31.50
C HIS C 517 -36.99 23.60 -32.69
N PHE C 518 -36.15 24.63 -32.83
CA PHE C 518 -35.17 24.78 -33.91
C PHE C 518 -33.73 24.44 -33.52
N TRP C 519 -32.82 24.62 -34.49
CA TRP C 519 -31.39 24.46 -34.31
C TRP C 519 -30.70 24.94 -35.57
N HIS C 520 -29.60 25.66 -35.39
CA HIS C 520 -28.81 26.20 -36.49
C HIS C 520 -27.89 25.14 -36.99
N GLN C 521 -27.17 25.44 -38.06
CA GLN C 521 -26.22 24.46 -38.55
C GLN C 521 -24.93 24.76 -37.78
N LEU C 522 -24.42 23.75 -37.06
CA LEU C 522 -23.23 23.93 -36.24
C LEU C 522 -21.97 23.39 -36.84
N VAL C 523 -22.09 22.55 -37.85
CA VAL C 523 -20.92 21.96 -38.47
C VAL C 523 -21.19 21.61 -39.92
N GLU C 524 -20.14 21.32 -40.69
CA GLU C 524 -20.33 21.00 -42.10
C GLU C 524 -20.39 19.50 -42.32
N ALA C 525 -21.27 19.07 -43.22
CA ALA C 525 -21.40 17.66 -43.50
C ALA C 525 -20.15 17.16 -44.21
N PRO C 526 -19.86 15.87 -44.10
CA PRO C 526 -18.65 15.34 -44.73
C PRO C 526 -18.82 15.21 -46.24
N GLY C 527 -17.71 15.39 -46.97
CA GLY C 527 -17.72 15.26 -48.43
C GLY C 527 -18.76 16.08 -49.18
N GLU C 528 -19.50 15.39 -50.05
CA GLU C 528 -20.53 16.04 -50.86
C GLU C 528 -21.96 15.86 -50.37
N ALA C 529 -22.15 15.56 -49.09
CA ALA C 529 -23.51 15.36 -48.59
C ALA C 529 -24.18 16.70 -48.42
N ARG C 530 -25.49 16.71 -48.65
CA ARG C 530 -26.31 17.91 -48.57
C ARG C 530 -27.65 17.55 -47.91
N SER C 531 -28.24 18.54 -47.23
CA SER C 531 -29.49 18.32 -46.54
C SER C 531 -30.55 17.72 -47.44
N ASP C 532 -31.51 17.02 -46.86
CA ASP C 532 -32.57 16.45 -47.66
C ASP C 532 -33.33 17.61 -48.26
N LEU C 533 -33.36 18.74 -47.57
CA LEU C 533 -34.07 19.92 -48.03
C LEU C 533 -33.48 20.27 -49.38
N TRP C 534 -32.17 20.41 -49.37
CA TRP C 534 -31.46 20.74 -50.59
C TRP C 534 -31.78 19.74 -51.65
N GLN C 535 -31.61 18.47 -51.35
CA GLN C 535 -31.91 17.41 -52.31
C GLN C 535 -33.28 17.59 -52.98
N LEU C 536 -34.30 17.80 -52.17
CA LEU C 536 -35.64 18.02 -52.68
C LEU C 536 -35.65 19.27 -53.54
N MET C 537 -35.35 20.43 -52.96
CA MET C 537 -35.37 21.68 -53.72
C MET C 537 -34.60 21.62 -55.03
N GLU C 538 -33.39 21.07 -55.03
CA GLU C 538 -32.55 20.97 -56.25
C GLU C 538 -33.14 20.02 -57.29
N PHE C 539 -33.67 18.90 -56.85
CA PHE C 539 -34.27 17.97 -57.78
C PHE C 539 -35.45 18.64 -58.47
N SER C 540 -35.91 19.73 -57.88
CA SER C 540 -37.02 20.48 -58.41
C SER C 540 -36.63 21.14 -59.69
N LYS C 541 -35.53 21.88 -59.65
CA LYS C 541 -35.01 22.63 -60.80
C LYS C 541 -35.00 21.89 -62.14
N ARG C 542 -35.45 20.65 -62.14
CA ARG C 542 -35.46 19.83 -63.34
C ARG C 542 -36.73 19.74 -64.15
N PHE C 543 -37.86 19.96 -63.51
CA PHE C 543 -39.12 19.85 -64.20
C PHE C 543 -39.67 21.20 -64.56
N THR C 544 -40.50 21.20 -65.58
CA THR C 544 -41.06 22.44 -66.09
C THR C 544 -42.58 22.37 -66.01
N THR C 545 -43.23 23.52 -65.85
CA THR C 545 -44.68 23.56 -65.75
C THR C 545 -45.35 22.86 -66.93
N ASP C 546 -44.64 22.79 -68.07
CA ASP C 546 -45.12 22.08 -69.24
C ASP C 546 -44.94 20.67 -68.66
N GLU C 547 -44.05 19.88 -69.23
CA GLU C 547 -43.70 18.54 -68.72
C GLU C 547 -44.60 17.82 -67.72
N VAL C 548 -44.85 18.45 -66.59
CA VAL C 548 -45.60 17.85 -65.49
C VAL C 548 -47.04 18.21 -65.21
N TRP C 549 -47.41 19.47 -65.44
CA TRP C 549 -48.78 19.90 -65.19
C TRP C 549 -49.73 19.61 -66.36
N PRO C 550 -51.04 19.40 -66.07
CA PRO C 550 -52.01 19.16 -67.16
C PRO C 550 -52.13 20.45 -68.02
N GLU C 551 -52.27 20.27 -69.33
CA GLU C 551 -52.35 21.38 -70.29
C GLU C 551 -53.49 22.38 -70.05
N GLU C 552 -54.64 21.87 -69.62
CA GLU C 552 -55.79 22.71 -69.32
C GLU C 552 -55.36 23.79 -68.35
N ILE C 553 -54.86 23.34 -67.20
CA ILE C 553 -54.40 24.22 -66.15
C ILE C 553 -53.45 25.25 -66.71
N LEU C 554 -52.52 24.80 -67.55
CA LEU C 554 -51.58 25.72 -68.19
C LEU C 554 -52.32 26.76 -69.00
N SER C 555 -53.12 26.31 -69.98
CA SER C 555 -53.92 27.21 -70.82
C SER C 555 -54.45 28.36 -69.96
N ALA C 556 -55.11 28.02 -68.86
CA ALA C 556 -55.67 29.00 -67.94
C ALA C 556 -54.61 29.98 -67.43
N ALA C 557 -53.39 29.50 -67.17
CA ALA C 557 -52.38 30.42 -66.69
C ALA C 557 -51.01 30.26 -67.32
N PRO C 558 -50.73 31.07 -68.36
CA PRO C 558 -49.47 31.14 -69.12
C PRO C 558 -48.26 31.17 -68.19
N ALA C 559 -48.26 32.12 -67.24
CA ALA C 559 -47.18 32.20 -66.26
C ALA C 559 -47.36 30.89 -65.46
N TYR C 560 -46.74 29.83 -65.98
CA TYR C 560 -46.75 28.45 -65.50
C TYR C 560 -46.55 27.71 -66.83
N ARG C 561 -45.63 28.22 -67.62
CA ARG C 561 -45.29 27.59 -68.89
C ARG C 561 -43.82 27.88 -68.96
N GLY C 562 -43.04 26.81 -68.81
CA GLY C 562 -41.59 26.92 -68.72
C GLY C 562 -41.40 26.92 -67.19
N LYS C 563 -41.10 28.09 -66.63
CA LYS C 563 -41.01 28.17 -65.19
C LYS C 563 -40.07 27.20 -64.47
N THR C 564 -40.48 25.94 -64.38
CA THR C 564 -39.73 24.86 -63.69
C THR C 564 -40.18 24.76 -62.25
N LEU C 565 -40.56 23.55 -61.85
CA LEU C 565 -40.98 23.30 -60.49
C LEU C 565 -39.81 23.76 -59.61
N PHE C 566 -39.95 24.92 -59.00
CA PHE C 566 -38.90 25.48 -58.17
C PHE C 566 -39.23 26.93 -58.25
N GLU C 567 -39.31 27.45 -59.47
CA GLU C 567 -39.68 28.84 -59.60
C GLU C 567 -41.10 28.80 -59.05
N VAL C 568 -41.87 27.80 -59.47
CA VAL C 568 -43.24 27.66 -59.01
C VAL C 568 -43.34 27.19 -57.55
N LEU C 569 -42.33 26.47 -57.05
CA LEU C 569 -42.41 25.94 -55.67
C LEU C 569 -41.57 26.61 -54.62
N PHE C 570 -40.38 27.09 -54.98
CA PHE C 570 -39.48 27.68 -53.99
C PHE C 570 -39.00 29.08 -54.34
N ALA C 571 -39.31 29.53 -55.56
CA ALA C 571 -38.94 30.87 -56.04
C ALA C 571 -40.21 31.63 -56.35
N ASN C 572 -41.20 31.46 -55.48
CA ASN C 572 -42.53 32.07 -55.57
C ASN C 572 -42.50 33.52 -55.29
N GLY C 573 -41.42 33.97 -54.67
CA GLY C 573 -41.37 35.36 -54.27
C GLY C 573 -42.06 35.34 -52.92
N SER C 574 -42.37 34.13 -52.46
CA SER C 574 -42.98 33.91 -51.16
C SER C 574 -41.88 33.24 -50.32
N VAL C 575 -41.31 32.15 -50.85
CA VAL C 575 -40.25 31.42 -50.18
C VAL C 575 -38.92 32.13 -50.37
N ASP C 576 -38.81 32.96 -51.40
CA ASP C 576 -37.58 33.73 -51.68
C ASP C 576 -37.56 34.97 -50.80
N ARG C 577 -38.72 35.26 -50.22
CA ARG C 577 -38.94 36.42 -49.34
C ARG C 577 -37.75 36.96 -48.61
N PHE C 578 -37.08 36.07 -47.89
CA PHE C 578 -35.95 36.43 -47.05
C PHE C 578 -34.56 36.18 -47.63
N PRO C 579 -33.67 37.19 -47.54
CA PRO C 579 -32.30 37.19 -48.04
C PRO C 579 -31.29 36.30 -47.35
N ALA C 580 -30.16 36.04 -48.01
CA ALA C 580 -29.10 35.18 -47.47
C ALA C 580 -28.57 35.81 -46.19
N SER C 581 -29.01 37.04 -45.93
CA SER C 581 -28.67 37.73 -44.68
C SER C 581 -29.83 37.15 -43.85
N ASP C 582 -30.29 37.84 -42.80
CA ASP C 582 -31.41 37.31 -42.03
C ASP C 582 -31.10 35.90 -41.56
N VAL C 583 -29.83 35.54 -41.44
CA VAL C 583 -29.53 34.17 -41.05
C VAL C 583 -28.51 34.08 -39.93
N ASN C 584 -28.64 34.96 -38.93
CA ASN C 584 -27.72 35.01 -37.80
C ASN C 584 -26.29 35.03 -38.30
N PRO C 585 -25.56 36.14 -38.09
CA PRO C 585 -24.18 36.31 -38.52
C PRO C 585 -23.33 35.07 -38.27
N ASP C 586 -23.36 34.56 -37.05
CA ASP C 586 -22.63 33.33 -36.69
C ASP C 586 -23.48 32.24 -37.32
N HIS C 587 -22.99 31.01 -37.38
CA HIS C 587 -23.76 29.93 -37.99
C HIS C 587 -23.90 30.02 -39.52
N ALA C 588 -23.50 28.95 -40.21
CA ALA C 588 -23.57 28.88 -41.66
C ALA C 588 -24.86 28.17 -42.08
N ASN C 589 -25.14 28.16 -43.38
CA ASN C 589 -26.36 27.55 -43.91
C ASN C 589 -26.09 27.10 -45.34
N HIS C 590 -25.58 25.89 -45.55
CA HIS C 590 -25.29 25.46 -46.92
C HIS C 590 -26.44 25.60 -47.90
N GLU C 591 -27.67 25.43 -47.45
CA GLU C 591 -28.81 25.56 -48.35
C GLU C 591 -29.13 27.03 -48.67
N ALA C 592 -28.38 27.95 -48.07
CA ALA C 592 -28.64 29.34 -48.35
C ALA C 592 -27.46 29.90 -49.11
N ALA C 593 -26.35 29.18 -49.11
CA ALA C 593 -25.16 29.61 -49.84
C ALA C 593 -25.44 29.21 -51.27
N LEU C 594 -26.01 28.03 -51.42
CA LEU C 594 -26.44 27.57 -52.74
C LEU C 594 -27.84 28.22 -52.64
N PHE C 595 -28.40 28.69 -53.75
CA PHE C 595 -29.69 29.39 -53.74
C PHE C 595 -29.41 30.77 -53.15
N GLY C 596 -30.24 31.76 -53.47
CA GLY C 596 -29.98 33.09 -52.94
C GLY C 596 -30.84 33.53 -51.79
N PHE C 597 -31.83 32.72 -51.43
CA PHE C 597 -32.72 33.07 -50.32
C PHE C 597 -32.31 32.41 -49.00
N TYR C 598 -33.28 32.17 -48.14
CA TYR C 598 -33.04 31.55 -46.86
C TYR C 598 -34.24 30.62 -46.77
N PRO C 599 -34.10 29.40 -47.31
CA PRO C 599 -35.13 28.35 -47.37
C PRO C 599 -35.98 28.10 -46.14
N GLN C 600 -35.31 27.77 -45.04
CA GLN C 600 -35.99 27.49 -43.79
C GLN C 600 -36.94 28.61 -43.38
N LYS C 601 -36.45 29.84 -43.33
CA LYS C 601 -37.31 30.94 -42.94
C LYS C 601 -38.51 31.01 -43.87
N GLY C 602 -38.25 31.01 -45.18
CA GLY C 602 -39.31 31.07 -46.17
C GLY C 602 -40.34 29.99 -46.03
N LEU C 603 -39.90 28.74 -46.05
CA LEU C 603 -40.80 27.61 -45.92
C LEU C 603 -41.57 27.66 -44.61
N PHE C 604 -40.86 27.94 -43.51
CA PHE C 604 -41.50 27.98 -42.20
C PHE C 604 -42.61 29.00 -42.21
N GLU C 605 -42.28 30.25 -42.49
CA GLU C 605 -43.30 31.27 -42.51
C GLU C 605 -44.42 31.00 -43.52
N GLU C 606 -44.13 30.40 -44.67
CA GLU C 606 -45.24 30.10 -45.59
C GLU C 606 -46.09 29.03 -44.93
N TYR C 607 -45.50 27.86 -44.68
CA TYR C 607 -46.21 26.76 -44.02
C TYR C 607 -46.98 27.24 -42.79
N ALA C 608 -46.39 28.20 -42.09
CA ALA C 608 -47.00 28.73 -40.88
C ALA C 608 -48.37 29.33 -41.08
N ALA C 609 -48.61 29.88 -42.28
CA ALA C 609 -49.87 30.51 -42.64
C ALA C 609 -51.05 29.55 -42.73
N PHE C 610 -50.77 28.25 -42.78
CA PHE C 610 -51.88 27.31 -42.81
C PHE C 610 -52.60 27.26 -41.45
N GLY C 611 -51.83 27.33 -40.36
CA GLY C 611 -52.38 27.37 -39.01
C GLY C 611 -52.40 28.85 -38.72
N ARG C 612 -52.36 29.30 -37.48
CA ARG C 612 -52.39 30.74 -37.21
C ARG C 612 -53.78 31.21 -37.54
N GLY C 613 -54.61 31.31 -36.51
CA GLY C 613 -55.98 31.66 -36.69
C GLY C 613 -56.49 30.30 -36.32
N HIS C 614 -57.01 29.55 -37.28
CA HIS C 614 -57.50 28.20 -37.02
C HIS C 614 -56.49 27.43 -36.15
N GLY C 615 -56.70 27.38 -34.82
CA GLY C 615 -55.78 26.70 -33.90
C GLY C 615 -54.33 26.69 -34.38
N HIS C 616 -53.64 25.55 -34.28
CA HIS C 616 -52.26 25.36 -34.80
C HIS C 616 -51.24 26.53 -34.86
N ASP C 617 -51.48 27.62 -34.14
CA ASP C 617 -50.61 28.78 -34.18
C ASP C 617 -49.12 28.56 -33.91
N LEU C 618 -48.29 28.75 -34.92
CA LEU C 618 -46.84 28.66 -34.68
C LEU C 618 -46.33 30.10 -34.44
N ALA C 619 -45.27 30.22 -33.65
CA ALA C 619 -44.69 31.53 -33.36
C ALA C 619 -43.89 32.02 -34.55
N PRO C 620 -43.40 33.28 -34.53
CA PRO C 620 -42.60 33.78 -35.66
C PRO C 620 -41.33 32.93 -35.76
N PHE C 621 -40.92 32.63 -36.99
CA PHE C 621 -39.71 31.82 -37.22
C PHE C 621 -38.58 32.25 -36.30
N ASP C 622 -38.11 33.47 -36.44
CA ASP C 622 -37.00 33.91 -35.61
C ASP C 622 -37.14 33.63 -34.12
N THR C 623 -38.34 33.75 -33.56
CA THR C 623 -38.54 33.50 -32.14
C THR C 623 -38.03 32.12 -31.73
N TYR C 624 -38.39 31.09 -32.50
CA TYR C 624 -37.97 29.74 -32.19
C TYR C 624 -36.44 29.52 -32.05
N HIS C 625 -35.65 30.44 -32.55
CA HIS C 625 -34.21 30.32 -32.44
C HIS C 625 -33.70 30.92 -31.15
N GLU C 626 -34.45 31.86 -30.57
CA GLU C 626 -34.02 32.50 -29.34
C GLU C 626 -34.48 31.75 -28.10
N VAL C 627 -35.45 30.86 -28.26
CA VAL C 627 -36.00 30.11 -27.13
C VAL C 627 -35.85 28.62 -27.26
N ARG C 628 -35.98 27.89 -26.17
CA ARG C 628 -35.87 26.44 -26.26
C ARG C 628 -37.29 25.90 -26.44
N GLY C 629 -37.88 26.22 -27.58
CA GLY C 629 -39.22 25.76 -27.93
C GLY C 629 -40.43 26.40 -27.24
N LEU C 630 -41.60 26.23 -27.85
CA LEU C 630 -42.86 26.73 -27.34
C LEU C 630 -43.94 25.71 -27.75
N HIS C 631 -44.77 25.24 -26.81
CA HIS C 631 -45.80 24.27 -27.19
C HIS C 631 -46.92 25.07 -27.91
N TRP C 632 -47.38 24.55 -29.06
CA TRP C 632 -48.32 25.28 -29.93
C TRP C 632 -49.78 25.14 -29.73
N PRO C 633 -50.55 26.20 -30.02
CA PRO C 633 -51.11 27.49 -30.45
C PRO C 633 -50.36 28.60 -29.72
N VAL C 634 -49.37 29.15 -30.41
CA VAL C 634 -48.62 30.26 -29.83
C VAL C 634 -49.30 31.51 -30.35
N VAL C 635 -50.16 32.05 -29.49
CA VAL C 635 -50.94 33.24 -29.77
C VAL C 635 -50.40 34.42 -29.00
N GLU C 636 -49.92 35.41 -29.75
CA GLU C 636 -49.34 36.63 -29.20
C GLU C 636 -48.09 36.27 -28.42
N GLY C 637 -47.32 35.34 -29.00
CA GLY C 637 -46.08 34.92 -28.39
C GLY C 637 -46.22 34.16 -27.09
N GLU C 638 -47.42 33.64 -26.82
CA GLU C 638 -47.65 32.88 -25.59
C GLU C 638 -48.08 31.45 -25.91
N GLU C 639 -47.33 30.49 -25.39
CA GLU C 639 -47.61 29.10 -25.66
C GLU C 639 -48.79 28.57 -24.90
N THR C 640 -49.32 27.46 -25.38
CA THR C 640 -50.47 26.80 -24.77
C THR C 640 -50.15 25.42 -24.18
N ARG C 641 -50.26 25.31 -22.87
CA ARG C 641 -50.02 24.05 -22.23
C ARG C 641 -51.21 23.15 -22.46
N TRP C 642 -52.35 23.48 -21.85
CA TRP C 642 -53.57 22.70 -22.00
C TRP C 642 -54.57 23.27 -23.00
N ARG C 643 -54.96 22.46 -23.98
CA ARG C 643 -55.92 22.84 -25.01
C ARG C 643 -57.39 22.52 -24.67
N TYR C 644 -58.28 23.34 -25.20
CA TYR C 644 -59.73 23.20 -25.00
C TYR C 644 -60.20 23.59 -23.60
N ARG C 645 -59.46 24.43 -22.88
CA ARG C 645 -59.87 24.88 -21.55
C ARG C 645 -59.82 26.36 -21.47
N GLU C 646 -60.96 26.95 -21.14
CA GLU C 646 -61.02 28.39 -21.00
C GLU C 646 -59.95 28.79 -20.00
N GLY C 647 -59.17 29.80 -20.37
CA GLY C 647 -58.13 30.28 -19.48
C GLY C 647 -56.77 29.71 -19.83
N PHE C 648 -56.74 28.45 -20.25
CA PHE C 648 -55.48 27.81 -20.65
C PHE C 648 -55.33 27.92 -22.17
N ASP C 649 -56.41 27.67 -22.91
CA ASP C 649 -56.44 27.75 -24.37
C ASP C 649 -57.18 29.04 -24.76
N PRO C 650 -56.58 29.84 -25.63
CA PRO C 650 -57.24 31.09 -26.02
C PRO C 650 -58.35 30.90 -27.04
N TYR C 651 -58.42 29.73 -27.64
CA TYR C 651 -59.47 29.50 -28.61
C TYR C 651 -60.78 29.14 -27.98
N VAL C 652 -60.81 29.15 -26.64
CA VAL C 652 -62.03 28.89 -25.93
C VAL C 652 -62.57 30.26 -25.52
N LYS C 653 -63.76 30.59 -26.02
CA LYS C 653 -64.39 31.89 -25.75
C LYS C 653 -64.80 32.01 -24.27
N PRO C 654 -64.61 33.19 -23.68
CA PRO C 654 -64.91 33.51 -22.29
C PRO C 654 -66.04 32.74 -21.63
N GLY C 655 -67.25 32.85 -22.12
CA GLY C 655 -68.31 32.09 -21.48
C GLY C 655 -68.33 30.68 -22.03
N GLU C 656 -67.45 29.80 -21.60
CA GLU C 656 -67.46 28.47 -22.20
C GLU C 656 -67.06 27.35 -21.28
N GLY C 657 -65.80 27.34 -20.84
CA GLY C 657 -65.32 26.30 -19.96
C GLY C 657 -64.43 25.37 -20.74
N LEU C 658 -65.04 24.45 -21.47
CA LEU C 658 -64.33 23.50 -22.30
C LEU C 658 -65.05 23.59 -23.62
N ARG C 659 -64.37 23.27 -24.70
CA ARG C 659 -65.02 23.25 -25.99
C ARG C 659 -64.06 22.63 -26.98
N PHE C 660 -64.23 21.34 -27.23
CA PHE C 660 -63.40 20.65 -28.19
C PHE C 660 -63.79 21.25 -29.55
N TYR C 661 -63.29 22.45 -29.80
CA TYR C 661 -63.59 23.17 -31.01
C TYR C 661 -63.11 22.56 -32.30
N GLY C 662 -62.67 21.31 -32.26
CA GLY C 662 -62.22 20.67 -33.48
C GLY C 662 -63.49 20.20 -34.14
N LYS C 663 -64.42 19.80 -33.26
CA LYS C 663 -65.75 19.35 -33.63
C LYS C 663 -66.62 20.60 -33.76
N PRO C 664 -67.61 20.61 -34.67
CA PRO C 664 -68.47 21.78 -34.85
C PRO C 664 -69.32 22.02 -33.62
N ASP C 665 -69.96 20.98 -33.12
CA ASP C 665 -70.78 21.14 -31.92
C ASP C 665 -69.95 21.29 -30.66
N GLY C 666 -68.65 21.04 -30.77
CA GLY C 666 -67.75 21.17 -29.65
C GLY C 666 -67.91 20.10 -28.60
N ARG C 667 -68.24 18.89 -29.05
CA ARG C 667 -68.40 17.76 -28.14
C ARG C 667 -67.51 16.65 -28.64
N ALA C 668 -66.85 15.97 -27.69
CA ALA C 668 -65.96 14.85 -28.00
C ALA C 668 -66.80 13.59 -28.05
N VAL C 669 -66.41 12.71 -28.95
CA VAL C 669 -67.12 11.45 -29.17
C VAL C 669 -66.72 10.32 -28.23
N ILE C 670 -67.70 9.52 -27.81
CA ILE C 670 -67.41 8.37 -26.98
C ILE C 670 -67.80 7.19 -27.83
N LEU C 671 -66.84 6.34 -28.18
CA LEU C 671 -67.14 5.22 -29.04
C LEU C 671 -67.46 3.95 -28.31
N GLY C 672 -68.52 3.31 -28.80
CA GLY C 672 -68.94 2.01 -28.29
C GLY C 672 -68.30 1.02 -29.28
N VAL C 673 -67.30 0.30 -28.80
CA VAL C 673 -66.61 -0.63 -29.65
C VAL C 673 -66.42 -1.96 -28.94
N PRO C 674 -66.39 -3.06 -29.71
CA PRO C 674 -66.24 -4.42 -29.19
C PRO C 674 -64.85 -5.01 -29.28
N TYR C 675 -64.45 -5.74 -28.27
CA TYR C 675 -63.16 -6.39 -28.30
C TYR C 675 -63.13 -7.30 -29.53
N GLU C 676 -61.96 -7.44 -30.13
CA GLU C 676 -61.83 -8.33 -31.26
C GLU C 676 -60.47 -9.02 -31.10
N PRO C 677 -60.24 -10.07 -31.87
CA PRO C 677 -58.92 -10.70 -31.67
C PRO C 677 -57.89 -10.24 -32.68
N PRO C 678 -56.61 -10.53 -32.40
CA PRO C 678 -55.50 -10.18 -33.28
C PRO C 678 -55.57 -10.99 -34.57
N ALA C 679 -54.95 -10.45 -35.62
CA ALA C 679 -54.92 -11.10 -36.92
C ALA C 679 -54.40 -12.53 -36.84
N GLU C 680 -53.29 -12.72 -36.12
CA GLU C 680 -52.70 -14.04 -35.99
C GLU C 680 -52.37 -14.37 -34.54
N SER C 681 -52.97 -15.44 -34.03
CA SER C 681 -52.70 -15.90 -32.67
C SER C 681 -51.96 -17.24 -32.74
N PRO C 682 -51.25 -17.59 -31.65
CA PRO C 682 -50.52 -18.86 -31.64
C PRO C 682 -51.44 -20.09 -31.80
N ASP C 683 -50.89 -21.06 -32.54
CA ASP C 683 -51.55 -22.33 -32.88
C ASP C 683 -50.87 -23.44 -32.13
N GLU C 684 -50.98 -24.63 -32.73
CA GLU C 684 -50.34 -25.84 -32.20
C GLU C 684 -48.98 -25.90 -32.89
N GLU C 685 -48.94 -25.51 -34.17
CA GLU C 685 -47.68 -25.53 -34.90
C GLU C 685 -46.81 -24.36 -34.38
N PHE C 686 -47.39 -23.16 -34.35
CA PHE C 686 -46.66 -21.98 -33.90
C PHE C 686 -47.21 -21.55 -32.54
N GLY C 687 -46.67 -22.12 -31.46
CA GLY C 687 -47.15 -21.83 -30.12
C GLY C 687 -46.75 -20.56 -29.39
N PHE C 688 -45.75 -19.85 -29.89
CA PHE C 688 -45.28 -18.61 -29.25
C PHE C 688 -45.81 -17.29 -29.78
N TRP C 689 -45.97 -16.31 -28.89
CA TRP C 689 -46.38 -14.98 -29.28
C TRP C 689 -45.09 -14.26 -29.65
N LEU C 690 -45.11 -13.57 -30.78
CA LEU C 690 -43.92 -12.82 -31.15
C LEU C 690 -44.14 -11.31 -30.93
N VAL C 691 -43.59 -10.82 -29.83
CA VAL C 691 -43.70 -9.42 -29.50
C VAL C 691 -42.44 -8.82 -30.05
N THR C 692 -42.55 -7.59 -30.57
CA THR C 692 -41.43 -6.93 -31.18
C THR C 692 -41.25 -5.51 -30.67
N GLY C 693 -40.02 -5.08 -30.44
CA GLY C 693 -39.86 -3.75 -29.92
C GLY C 693 -38.48 -3.14 -30.00
N ARG C 694 -38.09 -2.43 -28.94
CA ARG C 694 -36.80 -1.76 -28.90
C ARG C 694 -36.06 -1.97 -27.58
N VAL C 695 -34.91 -1.32 -27.50
CA VAL C 695 -34.04 -1.45 -26.35
C VAL C 695 -33.44 -0.07 -26.12
N LEU C 696 -33.25 0.29 -24.84
CA LEU C 696 -32.72 1.59 -24.46
C LEU C 696 -31.57 2.09 -25.28
N GLU C 697 -30.56 1.26 -25.40
CA GLU C 697 -29.35 1.62 -26.10
C GLU C 697 -29.44 1.87 -27.62
N HIS C 698 -30.49 1.40 -28.26
CA HIS C 698 -30.56 1.52 -29.72
C HIS C 698 -31.78 2.16 -30.35
N TRP C 699 -31.52 2.97 -31.37
CA TRP C 699 -32.57 3.67 -32.07
C TRP C 699 -32.88 2.97 -33.37
N HIS C 700 -34.09 2.42 -33.49
CA HIS C 700 -34.60 1.74 -34.69
C HIS C 700 -33.64 0.76 -35.37
N SER C 701 -33.12 1.15 -36.54
CA SER C 701 -32.20 0.33 -37.33
C SER C 701 -30.80 0.23 -36.76
N GLY C 702 -30.51 1.02 -35.73
CA GLY C 702 -29.17 1.02 -35.18
C GLY C 702 -28.17 1.65 -36.15
N SER C 703 -28.60 2.26 -37.26
CA SER C 703 -27.68 2.87 -38.22
C SER C 703 -26.91 3.95 -37.56
N MET C 704 -27.42 4.49 -36.46
CA MET C 704 -26.69 5.54 -35.78
C MET C 704 -26.13 5.00 -34.48
N THR C 705 -26.95 4.33 -33.68
CA THR C 705 -26.47 3.86 -32.40
C THR C 705 -25.52 2.68 -32.52
N LEU C 706 -25.69 1.83 -33.52
CA LEU C 706 -24.79 0.71 -33.64
C LEU C 706 -23.41 1.19 -34.02
N ARG C 707 -23.30 2.49 -34.29
CA ARG C 707 -22.01 3.04 -34.67
C ARG C 707 -21.35 3.81 -33.54
N TRP C 708 -22.13 4.17 -32.54
CA TRP C 708 -21.59 4.84 -31.36
C TRP C 708 -21.08 3.62 -30.59
N PRO C 709 -19.75 3.52 -30.40
CA PRO C 709 -19.10 2.40 -29.69
C PRO C 709 -19.69 1.94 -28.35
N GLU C 710 -19.87 2.86 -27.40
CA GLU C 710 -20.39 2.45 -26.12
C GLU C 710 -21.80 1.87 -26.21
N LEU C 711 -22.59 2.35 -27.16
CA LEU C 711 -23.93 1.81 -27.29
C LEU C 711 -23.86 0.44 -27.94
N TYR C 712 -23.01 0.30 -28.95
CA TYR C 712 -22.88 -0.99 -29.61
C TYR C 712 -22.42 -1.99 -28.57
N LYS C 713 -21.28 -1.68 -27.95
CA LYS C 713 -20.70 -2.53 -26.92
C LYS C 713 -21.73 -2.93 -25.87
N ALA C 714 -22.55 -1.95 -25.51
CA ALA C 714 -23.58 -2.15 -24.50
C ALA C 714 -24.64 -3.18 -24.85
N PHE C 715 -24.86 -3.40 -26.15
CA PHE C 715 -25.85 -4.34 -26.62
C PHE C 715 -25.52 -4.54 -28.08
N PRO C 716 -24.42 -5.25 -28.38
CA PRO C 716 -23.95 -5.52 -29.76
C PRO C 716 -24.98 -6.06 -30.75
N GLY C 717 -25.73 -7.10 -30.41
CA GLY C 717 -26.68 -7.60 -31.39
C GLY C 717 -28.00 -8.04 -30.78
N ALA C 718 -28.99 -8.21 -31.65
CA ALA C 718 -30.32 -8.61 -31.23
C ALA C 718 -30.34 -9.96 -30.52
N VAL C 719 -31.41 -10.21 -29.78
CA VAL C 719 -31.54 -11.41 -29.00
C VAL C 719 -32.99 -11.75 -28.82
N CYS C 720 -33.29 -13.02 -28.60
CA CYS C 720 -34.67 -13.44 -28.35
C CYS C 720 -34.86 -13.62 -26.85
N PHE C 721 -35.76 -12.84 -26.26
CA PHE C 721 -36.03 -12.95 -24.84
C PHE C 721 -37.04 -14.04 -24.73
N MET C 722 -36.78 -15.02 -23.87
CA MET C 722 -37.70 -16.14 -23.69
C MET C 722 -37.87 -16.48 -22.19
N HIS C 723 -38.81 -17.35 -21.84
CA HIS C 723 -39.01 -17.71 -20.44
C HIS C 723 -37.93 -18.72 -20.07
N PRO C 724 -37.38 -18.63 -18.85
CA PRO C 724 -36.35 -19.59 -18.46
C PRO C 724 -36.79 -21.06 -18.51
N GLU C 725 -38.09 -21.31 -18.36
CA GLU C 725 -38.58 -22.69 -18.41
C GLU C 725 -39.01 -23.08 -19.81
N ASP C 726 -39.50 -22.13 -20.59
CA ASP C 726 -39.89 -22.43 -21.96
C ASP C 726 -38.63 -22.84 -22.73
N ALA C 727 -37.48 -22.61 -22.13
CA ALA C 727 -36.22 -22.99 -22.75
C ALA C 727 -35.79 -24.37 -22.24
N ARG C 728 -35.72 -24.55 -20.92
CA ARG C 728 -35.33 -25.85 -20.34
C ARG C 728 -36.09 -26.95 -21.08
N SER C 729 -37.41 -26.81 -21.17
CA SER C 729 -38.28 -27.78 -21.84
C SER C 729 -37.80 -28.16 -23.25
N ARG C 730 -37.56 -27.17 -24.11
CA ARG C 730 -37.11 -27.47 -25.46
C ARG C 730 -35.63 -27.88 -25.51
N GLY C 731 -35.03 -28.04 -24.33
CA GLY C 731 -33.63 -28.41 -24.24
C GLY C 731 -32.72 -27.28 -24.67
N LEU C 732 -33.19 -26.06 -24.48
CA LEU C 732 -32.45 -24.85 -24.82
C LEU C 732 -31.94 -24.16 -23.55
N ASN C 733 -30.77 -23.54 -23.68
CA ASN C 733 -30.19 -22.81 -22.55
C ASN C 733 -30.02 -21.37 -23.02
N ARG C 734 -29.45 -20.56 -22.13
CA ARG C 734 -29.19 -19.16 -22.46
C ARG C 734 -27.98 -19.16 -23.38
N GLY C 735 -28.10 -18.52 -24.54
CA GLY C 735 -26.96 -18.49 -25.44
C GLY C 735 -27.16 -19.38 -26.64
N SER C 736 -28.14 -20.28 -26.57
CA SER C 736 -28.46 -21.21 -27.66
C SER C 736 -28.84 -20.43 -28.91
N GLU C 737 -28.44 -20.91 -30.08
CA GLU C 737 -28.78 -20.23 -31.33
C GLU C 737 -30.14 -20.75 -31.77
N VAL C 738 -31.18 -19.94 -31.61
CA VAL C 738 -32.52 -20.38 -31.96
C VAL C 738 -33.01 -19.84 -33.28
N ARG C 739 -34.08 -20.45 -33.79
CA ARG C 739 -34.70 -20.04 -35.02
C ARG C 739 -36.10 -19.57 -34.72
N VAL C 740 -36.33 -18.27 -34.85
CA VAL C 740 -37.65 -17.75 -34.61
C VAL C 740 -38.30 -17.89 -35.99
N ILE C 741 -39.33 -18.74 -36.05
CA ILE C 741 -40.00 -19.06 -37.30
C ILE C 741 -41.49 -18.76 -37.43
N SER C 742 -41.86 -18.29 -38.62
CA SER C 742 -43.24 -17.95 -38.95
C SER C 742 -43.60 -18.48 -40.32
N ARG C 743 -44.87 -18.31 -40.70
CA ARG C 743 -45.31 -18.77 -42.02
C ARG C 743 -44.63 -17.88 -43.08
N ARG C 744 -44.01 -16.80 -42.60
CA ARG C 744 -43.35 -15.85 -43.49
C ARG C 744 -41.82 -15.84 -43.45
N GLY C 745 -41.21 -16.22 -42.33
CA GLY C 745 -39.75 -16.23 -42.27
C GLY C 745 -39.08 -16.70 -40.99
N GLU C 746 -37.75 -16.71 -41.01
CA GLU C 746 -36.94 -17.15 -39.89
C GLU C 746 -35.77 -16.22 -39.59
N ILE C 747 -35.34 -16.27 -38.34
CA ILE C 747 -34.17 -15.55 -37.95
C ILE C 747 -33.43 -16.52 -37.06
N ARG C 748 -32.16 -16.22 -36.84
CA ARG C 748 -31.34 -16.93 -35.91
C ARG C 748 -30.93 -15.80 -34.96
N THR C 749 -31.39 -15.80 -33.72
CA THR C 749 -31.00 -14.79 -32.75
C THR C 749 -30.55 -15.75 -31.69
N ARG C 750 -29.88 -15.26 -30.67
CA ARG C 750 -29.53 -16.19 -29.65
C ARG C 750 -30.52 -15.93 -28.55
N LEU C 751 -30.78 -16.97 -27.77
CA LEU C 751 -31.72 -16.91 -26.67
C LEU C 751 -31.15 -16.09 -25.54
N GLU C 752 -32.02 -15.41 -24.83
CA GLU C 752 -31.56 -14.75 -23.65
C GLU C 752 -32.67 -14.81 -22.70
N THR C 753 -32.45 -15.55 -21.65
CA THR C 753 -33.44 -15.64 -20.62
C THR C 753 -32.64 -15.00 -19.50
N ARG C 754 -33.33 -14.37 -18.55
CA ARG C 754 -32.68 -13.67 -17.46
C ARG C 754 -32.13 -12.32 -17.89
N GLY C 755 -32.72 -11.76 -18.95
CA GLY C 755 -32.33 -10.45 -19.44
C GLY C 755 -33.26 -9.43 -18.81
N ARG C 756 -33.34 -8.22 -19.36
CA ARG C 756 -34.21 -7.20 -18.79
C ARG C 756 -35.70 -7.54 -18.93
N ASN C 757 -36.10 -8.01 -20.11
CA ASN C 757 -37.48 -8.36 -20.32
C ASN C 757 -37.73 -9.78 -19.85
N ARG C 758 -38.56 -9.91 -18.82
CA ARG C 758 -38.90 -11.22 -18.26
C ARG C 758 -40.23 -11.68 -18.87
N MET C 759 -40.11 -12.55 -19.86
CA MET C 759 -41.26 -13.05 -20.60
C MET C 759 -42.19 -14.00 -19.87
N PRO C 760 -43.49 -13.97 -20.20
CA PRO C 760 -44.45 -14.87 -19.58
C PRO C 760 -44.40 -16.13 -20.46
N ARG C 761 -44.84 -17.26 -19.93
CA ARG C 761 -44.76 -18.46 -20.72
C ARG C 761 -45.57 -18.32 -21.99
N GLY C 762 -44.93 -18.66 -23.12
CA GLY C 762 -45.59 -18.61 -24.40
C GLY C 762 -45.41 -17.31 -25.16
N VAL C 763 -44.67 -16.37 -24.58
CA VAL C 763 -44.42 -15.06 -25.23
C VAL C 763 -42.93 -14.81 -25.39
N VAL C 764 -42.54 -14.35 -26.58
CA VAL C 764 -41.14 -14.10 -26.89
C VAL C 764 -40.95 -12.68 -27.44
N PHE C 765 -39.83 -12.04 -27.11
CA PHE C 765 -39.60 -10.68 -27.58
C PHE C 765 -38.26 -10.49 -28.28
N VAL C 766 -38.24 -9.92 -29.49
CA VAL C 766 -36.97 -9.64 -30.18
C VAL C 766 -36.94 -8.22 -30.71
N PRO C 767 -35.90 -7.47 -30.34
CA PRO C 767 -35.75 -6.08 -30.79
C PRO C 767 -35.30 -6.10 -32.23
N TRP C 768 -35.67 -5.10 -33.00
CA TRP C 768 -35.34 -5.09 -34.44
C TRP C 768 -34.15 -4.29 -34.96
N PHE C 769 -33.32 -3.74 -34.06
CA PHE C 769 -32.18 -2.90 -34.46
C PHE C 769 -31.07 -3.50 -35.28
N ASP C 770 -31.01 -4.83 -35.27
CA ASP C 770 -29.98 -5.60 -35.97
C ASP C 770 -30.32 -6.01 -37.45
N ALA C 771 -29.61 -5.44 -38.44
CA ALA C 771 -29.85 -5.76 -39.84
C ALA C 771 -29.44 -7.21 -40.15
N SER C 772 -28.58 -7.79 -39.33
CA SER C 772 -28.24 -9.19 -39.55
C SER C 772 -29.50 -9.99 -39.19
N GLN C 773 -30.23 -9.52 -38.18
CA GLN C 773 -31.43 -10.22 -37.76
C GLN C 773 -32.74 -9.53 -38.12
N LEU C 774 -33.12 -9.58 -39.40
CA LEU C 774 -34.35 -8.93 -39.86
C LEU C 774 -35.61 -9.64 -39.36
N ILE C 775 -36.12 -9.26 -38.17
CA ILE C 775 -37.33 -9.90 -37.64
C ILE C 775 -38.53 -9.57 -38.50
N ASN C 776 -38.45 -8.43 -39.16
CA ASN C 776 -39.57 -8.05 -39.97
C ASN C 776 -39.86 -8.99 -41.14
N LYS C 777 -39.04 -10.01 -41.30
CA LYS C 777 -39.29 -11.02 -42.32
C LYS C 777 -40.36 -11.93 -41.67
N VAL C 778 -40.25 -12.10 -40.37
CA VAL C 778 -41.13 -12.96 -39.57
C VAL C 778 -42.50 -12.36 -39.29
N THR C 779 -42.55 -11.03 -39.26
CA THR C 779 -43.76 -10.25 -38.96
C THR C 779 -44.90 -10.26 -39.97
N LEU C 780 -46.14 -10.22 -39.47
CA LEU C 780 -47.33 -10.21 -40.32
C LEU C 780 -47.82 -8.79 -40.69
N ASP C 781 -48.08 -8.68 -41.97
CA ASP C 781 -48.57 -7.50 -42.68
C ASP C 781 -49.87 -6.84 -42.17
N ALA C 782 -50.48 -7.31 -41.10
CA ALA C 782 -51.77 -6.74 -40.68
C ALA C 782 -51.78 -5.32 -40.12
N ASN C 783 -52.85 -4.56 -40.37
CA ASN C 783 -52.97 -3.16 -39.89
C ASN C 783 -54.28 -2.91 -39.18
N ASP C 784 -54.41 -1.72 -38.59
CA ASP C 784 -55.67 -1.35 -37.99
C ASP C 784 -56.33 -0.80 -39.25
N PRO C 785 -57.36 -1.49 -39.76
CA PRO C 785 -58.09 -1.09 -40.96
C PRO C 785 -58.58 0.37 -41.12
N ILE C 786 -58.59 1.14 -40.03
CA ILE C 786 -59.00 2.56 -40.09
C ILE C 786 -57.78 3.47 -40.31
N SER C 787 -56.77 3.31 -39.46
CA SER C 787 -55.56 4.12 -39.51
C SER C 787 -54.54 3.56 -40.49
N ARG C 788 -54.62 2.24 -40.73
CA ARG C 788 -53.72 1.51 -41.63
C ARG C 788 -52.30 1.39 -41.06
N GLN C 789 -52.23 1.35 -39.73
CA GLN C 789 -50.94 1.22 -39.05
C GLN C 789 -50.69 -0.25 -38.83
N THR C 790 -49.64 -0.80 -39.45
CA THR C 790 -49.36 -2.22 -39.25
C THR C 790 -49.10 -2.55 -37.76
N ASP C 791 -49.36 -3.81 -37.39
CA ASP C 791 -49.25 -4.26 -36.01
C ASP C 791 -48.04 -5.15 -35.84
N PHE C 792 -47.01 -4.66 -35.16
CA PHE C 792 -45.81 -5.45 -34.98
C PHE C 792 -45.71 -6.12 -33.62
N LYS C 793 -46.71 -5.96 -32.77
CA LYS C 793 -46.62 -6.55 -31.42
C LYS C 793 -47.10 -7.97 -31.17
N LYS C 794 -47.67 -8.65 -32.16
CA LYS C 794 -48.11 -10.03 -31.97
C LYS C 794 -48.42 -10.81 -33.22
N CYS C 795 -47.96 -12.06 -33.21
CA CYS C 795 -48.14 -13.00 -34.32
C CYS C 795 -47.64 -14.32 -33.75
N ALA C 796 -48.00 -15.43 -34.40
CA ALA C 796 -47.57 -16.73 -33.91
C ALA C 796 -46.22 -17.12 -34.50
N VAL C 797 -45.36 -17.65 -33.66
CA VAL C 797 -44.02 -18.03 -34.07
C VAL C 797 -43.55 -19.31 -33.39
N LYS C 798 -42.74 -20.08 -34.11
CA LYS C 798 -42.20 -21.31 -33.55
C LYS C 798 -40.69 -21.18 -33.39
N ILE C 799 -40.13 -21.88 -32.38
CA ILE C 799 -38.68 -21.81 -32.09
C ILE C 799 -37.95 -23.17 -31.98
N GLU C 800 -36.90 -23.34 -32.78
CA GLU C 800 -36.09 -24.57 -32.79
C GLU C 800 -34.56 -24.27 -32.79
N ALA C 801 -33.70 -25.11 -32.40
N ASP D 2 -19.34 -10.62 -33.75
CA ASP D 2 -19.38 -9.57 -34.84
C ASP D 2 -19.60 -10.23 -36.23
N ALA D 3 -20.82 -10.05 -36.74
CA ALA D 3 -21.25 -10.67 -37.99
C ALA D 3 -21.78 -9.72 -39.08
N PRO D 4 -22.43 -10.26 -40.17
CA PRO D 4 -22.89 -9.40 -41.26
C PRO D 4 -23.33 -8.07 -40.82
N ARG D 5 -22.41 -7.13 -41.04
CA ARG D 5 -22.60 -5.74 -40.68
C ARG D 5 -24.07 -5.61 -40.33
N LEU D 6 -24.35 -5.69 -39.05
CA LEU D 6 -25.69 -5.53 -38.53
C LEU D 6 -26.03 -4.13 -39.09
N THR D 7 -25.04 -3.51 -39.74
CA THR D 7 -25.19 -2.21 -40.36
C THR D 7 -25.61 -2.32 -41.86
N GLY D 8 -25.05 -3.27 -42.62
CA GLY D 8 -25.38 -3.42 -44.05
C GLY D 8 -26.13 -4.67 -44.52
N ALA D 9 -26.10 -5.75 -43.73
CA ALA D 9 -26.78 -7.02 -44.04
C ALA D 9 -26.35 -7.64 -45.37
N ASP D 10 -25.62 -8.74 -45.31
CA ASP D 10 -25.15 -9.40 -46.53
C ASP D 10 -26.32 -9.80 -47.41
N ARG D 11 -26.15 -9.73 -48.75
CA ARG D 11 -27.21 -10.07 -49.73
C ARG D 11 -28.48 -10.32 -48.93
N PRO D 12 -29.08 -9.24 -48.39
CA PRO D 12 -30.27 -9.26 -47.54
C PRO D 12 -31.22 -10.43 -47.54
N MET D 13 -31.62 -10.79 -46.32
CA MET D 13 -32.58 -11.86 -46.09
C MET D 13 -32.15 -13.26 -46.45
N SER D 14 -30.91 -13.37 -46.92
CA SER D 14 -30.31 -14.61 -47.33
C SER D 14 -30.41 -15.75 -46.27
N GLU D 15 -29.89 -15.48 -45.08
CA GLU D 15 -29.85 -16.43 -43.95
C GLU D 15 -28.50 -16.15 -43.34
N VAL D 16 -28.52 -15.69 -42.09
CA VAL D 16 -27.29 -15.37 -41.40
C VAL D 16 -27.15 -16.07 -40.06
N ALA D 17 -25.91 -16.44 -39.76
CA ALA D 17 -25.63 -17.10 -38.51
C ALA D 17 -25.36 -16.00 -37.49
N ALA D 18 -25.92 -16.17 -36.30
CA ALA D 18 -25.78 -15.19 -35.24
C ALA D 18 -24.69 -15.55 -34.26
N PRO D 19 -23.64 -14.74 -34.19
CA PRO D 19 -22.51 -14.97 -33.30
C PRO D 19 -23.03 -15.17 -31.90
N PRO D 20 -22.22 -15.78 -31.03
CA PRO D 20 -22.65 -16.02 -29.65
C PRO D 20 -22.60 -14.75 -28.79
N LEU D 21 -23.51 -14.70 -27.81
CA LEU D 21 -23.58 -13.55 -26.91
C LEU D 21 -22.17 -13.15 -26.49
N PRO D 22 -21.88 -11.86 -26.54
CA PRO D 22 -20.56 -11.37 -26.14
C PRO D 22 -20.62 -11.29 -24.62
N GLU D 23 -19.47 -11.42 -23.98
CA GLU D 23 -19.51 -11.39 -22.53
C GLU D 23 -19.22 -10.03 -21.93
N THR D 24 -20.02 -9.72 -20.91
CA THR D 24 -19.92 -8.49 -20.18
C THR D 24 -18.53 -8.33 -19.60
N ILE D 25 -18.10 -7.09 -19.40
CA ILE D 25 -16.80 -6.82 -18.85
C ILE D 25 -16.96 -6.54 -17.38
N THR D 26 -16.50 -7.51 -16.59
CA THR D 26 -16.61 -7.48 -15.15
C THR D 26 -15.34 -6.97 -14.50
N ASP D 27 -14.28 -6.78 -15.28
CA ASP D 27 -12.99 -6.29 -14.78
C ASP D 27 -13.30 -4.90 -14.27
N ASP D 28 -13.27 -4.73 -12.95
CA ASP D 28 -13.65 -3.47 -12.30
C ASP D 28 -12.87 -2.18 -12.56
N ARG D 29 -12.37 -2.00 -13.78
CA ARG D 29 -11.59 -0.81 -14.13
C ARG D 29 -12.45 0.31 -14.73
N ARG D 30 -12.46 1.47 -14.09
CA ARG D 30 -13.21 2.63 -14.59
C ARG D 30 -12.65 2.97 -15.94
N VAL D 31 -13.44 3.53 -16.84
CA VAL D 31 -12.93 3.73 -18.18
C VAL D 31 -12.36 5.05 -18.63
N GLY D 32 -12.95 6.18 -18.26
CA GLY D 32 -12.34 7.43 -18.74
C GLY D 32 -13.08 8.03 -19.90
N ARG D 33 -13.57 9.25 -19.71
CA ARG D 33 -14.37 9.87 -20.73
C ARG D 33 -13.71 11.02 -21.42
N ASN D 34 -14.42 11.63 -22.38
CA ASN D 34 -13.91 12.72 -23.19
C ASN D 34 -14.45 14.10 -22.85
N TYR D 35 -15.67 14.15 -22.34
CA TYR D 35 -16.23 15.43 -21.98
C TYR D 35 -16.94 15.25 -20.65
N PRO D 36 -17.14 16.34 -19.90
CA PRO D 36 -17.83 16.21 -18.62
C PRO D 36 -19.15 15.65 -19.08
N GLU D 37 -20.12 15.45 -18.20
CA GLU D 37 -21.40 14.93 -18.70
C GLU D 37 -21.42 13.74 -19.67
N GLN D 38 -20.30 13.05 -19.90
CA GLN D 38 -20.37 11.88 -20.75
C GLN D 38 -20.59 10.79 -19.70
N PRO D 39 -21.77 10.15 -19.68
CA PRO D 39 -22.04 9.12 -18.69
C PRO D 39 -21.00 8.02 -18.57
N PRO D 40 -20.41 7.83 -17.37
CA PRO D 40 -19.41 6.79 -17.16
C PRO D 40 -20.06 5.47 -17.54
N VAL D 41 -19.24 4.52 -17.95
CA VAL D 41 -19.74 3.23 -18.36
C VAL D 41 -19.62 2.39 -17.11
N ILE D 42 -20.51 1.41 -16.92
CA ILE D 42 -20.40 0.57 -15.74
C ILE D 42 -19.33 -0.52 -15.91
N PRO D 43 -18.26 -0.43 -15.13
CA PRO D 43 -17.15 -1.38 -15.18
C PRO D 43 -17.39 -2.70 -14.48
N HIS D 44 -18.56 -2.89 -13.88
CA HIS D 44 -18.83 -4.11 -13.18
C HIS D 44 -20.12 -4.74 -13.66
N SER D 45 -20.56 -5.80 -12.98
CA SER D 45 -21.78 -6.45 -13.42
C SER D 45 -23.01 -5.79 -12.85
N ILE D 46 -24.14 -6.06 -13.49
CA ILE D 46 -25.42 -5.54 -13.06
C ILE D 46 -26.27 -6.71 -12.57
N GLU D 47 -26.40 -7.71 -13.44
CA GLU D 47 -27.19 -8.93 -13.20
C GLU D 47 -28.33 -8.91 -12.15
N GLY D 48 -28.00 -9.38 -10.94
CA GLY D 48 -28.99 -9.45 -9.88
C GLY D 48 -29.47 -8.14 -9.27
N TYR D 49 -28.83 -7.03 -9.65
CA TYR D 49 -29.17 -5.73 -9.10
C TYR D 49 -30.56 -5.25 -9.47
N GLN D 50 -31.34 -4.95 -8.45
CA GLN D 50 -32.71 -4.52 -8.67
C GLN D 50 -32.88 -3.02 -8.50
N LEU D 51 -33.64 -2.44 -9.42
CA LEU D 51 -33.99 -1.03 -9.38
C LEU D 51 -35.53 -1.02 -9.45
N SER D 52 -36.20 -0.77 -8.32
CA SER D 52 -37.65 -0.81 -8.28
C SER D 52 -38.20 0.22 -7.33
N VAL D 53 -39.51 0.14 -7.11
CA VAL D 53 -40.20 1.09 -6.23
C VAL D 53 -39.72 0.91 -4.81
N ASN D 54 -39.32 -0.32 -4.52
CA ASN D 54 -38.89 -0.64 -3.17
C ASN D 54 -37.40 -0.71 -2.92
N ALA D 55 -36.61 -0.81 -3.97
CA ALA D 55 -35.18 -0.90 -3.73
C ALA D 55 -34.35 -0.40 -4.88
N ASN D 56 -33.15 0.07 -4.57
CA ASN D 56 -32.19 0.54 -5.57
C ASN D 56 -30.83 0.00 -5.14
N ARG D 57 -30.42 -1.14 -5.68
CA ARG D 57 -29.17 -1.75 -5.30
C ARG D 57 -27.99 -0.80 -5.38
N CYS D 58 -27.98 0.04 -6.40
CA CYS D 58 -26.89 0.96 -6.65
C CYS D 58 -26.61 1.91 -5.53
N LEU D 59 -27.68 2.54 -5.07
CA LEU D 59 -27.53 3.51 -4.03
C LEU D 59 -26.96 2.95 -2.74
N GLU D 60 -26.70 1.64 -2.73
CA GLU D 60 -26.15 0.99 -1.55
C GLU D 60 -24.68 1.18 -1.53
N CYS D 61 -24.13 1.39 -2.70
CA CYS D 61 -22.70 1.56 -2.80
C CYS D 61 -22.40 2.92 -3.34
N HIS D 62 -23.28 3.49 -4.13
CA HIS D 62 -22.94 4.76 -4.68
C HIS D 62 -23.67 5.83 -3.90
N ARG D 63 -22.99 6.39 -2.91
CA ARG D 63 -23.61 7.41 -2.07
C ARG D 63 -22.51 8.31 -1.54
N ARG D 64 -22.87 9.34 -0.77
CA ARG D 64 -21.85 10.21 -0.18
C ARG D 64 -22.00 10.20 1.34
N GLN D 65 -20.92 10.17 2.09
CA GLN D 65 -21.12 10.17 3.54
C GLN D 65 -21.00 11.55 4.15
N TYR D 66 -21.87 11.83 5.11
CA TYR D 66 -21.84 13.10 5.79
C TYR D 66 -21.76 12.95 7.30
N SER D 67 -22.83 13.29 8.00
CA SER D 67 -22.84 13.28 9.46
C SER D 67 -21.46 13.39 10.08
N GLY D 68 -20.63 14.25 9.49
CA GLY D 68 -19.31 14.54 10.00
C GLY D 68 -18.17 13.65 9.59
N LEU D 69 -18.48 12.45 9.12
CA LEU D 69 -17.47 11.49 8.73
C LEU D 69 -16.95 11.68 7.31
N VAL D 70 -15.79 11.11 7.03
CA VAL D 70 -15.18 11.19 5.71
C VAL D 70 -14.95 9.82 5.07
N ALA D 71 -15.56 9.64 3.90
CA ALA D 71 -15.40 8.41 3.13
C ALA D 71 -15.25 8.88 1.69
N ALA D 72 -14.81 7.99 0.82
CA ALA D 72 -14.61 8.34 -0.58
C ALA D 72 -15.95 8.47 -1.27
N PRO D 73 -16.15 9.54 -2.04
CA PRO D 73 -17.39 9.81 -2.78
C PRO D 73 -17.67 8.80 -3.86
N MET D 74 -18.93 8.38 -3.98
CA MET D 74 -19.32 7.39 -4.97
C MET D 74 -20.38 7.79 -6.01
N ILE D 75 -20.86 9.04 -5.93
CA ILE D 75 -21.76 9.63 -6.93
C ILE D 75 -21.41 11.10 -6.83
N SER D 76 -21.55 11.80 -7.95
CA SER D 76 -21.30 13.24 -8.01
C SER D 76 -22.52 13.94 -7.48
N ILE D 77 -22.31 15.03 -6.78
CA ILE D 77 -23.41 15.73 -6.18
C ILE D 77 -24.43 16.31 -7.17
N THR D 78 -24.12 16.17 -8.46
CA THR D 78 -24.99 16.67 -9.47
C THR D 78 -26.17 15.76 -9.52
N HIS D 79 -26.02 14.60 -8.88
CA HIS D 79 -27.08 13.64 -8.87
C HIS D 79 -28.02 14.00 -7.73
N PHE D 80 -27.77 15.09 -7.04
CA PHE D 80 -28.63 15.53 -5.94
C PHE D 80 -29.57 16.68 -6.33
N GLN D 81 -29.37 17.26 -7.50
CA GLN D 81 -30.17 18.40 -7.90
C GLN D 81 -31.48 17.97 -8.50
N ASP D 82 -32.53 18.70 -8.18
CA ASP D 82 -33.87 18.41 -8.66
C ASP D 82 -34.13 19.29 -9.84
N ARG D 83 -35.20 19.00 -10.57
CA ARG D 83 -35.63 19.80 -11.70
C ARG D 83 -35.55 21.17 -11.04
N GLU D 84 -35.06 22.19 -11.71
CA GLU D 84 -34.92 23.51 -11.04
C GLU D 84 -33.53 23.68 -10.45
N GLY D 85 -32.69 22.66 -10.59
CA GLY D 85 -31.31 22.71 -10.13
C GLY D 85 -30.98 22.76 -8.67
N GLN D 86 -32.01 22.83 -7.84
CA GLN D 86 -31.80 22.90 -6.40
C GLN D 86 -31.10 21.67 -5.89
N MET D 87 -30.22 21.83 -4.92
CA MET D 87 -29.56 20.66 -4.40
C MET D 87 -30.16 20.13 -3.13
N LEU D 88 -30.83 19.00 -3.29
CA LEU D 88 -31.47 18.27 -2.22
C LEU D 88 -30.42 17.67 -1.30
N ALA D 89 -30.85 17.13 -0.18
CA ALA D 89 -29.90 16.57 0.78
C ALA D 89 -29.54 15.11 0.56
N ASP D 90 -29.72 14.63 -0.67
CA ASP D 90 -29.47 13.25 -1.03
C ASP D 90 -29.91 13.05 -2.49
N VAL D 91 -29.50 11.97 -3.11
CA VAL D 91 -29.82 11.74 -4.51
C VAL D 91 -31.27 12.00 -4.81
N SER D 92 -31.57 12.74 -5.89
CA SER D 92 -32.96 13.03 -6.16
C SER D 92 -33.60 11.90 -6.94
N PRO D 93 -34.93 11.74 -6.81
CA PRO D 93 -35.71 10.71 -7.48
C PRO D 93 -35.58 10.72 -8.97
N ARG D 94 -35.39 11.90 -9.58
CA ARG D 94 -35.16 11.91 -11.03
C ARG D 94 -33.74 11.42 -10.81
N ARG D 95 -33.24 10.50 -11.62
CA ARG D 95 -31.88 9.94 -11.40
C ARG D 95 -31.96 8.62 -10.66
N TYR D 96 -33.09 8.31 -10.07
CA TYR D 96 -33.23 7.06 -9.34
C TYR D 96 -32.94 5.88 -10.26
N PHE D 97 -33.60 5.79 -11.41
CA PHE D 97 -33.32 4.69 -12.32
C PHE D 97 -32.06 5.01 -13.09
N CYS D 98 -30.93 4.53 -12.60
CA CYS D 98 -29.62 4.76 -13.19
C CYS D 98 -29.42 4.05 -14.53
N THR D 99 -29.92 2.83 -14.61
CA THR D 99 -29.78 2.06 -15.83
C THR D 99 -30.23 2.84 -17.08
N ALA D 100 -30.84 4.01 -16.90
CA ALA D 100 -31.31 4.83 -17.99
C ALA D 100 -30.17 5.60 -18.63
N CYS D 101 -29.17 5.90 -17.83
CA CYS D 101 -28.03 6.66 -18.33
C CYS D 101 -26.74 5.90 -18.30
N HIS D 102 -26.55 5.05 -17.29
CA HIS D 102 -25.31 4.31 -17.22
C HIS D 102 -25.48 2.92 -17.81
N VAL D 103 -24.58 2.62 -18.70
CA VAL D 103 -24.60 1.38 -19.41
C VAL D 103 -23.35 0.53 -19.16
N PRO D 104 -23.50 -0.79 -18.99
CA PRO D 104 -22.34 -1.65 -18.78
C PRO D 104 -21.78 -1.97 -20.18
N GLN D 105 -20.67 -2.70 -20.28
CA GLN D 105 -20.14 -2.96 -21.60
C GLN D 105 -19.59 -4.34 -21.82
N THR D 106 -19.60 -4.79 -23.08
CA THR D 106 -19.12 -6.11 -23.45
C THR D 106 -17.90 -6.04 -24.33
N ASN D 107 -17.32 -7.20 -24.58
CA ASN D 107 -16.18 -7.30 -25.45
C ASN D 107 -16.83 -7.37 -26.83
N ALA D 108 -16.92 -6.26 -27.52
CA ALA D 108 -17.54 -6.33 -28.83
C ALA D 108 -16.77 -5.41 -29.72
N GLN D 109 -16.43 -5.90 -30.91
CA GLN D 109 -15.68 -5.07 -31.81
C GLN D 109 -16.63 -4.19 -32.60
N PRO D 110 -16.45 -2.87 -32.49
CA PRO D 110 -17.28 -1.92 -33.20
C PRO D 110 -17.19 -2.34 -34.67
N LEU D 111 -18.33 -2.39 -35.35
CA LEU D 111 -18.38 -2.79 -36.74
C LEU D 111 -17.80 -1.74 -37.66
N VAL D 112 -17.52 -0.56 -37.13
CA VAL D 112 -17.02 0.54 -37.93
C VAL D 112 -16.38 1.53 -36.97
N THR D 113 -15.23 2.11 -37.29
CA THR D 113 -14.63 3.07 -36.36
C THR D 113 -15.41 4.37 -36.35
N ASN D 114 -15.43 5.02 -35.19
CA ASN D 114 -16.14 6.28 -35.06
C ASN D 114 -15.12 7.41 -34.91
N GLU D 115 -15.10 8.34 -35.86
CA GLU D 115 -14.12 9.40 -35.83
C GLU D 115 -14.49 10.59 -35.00
N PHE D 116 -15.15 10.34 -33.87
CA PHE D 116 -15.52 11.43 -32.96
C PHE D 116 -14.22 11.95 -32.36
N ARG D 117 -14.03 13.26 -32.27
CA ARG D 117 -12.78 13.79 -31.74
C ARG D 117 -12.88 14.37 -30.33
N ASP D 118 -11.78 14.33 -29.59
CA ASP D 118 -11.70 14.84 -28.22
C ASP D 118 -11.61 16.38 -28.17
N MET D 119 -12.18 17.01 -27.14
CA MET D 119 -12.12 18.47 -27.05
C MET D 119 -10.72 19.04 -27.07
N LEU D 120 -9.79 18.53 -26.25
CA LEU D 120 -8.41 19.02 -26.27
C LEU D 120 -7.71 18.09 -27.23
N THR D 121 -6.89 18.59 -28.14
CA THR D 121 -6.21 17.69 -29.09
C THR D 121 -7.24 16.98 -29.96
N LEU D 122 -7.88 17.70 -30.88
CA LEU D 122 -8.92 17.12 -31.71
C LEU D 122 -8.51 15.83 -32.42
N MET D 123 -8.01 14.88 -31.63
CA MET D 123 -7.54 13.59 -32.07
C MET D 123 -8.71 12.63 -31.84
N PRO D 124 -8.93 11.67 -32.74
CA PRO D 124 -10.02 10.73 -32.54
C PRO D 124 -9.93 10.16 -31.14
N ALA D 125 -11.02 10.25 -30.38
CA ALA D 125 -11.09 9.78 -28.99
C ALA D 125 -10.66 8.35 -28.71
N SER D 126 -9.95 8.16 -27.61
CA SER D 126 -9.54 6.81 -27.21
C SER D 126 -9.55 6.80 -25.69
N ASN D 127 -10.32 5.86 -25.14
CA ASN D 127 -10.57 5.72 -23.71
C ASN D 127 -9.81 4.57 -23.02
N GLU D 128 -9.99 3.45 -23.52
N ILE E 12 -36.47 -9.25 11.36
CA ILE E 12 -37.21 -8.51 12.46
C ILE E 12 -37.93 -9.40 13.47
N ARG E 13 -38.72 -10.40 13.03
CA ARG E 13 -39.46 -11.27 13.97
C ARG E 13 -38.96 -12.71 14.03
N TRP E 14 -38.45 -13.07 15.20
CA TRP E 14 -37.91 -14.39 15.41
C TRP E 14 -38.86 -15.38 16.03
N SER E 15 -39.03 -16.51 15.34
CA SER E 15 -39.91 -17.57 15.77
C SER E 15 -39.16 -18.88 15.93
N LYS E 16 -39.61 -19.65 16.92
CA LYS E 16 -39.08 -20.96 17.31
C LYS E 16 -39.47 -22.03 16.29
N ALA E 17 -38.58 -22.96 15.95
CA ALA E 17 -38.92 -24.05 15.00
C ALA E 17 -37.84 -25.14 14.88
N PRO E 18 -38.22 -26.40 14.75
CA PRO E 18 -37.24 -27.48 14.65
C PRO E 18 -36.73 -27.70 13.23
N CYS E 19 -35.42 -27.99 13.07
CA CYS E 19 -34.81 -28.19 11.75
C CYS E 19 -35.62 -29.14 10.90
N ARG E 20 -35.85 -28.75 9.66
CA ARG E 20 -36.65 -29.56 8.77
C ARG E 20 -35.94 -30.79 8.21
N PHE E 21 -34.72 -31.04 8.65
CA PHE E 21 -33.97 -32.18 8.13
C PHE E 21 -33.77 -33.28 9.17
N CYS E 22 -32.50 -33.58 9.42
CA CYS E 22 -32.01 -34.54 10.39
C CYS E 22 -32.85 -34.95 11.60
N GLY E 23 -32.65 -36.18 12.07
CA GLY E 23 -33.38 -36.70 13.22
C GLY E 23 -32.80 -36.23 14.54
N THR E 24 -31.70 -35.48 14.46
CA THR E 24 -31.08 -34.92 15.65
C THR E 24 -32.15 -34.03 16.27
N GLY E 25 -32.69 -33.08 15.49
CA GLY E 25 -33.76 -32.23 15.94
C GLY E 25 -33.37 -30.90 16.56
N CYS E 26 -32.45 -30.18 15.95
CA CYS E 26 -31.98 -28.92 16.49
C CYS E 26 -33.02 -27.90 16.44
N GLY E 27 -32.93 -26.96 17.34
CA GLY E 27 -33.88 -25.88 17.35
C GLY E 27 -33.31 -24.74 16.54
N VAL E 28 -34.17 -24.17 15.71
CA VAL E 28 -33.81 -23.06 14.86
C VAL E 28 -34.72 -21.90 15.23
N MET E 29 -34.26 -20.69 14.98
CA MET E 29 -35.03 -19.50 15.23
C MET E 29 -35.13 -18.85 13.87
N VAL E 30 -36.33 -18.94 13.32
CA VAL E 30 -36.65 -18.44 12.01
C VAL E 30 -36.91 -16.94 12.03
N GLY E 31 -36.19 -16.24 11.17
CA GLY E 31 -36.32 -14.80 11.09
C GLY E 31 -37.30 -14.44 10.00
N THR E 32 -38.32 -13.69 10.37
CA THR E 32 -39.36 -13.37 9.44
C THR E 32 -39.61 -11.89 9.21
N ARG E 33 -39.78 -11.51 7.94
CA ARG E 33 -40.05 -10.13 7.57
C ARG E 33 -40.94 -10.05 6.34
N ASP E 34 -42.01 -9.28 6.40
CA ASP E 34 -42.93 -9.17 5.26
C ASP E 34 -43.38 -10.49 4.68
N GLY E 35 -43.80 -11.41 5.54
CA GLY E 35 -44.25 -12.72 5.07
C GLY E 35 -43.17 -13.55 4.41
N GLN E 36 -41.92 -13.23 4.73
CA GLN E 36 -40.77 -13.95 4.18
C GLN E 36 -39.82 -14.41 5.26
N VAL E 37 -39.15 -15.54 5.04
CA VAL E 37 -38.16 -16.03 5.99
C VAL E 37 -36.92 -15.35 5.46
N VAL E 38 -36.28 -14.49 6.27
CA VAL E 38 -35.10 -13.76 5.78
C VAL E 38 -33.83 -14.12 6.52
N ALA E 39 -33.97 -15.02 7.50
CA ALA E 39 -32.83 -15.47 8.29
C ALA E 39 -33.14 -16.76 9.05
N THR E 40 -32.11 -17.55 9.29
CA THR E 40 -32.23 -18.81 10.00
C THR E 40 -31.08 -18.99 10.98
N HIS E 41 -31.31 -18.77 12.28
CA HIS E 41 -30.24 -18.89 13.26
C HIS E 41 -30.39 -20.07 14.20
N GLY E 42 -29.37 -20.33 15.00
CA GLY E 42 -29.46 -21.44 15.93
C GLY E 42 -30.13 -21.01 17.22
N ASP E 43 -31.06 -21.83 17.71
CA ASP E 43 -31.80 -21.56 18.93
C ASP E 43 -31.01 -21.81 20.21
N THR E 44 -30.44 -20.78 20.82
CA THR E 44 -29.67 -20.98 22.03
C THR E 44 -30.45 -21.50 23.23
N GLN E 45 -31.78 -21.55 23.10
CA GLN E 45 -32.60 -22.01 24.20
C GLN E 45 -32.99 -23.46 24.03
N ALA E 46 -32.59 -24.06 22.92
CA ALA E 46 -32.93 -25.45 22.67
C ALA E 46 -31.91 -26.38 23.26
N GLU E 47 -32.35 -27.43 23.97
CA GLU E 47 -31.42 -28.39 24.60
C GLU E 47 -30.63 -29.19 23.62
N VAL E 48 -31.24 -29.56 22.51
CA VAL E 48 -30.52 -30.37 21.53
C VAL E 48 -29.21 -29.74 21.10
N ASN E 49 -29.29 -28.68 20.32
CA ASN E 49 -28.14 -27.99 19.77
C ASN E 49 -27.58 -26.83 20.58
N ARG E 50 -28.44 -26.01 21.13
CA ARG E 50 -27.97 -24.89 21.92
C ARG E 50 -27.24 -23.87 21.08
N GLY E 51 -27.96 -23.25 20.14
CA GLY E 51 -27.41 -22.24 19.25
C GLY E 51 -26.55 -22.67 18.08
N LEU E 52 -26.36 -23.98 17.89
CA LEU E 52 -25.53 -24.52 16.83
C LEU E 52 -26.33 -25.36 15.84
N ASN E 53 -26.08 -25.19 14.54
CA ASN E 53 -26.72 -25.96 13.47
C ASN E 53 -25.55 -26.41 12.59
N CYS E 54 -25.82 -27.04 11.45
CA CYS E 54 -24.78 -27.45 10.48
C CYS E 54 -25.06 -26.70 9.20
N VAL E 55 -24.34 -26.99 8.14
CA VAL E 55 -24.61 -26.22 6.95
C VAL E 55 -26.08 -26.19 6.58
N LYS E 56 -26.67 -27.37 6.43
CA LYS E 56 -28.06 -27.46 6.03
C LYS E 56 -28.98 -26.69 6.94
N GLY E 57 -28.64 -26.64 8.22
CA GLY E 57 -29.50 -25.96 9.17
C GLY E 57 -29.57 -24.47 8.93
N TYR E 58 -28.41 -23.83 8.90
CA TYR E 58 -28.32 -22.40 8.68
C TYR E 58 -28.96 -21.99 7.36
N PHE E 59 -28.98 -22.89 6.40
CA PHE E 59 -29.55 -22.58 5.12
C PHE E 59 -31.00 -23.01 5.00
N LEU E 60 -31.68 -23.17 6.13
CA LEU E 60 -33.07 -23.55 6.03
C LEU E 60 -33.80 -22.38 5.39
N SER E 61 -33.25 -21.19 5.56
CA SER E 61 -33.85 -19.98 5.04
C SER E 61 -34.11 -20.04 3.55
N LYS E 62 -33.29 -20.78 2.82
CA LYS E 62 -33.44 -20.85 1.37
C LYS E 62 -34.18 -22.05 0.80
N ILE E 63 -34.72 -22.90 1.64
CA ILE E 63 -35.38 -24.12 1.20
C ILE E 63 -36.74 -24.05 0.56
N MET E 64 -37.59 -23.15 1.01
CA MET E 64 -38.92 -23.06 0.46
C MET E 64 -38.94 -22.13 -0.74
N TYR E 65 -37.78 -21.67 -1.15
CA TYR E 65 -37.78 -20.65 -2.15
C TYR E 65 -37.26 -20.91 -3.53
N GLY E 66 -37.12 -22.17 -3.93
CA GLY E 66 -36.70 -22.42 -5.29
C GLY E 66 -37.79 -21.84 -6.20
N GLU E 67 -37.47 -21.43 -7.43
CA GLU E 67 -38.51 -20.85 -8.28
C GLU E 67 -39.52 -21.85 -8.85
N ASP E 68 -39.32 -23.14 -8.57
CA ASP E 68 -40.20 -24.22 -9.00
C ASP E 68 -41.44 -24.44 -8.16
N ARG E 69 -41.34 -24.16 -6.87
CA ARG E 69 -42.42 -24.40 -5.95
C ARG E 69 -43.73 -24.62 -6.72
N LEU E 70 -44.29 -25.82 -6.61
CA LEU E 70 -45.53 -26.18 -7.27
C LEU E 70 -46.59 -25.29 -6.69
N THR E 71 -47.40 -24.70 -7.56
CA THR E 71 -48.43 -23.78 -7.10
C THR E 71 -49.84 -24.16 -7.49
N THR E 72 -49.97 -25.12 -8.40
CA THR E 72 -51.28 -25.56 -8.88
C THR E 72 -51.32 -27.06 -9.04
N PRO E 73 -52.44 -27.70 -8.69
CA PRO E 73 -52.45 -29.14 -8.87
C PRO E 73 -52.25 -29.37 -10.37
N LEU E 74 -51.60 -30.46 -10.75
CA LEU E 74 -51.35 -30.78 -12.14
C LEU E 74 -51.82 -32.17 -12.54
N LEU E 75 -52.89 -32.23 -13.36
CA LEU E 75 -53.42 -33.53 -13.83
C LEU E 75 -52.89 -33.81 -15.22
N ARG E 76 -52.89 -35.07 -15.61
CA ARG E 76 -52.41 -35.45 -16.93
C ARG E 76 -53.53 -35.39 -17.95
N MET E 77 -53.74 -34.18 -18.41
CA MET E 77 -54.76 -33.75 -19.38
C MET E 77 -55.88 -33.01 -18.60
N LYS E 78 -55.93 -31.69 -18.80
CA LYS E 78 -56.92 -30.77 -18.23
C LYS E 78 -58.29 -31.21 -18.76
N ASP E 79 -58.48 -31.04 -20.08
CA ASP E 79 -59.69 -31.46 -20.78
C ASP E 79 -59.24 -32.38 -21.91
N GLY E 80 -60.14 -33.23 -22.33
CA GLY E 80 -59.78 -34.23 -23.31
C GLY E 80 -59.97 -35.43 -22.39
N VAL E 81 -60.20 -35.11 -21.10
CA VAL E 81 -60.47 -36.05 -20.02
C VAL E 81 -59.30 -36.20 -19.03
N TYR E 82 -58.41 -37.15 -19.29
CA TYR E 82 -57.26 -37.47 -18.45
C TYR E 82 -56.76 -38.78 -19.04
N HIS E 83 -55.50 -38.80 -19.41
CA HIS E 83 -54.94 -39.99 -20.02
C HIS E 83 -53.54 -40.27 -19.46
N LYS E 84 -53.35 -41.45 -18.90
CA LYS E 84 -52.05 -41.80 -18.39
C LYS E 84 -51.21 -41.98 -19.65
N GLU E 85 -50.29 -41.04 -19.87
CA GLU E 85 -49.42 -40.98 -21.06
C GLU E 85 -49.78 -39.62 -21.65
N GLY E 86 -50.37 -38.79 -20.79
CA GLY E 86 -50.78 -37.47 -21.19
C GLY E 86 -49.75 -36.36 -21.07
N GLU E 87 -50.25 -35.19 -20.70
CA GLU E 87 -49.46 -33.98 -20.55
C GLU E 87 -49.68 -33.66 -19.10
N PHE E 88 -49.29 -32.48 -18.66
CA PHE E 88 -49.56 -32.09 -17.29
C PHE E 88 -50.22 -30.73 -17.42
N ALA E 89 -51.38 -30.58 -16.82
CA ALA E 89 -52.09 -29.33 -16.94
C ALA E 89 -52.55 -28.79 -15.63
N PRO E 90 -52.62 -27.45 -15.52
CA PRO E 90 -53.08 -26.75 -14.32
C PRO E 90 -54.49 -27.23 -14.14
N VAL E 91 -55.01 -27.17 -12.93
CA VAL E 91 -56.35 -27.66 -12.74
C VAL E 91 -56.76 -27.25 -11.34
N SER E 92 -58.02 -26.86 -11.15
CA SER E 92 -58.46 -26.44 -9.83
C SER E 92 -58.36 -27.56 -8.78
N TRP E 93 -58.36 -27.17 -7.51
CA TRP E 93 -58.29 -28.16 -6.43
C TRP E 93 -59.50 -29.03 -6.58
N ASP E 94 -60.67 -28.41 -6.64
CA ASP E 94 -61.93 -29.13 -6.79
C ASP E 94 -61.82 -30.12 -7.93
N GLU E 95 -61.43 -29.65 -9.10
CA GLU E 95 -61.29 -30.52 -10.25
C GLU E 95 -60.38 -31.66 -9.89
N ALA E 96 -59.21 -31.32 -9.38
CA ALA E 96 -58.20 -32.30 -8.99
C ALA E 96 -58.78 -33.37 -8.07
N PHE E 97 -59.55 -32.95 -7.09
CA PHE E 97 -60.15 -33.92 -6.18
C PHE E 97 -61.28 -34.70 -6.84
N ASP E 98 -62.03 -34.06 -7.73
CA ASP E 98 -63.13 -34.71 -8.43
C ASP E 98 -62.61 -35.93 -9.13
N VAL E 99 -61.51 -35.78 -9.88
CA VAL E 99 -60.87 -36.86 -10.63
C VAL E 99 -60.24 -37.89 -9.73
N MET E 100 -59.54 -37.39 -8.74
CA MET E 100 -58.84 -38.23 -7.78
C MET E 100 -59.81 -39.03 -6.92
N ALA E 101 -61.02 -38.53 -6.75
CA ALA E 101 -61.98 -39.19 -5.92
C ALA E 101 -62.63 -40.29 -6.72
N ALA E 102 -62.91 -39.99 -7.98
CA ALA E 102 -63.56 -40.95 -8.85
C ALA E 102 -62.70 -42.18 -8.99
N GLN E 103 -61.42 -41.97 -9.27
CA GLN E 103 -60.52 -43.09 -9.44
C GLN E 103 -60.57 -43.95 -8.19
N ALA E 104 -60.57 -43.30 -7.02
CA ALA E 104 -60.61 -44.02 -5.76
C ALA E 104 -61.87 -44.89 -5.68
N LYS E 105 -63.02 -44.25 -5.65
CA LYS E 105 -64.31 -44.96 -5.58
C LYS E 105 -64.38 -46.20 -6.47
N LEU E 106 -63.89 -46.08 -7.70
CA LEU E 106 -63.88 -47.21 -8.63
C LEU E 106 -63.09 -48.38 -8.03
N VAL E 107 -61.77 -48.17 -7.91
CA VAL E 107 -60.84 -49.16 -7.36
C VAL E 107 -61.41 -49.75 -6.07
N LEU E 108 -62.05 -48.89 -5.31
CA LEU E 108 -62.66 -49.23 -4.05
C LEU E 108 -63.96 -49.99 -4.27
N LYS E 109 -64.11 -50.59 -5.45
CA LYS E 109 -65.31 -51.36 -5.80
C LYS E 109 -65.01 -52.56 -6.69
N GLU E 110 -63.86 -52.54 -7.33
CA GLU E 110 -63.47 -53.62 -8.20
C GLU E 110 -62.56 -54.57 -7.45
N LYS E 111 -61.74 -54.01 -6.57
CA LYS E 111 -60.81 -54.82 -5.79
C LYS E 111 -60.87 -54.43 -4.33
N ALA E 112 -61.47 -53.27 -4.05
CA ALA E 112 -61.65 -52.80 -2.67
C ALA E 112 -60.40 -52.30 -1.90
N PRO E 113 -60.51 -52.10 -0.56
CA PRO E 113 -59.37 -51.60 0.23
C PRO E 113 -57.97 -52.13 -0.05
N GLU E 114 -57.82 -53.45 -0.14
CA GLU E 114 -56.50 -54.01 -0.39
C GLU E 114 -55.92 -53.59 -1.75
N ALA E 115 -56.54 -52.57 -2.36
CA ALA E 115 -56.10 -52.04 -3.66
C ALA E 115 -55.78 -50.54 -3.64
N VAL E 116 -56.20 -49.85 -2.57
CA VAL E 116 -55.86 -48.44 -2.39
C VAL E 116 -54.62 -48.50 -1.48
N GLY E 117 -53.67 -47.58 -1.68
CA GLY E 117 -52.47 -47.58 -0.85
C GLY E 117 -51.81 -46.21 -0.67
N MET E 118 -51.30 -45.96 0.54
CA MET E 118 -50.62 -44.69 0.82
C MET E 118 -49.16 -44.90 1.21
N PHE E 119 -48.33 -43.92 0.87
CA PHE E 119 -46.93 -44.00 1.21
C PHE E 119 -46.52 -42.68 1.87
N GLY E 120 -46.52 -42.65 3.20
CA GLY E 120 -46.18 -41.46 3.97
C GLY E 120 -44.71 -41.33 4.34
N SER E 121 -44.40 -40.43 5.29
CA SER E 121 -43.01 -40.25 5.66
C SER E 121 -42.76 -39.76 7.04
N GLY E 122 -41.54 -39.99 7.49
CA GLY E 122 -41.15 -39.52 8.80
C GLY E 122 -40.89 -38.02 8.72
N GLN E 123 -41.37 -37.41 7.63
CA GLN E 123 -41.21 -35.99 7.38
C GLN E 123 -42.61 -35.36 7.46
N TRP E 124 -43.61 -36.21 7.68
CA TRP E 124 -44.98 -35.78 7.85
C TRP E 124 -45.03 -35.20 9.28
N THR E 125 -45.95 -34.27 9.51
CA THR E 125 -46.12 -33.74 10.85
C THR E 125 -46.88 -34.78 11.67
N ILE E 126 -46.75 -34.72 13.00
CA ILE E 126 -47.42 -35.67 13.87
C ILE E 126 -48.87 -35.77 13.49
N TRP E 127 -49.56 -34.65 13.34
CA TRP E 127 -50.95 -34.72 12.95
C TRP E 127 -51.21 -35.03 11.51
N GLU E 128 -50.19 -35.04 10.67
CA GLU E 128 -50.42 -35.38 9.25
C GLU E 128 -50.43 -36.92 9.12
N GLY E 129 -49.59 -37.57 9.92
CA GLY E 129 -49.53 -39.02 9.90
C GLY E 129 -50.70 -39.57 10.66
N TYR E 130 -51.26 -38.76 11.53
CA TYR E 130 -52.39 -39.22 12.30
C TYR E 130 -53.61 -39.12 11.41
N ALA E 131 -53.78 -37.97 10.78
CA ALA E 131 -54.94 -37.76 9.89
C ALA E 131 -54.88 -38.81 8.79
N ALA E 132 -53.67 -39.19 8.40
CA ALA E 132 -53.51 -40.20 7.37
C ALA E 132 -53.93 -41.58 7.88
N SER E 133 -53.39 -42.00 9.03
CA SER E 133 -53.74 -43.31 9.58
C SER E 133 -55.26 -43.42 9.69
N LYS E 134 -55.86 -42.40 10.26
CA LYS E 134 -57.29 -42.38 10.42
C LYS E 134 -58.01 -42.55 9.09
N LEU E 135 -57.67 -41.69 8.12
CA LEU E 135 -58.30 -41.70 6.79
C LEU E 135 -58.16 -43.01 6.04
N MET E 136 -56.97 -43.62 6.10
CA MET E 136 -56.77 -44.87 5.42
C MET E 136 -57.49 -46.01 6.08
N ARG E 137 -57.54 -46.02 7.41
CA ARG E 137 -58.15 -47.14 8.09
C ARG E 137 -59.59 -46.97 8.49
N ALA E 138 -59.87 -45.99 9.35
CA ALA E 138 -61.25 -45.76 9.80
C ALA E 138 -62.05 -45.35 8.60
N GLY E 139 -61.38 -44.71 7.64
CA GLY E 139 -62.07 -44.24 6.46
C GLY E 139 -62.21 -45.26 5.36
N PHE E 140 -61.21 -45.33 4.48
CA PHE E 140 -61.24 -46.28 3.38
C PHE E 140 -61.11 -47.73 3.85
N ARG E 141 -60.96 -47.95 5.15
CA ARG E 141 -60.83 -49.30 5.67
C ARG E 141 -59.72 -50.12 5.02
N SER E 142 -58.53 -49.52 4.90
CA SER E 142 -57.35 -50.16 4.32
C SER E 142 -56.09 -49.93 5.19
N ASN E 143 -55.36 -50.99 5.50
CA ASN E 143 -54.15 -50.88 6.30
C ASN E 143 -52.94 -50.86 5.36
N ASN E 144 -53.16 -50.41 4.14
CA ASN E 144 -52.12 -50.36 3.14
C ASN E 144 -51.39 -49.06 3.21
N LEU E 145 -51.16 -48.60 4.43
CA LEU E 145 -50.44 -47.36 4.68
C LEU E 145 -49.05 -47.64 5.22
N ASP E 146 -48.03 -47.31 4.45
CA ASP E 146 -46.67 -47.51 4.88
C ASP E 146 -45.81 -46.27 4.63
N PRO E 147 -44.75 -46.06 5.43
CA PRO E 147 -43.91 -44.89 5.25
C PRO E 147 -42.58 -45.19 4.64
N ASN E 148 -41.85 -44.11 4.38
CA ASN E 148 -40.52 -44.18 3.84
C ASN E 148 -39.63 -44.64 4.96
N ALA E 149 -40.13 -44.58 6.18
CA ALA E 149 -39.37 -44.99 7.37
C ALA E 149 -39.10 -46.48 7.33
N ARG E 150 -39.82 -47.16 6.44
CA ARG E 150 -39.64 -48.59 6.26
C ARG E 150 -38.26 -48.84 5.73
N HIS E 151 -37.73 -47.91 4.95
CA HIS E 151 -36.39 -48.03 4.38
C HIS E 151 -35.39 -47.60 5.45
N CYS E 152 -35.89 -46.89 6.47
CA CYS E 152 -35.04 -46.31 7.52
C CYS E 152 -34.96 -46.91 8.94
N MET E 153 -36.07 -46.87 9.69
CA MET E 153 -36.09 -47.31 11.09
C MET E 153 -36.75 -48.63 11.38
N ALA E 154 -37.33 -49.25 10.37
CA ALA E 154 -38.01 -50.51 10.60
C ALA E 154 -37.20 -51.52 11.39
N SER E 155 -35.99 -51.81 10.93
CA SER E 155 -35.16 -52.76 11.65
C SER E 155 -35.05 -52.40 13.12
N ALA E 156 -34.68 -51.15 13.43
CA ALA E 156 -34.51 -50.71 14.82
C ALA E 156 -35.75 -50.84 15.65
N ALA E 157 -36.86 -50.37 15.09
CA ALA E 157 -38.15 -50.43 15.76
C ALA E 157 -38.54 -51.88 15.99
N THR E 158 -38.35 -52.72 14.98
CA THR E 158 -38.66 -54.13 15.09
C THR E 158 -37.90 -54.76 16.25
N ALA E 159 -36.59 -54.58 16.29
CA ALA E 159 -35.81 -55.15 17.39
C ALA E 159 -36.22 -54.61 18.74
N PHE E 160 -36.64 -53.34 18.76
CA PHE E 160 -37.08 -52.68 19.99
C PHE E 160 -38.17 -53.47 20.65
N MET E 161 -39.23 -53.75 19.88
CA MET E 161 -40.36 -54.50 20.36
C MET E 161 -39.90 -55.83 20.82
N ARG E 162 -39.23 -56.57 19.94
CA ARG E 162 -38.72 -57.90 20.33
C ARG E 162 -37.87 -57.88 21.61
N THR E 163 -36.82 -57.05 21.71
CA THR E 163 -36.03 -57.08 22.94
C THR E 163 -36.62 -56.33 24.13
N PHE E 164 -37.31 -55.20 23.90
CA PHE E 164 -37.85 -54.44 25.02
C PHE E 164 -39.35 -54.36 25.09
N GLY E 165 -40.02 -54.81 24.04
CA GLY E 165 -41.47 -54.79 24.03
C GLY E 165 -42.08 -53.42 23.89
N MET E 166 -41.24 -52.44 23.60
CA MET E 166 -41.66 -51.05 23.45
C MET E 166 -40.64 -50.30 22.58
N ASP E 167 -41.12 -49.41 21.73
CA ASP E 167 -40.26 -48.69 20.81
C ASP E 167 -39.48 -47.48 21.36
N GLU E 168 -38.57 -46.94 20.54
CA GLU E 168 -37.71 -45.79 20.86
C GLU E 168 -36.78 -46.10 22.01
N PRO E 169 -35.62 -45.41 22.03
CA PRO E 169 -34.56 -45.56 23.03
C PRO E 169 -34.93 -45.34 24.47
N MET E 170 -34.08 -45.82 25.35
CA MET E 170 -34.27 -45.67 26.78
C MET E 170 -33.30 -44.59 27.27
N GLY E 171 -32.41 -44.17 26.40
CA GLY E 171 -31.45 -43.15 26.77
C GLY E 171 -31.84 -41.84 26.11
N CYS E 172 -30.91 -40.89 26.09
CA CYS E 172 -31.17 -39.58 25.48
C CYS E 172 -29.84 -38.93 25.24
N TYR E 173 -29.86 -37.81 24.49
CA TYR E 173 -28.64 -37.06 24.13
C TYR E 173 -27.81 -36.68 25.33
N ASP E 174 -28.45 -36.59 26.50
CA ASP E 174 -27.76 -36.30 27.73
C ASP E 174 -26.61 -37.31 27.94
N ASP E 175 -26.65 -38.44 27.24
CA ASP E 175 -25.62 -39.44 27.40
C ASP E 175 -24.31 -38.97 26.79
N PHE E 176 -24.39 -38.18 25.74
CA PHE E 176 -23.19 -37.67 25.09
C PHE E 176 -22.20 -37.02 26.02
N GLU E 177 -22.72 -36.35 27.05
CA GLU E 177 -21.90 -35.68 28.02
C GLU E 177 -21.45 -36.56 29.16
N ALA E 178 -22.17 -37.66 29.35
CA ALA E 178 -21.89 -38.58 30.43
C ALA E 178 -21.05 -39.79 30.07
N ALA E 179 -21.10 -40.20 28.80
CA ALA E 179 -20.37 -41.37 28.34
C ALA E 179 -18.90 -41.38 28.67
N ASP E 180 -18.32 -42.58 28.67
CA ASP E 180 -16.92 -42.79 28.98
C ASP E 180 -16.21 -43.22 27.74
N ALA E 181 -16.99 -43.57 26.74
CA ALA E 181 -16.42 -43.95 25.46
C ALA E 181 -17.49 -44.40 24.48
N PHE E 182 -17.32 -43.94 23.24
CA PHE E 182 -18.29 -44.12 22.17
C PHE E 182 -17.99 -45.14 21.10
N VAL E 183 -18.95 -46.01 20.78
CA VAL E 183 -18.75 -46.94 19.69
C VAL E 183 -19.76 -46.65 18.59
N LEU E 184 -19.25 -46.32 17.41
CA LEU E 184 -20.08 -45.96 16.26
C LEU E 184 -20.20 -47.10 15.27
N TRP E 185 -21.28 -47.87 15.31
CA TRP E 185 -21.39 -49.04 14.44
C TRP E 185 -21.76 -48.73 12.99
N GLY E 186 -20.80 -48.21 12.23
CA GLY E 186 -21.05 -47.89 10.83
C GLY E 186 -21.79 -46.60 10.62
N SER E 187 -21.81 -45.77 11.64
CA SER E 187 -22.50 -44.50 11.56
C SER E 187 -21.53 -43.49 10.98
N ASN E 188 -22.04 -42.36 10.52
CA ASN E 188 -21.20 -41.32 9.98
C ASN E 188 -21.76 -40.03 10.51
N MET E 189 -21.86 -39.96 11.83
CA MET E 189 -22.41 -38.81 12.47
C MET E 189 -21.77 -37.52 11.99
N ALA E 190 -20.48 -37.53 11.74
CA ALA E 190 -19.77 -36.35 11.29
C ALA E 190 -20.48 -35.58 10.20
N GLU E 191 -21.16 -36.31 9.33
CA GLU E 191 -21.87 -35.71 8.22
C GLU E 191 -23.37 -35.86 8.31
N MET E 192 -23.86 -36.87 9.03
CA MET E 192 -25.30 -37.10 9.07
C MET E 192 -26.01 -36.69 10.33
N HIS E 193 -25.28 -36.48 11.41
CA HIS E 193 -25.84 -36.02 12.68
C HIS E 193 -24.73 -35.11 13.25
N PRO E 194 -24.39 -34.06 12.53
CA PRO E 194 -23.33 -33.17 12.95
C PRO E 194 -23.41 -32.62 14.34
N ILE E 195 -24.53 -32.07 14.72
CA ILE E 195 -24.59 -31.48 16.04
C ILE E 195 -24.49 -32.51 17.12
N LEU E 196 -24.78 -33.76 16.80
CA LEU E 196 -24.64 -34.81 17.81
C LEU E 196 -23.16 -35.14 17.83
N TRP E 197 -22.55 -35.16 16.66
CA TRP E 197 -21.14 -35.44 16.53
C TRP E 197 -20.36 -34.33 17.20
N SER E 198 -20.91 -33.12 17.15
CA SER E 198 -20.26 -31.98 17.78
C SER E 198 -20.35 -32.22 19.25
N ARG E 199 -21.49 -32.72 19.71
CA ARG E 199 -21.67 -32.97 21.12
C ARG E 199 -20.75 -34.05 21.63
N LEU E 200 -20.47 -35.05 20.78
CA LEU E 200 -19.59 -36.19 21.12
C LEU E 200 -18.13 -35.80 21.05
N THR E 201 -17.81 -34.98 20.08
CA THR E 201 -16.48 -34.47 19.95
C THR E 201 -16.13 -33.59 21.12
N ASP E 202 -17.06 -32.77 21.59
CA ASP E 202 -16.79 -31.88 22.72
C ASP E 202 -16.40 -32.71 23.94
N ARG E 203 -17.15 -33.79 24.15
CA ARG E 203 -16.91 -34.71 25.24
C ARG E 203 -15.56 -35.40 25.11
N ARG E 204 -15.26 -35.92 23.92
CA ARG E 204 -13.99 -36.60 23.68
C ARG E 204 -12.77 -35.70 23.85
N LEU E 205 -12.79 -34.57 23.18
CA LEU E 205 -11.69 -33.63 23.23
C LEU E 205 -11.54 -32.89 24.56
N SER E 206 -12.65 -32.71 25.29
CA SER E 206 -12.63 -32.00 26.57
C SER E 206 -12.15 -32.86 27.73
N HIS E 207 -12.40 -34.16 27.65
CA HIS E 207 -11.97 -35.10 28.68
C HIS E 207 -11.15 -36.19 28.02
N GLU E 208 -9.84 -36.06 28.09
CA GLU E 208 -8.95 -37.00 27.42
C GLU E 208 -8.98 -38.46 27.88
N HIS E 209 -9.75 -38.76 28.90
CA HIS E 209 -9.80 -40.15 29.33
C HIS E 209 -10.76 -40.88 28.44
N VAL E 210 -11.63 -40.14 27.78
CA VAL E 210 -12.67 -40.71 26.91
C VAL E 210 -12.11 -41.34 25.65
N ARG E 211 -12.71 -42.45 25.20
CA ARG E 211 -12.23 -43.11 23.98
C ARG E 211 -13.33 -43.35 22.93
N VAL E 212 -13.04 -43.02 21.68
CA VAL E 212 -14.00 -43.20 20.60
C VAL E 212 -13.59 -44.32 19.66
N ALA E 213 -14.51 -45.20 19.30
CA ALA E 213 -14.17 -46.26 18.38
C ALA E 213 -15.21 -46.16 17.29
N VAL E 214 -14.75 -46.02 16.06
CA VAL E 214 -15.68 -45.93 14.95
C VAL E 214 -15.41 -47.10 14.08
N LEU E 215 -16.45 -47.83 13.69
CA LEU E 215 -16.34 -48.94 12.77
C LEU E 215 -17.02 -48.56 11.45
N SER E 216 -16.42 -48.92 10.33
CA SER E 216 -17.03 -48.59 9.06
C SER E 216 -16.63 -49.50 7.89
N THR E 217 -17.42 -49.41 6.82
CA THR E 217 -17.16 -50.14 5.59
C THR E 217 -16.05 -49.42 4.82
N PHE E 218 -16.01 -48.09 4.94
CA PHE E 218 -14.95 -47.29 4.31
C PHE E 218 -14.51 -46.20 5.26
N THR E 219 -13.38 -45.54 4.98
CA THR E 219 -12.89 -44.45 5.84
C THR E 219 -13.53 -43.12 5.49
N HIS E 220 -14.26 -42.50 6.42
CA HIS E 220 -14.92 -41.23 6.14
C HIS E 220 -14.59 -40.23 7.21
N ARG E 221 -15.20 -39.05 7.11
CA ARG E 221 -14.96 -37.99 8.09
C ARG E 221 -15.18 -38.41 9.53
N SER E 222 -15.95 -39.46 9.78
CA SER E 222 -16.18 -39.85 11.16
C SER E 222 -15.01 -40.61 11.74
N SER E 223 -14.35 -41.52 10.99
CA SER E 223 -13.27 -42.21 11.68
C SER E 223 -12.03 -41.34 11.74
N ASP E 224 -12.27 -40.04 11.71
CA ASP E 224 -11.20 -39.06 11.85
C ASP E 224 -11.03 -38.64 13.29
N LEU E 225 -11.98 -39.00 14.15
CA LEU E 225 -11.92 -38.64 15.56
C LEU E 225 -11.66 -39.89 16.36
N SER E 226 -11.52 -41.01 15.67
CA SER E 226 -11.37 -42.28 16.35
C SER E 226 -10.04 -42.66 16.94
N ASP E 227 -10.13 -43.33 18.07
CA ASP E 227 -8.98 -43.84 18.78
C ASP E 227 -8.85 -45.33 18.41
N THR E 228 -9.96 -45.94 18.04
CA THR E 228 -9.97 -47.34 17.66
C THR E 228 -10.66 -47.38 16.32
N PRO E 229 -9.91 -47.16 15.25
CA PRO E 229 -10.42 -47.16 13.88
C PRO E 229 -10.46 -48.53 13.22
N ILE E 230 -11.66 -49.04 13.03
CA ILE E 230 -11.91 -50.36 12.47
C ILE E 230 -12.68 -50.32 11.14
N ILE E 231 -12.11 -50.96 10.14
CA ILE E 231 -12.79 -51.04 8.86
C ILE E 231 -13.01 -52.51 8.57
N PHE E 232 -14.27 -52.93 8.65
CA PHE E 232 -14.63 -54.33 8.43
C PHE E 232 -15.22 -54.62 7.07
N ARG E 233 -15.57 -55.88 6.83
CA ARG E 233 -16.12 -56.28 5.55
C ARG E 233 -17.61 -56.09 5.58
N PRO E 234 -18.20 -55.61 4.48
CA PRO E 234 -19.63 -55.39 4.39
C PRO E 234 -20.40 -56.61 4.92
N GLY E 235 -21.23 -56.38 5.92
CA GLY E 235 -22.06 -57.44 6.48
C GLY E 235 -21.44 -58.25 7.60
N THR E 236 -20.12 -58.15 7.75
CA THR E 236 -19.44 -58.91 8.78
C THR E 236 -19.52 -58.32 10.17
N ASP E 237 -20.26 -57.23 10.33
CA ASP E 237 -20.38 -56.62 11.65
C ASP E 237 -21.02 -57.62 12.60
N ARG E 238 -21.91 -58.46 12.04
CA ARG E 238 -22.60 -59.50 12.79
C ARG E 238 -21.62 -60.35 13.62
N ALA E 239 -20.54 -60.79 12.98
CA ALA E 239 -19.53 -61.63 13.60
C ALA E 239 -18.85 -60.87 14.71
N ILE E 240 -18.39 -59.67 14.40
CA ILE E 240 -17.73 -58.87 15.41
C ILE E 240 -18.58 -58.73 16.66
N LEU E 241 -19.86 -58.42 16.50
CA LEU E 241 -20.75 -58.26 17.63
C LEU E 241 -20.76 -59.48 18.54
N ASN E 242 -20.79 -60.66 17.93
CA ASN E 242 -20.81 -61.89 18.71
C ASN E 242 -19.49 -62.07 19.41
N TYR E 243 -18.38 -61.82 18.71
CA TYR E 243 -17.10 -61.94 19.38
C TYR E 243 -17.09 -61.18 20.69
N ILE E 244 -17.51 -59.92 20.66
CA ILE E 244 -17.54 -59.08 21.86
C ILE E 244 -18.37 -59.74 22.96
N ALA E 245 -19.48 -60.35 22.57
CA ALA E 245 -20.33 -61.03 23.54
C ALA E 245 -19.51 -62.17 24.14
N HIS E 246 -18.90 -62.95 23.27
CA HIS E 246 -18.06 -64.06 23.70
C HIS E 246 -17.00 -63.54 24.65
N HIS E 247 -16.35 -62.45 24.28
CA HIS E 247 -15.29 -61.89 25.09
C HIS E 247 -15.80 -61.44 26.46
N ILE E 248 -17.00 -60.90 26.51
CA ILE E 248 -17.51 -60.45 27.78
C ILE E 248 -17.66 -61.68 28.66
N ILE E 249 -18.22 -62.72 28.06
CA ILE E 249 -18.47 -63.99 28.74
C ILE E 249 -17.20 -64.75 29.16
N SER E 250 -16.26 -64.90 28.23
CA SER E 250 -14.99 -65.61 28.46
C SER E 250 -14.14 -65.03 29.56
N THR E 251 -14.09 -63.71 29.64
CA THR E 251 -13.30 -63.05 30.66
C THR E 251 -14.07 -62.92 31.98
N GLY E 252 -15.26 -63.52 32.02
CA GLY E 252 -16.08 -63.51 33.23
C GLY E 252 -16.47 -62.16 33.73
N ARG E 253 -16.92 -61.32 32.82
CA ARG E 253 -17.31 -59.97 33.20
C ARG E 253 -18.76 -59.68 32.87
N VAL E 254 -19.61 -60.66 33.09
CA VAL E 254 -21.03 -60.50 32.85
C VAL E 254 -21.57 -59.85 34.12
N ASN E 255 -22.65 -59.10 34.02
CA ASN E 255 -23.20 -58.51 35.22
C ASN E 255 -24.30 -59.46 35.64
N ARG E 256 -23.91 -60.45 36.44
CA ARG E 256 -24.85 -61.46 36.88
C ARG E 256 -26.08 -60.91 37.56
N ASP E 257 -25.92 -60.10 38.59
CA ASP E 257 -27.07 -59.54 39.29
C ASP E 257 -28.06 -58.93 38.32
N PHE E 258 -27.57 -58.39 37.21
CA PHE E 258 -28.43 -57.76 36.19
C PHE E 258 -29.02 -58.79 35.23
N VAL E 259 -28.16 -59.64 34.70
CA VAL E 259 -28.61 -60.65 33.75
C VAL E 259 -29.58 -61.61 34.41
N ASP E 260 -29.30 -62.01 35.64
CA ASP E 260 -30.18 -62.93 36.36
C ASP E 260 -31.52 -62.31 36.67
N ARG E 261 -31.48 -61.05 37.10
CA ARG E 261 -32.67 -60.32 37.49
C ARG E 261 -33.45 -59.59 36.39
N HIS E 262 -32.80 -59.20 35.31
CA HIS E 262 -33.50 -58.46 34.27
C HIS E 262 -33.42 -58.99 32.83
N THR E 263 -33.06 -60.26 32.66
CA THR E 263 -32.88 -60.82 31.34
C THR E 263 -33.46 -62.21 31.04
N ASN E 264 -33.73 -62.48 29.77
CA ASN E 264 -34.19 -63.78 29.31
C ASN E 264 -33.33 -64.02 28.09
N PHE E 265 -33.30 -65.24 27.58
CA PHE E 265 -32.52 -65.51 26.37
C PHE E 265 -33.42 -66.11 25.32
N ALA E 266 -32.90 -66.30 24.13
CA ALA E 266 -33.69 -66.84 23.05
C ALA E 266 -32.82 -67.08 21.84
N LEU E 267 -33.31 -67.85 20.89
CA LEU E 267 -32.53 -68.15 19.71
C LEU E 267 -33.32 -67.72 18.51
N GLY E 268 -32.66 -67.14 17.51
CA GLY E 268 -33.41 -66.72 16.34
C GLY E 268 -33.42 -67.73 15.23
N ALA E 269 -34.45 -67.70 14.39
CA ALA E 269 -34.55 -68.62 13.26
C ALA E 269 -33.34 -68.35 12.37
N THR E 270 -32.64 -69.41 11.95
CA THR E 270 -31.41 -69.22 11.20
C THR E 270 -31.32 -69.22 9.66
N ASP E 271 -32.16 -69.93 8.92
CA ASP E 271 -31.95 -69.86 7.48
C ASP E 271 -32.93 -68.91 6.85
N ILE E 272 -33.20 -67.83 7.57
CA ILE E 272 -34.06 -66.73 7.15
C ILE E 272 -33.69 -66.36 5.70
N GLY E 273 -34.55 -65.67 4.95
CA GLY E 273 -34.14 -65.43 3.59
C GLY E 273 -34.34 -64.14 2.86
N TYR E 274 -33.28 -63.34 2.79
CA TYR E 274 -33.26 -62.07 2.07
C TYR E 274 -34.56 -61.55 1.41
N GLY E 275 -35.51 -61.11 2.24
CA GLY E 275 -36.80 -60.62 1.79
C GLY E 275 -37.09 -60.24 0.36
N LEU E 276 -37.09 -61.21 -0.55
CA LEU E 276 -37.37 -60.98 -1.97
C LEU E 276 -38.71 -61.57 -2.34
N ARG E 277 -38.89 -61.83 -3.62
CA ARG E 277 -40.11 -62.44 -4.09
C ARG E 277 -39.94 -63.93 -4.02
N PRO E 278 -41.02 -64.67 -3.70
CA PRO E 278 -40.87 -66.14 -3.68
C PRO E 278 -40.71 -66.31 -5.19
N GLU E 279 -39.72 -67.08 -5.62
CA GLU E 279 -39.45 -67.26 -7.06
C GLU E 279 -37.96 -67.06 -7.19
N HIS E 280 -37.46 -66.06 -6.50
CA HIS E 280 -36.04 -65.79 -6.53
C HIS E 280 -35.41 -66.96 -5.80
N GLN E 281 -34.26 -67.41 -6.28
CA GLN E 281 -33.61 -68.55 -5.70
C GLN E 281 -33.38 -68.48 -4.20
N LEU E 282 -32.72 -67.42 -3.76
CA LEU E 282 -32.40 -67.23 -2.36
C LEU E 282 -33.51 -67.55 -1.37
N GLN E 283 -34.75 -67.41 -1.82
CA GLN E 283 -35.88 -67.71 -0.97
C GLN E 283 -36.27 -69.18 -0.98
N LEU E 284 -36.18 -69.78 -2.15
CA LEU E 284 -36.50 -71.19 -2.29
C LEU E 284 -35.52 -71.98 -1.42
N ALA E 285 -34.24 -71.62 -1.53
CA ALA E 285 -33.19 -72.23 -0.72
C ALA E 285 -33.40 -71.92 0.79
N ALA E 286 -34.08 -70.82 1.10
CA ALA E 286 -34.28 -70.36 2.45
C ALA E 286 -35.20 -71.17 3.38
N LYS E 287 -34.93 -72.46 3.52
CA LYS E 287 -35.74 -73.29 4.42
C LYS E 287 -35.92 -72.50 5.72
N GLY E 288 -37.14 -72.09 6.05
CA GLY E 288 -37.33 -71.32 7.27
C GLY E 288 -37.66 -69.84 7.05
N ALA E 289 -37.85 -69.43 5.79
CA ALA E 289 -38.21 -68.05 5.50
C ALA E 289 -39.68 -67.84 5.85
N ALA E 290 -40.43 -68.93 6.03
CA ALA E 290 -41.85 -68.86 6.37
C ALA E 290 -42.07 -68.35 7.79
N ASP E 291 -41.10 -68.56 8.68
CA ASP E 291 -41.22 -68.00 10.01
C ASP E 291 -40.35 -66.76 9.97
N ALA E 292 -39.09 -66.87 10.38
CA ALA E 292 -38.18 -65.72 10.39
C ALA E 292 -38.71 -64.83 11.50
N GLY E 293 -37.95 -64.69 12.56
CA GLY E 293 -38.43 -63.89 13.66
C GLY E 293 -39.04 -64.85 14.65
N ALA E 294 -38.67 -66.12 14.51
CA ALA E 294 -39.14 -67.13 15.42
C ALA E 294 -38.22 -66.95 16.61
N MET E 295 -38.78 -67.02 17.81
CA MET E 295 -37.97 -66.83 18.99
C MET E 295 -37.49 -68.12 19.67
N THR E 296 -38.37 -68.82 20.36
CA THR E 296 -38.00 -70.05 21.07
C THR E 296 -36.95 -69.76 22.15
N PRO E 297 -37.39 -69.77 23.41
CA PRO E 297 -36.57 -69.50 24.58
C PRO E 297 -35.37 -70.41 24.64
N THR E 298 -34.48 -70.12 25.58
CA THR E 298 -33.32 -70.95 25.79
C THR E 298 -32.72 -70.95 27.16
N ASP E 299 -31.40 -70.83 27.18
CA ASP E 299 -30.63 -70.99 28.38
C ASP E 299 -29.47 -70.02 28.35
N PHE E 300 -29.03 -69.52 29.49
CA PHE E 300 -27.86 -68.66 29.47
C PHE E 300 -26.72 -69.48 28.85
N GLU E 301 -26.65 -70.76 29.24
CA GLU E 301 -25.60 -71.66 28.78
C GLU E 301 -25.56 -71.88 27.28
N THR E 302 -26.73 -72.02 26.63
CA THR E 302 -26.78 -72.26 25.19
C THR E 302 -26.32 -71.05 24.37
N PHE E 303 -26.73 -69.85 24.80
CA PHE E 303 -26.34 -68.60 24.15
C PHE E 303 -24.82 -68.54 24.15
N ALA E 304 -24.24 -68.52 25.35
CA ALA E 304 -22.79 -68.47 25.51
C ALA E 304 -22.06 -69.39 24.55
N ALA E 305 -22.57 -70.62 24.39
CA ALA E 305 -21.96 -71.62 23.52
C ALA E 305 -22.11 -71.30 22.05
N LEU E 306 -23.17 -70.59 21.69
CA LEU E 306 -23.38 -70.21 20.30
C LEU E 306 -22.37 -69.13 19.97
N VAL E 307 -22.21 -68.20 20.90
CA VAL E 307 -21.30 -67.09 20.77
C VAL E 307 -19.84 -67.55 20.81
N SER E 308 -19.62 -68.77 21.28
CA SER E 308 -18.27 -69.35 21.38
C SER E 308 -17.64 -69.59 20.02
N GLU E 309 -18.48 -69.91 19.03
CA GLU E 309 -17.98 -70.16 17.68
C GLU E 309 -17.24 -68.96 17.14
N TYR E 310 -17.65 -67.76 17.54
CA TYR E 310 -17.01 -66.54 17.06
C TYR E 310 -15.85 -66.15 17.96
N THR E 311 -14.75 -66.86 17.78
CA THR E 311 -13.50 -66.66 18.51
C THR E 311 -12.90 -65.33 18.04
N LEU E 312 -12.02 -64.74 18.83
CA LEU E 312 -11.40 -63.51 18.36
C LEU E 312 -10.71 -63.87 17.05
N GLU E 313 -10.12 -65.05 17.00
CA GLU E 313 -9.42 -65.54 15.81
C GLU E 313 -10.39 -65.71 14.66
N LYS E 314 -11.64 -66.08 14.94
CA LYS E 314 -12.58 -66.25 13.86
C LYS E 314 -13.19 -64.94 13.42
N ALA E 315 -13.62 -64.12 14.36
CA ALA E 315 -14.20 -62.84 14.03
C ALA E 315 -13.23 -62.09 13.12
N ALA E 316 -11.96 -62.04 13.52
CA ALA E 316 -10.95 -61.37 12.74
C ALA E 316 -10.91 -61.92 11.32
N GLU E 317 -10.93 -63.23 11.17
CA GLU E 317 -10.89 -63.86 9.83
C GLU E 317 -12.05 -63.39 8.95
N ILE E 318 -13.27 -63.35 9.49
CA ILE E 318 -14.45 -62.95 8.73
C ILE E 318 -14.49 -61.45 8.42
N SER E 319 -14.07 -60.60 9.35
CA SER E 319 -14.09 -59.16 9.13
C SER E 319 -12.95 -58.65 8.28
N GLY E 320 -11.73 -58.86 8.73
CA GLY E 320 -10.59 -58.40 7.97
C GLY E 320 -9.86 -57.40 8.82
N VAL E 321 -10.24 -57.35 10.09
CA VAL E 321 -9.67 -56.44 11.07
C VAL E 321 -8.61 -57.13 11.88
N GLU E 322 -7.51 -56.45 12.14
CA GLU E 322 -6.45 -57.05 12.93
C GLU E 322 -7.06 -57.32 14.30
N PRO E 323 -6.85 -58.53 14.83
CA PRO E 323 -7.41 -58.90 16.13
C PRO E 323 -7.18 -57.92 17.27
N ALA E 324 -6.03 -57.26 17.27
CA ALA E 324 -5.70 -56.29 18.31
C ALA E 324 -6.74 -55.19 18.47
N LEU E 325 -7.38 -54.79 17.38
CA LEU E 325 -8.41 -53.76 17.41
C LEU E 325 -9.69 -54.33 18.00
N LEU E 326 -10.05 -55.55 17.63
CA LEU E 326 -11.24 -56.18 18.17
C LEU E 326 -11.06 -56.41 19.67
N GLU E 327 -9.82 -56.54 20.10
CA GLU E 327 -9.54 -56.74 21.52
C GLU E 327 -9.74 -55.39 22.17
N GLU E 328 -9.45 -54.31 21.43
CA GLU E 328 -9.65 -52.96 21.97
C GLU E 328 -11.13 -52.67 22.09
N LEU E 329 -11.90 -53.02 21.08
CA LEU E 329 -13.33 -52.81 21.15
C LEU E 329 -13.82 -53.64 22.34
N ALA E 330 -13.86 -54.95 22.16
CA ALA E 330 -14.31 -55.85 23.20
C ALA E 330 -14.11 -55.31 24.60
N GLU E 331 -12.87 -54.93 24.93
CA GLU E 331 -12.53 -54.45 26.27
C GLU E 331 -13.30 -53.26 26.74
N LEU E 332 -13.46 -52.29 25.84
CA LEU E 332 -14.17 -51.07 26.17
C LEU E 332 -15.57 -51.44 26.62
N TYR E 333 -16.23 -52.22 25.78
CA TYR E 333 -17.58 -52.72 26.06
C TYR E 333 -17.57 -53.60 27.32
N ALA E 334 -16.39 -53.82 27.90
CA ALA E 334 -16.32 -54.67 29.08
C ALA E 334 -15.77 -54.13 30.42
N ASP E 335 -14.72 -53.28 30.46
CA ASP E 335 -14.28 -52.84 31.78
C ASP E 335 -15.52 -52.26 32.37
N PRO E 336 -16.03 -52.92 33.40
CA PRO E 336 -17.26 -52.49 34.04
C PRO E 336 -17.21 -51.14 34.64
N ASP E 337 -16.49 -50.22 33.99
CA ASP E 337 -16.48 -48.86 34.48
C ASP E 337 -16.61 -47.95 33.27
N ARG E 338 -16.18 -48.43 32.12
CA ARG E 338 -16.34 -47.65 30.92
C ARG E 338 -17.81 -47.57 30.66
N LYS E 339 -18.38 -46.38 30.62
CA LYS E 339 -19.78 -46.27 30.29
C LYS E 339 -19.75 -46.27 28.77
N TRP E 340 -20.14 -47.38 28.19
CA TRP E 340 -20.14 -47.45 26.76
C TRP E 340 -21.35 -46.73 26.24
N MET E 341 -21.28 -46.27 25.01
CA MET E 341 -22.40 -45.55 24.45
C MET E 341 -22.38 -45.92 23.00
N SER E 342 -23.08 -46.98 22.66
CA SER E 342 -23.12 -47.44 21.31
C SER E 342 -24.15 -46.69 20.48
N LEU E 343 -23.72 -46.27 19.29
CA LEU E 343 -24.55 -45.54 18.36
C LEU E 343 -24.53 -46.23 17.01
N TRP E 344 -25.70 -46.27 16.38
CA TRP E 344 -25.85 -46.89 15.08
C TRP E 344 -27.00 -46.29 14.26
N THR E 345 -26.77 -46.15 12.96
CA THR E 345 -27.80 -45.63 12.07
C THR E 345 -28.07 -46.62 10.93
N MET E 346 -28.17 -46.16 9.70
CA MET E 346 -28.45 -47.09 8.59
C MET E 346 -27.50 -48.28 8.38
N GLY E 347 -26.29 -48.21 8.91
CA GLY E 347 -25.38 -49.34 8.79
C GLY E 347 -26.00 -50.67 9.26
N PHE E 348 -26.69 -50.64 10.41
CA PHE E 348 -27.36 -51.76 11.03
C PHE E 348 -28.76 -51.88 10.50
N ASN E 349 -29.44 -50.77 10.26
CA ASN E 349 -30.83 -50.82 9.83
C ASN E 349 -31.11 -51.32 8.40
N GLN E 350 -30.28 -50.88 7.45
CA GLN E 350 -30.39 -51.28 6.04
C GLN E 350 -29.45 -52.46 5.90
N HIS E 351 -29.74 -53.53 6.61
CA HIS E 351 -28.89 -54.71 6.68
C HIS E 351 -29.87 -55.86 6.54
N VAL E 352 -29.59 -56.80 5.65
CA VAL E 352 -30.49 -57.93 5.48
C VAL E 352 -30.64 -58.74 6.76
N ARG E 353 -29.82 -58.40 7.75
CA ARG E 353 -29.87 -59.04 9.06
C ARG E 353 -29.81 -57.90 10.08
N GLY E 354 -30.50 -56.82 9.77
CA GLY E 354 -30.51 -55.66 10.64
C GLY E 354 -31.07 -55.91 12.01
N VAL E 355 -32.26 -56.50 12.04
CA VAL E 355 -32.90 -56.82 13.28
C VAL E 355 -31.95 -57.59 14.18
N TRP E 356 -31.20 -58.51 13.61
CA TRP E 356 -30.24 -59.28 14.38
C TRP E 356 -29.15 -58.35 14.90
N ALA E 357 -28.63 -57.50 14.03
CA ALA E 357 -27.58 -56.57 14.42
C ALA E 357 -28.04 -55.75 15.62
N ASN E 358 -29.20 -55.10 15.50
CA ASN E 358 -29.77 -54.35 16.61
C ASN E 358 -29.77 -55.28 17.83
N HIS E 359 -30.36 -56.45 17.70
CA HIS E 359 -30.38 -57.38 18.82
C HIS E 359 -28.99 -57.52 19.42
N MET E 360 -28.02 -57.88 18.59
CA MET E 360 -26.66 -58.07 19.08
C MET E 360 -26.04 -56.89 19.85
N VAL E 361 -26.35 -55.65 19.50
CA VAL E 361 -25.77 -54.52 20.24
C VAL E 361 -26.40 -54.47 21.60
N TYR E 362 -27.70 -54.71 21.68
CA TYR E 362 -28.34 -54.63 22.97
C TYR E 362 -27.74 -55.72 23.84
N ASN E 363 -27.42 -56.87 23.26
CA ASN E 363 -26.87 -57.97 24.07
C ASN E 363 -25.64 -57.55 24.86
N LEU E 364 -24.70 -56.90 24.17
CA LEU E 364 -23.49 -56.44 24.79
C LEU E 364 -23.81 -55.57 25.97
N HIS E 365 -24.84 -54.74 25.84
CA HIS E 365 -25.26 -53.87 26.91
C HIS E 365 -25.99 -54.65 27.98
N LEU E 366 -26.91 -55.52 27.57
CA LEU E 366 -27.64 -56.32 28.53
C LEU E 366 -26.70 -57.20 29.35
N LEU E 367 -25.77 -57.87 28.68
CA LEU E 367 -24.84 -58.73 29.39
C LEU E 367 -24.09 -57.99 30.46
N THR E 368 -23.78 -56.72 30.20
CA THR E 368 -22.97 -55.94 31.12
C THR E 368 -23.75 -55.04 32.04
N GLY E 369 -25.03 -54.89 31.77
CA GLY E 369 -25.85 -54.05 32.62
C GLY E 369 -25.65 -52.57 32.33
N LYS E 370 -25.18 -52.27 31.12
CA LYS E 370 -24.92 -50.90 30.70
C LYS E 370 -26.07 -50.41 29.89
N ILE E 371 -27.12 -49.97 30.58
CA ILE E 371 -28.35 -49.49 29.96
C ILE E 371 -29.19 -48.65 30.92
N SER E 372 -29.98 -47.74 30.35
CA SER E 372 -30.85 -46.87 31.14
C SER E 372 -30.17 -46.05 32.22
N GLU E 373 -28.94 -45.62 31.99
CA GLU E 373 -28.22 -44.81 32.96
C GLU E 373 -27.53 -43.72 32.20
N PRO E 374 -27.29 -42.58 32.87
CA PRO E 374 -26.58 -41.50 32.18
C PRO E 374 -25.21 -42.00 31.77
N GLY E 375 -24.90 -41.91 30.48
CA GLY E 375 -23.62 -42.35 30.01
C GLY E 375 -23.55 -43.76 29.49
N ASN E 376 -24.37 -44.66 30.04
CA ASN E 376 -24.35 -46.04 29.59
C ASN E 376 -25.56 -46.25 28.72
N SER E 377 -25.38 -46.29 27.40
CA SER E 377 -26.55 -46.47 26.58
C SER E 377 -26.38 -46.88 25.16
N PRO E 378 -27.24 -47.81 24.69
CA PRO E 378 -27.19 -48.23 23.29
C PRO E 378 -28.18 -47.29 22.57
N PHE E 379 -27.66 -46.21 21.97
CA PHE E 379 -28.53 -45.26 21.29
C PHE E 379 -28.75 -45.52 19.80
N SER E 380 -30.00 -45.72 19.42
CA SER E 380 -30.28 -45.90 18.02
C SER E 380 -30.55 -44.51 17.51
N LEU E 381 -29.78 -44.10 16.52
CA LEU E 381 -29.97 -42.77 15.95
C LEU E 381 -31.07 -42.89 14.94
N THR E 382 -31.97 -41.92 14.90
CA THR E 382 -33.04 -41.97 13.92
C THR E 382 -32.74 -40.97 12.86
N GLY E 383 -33.11 -41.32 11.63
CA GLY E 383 -32.81 -40.47 10.50
C GLY E 383 -33.66 -39.23 10.25
N GLN E 384 -34.91 -39.43 9.83
CA GLN E 384 -35.81 -38.29 9.54
C GLN E 384 -36.18 -37.45 10.75
N PRO E 385 -36.69 -36.24 10.50
CA PRO E 385 -37.11 -35.35 11.58
C PRO E 385 -38.18 -35.94 12.47
N PHE E 386 -39.14 -36.65 11.92
CA PHE E 386 -40.20 -37.27 12.71
C PHE E 386 -40.49 -38.71 12.29
N ALA E 387 -39.46 -39.50 11.98
CA ALA E 387 -39.68 -40.90 11.65
C ALA E 387 -40.17 -41.50 12.95
N CYS E 388 -39.74 -40.89 14.05
CA CYS E 388 -40.12 -41.30 15.42
C CYS E 388 -41.45 -40.65 15.79
N GLY E 389 -41.41 -39.34 15.96
CA GLY E 389 -42.60 -38.61 16.33
C GLY E 389 -43.84 -38.92 15.52
N THR E 390 -43.68 -39.23 14.23
CA THR E 390 -44.84 -39.52 13.36
C THR E 390 -44.95 -40.99 12.92
N ALA E 391 -44.17 -41.37 11.90
CA ALA E 391 -44.18 -42.74 11.39
C ALA E 391 -44.25 -43.77 12.51
N ARG E 392 -43.22 -43.82 13.36
CA ARG E 392 -43.23 -44.79 14.43
C ARG E 392 -44.30 -44.56 15.49
N GLU E 393 -44.27 -43.42 16.19
CA GLU E 393 -45.23 -43.17 17.25
C GLU E 393 -46.69 -43.13 16.88
N VAL E 394 -47.05 -42.45 15.80
CA VAL E 394 -48.44 -42.44 15.39
C VAL E 394 -48.73 -43.79 14.74
N GLY E 395 -47.69 -44.51 14.36
CA GLY E 395 -47.88 -45.82 13.76
C GLY E 395 -48.42 -45.71 12.34
N THR E 396 -47.52 -45.38 11.43
CA THR E 396 -47.86 -45.15 10.05
C THR E 396 -47.25 -46.19 9.18
N PHE E 397 -47.24 -47.41 9.69
CA PHE E 397 -46.72 -48.56 8.95
C PHE E 397 -47.88 -49.53 8.71
N ALA E 398 -47.79 -50.27 7.63
CA ALA E 398 -48.80 -51.26 7.23
C ALA E 398 -49.46 -52.12 8.32
N HIS E 399 -48.73 -52.50 9.34
CA HIS E 399 -49.28 -53.39 10.36
C HIS E 399 -49.53 -52.72 11.68
N ARG E 400 -49.48 -51.39 11.69
CA ARG E 400 -49.57 -50.68 12.96
C ARG E 400 -50.68 -49.67 13.27
N LEU E 401 -50.86 -49.42 14.57
CA LEU E 401 -51.80 -48.45 15.12
C LEU E 401 -51.01 -47.60 16.15
N PRO E 402 -51.61 -46.52 16.65
CA PRO E 402 -50.91 -45.66 17.62
C PRO E 402 -50.33 -46.38 18.82
N ALA E 403 -49.38 -45.74 19.48
CA ALA E 403 -48.77 -46.24 20.70
C ALA E 403 -48.40 -47.70 20.75
N ASP E 404 -47.62 -48.14 19.78
CA ASP E 404 -47.14 -49.51 19.72
C ASP E 404 -48.16 -50.62 19.46
N MET E 405 -49.39 -50.23 19.14
CA MET E 405 -50.46 -51.20 18.90
C MET E 405 -50.49 -51.74 17.49
N VAL E 406 -50.88 -53.01 17.38
CA VAL E 406 -50.93 -53.71 16.09
C VAL E 406 -52.36 -53.87 15.64
N VAL E 407 -52.51 -53.88 14.31
CA VAL E 407 -53.79 -54.02 13.64
C VAL E 407 -54.35 -55.44 13.82
N THR E 408 -53.43 -56.37 14.04
CA THR E 408 -53.73 -57.78 14.28
C THR E 408 -54.53 -57.95 15.56
N ASN E 409 -53.95 -57.52 16.68
CA ASN E 409 -54.59 -57.61 17.99
C ASN E 409 -55.96 -56.93 18.00
N PRO E 410 -57.02 -57.68 18.37
CA PRO E 410 -58.42 -57.23 18.44
C PRO E 410 -58.73 -56.28 19.59
N GLU E 411 -57.96 -56.37 20.67
CA GLU E 411 -58.15 -55.48 21.81
C GLU E 411 -57.72 -54.08 21.38
N HIS E 412 -56.62 -54.00 20.63
CA HIS E 412 -56.09 -52.72 20.15
C HIS E 412 -57.06 -52.11 19.17
N ARG E 413 -57.42 -52.91 18.17
CA ARG E 413 -58.36 -52.48 17.14
C ARG E 413 -59.57 -51.86 17.84
N ALA E 414 -60.08 -52.55 18.83
CA ALA E 414 -61.23 -52.09 19.59
C ALA E 414 -60.92 -50.78 20.25
N HIS E 415 -59.82 -50.72 20.97
CA HIS E 415 -59.40 -49.50 21.67
C HIS E 415 -59.37 -48.30 20.75
N ALA E 416 -58.85 -48.49 19.54
CA ALA E 416 -58.76 -47.43 18.53
C ALA E 416 -60.16 -47.05 18.09
N GLU E 417 -61.01 -48.05 17.94
CA GLU E 417 -62.38 -47.80 17.53
C GLU E 417 -63.11 -47.00 18.59
N GLU E 418 -62.86 -47.30 19.86
CA GLU E 418 -63.54 -46.59 20.95
C GLU E 418 -63.14 -45.11 20.99
N ILE E 419 -61.87 -44.83 20.74
CA ILE E 419 -61.37 -43.45 20.75
C ILE E 419 -61.75 -42.68 19.49
N TRP E 420 -61.70 -43.33 18.34
CA TRP E 420 -62.06 -42.70 17.07
C TRP E 420 -63.58 -42.61 16.85
N LYS E 421 -64.33 -42.99 17.89
CA LYS E 421 -65.80 -42.99 17.87
C LYS E 421 -66.29 -43.70 16.64
N LEU E 422 -65.99 -44.99 16.56
CA LEU E 422 -66.38 -45.78 15.42
C LEU E 422 -67.22 -46.97 15.81
N PRO E 423 -67.95 -47.53 14.84
CA PRO E 423 -68.79 -48.70 15.07
C PRO E 423 -67.87 -49.92 15.25
N ALA E 424 -68.15 -50.75 16.25
CA ALA E 424 -67.35 -51.94 16.53
C ALA E 424 -67.07 -52.81 15.30
N GLY E 425 -65.89 -53.40 15.26
CA GLY E 425 -65.54 -54.25 14.15
C GLY E 425 -65.34 -53.50 12.84
N LEU E 426 -65.22 -52.18 12.87
CA LEU E 426 -65.01 -51.43 11.64
C LEU E 426 -63.58 -51.52 11.16
N LEU E 427 -62.61 -51.24 12.03
CA LEU E 427 -61.20 -51.30 11.64
C LEU E 427 -60.80 -52.68 11.11
N PRO E 428 -60.00 -52.71 10.03
CA PRO E 428 -59.50 -53.90 9.34
C PRO E 428 -58.46 -54.69 10.14
N ASP E 429 -58.46 -56.03 10.00
CA ASP E 429 -57.52 -56.91 10.72
C ASP E 429 -56.32 -57.35 9.89
N TRP E 430 -56.41 -57.17 8.58
CA TRP E 430 -55.33 -57.56 7.70
C TRP E 430 -54.14 -56.64 7.67
N VAL E 431 -52.94 -57.23 7.62
CA VAL E 431 -51.70 -56.46 7.56
C VAL E 431 -51.51 -55.91 6.13
N GLY E 432 -51.19 -54.62 6.04
CA GLY E 432 -51.00 -53.99 4.73
C GLY E 432 -49.71 -54.33 4.00
N ALA E 433 -49.57 -53.74 2.82
CA ALA E 433 -48.39 -53.96 2.01
C ALA E 433 -47.25 -53.05 2.46
N HIS E 434 -46.12 -53.63 2.83
CA HIS E 434 -44.99 -52.82 3.24
C HIS E 434 -44.33 -52.16 2.03
N ALA E 435 -43.52 -51.16 2.28
CA ALA E 435 -42.85 -50.41 1.23
C ALA E 435 -42.44 -51.22 0.02
N VAL E 436 -41.54 -52.17 0.21
CA VAL E 436 -41.10 -52.97 -0.91
C VAL E 436 -42.31 -53.61 -1.57
N GLU E 437 -43.06 -54.39 -0.80
CA GLU E 437 -44.26 -55.03 -1.33
C GLU E 437 -45.09 -54.04 -2.13
N GLN E 438 -45.38 -52.89 -1.54
CA GLN E 438 -46.17 -51.85 -2.18
C GLN E 438 -45.74 -51.55 -3.60
N ASP E 439 -44.43 -51.56 -3.84
CA ASP E 439 -43.90 -51.32 -5.18
C ASP E 439 -44.26 -52.52 -6.03
N ARG E 440 -44.02 -53.71 -5.51
CA ARG E 440 -44.30 -54.92 -6.23
C ARG E 440 -45.79 -55.02 -6.54
N LYS E 441 -46.64 -55.00 -5.53
CA LYS E 441 -48.07 -55.07 -5.78
C LYS E 441 -48.53 -54.03 -6.82
N LEU E 442 -47.72 -52.99 -6.98
CA LEU E 442 -48.03 -51.91 -7.90
C LEU E 442 -47.65 -52.39 -9.28
N HIS E 443 -46.53 -53.08 -9.35
CA HIS E 443 -46.01 -53.62 -10.61
C HIS E 443 -47.02 -54.59 -11.16
N ASP E 444 -47.54 -55.42 -10.26
CA ASP E 444 -48.46 -56.46 -10.61
C ASP E 444 -49.86 -56.01 -10.91
N GLY E 445 -50.33 -54.99 -10.21
CA GLY E 445 -51.68 -54.51 -10.46
C GLY E 445 -52.62 -54.75 -9.31
N GLU E 446 -52.07 -55.06 -8.13
CA GLU E 446 -52.88 -55.31 -6.93
C GLU E 446 -53.32 -54.02 -6.27
N ILE E 447 -52.45 -53.02 -6.30
CA ILE E 447 -52.79 -51.69 -5.73
C ILE E 447 -52.98 -50.79 -6.93
N ASN E 448 -54.20 -50.25 -7.05
CA ASN E 448 -54.55 -49.43 -8.22
C ASN E 448 -54.76 -47.92 -7.99
N PHE E 449 -54.83 -47.52 -6.74
CA PHE E 449 -54.96 -46.12 -6.40
C PHE E 449 -53.78 -45.92 -5.45
N TYR E 450 -52.98 -44.90 -5.69
CA TYR E 450 -51.82 -44.72 -4.84
C TYR E 450 -51.62 -43.26 -4.51
N TRP E 451 -51.47 -42.98 -3.22
CA TRP E 451 -51.20 -41.59 -2.78
C TRP E 451 -49.84 -41.49 -2.04
N VAL E 452 -48.89 -40.83 -2.70
CA VAL E 452 -47.57 -40.65 -2.15
C VAL E 452 -47.52 -39.29 -1.47
N GLN E 453 -46.93 -39.23 -0.30
CA GLN E 453 -46.84 -37.97 0.42
C GLN E 453 -45.53 -37.71 1.17
N VAL E 454 -44.98 -36.52 0.92
CA VAL E 454 -43.77 -36.07 1.56
C VAL E 454 -42.62 -37.07 1.47
N ASN E 455 -42.43 -37.61 0.27
CA ASN E 455 -41.34 -38.50 -0.03
C ASN E 455 -41.15 -38.49 -1.54
N ASN E 456 -40.01 -38.96 -1.98
CA ASN E 456 -39.67 -38.98 -3.40
C ASN E 456 -39.23 -40.42 -3.67
N ASN E 457 -40.13 -41.35 -3.39
CA ASN E 457 -39.84 -42.76 -3.48
C ASN E 457 -39.33 -43.26 -4.82
N MET E 458 -39.59 -42.53 -5.90
CA MET E 458 -39.11 -43.00 -7.18
C MET E 458 -37.59 -42.96 -7.23
N GLN E 459 -37.00 -42.27 -6.26
CA GLN E 459 -35.56 -42.10 -6.17
C GLN E 459 -35.05 -42.86 -4.96
N ALA E 460 -35.84 -42.81 -3.89
CA ALA E 460 -35.48 -43.48 -2.65
C ALA E 460 -35.56 -45.00 -2.69
N ALA E 461 -36.63 -45.52 -3.29
CA ALA E 461 -36.89 -46.96 -3.35
C ALA E 461 -35.87 -47.79 -4.12
N PRO E 462 -35.66 -49.06 -3.72
CA PRO E 462 -34.69 -49.99 -4.34
C PRO E 462 -35.17 -50.62 -5.66
N ASN E 463 -34.23 -50.86 -6.57
CA ASN E 463 -34.54 -51.49 -7.87
C ASN E 463 -35.61 -50.78 -8.68
N ILE E 464 -35.64 -49.47 -8.67
CA ILE E 464 -36.65 -48.75 -9.40
C ILE E 464 -37.00 -49.27 -10.81
N ASP E 465 -36.00 -49.68 -11.57
CA ASP E 465 -36.24 -50.14 -12.93
C ASP E 465 -37.00 -51.44 -12.99
N GLN E 466 -36.71 -52.32 -12.04
CA GLN E 466 -37.37 -53.60 -12.01
C GLN E 466 -38.82 -53.53 -11.57
N GLU E 467 -39.07 -52.93 -10.41
CA GLU E 467 -40.43 -52.90 -9.90
C GLU E 467 -41.11 -51.60 -9.49
N THR E 468 -40.38 -50.50 -9.34
CA THR E 468 -41.06 -49.29 -8.89
C THR E 468 -41.54 -48.44 -10.05
N TYR E 469 -40.69 -48.26 -11.05
CA TYR E 469 -41.06 -47.44 -12.20
C TYR E 469 -42.24 -48.02 -12.97
N PRO E 470 -42.16 -49.31 -13.37
CA PRO E 470 -43.26 -49.93 -14.10
C PRO E 470 -44.53 -49.93 -13.28
N GLY E 471 -44.39 -50.05 -11.97
CA GLY E 471 -45.53 -50.05 -11.08
C GLY E 471 -46.25 -48.70 -11.04
N TYR E 472 -45.48 -47.63 -11.20
CA TYR E 472 -46.07 -46.30 -11.20
C TYR E 472 -46.67 -45.98 -12.56
N ARG E 473 -46.10 -46.57 -13.59
CA ARG E 473 -46.61 -46.31 -14.93
C ARG E 473 -47.60 -47.37 -15.44
N ASN E 474 -47.93 -48.36 -14.62
CA ASN E 474 -48.87 -49.43 -15.00
C ASN E 474 -50.25 -48.79 -15.25
N PRO E 475 -50.72 -48.83 -16.51
CA PRO E 475 -51.99 -48.20 -16.86
C PRO E 475 -53.23 -48.58 -16.05
N GLU E 476 -53.18 -49.64 -15.26
CA GLU E 476 -54.37 -49.97 -14.49
C GLU E 476 -54.31 -49.23 -13.17
N ASN E 477 -53.23 -48.47 -13.02
CA ASN E 477 -52.98 -47.70 -11.81
C ASN E 477 -53.01 -46.20 -11.97
N PHE E 478 -53.45 -45.54 -10.91
CA PHE E 478 -53.56 -44.08 -10.83
C PHE E 478 -52.68 -43.68 -9.69
N ILE E 479 -51.81 -42.70 -9.93
CA ILE E 479 -50.90 -42.27 -8.90
C ILE E 479 -50.85 -40.80 -8.57
N VAL E 480 -51.07 -40.47 -7.29
CA VAL E 480 -51.01 -39.08 -6.83
C VAL E 480 -49.76 -38.84 -5.99
N VAL E 481 -49.17 -37.67 -6.19
CA VAL E 481 -47.97 -37.31 -5.48
C VAL E 481 -48.07 -35.90 -4.98
N SER E 482 -48.20 -35.74 -3.67
CA SER E 482 -48.26 -34.41 -3.08
C SER E 482 -46.80 -34.09 -2.83
N ASP E 483 -46.38 -32.88 -3.19
CA ASP E 483 -45.01 -32.46 -2.99
C ASP E 483 -44.92 -30.96 -3.10
N ALA E 484 -43.73 -30.41 -2.91
CA ALA E 484 -43.52 -28.97 -2.94
C ALA E 484 -42.61 -28.56 -4.08
N TYR E 485 -41.99 -29.54 -4.72
CA TYR E 485 -41.12 -29.25 -5.84
C TYR E 485 -41.25 -30.37 -6.85
N PRO E 486 -40.91 -30.10 -8.11
CA PRO E 486 -40.92 -31.03 -9.22
C PRO E 486 -40.70 -32.48 -8.76
N THR E 487 -39.44 -32.94 -8.70
CA THR E 487 -39.22 -34.32 -8.25
C THR E 487 -39.48 -35.34 -9.34
N VAL E 488 -38.63 -36.34 -9.42
CA VAL E 488 -38.80 -37.40 -10.40
C VAL E 488 -40.07 -38.19 -10.09
N THR E 489 -40.32 -38.51 -8.83
CA THR E 489 -41.52 -39.24 -8.46
C THR E 489 -42.75 -38.58 -9.05
N GLY E 490 -42.81 -37.26 -8.96
CA GLY E 490 -43.96 -36.54 -9.49
C GLY E 490 -43.99 -36.64 -10.99
N ARG E 491 -42.82 -36.56 -11.62
CA ARG E 491 -42.74 -36.64 -13.06
C ARG E 491 -43.29 -38.01 -13.44
N ALA E 492 -43.05 -39.00 -12.62
CA ALA E 492 -43.54 -40.32 -12.91
C ALA E 492 -44.96 -40.59 -12.35
N ALA E 493 -45.72 -39.55 -11.96
CA ALA E 493 -47.07 -39.78 -11.42
C ALA E 493 -48.15 -39.30 -12.37
N ASP E 494 -49.41 -39.31 -11.91
CA ASP E 494 -50.52 -38.91 -12.77
C ASP E 494 -51.21 -37.66 -12.31
N LEU E 495 -51.23 -37.46 -11.00
CA LEU E 495 -51.80 -36.27 -10.41
C LEU E 495 -50.78 -35.80 -9.35
N VAL E 496 -50.36 -34.54 -9.46
CA VAL E 496 -49.40 -33.98 -8.50
C VAL E 496 -50.02 -32.80 -7.75
N LEU E 497 -50.23 -32.96 -6.45
CA LEU E 497 -50.85 -31.92 -5.66
C LEU E 497 -49.81 -31.12 -4.93
N PRO E 498 -49.89 -29.79 -5.00
CA PRO E 498 -48.96 -28.84 -4.36
C PRO E 498 -49.08 -28.75 -2.81
N ALA E 499 -47.95 -28.78 -2.12
CA ALA E 499 -48.00 -28.74 -0.68
C ALA E 499 -47.37 -27.53 -0.03
N ALA E 500 -47.95 -27.13 1.11
CA ALA E 500 -47.42 -26.04 1.90
C ALA E 500 -46.35 -26.81 2.68
N MET E 501 -45.16 -26.22 2.68
CA MET E 501 -43.96 -26.80 3.24
C MET E 501 -43.54 -26.24 4.61
N TRP E 502 -42.66 -26.98 5.27
CA TRP E 502 -42.11 -26.59 6.56
C TRP E 502 -42.90 -25.57 7.37
N VAL E 503 -42.44 -24.33 7.35
CA VAL E 503 -43.02 -23.25 8.13
C VAL E 503 -44.22 -22.52 7.49
N GLU E 504 -44.70 -23.04 6.37
CA GLU E 504 -45.85 -22.47 5.71
C GLU E 504 -47.10 -23.15 6.31
N LYS E 505 -46.86 -24.05 7.25
CA LYS E 505 -47.94 -24.77 7.88
C LYS E 505 -47.57 -25.03 9.33
N GLU E 506 -48.51 -24.97 10.26
CA GLU E 506 -48.19 -25.26 11.66
C GLU E 506 -47.98 -26.76 11.78
N GLY E 507 -46.94 -27.17 12.52
CA GLY E 507 -46.65 -28.59 12.62
C GLY E 507 -45.91 -29.03 13.86
N ALA E 508 -45.61 -30.33 13.94
CA ALA E 508 -44.92 -30.88 15.09
C ALA E 508 -44.10 -32.07 14.61
N TYR E 509 -42.97 -32.30 15.26
CA TYR E 509 -42.07 -33.38 14.92
C TYR E 509 -41.56 -34.06 16.19
N GLY E 510 -40.95 -35.23 16.00
CA GLY E 510 -40.38 -36.02 17.10
C GLY E 510 -38.98 -36.56 16.78
N ASN E 511 -37.97 -36.04 17.48
CA ASN E 511 -36.60 -36.44 17.21
C ASN E 511 -36.19 -37.77 17.80
N ALA E 512 -34.97 -38.20 17.48
CA ALA E 512 -34.43 -39.46 17.93
C ALA E 512 -34.37 -39.74 19.41
N GLU E 513 -34.46 -38.70 20.22
CA GLU E 513 -34.40 -38.89 21.67
C GLU E 513 -35.77 -38.70 22.33
N ARG E 514 -36.82 -38.96 21.58
CA ARG E 514 -38.18 -38.83 22.09
C ARG E 514 -38.59 -37.40 22.36
N ARG E 515 -38.03 -36.45 21.62
CA ARG E 515 -38.38 -35.05 21.83
C ARG E 515 -39.41 -34.61 20.84
N THR E 516 -40.57 -34.23 21.35
CA THR E 516 -41.66 -33.81 20.49
C THR E 516 -41.73 -32.31 20.49
N HIS E 517 -41.42 -31.67 19.37
CA HIS E 517 -41.51 -30.22 19.32
C HIS E 517 -42.40 -29.68 18.20
N PHE E 518 -43.06 -28.55 18.46
CA PHE E 518 -43.98 -27.87 17.55
C PHE E 518 -43.37 -26.65 16.82
N TRP E 519 -44.22 -25.99 16.03
CA TRP E 519 -43.90 -24.74 15.33
C TRP E 519 -45.18 -24.23 14.69
N HIS E 520 -45.38 -22.92 14.81
CA HIS E 520 -46.55 -22.26 14.27
C HIS E 520 -46.31 -22.01 12.80
N GLN E 521 -47.33 -21.49 12.14
CA GLN E 521 -47.18 -21.16 10.75
C GLN E 521 -46.63 -19.74 10.73
N LEU E 522 -45.44 -19.60 10.16
CA LEU E 522 -44.77 -18.30 10.11
C LEU E 522 -44.94 -17.55 8.82
N VAL E 523 -45.32 -18.23 7.74
CA VAL E 523 -45.47 -17.57 6.44
C VAL E 523 -46.54 -18.28 5.62
N GLU E 524 -46.93 -17.69 4.50
CA GLU E 524 -47.96 -18.32 3.69
C GLU E 524 -47.29 -19.04 2.52
N ALA E 525 -47.86 -20.19 2.16
CA ALA E 525 -47.31 -20.95 1.05
C ALA E 525 -47.58 -20.24 -0.29
N PRO E 526 -46.75 -20.49 -1.29
CA PRO E 526 -46.93 -19.83 -2.59
C PRO E 526 -48.13 -20.36 -3.36
N GLY E 527 -48.75 -19.49 -4.16
CA GLY E 527 -49.91 -19.86 -4.94
C GLY E 527 -51.02 -20.59 -4.22
N GLU E 528 -51.43 -21.73 -4.77
CA GLU E 528 -52.52 -22.54 -4.24
C GLU E 528 -52.11 -23.75 -3.45
N ALA E 529 -50.88 -23.78 -2.96
CA ALA E 529 -50.41 -24.90 -2.18
C ALA E 529 -51.04 -24.91 -0.78
N ARG E 530 -51.33 -26.11 -0.29
CA ARG E 530 -51.95 -26.29 1.01
C ARG E 530 -51.28 -27.44 1.77
N SER E 531 -51.28 -27.37 3.08
CA SER E 531 -50.67 -28.43 3.86
C SER E 531 -51.18 -29.82 3.49
N ASP E 532 -50.37 -30.83 3.70
CA ASP E 532 -50.77 -32.20 3.42
C ASP E 532 -51.94 -32.49 4.34
N LEU E 533 -51.95 -31.89 5.52
CA LEU E 533 -53.05 -32.10 6.46
C LEU E 533 -54.34 -31.72 5.75
N TRP E 534 -54.33 -30.52 5.19
CA TRP E 534 -55.48 -30.03 4.51
C TRP E 534 -55.81 -30.96 3.41
N GLN E 535 -54.84 -31.32 2.57
CA GLN E 535 -55.11 -32.23 1.45
C GLN E 535 -55.86 -33.49 1.90
N LEU E 536 -55.34 -34.14 2.93
CA LEU E 536 -55.96 -35.32 3.49
C LEU E 536 -57.37 -34.97 3.93
N MET E 537 -57.51 -34.11 4.94
CA MET E 537 -58.81 -33.71 5.47
C MET E 537 -59.87 -33.36 4.39
N GLU E 538 -59.49 -32.55 3.40
CA GLU E 538 -60.39 -32.13 2.34
C GLU E 538 -60.80 -33.29 1.46
N PHE E 539 -59.84 -34.12 1.09
CA PHE E 539 -60.11 -35.27 0.24
C PHE E 539 -61.10 -36.18 0.95
N SER E 540 -61.24 -36.01 2.26
CA SER E 540 -62.17 -36.78 3.06
C SER E 540 -63.58 -36.44 2.70
N LYS E 541 -63.89 -35.15 2.71
CA LYS E 541 -65.21 -34.60 2.43
C LYS E 541 -65.92 -35.20 1.21
N ARG E 542 -65.27 -36.14 0.54
CA ARG E 542 -65.82 -36.76 -0.65
C ARG E 542 -66.51 -38.09 -0.51
N PHE E 543 -66.19 -38.82 0.53
CA PHE E 543 -66.78 -40.11 0.68
C PHE E 543 -67.85 -40.11 1.74
N THR E 544 -68.76 -41.06 1.63
CA THR E 544 -69.89 -41.16 2.51
C THR E 544 -69.88 -42.51 3.24
N THR E 545 -70.42 -42.55 4.46
CA THR E 545 -70.43 -43.78 5.22
C THR E 545 -71.06 -44.93 4.45
N ASP E 546 -71.95 -44.59 3.51
CA ASP E 546 -72.56 -45.59 2.63
C ASP E 546 -71.30 -45.90 1.81
N GLU E 547 -71.30 -45.60 0.51
CA GLU E 547 -70.10 -45.75 -0.35
C GLU E 547 -68.90 -46.64 0.06
N VAL E 548 -68.30 -46.34 1.21
CA VAL E 548 -67.09 -46.99 1.67
C VAL E 548 -67.16 -48.01 2.79
N TRP E 549 -68.08 -47.84 3.73
CA TRP E 549 -68.18 -48.82 4.82
C TRP E 549 -69.08 -50.05 4.50
N PRO E 550 -68.77 -51.21 5.12
CA PRO E 550 -69.60 -52.39 4.87
C PRO E 550 -71.02 -52.13 5.43
N GLU E 551 -72.02 -52.62 4.70
CA GLU E 551 -73.42 -52.43 5.07
C GLU E 551 -73.80 -52.97 6.45
N GLU E 552 -73.22 -54.11 6.82
CA GLU E 552 -73.52 -54.68 8.12
C GLU E 552 -73.30 -53.63 9.18
N ILE E 553 -72.08 -53.13 9.20
CA ILE E 553 -71.65 -52.12 10.16
C ILE E 553 -72.63 -50.97 10.15
N LEU E 554 -73.05 -50.55 8.96
CA LEU E 554 -74.01 -49.46 8.87
C LEU E 554 -75.29 -49.84 9.57
N SER E 555 -75.89 -50.95 9.14
CA SER E 555 -77.13 -51.47 9.74
C SER E 555 -77.08 -51.28 11.25
N ALA E 556 -75.98 -51.74 11.86
CA ALA E 556 -75.79 -51.62 13.31
C ALA E 556 -75.83 -50.16 13.75
N ALA E 557 -75.31 -49.22 12.94
CA ALA E 557 -75.35 -47.83 13.36
C ALA E 557 -75.73 -46.84 12.29
N PRO E 558 -77.02 -46.46 12.24
CA PRO E 558 -77.63 -45.50 11.32
C PRO E 558 -76.80 -44.22 11.23
N ALA E 559 -76.52 -43.61 12.39
CA ALA E 559 -75.70 -42.40 12.40
C ALA E 559 -74.35 -42.93 11.93
N TYR E 560 -74.16 -42.92 10.60
CA TYR E 560 -73.00 -43.42 9.88
C TYR E 560 -73.70 -43.87 8.61
N ARG E 561 -74.57 -43.01 8.11
CA ARG E 561 -75.27 -43.29 6.86
C ARG E 561 -75.42 -41.91 6.29
N GLY E 562 -74.63 -41.65 5.25
CA GLY E 562 -74.56 -40.31 4.68
C GLY E 562 -73.28 -39.81 5.36
N LYS E 563 -73.44 -38.94 6.34
CA LYS E 563 -72.28 -38.50 7.09
C LYS E 563 -71.09 -37.92 6.29
N THR E 564 -70.33 -38.80 5.63
CA THR E 564 -69.13 -38.46 4.84
C THR E 564 -67.90 -38.56 5.72
N LEU E 565 -66.91 -39.28 5.21
CA LEU E 565 -65.65 -39.46 5.92
C LEU E 565 -65.13 -38.05 6.12
N PHE E 566 -65.28 -37.55 7.32
CA PHE E 566 -64.85 -36.21 7.65
C PHE E 566 -65.72 -35.88 8.83
N GLU E 567 -67.01 -36.01 8.64
CA GLU E 567 -67.89 -35.77 9.77
C GLU E 567 -67.47 -36.89 10.70
N VAL E 568 -67.31 -38.08 10.14
CA VAL E 568 -66.92 -39.25 10.90
C VAL E 568 -65.45 -39.26 11.35
N LEU E 569 -64.59 -38.56 10.61
CA LEU E 569 -63.18 -38.55 10.95
C LEU E 569 -62.61 -37.28 11.56
N PHE E 570 -63.08 -36.12 11.13
CA PHE E 570 -62.56 -34.87 11.62
C PHE E 570 -63.61 -33.93 12.21
N ALA E 571 -64.89 -34.27 12.06
CA ALA E 571 -65.97 -33.47 12.62
C ALA E 571 -66.74 -34.35 13.61
N ASN E 572 -65.97 -35.08 14.40
CA ASN E 572 -66.45 -36.00 15.45
C ASN E 572 -67.01 -35.28 16.64
N GLY E 573 -66.68 -34.00 16.75
CA GLY E 573 -67.10 -33.28 17.92
C GLY E 573 -65.99 -33.60 18.92
N SER E 574 -64.97 -34.29 18.40
CA SER E 574 -63.78 -34.64 19.19
C SER E 574 -62.65 -33.79 18.61
N VAL E 575 -62.48 -33.89 17.29
CA VAL E 575 -61.47 -33.11 16.58
C VAL E 575 -61.93 -31.65 16.35
N ASP E 576 -63.25 -31.42 16.40
CA ASP E 576 -63.85 -30.07 16.25
C ASP E 576 -63.80 -29.38 17.59
N ARG E 577 -63.55 -30.15 18.62
CA ARG E 577 -63.50 -29.67 19.99
C ARG E 577 -63.08 -28.21 20.18
N PHE E 578 -61.94 -27.84 19.58
CA PHE E 578 -61.37 -26.48 19.74
C PHE E 578 -61.63 -25.50 18.63
N PRO E 579 -62.05 -24.28 18.97
CA PRO E 579 -62.40 -23.18 18.05
C PRO E 579 -61.28 -22.52 17.27
N ALA E 580 -61.63 -21.81 16.20
CA ALA E 580 -60.64 -21.11 15.35
C ALA E 580 -59.91 -20.10 16.19
N SER E 581 -60.38 -19.91 17.42
CA SER E 581 -59.71 -19.06 18.39
C SER E 581 -58.77 -20.13 18.96
N ASP E 582 -58.30 -20.00 20.20
CA ASP E 582 -57.41 -21.03 20.74
C ASP E 582 -56.20 -21.26 19.84
N VAL E 583 -55.84 -20.28 19.00
CA VAL E 583 -54.76 -20.48 18.06
C VAL E 583 -53.72 -19.37 18.07
N ASN E 584 -53.35 -18.90 19.26
CA ASN E 584 -52.38 -17.81 19.41
C ASN E 584 -52.74 -16.66 18.50
N PRO E 585 -53.13 -15.50 19.06
CA PRO E 585 -53.52 -14.30 18.31
C PRO E 585 -52.60 -14.03 17.14
N ASP E 586 -51.30 -14.01 17.41
CA ASP E 586 -50.31 -13.82 16.35
C ASP E 586 -50.27 -15.19 15.67
N HIS E 587 -49.62 -15.30 14.52
CA HIS E 587 -49.56 -16.58 13.78
C HIS E 587 -50.90 -17.01 13.13
N ALA E 588 -50.86 -17.25 11.83
CA ALA E 588 -52.03 -17.65 11.08
C ALA E 588 -52.09 -19.18 10.96
N ASN E 589 -53.20 -19.71 10.46
CA ASN E 589 -53.33 -21.17 10.33
C ASN E 589 -54.27 -21.45 9.16
N HIS E 590 -53.74 -21.60 7.95
CA HIS E 590 -54.63 -21.81 6.83
C HIS E 590 -55.62 -22.97 6.99
N GLU E 591 -55.22 -24.03 7.67
CA GLU E 591 -56.10 -25.17 7.84
C GLU E 591 -57.17 -24.89 8.87
N ALA E 592 -57.15 -23.71 9.47
CA ALA E 592 -58.15 -23.37 10.48
C ALA E 592 -59.04 -22.28 9.92
N ALA E 593 -58.57 -21.60 8.88
CA ALA E 593 -59.36 -20.56 8.26
C ALA E 593 -60.37 -21.29 7.39
N LEU E 594 -59.89 -22.34 6.74
CA LEU E 594 -60.74 -23.20 5.95
C LEU E 594 -61.10 -24.12 7.12
N PHE E 595 -62.31 -24.67 7.17
CA PHE E 595 -62.76 -25.50 8.31
C PHE E 595 -63.00 -24.53 9.48
N GLY E 596 -63.87 -24.90 10.41
CA GLY E 596 -64.13 -23.99 11.51
C GLY E 596 -63.45 -24.30 12.83
N PHE E 597 -62.73 -25.43 12.89
CA PHE E 597 -62.06 -25.82 14.11
C PHE E 597 -60.58 -25.44 14.09
N TYR E 598 -59.78 -26.20 14.82
CA TYR E 598 -58.36 -25.97 14.92
C TYR E 598 -57.85 -27.40 14.87
N PRO E 599 -57.62 -27.93 13.66
CA PRO E 599 -57.17 -29.29 13.36
C PRO E 599 -56.05 -29.85 14.23
N GLN E 600 -54.91 -29.19 14.18
CA GLN E 600 -53.75 -29.62 14.96
C GLN E 600 -54.10 -29.89 16.41
N LYS E 601 -54.68 -28.92 17.10
CA LYS E 601 -55.00 -29.13 18.50
C LYS E 601 -55.89 -30.34 18.65
N GLY E 602 -56.94 -30.41 17.84
CA GLY E 602 -57.87 -31.52 17.92
C GLY E 602 -57.25 -32.87 17.69
N LEU E 603 -56.52 -33.01 16.58
CA LEU E 603 -55.83 -34.25 16.26
C LEU E 603 -54.80 -34.61 17.34
N PHE E 604 -53.97 -33.63 17.72
CA PHE E 604 -52.96 -33.87 18.74
C PHE E 604 -53.62 -34.40 20.02
N GLU E 605 -54.53 -33.63 20.61
CA GLU E 605 -55.15 -34.11 21.82
C GLU E 605 -55.91 -35.43 21.65
N GLU E 606 -56.49 -35.69 20.49
CA GLU E 606 -57.16 -36.97 20.33
C GLU E 606 -56.04 -38.03 20.31
N TYR E 607 -55.20 -37.98 19.29
CA TYR E 607 -54.09 -38.91 19.18
C TYR E 607 -53.36 -39.12 20.53
N ALA E 608 -53.24 -38.06 21.30
CA ALA E 608 -52.55 -38.10 22.57
C ALA E 608 -53.16 -39.10 23.55
N ALA E 609 -54.47 -39.32 23.44
CA ALA E 609 -55.17 -40.23 24.34
C ALA E 609 -54.74 -41.68 24.19
N PHE E 610 -54.05 -42.00 23.10
CA PHE E 610 -53.65 -43.38 22.91
C PHE E 610 -52.55 -43.75 23.88
N GLY E 611 -51.66 -42.79 24.10
CA GLY E 611 -50.59 -42.92 25.08
C GLY E 611 -51.15 -42.25 26.34
N ARG E 612 -50.33 -41.76 27.26
CA ARG E 612 -50.90 -41.13 28.46
C ARG E 612 -51.53 -42.24 29.28
N GLY E 613 -50.79 -42.67 30.28
CA GLY E 613 -51.22 -43.78 31.09
C GLY E 613 -50.19 -44.72 30.54
N HIS E 614 -50.61 -45.70 29.76
CA HIS E 614 -49.66 -46.64 29.16
C HIS E 614 -48.46 -45.88 28.55
N GLY E 615 -47.33 -45.83 29.26
CA GLY E 615 -46.13 -45.12 28.79
C GLY E 615 -46.45 -43.97 27.87
N HIS E 616 -45.71 -43.80 26.77
CA HIS E 616 -45.96 -42.78 25.72
C HIS E 616 -46.57 -41.40 26.05
N ASP E 617 -46.55 -40.97 27.30
CA ASP E 617 -47.19 -39.74 27.70
C ASP E 617 -46.79 -38.49 26.99
N LEU E 618 -47.69 -37.88 26.22
CA LEU E 618 -47.38 -36.62 25.59
C LEU E 618 -47.91 -35.50 26.48
N ALA E 619 -47.29 -34.34 26.44
CA ALA E 619 -47.73 -33.21 27.25
C ALA E 619 -48.95 -32.55 26.62
N PRO E 620 -49.57 -31.58 27.31
CA PRO E 620 -50.74 -30.94 26.70
C PRO E 620 -50.29 -30.22 25.44
N PHE E 621 -51.10 -30.29 24.39
CA PHE E 621 -50.79 -29.60 23.13
C PHE E 621 -50.18 -28.20 23.34
N ASP E 622 -50.95 -27.28 23.94
CA ASP E 622 -50.46 -25.92 24.18
C ASP E 622 -49.07 -25.84 24.79
N THR E 623 -48.74 -26.75 25.70
CA THR E 623 -47.44 -26.72 26.34
C THR E 623 -46.31 -26.81 25.34
N TYR E 624 -46.44 -27.66 24.35
CA TYR E 624 -45.39 -27.81 23.36
C TYR E 624 -45.06 -26.55 22.56
N HIS E 625 -45.93 -25.55 22.59
CA HIS E 625 -45.69 -24.32 21.84
C HIS E 625 -44.93 -23.33 22.67
N GLU E 626 -44.99 -23.45 24.00
CA GLU E 626 -44.30 -22.52 24.88
C GLU E 626 -42.89 -22.98 25.18
N VAL E 627 -42.59 -24.25 24.95
CA VAL E 627 -41.27 -24.79 25.25
C VAL E 627 -40.54 -25.32 24.03
N ARG E 628 -39.24 -25.49 24.12
CA ARG E 628 -38.52 -26.05 22.99
C ARG E 628 -38.42 -27.57 23.16
N GLY E 629 -39.57 -28.25 23.06
CA GLY E 629 -39.64 -29.70 23.19
C GLY E 629 -39.51 -30.31 24.57
N LEU E 630 -40.00 -31.54 24.71
CA LEU E 630 -39.92 -32.30 25.96
C LEU E 630 -39.79 -33.75 25.53
N HIS E 631 -38.80 -34.48 26.09
CA HIS E 631 -38.67 -35.88 25.71
C HIS E 631 -39.77 -36.67 26.43
N TRP E 632 -40.45 -37.56 25.70
CA TRP E 632 -41.62 -38.26 26.24
C TRP E 632 -41.47 -39.58 26.95
N PRO E 633 -42.38 -39.88 27.90
CA PRO E 633 -43.46 -39.90 28.90
C PRO E 633 -43.41 -38.62 29.69
N VAL E 634 -44.23 -37.66 29.28
CA VAL E 634 -44.28 -36.43 30.00
C VAL E 634 -45.40 -36.60 30.98
N VAL E 635 -45.04 -36.91 32.22
CA VAL E 635 -45.99 -37.14 33.28
C VAL E 635 -46.01 -36.00 34.27
N GLU E 636 -47.15 -35.33 34.37
CA GLU E 636 -47.33 -34.19 35.25
C GLU E 636 -46.41 -33.06 34.77
N GLY E 637 -46.33 -32.92 33.46
CA GLY E 637 -45.53 -31.87 32.87
C GLY E 637 -44.03 -32.01 33.03
N GLU E 638 -43.58 -33.22 33.40
CA GLU E 638 -42.15 -33.50 33.57
C GLU E 638 -41.67 -34.56 32.59
N GLU E 639 -40.68 -34.20 31.79
CA GLU E 639 -40.11 -35.09 30.79
C GLU E 639 -39.26 -36.17 31.37
N THR E 640 -39.06 -37.20 30.55
CA THR E 640 -38.27 -38.36 30.94
C THR E 640 -37.03 -38.55 30.10
N ARG E 641 -35.87 -38.43 30.74
CA ARG E 641 -34.61 -38.62 30.03
C ARG E 641 -34.36 -40.09 29.82
N TRP E 642 -34.12 -40.81 30.91
CA TRP E 642 -33.86 -42.25 30.86
C TRP E 642 -35.07 -43.09 31.24
N ARG E 643 -35.44 -44.02 30.37
CA ARG E 643 -36.59 -44.90 30.58
C ARG E 643 -36.22 -46.22 31.22
N TYR E 644 -37.17 -46.76 32.00
CA TYR E 644 -37.01 -48.04 32.70
C TYR E 644 -36.09 -48.00 33.91
N ARG E 645 -35.91 -46.85 34.51
CA ARG E 645 -35.07 -46.76 35.69
C ARG E 645 -35.81 -46.07 36.80
N GLU E 646 -35.89 -46.72 37.94
CA GLU E 646 -36.58 -46.12 39.04
C GLU E 646 -35.90 -44.77 39.32
N GLY E 647 -36.71 -43.74 39.56
CA GLY E 647 -36.15 -42.43 39.82
C GLY E 647 -36.08 -41.56 38.57
N PHE E 648 -35.74 -42.17 37.44
CA PHE E 648 -35.66 -41.46 36.17
C PHE E 648 -36.99 -41.62 35.45
N ASP E 649 -37.52 -42.85 35.40
CA ASP E 649 -38.78 -43.13 34.72
C ASP E 649 -39.84 -43.31 35.80
N PRO E 650 -40.99 -42.63 35.67
CA PRO E 650 -42.04 -42.76 36.68
C PRO E 650 -42.86 -44.06 36.56
N TYR E 651 -42.68 -44.78 35.46
CA TYR E 651 -43.45 -45.98 35.27
C TYR E 651 -42.82 -47.16 35.96
N VAL E 652 -41.71 -46.89 36.65
CA VAL E 652 -41.02 -47.92 37.41
C VAL E 652 -41.45 -47.72 38.86
N LYS E 653 -42.11 -48.73 39.43
CA LYS E 653 -42.63 -48.64 40.78
C LYS E 653 -41.52 -48.62 41.82
N PRO E 654 -41.68 -47.82 42.89
CA PRO E 654 -40.70 -47.65 43.97
C PRO E 654 -39.78 -48.82 44.26
N GLY E 655 -40.32 -49.95 44.67
CA GLY E 655 -39.42 -51.05 44.94
C GLY E 655 -39.15 -51.80 43.65
N GLU E 656 -38.23 -51.31 42.82
CA GLU E 656 -37.98 -52.01 41.58
C GLU E 656 -36.57 -51.93 41.05
N GLY E 657 -36.13 -50.73 40.67
CA GLY E 657 -34.77 -50.56 40.15
C GLY E 657 -34.86 -50.34 38.65
N LEU E 658 -35.01 -51.44 37.91
CA LEU E 658 -35.17 -51.42 36.46
C LEU E 658 -36.35 -52.32 36.20
N ARG E 659 -37.05 -52.09 35.10
CA ARG E 659 -38.16 -52.95 34.73
C ARG E 659 -38.59 -52.59 33.34
N PHE E 660 -38.11 -53.34 32.36
CA PHE E 660 -38.46 -53.09 30.97
C PHE E 660 -39.94 -53.44 30.87
N TYR E 661 -40.78 -52.56 31.38
CA TYR E 661 -42.18 -52.78 31.43
C TYR E 661 -42.91 -52.91 30.10
N GLY E 662 -42.17 -53.08 29.03
CA GLY E 662 -42.85 -53.24 27.75
C GLY E 662 -43.20 -54.71 27.71
N LYS E 663 -42.30 -55.48 28.30
CA LYS E 663 -42.43 -56.91 28.43
C LYS E 663 -43.25 -57.17 29.68
N PRO E 664 -44.06 -58.24 29.69
CA PRO E 664 -44.89 -58.53 30.85
C PRO E 664 -44.03 -58.88 32.06
N ASP E 665 -43.09 -59.80 31.90
CA ASP E 665 -42.25 -60.18 33.01
C ASP E 665 -41.23 -59.13 33.32
N GLY E 666 -41.14 -58.12 32.46
CA GLY E 666 -40.23 -57.03 32.69
C GLY E 666 -38.78 -57.39 32.55
N ARG E 667 -38.49 -58.30 31.63
CA ARG E 667 -37.13 -58.73 31.34
C ARG E 667 -36.86 -58.52 29.86
N ALA E 668 -35.69 -58.00 29.53
CA ALA E 668 -35.29 -57.77 28.15
C ALA E 668 -34.67 -59.05 27.59
N VAL E 669 -34.94 -59.31 26.32
CA VAL E 669 -34.46 -60.48 25.64
C VAL E 669 -33.04 -60.41 25.09
N ILE E 670 -32.29 -61.51 25.20
CA ILE E 670 -30.93 -61.57 24.65
C ILE E 670 -31.02 -62.62 23.58
N LEU E 671 -30.80 -62.23 22.34
CA LEU E 671 -30.93 -63.15 21.22
C LEU E 671 -29.70 -63.83 20.78
N GLY E 672 -29.77 -65.15 20.65
CA GLY E 672 -28.62 -65.92 20.17
C GLY E 672 -28.84 -66.01 18.68
N VAL E 673 -28.02 -65.31 17.91
CA VAL E 673 -28.19 -65.31 16.47
C VAL E 673 -26.87 -65.56 15.76
N PRO E 674 -26.93 -66.13 14.56
CA PRO E 674 -25.74 -66.46 13.79
C PRO E 674 -25.44 -65.50 12.68
N TYR E 675 -24.16 -65.24 12.46
CA TYR E 675 -23.75 -64.40 11.35
C TYR E 675 -24.28 -65.04 10.05
N GLU E 676 -24.66 -64.21 9.11
CA GLU E 676 -25.08 -64.74 7.83
C GLU E 676 -24.53 -63.81 6.80
N PRO E 677 -24.54 -64.22 5.54
CA PRO E 677 -23.99 -63.32 4.53
C PRO E 677 -25.03 -62.41 3.84
N PRO E 678 -24.56 -61.34 3.18
CA PRO E 678 -25.41 -60.42 2.44
C PRO E 678 -26.06 -61.11 1.25
N ALA E 679 -27.17 -60.57 0.79
CA ALA E 679 -27.90 -61.14 -0.32
C ALA E 679 -27.03 -61.27 -1.55
N GLU E 680 -26.27 -60.22 -1.86
CA GLU E 680 -25.40 -60.24 -3.02
C GLU E 680 -24.00 -59.78 -2.67
N SER E 681 -23.01 -60.64 -2.90
CA SER E 681 -21.62 -60.29 -2.66
C SER E 681 -20.89 -60.23 -4.00
N PRO E 682 -19.76 -59.52 -4.06
CA PRO E 682 -19.00 -59.44 -5.31
C PRO E 682 -18.54 -60.78 -5.84
N ASP E 683 -18.59 -60.89 -7.18
CA ASP E 683 -18.21 -62.07 -7.95
C ASP E 683 -16.94 -61.80 -8.73
N GLU E 684 -16.80 -62.54 -9.83
CA GLU E 684 -15.66 -62.40 -10.72
C GLU E 684 -16.13 -61.37 -11.77
N GLU E 685 -17.41 -61.44 -12.15
CA GLU E 685 -17.95 -60.52 -13.12
C GLU E 685 -18.08 -59.17 -12.44
N PHE E 686 -18.76 -59.13 -11.29
CA PHE E 686 -18.98 -57.88 -10.56
C PHE E 686 -18.13 -57.86 -9.32
N GLY E 687 -16.88 -57.40 -9.44
CA GLY E 687 -15.94 -57.38 -8.32
C GLY E 687 -16.02 -56.35 -7.21
N PHE E 688 -16.74 -55.26 -7.44
CA PHE E 688 -16.86 -54.20 -6.45
C PHE E 688 -18.08 -54.23 -5.53
N TRP E 689 -17.88 -53.76 -4.31
CA TRP E 689 -18.96 -53.63 -3.33
C TRP E 689 -19.58 -52.27 -3.60
N LEU E 690 -20.91 -52.21 -3.71
CA LEU E 690 -21.55 -50.92 -3.91
C LEU E 690 -22.21 -50.45 -2.62
N VAL E 691 -21.53 -49.52 -1.96
CA VAL E 691 -22.02 -48.94 -0.73
C VAL E 691 -22.76 -47.70 -1.19
N THR E 692 -23.87 -47.42 -0.52
CA THR E 692 -24.70 -46.28 -0.88
C THR E 692 -25.02 -45.43 0.32
N GLY E 693 -24.97 -44.10 0.18
CA GLY E 693 -25.30 -43.27 1.32
C GLY E 693 -25.62 -41.81 1.06
N ARG E 694 -25.09 -40.93 1.94
CA ARG E 694 -25.32 -39.51 1.83
C ARG E 694 -24.09 -38.66 1.97
N VAL E 695 -24.31 -37.36 1.88
CA VAL E 695 -23.25 -36.39 1.95
C VAL E 695 -23.75 -35.22 2.78
N LEU E 696 -22.90 -34.63 3.61
CA LEU E 696 -23.26 -33.50 4.48
C LEU E 696 -24.16 -32.44 3.87
N GLU E 697 -23.75 -31.97 2.72
CA GLU E 697 -24.45 -30.92 2.03
C GLU E 697 -25.82 -31.23 1.47
N HIS E 698 -26.17 -32.49 1.31
CA HIS E 698 -27.48 -32.81 0.72
C HIS E 698 -28.41 -33.72 1.46
N TRP E 699 -29.68 -33.41 1.39
CA TRP E 699 -30.70 -34.17 2.05
C TRP E 699 -31.43 -35.02 1.06
N HIS E 700 -31.30 -36.35 1.20
CA HIS E 700 -31.96 -37.36 0.34
C HIS E 700 -31.93 -37.10 -1.16
N SER E 701 -33.10 -36.73 -1.72
CA SER E 701 -33.29 -36.41 -3.14
C SER E 701 -32.69 -35.11 -3.60
N GLY E 702 -32.24 -34.29 -2.67
CA GLY E 702 -31.71 -32.99 -3.05
C GLY E 702 -32.82 -32.06 -3.57
N SER E 703 -34.09 -32.44 -3.43
CA SER E 703 -35.18 -31.58 -3.93
C SER E 703 -35.14 -30.28 -3.21
N MET E 704 -34.57 -30.27 -2.01
CA MET E 704 -34.51 -29.04 -1.25
C MET E 704 -33.11 -28.51 -1.24
N THR E 705 -32.13 -29.35 -0.94
CA THR E 705 -30.79 -28.83 -0.88
C THR E 705 -30.17 -28.54 -2.23
N LEU E 706 -30.57 -29.24 -3.27
CA LEU E 706 -30.00 -28.97 -4.58
C LEU E 706 -30.53 -27.64 -5.11
N ARG E 707 -31.44 -27.03 -4.35
CA ARG E 707 -32.01 -25.75 -4.72
C ARG E 707 -31.45 -24.60 -3.92
N TRP E 708 -30.86 -24.91 -2.77
CA TRP E 708 -30.20 -23.92 -1.97
C TRP E 708 -28.83 -23.80 -2.71
N PRO E 709 -28.52 -22.62 -3.30
CA PRO E 709 -27.30 -22.37 -4.05
C PRO E 709 -25.98 -22.78 -3.45
N GLU E 710 -25.71 -22.37 -2.21
CA GLU E 710 -24.44 -22.71 -1.60
C GLU E 710 -24.24 -24.20 -1.39
N LEU E 711 -25.34 -24.92 -1.17
CA LEU E 711 -25.25 -26.35 -0.97
C LEU E 711 -25.05 -27.02 -2.32
N TYR E 712 -25.78 -26.59 -3.34
CA TYR E 712 -25.61 -27.17 -4.67
C TYR E 712 -24.16 -26.94 -5.11
N LYS E 713 -23.74 -25.68 -5.14
CA LYS E 713 -22.37 -25.30 -5.51
C LYS E 713 -21.33 -26.11 -4.75
N ALA E 714 -21.61 -26.37 -3.47
CA ALA E 714 -20.72 -27.12 -2.61
C ALA E 714 -20.47 -28.53 -3.04
N PHE E 715 -21.44 -29.10 -3.73
CA PHE E 715 -21.38 -30.49 -4.19
C PHE E 715 -22.47 -30.63 -5.23
N PRO E 716 -22.28 -30.05 -6.41
CA PRO E 716 -23.25 -30.06 -7.51
C PRO E 716 -23.86 -31.37 -7.93
N GLY E 717 -23.04 -32.40 -8.16
CA GLY E 717 -23.63 -33.66 -8.56
C GLY E 717 -22.99 -34.85 -7.93
N ALA E 718 -23.67 -35.99 -8.01
CA ALA E 718 -23.19 -37.24 -7.46
C ALA E 718 -21.84 -37.69 -8.04
N VAL E 719 -21.15 -38.54 -7.30
CA VAL E 719 -19.84 -39.02 -7.70
C VAL E 719 -19.58 -40.40 -7.16
N CYS E 720 -18.75 -41.18 -7.86
CA CYS E 720 -18.40 -42.50 -7.37
C CYS E 720 -17.05 -42.41 -6.65
N PHE E 721 -17.04 -42.72 -5.37
CA PHE E 721 -15.79 -42.69 -4.61
C PHE E 721 -15.12 -44.03 -4.83
N MET E 722 -13.86 -44.03 -5.22
CA MET E 722 -13.17 -45.28 -5.48
C MET E 722 -11.75 -45.24 -4.91
N HIS E 723 -11.03 -46.37 -4.92
CA HIS E 723 -9.67 -46.36 -4.40
C HIS E 723 -8.74 -45.76 -5.47
N PRO E 724 -7.75 -44.97 -5.06
CA PRO E 724 -6.84 -44.38 -6.03
C PRO E 724 -6.14 -45.41 -6.89
N GLU E 725 -5.91 -46.61 -6.36
CA GLU E 725 -5.23 -47.63 -7.15
C GLU E 725 -6.21 -48.47 -7.93
N ASP E 726 -7.40 -48.69 -7.39
CA ASP E 726 -8.41 -49.46 -8.11
C ASP E 726 -8.76 -48.70 -9.39
N ALA E 727 -8.30 -47.46 -9.48
CA ALA E 727 -8.54 -46.65 -10.66
C ALA E 727 -7.34 -46.77 -11.60
N ARG E 728 -6.13 -46.51 -11.10
CA ARG E 728 -4.93 -46.60 -11.93
C ARG E 728 -5.00 -47.89 -12.75
N SER E 729 -5.22 -49.00 -12.06
CA SER E 729 -5.28 -50.32 -12.69
C SER E 729 -6.21 -50.41 -13.89
N ARG E 730 -7.45 -49.95 -13.75
CA ARG E 730 -8.42 -49.98 -14.85
C ARG E 730 -8.15 -48.86 -15.86
N GLY E 731 -7.05 -48.13 -15.65
CA GLY E 731 -6.68 -47.05 -16.54
C GLY E 731 -7.59 -45.85 -16.41
N LEU E 732 -8.16 -45.70 -15.21
CA LEU E 732 -9.06 -44.61 -14.86
C LEU E 732 -8.34 -43.61 -13.98
N ASN E 733 -8.70 -42.33 -14.13
CA ASN E 733 -8.13 -41.25 -13.32
C ASN E 733 -9.29 -40.59 -12.61
N ARG E 734 -8.98 -39.57 -11.84
CA ARG E 734 -10.01 -38.83 -11.13
C ARG E 734 -10.74 -37.99 -12.17
N GLY E 735 -12.06 -38.07 -12.22
CA GLY E 735 -12.78 -37.26 -13.20
C GLY E 735 -13.31 -38.07 -14.37
N SER E 736 -12.79 -39.28 -14.52
CA SER E 736 -13.20 -40.19 -15.57
C SER E 736 -14.69 -40.48 -15.45
N GLU E 737 -15.37 -40.62 -16.58
CA GLU E 737 -16.80 -40.91 -16.59
C GLU E 737 -16.96 -42.42 -16.56
N VAL E 738 -17.31 -42.97 -15.40
CA VAL E 738 -17.46 -44.40 -15.24
C VAL E 738 -18.90 -44.87 -15.26
N ARG E 739 -19.05 -46.18 -15.44
CA ARG E 739 -20.36 -46.81 -15.45
C ARG E 739 -20.43 -47.78 -14.29
N VAL E 740 -21.27 -47.45 -13.32
CA VAL E 740 -21.42 -48.34 -12.19
C VAL E 740 -22.53 -49.24 -12.68
N ILE E 741 -22.19 -50.53 -12.85
CA ILE E 741 -23.11 -51.53 -13.38
C ILE E 741 -23.47 -52.72 -12.50
N SER E 742 -24.72 -53.14 -12.60
CA SER E 742 -25.22 -54.28 -11.85
C SER E 742 -26.07 -55.17 -12.74
N ARG E 743 -26.56 -56.27 -12.20
CA ARG E 743 -27.42 -57.13 -12.98
C ARG E 743 -28.75 -56.40 -13.19
N ARG E 744 -28.94 -55.27 -12.51
CA ARG E 744 -30.18 -54.51 -12.60
C ARG E 744 -30.08 -53.15 -13.30
N GLY E 745 -28.89 -52.53 -13.31
CA GLY E 745 -28.76 -51.23 -13.96
C GLY E 745 -27.40 -50.55 -13.99
N GLU E 746 -27.35 -49.38 -14.62
CA GLU E 746 -26.11 -48.62 -14.76
C GLU E 746 -26.32 -47.14 -14.52
N ILE E 747 -25.24 -46.48 -14.13
CA ILE E 747 -25.21 -45.06 -13.97
C ILE E 747 -23.88 -44.64 -14.54
N ARG E 748 -23.79 -43.35 -14.81
CA ARG E 748 -22.56 -42.72 -15.24
C ARG E 748 -22.40 -41.67 -14.17
N THR E 749 -21.39 -41.79 -13.32
CA THR E 749 -21.12 -40.81 -12.29
C THR E 749 -19.69 -40.62 -12.68
N ARG E 750 -19.04 -39.60 -12.14
CA ARG E 750 -17.65 -39.47 -12.48
C ARG E 750 -16.91 -39.99 -11.27
N LEU E 751 -15.71 -40.45 -11.52
CA LEU E 751 -14.89 -41.00 -10.47
C LEU E 751 -14.37 -39.89 -9.57
N GLU E 752 -14.19 -40.21 -8.31
CA GLU E 752 -13.53 -39.25 -7.45
C GLU E 752 -12.79 -40.05 -6.48
N THR E 753 -11.48 -39.96 -6.57
CA THR E 753 -10.65 -40.64 -5.63
C THR E 753 -10.05 -39.41 -4.99
N ARG E 754 -9.63 -39.55 -3.74
CA ARG E 754 -9.07 -38.43 -3.00
C ARG E 754 -10.15 -37.47 -2.50
N GLY E 755 -11.37 -37.99 -2.37
CA GLY E 755 -12.46 -37.20 -1.84
C GLY E 755 -12.52 -37.44 -0.34
N ARG E 756 -13.65 -37.11 0.30
CA ARG E 756 -13.77 -37.31 1.74
C ARG E 756 -13.80 -38.78 2.12
N ASN E 757 -14.54 -39.57 1.36
CA ASN E 757 -14.60 -40.99 1.65
C ASN E 757 -13.42 -41.70 0.98
N ARG E 758 -12.53 -42.25 1.81
CA ARG E 758 -11.37 -43.00 1.35
C ARG E 758 -11.68 -44.50 1.32
N MET E 759 -12.07 -44.99 0.16
CA MET E 759 -12.48 -46.37 -0.02
C MET E 759 -11.39 -47.43 0.11
N PRO E 760 -11.77 -48.64 0.56
CA PRO E 760 -10.80 -49.73 0.68
C PRO E 760 -10.83 -50.40 -0.68
N ARG E 761 -9.80 -51.16 -1.01
CA ARG E 761 -9.79 -51.77 -2.31
C ARG E 761 -10.96 -52.70 -2.47
N GLY E 762 -11.70 -52.53 -3.56
CA GLY E 762 -12.85 -53.37 -3.85
C GLY E 762 -14.19 -52.82 -3.42
N VAL E 763 -14.19 -51.67 -2.75
CA VAL E 763 -15.42 -51.03 -2.27
C VAL E 763 -15.60 -49.64 -2.90
N VAL E 764 -16.81 -49.35 -3.34
CA VAL E 764 -17.10 -48.08 -4.00
C VAL E 764 -18.32 -47.46 -3.35
N PHE E 765 -18.38 -46.13 -3.27
CA PHE E 765 -19.52 -45.47 -2.62
C PHE E 765 -20.12 -44.38 -3.48
N VAL E 766 -21.44 -44.41 -3.68
CA VAL E 766 -22.10 -43.33 -4.42
C VAL E 766 -23.31 -42.77 -3.66
N PRO E 767 -23.35 -41.46 -3.48
CA PRO E 767 -24.48 -40.85 -2.79
C PRO E 767 -25.68 -40.80 -3.75
N TRP E 768 -26.89 -40.86 -3.24
CA TRP E 768 -28.06 -40.87 -4.10
C TRP E 768 -28.88 -39.59 -4.34
N PHE E 769 -28.39 -38.43 -3.92
CA PHE E 769 -29.14 -37.18 -4.05
C PHE E 769 -29.44 -36.69 -5.45
N ASP E 770 -28.68 -37.16 -6.42
CA ASP E 770 -28.80 -36.74 -7.80
C ASP E 770 -29.78 -37.52 -8.69
N ALA E 771 -30.87 -36.88 -9.09
CA ALA E 771 -31.88 -37.57 -9.93
C ALA E 771 -31.36 -37.89 -11.33
N SER E 772 -30.29 -37.23 -11.73
CA SER E 772 -29.71 -37.55 -13.01
C SER E 772 -29.02 -38.90 -12.81
N GLN E 773 -28.48 -39.13 -11.62
CA GLN E 773 -27.79 -40.37 -11.34
C GLN E 773 -28.55 -41.30 -10.40
N LEU E 774 -29.60 -41.96 -10.91
CA LEU E 774 -30.42 -42.87 -10.10
C LEU E 774 -29.73 -44.17 -9.73
N ILE E 775 -28.93 -44.17 -8.65
CA ILE E 775 -28.21 -45.38 -8.23
C ILE E 775 -29.18 -46.45 -7.84
N ASN E 776 -30.38 -46.06 -7.43
CA ASN E 776 -31.32 -47.05 -7.02
C ASN E 776 -31.81 -47.97 -8.11
N LYS E 777 -31.31 -47.74 -9.34
CA LYS E 777 -31.62 -48.60 -10.46
C LYS E 777 -30.66 -49.77 -10.28
N VAL E 778 -29.45 -49.47 -9.82
CA VAL E 778 -28.36 -50.43 -9.58
C VAL E 778 -28.53 -51.32 -8.33
N THR E 779 -29.23 -50.81 -7.33
CA THR E 779 -29.45 -51.45 -6.04
C THR E 779 -30.37 -52.67 -6.02
N LEU E 780 -30.04 -53.64 -5.15
CA LEU E 780 -30.82 -54.86 -4.99
C LEU E 780 -31.93 -54.77 -3.93
N ASP E 781 -33.09 -55.23 -4.36
CA ASP E 781 -34.34 -55.29 -3.65
C ASP E 781 -34.35 -56.05 -2.31
N ALA E 782 -33.23 -56.55 -1.80
CA ALA E 782 -33.27 -57.34 -0.57
C ALA E 782 -33.57 -56.62 0.75
N ASN E 783 -34.27 -57.29 1.68
CA ASN E 783 -34.65 -56.71 2.98
C ASN E 783 -34.27 -57.58 4.15
N ASP E 784 -34.47 -57.06 5.35
CA ASP E 784 -34.23 -57.87 6.51
C ASP E 784 -35.60 -58.53 6.62
N PRO E 785 -35.70 -59.82 6.33
CA PRO E 785 -36.96 -60.56 6.40
C PRO E 785 -37.88 -60.38 7.61
N ILE E 786 -37.39 -59.85 8.73
CA ILE E 786 -38.24 -59.63 9.90
C ILE E 786 -38.87 -58.20 9.86
N SER E 787 -38.01 -57.20 9.66
CA SER E 787 -38.41 -55.80 9.62
C SER E 787 -38.90 -55.35 8.24
N ARG E 788 -38.37 -56.01 7.22
CA ARG E 788 -38.69 -55.74 5.82
C ARG E 788 -38.07 -54.45 5.33
N GLN E 789 -36.97 -54.07 5.96
CA GLN E 789 -36.24 -52.85 5.60
C GLN E 789 -35.25 -53.17 4.49
N THR E 790 -35.42 -52.61 3.30
CA THR E 790 -34.46 -52.94 2.25
C THR E 790 -33.01 -52.56 2.61
N ASP E 791 -32.03 -53.27 2.05
CA ASP E 791 -30.60 -53.07 2.35
C ASP E 791 -29.88 -52.35 1.21
N PHE E 792 -29.55 -51.09 1.41
CA PHE E 792 -28.88 -50.33 0.36
C PHE E 792 -27.37 -50.22 0.54
N LYS E 793 -26.80 -50.85 1.55
CA LYS E 793 -25.37 -50.69 1.77
C LYS E 793 -24.38 -51.66 1.09
N LYS E 794 -24.90 -52.67 0.39
CA LYS E 794 -24.01 -53.60 -0.31
C LYS E 794 -24.67 -54.45 -1.37
N CYS E 795 -23.96 -54.62 -2.48
CA CYS E 795 -24.36 -55.45 -3.61
C CYS E 795 -23.15 -55.44 -4.51
N ALA E 796 -23.10 -56.34 -5.48
CA ALA E 796 -21.96 -56.44 -6.36
C ALA E 796 -22.15 -55.56 -7.56
N VAL E 797 -21.11 -54.81 -7.91
CA VAL E 797 -21.15 -53.90 -9.04
C VAL E 797 -19.86 -53.88 -9.85
N LYS E 798 -19.97 -53.67 -11.16
CA LYS E 798 -18.82 -53.59 -12.04
C LYS E 798 -18.65 -52.17 -12.57
N ILE E 799 -17.42 -51.76 -12.86
CA ILE E 799 -17.13 -50.40 -13.34
C ILE E 799 -16.26 -50.32 -14.62
N GLU E 800 -16.77 -49.66 -15.66
CA GLU E 800 -16.07 -49.49 -16.93
C GLU E 800 -16.13 -48.02 -17.42
N ALA E 801 -15.31 -47.53 -18.24
N ASP F 2 -23.51 -29.10 -15.35
CA ASP F 2 -24.99 -28.93 -15.14
C ASP F 2 -25.81 -29.70 -16.23
N ALA F 3 -26.42 -30.81 -15.78
CA ALA F 3 -27.15 -31.73 -16.65
C ALA F 3 -28.60 -32.03 -16.26
N PRO F 4 -29.25 -33.07 -16.85
CA PRO F 4 -30.65 -33.36 -16.57
C PRO F 4 -31.08 -33.08 -15.18
N ARG F 5 -31.71 -31.91 -15.06
CA ARG F 5 -32.19 -31.42 -13.79
C ARG F 5 -32.06 -32.56 -12.80
N LEU F 6 -30.94 -32.53 -12.07
CA LEU F 6 -30.67 -33.52 -11.06
C LEU F 6 -31.92 -33.37 -10.18
N THR F 7 -32.75 -32.39 -10.54
CA THR F 7 -33.97 -32.10 -9.85
C THR F 7 -35.18 -32.85 -10.46
N GLY F 8 -35.27 -32.93 -11.80
CA GLY F 8 -36.38 -33.61 -12.46
C GLY F 8 -36.13 -34.91 -13.23
N ALA F 9 -34.88 -35.16 -13.62
CA ALA F 9 -34.48 -36.36 -14.36
C ALA F 9 -35.24 -36.56 -15.69
N ASP F 10 -34.56 -36.39 -16.82
CA ASP F 10 -35.20 -36.51 -18.14
C ASP F 10 -35.77 -37.88 -18.32
N ARG F 11 -36.92 -38.02 -19.02
CA ARG F 11 -37.60 -39.30 -19.25
C ARG F 11 -36.87 -40.35 -18.43
N PRO F 12 -37.05 -40.31 -17.08
CA PRO F 12 -36.40 -41.15 -16.08
C PRO F 12 -35.79 -42.47 -16.47
N MET F 13 -34.62 -42.71 -15.90
CA MET F 13 -33.90 -43.96 -16.09
C MET F 13 -33.43 -44.27 -17.50
N SER F 14 -33.67 -43.32 -18.40
CA SER F 14 -33.29 -43.42 -19.80
C SER F 14 -31.82 -43.76 -20.08
N GLU F 15 -30.91 -42.95 -19.51
CA GLU F 15 -29.44 -43.05 -19.65
C GLU F 15 -28.99 -41.61 -19.79
N VAL F 16 -28.23 -41.14 -18.82
CA VAL F 16 -27.77 -39.79 -18.82
C VAL F 16 -26.28 -39.68 -18.71
N ALA F 17 -25.74 -38.68 -19.40
CA ALA F 17 -24.31 -38.44 -19.37
C ALA F 17 -24.05 -37.51 -18.20
N ALA F 18 -23.00 -37.82 -17.45
CA ALA F 18 -22.64 -37.05 -16.29
C ALA F 18 -21.55 -36.04 -16.59
N PRO F 19 -21.88 -34.75 -16.49
CA PRO F 19 -20.94 -33.65 -16.73
C PRO F 19 -19.69 -33.87 -15.92
N PRO F 20 -18.58 -33.23 -16.29
CA PRO F 20 -17.33 -33.39 -15.56
C PRO F 20 -17.29 -32.60 -14.25
N LEU F 21 -16.59 -33.16 -13.26
CA LEU F 21 -16.46 -32.56 -11.95
C LEU F 21 -16.23 -31.07 -12.14
N PRO F 22 -16.95 -30.25 -11.38
CA PRO F 22 -16.82 -28.80 -11.46
C PRO F 22 -15.61 -28.49 -10.62
N GLU F 23 -14.94 -27.39 -10.91
CA GLU F 23 -13.75 -27.09 -10.15
C GLU F 23 -13.97 -26.12 -9.01
N THR F 24 -13.35 -26.47 -7.89
CA THR F 24 -13.43 -25.70 -6.67
C THR F 24 -12.93 -24.33 -6.93
N ILE F 25 -13.45 -23.36 -6.17
CA ILE F 25 -13.03 -21.97 -6.31
C ILE F 25 -11.95 -21.66 -5.30
N THR F 26 -10.73 -21.51 -5.80
CA THR F 26 -9.55 -21.24 -5.01
C THR F 26 -9.20 -19.75 -4.92
N ASP F 27 -9.88 -18.92 -5.71
CA ASP F 27 -9.65 -17.49 -5.71
C ASP F 27 -10.03 -17.03 -4.31
N ASP F 28 -9.02 -16.68 -3.53
CA ASP F 28 -9.18 -16.32 -2.13
C ASP F 28 -10.07 -15.14 -1.73
N ARG F 29 -11.17 -14.92 -2.44
CA ARG F 29 -12.07 -13.82 -2.12
C ARG F 29 -13.24 -14.18 -1.21
N ARG F 30 -13.31 -13.58 -0.04
CA ARG F 30 -14.41 -13.83 0.89
C ARG F 30 -15.69 -13.48 0.16
N VAL F 31 -16.80 -14.13 0.48
CA VAL F 31 -18.00 -13.87 -0.29
C VAL F 31 -19.08 -12.90 0.17
N GLY F 32 -19.44 -12.87 1.44
CA GLY F 32 -20.47 -11.91 1.81
C GLY F 32 -21.83 -12.55 1.99
N ARG F 33 -22.36 -12.44 3.20
CA ARG F 33 -23.60 -13.10 3.54
C ARG F 33 -24.78 -12.18 3.69
N ASN F 34 -25.93 -12.76 3.98
CA ASN F 34 -27.17 -12.02 4.10
C ASN F 34 -27.69 -11.83 5.53
N TYR F 35 -27.35 -12.76 6.41
CA TYR F 35 -27.79 -12.63 7.78
C TYR F 35 -26.62 -13.02 8.65
N PRO F 36 -26.59 -12.52 9.91
CA PRO F 36 -25.48 -12.90 10.80
C PRO F 36 -25.61 -14.42 10.80
N GLU F 37 -24.85 -15.15 11.58
CA GLU F 37 -25.05 -16.60 11.56
C GLU F 37 -25.23 -17.34 10.24
N GLN F 38 -24.97 -16.72 9.09
CA GLN F 38 -25.03 -17.48 7.85
C GLN F 38 -23.59 -17.90 7.66
N PRO F 39 -23.28 -19.19 7.81
CA PRO F 39 -21.91 -19.64 7.68
C PRO F 39 -21.14 -19.19 6.44
N PRO F 40 -20.03 -18.47 6.64
CA PRO F 40 -19.22 -18.01 5.54
C PRO F 40 -18.88 -19.24 4.69
N VAL F 41 -18.68 -19.03 3.41
CA VAL F 41 -18.31 -20.13 2.53
C VAL F 41 -16.79 -20.13 2.52
N ILE F 42 -16.13 -21.27 2.32
CA ILE F 42 -14.67 -21.26 2.30
C ILE F 42 -14.14 -20.82 0.93
N PRO F 43 -13.46 -19.68 0.88
CA PRO F 43 -12.92 -19.13 -0.36
C PRO F 43 -11.62 -19.74 -0.83
N HIS F 44 -11.05 -20.67 -0.07
CA HIS F 44 -9.79 -21.26 -0.50
C HIS F 44 -9.98 -22.74 -0.55
N SER F 45 -8.89 -23.47 -0.77
CA SER F 45 -8.96 -24.93 -0.88
C SER F 45 -8.90 -25.64 0.45
N ILE F 46 -9.40 -26.86 0.47
CA ILE F 46 -9.39 -27.68 1.66
C ILE F 46 -8.40 -28.82 1.47
N GLU F 47 -8.58 -29.58 0.39
CA GLU F 47 -7.76 -30.73 0.02
C GLU F 47 -6.95 -31.44 1.11
N GLY F 48 -5.67 -31.10 1.22
CA GLY F 48 -4.80 -31.76 2.17
C GLY F 48 -5.03 -31.49 3.64
N TYR F 49 -5.93 -30.56 3.94
CA TYR F 49 -6.20 -30.17 5.31
C TYR F 49 -6.84 -31.25 6.12
N GLN F 50 -6.20 -31.58 7.23
CA GLN F 50 -6.69 -32.63 8.11
C GLN F 50 -7.40 -32.10 9.36
N LEU F 51 -8.50 -32.73 9.70
CA LEU F 51 -9.26 -32.41 10.90
C LEU F 51 -9.40 -33.76 11.58
N SER F 52 -8.62 -34.00 12.64
CA SER F 52 -8.66 -35.26 13.33
C SER F 52 -8.48 -35.10 14.84
N VAL F 53 -8.37 -36.22 15.53
CA VAL F 53 -8.19 -36.22 16.97
C VAL F 53 -6.88 -35.58 17.30
N ASN F 54 -5.93 -35.68 16.37
CA ASN F 54 -4.61 -35.18 16.60
C ASN F 54 -4.27 -33.85 15.98
N ALA F 55 -5.04 -33.42 15.00
CA ALA F 55 -4.73 -32.14 14.37
C ALA F 55 -5.90 -31.45 13.75
N ASN F 56 -5.79 -30.13 13.66
CA ASN F 56 -6.83 -29.33 13.03
C ASN F 56 -6.10 -28.25 12.23
N ARG F 57 -5.92 -28.50 10.94
CA ARG F 57 -5.18 -27.58 10.10
C ARG F 57 -5.73 -26.17 10.15
N CYS F 58 -7.04 -26.05 10.17
CA CYS F 58 -7.68 -24.77 10.19
C CYS F 58 -7.24 -23.90 11.32
N LEU F 59 -7.29 -24.43 12.53
CA LEU F 59 -6.94 -23.65 13.70
C LEU F 59 -5.52 -23.09 13.70
N GLU F 60 -4.77 -23.45 12.66
CA GLU F 60 -3.39 -22.96 12.54
C GLU F 60 -3.40 -21.57 11.98
N CYS F 61 -4.46 -21.23 11.28
CA CYS F 61 -4.56 -19.94 10.68
C CYS F 61 -5.74 -19.17 11.21
N HIS F 62 -6.74 -19.87 11.67
CA HIS F 62 -7.95 -19.23 12.15
C HIS F 62 -7.94 -19.21 13.66
N ARG F 63 -7.33 -18.17 14.21
CA ARG F 63 -7.21 -18.07 15.65
C ARG F 63 -7.17 -16.62 16.03
N ARG F 64 -7.13 -16.33 17.33
CA ARG F 64 -7.04 -14.95 17.76
C ARG F 64 -5.80 -14.76 18.60
N GLN F 65 -5.06 -13.66 18.43
CA GLN F 65 -3.86 -13.52 19.26
C GLN F 65 -4.11 -12.67 20.50
N TYR F 66 -3.50 -13.08 21.61
CA TYR F 66 -3.66 -12.35 22.84
C TYR F 66 -2.30 -12.03 23.44
N SER F 67 -1.98 -12.64 24.56
CA SER F 67 -0.75 -12.36 25.31
C SER F 67 -0.22 -10.97 25.03
N GLY F 68 -1.13 -10.00 24.97
CA GLY F 68 -0.77 -8.61 24.79
C GLY F 68 -0.57 -8.10 23.39
N LEU F 69 -0.33 -8.99 22.45
CA LEU F 69 -0.08 -8.61 21.08
C LEU F 69 -1.32 -8.37 20.23
N VAL F 70 -1.12 -7.69 19.11
CA VAL F 70 -2.22 -7.38 18.22
C VAL F 70 -2.00 -7.92 16.81
N ALA F 71 -2.91 -8.79 16.39
CA ALA F 71 -2.90 -9.34 15.05
C ALA F 71 -4.35 -9.30 14.59
N ALA F 72 -4.58 -9.49 13.30
CA ALA F 72 -5.92 -9.49 12.75
C ALA F 72 -6.64 -10.76 13.14
N PRO F 73 -7.88 -10.61 13.59
CA PRO F 73 -8.71 -11.75 14.00
C PRO F 73 -9.08 -12.69 12.83
N MET F 74 -9.04 -14.00 13.09
CA MET F 74 -9.35 -15.02 12.07
C MET F 74 -10.49 -15.99 12.38
N ILE F 75 -11.15 -15.85 13.52
CA ILE F 75 -12.35 -16.61 13.90
C ILE F 75 -13.07 -15.66 14.82
N SER F 76 -14.40 -15.73 14.82
CA SER F 76 -15.21 -14.89 15.68
C SER F 76 -15.20 -15.55 17.04
N ILE F 77 -15.24 -14.75 18.08
CA ILE F 77 -15.18 -15.28 19.42
C ILE F 77 -16.37 -16.14 19.79
N THR F 78 -17.37 -16.16 18.92
CA THR F 78 -18.53 -16.96 19.19
C THR F 78 -18.14 -18.44 19.09
N HIS F 79 -16.96 -18.69 18.52
CA HIS F 79 -16.45 -20.04 18.37
C HIS F 79 -15.75 -20.43 19.66
N PHE F 80 -15.75 -19.54 20.62
CA PHE F 80 -15.16 -19.83 21.92
C PHE F 80 -16.21 -20.25 22.98
N GLN F 81 -17.49 -20.07 22.70
CA GLN F 81 -18.47 -20.38 23.70
C GLN F 81 -18.81 -21.84 23.73
N ASP F 82 -18.99 -22.37 24.94
CA ASP F 82 -19.33 -23.79 25.13
C ASP F 82 -20.82 -23.92 25.28
N ARG F 83 -21.32 -25.14 25.20
CA ARG F 83 -22.72 -25.43 25.42
C ARG F 83 -22.92 -24.61 26.70
N GLU F 84 -24.02 -23.92 26.88
CA GLU F 84 -24.16 -23.08 28.08
C GLU F 84 -23.69 -21.66 27.84
N GLY F 85 -23.16 -21.41 26.66
CA GLY F 85 -22.74 -20.10 26.23
C GLY F 85 -21.55 -19.45 26.86
N GLN F 86 -20.96 -20.11 27.85
CA GLN F 86 -19.81 -19.54 28.52
C GLN F 86 -18.66 -19.36 27.53
N MET F 87 -17.87 -18.30 27.70
CA MET F 87 -16.78 -18.10 26.78
C MET F 87 -15.45 -18.58 27.30
N LEU F 88 -15.01 -19.69 26.73
CA LEU F 88 -13.76 -20.31 27.06
C LEU F 88 -12.60 -19.46 26.60
N ALA F 89 -11.40 -19.79 27.03
CA ALA F 89 -10.23 -19.00 26.66
C ALA F 89 -9.60 -19.40 25.34
N ASP F 90 -10.39 -19.99 24.43
CA ASP F 90 -9.89 -20.45 23.13
C ASP F 90 -11.01 -21.24 22.51
N VAL F 91 -10.95 -21.47 21.20
CA VAL F 91 -12.01 -22.19 20.46
C VAL F 91 -12.49 -23.43 21.18
N SER F 92 -13.79 -23.60 21.33
CA SER F 92 -14.25 -24.77 22.07
C SER F 92 -14.33 -25.98 21.18
N PRO F 93 -14.20 -27.18 21.77
CA PRO F 93 -14.23 -28.46 21.07
C PRO F 93 -15.50 -28.69 20.26
N ARG F 94 -16.62 -28.14 20.69
CA ARG F 94 -17.82 -28.25 19.86
C ARG F 94 -17.29 -27.18 18.94
N ARG F 95 -17.46 -27.29 17.63
CA ARG F 95 -16.88 -26.31 16.69
C ARG F 95 -15.55 -26.79 16.14
N TYR F 96 -14.95 -27.78 16.76
CA TYR F 96 -13.68 -28.31 16.31
C TYR F 96 -13.77 -28.74 14.88
N PHE F 97 -14.71 -29.61 14.55
CA PHE F 97 -14.82 -30.03 13.17
C PHE F 97 -15.57 -28.94 12.43
N CYS F 98 -14.81 -28.10 11.74
CA CYS F 98 -15.35 -26.98 11.01
C CYS F 98 -16.12 -27.41 9.84
N THR F 99 -15.55 -28.35 9.08
CA THR F 99 -16.15 -28.86 7.84
C THR F 99 -17.63 -29.17 7.92
N ALA F 100 -18.17 -29.16 9.14
CA ALA F 100 -19.58 -29.43 9.38
C ALA F 100 -20.52 -28.28 9.06
N CYS F 101 -20.00 -27.07 9.18
CA CYS F 101 -20.74 -25.83 8.92
C CYS F 101 -20.09 -24.99 7.83
N HIS F 102 -18.78 -25.05 7.67
CA HIS F 102 -18.18 -24.26 6.61
C HIS F 102 -17.92 -25.11 5.38
N VAL F 103 -18.50 -24.67 4.28
CA VAL F 103 -18.42 -25.39 3.04
C VAL F 103 -17.69 -24.59 1.95
N PRO F 104 -16.83 -25.25 1.15
CA PRO F 104 -16.13 -24.54 0.07
C PRO F 104 -17.10 -24.52 -1.14
N GLN F 105 -16.72 -23.89 -2.23
CA GLN F 105 -17.63 -23.84 -3.36
C GLN F 105 -17.02 -24.03 -4.74
N THR F 106 -17.84 -24.48 -5.69
CA THR F 106 -17.35 -24.72 -7.02
C THR F 106 -18.05 -23.84 -8.00
N ASN F 107 -17.62 -23.92 -9.25
CA ASN F 107 -18.24 -23.16 -10.29
C ASN F 107 -19.37 -24.04 -10.75
N ALA F 108 -20.56 -23.81 -10.26
CA ALA F 108 -21.65 -24.65 -10.67
C ALA F 108 -22.86 -23.78 -10.82
N GLN F 109 -23.55 -23.94 -11.94
CA GLN F 109 -24.73 -23.12 -12.14
C GLN F 109 -25.92 -23.73 -11.46
N PRO F 110 -26.54 -22.98 -10.54
CA PRO F 110 -27.72 -23.45 -9.81
C PRO F 110 -28.72 -23.87 -10.88
N LEU F 111 -29.31 -25.04 -10.71
CA LEU F 111 -30.25 -25.57 -11.67
C LEU F 111 -31.56 -24.82 -11.69
N VAL F 112 -31.72 -23.94 -10.70
CA VAL F 112 -32.96 -23.20 -10.58
C VAL F 112 -32.68 -22.02 -9.68
N THR F 113 -33.20 -20.83 -9.98
CA THR F 113 -32.95 -19.67 -9.11
C THR F 113 -33.70 -19.76 -7.76
N ASN F 114 -33.06 -19.24 -6.72
CA ASN F 114 -33.67 -19.29 -5.41
C ASN F 114 -34.11 -17.88 -5.07
N GLU F 115 -35.41 -17.70 -4.84
CA GLU F 115 -35.95 -16.38 -4.54
C GLU F 115 -35.93 -16.00 -3.07
N PHE F 116 -34.88 -16.41 -2.37
CA PHE F 116 -34.72 -16.10 -0.95
C PHE F 116 -34.43 -14.60 -0.92
N ARG F 117 -35.09 -13.86 -0.02
CA ARG F 117 -34.86 -12.42 0.04
C ARG F 117 -34.00 -11.95 1.23
N ASP F 118 -33.27 -10.87 1.03
CA ASP F 118 -32.40 -10.27 2.05
C ASP F 118 -33.18 -9.54 3.13
N MET F 119 -32.69 -9.50 4.39
CA MET F 119 -33.42 -8.80 5.47
C MET F 119 -33.69 -7.34 5.19
N LEU F 120 -32.67 -6.58 4.78
CA LEU F 120 -32.86 -5.16 4.44
C LEU F 120 -33.11 -5.17 2.95
N THR F 121 -34.09 -4.42 2.46
CA THR F 121 -34.37 -4.42 1.02
C THR F 121 -34.77 -5.81 0.60
N LEU F 122 -35.96 -6.28 0.95
CA LEU F 122 -36.38 -7.61 0.60
C LEU F 122 -36.25 -7.94 -0.89
N MET F 123 -35.06 -7.76 -1.43
CA MET F 123 -34.71 -7.99 -2.80
C MET F 123 -34.06 -9.35 -2.79
N PRO F 124 -34.26 -10.15 -3.87
CA PRO F 124 -33.63 -11.47 -3.92
C PRO F 124 -32.13 -11.32 -3.64
N ALA F 125 -31.63 -12.10 -2.69
CA ALA F 125 -30.23 -12.04 -2.29
C ALA F 125 -29.21 -12.23 -3.38
N SER F 126 -28.15 -11.46 -3.31
CA SER F 126 -27.05 -11.58 -4.26
C SER F 126 -25.75 -11.27 -3.50
N ASN F 127 -24.82 -12.23 -3.51
CA ASN F 127 -23.56 -12.20 -2.76
C ASN F 127 -22.30 -11.90 -3.61
N GLU F 128 -22.12 -12.68 -4.57
N ILE G 12 -34.75 17.57 5.26
CA ILE G 12 -36.03 17.09 4.64
C ILE G 12 -36.87 18.20 4.02
N ARG G 13 -37.12 19.32 4.73
CA ARG G 13 -37.97 20.39 4.19
C ARG G 13 -37.24 21.68 3.85
N TRP G 14 -37.24 22.00 2.56
CA TRP G 14 -36.57 23.19 2.05
C TRP G 14 -37.46 24.41 1.85
N SER G 15 -37.04 25.49 2.52
CA SER G 15 -37.71 26.77 2.48
C SER G 15 -36.82 27.87 1.96
N LYS G 16 -37.45 28.76 1.20
CA LYS G 16 -36.87 29.95 0.57
C LYS G 16 -36.52 31.00 1.64
N ALA G 17 -35.40 31.69 1.51
CA ALA G 17 -35.03 32.75 2.46
C ALA G 17 -33.79 33.55 2.01
N PRO G 18 -33.77 34.86 2.24
CA PRO G 18 -32.62 35.66 1.83
C PRO G 18 -31.53 35.67 2.86
N CYS G 19 -30.29 35.56 2.39
CA CYS G 19 -29.14 35.59 3.31
C CYS G 19 -29.26 36.67 4.40
N ARG G 20 -28.97 36.29 5.64
CA ARG G 20 -29.06 37.21 6.79
C ARG G 20 -27.88 38.21 6.93
N PHE G 21 -26.97 38.24 5.97
CA PHE G 21 -25.83 39.13 6.07
C PHE G 21 -25.88 40.25 5.01
N CYS G 22 -24.85 40.26 4.18
CA CYS G 22 -24.57 41.11 3.01
C CYS G 22 -25.74 41.72 2.25
N GLY G 23 -25.55 42.97 1.80
CA GLY G 23 -26.56 43.70 1.05
C GLY G 23 -26.69 43.19 -0.37
N THR G 24 -25.87 42.22 -0.75
CA THR G 24 -26.00 41.61 -2.07
C THR G 24 -27.42 41.03 -2.13
N GLY G 25 -27.76 40.19 -1.16
CA GLY G 25 -29.09 39.62 -1.08
C GLY G 25 -29.29 38.28 -1.73
N CYS G 26 -28.34 37.35 -1.57
CA CYS G 26 -28.50 36.04 -2.20
C CYS G 26 -29.64 35.25 -1.60
N GLY G 27 -30.18 34.37 -2.42
CA GLY G 27 -31.28 33.55 -1.98
C GLY G 27 -30.71 32.27 -1.44
N VAL G 28 -31.23 31.86 -0.30
CA VAL G 28 -30.79 30.65 0.35
C VAL G 28 -31.98 29.75 0.49
N MET G 29 -31.74 28.44 0.50
CA MET G 29 -32.79 27.50 0.67
C MET G 29 -32.50 26.79 1.96
N VAL G 30 -33.28 27.13 2.98
CA VAL G 30 -33.10 26.60 4.30
C VAL G 30 -33.69 25.19 4.47
N GLY G 31 -32.84 24.27 4.95
CA GLY G 31 -33.23 22.89 5.18
C GLY G 31 -33.67 22.73 6.62
N THR G 32 -34.87 22.22 6.77
CA THR G 32 -35.44 22.13 8.08
C THR G 32 -35.91 20.73 8.49
N ARG G 33 -35.57 20.32 9.71
CA ARG G 33 -35.96 19.01 10.19
C ARG G 33 -36.20 19.07 11.67
N ASP G 34 -37.33 18.57 12.13
CA ASP G 34 -37.64 18.58 13.57
C ASP G 34 -37.47 19.94 14.25
N GLY G 35 -38.01 20.98 13.63
CA GLY G 35 -37.89 22.30 14.24
C GLY G 35 -36.48 22.83 14.29
N GLN G 36 -35.61 22.27 13.45
CA GLN G 36 -34.21 22.63 13.38
C GLN G 36 -33.71 22.91 11.97
N VAL G 37 -32.81 23.89 11.82
CA VAL G 37 -32.23 24.21 10.53
C VAL G 37 -31.08 23.25 10.46
N VAL G 38 -31.10 22.33 9.54
CA VAL G 38 -30.03 21.35 9.47
C VAL G 38 -29.17 21.46 8.22
N ALA G 39 -29.49 22.43 7.36
CA ALA G 39 -28.77 22.62 6.12
C ALA G 39 -29.06 24.00 5.52
N THR G 40 -28.10 24.51 4.78
CA THR G 40 -28.24 25.81 4.17
C THR G 40 -27.62 25.77 2.78
N HIS G 41 -28.44 25.70 1.74
CA HIS G 41 -27.91 25.63 0.38
C HIS G 41 -28.19 26.89 -0.44
N GLY G 42 -27.63 26.96 -1.64
CA GLY G 42 -27.85 28.12 -2.49
C GLY G 42 -29.11 27.95 -3.29
N ASP G 43 -29.90 29.01 -3.38
CA ASP G 43 -31.15 28.99 -4.10
C ASP G 43 -30.95 29.16 -5.59
N THR G 44 -31.06 28.08 -6.36
CA THR G 44 -30.83 28.16 -7.81
C THR G 44 -31.92 28.89 -8.56
N GLN G 45 -33.02 29.20 -7.88
CA GLN G 45 -34.09 29.92 -8.52
C GLN G 45 -34.01 31.43 -8.26
N ALA G 46 -33.02 31.86 -7.47
CA ALA G 46 -32.85 33.27 -7.14
C ALA G 46 -32.00 33.98 -8.18
N GLU G 47 -32.46 35.13 -8.66
CA GLU G 47 -31.72 35.90 -9.67
C GLU G 47 -30.43 36.43 -9.14
N VAL G 48 -30.40 36.86 -7.90
CA VAL G 48 -29.18 37.44 -7.40
C VAL G 48 -28.00 36.52 -7.58
N ASN G 49 -27.98 35.44 -6.82
CA ASN G 49 -26.88 34.50 -6.80
C ASN G 49 -27.00 33.29 -7.70
N ARG G 50 -28.20 32.75 -7.78
CA ARG G 50 -28.41 31.57 -8.62
C ARG G 50 -27.63 30.37 -8.15
N GLY G 51 -27.96 29.87 -6.96
CA GLY G 51 -27.30 28.69 -6.41
C GLY G 51 -25.93 28.85 -5.75
N LEU G 52 -25.43 30.07 -5.69
CA LEU G 52 -24.11 30.32 -5.13
C LEU G 52 -24.16 31.23 -3.93
N ASN G 53 -23.42 30.88 -2.87
CA ASN G 53 -23.33 31.72 -1.66
C ASN G 53 -21.86 31.83 -1.39
N CYS G 54 -21.49 32.42 -0.27
CA CYS G 54 -20.09 32.52 0.05
C CYS G 54 -19.91 31.81 1.39
N VAL G 55 -18.72 31.84 1.99
CA VAL G 55 -18.57 31.10 3.23
C VAL G 55 -19.69 31.40 4.22
N LYS G 56 -19.86 32.67 4.56
CA LYS G 56 -20.86 33.04 5.54
C LYS G 56 -22.23 32.56 5.17
N GLY G 57 -22.51 32.48 3.88
CA GLY G 57 -23.83 32.08 3.44
C GLY G 57 -24.15 30.64 3.71
N TYR G 58 -23.26 29.78 3.27
CA TYR G 58 -23.43 28.36 3.46
C TYR G 58 -23.49 28.04 4.95
N PHE G 59 -22.86 28.87 5.77
CA PHE G 59 -22.88 28.62 7.19
C PHE G 59 -23.99 29.36 7.93
N LEU G 60 -25.05 29.73 7.22
CA LEU G 60 -26.13 30.39 7.90
C LEU G 60 -26.75 29.36 8.85
N SER G 61 -26.62 28.09 8.52
CA SER G 61 -27.20 27.03 9.31
C SER G 61 -26.76 27.05 10.73
N LYS G 62 -25.55 27.51 10.99
CA LYS G 62 -25.00 27.53 12.34
C LYS G 62 -25.06 28.81 13.14
N ILE G 63 -25.75 29.82 12.61
CA ILE G 63 -25.89 31.14 13.22
C ILE G 63 -26.81 31.33 14.42
N MET G 64 -27.96 30.67 14.41
CA MET G 64 -28.88 30.84 15.51
C MET G 64 -28.59 29.86 16.63
N TYR G 65 -27.51 29.10 16.50
CA TYR G 65 -27.27 28.05 17.47
C TYR G 65 -26.13 28.07 18.47
N GLY G 66 -25.53 29.23 18.69
CA GLY G 66 -24.50 29.33 19.72
C GLY G 66 -25.20 28.99 21.03
N GLU G 67 -24.49 28.44 22.01
CA GLU G 67 -25.16 28.07 23.26
C GLU G 67 -25.57 29.24 24.16
N ASP G 68 -25.21 30.46 23.76
CA ASP G 68 -25.54 31.68 24.50
C ASP G 68 -26.92 32.24 24.29
N ARG G 69 -27.46 32.02 23.10
CA ARG G 69 -28.76 32.54 22.76
C ARG G 69 -29.52 32.99 24.01
N LEU G 70 -29.73 34.31 24.13
CA LEU G 70 -30.44 34.88 25.26
C LEU G 70 -31.83 34.29 25.22
N THR G 71 -32.32 33.86 26.38
CA THR G 71 -33.62 33.22 26.45
C THR G 71 -34.62 33.88 27.39
N THR G 72 -34.10 34.78 28.25
CA THR G 72 -34.93 35.47 29.24
C THR G 72 -34.54 36.92 29.33
N PRO G 73 -35.53 37.81 29.51
CA PRO G 73 -35.11 39.21 29.62
C PRO G 73 -34.21 39.30 30.86
N LEU G 74 -33.22 40.18 30.82
CA LEU G 74 -32.31 40.35 31.96
C LEU G 74 -32.23 41.79 32.47
N LEU G 75 -32.76 42.02 33.67
CA LEU G 75 -32.72 43.36 34.25
C LEU G 75 -31.60 43.43 35.27
N ARG G 76 -31.11 44.63 35.54
CA ARG G 76 -30.04 44.82 36.51
C ARG G 76 -30.57 44.92 37.94
N MET G 77 -30.84 43.74 38.50
CA MET G 77 -31.40 43.50 39.83
C MET G 77 -32.88 43.09 39.66
N LYS G 78 -33.14 41.81 39.94
CA LYS G 78 -34.48 41.20 39.89
C LYS G 78 -35.33 41.89 40.97
N ASP G 79 -34.95 41.67 42.22
CA ASP G 79 -35.59 42.30 43.38
C ASP G 79 -34.49 43.03 44.16
N GLY G 80 -34.89 44.06 44.87
CA GLY G 80 -33.92 44.87 45.54
C GLY G 80 -34.20 46.13 44.76
N VAL G 81 -35.07 45.95 43.74
CA VAL G 81 -35.57 47.00 42.83
C VAL G 81 -34.94 46.96 41.42
N TYR G 82 -33.83 47.67 41.23
CA TYR G 82 -33.13 47.76 39.96
C TYR G 82 -32.13 48.89 40.20
N HIS G 83 -30.86 48.61 40.00
CA HIS G 83 -29.84 49.60 40.23
C HIS G 83 -28.82 49.59 39.11
N LYS G 84 -28.63 50.73 38.47
CA LYS G 84 -27.64 50.79 37.41
C LYS G 84 -26.31 50.72 38.16
N GLU G 85 -25.64 49.58 38.01
CA GLU G 85 -24.36 49.25 38.67
C GLU G 85 -24.74 47.97 39.42
N GLY G 86 -25.80 47.34 38.93
CA GLY G 86 -26.30 46.13 39.55
C GLY G 86 -25.72 44.83 39.02
N GLU G 87 -26.58 43.82 38.98
CA GLU G 87 -26.26 42.47 38.55
C GLU G 87 -27.16 42.30 37.36
N PHE G 88 -27.28 41.09 36.83
CA PHE G 88 -28.20 40.87 35.74
C PHE G 88 -29.03 39.70 36.20
N ALA G 89 -30.34 39.87 36.18
CA ALA G 89 -31.20 38.81 36.64
C ALA G 89 -32.32 38.45 35.70
N PRO G 90 -32.70 37.17 35.70
CA PRO G 90 -33.79 36.67 34.87
C PRO G 90 -34.97 37.47 35.33
N VAL G 91 -35.98 37.60 34.49
CA VAL G 91 -37.13 38.41 34.87
C VAL G 91 -38.18 38.19 33.79
N SER G 92 -39.44 38.09 34.18
CA SER G 92 -40.52 37.86 33.23
C SER G 92 -40.63 38.98 32.20
N TRP G 93 -41.28 38.69 31.09
CA TRP G 93 -41.46 39.71 30.08
C TRP G 93 -42.24 40.84 30.71
N ASP G 94 -43.38 40.49 31.31
CA ASP G 94 -44.23 41.46 31.95
C ASP G 94 -43.41 42.34 32.86
N GLU G 95 -42.67 41.70 33.76
CA GLU G 95 -41.83 42.45 34.68
C GLU G 95 -40.95 43.38 33.90
N ALA G 96 -40.22 42.81 32.94
CA ALA G 96 -39.30 43.57 32.11
C ALA G 96 -39.94 44.81 31.49
N PHE G 97 -41.16 44.64 30.98
CA PHE G 97 -41.86 45.76 30.38
C PHE G 97 -42.34 46.75 31.45
N ASP G 98 -42.78 46.21 32.59
CA ASP G 98 -43.24 47.02 33.69
C ASP G 98 -42.19 48.09 34.03
N VAL G 99 -40.96 47.62 34.22
CA VAL G 99 -39.84 48.49 34.57
C VAL G 99 -39.45 49.41 33.44
N MET G 100 -39.44 48.82 32.25
CA MET G 100 -39.04 49.53 31.05
C MET G 100 -40.08 50.59 30.64
N ALA G 101 -41.32 50.37 31.05
CA ALA G 101 -42.37 51.32 30.72
C ALA G 101 -42.31 52.51 31.69
N ALA G 102 -42.11 52.19 32.97
CA ALA G 102 -42.04 53.22 34.01
C ALA G 102 -40.95 54.22 33.70
N GLN G 103 -39.75 53.70 33.41
CA GLN G 103 -38.62 54.54 33.08
C GLN G 103 -39.00 55.46 31.92
N ALA G 104 -39.68 54.89 30.93
CA ALA G 104 -40.11 55.68 29.77
C ALA G 104 -41.03 56.82 30.21
N LYS G 105 -42.19 56.46 30.76
CA LYS G 105 -43.18 57.45 31.23
C LYS G 105 -42.55 58.65 31.98
N LEU G 106 -41.63 58.35 32.89
CA LEU G 106 -40.95 59.38 33.66
C LEU G 106 -40.23 60.35 32.72
N VAL G 107 -39.20 59.85 32.05
CA VAL G 107 -38.41 60.65 31.11
C VAL G 107 -39.33 61.44 30.20
N LEU G 108 -40.43 60.79 29.83
CA LEU G 108 -41.44 61.33 28.96
C LEU G 108 -42.31 62.38 29.71
N LYS G 109 -41.75 62.96 30.77
CA LYS G 109 -42.48 63.94 31.57
C LYS G 109 -41.54 64.95 32.19
N GLU G 110 -40.26 64.60 32.25
CA GLU G 110 -39.28 65.50 32.83
C GLU G 110 -38.59 66.29 31.72
N LYS G 111 -38.41 65.63 30.58
CA LYS G 111 -37.76 66.26 29.43
C LYS G 111 -38.51 65.97 28.16
N ALA G 112 -39.47 65.03 28.25
CA ALA G 112 -40.34 64.68 27.12
C ALA G 112 -39.70 63.97 25.88
N PRO G 113 -40.45 63.88 24.75
CA PRO G 113 -39.90 63.19 23.56
C PRO G 113 -38.45 63.38 23.14
N GLU G 114 -37.97 64.62 23.17
CA GLU G 114 -36.60 64.86 22.75
C GLU G 114 -35.60 64.23 23.73
N ALA G 115 -36.11 63.35 24.58
CA ALA G 115 -35.28 62.65 25.59
C ALA G 115 -35.32 61.10 25.47
N VAL G 116 -36.33 60.58 24.74
CA VAL G 116 -36.44 59.15 24.48
C VAL G 116 -35.76 59.00 23.11
N GLY G 117 -35.05 57.88 22.89
CA GLY G 117 -34.37 57.65 21.62
C GLY G 117 -34.20 56.18 21.25
N MET G 118 -34.34 55.89 19.95
CA MET G 118 -34.16 54.52 19.44
C MET G 118 -33.03 54.45 18.43
N PHE G 119 -32.39 53.29 18.38
CA PHE G 119 -31.31 53.08 17.44
C PHE G 119 -31.54 51.76 16.72
N GLY G 120 -32.16 51.81 15.54
CA GLY G 120 -32.47 50.60 14.81
C GLY G 120 -31.39 50.14 13.88
N SER G 121 -31.73 49.27 12.93
CA SER G 121 -30.73 48.82 11.98
C SER G 121 -31.25 48.39 10.62
N GLY G 122 -30.32 48.37 9.67
CA GLY G 122 -30.61 47.94 8.31
C GLY G 122 -30.68 46.41 8.33
N GLN G 123 -30.76 45.87 9.55
CA GLN G 123 -30.86 44.45 9.80
C GLN G 123 -32.27 44.14 10.35
N TRP G 124 -33.05 45.20 10.59
CA TRP G 124 -34.43 45.09 11.04
C TRP G 124 -35.22 44.66 9.80
N THR G 125 -36.33 43.94 10.03
CA THR G 125 -37.20 43.54 8.92
C THR G 125 -37.97 44.79 8.48
N ILE G 126 -38.44 44.79 7.24
CA ILE G 126 -39.22 45.92 6.73
C ILE G 126 -40.30 46.33 7.75
N TRP G 127 -41.07 45.38 8.23
CA TRP G 127 -42.09 45.74 9.17
C TRP G 127 -41.60 46.01 10.58
N GLU G 128 -40.34 45.75 10.86
CA GLU G 128 -39.85 46.02 12.21
C GLU G 128 -39.47 47.50 12.26
N GLY G 129 -38.88 47.98 11.17
CA GLY G 129 -38.51 49.38 11.09
C GLY G 129 -39.75 50.22 10.89
N TYR G 130 -40.82 49.63 10.39
CA TYR G 130 -42.03 50.39 10.18
C TYR G 130 -42.73 50.51 11.56
N ALA G 131 -42.89 49.38 12.23
CA ALA G 131 -43.55 49.39 13.53
C ALA G 131 -42.75 50.29 14.43
N ALA G 132 -41.44 50.39 14.20
CA ALA G 132 -40.63 51.24 15.05
C ALA G 132 -40.91 52.70 14.72
N SER G 133 -40.82 53.06 13.44
CA SER G 133 -41.04 54.45 13.04
C SER G 133 -42.39 54.92 13.61
N LYS G 134 -43.42 54.09 13.42
CA LYS G 134 -44.74 54.41 13.93
C LYS G 134 -44.72 54.66 15.44
N LEU G 135 -44.23 53.68 16.18
CA LEU G 135 -44.19 53.78 17.64
C LEU G 135 -43.45 54.99 18.19
N MET G 136 -42.31 55.30 17.57
CA MET G 136 -41.52 56.42 18.05
C MET G 136 -42.16 57.75 17.69
N ARG G 137 -42.83 57.82 16.55
CA ARG G 137 -43.38 59.10 16.15
C ARG G 137 -44.84 59.29 16.41
N ALA G 138 -45.68 58.46 15.79
CA ALA G 138 -47.11 58.55 16.02
C ALA G 138 -47.39 58.23 17.50
N GLY G 139 -46.54 57.41 18.12
CA GLY G 139 -46.74 57.06 19.52
C GLY G 139 -46.11 58.04 20.50
N PHE G 140 -44.87 57.79 20.89
CA PHE G 140 -44.16 58.66 21.84
C PHE G 140 -43.91 60.06 21.28
N ARG G 141 -44.32 60.32 20.04
CA ARG G 141 -44.11 61.63 19.42
C ARG G 141 -42.66 62.13 19.47
N SER G 142 -41.73 61.26 19.08
CA SER G 142 -40.31 61.62 19.03
C SER G 142 -39.69 61.17 17.71
N ASN G 143 -38.92 62.07 17.09
CA ASN G 143 -38.22 61.75 15.84
C ASN G 143 -36.78 61.40 16.14
N ASN G 144 -36.56 60.93 17.36
CA ASN G 144 -35.22 60.57 17.79
C ASN G 144 -34.86 59.12 17.45
N LEU G 145 -35.33 58.69 16.28
CA LEU G 145 -35.11 57.35 15.81
C LEU G 145 -34.07 57.35 14.69
N ASP G 146 -32.93 56.74 14.95
CA ASP G 146 -31.88 56.67 13.94
C ASP G 146 -31.33 55.23 13.81
N PRO G 147 -30.79 54.88 12.64
CA PRO G 147 -30.27 53.52 12.48
C PRO G 147 -28.76 53.47 12.45
N ASN G 148 -28.25 52.25 12.42
CA ASN G 148 -26.84 52.01 12.33
C ASN G 148 -26.47 52.36 10.88
N ALA G 149 -27.48 52.43 10.02
CA ALA G 149 -27.26 52.71 8.60
C ALA G 149 -26.65 54.08 8.47
N ARG G 150 -26.74 54.84 9.55
CA ARG G 150 -26.16 56.19 9.57
C ARG G 150 -24.64 56.08 9.40
N HIS G 151 -24.07 55.02 9.96
CA HIS G 151 -22.63 54.79 9.82
C HIS G 151 -22.31 54.21 8.44
N CYS G 152 -23.35 53.74 7.73
CA CYS G 152 -23.21 53.04 6.44
C CYS G 152 -23.66 53.66 5.12
N MET G 153 -24.96 53.94 4.96
CA MET G 153 -25.50 54.47 3.70
C MET G 153 -25.91 55.93 3.66
N ALA G 154 -25.82 56.61 4.79
CA ALA G 154 -26.21 58.02 4.85
C ALA G 154 -25.62 58.82 3.71
N SER G 155 -24.30 58.86 3.62
CA SER G 155 -23.67 59.60 2.55
C SER G 155 -24.32 59.32 1.20
N ALA G 156 -24.39 58.06 0.79
CA ALA G 156 -24.95 57.67 -0.49
C ALA G 156 -26.39 58.11 -0.66
N ALA G 157 -27.19 57.90 0.39
CA ALA G 157 -28.60 58.28 0.34
C ALA G 157 -28.70 59.78 0.19
N THR G 158 -27.93 60.48 1.00
CA THR G 158 -27.91 61.95 0.98
C THR G 158 -27.61 62.49 -0.43
N ALA G 159 -26.52 62.01 -1.03
CA ALA G 159 -26.20 62.47 -2.38
C ALA G 159 -27.32 62.12 -3.40
N PHE G 160 -27.99 60.99 -3.15
CA PHE G 160 -29.02 60.51 -4.06
C PHE G 160 -30.04 61.59 -4.18
N MET G 161 -30.58 62.01 -3.03
CA MET G 161 -31.61 63.02 -3.06
C MET G 161 -31.08 64.28 -3.76
N ARG G 162 -29.97 64.82 -3.27
CA ARG G 162 -29.39 66.00 -3.88
C ARG G 162 -29.24 65.86 -5.38
N THR G 163 -28.56 64.83 -5.88
CA THR G 163 -28.41 64.72 -7.34
C THR G 163 -29.61 64.21 -8.13
N PHE G 164 -30.37 63.28 -7.58
CA PHE G 164 -31.51 62.73 -8.33
C PHE G 164 -32.88 62.97 -7.70
N GLY G 165 -32.89 63.53 -6.50
CA GLY G 165 -34.14 63.84 -5.85
C GLY G 165 -34.91 62.63 -5.42
N MET G 166 -34.25 61.48 -5.49
CA MET G 166 -34.87 60.21 -5.09
C MET G 166 -33.79 59.18 -4.69
N ASP G 167 -34.07 58.37 -3.68
CA ASP G 167 -33.08 57.41 -3.20
C ASP G 167 -32.92 56.10 -4.02
N GLU G 168 -31.90 55.31 -3.65
CA GLU G 168 -31.56 54.02 -4.29
C GLU G 168 -31.15 54.19 -5.74
N PRO G 169 -30.33 53.27 -6.25
CA PRO G 169 -29.79 53.22 -7.61
C PRO G 169 -30.81 53.18 -8.71
N MET G 170 -30.34 53.50 -9.91
CA MET G 170 -31.18 53.51 -11.10
C MET G 170 -30.84 52.29 -11.95
N GLY G 171 -29.76 51.61 -11.55
CA GLY G 171 -29.36 50.41 -12.24
C GLY G 171 -29.73 49.16 -11.43
N CYS G 172 -29.09 48.04 -11.75
CA CYS G 172 -29.34 46.81 -11.05
C CYS G 172 -28.23 45.82 -11.42
N TYR G 173 -28.12 44.74 -10.64
CA TYR G 173 -27.09 43.71 -10.81
C TYR G 173 -26.99 43.24 -12.24
N ASP G 174 -28.09 43.38 -13.01
CA ASP G 174 -28.11 43.00 -14.40
C ASP G 174 -26.98 43.71 -15.16
N ASP G 175 -26.50 44.82 -14.62
CA ASP G 175 -25.40 45.56 -15.23
C ASP G 175 -24.09 44.73 -15.26
N PHE G 176 -23.87 43.92 -14.23
CA PHE G 176 -22.67 43.08 -14.12
C PHE G 176 -22.40 42.31 -15.38
N GLU G 177 -23.45 41.84 -15.99
CA GLU G 177 -23.32 41.07 -17.23
C GLU G 177 -23.26 41.93 -18.49
N ALA G 178 -23.65 43.18 -18.39
CA ALA G 178 -23.69 44.07 -19.52
C ALA G 178 -22.54 45.02 -19.62
N ALA G 179 -21.91 45.31 -18.48
CA ALA G 179 -20.82 46.27 -18.45
C ALA G 179 -19.67 45.98 -19.42
N ASP G 180 -18.89 47.05 -19.68
CA ASP G 180 -17.74 46.97 -20.58
C ASP G 180 -16.46 47.14 -19.81
N ALA G 181 -16.60 47.61 -18.58
CA ALA G 181 -15.45 47.74 -17.72
C ALA G 181 -15.86 48.31 -16.41
N PHE G 182 -15.29 47.76 -15.34
CA PHE G 182 -15.64 48.09 -13.98
C PHE G 182 -14.69 48.98 -13.18
N VAL G 183 -15.22 49.98 -12.49
CA VAL G 183 -14.34 50.76 -11.66
C VAL G 183 -14.78 50.64 -10.20
N LEU G 184 -13.87 50.13 -9.38
CA LEU G 184 -14.13 49.90 -7.96
C LEU G 184 -13.54 50.97 -7.10
N TRP G 185 -14.33 51.96 -6.68
CA TRP G 185 -13.79 53.06 -5.88
C TRP G 185 -13.57 52.76 -4.39
N GLY G 186 -12.50 51.98 -4.13
CA GLY G 186 -12.12 51.61 -2.77
C GLY G 186 -12.97 50.52 -2.16
N SER G 187 -13.67 49.80 -3.03
CA SER G 187 -14.50 48.71 -2.60
C SER G 187 -13.65 47.46 -2.47
N ASN G 188 -14.18 46.45 -1.81
CA ASN G 188 -13.45 45.20 -1.62
C ASN G 188 -14.46 44.10 -1.80
N MET G 189 -15.14 44.17 -2.92
CA MET G 189 -16.16 43.21 -3.26
C MET G 189 -15.73 41.77 -3.02
N ALA G 190 -14.51 41.46 -3.43
CA ALA G 190 -13.93 40.13 -3.26
C ALA G 190 -14.24 39.49 -1.91
N GLU G 191 -14.30 40.30 -0.86
CA GLU G 191 -14.56 39.83 0.48
C GLU G 191 -15.84 40.34 1.09
N MET G 192 -16.36 41.46 0.59
CA MET G 192 -17.57 42.01 1.18
C MET G 192 -18.84 41.87 0.37
N HIS G 193 -18.73 41.56 -0.92
CA HIS G 193 -19.87 41.33 -1.79
C HIS G 193 -19.38 40.23 -2.74
N PRO G 194 -19.02 39.07 -2.16
CA PRO G 194 -18.51 37.97 -2.96
C PRO G 194 -19.30 37.53 -4.15
N ILE G 195 -20.57 37.26 -3.98
CA ILE G 195 -21.33 36.81 -5.13
C ILE G 195 -21.45 37.89 -6.19
N LEU G 196 -21.30 39.15 -5.80
CA LEU G 196 -21.39 40.18 -6.80
C LEU G 196 -20.05 40.14 -7.51
N TRP G 197 -19.00 40.00 -6.72
CA TRP G 197 -17.65 39.95 -7.26
C TRP G 197 -17.52 38.72 -8.18
N SER G 198 -18.28 37.67 -7.87
CA SER G 198 -18.27 36.45 -8.65
C SER G 198 -18.93 36.79 -9.95
N ARG G 199 -19.98 37.58 -9.87
CA ARG G 199 -20.71 37.96 -11.05
C ARG G 199 -19.88 38.85 -11.96
N LEU G 200 -19.04 39.72 -11.38
CA LEU G 200 -18.18 40.63 -12.10
C LEU G 200 -16.99 39.89 -12.68
N THR G 201 -16.46 38.96 -11.90
CA THR G 201 -15.35 38.14 -12.35
C THR G 201 -15.76 37.27 -13.53
N ASP G 202 -16.97 36.73 -13.50
CA ASP G 202 -17.42 35.88 -14.59
C ASP G 202 -17.44 36.69 -15.88
N ARG G 203 -17.89 37.94 -15.78
CA ARG G 203 -17.96 38.84 -16.93
C ARG G 203 -16.57 39.16 -17.46
N ARG G 204 -15.67 39.55 -16.57
CA ARG G 204 -14.32 39.90 -16.97
C ARG G 204 -13.58 38.76 -17.59
N LEU G 205 -13.55 37.62 -16.93
CA LEU G 205 -12.83 36.46 -17.41
C LEU G 205 -13.46 35.81 -18.64
N SER G 206 -14.77 35.95 -18.78
CA SER G 206 -15.46 35.32 -19.89
C SER G 206 -15.39 36.12 -21.19
N HIS G 207 -15.20 37.43 -21.08
CA HIS G 207 -15.10 38.30 -22.24
C HIS G 207 -13.86 39.14 -22.06
N GLU G 208 -12.76 38.73 -22.70
CA GLU G 208 -11.48 39.39 -22.51
C GLU G 208 -11.37 40.83 -22.95
N HIS G 209 -12.42 41.36 -23.55
CA HIS G 209 -12.37 42.77 -23.96
C HIS G 209 -12.67 43.66 -22.74
N VAL G 210 -13.29 43.08 -21.72
CA VAL G 210 -13.66 43.81 -20.53
C VAL G 210 -12.47 44.23 -19.69
N ARG G 211 -12.52 45.40 -19.07
CA ARG G 211 -11.40 45.85 -18.23
C ARG G 211 -11.82 46.28 -16.82
N VAL G 212 -11.10 45.79 -15.83
CA VAL G 212 -11.42 46.13 -14.43
C VAL G 212 -10.37 47.06 -13.83
N ALA G 213 -10.82 48.08 -13.15
CA ALA G 213 -9.88 48.97 -12.50
C ALA G 213 -10.34 49.09 -11.05
N VAL G 214 -9.45 48.76 -10.13
CA VAL G 214 -9.81 48.83 -8.72
C VAL G 214 -8.91 49.85 -8.08
N LEU G 215 -9.48 50.76 -7.31
CA LEU G 215 -8.68 51.73 -6.62
C LEU G 215 -8.78 51.40 -5.13
N SER G 216 -7.69 51.57 -4.39
CA SER G 216 -7.72 51.29 -2.95
C SER G 216 -6.65 51.99 -2.15
N THR G 217 -6.89 52.02 -0.83
CA THR G 217 -5.97 52.62 0.12
C THR G 217 -4.84 51.65 0.35
N PHE G 218 -5.14 50.34 0.28
CA PHE G 218 -4.12 49.26 0.43
C PHE G 218 -4.43 48.12 -0.54
N THR G 219 -3.47 47.23 -0.78
CA THR G 219 -3.69 46.13 -1.70
C THR G 219 -4.40 44.96 -1.05
N HIS G 220 -5.56 44.55 -1.57
CA HIS G 220 -6.35 43.46 -0.97
C HIS G 220 -6.78 42.50 -2.04
N ARG G 221 -7.53 41.49 -1.63
CA ARG G 221 -8.00 40.46 -2.59
C ARG G 221 -8.74 41.00 -3.81
N SER G 222 -9.25 42.22 -3.72
CA SER G 222 -9.97 42.75 -4.85
C SER G 222 -9.04 43.24 -5.92
N SER G 223 -7.97 43.97 -5.59
CA SER G 223 -7.13 44.43 -6.72
C SER G 223 -6.28 43.28 -7.29
N ASP G 224 -6.78 42.06 -7.11
CA ASP G 224 -6.12 40.89 -7.64
C ASP G 224 -6.73 40.53 -8.98
N LEU G 225 -7.85 41.16 -9.31
CA LEU G 225 -8.51 40.90 -10.60
C LEU G 225 -8.34 42.12 -11.51
N SER G 226 -7.67 43.14 -11.01
CA SER G 226 -7.51 44.41 -11.72
C SER G 226 -6.52 44.51 -12.84
N ASP G 227 -6.96 45.26 -13.85
CA ASP G 227 -6.17 45.52 -15.02
C ASP G 227 -5.56 46.89 -14.82
N THR G 228 -6.22 47.70 -14.03
CA THR G 228 -5.73 49.04 -13.75
C THR G 228 -5.71 49.18 -12.24
N PRO G 229 -4.64 48.68 -11.61
CA PRO G 229 -4.47 48.72 -10.15
C PRO G 229 -3.89 50.02 -9.58
N ILE G 230 -4.75 50.77 -8.93
CA ILE G 230 -4.40 52.06 -8.38
C ILE G 230 -4.47 52.11 -6.86
N ILE G 231 -3.38 52.54 -6.23
CA ILE G 231 -3.40 52.70 -4.77
C ILE G 231 -3.12 54.15 -4.45
N PHE G 232 -4.15 54.87 -4.02
CA PHE G 232 -4.04 56.30 -3.73
C PHE G 232 -3.87 56.62 -2.25
N ARG G 233 -3.80 57.91 -1.95
CA ARG G 233 -3.64 58.38 -0.59
C ARG G 233 -5.01 58.55 0.09
N PRO G 234 -5.11 58.12 1.36
CA PRO G 234 -6.37 58.23 2.10
C PRO G 234 -7.00 59.59 1.89
N GLY G 235 -8.24 59.63 1.43
CA GLY G 235 -8.93 60.89 1.21
C GLY G 235 -8.70 61.59 -0.11
N THR G 236 -7.66 61.19 -0.81
CA THR G 236 -7.35 61.83 -2.08
C THR G 236 -8.17 61.36 -3.25
N ASP G 237 -9.08 60.44 -3.02
CA ASP G 237 -9.89 59.99 -4.12
C ASP G 237 -10.65 61.20 -4.75
N ARG G 238 -10.97 62.19 -3.90
CA ARG G 238 -11.70 63.40 -4.31
C ARG G 238 -11.03 64.07 -5.50
N ALA G 239 -9.70 64.24 -5.40
CA ALA G 239 -8.92 64.86 -6.45
C ALA G 239 -8.97 64.01 -7.72
N ILE G 240 -8.73 62.72 -7.57
CA ILE G 240 -8.78 61.86 -8.74
C ILE G 240 -10.12 62.02 -9.50
N LEU G 241 -11.22 62.01 -8.75
CA LEU G 241 -12.52 62.11 -9.37
C LEU G 241 -12.63 63.32 -10.26
N ASN G 242 -12.13 64.44 -9.74
CA ASN G 242 -12.19 65.71 -10.48
C ASN G 242 -11.31 65.60 -11.73
N TYR G 243 -10.10 65.12 -11.57
CA TYR G 243 -9.26 64.98 -12.74
C TYR G 243 -10.03 64.32 -13.87
N ILE G 244 -10.65 63.18 -13.58
CA ILE G 244 -11.40 62.48 -14.62
C ILE G 244 -12.47 63.37 -15.25
N ALA G 245 -13.08 64.21 -14.42
CA ALA G 245 -14.09 65.12 -14.96
C ALA G 245 -13.41 66.06 -15.93
N HIS G 246 -12.30 66.62 -15.46
CA HIS G 246 -11.51 67.51 -16.27
C HIS G 246 -11.10 66.83 -17.58
N HIS G 247 -10.64 65.59 -17.49
CA HIS G 247 -10.21 64.87 -18.67
C HIS G 247 -11.36 64.62 -19.66
N ILE G 248 -12.55 64.40 -19.14
CA ILE G 248 -13.67 64.15 -20.03
C ILE G 248 -13.92 65.44 -20.81
N ILE G 249 -13.90 66.55 -20.09
CA ILE G 249 -14.13 67.88 -20.64
C ILE G 249 -13.05 68.34 -21.63
N SER G 250 -11.78 68.26 -21.20
CA SER G 250 -10.60 68.68 -21.99
C SER G 250 -10.47 67.97 -23.34
N THR G 251 -10.78 66.68 -23.35
CA THR G 251 -10.70 65.90 -24.58
C THR G 251 -11.97 66.03 -25.41
N GLY G 252 -12.87 66.89 -24.94
CA GLY G 252 -14.13 67.16 -25.62
C GLY G 252 -14.97 65.94 -25.89
N ARG G 253 -15.19 65.16 -24.84
CA ARG G 253 -15.98 63.95 -24.96
C ARG G 253 -17.15 63.97 -24.02
N VAL G 254 -17.75 65.15 -23.87
CA VAL G 254 -18.94 65.31 -23.03
C VAL G 254 -20.12 64.89 -23.90
N ASN G 255 -21.19 64.38 -23.30
CA ASN G 255 -22.33 63.99 -24.09
C ASN G 255 -23.25 65.19 -24.03
N ARG G 256 -23.02 66.12 -24.95
CA ARG G 256 -23.80 67.35 -24.98
C ARG G 256 -25.30 67.16 -25.01
N ASP G 257 -25.80 66.39 -25.97
CA ASP G 257 -27.24 66.18 -26.06
C ASP G 257 -27.83 65.75 -24.73
N PHE G 258 -27.03 65.03 -23.92
CA PHE G 258 -27.46 64.54 -22.60
C PHE G 258 -27.33 65.61 -21.51
N VAL G 259 -26.14 66.21 -21.44
CA VAL G 259 -25.89 67.23 -20.44
C VAL G 259 -26.79 68.41 -20.65
N ASP G 260 -26.99 68.82 -21.90
CA ASP G 260 -27.86 69.96 -22.21
C ASP G 260 -29.32 69.68 -21.89
N ARG G 261 -29.75 68.49 -22.25
CA ARG G 261 -31.12 68.07 -22.05
C ARG G 261 -31.49 67.49 -20.67
N HIS G 262 -30.55 66.86 -19.97
CA HIS G 262 -30.86 66.23 -18.69
C HIS G 262 -30.05 66.65 -17.45
N THR G 263 -29.35 67.77 -17.54
CA THR G 263 -28.49 68.21 -16.44
C THR G 263 -28.56 69.68 -15.97
N ASN G 264 -28.17 69.92 -14.72
CA ASN G 264 -28.07 71.27 -14.14
C ASN G 264 -26.72 71.27 -13.48
N PHE G 265 -26.21 72.42 -13.07
CA PHE G 265 -24.94 72.40 -12.36
C PHE G 265 -25.12 73.10 -11.03
N ALA G 266 -24.08 73.08 -10.20
CA ALA G 266 -24.15 73.71 -8.90
C ALA G 266 -22.80 73.71 -8.24
N LEU G 267 -22.67 74.48 -7.17
CA LEU G 267 -21.41 74.53 -6.47
C LEU G 267 -21.64 74.21 -5.00
N GLY G 268 -20.79 73.41 -4.41
CA GLY G 268 -21.00 73.09 -3.00
C GLY G 268 -20.26 74.02 -2.06
N ALA G 269 -20.81 74.16 -0.84
CA ALA G 269 -20.20 74.98 0.20
C ALA G 269 -18.81 74.40 0.47
N THR G 270 -17.75 75.24 0.49
CA THR G 270 -16.40 74.71 0.61
C THR G 270 -15.63 74.59 1.93
N ASP G 271 -15.86 75.43 2.92
CA ASP G 271 -15.09 75.24 4.14
C ASP G 271 -15.90 74.50 5.20
N ILE G 272 -16.67 73.53 4.71
CA ILE G 272 -17.50 72.63 5.51
C ILE G 272 -16.61 72.11 6.66
N GLY G 273 -17.18 71.63 7.75
CA GLY G 273 -16.28 71.21 8.81
C GLY G 273 -16.46 69.93 9.58
N TYR G 274 -15.66 68.92 9.22
CA TYR G 274 -15.64 67.60 9.88
C TYR G 274 -16.61 67.35 11.07
N GLY G 275 -17.90 67.17 10.77
CA GLY G 275 -18.94 66.95 11.77
C GLY G 275 -18.63 66.56 13.21
N LEU G 276 -18.04 67.47 13.98
CA LEU G 276 -17.69 67.21 15.38
C LEU G 276 -18.57 68.05 16.28
N ARG G 277 -18.08 68.27 17.49
CA ARG G 277 -18.78 69.11 18.44
C ARG G 277 -18.32 70.53 18.25
N PRO G 278 -19.25 71.49 18.39
CA PRO G 278 -18.79 72.88 18.26
C PRO G 278 -17.95 72.94 19.53
N GLU G 279 -16.73 73.46 19.47
CA GLU G 279 -15.80 73.50 20.61
C GLU G 279 -14.50 72.95 20.07
N HIS G 280 -14.61 71.89 19.26
CA HIS G 280 -13.44 71.29 18.65
C HIS G 280 -12.93 72.32 17.66
N GLN G 281 -11.62 72.48 17.60
CA GLN G 281 -11.04 73.48 16.73
C GLN G 281 -11.52 73.45 15.29
N LEU G 282 -11.37 72.30 14.65
CA LEU G 282 -11.75 72.14 13.26
C LEU G 282 -13.06 72.78 12.86
N GLN G 283 -13.99 72.88 13.82
CA GLN G 283 -15.29 73.48 13.52
C GLN G 283 -15.30 75.01 13.63
N LEU G 284 -14.59 75.52 14.64
CA LEU G 284 -14.49 76.95 14.85
C LEU G 284 -13.87 77.53 13.59
N ALA G 285 -12.76 76.92 13.17
CA ALA G 285 -12.08 77.34 11.96
C ALA G 285 -12.99 77.16 10.72
N ALA G 286 -13.95 76.24 10.79
CA ALA G 286 -14.80 75.92 9.65
C ALA G 286 -15.82 76.97 9.20
N LYS G 287 -15.36 78.19 8.91
CA LYS G 287 -16.27 79.23 8.41
C LYS G 287 -17.17 78.58 7.34
N GLY G 288 -18.46 78.50 7.62
CA GLY G 288 -19.37 77.87 6.65
C GLY G 288 -19.88 76.48 7.05
N ALA G 289 -19.60 76.06 8.28
CA ALA G 289 -20.09 74.77 8.76
C ALA G 289 -21.58 74.91 9.10
N ALA G 290 -22.04 76.15 9.24
CA ALA G 290 -23.44 76.42 9.57
C ALA G 290 -24.35 76.06 8.41
N ASP G 291 -23.84 76.09 7.18
CA ASP G 291 -24.68 75.66 6.08
C ASP G 291 -24.18 74.24 5.78
N ALA G 292 -23.24 74.10 4.84
CA ALA G 292 -22.71 72.78 4.47
C ALA G 292 -23.88 72.11 3.77
N GLY G 293 -23.72 71.87 2.47
CA GLY G 293 -24.82 71.28 1.72
C GLY G 293 -25.58 72.42 1.07
N ALA G 294 -24.90 73.56 0.99
CA ALA G 294 -25.46 74.72 0.34
C ALA G 294 -25.23 74.40 -1.12
N MET G 295 -26.23 74.67 -1.95
CA MET G 295 -26.11 74.39 -3.37
C MET G 295 -25.68 75.58 -4.25
N THR G 296 -26.59 76.52 -4.49
CA THR G 296 -26.29 77.68 -5.36
C THR G 296 -25.92 77.22 -6.79
N PRO G 297 -26.87 77.39 -7.72
CA PRO G 297 -26.73 77.01 -9.12
C PRO G 297 -25.51 77.64 -9.75
N THR G 298 -25.20 77.20 -10.96
CA THR G 298 -24.09 77.77 -11.69
C THR G 298 -24.17 77.75 -13.19
N ASP G 299 -23.08 77.33 -13.80
CA ASP G 299 -22.89 77.39 -15.22
C ASP G 299 -22.08 76.20 -15.65
N PHE G 300 -22.30 75.69 -16.86
CA PHE G 300 -21.49 74.57 -17.31
C PHE G 300 -20.05 75.09 -17.29
N GLU G 301 -19.89 76.36 -17.70
CA GLU G 301 -18.56 76.97 -17.80
C GLU G 301 -17.80 77.05 -16.48
N THR G 302 -18.49 77.40 -15.41
CA THR G 302 -17.84 77.54 -14.09
C THR G 302 -17.35 76.21 -13.55
N PHE G 303 -18.18 75.18 -13.68
CA PHE G 303 -17.84 73.84 -13.22
C PHE G 303 -16.54 73.42 -13.91
N ALA G 304 -16.58 73.36 -15.23
CA ALA G 304 -15.43 72.98 -16.01
C ALA G 304 -14.16 73.65 -15.50
N ALA G 305 -14.25 74.96 -15.20
CA ALA G 305 -13.10 75.75 -14.71
C ALA G 305 -12.63 75.35 -13.31
N LEU G 306 -13.57 74.90 -12.49
CA LEU G 306 -13.24 74.47 -11.14
C LEU G 306 -12.47 73.16 -11.25
N VAL G 307 -12.97 72.29 -12.13
CA VAL G 307 -12.36 70.99 -12.36
C VAL G 307 -11.01 71.10 -13.07
N SER G 308 -10.73 72.29 -13.61
CA SER G 308 -9.48 72.55 -14.34
C SER G 308 -8.28 72.56 -13.40
N GLU G 309 -8.50 72.99 -12.15
CA GLU G 309 -7.41 73.02 -11.18
C GLU G 309 -6.77 71.66 -10.99
N TYR G 310 -7.59 70.61 -11.10
CA TYR G 310 -7.13 69.24 -10.93
C TYR G 310 -6.59 68.66 -12.22
N THR G 311 -5.38 69.10 -12.55
CA THR G 311 -4.67 68.66 -13.76
C THR G 311 -4.25 67.22 -13.51
N LEU G 312 -4.01 66.47 -14.58
CA LEU G 312 -3.54 65.11 -14.40
C LEU G 312 -2.28 65.23 -13.53
N GLU G 313 -1.48 66.24 -13.83
CA GLU G 313 -0.24 66.50 -13.12
C GLU G 313 -0.52 66.83 -11.64
N LYS G 314 -1.64 67.47 -11.38
CA LYS G 314 -1.94 67.79 -9.99
C LYS G 314 -2.56 66.62 -9.27
N ALA G 315 -3.54 65.98 -9.89
CA ALA G 315 -4.19 64.83 -9.27
C ALA G 315 -3.09 63.85 -8.85
N ALA G 316 -2.21 63.52 -9.79
CA ALA G 316 -1.14 62.58 -9.52
C ALA G 316 -0.35 63.01 -8.29
N GLU G 317 -0.02 64.30 -8.19
CA GLU G 317 0.73 64.81 -7.05
C GLU G 317 0.01 64.56 -5.72
N ILE G 318 -1.29 64.82 -5.68
CA ILE G 318 -2.06 64.64 -4.46
C ILE G 318 -2.31 63.18 -4.07
N SER G 319 -2.59 62.33 -5.05
CA SER G 319 -2.83 60.90 -4.77
C SER G 319 -1.56 60.13 -4.50
N GLY G 320 -0.67 60.08 -5.49
CA GLY G 320 0.57 59.34 -5.31
C GLY G 320 0.60 58.24 -6.34
N VAL G 321 -0.31 58.37 -7.29
CA VAL G 321 -0.45 57.41 -8.37
C VAL G 321 0.30 57.90 -9.59
N GLU G 322 0.99 56.98 -10.28
CA GLU G 322 1.70 57.36 -11.49
C GLU G 322 0.62 57.84 -12.46
N PRO G 323 0.82 59.03 -13.06
CA PRO G 323 -0.15 59.61 -14.00
C PRO G 323 -0.67 58.67 -15.07
N ALA G 324 0.18 57.78 -15.57
CA ALA G 324 -0.19 56.82 -16.60
C ALA G 324 -1.44 56.03 -16.25
N LEU G 325 -1.59 55.72 -14.96
CA LEU G 325 -2.73 54.96 -14.48
C LEU G 325 -3.99 55.84 -14.48
N LEU G 326 -3.86 57.05 -14.00
CA LEU G 326 -4.98 57.97 -14.00
C LEU G 326 -5.45 58.24 -15.44
N GLU G 327 -4.52 58.12 -16.39
CA GLU G 327 -4.85 58.33 -17.79
C GLU G 327 -5.63 57.09 -18.20
N GLU G 328 -5.29 55.93 -17.62
CA GLU G 328 -5.99 54.70 -17.95
C GLU G 328 -7.41 54.75 -17.43
N LEU G 329 -7.56 55.18 -16.19
CA LEU G 329 -8.87 55.31 -15.62
C LEU G 329 -9.63 56.31 -16.49
N ALA G 330 -9.28 57.59 -16.39
CA ALA G 330 -9.92 58.65 -17.15
C ALA G 330 -10.52 58.17 -18.48
N GLU G 331 -9.67 57.58 -19.31
CA GLU G 331 -10.06 57.11 -20.64
C GLU G 331 -11.23 56.12 -20.67
N LEU G 332 -11.20 55.17 -19.76
CA LEU G 332 -12.24 54.17 -19.68
C LEU G 332 -13.57 54.89 -19.48
N TYR G 333 -13.59 55.74 -18.45
CA TYR G 333 -14.76 56.54 -18.12
C TYR G 333 -15.09 57.44 -19.31
N ALA G 334 -14.28 57.42 -20.36
CA ALA G 334 -14.56 58.32 -21.47
C ALA G 334 -14.80 57.77 -22.89
N ASP G 335 -14.08 56.73 -23.35
CA ASP G 335 -14.37 56.28 -24.71
C ASP G 335 -15.85 56.02 -24.65
N PRO G 336 -16.61 56.84 -25.38
CA PRO G 336 -18.06 56.75 -25.41
C PRO G 336 -18.59 55.46 -25.93
N ASP G 337 -17.92 54.37 -25.62
CA ASP G 337 -18.46 53.09 -25.98
C ASP G 337 -18.27 52.13 -24.81
N ARG G 338 -17.25 52.42 -24.00
CA ARG G 338 -17.01 51.63 -22.82
C ARG G 338 -18.21 51.90 -21.91
N LYS G 339 -18.97 50.86 -21.60
CA LYS G 339 -20.06 51.04 -20.67
C LYS G 339 -19.35 50.96 -19.32
N TRP G 340 -19.21 52.10 -18.66
CA TRP G 340 -18.53 52.08 -17.40
C TRP G 340 -19.52 51.61 -16.37
N MET G 341 -19.03 51.04 -15.28
CA MET G 341 -19.92 50.55 -14.25
C MET G 341 -19.17 50.81 -12.98
N SER G 342 -19.39 51.97 -12.40
CA SER G 342 -18.71 52.35 -11.18
C SER G 342 -19.39 51.82 -9.95
N LEU G 343 -18.60 51.24 -9.05
CA LEU G 343 -19.08 50.66 -7.82
C LEU G 343 -18.34 51.24 -6.66
N TRP G 344 -19.05 51.50 -5.57
CA TRP G 344 -18.43 52.04 -4.38
C TRP G 344 -19.20 51.66 -3.12
N THR G 345 -18.46 51.39 -2.06
CA THR G 345 -19.09 51.05 -0.78
C THR G 345 -18.61 52.01 0.32
N MET G 346 -18.24 51.50 1.50
CA MET G 346 -17.81 52.41 2.57
C MET G 346 -16.61 53.32 2.30
N GLY G 347 -15.84 53.03 1.25
CA GLY G 347 -14.72 53.88 0.91
C GLY G 347 -15.17 55.35 0.73
N PHE G 348 -16.29 55.53 0.01
CA PHE G 348 -16.88 56.84 -0.27
C PHE G 348 -17.84 57.28 0.82
N ASN G 349 -18.57 56.34 1.39
CA ASN G 349 -19.58 56.65 2.39
C ASN G 349 -19.08 57.05 3.76
N GLN G 350 -18.01 56.42 4.21
CA GLN G 350 -17.41 56.73 5.52
C GLN G 350 -16.25 57.64 5.21
N HIS G 351 -16.55 58.77 4.59
CA HIS G 351 -15.61 59.76 4.11
C HIS G 351 -16.11 61.10 4.63
N VAL G 352 -15.25 61.87 5.26
CA VAL G 352 -15.71 63.17 5.78
C VAL G 352 -16.23 64.08 4.67
N ARG G 353 -16.03 63.63 3.44
CA ARG G 353 -16.51 64.34 2.26
C ARG G 353 -17.15 63.29 1.36
N GLY G 354 -17.87 62.38 2.00
CA GLY G 354 -18.51 61.31 1.27
C GLY G 354 -19.56 61.78 0.28
N VAL G 355 -20.46 62.63 0.77
CA VAL G 355 -21.50 63.15 -0.07
C VAL G 355 -20.88 63.73 -1.32
N TRP G 356 -19.77 64.44 -1.16
CA TRP G 356 -19.10 65.01 -2.35
C TRP G 356 -18.59 63.92 -3.31
N ALA G 357 -18.00 62.87 -2.71
CA ALA G 357 -17.44 61.76 -3.48
C ALA G 357 -18.54 61.14 -4.31
N ASN G 358 -19.65 60.81 -3.64
CA ASN G 358 -20.80 60.26 -4.33
C ASN G 358 -21.12 61.22 -5.50
N HIS G 359 -21.28 62.50 -5.16
CA HIS G 359 -21.59 63.49 -6.18
C HIS G 359 -20.62 63.34 -7.35
N MET G 360 -19.33 63.42 -7.06
CA MET G 360 -18.32 63.31 -8.10
C MET G 360 -18.39 62.08 -9.02
N VAL G 361 -18.76 60.92 -8.48
CA VAL G 361 -18.86 59.74 -9.37
C VAL G 361 -20.02 59.92 -10.33
N TYR G 362 -21.15 60.40 -9.82
CA TYR G 362 -22.30 60.61 -10.69
C TYR G 362 -21.91 61.58 -11.80
N ASN G 363 -21.15 62.61 -11.46
CA ASN G 363 -20.74 63.58 -12.47
C ASN G 363 -20.12 62.95 -13.72
N LEU G 364 -19.14 62.09 -13.46
CA LEU G 364 -18.45 61.42 -14.55
C LEU G 364 -19.46 60.74 -15.45
N HIS G 365 -20.48 60.13 -14.83
CA HIS G 365 -21.54 59.43 -15.57
C HIS G 365 -22.46 60.41 -16.25
N LEU G 366 -22.91 61.43 -15.51
CA LEU G 366 -23.77 62.49 -16.06
C LEU G 366 -23.10 63.19 -17.26
N LEU G 367 -21.85 63.63 -17.08
CA LEU G 367 -21.13 64.26 -18.16
C LEU G 367 -21.09 63.42 -19.43
N THR G 368 -21.01 62.11 -19.27
CA THR G 368 -20.92 61.22 -20.44
C THR G 368 -22.23 60.61 -20.87
N GLY G 369 -23.25 60.75 -20.03
CA GLY G 369 -24.52 60.15 -20.36
C GLY G 369 -24.52 58.63 -20.15
N LYS G 370 -23.64 58.14 -19.29
CA LYS G 370 -23.56 56.73 -18.99
C LYS G 370 -24.35 56.46 -17.72
N ILE G 371 -25.67 56.33 -17.85
CA ILE G 371 -26.56 56.11 -16.71
C ILE G 371 -27.91 55.52 -17.13
N SER G 372 -28.53 54.77 -16.23
CA SER G 372 -29.83 54.16 -16.51
C SER G 372 -29.93 53.28 -17.77
N GLU G 373 -28.84 52.60 -18.10
CA GLU G 373 -28.83 51.69 -19.24
C GLU G 373 -28.14 50.40 -18.81
N PRO G 374 -28.52 49.29 -19.45
CA PRO G 374 -27.88 48.02 -19.09
C PRO G 374 -26.39 48.19 -19.38
N GLY G 375 -25.55 47.98 -18.37
CA GLY G 375 -24.12 48.09 -18.57
C GLY G 375 -23.52 49.43 -18.17
N ASN G 376 -24.27 50.50 -18.33
CA ASN G 376 -23.74 51.82 -17.98
C ASN G 376 -24.37 52.24 -16.68
N SER G 377 -23.62 52.14 -15.60
CA SER G 377 -24.21 52.53 -14.34
C SER G 377 -23.32 52.80 -13.17
N PRO G 378 -23.67 53.83 -12.40
CA PRO G 378 -22.91 54.16 -11.19
C PRO G 378 -23.69 53.44 -10.06
N PHE G 379 -23.22 52.25 -9.69
CA PHE G 379 -23.91 51.47 -8.66
C PHE G 379 -23.38 51.64 -7.26
N SER G 380 -24.24 52.10 -6.38
CA SER G 380 -23.82 52.26 -5.01
C SER G 380 -24.14 50.94 -4.37
N LEU G 381 -23.12 50.29 -3.84
CA LEU G 381 -23.34 49.02 -3.19
C LEU G 381 -23.84 49.31 -1.78
N THR G 382 -24.87 48.61 -1.32
CA THR G 382 -25.34 48.82 0.05
C THR G 382 -24.81 47.70 0.93
N GLY G 383 -24.53 48.03 2.18
CA GLY G 383 -23.97 47.04 3.10
C GLY G 383 -24.86 46.03 3.78
N GLN G 384 -25.72 46.48 4.66
CA GLN G 384 -26.60 45.54 5.35
C GLN G 384 -27.64 44.89 4.48
N PRO G 385 -28.30 43.87 5.00
CA PRO G 385 -29.34 43.15 4.25
C PRO G 385 -30.54 44.01 3.87
N PHE G 386 -30.95 44.90 4.77
CA PHE G 386 -32.07 45.77 4.51
C PHE G 386 -31.81 47.21 4.97
N ALA G 387 -30.59 47.70 4.75
CA ALA G 387 -30.33 49.09 5.07
C ALA G 387 -31.20 49.86 4.07
N CYS G 388 -31.41 49.26 2.91
CA CYS G 388 -32.27 49.84 1.87
C CYS G 388 -33.72 49.54 2.19
N GLY G 389 -34.09 48.27 2.04
CA GLY G 389 -35.45 47.85 2.28
C GLY G 389 -36.10 48.37 3.55
N THR G 390 -35.31 48.56 4.61
CA THR G 390 -35.87 49.02 5.87
C THR G 390 -35.42 50.43 6.23
N ALA G 391 -34.20 50.56 6.76
CA ALA G 391 -33.66 51.88 7.17
C ALA G 391 -33.97 52.97 6.17
N ARG G 392 -33.47 52.83 4.96
CA ARG G 392 -33.73 53.84 3.97
C ARG G 392 -35.19 53.93 3.52
N GLU G 393 -35.70 52.87 2.88
CA GLU G 393 -37.07 52.91 2.38
C GLU G 393 -38.19 53.19 3.39
N VAL G 394 -38.18 52.51 4.53
CA VAL G 394 -39.21 52.81 5.52
C VAL G 394 -38.85 54.14 6.18
N GLY G 395 -37.60 54.57 6.03
CA GLY G 395 -37.19 55.85 6.58
C GLY G 395 -37.05 55.81 8.09
N THR G 396 -35.98 55.18 8.53
CA THR G 396 -35.72 54.96 9.93
C THR G 396 -34.55 55.80 10.36
N PHE G 397 -34.52 57.01 9.85
CA PHE G 397 -33.49 57.96 10.24
C PHE G 397 -34.16 59.13 10.92
N ALA G 398 -33.42 59.77 11.84
CA ALA G 398 -33.88 60.93 12.63
C ALA G 398 -34.76 61.98 11.94
N HIS G 399 -34.45 62.30 10.70
CA HIS G 399 -35.18 63.32 9.97
C HIS G 399 -36.13 62.77 8.93
N ARG G 400 -36.44 61.49 8.95
CA ARG G 400 -37.23 60.94 7.85
C ARG G 400 -38.53 60.19 8.10
N LEU G 401 -39.32 60.06 7.02
CA LEU G 401 -40.60 59.34 7.01
C LEU G 401 -40.57 58.44 5.77
N PRO G 402 -41.56 57.55 5.62
CA PRO G 402 -41.62 56.65 4.47
C PRO G 402 -41.48 57.30 3.10
N ALA G 403 -41.12 56.49 2.12
CA ALA G 403 -40.99 56.90 0.73
C ALA G 403 -40.32 58.24 0.46
N ASP G 404 -39.13 58.43 1.01
CA ASP G 404 -38.36 59.66 0.79
C ASP G 404 -38.91 60.94 1.41
N MET G 405 -39.90 60.81 2.28
CA MET G 405 -40.50 61.97 2.91
C MET G 405 -39.77 62.44 4.16
N VAL G 406 -39.75 63.76 4.37
CA VAL G 406 -39.09 64.37 5.50
C VAL G 406 -40.12 64.80 6.54
N VAL G 407 -39.68 64.76 7.79
CA VAL G 407 -40.47 65.15 8.97
C VAL G 407 -40.69 66.68 8.98
N THR G 408 -39.77 67.38 8.34
CA THR G 408 -39.79 68.84 8.21
C THR G 408 -41.01 69.28 7.40
N ASN G 409 -41.07 68.82 6.16
CA ASN G 409 -42.18 69.13 5.26
C ASN G 409 -43.54 68.77 5.90
N PRO G 410 -44.44 69.76 6.00
CA PRO G 410 -45.78 69.61 6.59
C PRO G 410 -46.76 68.83 5.74
N GLU G 411 -46.56 68.84 4.42
CA GLU G 411 -47.45 68.11 3.53
C GLU G 411 -47.23 66.62 3.78
N HIS G 412 -45.96 66.22 3.93
CA HIS G 412 -45.61 64.82 4.17
C HIS G 412 -46.16 64.41 5.51
N ARG G 413 -45.84 65.22 6.53
CA ARG G 413 -46.27 64.96 7.90
C ARG G 413 -47.77 64.68 7.88
N ALA G 414 -48.50 65.54 7.16
CA ALA G 414 -49.94 65.39 7.03
C ALA G 414 -50.28 64.06 6.35
N HIS G 415 -49.64 63.80 5.21
CA HIS G 415 -49.85 62.57 4.46
C HIS G 415 -49.70 61.33 5.35
N ALA G 416 -48.64 61.32 6.16
CA ALA G 416 -48.38 60.22 7.06
C ALA G 416 -49.52 60.13 8.06
N GLU G 417 -49.94 61.28 8.56
CA GLU G 417 -51.01 61.33 9.53
C GLU G 417 -52.31 60.77 8.95
N GLU G 418 -52.59 61.09 7.67
CA GLU G 418 -53.82 60.62 7.04
C GLU G 418 -53.82 59.11 6.91
N ILE G 419 -52.65 58.53 6.60
CA ILE G 419 -52.55 57.08 6.41
C ILE G 419 -52.54 56.31 7.72
N TRP G 420 -51.83 56.86 8.71
CA TRP G 420 -51.72 56.24 10.03
C TRP G 420 -52.96 56.48 10.89
N LYS G 421 -54.00 57.08 10.28
CA LYS G 421 -55.25 57.41 10.96
C LYS G 421 -54.95 58.14 12.25
N LEU G 422 -54.37 59.32 12.12
CA LEU G 422 -54.01 60.11 13.28
C LEU G 422 -54.66 61.48 13.29
N PRO G 423 -54.72 62.11 14.48
CA PRO G 423 -55.30 63.45 14.57
C PRO G 423 -54.29 64.43 13.93
N ALA G 424 -54.79 65.37 13.14
CA ALA G 424 -53.93 66.35 12.47
C ALA G 424 -52.92 67.07 13.41
N GLY G 425 -51.75 67.37 12.86
CA GLY G 425 -50.74 68.04 13.65
C GLY G 425 -50.17 67.22 14.79
N LEU G 426 -50.39 65.90 14.77
CA LEU G 426 -49.86 65.05 15.83
C LEU G 426 -48.37 64.79 15.62
N LEU G 427 -48.00 64.35 14.43
CA LEU G 427 -46.59 64.07 14.14
C LEU G 427 -45.68 65.28 14.39
N PRO G 428 -44.51 65.05 15.02
CA PRO G 428 -43.49 66.06 15.37
C PRO G 428 -42.75 66.64 14.15
N ASP G 429 -42.39 67.92 14.22
CA ASP G 429 -41.69 68.60 13.10
C ASP G 429 -40.19 68.70 13.31
N TRP G 430 -39.73 68.46 14.53
CA TRP G 430 -38.31 68.57 14.81
C TRP G 430 -37.47 67.40 14.34
N VAL G 431 -36.30 67.71 13.81
CA VAL G 431 -35.37 66.67 13.37
C VAL G 431 -34.69 66.01 14.60
N GLY G 432 -34.69 64.68 14.64
CA GLY G 432 -34.09 63.94 15.74
C GLY G 432 -32.56 63.92 15.79
N ALA G 433 -32.05 63.23 16.79
CA ALA G 433 -30.60 63.11 16.99
C ALA G 433 -30.02 61.99 16.13
N HIS G 434 -29.10 62.35 15.25
CA HIS G 434 -28.50 61.34 14.40
C HIS G 434 -27.52 60.48 15.24
N ALA G 435 -27.13 59.32 14.69
CA ALA G 435 -26.25 58.37 15.37
C ALA G 435 -25.19 58.98 16.25
N VAL G 436 -24.27 59.71 15.64
CA VAL G 436 -23.22 60.32 16.43
C VAL G 436 -23.84 61.18 17.53
N GLU G 437 -24.64 62.16 17.14
CA GLU G 437 -25.32 63.01 18.10
C GLU G 437 -25.92 62.17 19.23
N GLN G 438 -26.72 61.17 18.86
CA GLN G 438 -27.35 60.30 19.82
C GLN G 438 -26.40 59.83 20.93
N ASP G 439 -25.15 59.53 20.58
CA ASP G 439 -24.16 59.07 21.56
C ASP G 439 -23.83 60.23 22.46
N ARG G 440 -23.57 61.38 21.83
CA ARG G 440 -23.22 62.61 22.53
C ARG G 440 -24.35 63.02 23.49
N LYS G 441 -25.56 63.23 22.96
CA LYS G 441 -26.70 63.61 23.81
C LYS G 441 -26.87 62.64 25.00
N LEU G 442 -26.33 61.44 24.82
CA LEU G 442 -26.42 60.38 25.81
C LEU G 442 -25.36 60.65 26.86
N HIS G 443 -24.20 61.07 26.38
CA HIS G 443 -23.09 61.40 27.24
C HIS G 443 -23.49 62.54 28.14
N ASP G 444 -24.13 63.54 27.54
CA ASP G 444 -24.55 64.75 28.23
C ASP G 444 -25.76 64.63 29.14
N GLY G 445 -26.72 63.78 28.75
CA GLY G 445 -27.87 63.59 29.60
C GLY G 445 -29.16 64.08 28.97
N GLU G 446 -29.10 64.39 27.67
CA GLU G 446 -30.27 64.88 26.92
C GLU G 446 -31.24 63.74 26.58
N ILE G 447 -30.70 62.57 26.25
CA ILE G 447 -31.55 61.41 25.97
C ILE G 447 -31.40 60.50 27.20
N ASN G 448 -32.52 60.20 27.86
CA ASN G 448 -32.47 59.44 29.08
C ASN G 448 -33.13 58.06 29.03
N PHE G 449 -33.84 57.79 27.94
CA PHE G 449 -34.46 56.47 27.74
C PHE G 449 -33.92 56.08 26.39
N TYR G 450 -33.31 54.91 26.31
CA TYR G 450 -32.72 54.50 25.05
C TYR G 450 -33.03 53.04 24.72
N TRP G 451 -33.57 52.81 23.52
CA TRP G 451 -33.84 51.45 23.07
C TRP G 451 -32.99 51.09 21.83
N VAL G 452 -32.00 50.22 22.04
CA VAL G 452 -31.13 49.74 20.94
C VAL G 452 -31.72 48.44 20.34
N GLN G 453 -31.73 48.35 19.02
CA GLN G 453 -32.27 47.13 18.41
C GLN G 453 -31.56 46.64 17.15
N VAL G 454 -31.20 45.35 17.20
CA VAL G 454 -30.53 44.66 16.09
C VAL G 454 -29.24 45.35 15.64
N ASN G 455 -28.45 45.77 16.60
CA ASN G 455 -27.15 46.38 16.35
C ASN G 455 -26.34 46.24 17.63
N ASN G 456 -25.04 46.40 17.50
CA ASN G 456 -24.13 46.22 18.62
C ASN G 456 -23.28 47.48 18.62
N ASN G 457 -23.98 48.62 18.71
CA ASN G 457 -23.38 49.95 18.63
C ASN G 457 -22.24 50.26 19.54
N MET G 458 -22.14 49.54 20.65
CA MET G 458 -21.05 49.78 21.59
C MET G 458 -19.72 49.41 20.98
N GLN G 459 -19.80 48.68 19.87
CA GLN G 459 -18.60 48.20 19.15
C GLN G 459 -18.53 48.89 17.83
N ALA G 460 -19.70 49.11 17.23
CA ALA G 460 -19.78 49.73 15.93
C ALA G 460 -19.46 51.22 15.94
N ALA G 461 -20.06 51.94 16.91
CA ALA G 461 -19.92 53.39 17.01
C ALA G 461 -18.50 53.90 17.24
N PRO G 462 -18.16 55.10 16.71
CA PRO G 462 -16.84 55.75 16.79
C PRO G 462 -16.56 56.37 18.13
N ASN G 463 -15.28 56.40 18.50
CA ASN G 463 -14.84 56.97 19.77
C ASN G 463 -15.56 56.47 21.04
N ILE G 464 -15.90 55.18 21.10
CA ILE G 464 -16.62 54.66 22.26
C ILE G 464 -16.20 55.12 23.64
N ASP G 465 -14.89 55.26 23.86
CA ASP G 465 -14.37 55.69 25.17
C ASP G 465 -14.72 57.13 25.51
N GLN G 466 -14.65 57.98 24.49
CA GLN G 466 -14.95 59.39 24.68
C GLN G 466 -16.44 59.67 24.93
N GLU G 467 -17.30 59.24 24.02
CA GLU G 467 -18.73 59.55 24.17
C GLU G 467 -19.81 58.45 24.15
N THR G 468 -19.48 57.22 23.77
CA THR G 468 -20.51 56.21 23.71
C THR G 468 -20.63 55.42 24.99
N TYR G 469 -19.50 55.00 25.53
CA TYR G 469 -19.51 54.23 26.75
C TYR G 469 -20.06 55.00 27.95
N PRO G 470 -19.53 56.21 28.22
CA PRO G 470 -20.03 57.01 29.34
C PRO G 470 -21.50 57.34 29.16
N GLY G 471 -21.90 57.53 27.92
CA GLY G 471 -23.29 57.83 27.62
C GLY G 471 -24.22 56.68 27.98
N TYR G 472 -23.75 55.44 27.84
CA TYR G 472 -24.60 54.29 28.15
C TYR G 472 -24.58 54.05 29.64
N ARG G 473 -23.48 54.42 30.29
CA ARG G 473 -23.36 54.20 31.72
C ARG G 473 -23.74 55.41 32.57
N ASN G 474 -24.16 56.51 31.92
CA ASN G 474 -24.59 57.72 32.63
C ASN G 474 -25.83 57.38 33.50
N PRO G 475 -25.68 57.44 34.83
CA PRO G 475 -26.78 57.09 35.75
C PRO G 475 -28.14 57.81 35.58
N GLU G 476 -28.19 58.90 34.81
CA GLU G 476 -29.50 59.54 34.63
C GLU G 476 -30.20 58.90 33.44
N ASN G 477 -29.51 57.92 32.84
CA ASN G 477 -29.99 57.19 31.68
C ASN G 477 -30.31 55.72 31.94
N PHE G 478 -31.29 55.24 31.18
CA PHE G 478 -31.75 53.87 31.23
C PHE G 478 -31.61 53.33 29.81
N ILE G 479 -30.95 52.18 29.69
CA ILE G 479 -30.70 51.62 28.37
C ILE G 479 -31.17 50.19 28.14
N VAL G 480 -31.96 50.01 27.09
CA VAL G 480 -32.45 48.68 26.75
C VAL G 480 -31.79 48.21 25.46
N VAL G 481 -31.46 46.93 25.42
CA VAL G 481 -30.83 46.35 24.25
C VAL G 481 -31.47 45.02 23.90
N SER G 482 -32.17 44.99 22.78
CA SER G 482 -32.79 43.76 22.30
C SER G 482 -31.72 43.13 21.43
N ASP G 483 -31.46 41.85 21.67
CA ASP G 483 -30.46 41.13 20.89
C ASP G 483 -30.72 39.62 21.01
N ALA G 484 -29.87 38.85 20.33
CA ALA G 484 -30.00 37.41 20.32
C ALA G 484 -28.79 36.73 20.94
N TYR G 485 -27.75 37.49 21.20
CA TYR G 485 -26.55 36.94 21.85
C TYR G 485 -25.97 37.98 22.77
N PRO G 486 -25.19 37.54 23.76
CA PRO G 486 -24.50 38.41 24.71
C PRO G 486 -24.17 39.82 24.16
N THR G 487 -23.01 39.98 23.50
CA THR G 487 -22.67 41.31 22.96
C THR G 487 -22.16 42.29 23.99
N VAL G 488 -21.15 43.07 23.62
CA VAL G 488 -20.63 44.04 24.56
C VAL G 488 -21.69 45.14 24.83
N THR G 489 -22.40 45.57 23.78
CA THR G 489 -23.44 46.57 23.96
C THR G 489 -24.44 46.16 25.07
N GLY G 490 -24.85 44.90 25.06
CA GLY G 490 -25.78 44.43 26.07
C GLY G 490 -25.12 44.42 27.42
N ARG G 491 -23.83 44.08 27.45
CA ARG G 491 -23.10 44.02 28.70
C ARG G 491 -23.07 45.44 29.28
N ALA G 492 -23.05 46.41 28.37
CA ALA G 492 -23.03 47.80 28.78
C ALA G 492 -24.43 48.43 28.91
N ALA G 493 -25.49 47.62 28.93
CA ALA G 493 -26.84 48.19 29.07
C ALA G 493 -27.47 47.90 30.44
N ASP G 494 -28.77 48.16 30.56
CA ASP G 494 -29.44 47.99 31.84
C ASP G 494 -30.54 46.93 31.76
N LEU G 495 -31.13 46.83 30.58
CA LEU G 495 -32.19 45.86 30.35
C LEU G 495 -31.89 45.26 28.98
N VAL G 496 -31.78 43.94 28.94
CA VAL G 496 -31.50 43.25 27.69
C VAL G 496 -32.65 42.32 27.38
N LEU G 497 -33.32 42.59 26.25
CA LEU G 497 -34.46 41.77 25.86
C LEU G 497 -34.06 40.78 24.78
N PRO G 498 -34.38 39.50 24.95
CA PRO G 498 -34.07 38.40 24.03
C PRO G 498 -34.88 38.44 22.71
N ALA G 499 -34.20 38.29 21.59
CA ALA G 499 -34.91 38.34 20.32
C ALA G 499 -34.95 37.06 19.50
N ALA G 500 -36.06 36.86 18.79
CA ALA G 500 -36.20 35.74 17.85
C ALA G 500 -35.43 36.31 16.67
N MET G 501 -34.54 35.48 16.16
CA MET G 501 -33.61 35.83 15.10
C MET G 501 -33.96 35.29 13.71
N TRP G 502 -33.33 35.86 12.71
CA TRP G 502 -33.51 35.41 11.34
C TRP G 502 -34.78 34.64 10.99
N VAL G 503 -34.66 33.32 10.88
CA VAL G 503 -35.77 32.49 10.45
C VAL G 503 -36.70 31.99 11.55
N GLU G 504 -36.50 32.56 12.74
CA GLU G 504 -37.33 32.20 13.90
C GLU G 504 -38.53 33.14 13.91
N LYS G 505 -38.52 34.02 12.91
CA LYS G 505 -39.54 35.03 12.77
C LYS G 505 -39.82 35.31 11.29
N GLU G 506 -41.06 35.52 10.90
CA GLU G 506 -41.33 35.84 9.51
C GLU G 506 -40.85 37.28 9.25
N GLY G 507 -40.15 37.50 8.14
CA GLY G 507 -39.63 38.83 7.87
C GLY G 507 -39.46 39.12 6.40
N ALA G 508 -38.94 40.30 6.11
CA ALA G 508 -38.70 40.75 4.74
C ALA G 508 -37.49 41.71 4.73
N TYR G 509 -36.75 41.69 3.64
CA TYR G 509 -35.58 42.53 3.51
C TYR G 509 -35.53 43.16 2.12
N GLY G 510 -34.64 44.13 1.95
CA GLY G 510 -34.47 44.79 0.68
C GLY G 510 -32.99 44.97 0.35
N ASN G 511 -32.53 44.30 -0.70
CA ASN G 511 -31.12 44.40 -1.08
C ASN G 511 -30.74 45.65 -1.86
N ALA G 512 -29.44 45.80 -2.07
CA ALA G 512 -28.86 46.94 -2.79
C ALA G 512 -29.39 47.27 -4.19
N GLU G 513 -30.07 46.34 -4.85
CA GLU G 513 -30.60 46.63 -6.19
C GLU G 513 -32.13 46.77 -6.16
N ARG G 514 -32.66 47.23 -5.03
CA ARG G 514 -34.10 47.42 -4.86
C ARG G 514 -34.91 46.16 -4.84
N ARG G 515 -34.32 45.05 -4.39
CA ARG G 515 -35.02 43.76 -4.40
C ARG G 515 -35.57 43.46 -3.03
N THR G 516 -36.88 43.34 -2.98
CA THR G 516 -37.55 43.16 -1.70
C THR G 516 -37.98 41.74 -1.61
N HIS G 517 -37.37 40.99 -0.70
CA HIS G 517 -37.76 39.60 -0.54
C HIS G 517 -38.16 39.21 0.88
N PHE G 518 -39.10 38.28 0.97
CA PHE G 518 -39.67 37.78 2.24
C PHE G 518 -39.11 36.43 2.65
N TRP G 519 -39.66 35.90 3.74
CA TRP G 519 -39.35 34.59 4.30
C TRP G 519 -40.31 34.33 5.44
N HIS G 520 -40.83 33.10 5.49
CA HIS G 520 -41.75 32.67 6.54
C HIS G 520 -40.97 32.29 7.78
N GLN G 521 -41.70 31.95 8.83
CA GLN G 521 -41.01 31.53 10.02
C GLN G 521 -40.84 30.02 9.83
N LEU G 522 -39.59 29.56 9.89
CA LEU G 522 -39.28 28.15 9.69
C LEU G 522 -39.04 27.37 10.96
N VAL G 523 -38.72 28.07 12.02
CA VAL G 523 -38.44 27.40 13.28
C VAL G 523 -38.83 28.25 14.47
N GLU G 524 -38.84 27.67 15.66
CA GLU G 524 -39.19 28.45 16.83
C GLU G 524 -37.93 28.94 17.56
N ALA G 525 -37.99 30.17 18.07
CA ALA G 525 -36.88 30.73 18.79
C ALA G 525 -36.71 29.98 20.12
N PRO G 526 -35.49 30.00 20.68
CA PRO G 526 -35.23 29.30 21.92
C PRO G 526 -35.78 30.07 23.13
N GLY G 527 -36.24 29.31 24.14
CA GLY G 527 -36.77 29.90 25.35
C GLY G 527 -37.91 30.91 25.16
N GLU G 528 -37.73 32.05 25.82
CA GLU G 528 -38.72 33.10 25.78
C GLU G 528 -38.43 34.25 24.81
N ALA G 529 -37.57 34.03 23.82
CA ALA G 529 -37.26 35.08 22.87
C ALA G 529 -38.41 35.29 21.91
N ARG G 530 -38.61 36.55 21.54
CA ARG G 530 -39.70 36.96 20.63
C ARG G 530 -39.16 37.99 19.63
N SER G 531 -39.76 38.03 18.45
CA SER G 531 -39.31 38.97 17.42
C SER G 531 -39.25 40.38 17.92
N ASP G 532 -38.42 41.19 17.29
CA ASP G 532 -38.33 42.60 17.67
C ASP G 532 -39.70 43.22 17.38
N LEU G 533 -40.37 42.72 16.35
CA LEU G 533 -41.67 43.24 15.99
C LEU G 533 -42.56 43.12 17.21
N TRP G 534 -42.59 41.91 17.76
CA TRP G 534 -43.41 41.64 18.92
C TRP G 534 -42.99 42.55 20.02
N GLN G 535 -41.70 42.60 20.33
CA GLN G 535 -41.21 43.48 21.40
C GLN G 535 -41.78 44.91 21.29
N LEU G 536 -41.64 45.49 20.10
CA LEU G 536 -42.16 46.81 19.81
C LEU G 536 -43.68 46.82 20.06
N MET G 537 -44.43 46.08 19.23
CA MET G 537 -45.88 46.04 19.36
C MET G 537 -46.37 45.86 20.80
N GLU G 538 -45.80 44.90 21.54
CA GLU G 538 -46.22 44.63 22.92
C GLU G 538 -45.91 45.80 23.86
N PHE G 539 -44.71 46.37 23.72
CA PHE G 539 -44.32 47.48 24.56
C PHE G 539 -45.28 48.65 24.35
N SER G 540 -46.01 48.61 23.23
CA SER G 540 -47.01 49.60 22.89
C SER G 540 -48.17 49.56 23.86
N LYS G 541 -48.76 48.38 24.01
CA LYS G 541 -49.90 48.13 24.89
C LYS G 541 -49.85 48.80 26.28
N ARG G 542 -48.76 49.51 26.56
CA ARG G 542 -48.56 50.17 27.85
C ARG G 542 -48.92 51.64 27.96
N PHE G 543 -48.89 52.35 26.84
CA PHE G 543 -49.19 53.74 26.90
C PHE G 543 -50.58 54.03 26.43
N THR G 544 -51.12 55.16 26.91
CA THR G 544 -52.47 55.57 26.61
C THR G 544 -52.46 56.92 25.89
N THR G 545 -53.44 57.16 25.04
CA THR G 545 -53.50 58.41 24.31
C THR G 545 -53.47 59.60 25.23
N ASP G 546 -53.90 59.40 26.48
CA ASP G 546 -53.81 60.45 27.50
C ASP G 546 -52.27 60.43 27.66
N GLU G 547 -51.77 60.03 28.82
CA GLU G 547 -50.33 59.86 29.07
C GLU G 547 -49.27 60.50 28.15
N VAL G 548 -49.31 60.14 26.86
CA VAL G 548 -48.32 60.54 25.88
C VAL G 548 -48.60 61.64 24.88
N TRP G 549 -49.84 61.73 24.40
CA TRP G 549 -50.21 62.78 23.45
C TRP G 549 -50.57 64.14 24.08
N PRO G 550 -50.28 65.25 23.36
CA PRO G 550 -50.63 66.58 23.89
C PRO G 550 -52.19 66.68 24.05
N GLU G 551 -52.62 67.31 25.13
CA GLU G 551 -54.04 67.47 25.43
C GLU G 551 -54.87 68.18 24.33
N GLU G 552 -54.29 69.19 23.68
CA GLU G 552 -54.98 69.91 22.62
C GLU G 552 -55.48 68.91 21.60
N ILE G 553 -54.53 68.14 21.06
CA ILE G 553 -54.83 67.13 20.07
C ILE G 553 -55.96 66.24 20.56
N LEU G 554 -55.87 65.83 21.82
CA LEU G 554 -56.91 64.99 22.39
C LEU G 554 -58.24 65.68 22.31
N SER G 555 -58.32 66.87 22.91
CA SER G 555 -59.53 67.68 22.90
C SER G 555 -60.22 67.58 21.53
N ALA G 556 -59.43 67.81 20.48
CA ALA G 556 -59.90 67.75 19.09
C ALA G 556 -60.49 66.36 18.77
N ALA G 557 -59.89 65.30 19.30
CA ALA G 557 -60.44 63.98 19.02
C ALA G 557 -60.52 63.04 20.22
N PRO G 558 -61.70 62.96 20.85
CA PRO G 558 -62.05 62.11 21.99
C PRO G 558 -61.59 60.66 21.75
N ALA G 559 -62.02 60.07 20.63
CA ALA G 559 -61.58 58.72 20.28
C ALA G 559 -60.07 58.90 20.05
N TYR G 560 -59.34 58.80 21.16
CA TYR G 560 -57.88 58.95 21.29
C TYR G 560 -57.80 59.45 22.73
N ARG G 561 -58.55 58.79 23.61
CA ARG G 561 -58.54 59.14 25.01
C ARG G 561 -58.74 57.78 25.64
N GLY G 562 -57.67 57.30 26.25
CA GLY G 562 -57.64 55.95 26.80
C GLY G 562 -56.96 55.20 25.65
N LYS G 563 -57.73 54.47 24.86
CA LYS G 563 -57.16 53.81 23.69
C LYS G 563 -55.91 52.92 23.89
N THR G 564 -54.76 53.54 24.13
CA THR G 564 -53.44 52.88 24.31
C THR G 564 -52.73 52.76 22.97
N LEU G 565 -51.49 53.24 22.95
CA LEU G 565 -50.68 53.20 21.77
C LEU G 565 -50.64 51.74 21.41
N PHE G 566 -51.41 51.35 20.41
CA PHE G 566 -51.48 49.95 19.98
C PHE G 566 -52.82 49.90 19.32
N GLU G 567 -53.86 50.31 20.05
CA GLU G 567 -55.17 50.34 19.47
C GLU G 567 -54.94 51.41 18.40
N VAL G 568 -54.28 52.49 18.80
CA VAL G 568 -54.01 53.59 17.88
C VAL G 568 -52.94 53.27 16.83
N LEU G 569 -52.01 52.37 17.16
CA LEU G 569 -50.91 52.04 16.22
C LEU G 569 -50.98 50.73 15.49
N PHE G 570 -51.49 49.68 16.12
CA PHE G 570 -51.55 48.39 15.48
C PHE G 570 -52.94 47.74 15.43
N ALA G 571 -53.90 48.36 16.12
CA ALA G 571 -55.29 47.87 16.14
C ALA G 571 -56.20 48.93 15.54
N ASN G 572 -55.69 49.57 14.48
CA ASN G 572 -56.35 50.62 13.74
C ASN G 572 -57.53 50.14 12.98
N GLY G 573 -57.58 48.83 12.77
CA GLY G 573 -58.63 48.27 11.95
C GLY G 573 -58.06 48.39 10.54
N SER G 574 -56.79 48.82 10.48
CA SER G 574 -56.02 48.94 9.24
C SER G 574 -55.01 47.80 9.30
N VAL G 575 -54.22 47.78 10.38
CA VAL G 575 -53.22 46.74 10.59
C VAL G 575 -53.87 45.44 11.08
N ASP G 576 -55.08 45.53 11.64
CA ASP G 576 -55.83 44.34 12.11
C ASP G 576 -56.52 43.71 10.92
N ARG G 577 -56.58 44.49 9.84
CA ARG G 577 -57.25 44.11 8.62
C ARG G 577 -57.29 42.61 8.31
N PHE G 578 -56.13 41.94 8.39
CA PHE G 578 -56.04 40.53 8.05
C PHE G 578 -56.00 39.54 9.21
N PRO G 579 -56.80 38.45 9.14
CA PRO G 579 -56.94 37.39 10.16
C PRO G 579 -55.78 36.46 10.39
N ALA G 580 -55.79 35.76 11.54
CA ALA G 580 -54.70 34.84 11.89
C ALA G 580 -54.66 33.76 10.85
N SER G 581 -55.67 33.72 9.97
CA SER G 581 -55.69 32.80 8.84
C SER G 581 -54.85 33.65 7.87
N ASP G 582 -55.05 33.51 6.56
CA ASP G 582 -54.29 34.36 5.63
C ASP G 582 -52.80 34.25 5.89
N VAL G 583 -52.36 33.17 6.53
CA VAL G 583 -50.95 33.06 6.88
C VAL G 583 -50.30 31.75 6.44
N ASN G 584 -50.61 31.30 5.24
CA ASN G 584 -50.08 30.02 4.73
C ASN G 584 -50.27 28.91 5.76
N PRO G 585 -51.12 27.92 5.46
CA PRO G 585 -51.40 26.81 6.36
C PRO G 585 -50.14 26.28 7.01
N ASP G 586 -49.15 25.95 6.19
CA ASP G 586 -47.87 25.48 6.72
C ASP G 586 -47.23 26.75 7.29
N HIS G 587 -46.12 26.63 8.02
CA HIS G 587 -45.47 27.82 8.58
C HIS G 587 -46.24 28.48 9.71
N ALA G 588 -45.58 28.63 10.86
CA ALA G 588 -46.16 29.27 12.04
C ALA G 588 -45.79 30.74 12.10
N ASN G 589 -46.42 31.48 13.02
CA ASN G 589 -46.17 32.92 13.15
C ASN G 589 -46.39 33.36 14.59
N HIS G 590 -45.38 33.29 15.43
CA HIS G 590 -45.60 33.60 16.84
C HIS G 590 -46.24 34.95 17.09
N GLU G 591 -45.96 35.93 16.23
CA GLU G 591 -46.55 37.26 16.41
C GLU G 591 -48.00 37.31 15.95
N ALA G 592 -48.53 36.20 15.49
CA ALA G 592 -49.90 36.16 15.04
C ALA G 592 -50.68 35.27 15.97
N ALA G 593 -49.97 34.42 16.71
CA ALA G 593 -50.64 33.53 17.67
C ALA G 593 -50.94 34.41 18.88
N LEU G 594 -50.00 35.29 19.20
CA LEU G 594 -50.20 36.27 20.27
C LEU G 594 -50.80 37.32 19.34
N PHE G 595 -51.75 38.12 19.80
CA PHE G 595 -52.44 39.11 18.94
C PHE G 595 -53.40 38.32 18.04
N GLY G 596 -54.47 38.94 17.55
CA GLY G 596 -55.41 38.20 16.73
C GLY G 596 -55.33 38.42 15.24
N PHE G 597 -54.47 39.35 14.82
CA PHE G 597 -54.34 39.65 13.40
C PHE G 597 -53.13 38.95 12.78
N TYR G 598 -52.57 39.57 11.75
CA TYR G 598 -51.42 39.03 11.03
C TYR G 598 -50.61 40.30 10.78
N PRO G 599 -49.78 40.67 11.75
CA PRO G 599 -48.94 41.87 11.73
C PRO G 599 -48.22 42.19 10.43
N GLN G 600 -47.33 41.32 10.03
CA GLN G 600 -46.59 41.53 8.83
C GLN G 600 -47.48 41.97 7.65
N LYS G 601 -48.51 41.18 7.34
CA LYS G 601 -49.35 41.54 6.22
C LYS G 601 -49.89 42.95 6.41
N GLY G 602 -50.41 43.22 7.62
CA GLY G 602 -50.99 44.51 7.94
C GLY G 602 -50.03 45.66 7.77
N LEU G 603 -48.91 45.55 8.48
CA LEU G 603 -47.90 46.60 8.38
C LEU G 603 -47.40 46.75 6.94
N PHE G 604 -47.08 45.64 6.28
CA PHE G 604 -46.59 45.74 4.92
C PHE G 604 -47.59 46.49 4.04
N GLU G 605 -48.83 45.98 3.94
CA GLU G 605 -49.79 46.66 3.09
C GLU G 605 -50.08 48.11 3.52
N GLU G 606 -50.03 48.41 4.81
CA GLU G 606 -50.24 49.80 5.18
C GLU G 606 -49.02 50.60 4.67
N TYR G 607 -47.84 50.30 5.20
CA TYR G 607 -46.60 50.95 4.80
C TYR G 607 -46.52 51.05 3.26
N ALA G 608 -47.05 50.05 2.57
CA ALA G 608 -47.00 49.99 1.10
C ALA G 608 -47.69 51.14 0.42
N ALA G 609 -48.73 51.65 1.08
CA ALA G 609 -49.53 52.76 0.56
C ALA G 609 -48.75 54.09 0.44
N PHE G 610 -47.64 54.21 1.15
CA PHE G 610 -46.86 55.45 1.06
C PHE G 610 -46.26 55.58 -0.33
N GLY G 611 -45.78 54.46 -0.88
CA GLY G 611 -45.24 54.43 -2.24
C GLY G 611 -46.45 53.97 -3.04
N ARG G 612 -46.27 53.37 -4.22
CA ARG G 612 -47.44 52.95 -5.02
C ARG G 612 -48.11 54.22 -5.55
N GLY G 613 -47.76 54.55 -6.77
CA GLY G 613 -48.23 55.77 -7.37
C GLY G 613 -46.85 56.42 -7.38
N HIS G 614 -46.66 57.42 -6.54
CA HIS G 614 -45.37 58.09 -6.45
C HIS G 614 -44.24 57.03 -6.40
N GLY G 615 -43.60 56.74 -7.56
CA GLY G 615 -42.51 55.75 -7.63
C GLY G 615 -42.63 54.63 -6.61
N HIS G 616 -41.52 54.24 -5.95
CA HIS G 616 -41.53 53.25 -4.85
C HIS G 616 -42.54 52.05 -4.79
N ASP G 617 -43.18 51.74 -5.92
CA ASP G 617 -44.19 50.71 -5.96
C ASP G 617 -43.84 49.33 -5.45
N LEU G 618 -44.38 48.95 -4.29
CA LEU G 618 -44.13 47.58 -3.83
C LEU G 618 -45.26 46.70 -4.37
N ALA G 619 -44.99 45.41 -4.55
CA ALA G 619 -46.00 44.47 -5.04
C ALA G 619 -46.92 44.07 -3.89
N PRO G 620 -47.98 43.30 -4.19
CA PRO G 620 -48.89 42.87 -3.11
C PRO G 620 -48.15 41.97 -2.14
N PHE G 621 -48.36 42.19 -0.84
CA PHE G 621 -47.67 41.37 0.17
C PHE G 621 -47.56 39.90 -0.24
N ASP G 622 -48.69 39.22 -0.41
CA ASP G 622 -48.68 37.80 -0.77
C ASP G 622 -47.78 37.45 -1.94
N THR G 623 -47.67 38.33 -2.93
CA THR G 623 -46.82 38.01 -4.07
C THR G 623 -45.38 37.74 -3.65
N TYR G 624 -44.85 38.57 -2.77
CA TYR G 624 -43.47 38.41 -2.34
C TYR G 624 -43.14 37.06 -1.69
N HIS G 625 -44.16 36.32 -1.28
CA HIS G 625 -43.92 35.00 -0.69
C HIS G 625 -43.84 33.93 -1.74
N GLU G 626 -44.44 34.16 -2.91
CA GLU G 626 -44.42 33.15 -3.95
C GLU G 626 -43.24 33.28 -4.87
N VAL G 627 -42.56 34.42 -4.80
CA VAL G 627 -41.42 34.68 -5.68
C VAL G 627 -40.12 34.94 -4.91
N ARG G 628 -39.00 34.84 -5.62
CA ARG G 628 -37.73 35.13 -4.97
C ARG G 628 -37.40 36.62 -5.26
N GLY G 629 -38.20 37.51 -4.66
CA GLY G 629 -38.01 38.95 -4.81
C GLY G 629 -38.33 39.60 -6.15
N LEU G 630 -38.57 40.92 -6.10
CA LEU G 630 -38.85 41.73 -7.27
C LEU G 630 -38.18 43.07 -7.04
N HIS G 631 -37.36 43.58 -7.98
CA HIS G 631 -36.74 44.89 -7.74
C HIS G 631 -37.87 46.01 -7.93
N TRP G 632 -37.97 46.97 -7.02
CA TRP G 632 -39.01 47.98 -7.01
C TRP G 632 -38.96 49.30 -7.82
N PRO G 633 -40.25 49.61 -8.19
CA PRO G 633 -41.52 50.22 -8.67
C PRO G 633 -42.13 48.96 -9.39
N VAL G 634 -42.83 48.18 -8.57
CA VAL G 634 -43.44 47.00 -9.14
C VAL G 634 -44.83 47.46 -9.51
N VAL G 635 -44.97 47.78 -10.79
CA VAL G 635 -46.20 48.26 -11.34
C VAL G 635 -46.90 47.19 -12.17
N GLU G 636 -48.10 46.82 -11.72
CA GLU G 636 -48.91 45.81 -12.39
C GLU G 636 -48.18 44.48 -12.35
N GLY G 637 -47.53 44.25 -11.21
CA GLY G 637 -46.82 43.01 -11.02
C GLY G 637 -45.54 42.85 -11.79
N GLU G 638 -45.06 43.94 -12.40
CA GLU G 638 -43.82 43.90 -13.16
C GLU G 638 -42.72 44.77 -12.54
N GLU G 639 -41.60 44.12 -12.24
CA GLU G 639 -40.47 44.78 -11.62
C GLU G 639 -39.72 45.67 -12.58
N THR G 640 -38.96 46.61 -11.99
CA THR G 640 -38.18 47.57 -12.73
C THR G 640 -36.68 47.42 -12.54
N ARG G 641 -35.99 47.07 -13.62
CA ARG G 641 -34.56 46.93 -13.54
C ARG G 641 -33.95 48.31 -13.51
N TRP G 642 -34.01 49.00 -14.64
CA TRP G 642 -33.45 50.34 -14.77
C TRP G 642 -34.47 51.47 -14.62
N ARG G 643 -34.16 52.39 -13.70
CA ARG G 643 -35.02 53.54 -13.40
C ARG G 643 -34.68 54.80 -14.18
N TYR G 644 -35.73 55.57 -14.47
CA TYR G 644 -35.61 56.80 -15.25
C TYR G 644 -35.37 56.64 -16.79
N ARG G 645 -35.72 55.49 -17.35
CA ARG G 645 -35.52 55.27 -18.77
C ARG G 645 -36.80 54.84 -19.38
N GLU G 646 -37.26 55.61 -20.37
CA GLU G 646 -38.49 55.26 -21.04
C GLU G 646 -38.32 53.80 -21.52
N GLY G 647 -39.36 53.01 -21.31
CA GLY G 647 -39.32 51.62 -21.73
C GLY G 647 -38.89 50.71 -20.61
N PHE G 648 -37.94 51.16 -19.80
CA PHE G 648 -37.47 50.35 -18.69
C PHE G 648 -38.26 50.73 -17.45
N ASP G 649 -38.41 52.04 -17.22
CA ASP G 649 -39.16 52.57 -16.09
C ASP G 649 -40.52 53.05 -16.57
N PRO G 650 -41.62 52.62 -15.94
CA PRO G 650 -42.94 53.07 -16.39
C PRO G 650 -43.30 54.48 -15.95
N TYR G 651 -42.52 55.06 -15.04
CA TYR G 651 -42.79 56.42 -14.61
C TYR G 651 -42.26 57.48 -15.57
N VAL G 652 -41.70 57.02 -16.67
CA VAL G 652 -41.21 57.90 -17.70
C VAL G 652 -42.27 57.85 -18.80
N LYS G 653 -42.87 59.01 -19.07
CA LYS G 653 -43.94 59.14 -20.06
C LYS G 653 -43.40 58.95 -21.47
N PRO G 654 -44.18 58.28 -22.32
CA PRO G 654 -43.83 57.98 -23.71
C PRO G 654 -42.94 58.95 -24.43
N GLY G 655 -43.33 60.20 -24.57
CA GLY G 655 -42.43 61.10 -25.28
C GLY G 655 -41.43 61.67 -24.30
N GLU G 656 -40.39 60.92 -23.96
CA GLU G 656 -39.46 61.45 -22.97
C GLU G 656 -38.01 61.00 -23.11
N GLY G 657 -37.75 59.71 -22.95
CA GLY G 657 -36.38 59.23 -23.05
C GLY G 657 -35.84 58.96 -21.66
N LEU G 658 -35.37 60.01 -20.99
CA LEU G 658 -34.88 59.93 -19.61
C LEU G 658 -35.60 61.04 -18.89
N ARG G 659 -35.76 60.89 -17.58
CA ARG G 659 -36.38 61.93 -16.79
C ARG G 659 -36.23 61.58 -15.34
N PHE G 660 -35.21 62.14 -14.71
CA PHE G 660 -34.96 61.91 -13.30
C PHE G 660 -36.12 62.60 -12.58
N TYR G 661 -37.27 61.97 -12.64
CA TYR G 661 -38.47 62.52 -12.07
C TYR G 661 -38.48 62.73 -10.56
N GLY G 662 -37.31 62.63 -9.93
CA GLY G 662 -37.27 62.85 -8.50
C GLY G 662 -37.22 64.36 -8.37
N LYS G 663 -36.55 64.95 -9.36
CA LYS G 663 -36.39 66.40 -9.47
C LYS G 663 -37.60 66.90 -10.23
N PRO G 664 -38.09 68.12 -9.91
CA PRO G 664 -39.26 68.67 -10.59
C PRO G 664 -38.97 68.89 -12.06
N ASP G 665 -37.87 69.56 -12.37
CA ASP G 665 -37.53 69.82 -13.75
C ASP G 665 -37.05 68.54 -14.44
N GLY G 666 -36.78 67.51 -13.64
CA GLY G 666 -36.33 66.25 -14.19
C GLY G 666 -34.91 66.27 -14.74
N ARG G 667 -34.04 67.03 -14.07
CA ARG G 667 -32.63 67.12 -14.45
C ARG G 667 -31.80 66.76 -13.25
N ALA G 668 -30.76 65.97 -13.47
CA ALA G 668 -29.88 65.57 -12.39
C ALA G 668 -28.80 66.64 -12.23
N VAL G 669 -28.43 66.91 -10.99
CA VAL G 669 -27.43 67.90 -10.64
C VAL G 669 -26.00 67.45 -10.78
N ILE G 670 -25.15 68.35 -11.24
CA ILE G 670 -23.72 68.05 -11.35
C ILE G 670 -23.07 69.01 -10.34
N LEU G 671 -22.39 68.49 -9.33
CA LEU G 671 -21.82 69.37 -8.34
C LEU G 671 -20.37 69.72 -8.53
N GLY G 672 -20.09 71.01 -8.46
CA GLY G 672 -18.71 71.47 -8.56
C GLY G 672 -18.24 71.50 -7.10
N VAL G 673 -17.32 70.59 -6.76
CA VAL G 673 -16.84 70.54 -5.39
C VAL G 673 -15.31 70.44 -5.37
N PRO G 674 -14.71 70.97 -4.30
CA PRO G 674 -13.24 70.97 -4.12
C PRO G 674 -12.70 69.89 -3.20
N TYR G 675 -11.55 69.34 -3.58
CA TYR G 675 -10.94 68.34 -2.73
C TYR G 675 -10.67 69.01 -1.40
N GLU G 676 -10.77 68.22 -0.33
CA GLU G 676 -10.47 68.72 1.00
C GLU G 676 -9.72 67.62 1.73
N PRO G 677 -9.09 67.95 2.83
CA PRO G 677 -8.37 66.86 3.50
C PRO G 677 -9.17 66.22 4.63
N PRO G 678 -8.75 65.01 5.05
CA PRO G 678 -9.40 64.26 6.15
C PRO G 678 -9.28 64.99 7.47
N ALA G 679 -10.17 64.68 8.40
CA ALA G 679 -10.17 65.32 9.72
C ALA G 679 -8.83 65.16 10.43
N GLU G 680 -8.27 63.96 10.39
CA GLU G 680 -7.02 63.74 11.05
C GLU G 680 -6.06 62.97 10.14
N SER G 681 -4.90 63.57 9.89
CA SER G 681 -3.87 62.95 9.08
C SER G 681 -2.67 62.62 9.98
N PRO G 682 -1.83 61.67 9.56
CA PRO G 682 -0.64 61.32 10.35
C PRO G 682 0.31 62.51 10.56
N ASP G 683 0.88 62.53 11.77
CA ASP G 683 1.83 63.55 12.23
C ASP G 683 3.20 62.97 12.36
N GLU G 684 3.94 63.56 13.29
CA GLU G 684 5.30 63.10 13.57
C GLU G 684 5.15 62.15 14.75
N GLU G 685 4.21 62.50 15.63
CA GLU G 685 3.97 61.67 16.80
C GLU G 685 3.22 60.42 16.33
N PHE G 686 2.14 60.61 15.55
CA PHE G 686 1.33 59.50 15.07
C PHE G 686 1.54 59.37 13.57
N GLY G 687 2.57 58.61 13.18
CA GLY G 687 2.90 58.47 11.76
C GLY G 687 2.09 57.57 10.84
N PHE G 688 1.31 56.65 11.41
CA PHE G 688 0.51 55.71 10.61
C PHE G 688 -0.96 56.07 10.33
N TRP G 689 -1.43 55.64 9.15
CA TRP G 689 -2.82 55.83 8.77
C TRP G 689 -3.56 54.63 9.35
N LEU G 690 -4.67 54.87 10.03
CA LEU G 690 -5.40 53.75 10.55
C LEU G 690 -6.63 53.53 9.70
N VAL G 691 -6.56 52.51 8.83
CA VAL G 691 -7.69 52.14 8.00
C VAL G 691 -8.43 51.09 8.79
N THR G 692 -9.74 51.04 8.64
CA THR G 692 -10.53 50.10 9.39
C THR G 692 -11.55 49.43 8.51
N GLY G 693 -11.74 48.14 8.69
CA GLY G 693 -12.70 47.45 7.84
C GLY G 693 -13.20 46.08 8.28
N ARG G 694 -13.35 45.19 7.30
CA ARG G 694 -13.87 43.86 7.57
C ARG G 694 -13.04 42.77 6.96
N VAL G 695 -13.50 41.54 7.14
CA VAL G 695 -12.83 40.36 6.66
C VAL G 695 -13.90 39.40 6.21
N LEU G 696 -13.65 38.70 5.10
CA LEU G 696 -14.61 37.74 4.52
C LEU G 696 -15.37 36.87 5.50
N GLU G 697 -14.62 36.27 6.42
CA GLU G 697 -15.18 35.34 7.37
C GLU G 697 -16.05 35.92 8.48
N HIS G 698 -15.99 37.23 8.70
CA HIS G 698 -16.79 37.78 9.79
C HIS G 698 -17.69 38.96 9.50
N TRP G 699 -18.87 38.93 10.12
CA TRP G 699 -19.89 39.94 9.96
C TRP G 699 -19.91 40.85 11.14
N HIS G 700 -19.50 42.11 10.92
CA HIS G 700 -19.44 43.20 11.94
C HIS G 700 -18.85 42.84 13.30
N SER G 701 -19.70 42.69 14.30
CA SER G 701 -19.28 42.34 15.69
C SER G 701 -18.88 40.89 15.87
N GLY G 702 -19.10 40.07 14.86
CA GLY G 702 -18.78 38.66 15.01
C GLY G 702 -19.70 37.96 15.97
N SER G 703 -20.76 38.64 16.46
CA SER G 703 -21.72 38.01 17.41
C SER G 703 -22.35 36.78 16.82
N MET G 704 -22.38 36.70 15.49
CA MET G 704 -22.93 35.55 14.82
C MET G 704 -21.83 34.73 14.23
N THR G 705 -20.93 35.34 13.47
CA THR G 705 -19.89 34.53 12.86
C THR G 705 -18.82 34.01 13.82
N LEU G 706 -18.54 34.75 14.90
CA LEU G 706 -17.54 34.26 15.82
C LEU G 706 -18.07 33.04 16.58
N ARG G 707 -19.33 32.70 16.34
CA ARG G 707 -19.92 31.56 17.01
C ARG G 707 -20.06 30.41 16.08
N TRP G 708 -19.99 30.65 14.76
CA TRP G 708 -20.00 29.56 13.79
C TRP G 708 -18.54 29.10 13.86
N PRO G 709 -18.28 27.87 14.35
CA PRO G 709 -16.94 27.29 14.49
C PRO G 709 -15.97 27.43 13.31
N GLU G 710 -16.37 27.00 12.11
CA GLU G 710 -15.45 27.09 10.99
C GLU G 710 -15.03 28.53 10.66
N LEU G 711 -15.92 29.50 10.93
CA LEU G 711 -15.59 30.88 10.64
C LEU G 711 -14.68 31.39 11.72
N TYR G 712 -14.96 31.05 12.97
CA TYR G 712 -14.11 31.49 14.06
C TYR G 712 -12.71 30.93 13.82
N LYS G 713 -12.60 29.60 13.77
CA LYS G 713 -11.33 28.91 13.49
C LYS G 713 -10.60 29.52 12.29
N ALA G 714 -11.35 29.85 11.23
CA ALA G 714 -10.78 30.44 10.02
C ALA G 714 -10.10 31.78 10.24
N PHE G 715 -10.45 32.51 11.30
CA PHE G 715 -9.87 33.81 11.58
C PHE G 715 -10.33 34.14 13.00
N PRO G 716 -9.81 33.42 13.99
CA PRO G 716 -10.16 33.60 15.40
C PRO G 716 -10.21 35.01 15.97
N GLY G 717 -9.18 35.81 15.73
CA GLY G 717 -9.24 37.14 16.29
C GLY G 717 -8.66 38.19 15.39
N ALA G 718 -8.92 39.45 15.75
CA ALA G 718 -8.46 40.63 15.02
C ALA G 718 -6.95 40.72 14.94
N VAL G 719 -6.46 41.43 13.94
CA VAL G 719 -5.02 41.54 13.70
C VAL G 719 -4.71 42.86 13.04
N CYS G 720 -3.50 43.36 13.25
CA CYS G 720 -3.13 44.60 12.60
C CYS G 720 -2.30 44.27 11.36
N PHE G 721 -2.81 44.64 10.18
CA PHE G 721 -2.05 44.39 8.97
C PHE G 721 -1.05 45.54 8.86
N MET G 722 0.21 45.22 8.63
CA MET G 722 1.24 46.25 8.49
C MET G 722 2.24 45.92 7.37
N HIS G 723 3.10 46.86 7.00
CA HIS G 723 4.05 46.58 5.92
C HIS G 723 5.16 45.72 6.50
N PRO G 724 5.68 44.75 5.71
CA PRO G 724 6.77 43.90 6.20
C PRO G 724 8.01 44.66 6.61
N GLU G 725 8.23 45.84 6.02
CA GLU G 725 9.41 46.64 6.36
C GLU G 725 9.10 47.64 7.46
N ASP G 726 7.88 48.17 7.50
CA ASP G 726 7.51 49.10 8.55
C ASP G 726 7.60 48.37 9.87
N ALA G 727 7.71 47.04 9.79
CA ALA G 727 7.84 46.22 10.99
C ALA G 727 9.32 46.01 11.33
N ARG G 728 10.10 45.49 10.37
CA ARG G 728 11.52 45.25 10.58
C ARG G 728 12.12 46.46 11.29
N SER G 729 11.89 47.64 10.70
CA SER G 729 12.41 48.90 11.23
C SER G 729 12.13 49.10 12.72
N ARG G 730 10.88 48.93 13.15
CA ARG G 730 10.56 49.12 14.56
C ARG G 730 10.98 47.93 15.38
N GLY G 731 11.69 47.00 14.76
CA GLY G 731 12.15 45.81 15.45
C GLY G 731 11.01 44.84 15.78
N LEU G 732 9.96 44.91 14.96
CA LEU G 732 8.78 44.08 15.07
C LEU G 732 8.77 42.98 14.01
N ASN G 733 8.24 41.82 14.37
CA ASN G 733 8.13 40.70 13.44
C ASN G 733 6.65 40.38 13.34
N ARG G 734 6.34 39.35 12.57
CA ARG G 734 4.97 38.90 12.42
C ARG G 734 4.60 38.18 13.72
N GLY G 735 3.50 38.57 14.34
CA GLY G 735 3.10 37.90 15.56
C GLY G 735 3.35 38.73 16.80
N SER G 736 4.17 39.77 16.67
CA SER G 736 4.50 40.67 17.77
C SER G 736 3.22 41.29 18.32
N GLU G 737 3.17 41.50 19.62
CA GLU G 737 1.99 42.10 20.24
C GLU G 737 2.17 43.61 20.20
N VAL G 738 1.45 44.27 19.30
CA VAL G 738 1.56 45.72 19.16
C VAL G 738 0.44 46.51 19.82
N ARG G 739 0.70 47.80 19.96
CA ARG G 739 -0.27 48.73 20.54
C ARG G 739 -0.62 49.76 19.49
N VAL G 740 -1.87 49.69 19.01
CA VAL G 740 -2.29 50.65 18.03
C VAL G 740 -2.82 51.76 18.90
N ILE G 741 -2.13 52.91 18.81
CA ILE G 741 -2.43 54.06 19.65
C ILE G 741 -2.85 55.36 18.97
N SER G 742 -3.82 56.03 19.61
CA SER G 742 -4.34 57.31 19.13
C SER G 742 -4.51 58.28 20.29
N ARG G 743 -4.93 59.50 19.98
CA ARG G 743 -5.11 60.49 21.02
C ARG G 743 -6.33 60.05 21.84
N ARG G 744 -7.05 59.07 21.32
CA ARG G 744 -8.25 58.60 21.98
C ARG G 744 -8.15 57.22 22.63
N GLY G 745 -7.27 56.34 22.13
CA GLY G 745 -7.15 55.02 22.75
C GLY G 745 -6.11 54.06 22.18
N GLU G 746 -6.06 52.86 22.77
CA GLU G 746 -5.12 51.82 22.37
C GLU G 746 -5.78 50.44 22.30
N ILE G 747 -5.14 49.60 21.50
CA ILE G 747 -5.53 48.22 21.40
C ILE G 747 -4.23 47.47 21.36
N ARG G 748 -4.34 46.19 21.62
CA ARG G 748 -3.24 45.27 21.49
C ARG G 748 -3.79 44.26 20.49
N THR G 749 -3.23 44.22 19.31
CA THR G 749 -3.67 43.27 18.32
C THR G 749 -2.30 42.71 18.05
N ARG G 750 -2.23 41.61 17.32
CA ARG G 750 -0.91 41.16 16.98
C ARG G 750 -0.70 41.56 15.56
N LEU G 751 0.54 41.77 15.21
CA LEU G 751 0.91 42.16 13.89
C LEU G 751 0.72 41.02 12.93
N GLU G 752 0.43 41.37 11.69
CA GLU G 752 0.38 40.37 10.66
C GLU G 752 0.77 41.04 9.42
N THR G 753 1.93 40.66 8.94
CA THR G 753 2.42 41.16 7.70
C THR G 753 2.37 39.86 6.92
N ARG G 754 2.22 39.98 5.60
CA ARG G 754 2.12 38.82 4.73
C ARG G 754 0.74 38.17 4.79
N GLY G 755 -0.25 38.96 5.21
CA GLY G 755 -1.62 38.48 5.26
C GLY G 755 -2.27 38.81 3.93
N ARG G 756 -3.61 38.79 3.88
CA ARG G 756 -4.31 39.11 2.63
C ARG G 756 -4.16 40.58 2.25
N ASN G 757 -4.30 41.48 3.21
CA ASN G 757 -4.16 42.88 2.90
C ASN G 757 -2.69 43.27 2.95
N ARG G 758 -2.15 43.65 1.80
CA ARG G 758 -0.75 44.07 1.66
C ARG G 758 -0.67 45.60 1.76
N MET G 759 -0.35 46.09 2.96
CA MET G 759 -0.29 47.50 3.27
C MET G 759 0.83 48.30 2.62
N PRO G 760 0.57 49.59 2.32
CA PRO G 760 1.61 50.42 1.72
C PRO G 760 2.33 50.98 2.92
N ARG G 761 3.54 51.46 2.74
CA ARG G 761 4.27 52.02 3.87
C ARG G 761 3.53 53.21 4.51
N GLY G 762 3.33 53.15 5.83
CA GLY G 762 2.65 54.21 6.55
C GLY G 762 1.17 54.00 6.77
N VAL G 763 0.64 52.90 6.26
CA VAL G 763 -0.79 52.59 6.40
C VAL G 763 -0.97 51.24 7.08
N VAL G 764 -1.90 51.22 8.04
CA VAL G 764 -2.20 50.03 8.81
C VAL G 764 -3.72 49.73 8.81
N PHE G 765 -4.09 48.44 8.75
CA PHE G 765 -5.50 48.08 8.73
C PHE G 765 -5.91 47.10 9.83
N VAL G 766 -6.96 47.40 10.59
CA VAL G 766 -7.43 46.45 11.59
C VAL G 766 -8.94 46.23 11.49
N PRO G 767 -9.36 44.96 11.36
CA PRO G 767 -10.81 44.67 11.27
C PRO G 767 -11.39 44.82 12.66
N TRP G 768 -12.66 45.20 12.74
CA TRP G 768 -13.32 45.43 14.03
C TRP G 768 -14.22 44.35 14.64
N PHE G 769 -14.25 43.14 14.07
CA PHE G 769 -15.11 42.07 14.59
C PHE G 769 -14.86 41.53 15.99
N ASP G 770 -13.68 41.78 16.52
CA ASP G 770 -13.28 41.30 17.83
C ASP G 770 -13.60 42.21 19.03
N ALA G 771 -14.54 41.83 19.88
CA ALA G 771 -14.85 42.68 21.05
C ALA G 771 -13.70 42.79 22.06
N SER G 772 -12.75 41.87 21.99
CA SER G 772 -11.61 41.96 22.88
C SER G 772 -10.77 43.16 22.35
N GLN G 773 -10.80 43.36 21.03
CA GLN G 773 -10.02 44.43 20.43
C GLN G 773 -10.88 45.57 19.90
N LEU G 774 -11.41 46.39 20.79
CA LEU G 774 -12.27 47.49 20.36
C LEU G 774 -11.49 48.61 19.64
N ILE G 775 -11.32 48.51 18.33
CA ILE G 775 -10.58 49.55 17.62
C ILE G 775 -11.34 50.84 17.68
N ASN G 776 -12.66 50.75 17.85
CA ASN G 776 -13.42 51.99 17.82
C ASN G 776 -13.12 52.91 18.97
N LYS G 777 -12.24 52.49 19.87
CA LYS G 777 -11.82 53.36 20.97
C LYS G 777 -10.77 54.29 20.33
N VAL G 778 -10.02 53.75 19.38
CA VAL G 778 -8.95 54.45 18.68
C VAL G 778 -9.45 55.41 17.61
N THR G 779 -10.62 55.11 17.04
CA THR G 779 -11.24 55.89 15.95
C THR G 779 -11.76 57.29 16.27
N LEU G 780 -11.63 58.20 15.29
CA LEU G 780 -12.08 59.58 15.45
C LEU G 780 -13.53 59.83 15.03
N ASP G 781 -14.23 60.52 15.91
CA ASP G 781 -15.62 60.92 15.82
C ASP G 781 -16.06 61.73 14.58
N ALA G 782 -15.18 61.99 13.61
CA ALA G 782 -15.58 62.83 12.47
C ALA G 782 -16.58 62.29 11.44
N ASN G 783 -17.45 63.16 10.91
CA ASN G 783 -18.49 62.77 9.93
C ASN G 783 -18.48 63.61 8.67
N ASP G 784 -19.26 63.19 7.67
CA ASP G 784 -19.38 64.02 6.49
C ASP G 784 -20.49 64.95 6.99
N PRO G 785 -20.15 66.23 7.25
CA PRO G 785 -21.10 67.24 7.75
C PRO G 785 -22.47 67.34 7.10
N ILE G 786 -22.66 66.80 5.89
CA ILE G 786 -23.98 66.84 5.23
C ILE G 786 -24.86 65.61 5.60
N SER G 787 -24.28 64.42 5.43
CA SER G 787 -24.96 63.16 5.69
C SER G 787 -24.86 62.78 7.15
N ARG G 788 -23.79 63.24 7.80
CA ARG G 788 -23.48 62.94 9.21
C ARG G 788 -23.02 61.49 9.41
N GLN G 789 -22.40 60.93 8.38
CA GLN G 789 -21.89 59.57 8.43
C GLN G 789 -20.47 59.60 8.95
N THR G 790 -20.22 59.08 10.15
CA THR G 790 -18.85 59.07 10.66
C THR G 790 -17.86 58.36 9.70
N ASP G 791 -16.58 58.75 9.77
CA ASP G 791 -15.53 58.25 8.87
C ASP G 791 -14.60 57.33 9.62
N PHE G 792 -14.68 56.04 9.31
CA PHE G 792 -13.82 55.08 9.99
C PHE G 792 -12.59 54.67 9.17
N LYS G 793 -12.43 55.21 7.98
CA LYS G 793 -11.31 54.76 7.18
C LYS G 793 -9.92 55.42 7.32
N LYS G 794 -9.82 56.48 8.12
CA LYS G 794 -8.51 57.13 8.29
C LYS G 794 -8.39 58.06 9.49
N CYS G 795 -7.25 57.98 10.15
CA CYS G 795 -6.94 58.81 11.30
C CYS G 795 -5.49 58.49 11.58
N ALA G 796 -4.84 59.27 12.44
CA ALA G 796 -3.43 59.04 12.71
C ALA G 796 -3.25 58.12 13.91
N VAL G 797 -2.36 57.15 13.77
CA VAL G 797 -2.13 56.19 14.85
C VAL G 797 -0.66 55.83 15.01
N LYS G 798 -0.24 55.58 16.25
CA LYS G 798 1.14 55.20 16.50
C LYS G 798 1.21 53.74 16.98
N ILE G 799 2.30 53.04 16.66
CA ILE G 799 2.45 51.62 17.03
C ILE G 799 3.73 51.24 17.79
N GLU G 800 3.59 50.65 19.00
CA GLU G 800 4.73 50.23 19.85
C GLU G 800 4.55 48.78 20.40
N ALA G 801 5.53 48.06 20.78
N ASP H 2 -7.19 32.28 22.62
CA ASP H 2 -8.62 32.46 23.07
C ASP H 2 -8.66 33.34 24.36
N ALA H 3 -9.12 34.58 24.17
CA ALA H 3 -9.16 35.59 25.22
C ALA H 3 -10.53 36.23 25.50
N PRO H 4 -10.58 37.35 26.29
CA PRO H 4 -11.87 37.96 26.64
C PRO H 4 -12.90 37.84 25.60
N ARG H 5 -13.78 36.87 25.84
CA ARG H 5 -14.86 36.58 24.94
C ARG H 5 -14.91 37.70 23.95
N LEU H 6 -14.28 37.49 22.80
CA LEU H 6 -14.27 38.46 21.73
C LEU H 6 -15.78 38.64 21.49
N THR H 7 -16.57 37.85 22.21
CA THR H 7 -18.01 37.88 22.14
C THR H 7 -18.62 38.84 23.21
N GLY H 8 -18.08 38.86 24.44
CA GLY H 8 -18.62 39.73 25.49
C GLY H 8 -17.75 40.87 26.00
N ALA H 9 -16.44 40.80 25.78
CA ALA H 9 -15.48 41.83 26.24
C ALA H 9 -15.52 42.13 27.74
N ASP H 10 -14.48 41.72 28.47
CA ASP H 10 -14.40 41.92 29.93
C ASP H 10 -14.52 43.39 30.27
N ARG H 11 -15.19 43.74 31.39
CA ARG H 11 -15.40 45.15 31.85
C ARG H 11 -14.88 46.07 30.75
N PRO H 12 -15.63 46.12 29.62
CA PRO H 12 -15.31 46.87 28.41
C PRO H 12 -14.30 47.99 28.43
N MET H 13 -13.48 47.99 27.39
CA MET H 13 -12.48 49.02 27.18
C MET H 13 -11.38 49.10 28.20
N SER H 14 -11.41 48.18 29.16
CA SER H 14 -10.44 48.11 30.25
C SER H 14 -8.95 48.09 29.85
N GLU H 15 -8.61 47.16 28.96
CA GLU H 15 -7.25 46.92 28.44
C GLU H 15 -7.14 45.40 28.43
N VAL H 16 -7.00 44.85 27.25
CA VAL H 16 -6.90 43.41 27.11
C VAL H 16 -5.65 43.00 26.36
N ALA H 17 -5.11 41.86 26.78
CA ALA H 17 -3.94 41.30 26.13
C ALA H 17 -4.44 40.40 25.00
N ALA H 18 -3.80 40.52 23.86
CA ALA H 18 -4.18 39.76 22.69
C ALA H 18 -3.33 38.50 22.53
N PRO H 19 -3.96 37.31 22.63
CA PRO H 19 -3.29 36.03 22.50
C PRO H 19 -2.52 36.02 21.21
N PRO H 20 -1.51 35.15 21.11
CA PRO H 20 -0.72 35.07 19.88
C PRO H 20 -1.45 34.37 18.71
N LEU H 21 -1.18 34.85 17.50
CA LEU H 21 -1.77 34.29 16.30
C LEU H 21 -1.85 32.77 16.42
N PRO H 22 -2.99 32.20 16.07
CA PRO H 22 -3.14 30.75 16.16
C PRO H 22 -2.52 30.22 14.90
N GLU H 23 -2.06 28.99 14.92
CA GLU H 23 -1.43 28.49 13.71
C GLU H 23 -2.36 27.68 12.84
N THR H 24 -2.20 27.91 11.54
CA THR H 24 -2.98 27.25 10.51
C THR H 24 -2.76 25.76 10.59
N ILE H 25 -3.75 24.99 10.16
CA ILE H 25 -3.66 23.55 10.19
C ILE H 25 -3.24 23.07 8.83
N THR H 26 -2.00 22.60 8.76
CA THR H 26 -1.38 22.12 7.54
C THR H 26 -1.46 20.62 7.35
N ASP H 27 -1.88 19.91 8.40
CA ASP H 27 -2.03 18.46 8.37
C ASP H 27 -3.07 18.21 7.29
N ASP H 28 -2.64 17.66 6.17
CA ASP H 28 -3.48 17.45 5.00
C ASP H 28 -4.67 16.53 5.07
N ARG H 29 -5.37 16.51 6.21
CA ARG H 29 -6.54 15.64 6.39
C ARG H 29 -7.87 16.32 6.08
N ARG H 30 -8.59 15.82 5.07
CA ARG H 30 -9.90 16.38 4.72
C ARG H 30 -10.77 16.30 5.95
N VAL H 31 -11.74 17.21 6.12
CA VAL H 31 -12.50 17.19 7.35
C VAL H 31 -13.87 16.52 7.46
N GLY H 32 -14.73 16.62 6.45
CA GLY H 32 -16.00 15.94 6.62
C GLY H 32 -17.09 16.88 7.05
N ARG H 33 -18.12 17.00 6.22
CA ARG H 33 -19.18 17.93 6.45
C ARG H 33 -20.49 17.30 6.87
N ASN H 34 -21.51 18.13 7.07
CA ASN H 34 -22.81 17.68 7.54
C ASN H 34 -23.91 17.69 6.49
N TYR H 35 -23.81 18.58 5.53
CA TYR H 35 -24.82 18.63 4.50
C TYR H 35 -24.12 18.82 3.18
N PRO H 36 -24.75 18.41 2.07
CA PRO H 36 -24.11 18.59 0.77
C PRO H 36 -23.88 20.05 0.75
N GLU H 37 -23.36 20.64 -0.31
CA GLU H 37 -23.21 22.10 -0.28
C GLU H 37 -22.63 22.80 0.96
N GLN H 38 -22.00 22.10 1.90
CA GLN H 38 -21.34 22.77 3.01
C GLN H 38 -19.91 22.83 2.49
N PRO H 39 -19.42 24.02 2.17
CA PRO H 39 -18.06 24.16 1.65
C PRO H 39 -16.95 23.49 2.43
N PRO H 40 -16.25 22.52 1.82
CA PRO H 40 -15.15 21.82 2.46
C PRO H 40 -14.21 22.86 2.99
N VAL H 41 -13.54 22.55 4.09
CA VAL H 41 -12.57 23.47 4.67
C VAL H 41 -11.22 23.13 4.00
N ILE H 42 -10.34 24.10 3.84
CA ILE H 42 -9.04 23.78 3.24
C ILE H 42 -8.07 23.15 4.26
N PRO H 43 -7.75 21.86 4.07
CA PRO H 43 -6.86 21.12 4.97
C PRO H 43 -5.40 21.42 4.80
N HIS H 44 -5.06 22.25 3.84
CA HIS H 44 -3.66 22.57 3.64
C HIS H 44 -3.40 24.04 3.72
N SER H 45 -2.17 24.44 3.37
CA SER H 45 -1.83 25.87 3.41
C SER H 45 -2.23 26.61 2.15
N ILE H 46 -2.34 27.92 2.28
CA ILE H 46 -2.70 28.78 1.17
C ILE H 46 -1.50 29.67 0.86
N GLU H 47 -1.01 30.36 1.89
CA GLU H 47 0.14 31.28 1.82
C GLU H 47 0.51 31.87 0.47
N GLY H 48 1.50 31.28 -0.19
CA GLY H 48 1.96 31.80 -1.47
C GLY H 48 1.05 31.64 -2.69
N TYR H 49 -0.05 30.91 -2.53
CA TYR H 49 -0.96 30.68 -3.63
C TYR H 49 -1.62 31.95 -4.12
N GLN H 50 -1.49 32.19 -5.43
CA GLN H 50 -2.05 33.37 -6.04
C GLN H 50 -3.32 33.10 -6.82
N LEU H 51 -4.32 33.97 -6.63
CA LEU H 51 -5.58 33.92 -7.35
C LEU H 51 -5.70 35.33 -7.97
N SER H 52 -5.46 35.43 -9.28
CA SER H 52 -5.50 36.73 -9.95
C SER H 52 -6.03 36.59 -11.36
N VAL H 53 -5.97 37.70 -12.08
CA VAL H 53 -6.43 37.75 -13.47
C VAL H 53 -5.61 36.83 -14.33
N ASN H 54 -4.36 36.66 -13.89
CA ASN H 54 -3.43 35.91 -14.67
C ASN H 54 -3.14 34.51 -14.21
N ALA H 55 -3.47 34.22 -12.96
CA ALA H 55 -3.21 32.86 -12.46
C ALA H 55 -4.12 32.41 -11.33
N ASN H 56 -4.29 31.09 -11.23
CA ASN H 56 -5.10 30.50 -10.19
C ASN H 56 -4.39 29.25 -9.75
N ARG H 57 -3.58 29.39 -8.71
CA ARG H 57 -2.81 28.28 -8.20
C ARG H 57 -3.66 27.05 -7.97
N CYS H 58 -4.84 27.25 -7.46
CA CYS H 58 -5.74 26.18 -7.13
C CYS H 58 -6.09 25.27 -8.25
N LEU H 59 -6.36 25.86 -9.39
CA LEU H 59 -6.78 25.06 -10.51
C LEU H 59 -5.68 24.19 -11.11
N GLU H 60 -4.49 24.29 -10.52
CA GLU H 60 -3.35 23.52 -10.97
C GLU H 60 -3.44 22.11 -10.44
N CYS H 61 -4.11 21.98 -9.31
CA CYS H 61 -4.30 20.69 -8.63
C CYS H 61 -5.75 20.20 -8.61
N HIS H 62 -6.68 21.13 -8.54
CA HIS H 62 -8.08 20.79 -8.47
C HIS H 62 -8.70 20.92 -9.82
N ARG H 63 -8.64 19.82 -10.54
CA ARG H 63 -9.17 19.80 -11.88
C ARG H 63 -9.62 18.38 -12.15
N ARG H 64 -10.19 18.14 -13.31
CA ARG H 64 -10.63 16.80 -13.66
C ARG H 64 -9.95 16.40 -14.95
N GLN H 65 -9.53 15.15 -15.10
CA GLN H 65 -8.88 14.79 -16.35
C GLN H 65 -9.83 14.11 -17.32
N TYR H 66 -9.71 14.46 -18.60
CA TYR H 66 -10.54 13.86 -19.60
C TYR H 66 -9.70 13.26 -20.75
N SER H 67 -9.75 13.89 -21.91
CA SER H 67 -9.06 13.37 -23.09
C SER H 67 -8.80 11.86 -23.03
N GLY H 68 -9.78 11.13 -22.50
CA GLY H 68 -9.73 9.68 -22.46
C GLY H 68 -9.07 9.03 -21.29
N LEU H 69 -8.26 9.79 -20.58
CA LEU H 69 -7.50 9.28 -19.44
C LEU H 69 -8.27 9.28 -18.12
N VAL H 70 -7.79 8.50 -17.17
CA VAL H 70 -8.44 8.42 -15.87
C VAL H 70 -7.51 8.79 -14.73
N ALA H 71 -7.91 9.80 -13.97
CA ALA H 71 -7.17 10.25 -12.79
C ALA H 71 -8.22 10.52 -11.75
N ALA H 72 -7.79 10.72 -10.52
CA ALA H 72 -8.72 11.00 -9.43
C ALA H 72 -9.24 12.43 -9.51
N PRO H 73 -10.55 12.61 -9.40
CA PRO H 73 -11.18 13.92 -9.46
C PRO H 73 -10.79 14.83 -8.31
N MET H 74 -10.58 16.11 -8.61
CA MET H 74 -10.17 17.08 -7.60
C MET H 74 -11.07 18.31 -7.39
N ILE H 75 -12.18 18.37 -8.12
CA ILE H 75 -13.20 19.43 -7.95
C ILE H 75 -14.43 18.74 -8.46
N SER H 76 -15.56 19.07 -7.84
CA SER H 76 -16.86 18.53 -8.24
C SER H 76 -17.30 19.23 -9.51
N ILE H 77 -17.98 18.51 -10.38
CA ILE H 77 -18.40 19.09 -11.62
C ILE H 77 -19.42 20.22 -11.49
N THR H 78 -19.88 20.45 -10.27
CA THR H 78 -20.82 21.50 -10.03
C THR H 78 -20.11 22.82 -10.15
N HIS H 79 -18.80 22.76 -10.21
CA HIS H 79 -18.05 23.99 -10.32
C HIS H 79 -17.87 24.34 -11.77
N PHE H 80 -18.45 23.51 -12.63
CA PHE H 80 -18.39 23.72 -14.06
C PHE H 80 -19.66 24.39 -14.54
N GLN H 81 -20.70 24.50 -13.72
CA GLN H 81 -21.94 25.09 -14.22
C GLN H 81 -21.91 26.59 -14.18
N ASP H 82 -22.45 27.21 -15.22
CA ASP H 82 -22.53 28.66 -15.29
C ASP H 82 -23.86 29.15 -14.75
N ARG H 83 -23.98 30.46 -14.56
CA ARG H 83 -25.24 31.04 -14.13
C ARG H 83 -26.16 30.37 -15.15
N GLU H 84 -27.35 29.94 -14.79
CA GLU H 84 -28.20 29.22 -15.75
C GLU H 84 -28.00 27.73 -15.69
N GLY H 85 -27.08 27.31 -14.83
CA GLY H 85 -26.82 25.91 -14.56
C GLY H 85 -26.20 25.05 -15.60
N GLN H 86 -25.98 25.61 -16.79
CA GLN H 86 -25.41 24.86 -17.91
C GLN H 86 -24.03 24.34 -17.53
N MET H 87 -23.67 23.15 -18.00
CA MET H 87 -22.35 22.68 -17.64
C MET H 87 -21.34 22.88 -18.72
N LEU H 88 -20.45 23.82 -18.44
CA LEU H 88 -19.36 24.16 -19.32
C LEU H 88 -18.34 23.03 -19.40
N ALA H 89 -17.40 23.11 -20.33
CA ALA H 89 -16.40 22.05 -20.47
C ALA H 89 -15.18 22.21 -19.56
N ASP H 90 -15.33 22.90 -18.43
CA ASP H 90 -14.22 23.14 -17.50
C ASP H 90 -14.74 24.13 -16.46
N VAL H 91 -14.08 24.25 -15.32
CA VAL H 91 -14.50 25.17 -14.26
C VAL H 91 -14.96 26.53 -14.77
N SER H 92 -16.11 27.01 -14.33
CA SER H 92 -16.58 28.29 -14.83
C SER H 92 -15.99 29.46 -14.06
N PRO H 93 -15.89 30.61 -14.69
CA PRO H 93 -15.33 31.80 -14.09
C PRO H 93 -16.00 32.26 -12.85
N ARG H 94 -17.29 32.03 -12.71
CA ARG H 94 -17.91 32.36 -11.44
C ARG H 94 -17.29 31.14 -10.77
N ARG H 95 -16.85 31.21 -9.53
CA ARG H 95 -16.15 30.07 -8.89
C ARG H 95 -14.63 30.19 -9.00
N TYR H 96 -14.14 31.02 -9.91
CA TYR H 96 -12.71 31.20 -10.09
C TYR H 96 -12.07 31.58 -8.77
N PHE H 97 -12.58 32.61 -8.11
CA PHE H 97 -11.99 32.99 -6.83
C PHE H 97 -12.56 32.11 -5.76
N CYS H 98 -11.83 31.06 -5.46
CA CYS H 98 -12.23 30.07 -4.47
C CYS H 98 -12.22 30.61 -3.08
N THR H 99 -11.15 31.30 -2.75
CA THR H 99 -11.02 31.81 -1.40
C THR H 99 -12.28 32.42 -0.86
N ALA H 100 -13.27 32.63 -1.73
CA ALA H 100 -14.54 33.23 -1.35
C ALA H 100 -15.46 32.28 -0.62
N CYS H 101 -15.34 31.00 -0.90
CA CYS H 101 -16.16 29.96 -0.27
C CYS H 101 -15.33 29.02 0.60
N HIS H 102 -14.16 28.65 0.08
CA HIS H 102 -13.27 27.77 0.81
C HIS H 102 -12.30 28.51 1.72
N VAL H 103 -12.41 28.13 2.98
CA VAL H 103 -11.65 28.69 4.07
C VAL H 103 -10.74 27.66 4.75
N PRO H 104 -9.50 28.06 5.06
CA PRO H 104 -8.58 27.14 5.74
C PRO H 104 -8.90 27.27 7.22
N GLN H 105 -8.23 26.51 8.07
CA GLN H 105 -8.55 26.61 9.49
C GLN H 105 -7.37 26.57 10.44
N THR H 106 -7.54 27.14 11.63
CA THR H 106 -6.47 27.16 12.60
C THR H 106 -6.84 26.37 13.83
N ASN H 107 -5.90 26.30 14.76
CA ASN H 107 -6.16 25.61 16.00
C ASN H 107 -6.75 26.70 16.88
N ALA H 108 -8.06 26.75 16.99
CA ALA H 108 -8.63 27.80 17.80
C ALA H 108 -9.80 27.20 18.51
N GLN H 109 -9.88 27.46 19.81
CA GLN H 109 -10.99 26.90 20.53
C GLN H 109 -12.20 27.82 20.42
N PRO H 110 -13.30 27.28 19.90
CA PRO H 110 -14.54 28.06 19.76
C PRO H 110 -14.83 28.63 21.15
N LEU H 111 -15.12 29.92 21.22
CA LEU H 111 -15.40 30.58 22.48
C LEU H 111 -16.73 30.12 23.09
N VAL H 112 -17.50 29.36 22.33
CA VAL H 112 -18.82 28.94 22.79
C VAL H 112 -19.23 27.78 21.89
N THR H 113 -19.83 26.72 22.44
CA THR H 113 -20.23 25.61 21.57
C THR H 113 -21.43 25.99 20.71
N ASN H 114 -21.49 25.39 19.53
CA ASN H 114 -22.60 25.66 18.63
C ASN H 114 -23.47 24.42 18.54
N GLU H 115 -24.73 24.54 18.94
CA GLU H 115 -25.65 23.41 18.96
C GLU H 115 -26.36 23.10 17.66
N PHE H 116 -25.66 23.32 16.55
CA PHE H 116 -26.20 23.03 15.23
C PHE H 116 -26.29 21.50 15.12
N ARG H 117 -27.41 20.99 14.62
CA ARG H 117 -27.57 19.56 14.55
C ARG H 117 -27.46 19.00 13.16
N ASP H 118 -27.04 17.74 13.06
CA ASP H 118 -26.87 17.03 11.79
C ASP H 118 -28.20 16.54 11.19
N MET H 119 -28.33 16.47 9.86
CA MET H 119 -29.59 16.04 9.25
C MET H 119 -30.04 14.67 9.66
N LEU H 120 -29.14 13.68 9.62
CA LEU H 120 -29.49 12.32 10.08
C LEU H 120 -29.04 12.30 11.54
N THR H 121 -29.85 11.77 12.44
CA THR H 121 -29.46 11.73 13.87
C THR H 121 -29.28 13.13 14.39
N LEU H 122 -30.36 13.88 14.54
CA LEU H 122 -30.29 15.25 15.00
C LEU H 122 -29.45 15.48 16.24
N MET H 123 -28.24 14.96 16.20
CA MET H 123 -27.24 15.04 17.23
C MET H 123 -26.36 16.24 16.90
N PRO H 124 -25.90 17.01 17.91
CA PRO H 124 -25.03 18.15 17.64
C PRO H 124 -23.86 17.68 16.75
N ALA H 125 -23.68 18.36 15.62
CA ALA H 125 -22.64 18.03 14.64
C ALA H 125 -21.22 17.90 15.15
N SER H 126 -20.51 16.91 14.66
CA SER H 126 -19.11 16.73 15.02
C SER H 126 -18.39 16.18 13.78
N ASN H 127 -17.37 16.92 13.33
CA ASN H 127 -16.61 16.63 12.12
C ASN H 127 -15.21 16.02 12.35
N GLU H 128 -14.46 16.65 13.12
N ILE I 12 12.68 -33.38 17.22
CA ILE I 12 13.18 -33.42 18.63
C ILE I 12 14.49 -34.20 18.82
N ARG I 13 14.59 -35.43 18.30
CA ARG I 13 15.82 -36.23 18.47
C ARG I 13 16.67 -36.44 17.21
N TRP I 14 17.89 -35.91 17.30
CA TRP I 14 18.83 -35.92 16.20
C TRP I 14 19.85 -37.03 16.24
N SER I 15 19.84 -37.82 15.17
CA SER I 15 20.76 -38.93 15.01
C SER I 15 21.66 -38.79 13.79
N LYS I 16 22.89 -39.27 13.96
CA LYS I 16 23.95 -39.29 12.95
C LYS I 16 23.62 -40.35 11.89
N ALA I 17 23.94 -40.07 10.63
CA ALA I 17 23.69 -41.03 9.55
C ALA I 17 24.26 -40.55 8.20
N PRO I 18 24.80 -41.48 7.40
CA PRO I 18 25.36 -41.09 6.10
C PRO I 18 24.32 -41.06 4.98
N CYS I 19 24.44 -40.09 4.05
CA CYS I 19 23.42 -40.03 2.99
C CYS I 19 23.18 -41.37 2.32
N ARG I 20 21.92 -41.65 2.02
CA ARG I 20 21.54 -42.91 1.41
C ARG I 20 21.78 -42.93 -0.11
N PHE I 21 22.34 -41.85 -0.66
CA PHE I 21 22.58 -41.78 -2.11
C PHE I 21 24.07 -41.90 -2.56
N CYS I 22 24.54 -40.87 -3.27
CA CYS I 22 25.88 -40.70 -3.80
C CYS I 22 27.05 -41.33 -3.02
N GLY I 23 28.14 -41.56 -3.75
CA GLY I 23 29.34 -42.14 -3.17
C GLY I 23 30.18 -41.09 -2.46
N THR I 24 29.75 -39.84 -2.53
CA THR I 24 30.47 -38.80 -1.83
C THR I 24 30.50 -39.19 -0.35
N GLY I 25 29.29 -39.43 0.19
CA GLY I 25 29.16 -39.84 1.58
C GLY I 25 29.00 -38.74 2.62
N CYS I 26 28.10 -37.78 2.35
CA CYS I 26 27.84 -36.67 3.30
C CYS I 26 27.16 -37.15 4.58
N GLY I 27 27.53 -36.50 5.66
CA GLY I 27 26.92 -36.84 6.92
C GLY I 27 25.61 -36.07 7.07
N VAL I 28 24.56 -36.77 7.46
CA VAL I 28 23.27 -36.16 7.67
C VAL I 28 22.88 -36.34 9.12
N MET I 29 22.06 -35.46 9.64
CA MET I 29 21.62 -35.59 11.00
C MET I 29 20.14 -35.75 10.91
N VAL I 30 19.68 -36.98 11.14
CA VAL I 30 18.28 -37.32 11.04
C VAL I 30 17.47 -36.92 12.26
N GLY I 31 16.41 -36.13 12.00
CA GLY I 31 15.52 -35.64 13.05
C GLY I 31 14.40 -36.63 13.22
N THR I 32 14.21 -37.05 14.45
CA THR I 32 13.20 -38.06 14.69
C THR I 32 12.19 -37.70 15.77
N ARG I 33 10.92 -38.02 15.51
CA ARG I 33 9.85 -37.75 16.46
C ARG I 33 8.74 -38.75 16.32
N ASP I 34 8.32 -39.35 17.44
CA ASP I 34 7.24 -40.34 17.42
C ASP I 34 7.42 -41.43 16.35
N GLY I 35 8.62 -42.04 16.33
CA GLY I 35 8.91 -43.10 15.37
C GLY I 35 8.89 -42.67 13.90
N GLN I 36 9.04 -41.36 13.69
CA GLN I 36 9.02 -40.78 12.34
C GLN I 36 10.21 -39.87 12.09
N VAL I 37 10.68 -39.87 10.84
CA VAL I 37 11.78 -38.97 10.50
C VAL I 37 11.04 -37.70 10.10
N VAL I 38 11.28 -36.61 10.80
CA VAL I 38 10.54 -35.39 10.50
C VAL I 38 11.44 -34.27 9.97
N ALA I 39 12.74 -34.56 9.91
CA ALA I 39 13.69 -33.56 9.44
C ALA I 39 15.00 -34.22 9.02
N THR I 40 15.72 -33.57 8.11
CA THR I 40 16.98 -34.07 7.58
C THR I 40 17.95 -32.91 7.38
N HIS I 41 18.87 -32.72 8.30
CA HIS I 41 19.82 -31.61 8.20
C HIS I 41 21.26 -32.05 7.89
N GLY I 42 22.11 -31.08 7.57
CA GLY I 42 23.50 -31.40 7.27
C GLY I 42 24.34 -31.52 8.53
N ASP I 43 25.14 -32.59 8.59
CA ASP I 43 25.97 -32.86 9.76
C ASP I 43 27.21 -32.01 9.84
N THR I 44 27.18 -30.98 10.68
CA THR I 44 28.34 -30.08 10.74
C THR I 44 29.58 -30.67 11.33
N GLN I 45 29.45 -31.87 11.87
CA GLN I 45 30.61 -32.52 12.48
C GLN I 45 31.24 -33.53 11.53
N ALA I 46 30.61 -33.74 10.37
CA ALA I 46 31.13 -34.70 9.39
C ALA I 46 32.22 -34.08 8.51
N GLU I 47 33.37 -34.74 8.35
CA GLU I 47 34.45 -34.17 7.50
C GLU I 47 34.09 -34.08 6.02
N VAL I 48 33.31 -35.02 5.53
CA VAL I 48 33.00 -34.99 4.11
C VAL I 48 32.38 -33.67 3.73
N ASN I 49 31.15 -33.43 4.19
CA ASN I 49 30.37 -32.24 3.79
C ASN I 49 30.43 -31.07 4.71
N ARG I 50 30.40 -31.35 5.99
CA ARG I 50 30.45 -30.28 6.99
C ARG I 50 29.20 -29.38 6.95
N GLY I 51 28.05 -29.97 7.25
CA GLY I 51 26.79 -29.23 7.30
C GLY I 51 26.10 -28.93 5.99
N LEU I 52 26.67 -29.41 4.88
CA LEU I 52 26.09 -29.18 3.56
C LEU I 52 25.65 -30.45 2.84
N ASN I 53 24.48 -30.44 2.21
CA ASN I 53 23.99 -31.58 1.46
C ASN I 53 23.57 -31.01 0.13
N CYS I 54 22.97 -31.83 -0.72
CA CYS I 54 22.50 -31.36 -2.01
C CYS I 54 20.98 -31.52 -1.95
N VAL I 55 20.26 -31.18 -3.02
CA VAL I 55 18.81 -31.34 -2.96
C VAL I 55 18.42 -32.69 -2.42
N LYS I 56 18.84 -33.77 -3.09
CA LYS I 56 18.46 -35.11 -2.66
C LYS I 56 18.77 -35.38 -1.19
N GLY I 57 19.86 -34.79 -0.72
CA GLY I 57 20.24 -35.01 0.66
C GLY I 57 19.24 -34.46 1.67
N TYR I 58 18.93 -33.17 1.53
CA TYR I 58 18.00 -32.53 2.40
C TYR I 58 16.64 -33.21 2.33
N PHE I 59 16.33 -33.84 1.20
CA PHE I 59 15.06 -34.53 1.09
C PHE I 59 15.11 -36.03 1.40
N LEU I 60 16.07 -36.39 2.23
CA LEU I 60 16.16 -37.79 2.62
C LEU I 60 14.93 -38.05 3.49
N SER I 61 14.49 -37.02 4.20
CA SER I 61 13.35 -37.15 5.09
C SER I 61 12.11 -37.71 4.43
N LYS I 62 11.99 -37.53 3.12
CA LYS I 62 10.80 -38.00 2.41
C LYS I 62 10.93 -39.25 1.59
N ILE I 63 12.05 -39.95 1.75
CA ILE I 63 12.33 -41.16 0.96
C ILE I 63 11.64 -42.46 1.34
N MET I 64 11.52 -42.72 2.64
CA MET I 64 10.92 -43.96 3.08
C MET I 64 9.41 -43.84 3.20
N TYR I 65 8.85 -42.74 2.73
CA TYR I 65 7.45 -42.52 2.96
C TYR I 65 6.46 -42.49 1.82
N GLY I 66 6.84 -42.97 0.65
CA GLY I 66 5.85 -43.01 -0.41
C GLY I 66 4.76 -43.95 0.10
N GLU I 67 3.51 -43.78 -0.34
CA GLU I 67 2.43 -44.66 0.16
C GLU I 67 2.46 -46.10 -0.39
N ASP I 68 3.42 -46.41 -1.25
CA ASP I 68 3.56 -47.74 -1.83
C ASP I 68 4.30 -48.73 -0.97
N ARG I 69 5.23 -48.21 -0.18
CA ARG I 69 6.06 -49.06 0.64
C ARG I 69 5.46 -50.47 0.74
N LEU I 70 6.18 -51.43 0.13
CA LEU I 70 5.77 -52.84 0.15
C LEU I 70 5.74 -53.25 1.64
N THR I 71 4.65 -53.92 2.02
CA THR I 71 4.50 -54.31 3.42
C THR I 71 4.34 -55.80 3.68
N THR I 72 4.07 -56.53 2.60
CA THR I 72 3.84 -57.95 2.70
C THR I 72 4.52 -58.68 1.55
N PRO I 73 5.09 -59.86 1.82
CA PRO I 73 5.72 -60.53 0.68
C PRO I 73 4.62 -60.80 -0.35
N LEU I 74 4.96 -60.78 -1.63
CA LEU I 74 3.97 -61.02 -2.65
C LEU I 74 4.36 -62.12 -3.62
N LEU I 75 3.63 -63.24 -3.56
CA LEU I 75 3.88 -64.37 -4.47
C LEU I 75 2.88 -64.39 -5.62
N ARG I 76 3.28 -64.99 -6.73
CA ARG I 76 2.40 -65.07 -7.89
C ARG I 76 1.45 -66.24 -7.82
N MET I 77 0.39 -66.01 -7.03
CA MET I 77 -0.69 -66.94 -6.70
C MET I 77 -0.50 -67.44 -5.26
N LYS I 78 -1.39 -66.96 -4.39
CA LYS I 78 -1.45 -67.29 -2.95
C LYS I 78 -1.74 -68.77 -2.87
N ASP I 79 -2.94 -69.15 -3.30
CA ASP I 79 -3.34 -70.56 -3.35
C ASP I 79 -3.76 -70.84 -4.79
N GLY I 80 -3.69 -72.10 -5.17
CA GLY I 80 -3.96 -72.43 -6.53
C GLY I 80 -2.55 -72.89 -6.87
N VAL I 81 -1.68 -72.67 -5.87
CA VAL I 81 -0.26 -73.04 -5.88
C VAL I 81 0.71 -71.87 -6.07
N TYR I 82 1.04 -71.59 -7.32
CA TYR I 82 1.98 -70.54 -7.72
C TYR I 82 2.23 -70.79 -9.21
N HIS I 83 1.97 -69.79 -10.02
CA HIS I 83 2.14 -69.96 -11.45
C HIS I 83 2.81 -68.74 -12.02
N LYS I 84 3.94 -68.95 -12.71
CA LYS I 84 4.63 -67.84 -13.35
C LYS I 84 3.73 -67.47 -14.53
N GLU I 85 3.07 -66.32 -14.41
CA GLU I 85 2.08 -65.79 -15.37
C GLU I 85 0.82 -65.63 -14.50
N GLY I 86 1.07 -65.59 -13.19
CA GLY I 86 -0.01 -65.48 -12.22
C GLY I 86 -0.46 -64.08 -11.89
N GLU I 87 -0.83 -63.92 -10.63
CA GLU I 87 -1.32 -62.68 -10.06
C GLU I 87 -0.27 -62.39 -9.00
N PHE I 88 -0.54 -61.45 -8.11
CA PHE I 88 0.40 -61.22 -7.03
C PHE I 88 -0.47 -61.24 -5.80
N ALA I 89 -0.08 -62.05 -4.82
CA ALA I 89 -0.89 -62.14 -3.64
C ALA I 89 -0.11 -62.00 -2.34
N PRO I 90 -0.77 -61.46 -1.31
CA PRO I 90 -0.18 -61.28 0.01
C PRO I 90 0.16 -62.69 0.44
N VAL I 91 1.12 -62.83 1.34
CA VAL I 91 1.49 -64.16 1.73
C VAL I 91 2.45 -63.99 2.91
N SER I 92 2.33 -64.85 3.91
CA SER I 92 3.18 -64.78 5.10
C SER I 92 4.66 -64.94 4.74
N TRP I 93 5.52 -64.46 5.63
CA TRP I 93 6.95 -64.60 5.43
C TRP I 93 7.26 -66.09 5.30
N ASP I 94 6.81 -66.85 6.30
CA ASP I 94 7.01 -68.28 6.33
C ASP I 94 6.59 -68.88 4.99
N GLU I 95 5.35 -68.60 4.58
CA GLU I 95 4.88 -69.11 3.30
C GLU I 95 5.85 -68.72 2.19
N ALA I 96 6.17 -67.44 2.12
CA ALA I 96 7.06 -66.91 1.11
C ALA I 96 8.38 -67.67 1.09
N PHE I 97 8.94 -67.93 2.26
CA PHE I 97 10.17 -68.66 2.32
C PHE I 97 10.01 -70.15 1.95
N ASP I 98 8.90 -70.72 2.41
CA ASP I 98 8.60 -72.12 2.12
C ASP I 98 8.72 -72.34 0.60
N VAL I 99 8.05 -71.48 -0.17
CA VAL I 99 8.04 -71.59 -1.64
C VAL I 99 9.39 -71.30 -2.27
N MET I 100 10.01 -70.25 -1.75
CA MET I 100 11.29 -69.75 -2.24
C MET I 100 12.41 -70.74 -1.92
N ALA I 101 12.21 -71.53 -0.86
CA ALA I 101 13.21 -72.51 -0.46
C ALA I 101 13.11 -73.74 -1.34
N ALA I 102 11.87 -74.17 -1.58
CA ALA I 102 11.60 -75.34 -2.39
C ALA I 102 12.21 -75.16 -3.78
N GLN I 103 11.91 -74.02 -4.38
CA GLN I 103 12.43 -73.72 -5.71
C GLN I 103 13.95 -73.85 -5.72
N ALA I 104 14.58 -73.31 -4.67
CA ALA I 104 16.04 -73.34 -4.51
C ALA I 104 16.54 -74.78 -4.49
N LYS I 105 16.13 -75.53 -3.46
CA LYS I 105 16.50 -76.95 -3.29
C LYS I 105 16.45 -77.74 -4.62
N LEU I 106 15.35 -77.59 -5.36
CA LEU I 106 15.18 -78.26 -6.66
C LEU I 106 16.35 -77.93 -7.59
N VAL I 107 16.41 -76.67 -8.01
CA VAL I 107 17.45 -76.15 -8.91
C VAL I 107 18.83 -76.62 -8.43
N LEU I 108 18.95 -76.62 -7.12
CA LEU I 108 20.16 -77.00 -6.41
C LEU I 108 20.31 -78.55 -6.44
N LYS I 109 19.69 -79.20 -7.43
CA LYS I 109 19.75 -80.66 -7.56
C LYS I 109 19.64 -81.12 -8.99
N GLU I 110 19.14 -80.22 -9.84
CA GLU I 110 19.01 -80.53 -11.26
C GLU I 110 20.20 -79.98 -12.04
N LYS I 111 20.69 -78.83 -11.59
CA LYS I 111 21.83 -78.18 -12.24
C LYS I 111 22.83 -77.70 -11.20
N ALA I 112 22.43 -77.72 -9.92
CA ALA I 112 23.31 -77.35 -8.82
C ALA I 112 23.75 -75.87 -8.71
N PRO I 113 24.75 -75.55 -7.82
CA PRO I 113 25.22 -74.15 -7.61
C PRO I 113 25.37 -73.24 -8.80
N GLU I 114 25.94 -73.73 -9.89
CA GLU I 114 26.13 -72.89 -11.08
C GLU I 114 24.80 -72.51 -11.77
N ALA I 115 23.68 -72.74 -11.04
CA ALA I 115 22.32 -72.42 -11.51
C ALA I 115 21.55 -71.45 -10.56
N VAL I 116 22.03 -71.29 -9.33
CA VAL I 116 21.42 -70.34 -8.39
C VAL I 116 22.29 -69.07 -8.62
N GLY I 117 21.69 -67.88 -8.50
CA GLY I 117 22.43 -66.64 -8.67
C GLY I 117 21.87 -65.44 -7.92
N MET I 118 22.77 -64.63 -7.36
CA MET I 118 22.37 -63.41 -6.62
C MET I 118 22.91 -62.16 -7.28
N PHE I 119 22.13 -61.09 -7.16
CA PHE I 119 22.51 -59.81 -7.74
C PHE I 119 22.38 -58.72 -6.68
N GLY I 120 23.51 -58.43 -6.01
CA GLY I 120 23.55 -57.44 -4.94
C GLY I 120 23.79 -56.00 -5.35
N SER I 121 24.16 -55.15 -4.40
CA SER I 121 24.38 -53.76 -4.78
C SER I 121 25.29 -53.01 -3.83
N GLY I 122 25.88 -51.93 -4.37
CA GLY I 122 26.78 -51.06 -3.63
C GLY I 122 25.92 -50.22 -2.71
N GLN I 123 24.65 -50.63 -2.64
CA GLN I 123 23.63 -49.97 -1.80
C GLN I 123 23.28 -50.88 -0.62
N TRP I 124 23.84 -52.09 -0.63
CA TRP I 124 23.74 -53.05 0.47
C TRP I 124 24.63 -52.51 1.62
N THR I 125 24.23 -52.81 2.84
CA THR I 125 25.07 -52.44 3.98
C THR I 125 26.31 -53.38 3.99
N ILE I 126 27.40 -52.92 4.63
CA ILE I 126 28.61 -53.73 4.73
C ILE I 126 28.28 -55.17 5.16
N TRP I 127 27.51 -55.31 6.25
CA TRP I 127 27.16 -56.64 6.68
C TRP I 127 26.07 -57.33 5.83
N GLU I 128 25.43 -56.63 4.93
CA GLU I 128 24.43 -57.29 4.13
C GLU I 128 25.14 -57.99 2.96
N GLY I 129 26.20 -57.34 2.48
CA GLY I 129 26.95 -57.92 1.39
C GLY I 129 27.86 -59.03 1.92
N TYR I 130 28.14 -58.96 3.22
CA TYR I 130 28.98 -59.98 3.81
C TYR I 130 28.11 -61.22 4.04
N ALA I 131 26.95 -61.00 4.67
CA ALA I 131 26.05 -62.11 4.94
C ALA I 131 25.70 -62.76 3.60
N ALA I 132 25.66 -61.95 2.55
CA ALA I 132 25.31 -62.48 1.26
C ALA I 132 26.43 -63.34 0.73
N SER I 133 27.65 -62.79 0.75
CA SER I 133 28.83 -63.53 0.24
C SER I 133 28.88 -64.90 0.93
N LYS I 134 28.79 -64.84 2.25
CA LYS I 134 28.84 -66.05 3.03
C LYS I 134 27.76 -67.04 2.58
N LEU I 135 26.51 -66.60 2.59
CA LEU I 135 25.41 -67.48 2.22
C LEU I 135 25.50 -68.11 0.85
N MET I 136 25.94 -67.31 -0.13
CA MET I 136 26.04 -67.83 -1.49
C MET I 136 27.20 -68.82 -1.63
N ARG I 137 28.30 -68.54 -0.95
CA ARG I 137 29.44 -69.41 -1.13
C ARG I 137 29.58 -70.51 -0.10
N ALA I 138 29.86 -70.10 1.13
CA ALA I 138 30.02 -71.07 2.20
C ALA I 138 28.71 -71.90 2.31
N GLY I 139 27.58 -71.27 1.95
CA GLY I 139 26.30 -71.94 2.05
C GLY I 139 25.95 -72.77 0.82
N PHE I 140 25.26 -72.15 -0.12
CA PHE I 140 24.84 -72.82 -1.35
C PHE I 140 26.03 -73.22 -2.22
N ARG I 141 27.26 -72.87 -1.78
CA ARG I 141 28.48 -73.20 -2.55
C ARG I 141 28.46 -72.71 -4.02
N SER I 142 28.03 -71.46 -4.21
CA SER I 142 27.96 -70.84 -5.54
C SER I 142 28.67 -69.47 -5.56
N ASN I 143 29.50 -69.22 -6.57
CA ASN I 143 30.19 -67.94 -6.68
C ASN I 143 29.46 -67.09 -7.71
N ASN I 144 28.18 -67.40 -7.89
CA ASN I 144 27.33 -66.69 -8.85
C ASN I 144 26.69 -65.42 -8.25
N LEU I 145 27.47 -64.77 -7.39
CA LEU I 145 27.08 -63.54 -6.71
C LEU I 145 27.78 -62.31 -7.33
N ASP I 146 26.98 -61.47 -7.98
CA ASP I 146 27.52 -60.28 -8.60
C ASP I 146 26.67 -59.03 -8.23
N PRO I 147 27.32 -57.85 -8.20
CA PRO I 147 26.57 -56.65 -7.85
C PRO I 147 26.24 -55.78 -9.05
N ASN I 148 25.49 -54.74 -8.78
CA ASN I 148 25.12 -53.77 -9.78
C ASN I 148 26.41 -52.94 -9.97
N ALA I 149 27.33 -53.03 -9.00
CA ALA I 149 28.59 -52.27 -9.07
C ALA I 149 29.38 -52.69 -10.30
N ARG I 150 28.95 -53.81 -10.88
CA ARG I 150 29.58 -54.33 -12.10
C ARG I 150 29.33 -53.31 -13.24
N HIS I 151 28.17 -52.66 -13.23
CA HIS I 151 27.87 -51.66 -14.23
C HIS I 151 28.61 -50.35 -13.87
N CYS I 152 29.08 -50.24 -12.63
CA CYS I 152 29.67 -49.00 -12.12
C CYS I 152 31.16 -48.87 -11.85
N MET I 153 31.70 -49.64 -10.90
CA MET I 153 33.11 -49.53 -10.52
C MET I 153 34.06 -50.62 -11.02
N ALA I 154 33.51 -51.65 -11.68
CA ALA I 154 34.35 -52.76 -12.16
C ALA I 154 35.62 -52.25 -12.84
N SER I 155 35.44 -51.47 -13.89
CA SER I 155 36.59 -50.94 -14.61
C SER I 155 37.66 -50.35 -13.68
N ALA I 156 37.25 -49.44 -12.81
CA ALA I 156 38.20 -48.78 -11.91
C ALA I 156 38.87 -49.74 -10.96
N ALA I 157 38.07 -50.65 -10.41
CA ALA I 157 38.61 -51.61 -9.48
C ALA I 157 39.63 -52.53 -10.18
N THR I 158 39.24 -52.97 -11.39
CA THR I 158 40.06 -53.85 -12.21
C THR I 158 41.40 -53.19 -12.47
N ALA I 159 41.40 -51.97 -13.00
CA ALA I 159 42.67 -51.29 -13.23
C ALA I 159 43.50 -51.07 -11.95
N PHE I 160 42.80 -50.93 -10.82
CA PHE I 160 43.45 -50.70 -9.54
C PHE I 160 44.41 -51.82 -9.24
N MET I 161 43.86 -53.04 -9.30
CA MET I 161 44.63 -54.25 -9.04
C MET I 161 45.78 -54.28 -10.02
N ARG I 162 45.46 -54.26 -11.31
CA ARG I 162 46.50 -54.30 -12.33
C ARG I 162 47.61 -53.27 -12.09
N THR I 163 47.29 -51.99 -11.96
CA THR I 163 48.36 -51.01 -11.74
C THR I 163 48.94 -50.93 -10.34
N PHE I 164 48.13 -51.14 -9.30
CA PHE I 164 48.66 -51.00 -7.94
C PHE I 164 48.57 -52.29 -7.11
N GLY I 165 47.89 -53.28 -7.67
CA GLY I 165 47.74 -54.55 -6.97
C GLY I 165 46.87 -54.51 -5.74
N MET I 166 46.16 -53.40 -5.57
CA MET I 166 45.26 -53.20 -4.42
C MET I 166 44.17 -52.16 -4.82
N ASP I 167 42.95 -52.41 -4.33
CA ASP I 167 41.81 -51.58 -4.69
C ASP I 167 41.69 -50.27 -3.91
N GLU I 168 40.77 -49.41 -4.38
CA GLU I 168 40.46 -48.07 -3.82
C GLU I 168 41.66 -47.10 -3.93
N PRO I 169 41.35 -45.79 -3.98
CA PRO I 169 42.31 -44.68 -4.13
C PRO I 169 43.37 -44.63 -3.06
N MET I 170 44.43 -43.88 -3.37
CA MET I 170 45.55 -43.67 -2.47
C MET I 170 45.43 -42.24 -1.94
N GLY I 171 44.55 -41.47 -2.54
CA GLY I 171 44.31 -40.10 -2.07
C GLY I 171 43.00 -40.03 -1.25
N CYS I 172 42.49 -38.81 -1.08
CA CYS I 172 41.25 -38.60 -0.31
C CYS I 172 40.73 -37.16 -0.57
N TYR I 173 39.47 -36.91 -0.21
CA TYR I 173 38.84 -35.59 -0.38
C TYR I 173 39.72 -34.46 0.11
N ASP I 174 40.61 -34.73 1.05
CA ASP I 174 41.50 -33.70 1.54
C ASP I 174 42.27 -33.07 0.37
N ASP I 175 42.35 -33.81 -0.76
CA ASP I 175 43.05 -33.29 -1.93
C ASP I 175 42.42 -32.03 -2.51
N PHE I 176 41.07 -32.00 -2.47
CA PHE I 176 40.28 -30.89 -2.99
C PHE I 176 40.78 -29.56 -2.52
N GLU I 177 41.21 -29.50 -1.28
CA GLU I 177 41.69 -28.23 -0.74
C GLU I 177 43.16 -27.98 -1.01
N ALA I 178 43.87 -29.04 -1.40
CA ALA I 178 45.30 -28.96 -1.63
C ALA I 178 45.69 -28.83 -3.09
N ALA I 179 44.87 -29.39 -3.99
CA ALA I 179 45.16 -29.36 -5.41
C ALA I 179 45.56 -27.99 -5.97
N ASP I 180 46.20 -28.01 -7.12
CA ASP I 180 46.64 -26.81 -7.80
C ASP I 180 45.87 -26.65 -9.10
N ALA I 181 45.17 -27.71 -9.46
CA ALA I 181 44.34 -27.65 -10.63
C ALA I 181 43.69 -29.01 -10.91
N PHE I 182 42.42 -28.96 -11.29
CA PHE I 182 41.61 -30.15 -11.44
C PHE I 182 41.31 -30.58 -12.86
N VAL I 183 41.43 -31.87 -13.14
CA VAL I 183 40.99 -32.32 -14.44
C VAL I 183 39.84 -33.31 -14.28
N LEU I 184 38.72 -32.99 -14.91
CA LEU I 184 37.50 -33.80 -14.86
C LEU I 184 37.26 -34.64 -16.09
N TRP I 185 37.72 -35.89 -16.10
CA TRP I 185 37.60 -36.71 -17.31
C TRP I 185 36.22 -37.24 -17.64
N GLY I 186 35.33 -36.34 -18.09
CA GLY I 186 33.97 -36.74 -18.48
C GLY I 186 33.01 -36.89 -17.30
N SER I 187 33.44 -36.34 -16.17
CA SER I 187 32.62 -36.38 -14.98
C SER I 187 31.63 -35.22 -15.02
N ASN I 188 30.63 -35.28 -14.14
CA ASN I 188 29.64 -34.23 -14.05
C ASN I 188 29.35 -34.02 -12.58
N MET I 189 30.42 -33.85 -11.82
CA MET I 189 30.34 -33.63 -10.40
C MET I 189 29.25 -32.64 -10.02
N ALA I 190 29.17 -31.52 -10.76
CA ALA I 190 28.16 -30.48 -10.51
C ALA I 190 26.78 -31.05 -10.18
N GLU I 191 26.44 -32.17 -10.80
CA GLU I 191 25.14 -32.80 -10.58
C GLU I 191 25.21 -34.16 -9.90
N MET I 192 26.34 -34.85 -10.03
CA MET I 192 26.44 -36.20 -9.47
C MET I 192 27.26 -36.33 -8.20
N HIS I 193 28.11 -35.34 -7.89
CA HIS I 193 28.90 -35.34 -6.65
C HIS I 193 28.91 -33.86 -6.22
N PRO I 194 27.72 -33.29 -6.02
CA PRO I 194 27.60 -31.88 -5.65
C PRO I 194 28.49 -31.40 -4.55
N ILE I 195 28.41 -32.00 -3.39
CA ILE I 195 29.22 -31.53 -2.29
C ILE I 195 30.73 -31.61 -2.55
N LEU I 196 31.11 -32.51 -3.44
CA LEU I 196 32.52 -32.61 -3.77
C LEU I 196 32.80 -31.43 -4.69
N TRP I 197 31.86 -31.22 -5.62
CA TRP I 197 31.97 -30.15 -6.59
C TRP I 197 31.98 -28.84 -5.87
N SER I 198 31.30 -28.82 -4.73
CA SER I 198 31.22 -27.62 -3.90
C SER I 198 32.59 -27.41 -3.31
N ARG I 199 33.18 -28.52 -2.90
CA ARG I 199 34.49 -28.48 -2.29
C ARG I 199 35.54 -27.99 -3.25
N LEU I 200 35.40 -28.41 -4.52
CA LEU I 200 36.32 -28.08 -5.59
C LEU I 200 36.14 -26.64 -6.03
N THR I 201 34.89 -26.21 -6.08
CA THR I 201 34.57 -24.87 -6.47
C THR I 201 35.12 -23.90 -5.42
N ASP I 202 35.02 -24.27 -4.15
CA ASP I 202 35.45 -23.39 -3.08
C ASP I 202 36.92 -23.15 -3.26
N ARG I 203 37.63 -24.20 -3.65
CA ARG I 203 39.07 -24.14 -3.86
C ARG I 203 39.44 -23.25 -5.05
N ARG I 204 38.76 -23.49 -6.17
CA ARG I 204 39.00 -22.74 -7.39
C ARG I 204 38.67 -21.27 -7.21
N LEU I 205 37.50 -20.96 -6.70
CA LEU I 205 37.09 -19.58 -6.56
C LEU I 205 37.84 -18.84 -5.48
N SER I 206 38.28 -19.57 -4.46
CA SER I 206 38.97 -18.95 -3.32
C SER I 206 40.45 -18.64 -3.58
N HIS I 207 41.06 -19.39 -4.48
CA HIS I 207 42.46 -19.16 -4.80
C HIS I 207 42.53 -19.07 -6.30
N GLU I 208 42.61 -17.84 -6.83
CA GLU I 208 42.58 -17.65 -8.27
C GLU I 208 43.72 -18.21 -9.10
N HIS I 209 44.71 -18.78 -8.43
CA HIS I 209 45.82 -19.36 -9.17
C HIS I 209 45.44 -20.75 -9.68
N VAL I 210 44.41 -21.31 -9.08
CA VAL I 210 43.94 -22.65 -9.39
C VAL I 210 43.28 -22.72 -10.74
N ARG I 211 43.45 -23.83 -11.45
CA ARG I 211 42.83 -23.97 -12.77
C ARG I 211 42.02 -25.27 -12.97
N VAL I 212 40.80 -25.13 -13.47
CA VAL I 212 39.96 -26.30 -13.68
C VAL I 212 39.80 -26.60 -15.15
N ALA I 213 39.89 -27.89 -15.48
CA ALA I 213 39.73 -28.29 -16.85
C ALA I 213 38.75 -29.44 -16.83
N VAL I 214 37.64 -29.27 -17.53
CA VAL I 214 36.64 -30.32 -17.59
C VAL I 214 36.54 -30.78 -19.02
N LEU I 215 36.54 -32.09 -19.23
CA LEU I 215 36.40 -32.63 -20.57
C LEU I 215 35.06 -33.34 -20.59
N SER I 216 34.34 -33.31 -21.71
CA SER I 216 33.04 -33.99 -21.77
C SER I 216 32.57 -34.31 -23.16
N THR I 217 31.55 -35.16 -23.22
CA THR I 217 30.96 -35.54 -24.50
C THR I 217 30.00 -34.44 -24.94
N PHE I 218 29.39 -33.77 -23.95
CA PHE I 218 28.48 -32.65 -24.23
C PHE I 218 28.71 -31.59 -23.17
N THR I 219 28.15 -30.39 -23.37
CA THR I 219 28.31 -29.29 -22.40
C THR I 219 27.24 -29.38 -21.31
N HIS I 220 27.66 -29.47 -20.05
CA HIS I 220 26.73 -29.59 -18.95
C HIS I 220 27.11 -28.62 -17.84
N ARG I 221 26.40 -28.71 -16.73
CA ARG I 221 26.63 -27.80 -15.59
C ARG I 221 28.05 -27.83 -15.07
N SER I 222 28.78 -28.90 -15.36
CA SER I 222 30.13 -28.95 -14.84
C SER I 222 31.08 -28.09 -15.66
N SER I 223 31.02 -28.14 -17.00
CA SER I 223 31.99 -27.29 -17.71
C SER I 223 31.64 -25.80 -17.63
N ASP I 224 30.92 -25.45 -16.56
CA ASP I 224 30.53 -24.07 -16.34
C ASP I 224 31.50 -23.45 -15.38
N LEU I 225 32.38 -24.27 -14.81
CA LEU I 225 33.36 -23.75 -13.87
C LEU I 225 34.73 -23.90 -14.49
N SER I 226 34.75 -24.39 -15.71
CA SER I 226 36.03 -24.67 -16.36
C SER I 226 36.82 -23.58 -17.00
N ASP I 227 38.13 -23.66 -16.82
CA ASP I 227 39.04 -22.70 -17.44
C ASP I 227 39.54 -23.31 -18.77
N THR I 228 39.49 -24.63 -18.85
CA THR I 228 39.94 -25.30 -20.05
C THR I 228 38.79 -26.21 -20.41
N PRO I 229 37.80 -25.65 -21.12
CA PRO I 229 36.64 -26.44 -21.54
C PRO I 229 36.84 -27.23 -22.84
N ILE I 230 36.89 -28.55 -22.70
CA ILE I 230 37.10 -29.45 -23.80
C ILE I 230 35.95 -30.38 -24.08
N ILE I 231 35.48 -30.39 -25.32
CA ILE I 231 34.43 -31.34 -25.74
C ILE I 231 34.95 -32.26 -26.83
N PHE I 232 35.20 -33.50 -26.45
CA PHE I 232 35.75 -34.46 -27.39
C PHE I 232 34.71 -35.41 -27.97
N ARG I 233 35.18 -36.31 -28.83
CA ARG I 233 34.33 -37.30 -29.48
C ARG I 233 34.16 -38.53 -28.60
N PRO I 234 32.94 -39.07 -28.56
CA PRO I 234 32.66 -40.27 -27.75
C PRO I 234 33.72 -41.37 -27.93
N GLY I 235 34.42 -41.74 -26.85
CA GLY I 235 35.46 -42.77 -26.92
C GLY I 235 36.88 -42.28 -27.26
N THR I 236 36.97 -41.09 -27.81
CA THR I 236 38.28 -40.61 -28.17
C THR I 236 39.12 -40.11 -26.99
N ASP I 237 38.60 -40.24 -25.79
CA ASP I 237 39.40 -39.76 -24.65
C ASP I 237 40.72 -40.55 -24.59
N ARG I 238 40.67 -41.79 -25.08
CA ARG I 238 41.84 -42.68 -25.10
C ARG I 238 43.01 -42.02 -25.79
N ALA I 239 42.76 -41.48 -26.98
CA ALA I 239 43.79 -40.79 -27.72
C ALA I 239 44.33 -39.58 -26.91
N ILE I 240 43.43 -38.75 -26.43
CA ILE I 240 43.91 -37.60 -25.71
C ILE I 240 44.87 -37.98 -24.59
N LEU I 241 44.50 -39.03 -23.84
CA LEU I 241 45.30 -39.45 -22.69
C LEU I 241 46.72 -39.75 -23.09
N ASN I 242 46.85 -40.43 -24.24
CA ASN I 242 48.16 -40.80 -24.74
C ASN I 242 48.90 -39.54 -25.17
N TYR I 243 48.23 -38.66 -25.88
CA TYR I 243 48.92 -37.45 -26.26
C TYR I 243 49.64 -36.81 -25.04
N ILE I 244 48.89 -36.65 -23.95
CA ILE I 244 49.46 -36.01 -22.77
C ILE I 244 50.69 -36.78 -22.28
N ALA I 245 50.63 -38.11 -22.42
CA ALA I 245 51.76 -38.95 -22.01
C ALA I 245 52.95 -38.55 -22.89
N HIS I 246 52.69 -38.58 -24.19
CA HIS I 246 53.67 -38.22 -25.17
C HIS I 246 54.24 -36.84 -24.85
N HIS I 247 53.36 -35.88 -24.57
CA HIS I 247 53.80 -34.52 -24.28
C HIS I 247 54.67 -34.44 -23.03
N ILE I 248 54.36 -35.25 -22.04
CA ILE I 248 55.15 -35.23 -20.81
C ILE I 248 56.57 -35.67 -21.17
N ILE I 249 56.62 -36.76 -21.93
CA ILE I 249 57.86 -37.37 -22.40
C ILE I 249 58.66 -36.47 -23.34
N SER I 250 58.01 -35.96 -24.39
CA SER I 250 58.64 -35.11 -25.40
C SER I 250 59.29 -33.86 -24.86
N THR I 251 58.63 -33.23 -23.88
CA THR I 251 59.18 -32.02 -23.30
C THR I 251 60.16 -32.32 -22.18
N GLY I 252 60.47 -33.60 -22.02
CA GLY I 252 61.43 -34.07 -21.04
C GLY I 252 61.14 -33.67 -19.61
N ARG I 253 59.89 -33.90 -19.23
CA ARG I 253 59.47 -33.57 -17.88
C ARG I 253 58.95 -34.78 -17.11
N VAL I 254 59.62 -35.91 -17.31
CA VAL I 254 59.27 -37.12 -16.62
C VAL I 254 59.97 -37.00 -15.28
N ASN I 255 59.41 -37.62 -14.25
CA ASN I 255 60.05 -37.60 -12.95
C ASN I 255 60.86 -38.89 -12.91
N ARG I 256 62.09 -38.80 -13.41
CA ARG I 256 62.98 -39.95 -13.48
C ARG I 256 63.20 -40.65 -12.14
N ASP I 257 63.63 -39.90 -11.12
CA ASP I 257 63.87 -40.51 -9.82
C ASP I 257 62.67 -41.36 -9.36
N PHE I 258 61.45 -40.94 -9.74
CA PHE I 258 60.21 -41.63 -9.38
C PHE I 258 59.94 -42.82 -10.32
N VAL I 259 59.98 -42.55 -11.63
CA VAL I 259 59.71 -43.60 -12.60
C VAL I 259 60.74 -44.72 -12.50
N ASP I 260 62.01 -44.36 -12.34
CA ASP I 260 63.08 -45.36 -12.20
C ASP I 260 62.94 -46.18 -10.91
N ARG I 261 62.64 -45.47 -9.82
CA ARG I 261 62.51 -46.10 -8.52
C ARG I 261 61.18 -46.76 -8.16
N HIS I 262 60.05 -46.25 -8.70
CA HIS I 262 58.72 -46.80 -8.36
C HIS I 262 57.83 -47.33 -9.50
N THR I 263 58.40 -47.56 -10.67
CA THR I 263 57.59 -47.96 -11.83
C THR I 263 58.08 -49.13 -12.70
N ASN I 264 57.13 -49.78 -13.37
CA ASN I 264 57.43 -50.87 -14.31
C ASN I 264 56.60 -50.48 -15.52
N PHE I 265 56.85 -51.11 -16.68
CA PHE I 265 56.00 -50.81 -17.84
C PHE I 265 55.38 -52.12 -18.34
N ALA I 266 54.53 -52.02 -19.35
CA ALA I 266 53.88 -53.22 -19.89
C ALA I 266 53.06 -52.83 -21.08
N LEU I 267 52.61 -53.81 -21.83
CA LEU I 267 51.82 -53.50 -23.02
C LEU I 267 50.53 -54.29 -22.94
N GLY I 268 49.42 -53.66 -23.30
CA GLY I 268 48.17 -54.38 -23.21
C GLY I 268 47.79 -55.09 -24.51
N ALA I 269 47.02 -56.19 -24.39
CA ALA I 269 46.55 -56.95 -25.55
C ALA I 269 45.71 -55.98 -26.39
N THR I 270 45.99 -55.90 -27.68
CA THR I 270 45.32 -54.91 -28.52
C THR I 270 44.04 -55.20 -29.33
N ASP I 271 43.79 -56.41 -29.82
CA ASP I 271 42.54 -56.55 -30.58
C ASP I 271 41.43 -57.13 -29.73
N ILE I 272 41.43 -56.71 -28.46
CA ILE I 272 40.44 -57.06 -27.46
C ILE I 272 39.07 -56.89 -28.11
N GLY I 273 38.03 -57.55 -27.60
CA GLY I 273 36.76 -57.41 -28.28
C GLY I 273 35.43 -57.21 -27.59
N TYR I 274 35.00 -55.95 -27.54
CA TYR I 274 33.71 -55.53 -26.98
C TYR I 274 32.80 -56.59 -26.30
N GLY I 275 33.21 -57.04 -25.10
CA GLY I 275 32.50 -58.05 -24.33
C GLY I 275 31.06 -58.45 -24.66
N LEU I 276 30.86 -59.11 -25.79
CA LEU I 276 29.53 -59.56 -26.21
C LEU I 276 29.47 -61.06 -26.15
N ARG I 277 28.53 -61.63 -26.88
CA ARG I 277 28.40 -63.07 -26.97
C ARG I 277 29.28 -63.57 -28.10
N PRO I 278 29.92 -64.75 -27.92
CA PRO I 278 30.71 -65.26 -29.04
C PRO I 278 29.54 -65.54 -30.00
N GLU I 279 29.65 -65.13 -31.28
CA GLU I 279 28.57 -65.31 -32.26
C GLU I 279 28.42 -63.94 -32.89
N HIS I 280 28.46 -62.91 -32.04
CA HIS I 280 28.38 -61.55 -32.53
C HIS I 280 29.68 -61.33 -33.34
N GLN I 281 29.55 -60.68 -34.47
CA GLN I 281 30.69 -60.45 -35.32
C GLN I 281 31.93 -59.87 -34.65
N LEU I 282 31.75 -58.73 -33.99
CA LEU I 282 32.85 -58.04 -33.33
C LEU I 282 33.80 -58.91 -32.55
N GLN I 283 33.28 -60.04 -32.04
CA GLN I 283 34.10 -60.97 -31.26
C GLN I 283 34.90 -61.98 -32.13
N LEU I 284 34.24 -62.47 -33.18
CA LEU I 284 34.88 -63.38 -34.12
C LEU I 284 36.08 -62.63 -34.69
N ALA I 285 35.85 -61.42 -35.18
CA ALA I 285 36.92 -60.60 -35.73
C ALA I 285 37.99 -60.28 -34.65
N ALA I 286 37.59 -60.27 -33.37
CA ALA I 286 38.49 -59.94 -32.26
C ALA I 286 39.64 -60.90 -31.94
N LYS I 287 40.47 -61.20 -32.94
CA LYS I 287 41.62 -62.06 -32.70
C LYS I 287 42.31 -61.55 -31.40
N GLY I 288 42.27 -62.37 -30.35
CA GLY I 288 42.90 -61.95 -29.10
C GLY I 288 41.91 -61.60 -27.99
N ALA I 289 40.61 -61.90 -28.22
CA ALA I 289 39.60 -61.67 -27.21
C ALA I 289 39.71 -62.78 -26.14
N ALA I 290 40.40 -63.87 -26.49
CA ALA I 290 40.58 -65.00 -25.57
C ALA I 290 41.48 -64.64 -24.41
N ASP I 291 42.39 -63.68 -24.61
CA ASP I 291 43.18 -63.26 -23.47
C ASP I 291 42.51 -61.94 -23.00
N ALA I 292 42.97 -60.80 -23.51
CA ALA I 292 42.42 -59.49 -23.12
C ALA I 292 42.82 -59.32 -21.65
N GLY I 293 43.69 -58.36 -21.39
CA GLY I 293 44.17 -58.17 -20.04
C GLY I 293 45.49 -58.90 -19.95
N ALA I 294 46.05 -59.19 -21.12
CA ALA I 294 47.35 -59.82 -21.19
C ALA I 294 48.29 -58.66 -20.90
N MET I 295 49.31 -58.91 -20.09
CA MET I 295 50.25 -57.85 -19.76
C MET I 295 51.53 -57.83 -20.59
N THR I 296 52.45 -58.74 -20.35
CA THR I 296 53.75 -58.79 -21.07
C THR I 296 54.55 -57.49 -20.82
N PRO I 297 55.57 -57.57 -19.97
CA PRO I 297 56.46 -56.47 -19.61
C PRO I 297 57.06 -55.82 -20.83
N THR I 298 57.73 -54.70 -20.59
CA THR I 298 58.40 -54.00 -21.66
C THR I 298 59.59 -53.19 -21.27
N ASP I 299 59.60 -51.98 -21.81
CA ASP I 299 60.74 -51.08 -21.71
C ASP I 299 60.24 -49.66 -21.61
N PHE I 300 60.95 -48.80 -20.90
CA PHE I 300 60.52 -47.40 -20.85
C PHE I 300 60.51 -46.92 -22.32
N GLU I 301 61.51 -47.34 -23.06
CA GLU I 301 61.69 -46.93 -24.46
C GLU I 301 60.55 -47.34 -25.37
N THR I 302 60.02 -48.55 -25.19
CA THR I 302 58.94 -49.02 -26.07
C THR I 302 57.63 -48.26 -25.83
N PHE I 303 57.32 -48.03 -24.56
CA PHE I 303 56.11 -47.30 -24.18
C PHE I 303 56.16 -45.94 -24.89
N ALA I 304 57.17 -45.15 -24.55
CA ALA I 304 57.35 -43.82 -25.13
C ALA I 304 57.07 -43.81 -26.64
N ALA I 305 57.58 -44.82 -27.35
CA ALA I 305 57.44 -44.94 -28.80
C ALA I 305 56.03 -45.27 -29.25
N LEU I 306 55.28 -45.94 -28.38
CA LEU I 306 53.90 -46.29 -28.66
C LEU I 306 53.06 -45.02 -28.54
N VAL I 307 53.37 -44.26 -27.48
CA VAL I 307 52.70 -43.01 -27.18
C VAL I 307 53.07 -41.92 -28.19
N SER I 308 54.12 -42.15 -28.98
CA SER I 308 54.59 -41.20 -30.00
C SER I 308 53.59 -41.07 -31.16
N GLU I 309 52.89 -42.18 -31.45
CA GLU I 309 51.92 -42.18 -32.54
C GLU I 309 50.84 -41.14 -32.35
N TYR I 310 50.49 -40.89 -31.08
CA TYR I 310 49.48 -39.89 -30.73
C TYR I 310 50.12 -38.48 -30.59
N THR I 311 50.38 -37.87 -31.74
CA THR I 311 50.95 -36.54 -31.83
C THR I 311 49.84 -35.58 -31.41
N LEU I 312 50.20 -34.37 -30.97
CA LEU I 312 49.18 -33.37 -30.63
C LEU I 312 48.30 -33.22 -31.89
N GLU I 313 48.94 -33.21 -33.05
CA GLU I 313 48.26 -33.11 -34.32
C GLU I 313 47.36 -34.31 -34.55
N LYS I 314 47.75 -35.48 -34.06
CA LYS I 314 46.88 -36.64 -34.28
C LYS I 314 45.77 -36.70 -33.27
N ALA I 315 46.10 -36.48 -32.00
CA ALA I 315 45.09 -36.52 -30.95
C ALA I 315 43.98 -35.56 -31.36
N ALA I 316 44.36 -34.34 -31.70
CA ALA I 316 43.38 -33.34 -32.11
C ALA I 316 42.47 -33.89 -33.23
N GLU I 317 43.06 -34.51 -34.24
CA GLU I 317 42.30 -35.05 -35.36
C GLU I 317 41.24 -36.05 -34.90
N ILE I 318 41.63 -36.96 -34.01
CA ILE I 318 40.70 -37.98 -33.52
C ILE I 318 39.60 -37.44 -32.58
N SER I 319 39.97 -36.52 -31.69
CA SER I 319 38.99 -35.95 -30.74
C SER I 319 38.07 -34.94 -31.39
N GLY I 320 38.64 -33.86 -31.88
CA GLY I 320 37.80 -32.86 -32.50
C GLY I 320 37.99 -31.60 -31.71
N VAL I 321 39.01 -31.63 -30.86
CA VAL I 321 39.34 -30.51 -30.01
C VAL I 321 40.44 -29.68 -30.64
N GLU I 322 40.32 -28.35 -30.57
CA GLU I 322 41.39 -27.50 -31.11
C GLU I 322 42.68 -27.85 -30.30
N PRO I 323 43.77 -28.10 -31.03
CA PRO I 323 45.04 -28.45 -30.38
C PRO I 323 45.46 -27.55 -29.21
N ALA I 324 45.18 -26.25 -29.31
CA ALA I 324 45.55 -25.30 -28.27
C ALA I 324 45.06 -25.70 -26.88
N LEU I 325 43.90 -26.34 -26.83
CA LEU I 325 43.30 -26.78 -25.57
C LEU I 325 44.05 -28.00 -25.05
N LEU I 326 44.35 -28.94 -25.94
CA LEU I 326 45.11 -30.12 -25.57
C LEU I 326 46.49 -29.71 -25.08
N GLU I 327 46.98 -28.58 -25.59
CA GLU I 327 48.27 -28.10 -25.14
C GLU I 327 48.07 -27.55 -23.73
N GLU I 328 46.88 -26.99 -23.46
CA GLU I 328 46.60 -26.45 -22.14
C GLU I 328 46.49 -27.58 -21.14
N LEU I 329 45.78 -28.63 -21.52
CA LEU I 329 45.64 -29.77 -20.63
C LEU I 329 47.07 -30.29 -20.38
N ALA I 330 47.64 -30.96 -21.38
CA ALA I 330 48.99 -31.51 -21.31
C ALA I 330 49.91 -30.76 -20.33
N GLU I 331 50.05 -29.45 -20.52
CA GLU I 331 50.92 -28.61 -19.68
C GLU I 331 50.61 -28.63 -18.18
N LEU I 332 49.33 -28.58 -17.86
CA LEU I 332 48.90 -28.60 -16.47
C LEU I 332 49.39 -29.90 -15.83
N TYR I 333 49.02 -31.02 -16.47
CA TYR I 333 49.48 -32.34 -16.06
C TYR I 333 51.01 -32.40 -16.03
N ALA I 334 51.70 -31.34 -16.49
CA ALA I 334 53.16 -31.39 -16.55
C ALA I 334 54.02 -30.37 -15.78
N ASP I 335 53.65 -29.08 -15.69
CA ASP I 335 54.56 -28.20 -14.94
C ASP I 335 54.65 -28.89 -13.61
N PRO I 336 55.85 -29.39 -13.32
CA PRO I 336 56.11 -30.14 -12.10
C PRO I 336 55.89 -29.34 -10.83
N ASP I 337 54.88 -28.48 -10.84
CA ASP I 337 54.55 -27.79 -9.62
C ASP I 337 53.04 -27.78 -9.48
N ARG I 338 52.34 -27.84 -10.61
CA ARG I 338 50.90 -27.91 -10.58
C ARG I 338 50.57 -29.25 -9.93
N LYS I 339 49.84 -29.23 -8.83
CA LYS I 339 49.46 -30.49 -8.24
C LYS I 339 48.20 -30.83 -9.02
N TRP I 340 48.32 -31.78 -9.92
CA TRP I 340 47.17 -32.15 -10.69
C TRP I 340 46.26 -33.01 -9.82
N MET I 341 44.99 -33.05 -10.14
CA MET I 341 44.06 -33.82 -9.33
C MET I 341 43.03 -34.30 -10.31
N SER I 342 43.30 -35.45 -10.91
CA SER I 342 42.40 -35.97 -11.91
C SER I 342 41.26 -36.73 -11.28
N LEU I 343 40.06 -36.46 -11.79
CA LEU I 343 38.82 -37.08 -11.32
C LEU I 343 38.07 -37.67 -12.48
N TRP I 344 37.50 -38.83 -12.26
CA TRP I 344 36.73 -39.50 -13.28
C TRP I 344 35.68 -40.45 -12.70
N THR I 345 34.52 -40.49 -13.36
CA THR I 345 33.43 -41.38 -12.92
C THR I 345 33.02 -42.29 -14.06
N MET I 346 31.71 -42.44 -14.30
CA MET I 346 31.28 -43.36 -15.36
C MET I 346 31.80 -43.10 -16.78
N GLY I 347 32.36 -41.90 -17.00
CA GLY I 347 32.89 -41.58 -18.31
C GLY I 347 33.91 -42.62 -18.75
N PHE I 348 34.84 -42.91 -17.82
CA PHE I 348 35.93 -43.89 -18.00
C PHE I 348 35.51 -45.34 -17.71
N ASN I 349 34.73 -45.53 -16.65
CA ASN I 349 34.26 -46.85 -16.23
C ASN I 349 33.30 -47.56 -17.16
N GLN I 350 32.30 -46.86 -17.72
CA GLN I 350 31.32 -47.48 -18.65
C GLN I 350 31.85 -47.24 -20.06
N HIS I 351 33.10 -47.66 -20.26
CA HIS I 351 33.84 -47.46 -21.49
C HIS I 351 34.31 -48.86 -21.95
N VAL I 352 34.03 -49.23 -23.20
CA VAL I 352 34.46 -50.55 -23.67
C VAL I 352 35.98 -50.73 -23.53
N ARG I 353 36.67 -49.65 -23.22
CA ARG I 353 38.09 -49.67 -23.01
C ARG I 353 38.34 -48.90 -21.71
N GLY I 354 37.44 -49.13 -20.76
CA GLY I 354 37.52 -48.43 -19.49
C GLY I 354 38.79 -48.69 -18.73
N VAL I 355 39.08 -49.98 -18.58
CA VAL I 355 40.28 -50.39 -17.86
C VAL I 355 41.53 -49.68 -18.43
N TRP I 356 41.59 -49.56 -19.75
CA TRP I 356 42.70 -48.87 -20.39
C TRP I 356 42.72 -47.40 -19.98
N ALA I 357 41.54 -46.78 -20.04
CA ALA I 357 41.39 -45.36 -19.69
C ALA I 357 41.92 -45.13 -18.26
N ASN I 358 41.41 -45.91 -17.32
CA ASN I 358 41.86 -45.83 -15.97
C ASN I 358 43.40 -45.92 -16.03
N HIS I 359 43.90 -46.96 -16.70
CA HIS I 359 45.34 -47.14 -16.78
C HIS I 359 46.02 -45.87 -17.25
N MET I 360 45.56 -45.37 -18.40
CA MET I 360 46.15 -44.17 -18.95
C MET I 360 46.19 -42.94 -18.00
N VAL I 361 45.15 -42.75 -17.17
CA VAL I 361 45.22 -41.61 -16.26
C VAL I 361 46.33 -41.80 -15.25
N TYR I 362 46.41 -43.01 -14.69
CA TYR I 362 47.44 -43.25 -13.70
C TYR I 362 48.80 -42.95 -14.34
N ASN I 363 48.95 -43.34 -15.62
CA ASN I 363 50.24 -43.13 -16.32
C ASN I 363 50.74 -41.69 -16.20
N LEU I 364 49.85 -40.77 -16.55
CA LEU I 364 50.18 -39.37 -16.49
C LEU I 364 50.71 -39.01 -15.11
N HIS I 365 50.08 -39.57 -14.11
CA HIS I 365 50.49 -39.29 -12.76
C HIS I 365 51.81 -40.01 -12.45
N LEU I 366 51.87 -41.30 -12.82
CA LEU I 366 53.06 -42.09 -12.55
C LEU I 366 54.28 -41.44 -13.20
N LEU I 367 54.12 -41.11 -14.49
CA LEU I 367 55.22 -40.49 -15.22
C LEU I 367 55.72 -39.24 -14.53
N THR I 368 54.83 -38.50 -13.88
CA THR I 368 55.24 -37.25 -13.25
C THR I 368 55.52 -37.35 -11.75
N GLY I 369 55.14 -38.49 -11.17
CA GLY I 369 55.36 -38.64 -9.75
C GLY I 369 54.34 -37.88 -8.94
N LYS I 370 53.19 -37.59 -9.57
CA LYS I 370 52.10 -36.87 -8.91
C LYS I 370 51.08 -37.88 -8.37
N ILE I 371 51.38 -38.42 -7.19
CA ILE I 371 50.51 -39.44 -6.56
C ILE I 371 50.81 -39.60 -5.09
N SER I 372 49.77 -40.01 -4.34
CA SER I 372 49.90 -40.21 -2.90
C SER I 372 50.42 -39.01 -2.08
N GLU I 373 50.05 -37.80 -2.50
CA GLU I 373 50.44 -36.59 -1.77
C GLU I 373 49.22 -35.71 -1.68
N PRO I 374 49.17 -34.87 -0.65
CA PRO I 374 48.04 -33.96 -0.55
C PRO I 374 48.09 -33.03 -1.79
N GLY I 375 46.98 -33.00 -2.52
CA GLY I 375 46.92 -32.16 -3.72
C GLY I 375 47.26 -32.87 -5.04
N ASN I 376 48.18 -33.83 -5.00
CA ASN I 376 48.53 -34.53 -6.22
C ASN I 376 47.84 -35.86 -6.19
N SER I 377 46.78 -36.01 -6.98
CA SER I 377 46.10 -37.30 -6.95
C SER I 377 45.14 -37.65 -8.04
N PRO I 378 45.21 -38.93 -8.49
CA PRO I 378 44.28 -39.39 -9.53
C PRO I 378 43.13 -40.03 -8.72
N PHE I 379 42.08 -39.26 -8.49
CA PHE I 379 40.97 -39.76 -7.70
C PHE I 379 39.85 -40.37 -8.52
N SER I 380 39.60 -41.63 -8.23
CA SER I 380 38.49 -42.30 -8.89
C SER I 380 37.25 -42.03 -8.00
N LEU I 381 36.27 -41.37 -8.57
CA LEU I 381 35.04 -41.11 -7.85
C LEU I 381 34.19 -42.37 -7.91
N THR I 382 33.64 -42.76 -6.77
CA THR I 382 32.77 -43.92 -6.79
C THR I 382 31.30 -43.49 -6.75
N GLY I 383 30.45 -44.23 -7.47
CA GLY I 383 29.03 -43.90 -7.58
C GLY I 383 28.11 -44.15 -6.38
N GLN I 384 27.83 -45.43 -6.10
CA GLN I 384 26.94 -45.74 -4.98
C GLN I 384 27.49 -45.41 -3.58
N PRO I 385 26.60 -45.45 -2.58
CA PRO I 385 27.00 -45.15 -1.19
C PRO I 385 28.05 -46.11 -0.64
N PHE I 386 27.91 -47.39 -0.99
CA PHE I 386 28.87 -48.39 -0.53
C PHE I 386 29.24 -49.36 -1.63
N ALA I 387 29.47 -48.85 -2.84
CA ALA I 387 29.92 -49.73 -3.90
C ALA I 387 31.35 -50.08 -3.46
N CYS I 388 31.96 -49.19 -2.67
CA CYS I 388 33.29 -49.45 -2.12
C CYS I 388 33.17 -50.29 -0.82
N GLY I 389 32.60 -49.67 0.20
CA GLY I 389 32.46 -50.31 1.49
C GLY I 389 31.95 -51.72 1.45
N THR I 390 31.02 -51.99 0.54
CA THR I 390 30.42 -53.30 0.49
C THR I 390 30.84 -54.07 -0.73
N ALA I 391 30.20 -53.80 -1.87
CA ALA I 391 30.51 -54.51 -3.13
C ALA I 391 32.03 -54.82 -3.29
N ARG I 392 32.83 -53.76 -3.39
CA ARG I 392 34.25 -53.93 -3.56
C ARG I 392 34.94 -54.51 -2.33
N GLU I 393 34.92 -53.80 -1.22
CA GLU I 393 35.63 -54.28 -0.05
C GLU I 393 35.24 -55.63 0.48
N VAL I 394 33.94 -55.88 0.67
CA VAL I 394 33.51 -57.21 1.12
C VAL I 394 33.66 -58.18 -0.07
N GLY I 395 33.78 -57.65 -1.29
CA GLY I 395 33.99 -58.54 -2.43
C GLY I 395 32.73 -59.32 -2.79
N THR I 396 31.79 -58.57 -3.38
CA THR I 396 30.50 -59.09 -3.76
C THR I 396 30.40 -59.23 -5.27
N PHE I 397 31.49 -59.66 -5.86
CA PHE I 397 31.51 -59.85 -7.30
C PHE I 397 31.77 -61.35 -7.54
N ALA I 398 31.23 -61.84 -8.66
CA ALA I 398 31.35 -63.25 -9.08
C ALA I 398 32.70 -63.94 -8.84
N HIS I 399 33.81 -63.22 -9.02
CA HIS I 399 35.15 -63.83 -8.88
C HIS I 399 35.87 -63.47 -7.59
N ARG I 400 35.18 -62.88 -6.62
CA ARG I 400 35.90 -62.37 -5.48
C ARG I 400 35.55 -62.78 -4.06
N LEU I 401 36.52 -62.54 -3.17
CA LEU I 401 36.39 -62.80 -1.72
C LEU I 401 36.85 -61.52 -0.99
N PRO I 402 36.62 -61.45 0.33
CA PRO I 402 37.01 -60.25 1.11
C PRO I 402 38.45 -59.80 0.89
N ALA I 403 38.70 -58.56 1.31
CA ALA I 403 40.02 -57.93 1.24
C ALA I 403 40.87 -58.20 -0.01
N ASP I 404 40.31 -57.94 -1.19
CA ASP I 404 41.02 -58.14 -2.46
C ASP I 404 41.35 -59.57 -2.87
N MET I 405 40.77 -60.55 -2.16
CA MET I 405 41.04 -61.95 -2.47
C MET I 405 40.16 -62.53 -3.56
N VAL I 406 40.77 -63.42 -4.34
CA VAL I 406 40.08 -64.08 -5.43
C VAL I 406 39.70 -65.53 -5.05
N VAL I 407 38.59 -65.98 -5.65
CA VAL I 407 38.03 -67.30 -5.47
C VAL I 407 38.95 -68.36 -6.11
N THR I 408 39.67 -67.91 -7.14
CA THR I 408 40.63 -68.72 -7.91
C THR I 408 41.77 -69.20 -7.01
N ASN I 409 42.51 -68.24 -6.44
CA ASN I 409 43.61 -68.54 -5.54
C ASN I 409 43.15 -69.46 -4.39
N PRO I 410 43.83 -70.61 -4.22
CA PRO I 410 43.55 -71.63 -3.18
C PRO I 410 43.97 -71.20 -1.78
N GLU I 411 45.00 -70.36 -1.69
CA GLU I 411 45.47 -69.87 -0.38
C GLU I 411 44.37 -68.99 0.22
N HIS I 412 43.77 -68.14 -0.63
CA HIS I 412 42.69 -67.23 -0.19
C HIS I 412 41.50 -68.05 0.25
N ARG I 413 41.09 -68.94 -0.65
CA ARG I 413 39.94 -69.82 -0.42
C ARG I 413 40.09 -70.44 0.96
N ALA I 414 41.28 -70.98 1.20
CA ALA I 414 41.62 -71.60 2.48
C ALA I 414 41.47 -70.60 3.61
N HIS I 415 42.11 -69.43 3.45
CA HIS I 415 42.08 -68.39 4.46
C HIS I 415 40.63 -68.07 4.87
N ALA I 416 39.77 -67.96 3.87
CA ALA I 416 38.35 -67.66 4.09
C ALA I 416 37.73 -68.81 4.86
N GLU I 417 38.05 -70.03 4.43
CA GLU I 417 37.52 -71.21 5.10
C GLU I 417 37.91 -71.27 6.57
N GLU I 418 39.18 -70.90 6.86
CA GLU I 418 39.70 -70.92 8.25
C GLU I 418 38.94 -69.93 9.15
N ILE I 419 38.64 -68.74 8.60
CA ILE I 419 37.91 -67.70 9.35
C ILE I 419 36.41 -67.99 9.48
N TRP I 420 35.83 -68.51 8.41
CA TRP I 420 34.39 -68.84 8.39
C TRP I 420 34.10 -70.15 9.10
N LYS I 421 35.14 -70.73 9.70
CA LYS I 421 35.04 -72.00 10.42
C LYS I 421 34.36 -73.02 9.53
N LEU I 422 35.01 -73.30 8.40
CA LEU I 422 34.48 -74.26 7.45
C LEU I 422 35.39 -75.46 7.21
N PRO I 423 34.80 -76.54 6.69
CA PRO I 423 35.61 -77.73 6.39
C PRO I 423 36.46 -77.41 5.13
N ALA I 424 37.75 -77.80 5.17
CA ALA I 424 38.70 -77.56 4.05
C ALA I 424 38.15 -77.98 2.67
N GLY I 425 38.51 -77.20 1.64
CA GLY I 425 38.05 -77.44 0.28
C GLY I 425 36.55 -77.27 0.07
N LEU I 426 35.87 -76.59 0.99
CA LEU I 426 34.44 -76.41 0.85
C LEU I 426 34.16 -75.31 -0.17
N LEU I 427 34.79 -74.16 0.03
CA LEU I 427 34.57 -73.03 -0.91
C LEU I 427 34.85 -73.39 -2.37
N PRO I 428 33.98 -72.95 -3.29
CA PRO I 428 34.07 -73.19 -4.75
C PRO I 428 35.25 -72.44 -5.43
N ASP I 429 35.84 -73.05 -6.46
CA ASP I 429 36.99 -72.46 -7.17
C ASP I 429 36.58 -71.80 -8.47
N TRP I 430 35.38 -72.12 -8.93
CA TRP I 430 34.89 -71.55 -10.19
C TRP I 430 34.39 -70.11 -10.13
N VAL I 431 34.79 -69.32 -11.14
CA VAL I 431 34.36 -67.92 -11.24
C VAL I 431 32.85 -67.88 -11.63
N GLY I 432 32.09 -67.05 -10.91
CA GLY I 432 30.67 -66.92 -11.19
C GLY I 432 30.31 -66.11 -12.44
N ALA I 433 29.00 -66.01 -12.70
CA ALA I 433 28.49 -65.25 -13.85
C ALA I 433 28.43 -63.74 -13.52
N HIS I 434 29.14 -62.93 -14.30
CA HIS I 434 29.13 -61.50 -14.03
C HIS I 434 27.78 -60.93 -14.52
N ALA I 435 27.46 -59.72 -14.03
CA ALA I 435 26.22 -59.02 -14.34
C ALA I 435 25.65 -59.28 -15.76
N VAL I 436 26.37 -58.84 -16.77
CA VAL I 436 25.87 -59.07 -18.11
C VAL I 436 25.60 -60.57 -18.30
N GLU I 437 26.64 -61.39 -18.08
CA GLU I 437 26.53 -62.84 -18.22
C GLU I 437 25.25 -63.32 -17.51
N GLN I 438 25.14 -62.94 -16.24
CA GLN I 438 24.00 -63.34 -15.43
C GLN I 438 22.65 -63.17 -16.14
N ASP I 439 22.52 -62.08 -16.90
CA ASP I 439 21.28 -61.83 -17.65
C ASP I 439 21.17 -62.88 -18.74
N ARG I 440 22.28 -63.06 -19.46
CA ARG I 440 22.31 -63.99 -20.58
C ARG I 440 22.01 -65.38 -20.07
N LYS I 441 22.79 -65.85 -19.09
CA LYS I 441 22.59 -67.20 -18.56
C LYS I 441 21.14 -67.40 -18.11
N LEU I 442 20.47 -66.26 -17.85
CA LEU I 442 19.09 -66.27 -17.40
C LEU I 442 18.22 -66.49 -18.60
N HIS I 443 18.60 -65.83 -19.69
CA HIS I 443 17.85 -65.88 -20.93
C HIS I 443 17.85 -67.30 -21.41
N ASP I 444 19.05 -67.89 -21.32
CA ASP I 444 19.29 -69.25 -21.80
C ASP I 444 18.72 -70.39 -20.96
N GLY I 445 18.73 -70.20 -19.63
CA GLY I 445 18.20 -71.21 -18.73
C GLY I 445 19.26 -71.85 -17.85
N GLU I 446 20.45 -71.27 -17.83
CA GLU I 446 21.56 -71.79 -17.01
C GLU I 446 21.36 -71.46 -15.53
N ILE I 447 20.84 -70.26 -15.25
CA ILE I 447 20.57 -69.85 -13.87
C ILE I 447 19.05 -69.94 -13.73
N ASN I 448 18.58 -70.73 -12.78
CA ASN I 448 17.15 -70.93 -12.64
C ASN I 448 16.54 -70.42 -11.35
N PHE I 449 17.41 -70.11 -10.39
CA PHE I 449 16.94 -69.53 -9.13
C PHE I 449 17.67 -68.18 -9.09
N TYR I 450 16.93 -67.09 -8.88
CA TYR I 450 17.57 -65.76 -8.89
C TYR I 450 17.09 -64.85 -7.76
N TRP I 451 18.04 -64.33 -6.98
CA TRP I 451 17.64 -63.44 -5.90
C TRP I 451 18.26 -62.06 -6.14
N VAL I 452 17.39 -61.08 -6.44
CA VAL I 452 17.82 -59.70 -6.69
C VAL I 452 17.67 -58.90 -5.40
N GLN I 453 18.70 -58.11 -5.07
CA GLN I 453 18.62 -57.31 -3.87
C GLN I 453 19.20 -55.90 -3.93
N VAL I 454 18.37 -54.95 -3.46
CA VAL I 454 18.68 -53.52 -3.39
C VAL I 454 19.17 -52.97 -4.73
N ASN I 455 18.47 -53.33 -5.80
CA ASN I 455 18.77 -52.84 -7.13
C ASN I 455 17.53 -53.07 -7.96
N ASN I 456 17.45 -52.34 -9.07
CA ASN I 456 16.28 -52.38 -9.95
C ASN I 456 16.84 -52.67 -11.33
N ASN I 457 17.58 -53.78 -11.40
CA ASN I 457 18.27 -54.19 -12.61
C ASN I 457 17.46 -54.29 -13.91
N MET I 458 16.14 -54.47 -13.79
CA MET I 458 15.31 -54.52 -15.00
C MET I 458 15.32 -53.20 -15.77
N GLN I 459 15.79 -52.15 -15.08
CA GLN I 459 15.88 -50.79 -15.61
C GLN I 459 17.34 -50.41 -15.77
N ALA I 460 18.17 -50.81 -14.81
CA ALA I 460 19.58 -50.48 -14.83
C ALA I 460 20.36 -51.23 -15.90
N ALA I 461 20.09 -52.55 -16.03
CA ALA I 461 20.79 -53.41 -17.00
C ALA I 461 20.60 -53.05 -18.50
N PRO I 462 21.66 -53.31 -19.32
CA PRO I 462 21.69 -53.02 -20.77
C PRO I 462 20.91 -54.03 -21.62
N ASN I 463 20.34 -53.53 -22.72
CA ASN I 463 19.58 -54.35 -23.67
C ASN I 463 18.44 -55.17 -23.07
N ILE I 464 17.78 -54.65 -22.05
CA ILE I 464 16.70 -55.39 -21.40
C ILE I 464 15.78 -56.23 -22.31
N ASP I 465 15.39 -55.68 -23.46
CA ASP I 465 14.48 -56.40 -24.35
C ASP I 465 15.11 -57.64 -24.94
N GLN I 466 16.39 -57.55 -25.27
CA GLN I 466 17.11 -58.68 -25.85
C GLN I 466 17.37 -59.84 -24.87
N GLU I 467 18.00 -59.54 -23.74
CA GLU I 467 18.35 -60.59 -22.81
C GLU I 467 17.95 -60.52 -21.32
N THR I 468 17.52 -59.37 -20.82
CA THR I 468 17.21 -59.32 -19.41
C THR I 468 15.76 -59.62 -19.12
N TYR I 469 14.85 -59.04 -19.89
CA TYR I 469 13.43 -59.28 -19.68
C TYR I 469 13.04 -60.75 -19.92
N PRO I 470 13.43 -61.32 -21.09
CA PRO I 470 13.08 -62.73 -21.37
C PRO I 470 13.69 -63.65 -20.31
N GLY I 471 14.88 -63.28 -19.85
CA GLY I 471 15.58 -64.05 -18.83
C GLY I 471 14.87 -64.07 -17.48
N TYR I 472 14.14 -62.99 -17.16
CA TYR I 472 13.41 -62.94 -15.91
C TYR I 472 12.07 -63.63 -16.08
N ARG I 473 11.53 -63.62 -17.30
CA ARG I 473 10.23 -64.25 -17.55
C ARG I 473 10.33 -65.70 -18.11
N ASN I 474 11.57 -66.21 -18.26
CA ASN I 474 11.79 -67.59 -18.72
C ASN I 474 11.15 -68.56 -17.70
N PRO I 475 10.09 -69.28 -18.11
CA PRO I 475 9.39 -70.21 -17.21
C PRO I 475 10.21 -71.28 -16.47
N GLU I 476 11.43 -71.55 -16.91
CA GLU I 476 12.22 -72.56 -16.16
C GLU I 476 12.93 -71.85 -15.01
N ASN I 477 12.65 -70.56 -14.90
CA ASN I 477 13.28 -69.71 -13.90
C ASN I 477 12.35 -69.13 -12.87
N PHE I 478 12.89 -68.99 -11.66
CA PHE I 478 12.17 -68.44 -10.52
C PHE I 478 12.96 -67.21 -10.07
N ILE I 479 12.26 -66.09 -9.94
CA ILE I 479 12.93 -64.86 -9.55
C ILE I 479 12.39 -64.13 -8.35
N VAL I 480 13.29 -63.86 -7.39
CA VAL I 480 12.93 -63.12 -6.19
C VAL I 480 13.58 -61.73 -6.21
N VAL I 481 12.79 -60.75 -5.77
CA VAL I 481 13.24 -59.37 -5.71
C VAL I 481 12.85 -58.76 -4.37
N SER I 482 13.88 -58.52 -3.56
CA SER I 482 13.68 -57.84 -2.28
C SER I 482 13.79 -56.34 -2.63
N ASP I 483 12.86 -55.54 -2.12
CA ASP I 483 12.87 -54.12 -2.41
C ASP I 483 11.95 -53.44 -1.41
N ALA I 484 11.86 -52.11 -1.55
CA ALA I 484 11.05 -51.29 -0.65
C ALA I 484 9.93 -50.58 -1.37
N TYR I 485 9.95 -50.62 -2.69
CA TYR I 485 8.89 -50.00 -3.45
C TYR I 485 8.64 -50.84 -4.67
N PRO I 486 7.44 -50.67 -5.25
CA PRO I 486 7.02 -51.36 -6.46
C PRO I 486 8.20 -51.71 -7.39
N THR I 487 8.59 -50.80 -8.31
CA THR I 487 9.73 -51.08 -9.22
C THR I 487 9.34 -52.00 -10.37
N VAL I 488 9.90 -51.70 -11.53
CA VAL I 488 9.59 -52.53 -12.69
C VAL I 488 10.21 -53.93 -12.49
N THR I 489 11.41 -53.97 -11.92
CA THR I 489 12.08 -55.25 -11.69
C THR I 489 11.18 -56.18 -10.90
N GLY I 490 10.53 -55.63 -9.86
CA GLY I 490 9.64 -56.43 -9.04
C GLY I 490 8.41 -56.88 -9.85
N ARG I 491 7.92 -55.96 -10.67
CA ARG I 491 6.75 -56.25 -11.50
C ARG I 491 7.11 -57.42 -12.42
N ALA I 492 8.39 -57.47 -12.80
CA ALA I 492 8.86 -58.52 -13.70
C ALA I 492 9.40 -59.75 -12.94
N ALA I 493 9.11 -59.86 -11.65
CA ALA I 493 9.61 -61.02 -10.87
C ALA I 493 8.47 -61.98 -10.48
N ASP I 494 8.79 -62.95 -9.63
CA ASP I 494 7.81 -63.97 -9.23
C ASP I 494 7.52 -63.91 -7.74
N LEU I 495 8.55 -63.54 -6.99
CA LEU I 495 8.41 -63.39 -5.55
C LEU I 495 9.07 -62.06 -5.15
N VAL I 496 8.30 -61.18 -4.49
CA VAL I 496 8.84 -59.88 -4.10
C VAL I 496 8.79 -59.76 -2.59
N LEU I 497 9.97 -59.64 -2.00
CA LEU I 497 10.05 -59.57 -0.55
C LEU I 497 10.25 -58.13 -0.09
N PRO I 498 9.41 -57.65 0.86
CA PRO I 498 9.48 -56.28 1.41
C PRO I 498 10.72 -56.00 2.30
N ALA I 499 11.40 -54.89 2.04
CA ALA I 499 12.59 -54.54 2.81
C ALA I 499 12.52 -53.32 3.75
N ALA I 500 13.18 -53.43 4.90
CA ALA I 500 13.31 -52.30 5.82
C ALA I 500 14.43 -51.54 5.12
N MET I 501 14.17 -50.26 4.95
CA MET I 501 15.02 -49.35 4.23
C MET I 501 15.91 -48.42 5.09
N TRP I 502 16.89 -47.80 4.44
CA TRP I 502 17.78 -46.87 5.08
C TRP I 502 17.86 -46.95 6.62
N VAL I 503 17.18 -46.02 7.28
CA VAL I 503 17.27 -45.89 8.73
C VAL I 503 16.30 -46.75 9.54
N GLU I 504 15.61 -47.63 8.82
CA GLU I 504 14.67 -48.56 9.45
C GLU I 504 15.44 -49.80 9.88
N LYS I 505 16.73 -49.78 9.55
CA LYS I 505 17.61 -50.90 9.87
C LYS I 505 19.02 -50.35 10.21
N GLU I 506 19.67 -50.91 11.22
CA GLU I 506 21.04 -50.44 11.51
C GLU I 506 21.97 -50.87 10.33
N GLY I 507 22.85 -49.97 9.91
CA GLY I 507 23.72 -50.30 8.79
C GLY I 507 25.04 -49.54 8.77
N ALA I 508 25.83 -49.83 7.73
CA ALA I 508 27.13 -49.18 7.57
C ALA I 508 27.42 -49.10 6.09
N TYR I 509 28.13 -48.05 5.71
CA TYR I 509 28.51 -47.82 4.31
C TYR I 509 30.00 -47.38 4.20
N GLY I 510 30.49 -47.43 2.95
CA GLY I 510 31.85 -47.02 2.65
C GLY I 510 31.91 -46.11 1.43
N ASN I 511 32.26 -44.83 1.62
CA ASN I 511 32.31 -43.87 0.52
C ASN I 511 33.59 -43.97 -0.32
N ALA I 512 33.57 -43.27 -1.45
CA ALA I 512 34.69 -43.21 -2.40
C ALA I 512 36.10 -42.87 -1.84
N GLU I 513 36.21 -42.32 -0.64
CA GLU I 513 37.51 -42.01 -0.09
C GLU I 513 37.87 -42.96 1.06
N ARG I 514 37.37 -44.20 0.97
CA ARG I 514 37.65 -45.20 2.00
C ARG I 514 37.11 -44.81 3.38
N ARG I 515 35.97 -44.13 3.39
CA ARG I 515 35.36 -43.74 4.66
C ARG I 515 34.22 -44.70 4.99
N THR I 516 34.36 -45.38 6.11
CA THR I 516 33.41 -46.38 6.51
C THR I 516 32.60 -45.79 7.66
N HIS I 517 31.32 -45.52 7.41
CA HIS I 517 30.50 -44.98 8.49
C HIS I 517 29.22 -45.81 8.73
N PHE I 518 28.79 -45.81 10.00
CA PHE I 518 27.61 -46.55 10.49
C PHE I 518 26.37 -45.65 10.70
N TRP I 519 25.31 -46.29 11.17
CA TRP I 519 24.08 -45.63 11.59
C TRP I 519 23.20 -46.64 12.30
N HIS I 520 22.62 -46.21 13.42
CA HIS I 520 21.71 -47.07 14.20
C HIS I 520 20.36 -47.12 13.55
N GLN I 521 19.48 -47.94 14.09
CA GLN I 521 18.15 -47.96 13.53
C GLN I 521 17.39 -46.85 14.28
N LEU I 522 16.85 -45.91 13.51
CA LEU I 522 16.14 -44.78 14.10
C LEU I 522 14.63 -44.88 14.11
N VAL I 523 14.10 -45.74 13.23
CA VAL I 523 12.67 -45.88 13.17
C VAL I 523 12.30 -47.30 12.76
N GLU I 524 11.02 -47.64 12.87
CA GLU I 524 10.58 -48.98 12.48
C GLU I 524 10.05 -49.01 11.06
N ALA I 525 10.34 -50.09 10.33
CA ALA I 525 9.86 -50.21 8.96
C ALA I 525 8.35 -50.42 8.96
N PRO I 526 7.69 -50.06 7.86
CA PRO I 526 6.24 -50.23 7.79
C PRO I 526 5.81 -51.70 7.60
N GLY I 527 4.65 -52.04 8.17
CA GLY I 527 4.12 -53.39 8.03
C GLY I 527 5.06 -54.52 8.42
N GLU I 528 5.16 -55.49 7.51
CA GLU I 528 5.99 -56.64 7.75
C GLU I 528 7.40 -56.62 7.11
N ALA I 529 7.86 -55.45 6.68
CA ALA I 529 9.18 -55.36 6.03
C ALA I 529 10.29 -55.60 7.03
N ARG I 530 11.35 -56.22 6.54
CA ARG I 530 12.51 -56.55 7.37
C ARG I 530 13.80 -56.34 6.57
N SER I 531 14.88 -55.99 7.28
CA SER I 531 16.14 -55.75 6.60
C SER I 531 16.51 -56.88 5.66
N ASP I 532 17.34 -56.55 4.67
CA ASP I 532 17.83 -57.55 3.71
C ASP I 532 18.69 -58.52 4.52
N LEU I 533 19.35 -57.98 5.55
CA LEU I 533 20.20 -58.81 6.39
C LEU I 533 19.35 -59.92 6.92
N TRP I 534 18.24 -59.52 7.56
CA TRP I 534 17.31 -60.47 8.12
C TRP I 534 16.85 -61.43 7.04
N GLN I 535 16.34 -60.90 5.94
CA GLN I 535 15.92 -61.78 4.86
C GLN I 535 16.94 -62.90 4.51
N LEU I 536 18.20 -62.49 4.34
CA LEU I 536 19.27 -63.41 4.05
C LEU I 536 19.41 -64.42 5.21
N MET I 537 19.77 -63.89 6.39
CA MET I 537 19.95 -64.74 7.57
C MET I 537 18.78 -65.73 7.79
N GLU I 538 17.54 -65.26 7.74
CA GLU I 538 16.38 -66.13 7.94
C GLU I 538 16.23 -67.22 6.86
N PHE I 539 16.45 -66.81 5.61
CA PHE I 539 16.34 -67.74 4.49
C PHE I 539 17.36 -68.85 4.67
N SER I 540 18.37 -68.57 5.50
CA SER I 540 19.41 -69.54 5.80
C SER I 540 18.85 -70.72 6.57
N LYS I 541 18.18 -70.43 7.68
CA LYS I 541 17.58 -71.41 8.57
C LYS I 541 16.81 -72.58 7.90
N ARG I 542 16.77 -72.56 6.55
CA ARG I 542 16.08 -73.60 5.77
C ARG I 542 16.91 -74.74 5.23
N PHE I 543 18.20 -74.50 5.04
CA PHE I 543 19.02 -75.54 4.48
C PHE I 543 19.84 -76.23 5.53
N THR I 544 20.23 -77.47 5.22
CA THR I 544 20.97 -78.30 6.14
C THR I 544 22.29 -78.71 5.51
N THR I 545 23.31 -78.90 6.34
CA THR I 545 24.62 -79.28 5.83
C THR I 545 24.58 -80.52 4.95
N ASP I 546 23.56 -81.36 5.17
CA ASP I 546 23.33 -82.53 4.30
C ASP I 546 22.87 -81.73 3.05
N GLU I 547 21.61 -81.88 2.65
CA GLU I 547 21.01 -81.12 1.55
C GLU I 547 21.90 -80.40 0.52
N VAL I 548 22.71 -79.47 1.02
CA VAL I 548 23.54 -78.59 0.18
C VAL I 548 25.03 -78.83 0.00
N TRP I 549 25.70 -79.31 1.04
CA TRP I 549 27.13 -79.59 0.93
C TRP I 549 27.47 -80.97 0.31
N PRO I 550 28.64 -81.07 -0.37
CA PRO I 550 29.05 -82.37 -0.94
C PRO I 550 29.30 -83.39 0.24
N GLU I 551 28.89 -84.63 0.02
CA GLU I 551 29.00 -85.70 1.02
C GLU I 551 30.46 -85.93 1.50
N GLU I 552 31.42 -85.83 0.59
CA GLU I 552 32.82 -86.05 0.95
C GLU I 552 33.15 -85.15 2.12
N ILE I 553 32.97 -83.87 1.88
CA ILE I 553 33.23 -82.85 2.88
C ILE I 553 32.56 -83.19 4.20
N LEU I 554 31.31 -83.65 4.12
CA LEU I 554 30.56 -84.05 5.31
C LEU I 554 31.28 -85.19 6.02
N SER I 555 31.54 -86.28 5.28
CA SER I 555 32.24 -87.44 5.83
C SER I 555 33.42 -86.94 6.69
N ALA I 556 34.26 -86.09 6.10
CA ALA I 556 35.40 -85.53 6.81
C ALA I 556 34.99 -84.85 8.13
N ALA I 557 33.83 -84.17 8.15
CA ALA I 557 33.40 -83.49 9.38
C ALA I 557 31.92 -83.64 9.73
N PRO I 558 31.62 -84.61 10.61
CA PRO I 558 30.29 -84.94 11.15
C PRO I 558 29.57 -83.68 11.63
N ALA I 559 30.21 -82.91 12.54
CA ALA I 559 29.62 -81.64 13.00
C ALA I 559 29.61 -80.77 11.72
N TYR I 560 28.53 -80.96 10.94
CA TYR I 560 28.22 -80.33 9.64
C TYR I 560 27.35 -81.41 9.00
N ARG I 561 26.41 -81.94 9.80
CA ARG I 561 25.46 -82.95 9.33
C ARG I 561 24.22 -82.61 10.13
N GLY I 562 23.24 -82.07 9.42
CA GLY I 562 22.04 -81.54 10.05
C GLY I 562 22.39 -80.04 10.13
N LYS I 563 22.76 -79.57 11.33
CA LYS I 563 23.20 -78.19 11.47
C LYS I 563 22.27 -77.09 10.91
N THR I 564 22.22 -76.96 9.58
CA THR I 564 21.44 -75.94 8.86
C THR I 564 22.32 -74.71 8.64
N LEU I 565 22.35 -74.29 7.38
CA LEU I 565 23.11 -73.10 6.98
C LEU I 565 22.53 -71.99 7.84
N PHE I 566 23.27 -71.61 8.87
CA PHE I 566 22.81 -70.57 9.78
C PHE I 566 23.59 -70.91 11.00
N GLU I 567 23.46 -72.16 11.44
CA GLU I 567 24.22 -72.58 12.62
C GLU I 567 25.64 -72.47 12.07
N VAL I 568 25.81 -72.99 10.86
CA VAL I 568 27.11 -72.97 10.21
C VAL I 568 27.53 -71.58 9.75
N LEU I 569 26.56 -70.70 9.44
CA LEU I 569 26.91 -69.39 8.91
C LEU I 569 26.77 -68.19 9.83
N PHE I 570 25.78 -68.21 10.73
CA PHE I 570 25.56 -67.06 11.61
C PHE I 570 25.52 -67.43 13.08
N ALA I 571 25.50 -68.74 13.38
CA ALA I 571 25.48 -69.26 14.76
C ALA I 571 26.75 -70.07 14.99
N ASN I 572 27.84 -69.53 14.48
CA ASN I 572 29.17 -70.12 14.57
C ASN I 572 29.74 -70.04 15.94
N GLY I 573 29.15 -69.17 16.76
CA GLY I 573 29.71 -68.97 18.06
C GLY I 573 30.79 -67.93 17.79
N SER I 574 30.79 -67.42 16.54
CA SER I 574 31.69 -66.36 16.11
C SER I 574 30.79 -65.13 15.90
N VAL I 575 29.75 -65.32 15.08
CA VAL I 575 28.81 -64.27 14.79
C VAL I 575 27.82 -64.11 15.95
N ASP I 576 27.66 -65.15 16.78
CA ASP I 576 26.77 -65.12 17.97
C ASP I 576 27.51 -64.47 19.13
N ARG I 577 28.82 -64.36 18.95
CA ARG I 577 29.70 -63.79 19.95
C ARG I 577 29.07 -62.73 20.87
N PHE I 578 28.42 -61.72 20.28
CA PHE I 578 27.85 -60.60 21.05
C PHE I 578 26.37 -60.65 21.33
N PRO I 579 25.99 -60.41 22.60
CA PRO I 579 24.60 -60.43 23.12
C PRO I 579 23.63 -59.34 22.64
N ALA I 580 22.32 -59.59 22.80
CA ALA I 580 21.29 -58.62 22.41
C ALA I 580 21.49 -57.35 23.20
N SER I 581 22.37 -57.41 24.20
CA SER I 581 22.75 -56.22 24.95
C SER I 581 23.87 -55.74 23.99
N ASP I 582 24.86 -54.95 24.45
CA ASP I 582 25.94 -54.51 23.54
C ASP I 582 25.36 -53.78 22.34
N VAL I 583 24.15 -53.22 22.45
CA VAL I 583 23.53 -52.59 21.30
C VAL I 583 22.98 -51.19 21.62
N ASN I 584 23.74 -50.41 22.37
CA ASN I 584 23.33 -49.06 22.76
C ASN I 584 21.91 -49.10 23.31
N PRO I 585 21.76 -48.80 24.62
CA PRO I 585 20.45 -48.80 25.31
C PRO I 585 19.36 -48.16 24.45
N ASP I 586 19.64 -46.94 23.97
CA ASP I 586 18.72 -46.22 23.08
C ASP I 586 18.88 -46.94 21.74
N HIS I 587 17.98 -46.69 20.81
CA HIS I 587 18.06 -47.35 19.49
C HIS I 587 17.67 -48.85 19.53
N ALA I 588 16.71 -49.20 18.67
CA ALA I 588 16.23 -50.59 18.56
C ALA I 588 16.96 -51.32 17.41
N ASN I 589 16.77 -52.64 17.33
CA ASN I 589 17.46 -53.44 16.31
C ASN I 589 16.60 -54.66 16.00
N HIS I 590 15.69 -54.54 15.02
CA HIS I 590 14.80 -55.68 14.75
C HIS I 590 15.52 -56.98 14.48
N GLU I 591 16.70 -56.93 13.87
CA GLU I 591 17.42 -58.15 13.56
C GLU I 591 18.09 -58.75 14.79
N ALA I 592 17.94 -58.08 15.93
CA ALA I 592 18.56 -58.57 17.14
C ALA I 592 17.45 -58.99 18.08
N ALA I 593 16.24 -58.49 17.84
CA ALA I 593 15.12 -58.88 18.70
C ALA I 593 14.73 -60.30 18.22
N LEU I 594 14.77 -60.48 16.90
CA LEU I 594 14.53 -61.77 16.33
C LEU I 594 16.01 -62.18 16.42
N PHE I 595 16.31 -63.47 16.65
CA PHE I 595 17.70 -63.96 16.83
C PHE I 595 18.14 -63.50 18.19
N GLY I 596 19.09 -64.18 18.80
CA GLY I 596 19.49 -63.78 20.14
C GLY I 596 20.80 -63.03 20.24
N PHE I 597 21.50 -62.89 19.12
CA PHE I 597 22.78 -62.19 19.14
C PHE I 597 22.63 -60.73 18.68
N TYR I 598 23.69 -60.21 18.07
CA TYR I 598 23.70 -58.85 17.58
C TYR I 598 24.47 -59.01 16.26
N PRO I 599 23.72 -59.35 15.19
CA PRO I 599 24.26 -59.60 13.83
C PRO I 599 25.36 -58.65 13.33
N GLN I 600 25.00 -57.38 13.19
CA GLN I 600 25.94 -56.37 12.70
C GLN I 600 27.30 -56.48 13.41
N LYS I 601 27.30 -56.36 14.74
CA LYS I 601 28.56 -56.41 15.45
C LYS I 601 29.32 -57.68 15.05
N GLY I 602 28.63 -58.81 15.14
CA GLY I 602 29.24 -60.10 14.82
C GLY I 602 29.82 -60.12 13.41
N LEU I 603 28.96 -59.87 12.42
CA LEU I 603 29.42 -59.90 11.06
C LEU I 603 30.56 -58.92 10.86
N PHE I 604 30.37 -57.71 11.36
CA PHE I 604 31.42 -56.70 11.16
C PHE I 604 32.77 -57.21 11.68
N GLU I 605 32.82 -57.54 12.98
CA GLU I 605 34.08 -58.00 13.55
C GLU I 605 34.60 -59.27 12.89
N GLU I 606 33.73 -60.16 12.43
CA GLU I 606 34.27 -61.33 11.75
C GLU I 606 34.89 -60.83 10.42
N TYR I 607 34.05 -60.33 9.53
CA TYR I 607 34.51 -59.80 8.25
C TYR I 607 35.76 -58.90 8.41
N ALA I 608 35.85 -58.21 9.55
CA ALA I 608 36.95 -57.29 9.83
C ALA I 608 38.30 -57.99 9.89
N ALA I 609 38.27 -59.27 10.30
CA ALA I 609 39.49 -60.08 10.43
C ALA I 609 40.19 -60.37 9.11
N PHE I 610 39.48 -60.24 7.99
CA PHE I 610 40.10 -60.49 6.68
C PHE I 610 41.15 -59.44 6.40
N GLY I 611 40.85 -58.18 6.76
CA GLY I 611 41.78 -57.09 6.60
C GLY I 611 42.42 -57.02 7.99
N ARG I 612 42.95 -55.86 8.41
CA ARG I 612 43.61 -55.81 9.73
C ARG I 612 44.89 -56.67 9.65
N GLY I 613 46.00 -55.96 9.45
CA GLY I 613 47.28 -56.60 9.26
C GLY I 613 47.37 -56.25 7.80
N HIS I 614 47.24 -57.23 6.91
CA HIS I 614 47.29 -56.97 5.46
C HIS I 614 46.42 -55.74 5.12
N GLY I 615 47.04 -54.54 5.01
CA GLY I 615 46.31 -53.31 4.71
C GLY I 615 44.88 -53.29 5.26
N HIS I 616 43.91 -52.83 4.44
CA HIS I 616 42.45 -52.82 4.76
C HIS I 616 41.93 -52.68 6.24
N ASP I 617 42.78 -52.18 7.13
CA ASP I 617 42.43 -52.11 8.54
C ASP I 617 41.16 -51.38 8.91
N LEU I 618 40.15 -52.11 9.35
CA LEU I 618 38.95 -51.44 9.81
C LEU I 618 39.11 -51.22 11.34
N ALA I 619 38.45 -50.17 11.85
CA ALA I 619 38.51 -49.87 13.28
C ALA I 619 37.55 -50.81 14.03
N PRO I 620 37.55 -50.76 15.38
CA PRO I 620 36.63 -51.64 16.13
C PRO I 620 35.21 -51.23 15.82
N PHE I 621 34.34 -52.21 15.62
CA PHE I 621 32.93 -51.94 15.34
C PHE I 621 32.38 -50.76 16.16
N ASP I 622 32.35 -50.89 17.48
CA ASP I 622 31.84 -49.84 18.33
C ASP I 622 32.37 -48.43 18.01
N THR I 623 33.65 -48.33 17.65
CA THR I 623 34.23 -47.02 17.37
C THR I 623 33.47 -46.28 16.27
N TYR I 624 33.15 -46.99 15.18
CA TYR I 624 32.40 -46.39 14.08
C TYR I 624 31.05 -45.75 14.45
N HIS I 625 30.48 -46.11 15.61
CA HIS I 625 29.21 -45.51 16.02
C HIS I 625 29.43 -44.21 16.78
N GLU I 626 30.60 -44.05 17.38
CA GLU I 626 30.88 -42.83 18.13
C GLU I 626 31.48 -41.71 17.27
N VAL I 627 31.92 -42.06 16.06
CA VAL I 627 32.53 -41.09 15.19
C VAL I 627 31.83 -40.98 13.87
N ARG I 628 32.10 -39.90 13.13
CA ARG I 628 31.48 -39.75 11.83
C ARG I 628 32.47 -40.27 10.78
N GLY I 629 32.63 -41.61 10.74
CA GLY I 629 33.52 -42.29 9.80
C GLY I 629 35.03 -42.09 10.00
N LEU I 630 35.79 -43.03 9.46
CA LEU I 630 37.27 -43.00 9.50
C LEU I 630 37.74 -43.56 8.12
N HIS I 631 38.62 -42.87 7.39
CA HIS I 631 39.02 -43.48 6.12
C HIS I 631 40.04 -44.64 6.49
N TRP I 632 39.90 -45.79 5.81
CA TRP I 632 40.68 -46.97 6.14
C TRP I 632 42.04 -47.45 5.43
N PRO I 633 42.83 -48.02 6.36
CA PRO I 633 43.83 -48.68 7.18
C PRO I 633 43.78 -47.90 8.54
N VAL I 634 42.82 -48.26 9.37
CA VAL I 634 42.71 -47.57 10.65
C VAL I 634 43.54 -48.44 11.57
N VAL I 635 44.76 -47.96 11.78
CA VAL I 635 45.73 -48.67 12.59
C VAL I 635 45.94 -47.96 13.90
N GLU I 636 45.60 -48.65 14.99
CA GLU I 636 45.71 -48.12 16.35
C GLU I 636 44.76 -46.93 16.51
N GLY I 637 43.59 -47.10 15.91
CA GLY I 637 42.58 -46.05 15.97
C GLY I 637 42.90 -44.78 15.20
N GLU I 638 43.86 -44.84 14.27
CA GLU I 638 44.23 -43.68 13.45
C GLU I 638 44.01 -43.95 11.97
N GLU I 639 43.18 -43.10 11.37
CA GLU I 639 42.83 -43.23 9.97
C GLU I 639 43.95 -42.80 9.06
N THR I 640 43.83 -43.27 7.82
CA THR I 640 44.81 -43.02 6.78
C THR I 640 44.27 -42.21 5.61
N ARG I 641 44.79 -40.99 5.46
CA ARG I 641 44.36 -40.15 4.36
C ARG I 641 45.02 -40.63 3.08
N TRP I 642 46.33 -40.43 2.99
CA TRP I 642 47.11 -40.87 1.82
C TRP I 642 47.85 -42.22 2.01
N ARG I 643 47.54 -43.16 1.10
CA ARG I 643 48.12 -44.49 1.08
C ARG I 643 49.43 -44.57 0.27
N TYR I 644 50.31 -45.50 0.67
CA TYR I 644 51.61 -45.73 0.03
C TYR I 644 52.64 -44.61 0.23
N ARG I 645 52.50 -43.82 1.28
CA ARG I 645 53.46 -42.75 1.53
C ARG I 645 53.99 -42.87 2.93
N GLU I 646 55.31 -42.97 3.05
CA GLU I 646 55.89 -43.07 4.37
C GLU I 646 55.44 -41.82 5.15
N GLY I 647 55.00 -42.03 6.39
CA GLY I 647 54.57 -40.92 7.20
C GLY I 647 53.04 -40.75 7.16
N PHE I 648 52.46 -41.00 5.99
CA PHE I 648 51.01 -40.89 5.83
C PHE I 648 50.40 -42.27 6.01
N ASP I 649 51.00 -43.26 5.34
CA ASP I 649 50.55 -44.66 5.42
C ASP I 649 51.52 -45.42 6.36
N PRO I 650 50.99 -46.16 7.36
CA PRO I 650 51.86 -46.89 8.28
C PRO I 650 52.42 -48.20 7.69
N TYR I 651 51.85 -48.62 6.56
CA TYR I 651 52.33 -49.85 5.94
C TYR I 651 53.56 -49.64 5.08
N VAL I 652 54.07 -48.41 5.14
CA VAL I 652 55.28 -48.09 4.43
C VAL I 652 56.37 -48.04 5.54
N LYS I 653 57.37 -48.93 5.41
CA LYS I 653 58.45 -49.03 6.37
C LYS I 653 59.37 -47.80 6.33
N PRO I 654 59.81 -47.34 7.52
CA PRO I 654 60.67 -46.17 7.71
C PRO I 654 61.63 -45.80 6.58
N GLY I 655 62.52 -46.70 6.21
CA GLY I 655 63.42 -46.36 5.11
C GLY I 655 62.73 -46.73 3.81
N GLU I 656 61.83 -45.88 3.29
CA GLU I 656 61.15 -46.24 2.06
C GLU I 656 60.71 -45.07 1.17
N GLY I 657 59.78 -44.25 1.66
CA GLY I 657 59.31 -43.13 0.85
C GLY I 657 57.94 -43.48 0.29
N LEU I 658 57.94 -44.26 -0.79
CA LEU I 658 56.70 -44.71 -1.43
C LEU I 658 56.91 -46.19 -1.63
N ARG I 659 55.82 -46.94 -1.69
CA ARG I 659 55.90 -48.36 -1.92
C ARG I 659 54.52 -48.92 -2.11
N PHE I 660 54.10 -49.00 -3.37
CA PHE I 660 52.78 -49.56 -3.72
C PHE I 660 52.86 -51.03 -3.33
N TYR I 661 52.78 -51.28 -2.02
CA TYR I 661 52.90 -52.61 -1.46
C TYR I 661 51.82 -53.62 -1.86
N GLY I 662 51.01 -53.25 -2.83
CA GLY I 662 49.99 -54.18 -3.27
C GLY I 662 50.75 -55.11 -4.17
N LYS I 663 51.70 -54.51 -4.88
CA LYS I 663 52.61 -55.22 -5.79
C LYS I 663 53.76 -55.77 -4.92
N PRO I 664 54.27 -56.98 -5.29
CA PRO I 664 55.37 -57.58 -4.51
C PRO I 664 56.62 -56.69 -4.57
N ASP I 665 57.04 -56.33 -5.78
CA ASP I 665 58.21 -55.50 -5.93
C ASP I 665 57.94 -54.07 -5.49
N GLY I 666 56.66 -53.76 -5.27
CA GLY I 666 56.30 -52.42 -4.84
C GLY I 666 56.48 -51.32 -5.88
N ARG I 667 56.17 -51.69 -7.14
CA ARG I 667 56.24 -50.76 -8.26
C ARG I 667 54.91 -50.80 -9.01
N ALA I 668 54.40 -49.61 -9.33
CA ALA I 668 53.14 -49.47 -10.05
C ALA I 668 53.43 -49.61 -11.54
N VAL I 669 52.50 -50.27 -12.21
CA VAL I 669 52.59 -50.52 -13.64
C VAL I 669 52.15 -49.36 -14.55
N ILE I 670 52.87 -49.14 -15.64
CA ILE I 670 52.48 -48.10 -16.60
C ILE I 670 52.13 -48.90 -17.84
N LEU I 671 50.88 -48.80 -18.28
CA LEU I 671 50.46 -49.59 -19.42
C LEU I 671 50.55 -48.87 -20.76
N GLY I 672 51.13 -49.55 -21.74
CA GLY I 672 51.22 -49.00 -23.06
C GLY I 672 49.98 -49.56 -23.72
N VAL I 673 49.02 -48.69 -24.01
CA VAL I 673 47.81 -49.20 -24.65
C VAL I 673 47.39 -48.33 -25.84
N PRO I 674 46.75 -48.94 -26.85
CA PRO I 674 46.32 -48.22 -28.06
C PRO I 674 44.86 -47.79 -28.09
N TYR I 675 44.62 -46.60 -28.63
CA TYR I 675 43.25 -46.14 -28.78
C TYR I 675 42.45 -47.16 -29.61
N GLU I 676 41.19 -47.33 -29.29
CA GLU I 676 40.39 -48.22 -30.09
C GLU I 676 39.05 -47.55 -30.21
N PRO I 677 38.22 -48.04 -31.11
CA PRO I 677 36.92 -47.38 -31.21
C PRO I 677 35.82 -48.08 -30.40
N PRO I 678 34.69 -47.38 -30.17
CA PRO I 678 33.54 -47.92 -29.45
C PRO I 678 32.86 -49.05 -30.24
N ALA I 679 32.13 -49.89 -29.51
CA ALA I 679 31.44 -51.02 -30.11
C ALA I 679 30.51 -50.58 -31.22
N GLU I 680 29.73 -49.54 -31.00
CA GLU I 680 28.81 -49.09 -32.03
C GLU I 680 28.91 -47.58 -32.22
N SER I 681 29.21 -47.15 -33.44
CA SER I 681 29.32 -45.73 -33.74
C SER I 681 28.18 -45.38 -34.70
N PRO I 682 27.82 -44.09 -34.77
CA PRO I 682 26.76 -43.68 -35.71
C PRO I 682 27.07 -43.96 -37.18
N ASP I 683 26.01 -44.35 -37.88
CA ASP I 683 26.03 -44.72 -39.29
C ASP I 683 25.30 -43.67 -40.11
N GLU I 684 24.77 -44.14 -41.23
CA GLU I 684 24.01 -43.28 -42.13
C GLU I 684 22.55 -43.49 -41.69
N GLU I 685 22.25 -44.73 -41.30
CA GLU I 685 20.87 -45.03 -40.86
C GLU I 685 20.66 -44.42 -39.44
N PHE I 686 21.61 -44.69 -38.54
CA PHE I 686 21.54 -44.19 -37.17
C PHE I 686 22.63 -43.12 -36.98
N GLY I 687 22.33 -41.87 -37.37
CA GLY I 687 23.29 -40.78 -37.27
C GLY I 687 23.66 -40.15 -35.92
N PHE I 688 22.85 -40.38 -34.88
CA PHE I 688 23.10 -39.81 -33.54
C PHE I 688 23.83 -40.66 -32.52
N TRP I 689 24.62 -39.99 -31.68
CA TRP I 689 25.31 -40.66 -30.58
C TRP I 689 24.31 -40.68 -29.42
N LEU I 690 24.13 -41.83 -28.78
CA LEU I 690 23.21 -41.89 -27.65
C LEU I 690 24.03 -41.96 -26.36
N VAL I 691 24.10 -40.81 -25.69
CA VAL I 691 24.79 -40.71 -24.40
C VAL I 691 23.69 -40.91 -23.36
N THR I 692 24.06 -41.57 -22.26
CA THR I 692 23.09 -41.88 -21.25
C THR I 692 23.62 -41.55 -19.89
N GLY I 693 22.80 -40.94 -19.04
CA GLY I 693 23.30 -40.59 -17.72
C GLY I 693 22.29 -40.29 -16.64
N ARG I 694 22.59 -39.28 -15.83
CA ARG I 694 21.71 -38.89 -14.75
C ARG I 694 21.39 -37.42 -14.67
N VAL I 695 20.62 -37.07 -13.65
CA VAL I 695 20.21 -35.70 -13.43
C VAL I 695 20.22 -35.48 -11.92
N LEU I 696 20.67 -34.29 -11.52
CA LEU I 696 20.78 -33.89 -10.09
C LEU I 696 19.63 -34.36 -9.21
N GLU I 697 18.41 -34.05 -9.63
CA GLU I 697 17.22 -34.37 -8.88
C GLU I 697 16.85 -35.86 -8.71
N HIS I 698 17.39 -36.72 -9.55
CA HIS I 698 17.01 -38.10 -9.43
C HIS I 698 18.10 -39.15 -9.25
N TRP I 699 17.79 -40.13 -8.41
CA TRP I 699 18.68 -41.25 -8.13
C TRP I 699 18.26 -42.52 -8.90
N HIS I 700 19.09 -42.90 -9.87
CA HIS I 700 18.91 -44.10 -10.72
C HIS I 700 17.53 -44.33 -11.29
N SER I 701 16.79 -45.26 -10.68
CA SER I 701 15.43 -45.63 -11.12
C SER I 701 14.40 -44.63 -10.67
N GLY I 702 14.79 -43.72 -9.79
CA GLY I 702 13.80 -42.78 -9.30
C GLY I 702 12.77 -43.44 -8.36
N SER I 703 13.00 -44.70 -7.97
CA SER I 703 12.05 -45.38 -7.08
C SER I 703 11.98 -44.64 -5.79
N MET I 704 13.01 -43.86 -5.48
CA MET I 704 12.96 -43.11 -4.24
C MET I 704 12.72 -41.66 -4.54
N THR I 705 13.51 -41.07 -5.45
CA THR I 705 13.34 -39.65 -5.70
C THR I 705 12.07 -39.31 -6.47
N LEU I 706 11.59 -40.20 -7.33
CA LEU I 706 10.35 -39.89 -8.05
C LEU I 706 9.15 -39.91 -7.09
N ARG I 707 9.42 -40.24 -5.83
CA ARG I 707 8.36 -40.26 -4.86
C ARG I 707 8.46 -39.12 -3.91
N TRP I 708 9.64 -38.49 -3.83
CA TRP I 708 9.78 -37.27 -3.02
C TRP I 708 9.17 -36.20 -3.94
N PRO I 709 8.04 -35.57 -3.54
CA PRO I 709 7.34 -34.57 -4.36
C PRO I 709 8.16 -33.42 -4.99
N GLU I 710 8.93 -32.70 -4.19
CA GLU I 710 9.69 -31.61 -4.77
C GLU I 710 10.69 -32.09 -5.84
N LEU I 711 11.22 -33.30 -5.70
CA LEU I 711 12.15 -33.80 -6.71
C LEU I 711 11.38 -34.24 -7.97
N TYR I 712 10.25 -34.89 -7.78
CA TYR I 712 9.49 -35.31 -8.92
C TYR I 712 9.11 -34.05 -9.68
N LYS I 713 8.40 -33.15 -9.00
CA LYS I 713 7.95 -31.87 -9.58
C LYS I 713 9.08 -31.16 -10.29
N ALA I 714 10.27 -31.19 -9.70
CA ALA I 714 11.44 -30.53 -10.25
C ALA I 714 11.87 -31.03 -11.61
N PHE I 715 11.54 -32.29 -11.90
CA PHE I 715 11.93 -32.97 -13.14
C PHE I 715 11.07 -34.22 -13.23
N PRO I 716 9.78 -34.06 -13.48
CA PRO I 716 8.81 -35.16 -13.56
C PRO I 716 9.15 -36.35 -14.43
N GLY I 717 9.57 -36.13 -15.65
CA GLY I 717 9.88 -37.27 -16.48
C GLY I 717 11.11 -37.09 -17.34
N ALA I 718 11.60 -38.21 -17.86
CA ALA I 718 12.78 -38.21 -18.71
C ALA I 718 12.58 -37.38 -19.98
N VAL I 719 13.69 -36.96 -20.57
CA VAL I 719 13.66 -36.11 -21.76
C VAL I 719 14.88 -36.35 -22.61
N CYS I 720 14.71 -36.19 -23.92
CA CYS I 720 15.86 -36.29 -24.82
C CYS I 720 16.54 -34.90 -25.04
N PHE I 721 17.78 -34.73 -24.59
CA PHE I 721 18.46 -33.47 -24.84
C PHE I 721 19.04 -33.54 -26.26
N MET I 722 18.75 -32.52 -27.07
CA MET I 722 19.23 -32.48 -28.45
C MET I 722 19.77 -31.08 -28.82
N HIS I 723 20.40 -30.95 -29.99
CA HIS I 723 20.92 -29.63 -30.38
C HIS I 723 19.74 -28.83 -30.93
N PRO I 724 19.70 -27.53 -30.64
CA PRO I 724 18.60 -26.70 -31.13
C PRO I 724 18.46 -26.71 -32.66
N GLU I 725 19.56 -26.96 -33.37
CA GLU I 725 19.50 -26.97 -34.84
C GLU I 725 19.27 -28.39 -35.37
N ASP I 726 19.76 -29.39 -34.65
CA ASP I 726 19.54 -30.76 -35.09
C ASP I 726 18.04 -31.02 -35.02
N ALA I 727 17.33 -30.11 -34.37
CA ALA I 727 15.88 -30.23 -34.24
C ALA I 727 15.20 -29.47 -35.37
N ARG I 728 15.51 -28.18 -35.52
CA ARG I 728 14.93 -27.35 -36.58
C ARG I 728 14.94 -28.13 -37.90
N SER I 729 16.10 -28.68 -38.25
CA SER I 729 16.29 -29.45 -39.48
C SER I 729 15.29 -30.58 -39.67
N ARG I 730 15.10 -31.42 -38.65
CA ARG I 730 14.15 -32.53 -38.77
C ARG I 730 12.71 -32.05 -38.61
N GLY I 731 12.55 -30.72 -38.51
CA GLY I 731 11.22 -30.14 -38.35
C GLY I 731 10.66 -30.38 -36.97
N LEU I 732 11.56 -30.52 -36.00
CA LEU I 732 11.23 -30.75 -34.60
C LEU I 732 11.44 -29.49 -33.77
N ASN I 733 10.62 -29.30 -32.75
CA ASN I 733 10.74 -28.15 -31.87
C ASN I 733 10.92 -28.71 -30.48
N ARG I 734 11.02 -27.80 -29.51
CA ARG I 734 11.16 -28.21 -28.13
C ARG I 734 9.79 -28.72 -27.70
N GLY I 735 9.75 -29.93 -27.13
CA GLY I 735 8.48 -30.47 -26.68
C GLY I 735 7.91 -31.53 -27.59
N SER I 736 8.45 -31.64 -28.80
CA SER I 736 7.99 -32.64 -29.77
C SER I 736 8.18 -34.03 -29.18
N GLU I 737 7.26 -34.91 -29.49
CA GLU I 737 7.37 -36.29 -29.00
C GLU I 737 8.24 -37.07 -30.01
N VAL I 738 9.47 -37.37 -29.63
CA VAL I 738 10.37 -38.07 -30.52
C VAL I 738 10.53 -39.55 -30.19
N ARG I 739 11.11 -40.27 -31.15
CA ARG I 739 11.38 -41.70 -30.98
C ARG I 739 12.88 -41.90 -31.07
N VAL I 740 13.47 -42.27 -29.94
CA VAL I 740 14.90 -42.53 -29.93
C VAL I 740 14.92 -44.00 -30.29
N ILE I 741 15.50 -44.27 -31.47
CA ILE I 741 15.54 -45.63 -32.01
C ILE I 741 16.92 -46.23 -32.25
N SER I 742 16.99 -47.54 -31.98
CA SER I 742 18.19 -48.35 -32.17
C SER I 742 17.84 -49.69 -32.82
N ARG I 743 18.87 -50.47 -33.14
CA ARG I 743 18.65 -51.78 -33.73
C ARG I 743 18.01 -52.67 -32.64
N ARG I 744 18.04 -52.17 -31.40
CA ARG I 744 17.49 -52.91 -30.27
C ARG I 744 16.15 -52.39 -29.69
N GLY I 745 15.89 -51.08 -29.80
CA GLY I 745 14.63 -50.57 -29.28
C GLY I 745 14.31 -49.09 -29.50
N GLU I 746 13.11 -48.69 -29.03
CA GLU I 746 12.63 -47.32 -29.14
C GLU I 746 12.02 -46.81 -27.85
N ILE I 747 12.06 -45.50 -27.73
CA ILE I 747 11.43 -44.82 -26.62
C ILE I 747 10.79 -43.61 -27.24
N ARG I 748 9.86 -43.05 -26.49
CA ARG I 748 9.24 -41.81 -26.84
C ARG I 748 9.61 -40.95 -25.63
N THR I 749 10.42 -39.94 -25.81
CA THR I 749 10.75 -39.03 -24.74
C THR I 749 10.37 -37.75 -25.47
N ARG I 750 10.29 -36.65 -24.78
CA ARG I 750 10.02 -35.47 -25.54
C ARG I 750 11.35 -34.78 -25.63
N LEU I 751 11.46 -33.98 -26.67
CA LEU I 751 12.67 -33.26 -26.96
C LEU I 751 12.83 -32.14 -25.99
N GLU I 752 14.07 -31.83 -25.68
CA GLU I 752 14.33 -30.67 -24.89
C GLU I 752 15.63 -30.13 -25.34
N THR I 753 15.54 -28.99 -25.99
CA THR I 753 16.73 -28.32 -26.41
C THR I 753 16.65 -27.12 -25.48
N ARG I 754 17.79 -26.52 -25.18
CA ARG I 754 17.84 -25.38 -24.28
C ARG I 754 17.68 -25.80 -22.84
N GLY I 755 18.00 -27.06 -22.55
CA GLY I 755 17.95 -27.57 -21.18
C GLY I 755 19.33 -27.38 -20.59
N ARG I 756 19.63 -28.05 -19.48
CA ARG I 756 20.95 -27.92 -18.85
C ARG I 756 22.09 -28.49 -19.71
N ASN I 757 21.84 -29.65 -20.29
CA ASN I 757 22.85 -30.26 -21.12
C ASN I 757 22.76 -29.73 -22.54
N ARG I 758 23.78 -28.99 -22.96
CA ARG I 758 23.85 -28.40 -24.29
C ARG I 758 24.64 -29.35 -25.21
N MET I 759 23.89 -30.13 -25.97
CA MET I 759 24.44 -31.12 -26.87
C MET I 759 25.17 -30.59 -28.09
N PRO I 760 26.19 -31.34 -28.57
CA PRO I 760 26.93 -30.93 -29.76
C PRO I 760 26.15 -31.58 -30.89
N ARG I 761 26.31 -31.07 -32.11
CA ARG I 761 25.57 -31.62 -33.21
C ARG I 761 25.89 -33.09 -33.38
N GLY I 762 24.84 -33.91 -33.44
CA GLY I 762 25.01 -35.34 -33.62
C GLY I 762 25.04 -36.17 -32.35
N VAL I 763 24.95 -35.50 -31.20
CA VAL I 763 24.95 -36.19 -29.91
C VAL I 763 23.68 -35.90 -29.13
N VAL I 764 23.08 -36.94 -28.57
CA VAL I 764 21.82 -36.81 -27.83
C VAL I 764 21.94 -37.45 -26.44
N PHE I 765 21.32 -36.86 -25.43
CA PHE I 765 21.43 -37.43 -24.08
C PHE I 765 20.09 -37.71 -23.42
N VAL I 766 19.91 -38.90 -22.87
CA VAL I 766 18.65 -39.19 -22.16
C VAL I 766 18.91 -39.83 -20.80
N PRO I 767 18.36 -39.24 -19.73
CA PRO I 767 18.56 -39.80 -18.38
C PRO I 767 17.64 -41.01 -18.24
N TRP I 768 18.06 -41.99 -17.46
CA TRP I 768 17.30 -43.23 -17.31
C TRP I 768 16.37 -43.42 -16.09
N PHE I 769 16.16 -42.40 -15.27
CA PHE I 769 15.32 -42.54 -14.08
C PHE I 769 13.84 -42.90 -14.27
N ASP I 770 13.34 -42.71 -15.49
CA ASP I 770 11.95 -42.93 -15.80
C ASP I 770 11.60 -44.34 -16.30
N ALA I 771 10.85 -45.11 -15.50
CA ALA I 771 10.45 -46.48 -15.92
C ALA I 771 9.47 -46.47 -17.09
N SER I 772 8.82 -45.35 -17.35
CA SER I 772 7.94 -45.29 -18.51
C SER I 772 8.86 -45.23 -19.74
N GLN I 773 10.03 -44.63 -19.55
CA GLN I 773 10.96 -44.47 -20.64
C GLN I 773 12.20 -45.34 -20.51
N LEU I 774 12.06 -46.64 -20.69
CA LEU I 774 13.23 -47.53 -20.54
C LEU I 774 14.28 -47.36 -21.67
N ILE I 775 15.26 -46.46 -21.50
CA ILE I 775 16.27 -46.26 -22.54
C ILE I 775 17.13 -47.49 -22.64
N ASN I 776 17.20 -48.25 -21.56
CA ASN I 776 18.05 -49.41 -21.62
C ASN I 776 17.60 -50.48 -22.60
N LYS I 777 16.46 -50.24 -23.26
CA LYS I 777 15.96 -51.13 -24.30
C LYS I 777 16.82 -50.76 -25.55
N VAL I 778 17.12 -49.46 -25.65
CA VAL I 778 17.87 -48.89 -26.76
C VAL I 778 19.37 -49.13 -26.69
N THR I 779 19.87 -49.28 -25.48
CA THR I 779 21.30 -49.49 -25.22
C THR I 779 21.95 -50.81 -25.66
N LEU I 780 23.22 -50.74 -26.09
CA LEU I 780 23.95 -51.93 -26.52
C LEU I 780 24.75 -52.61 -25.39
N ASP I 781 24.60 -53.93 -25.38
CA ASP I 781 25.18 -54.88 -24.46
C ASP I 781 26.71 -54.89 -24.32
N ALA I 782 27.43 -54.01 -25.00
CA ALA I 782 28.91 -54.07 -24.91
C ALA I 782 29.60 -53.73 -23.56
N ASN I 783 30.72 -54.42 -23.25
CA ASN I 783 31.48 -54.20 -22.00
C ASN I 783 32.96 -53.98 -22.25
N ASP I 784 33.69 -53.62 -21.20
CA ASP I 784 35.13 -53.50 -21.32
C ASP I 784 35.48 -54.97 -21.03
N PRO I 785 35.90 -55.70 -22.07
CA PRO I 785 36.27 -57.14 -21.98
C PRO I 785 37.12 -57.62 -20.79
N ILE I 786 37.82 -56.70 -20.11
CA ILE I 786 38.64 -57.06 -18.93
C ILE I 786 37.82 -57.00 -17.61
N SER I 787 37.18 -55.86 -17.38
CA SER I 787 36.40 -55.62 -16.18
C SER I 787 34.98 -56.13 -16.33
N ARG I 788 34.55 -56.25 -17.59
CA ARG I 788 33.18 -56.69 -17.91
C ARG I 788 32.08 -55.68 -17.50
N GLN I 789 32.48 -54.41 -17.49
CA GLN I 789 31.56 -53.30 -17.18
C GLN I 789 30.90 -52.83 -18.48
N THR I 790 29.58 -53.06 -18.62
CA THR I 790 28.88 -52.62 -19.83
C THR I 790 29.06 -51.08 -20.06
N ASP I 791 28.98 -50.67 -21.32
CA ASP I 791 29.22 -49.27 -21.69
C ASP I 791 27.90 -48.60 -22.08
N PHE I 792 27.40 -47.69 -21.21
CA PHE I 792 26.15 -47.00 -21.49
C PHE I 792 26.31 -45.60 -22.07
N LYS I 793 27.52 -45.15 -22.30
CA LYS I 793 27.66 -43.80 -22.79
C LYS I 793 27.64 -43.52 -24.29
N LYS I 794 27.56 -44.57 -25.12
CA LYS I 794 27.54 -44.37 -26.60
C LYS I 794 27.09 -45.58 -27.45
N CYS I 795 26.32 -45.26 -28.46
CA CYS I 795 25.80 -46.25 -29.42
C CYS I 795 25.09 -45.39 -30.43
N ALA I 796 24.77 -45.97 -31.58
CA ALA I 796 24.12 -45.18 -32.64
C ALA I 796 22.62 -45.23 -32.50
N VAL I 797 21.99 -44.07 -32.67
CA VAL I 797 20.53 -44.00 -32.53
C VAL I 797 19.89 -43.06 -33.54
N LYS I 798 18.68 -43.40 -33.96
CA LYS I 798 17.97 -42.55 -34.90
C LYS I 798 16.75 -41.91 -34.22
N ILE I 799 16.36 -40.69 -34.65
CA ILE I 799 15.23 -39.95 -34.04
C ILE I 799 14.17 -39.44 -35.04
N GLU I 800 12.91 -39.86 -34.83
CA GLU I 800 11.77 -39.46 -35.69
C GLU I 800 10.56 -39.02 -34.85
N ALA I 801 9.67 -38.27 -35.34
N ASP J 2 1.64 -36.78 -16.71
CA ASP J 2 1.69 -37.94 -15.76
C ASP J 2 1.16 -39.22 -16.46
N ALA J 3 2.12 -40.13 -16.73
CA ALA J 3 1.85 -41.36 -17.47
C ALA J 3 2.27 -42.66 -16.79
N PRO J 4 2.30 -43.82 -17.52
CA PRO J 4 2.61 -45.11 -16.90
C PRO J 4 3.61 -45.03 -15.79
N ARG J 5 3.05 -45.07 -14.58
CA ARG J 5 3.81 -44.98 -13.35
C ARG J 5 5.25 -45.13 -13.74
N LEU J 6 5.90 -43.98 -13.93
CA LEU J 6 7.30 -43.96 -14.26
C LEU J 6 7.89 -44.79 -13.11
N THR J 7 7.02 -45.15 -12.17
CA THR J 7 7.39 -45.95 -11.02
C THR J 7 7.20 -47.47 -11.28
N GLY J 8 6.12 -47.88 -11.95
CA GLY J 8 5.87 -49.31 -12.20
C GLY J 8 5.90 -49.81 -13.65
N ALA J 9 5.83 -48.92 -14.63
CA ALA J 9 5.85 -49.26 -16.07
C ALA J 9 4.80 -50.31 -16.49
N ASP J 10 3.81 -49.88 -17.26
CA ASP J 10 2.73 -50.79 -17.70
C ASP J 10 3.32 -51.93 -18.50
N ARG J 11 2.75 -53.15 -18.38
CA ARG J 11 3.22 -54.37 -19.09
C ARG J 11 4.52 -53.99 -19.81
N PRO J 12 5.61 -53.83 -19.01
CA PRO J 12 6.93 -53.41 -19.46
C PRO J 12 7.36 -53.56 -20.90
N MET J 13 8.02 -52.50 -21.37
CA MET J 13 8.59 -52.46 -22.70
C MET J 13 7.59 -52.48 -23.84
N SER J 14 6.31 -52.50 -23.47
CA SER J 14 5.21 -52.52 -24.43
C SER J 14 5.23 -51.44 -25.53
N GLU J 15 5.31 -50.18 -25.11
CA GLU J 15 5.34 -48.98 -25.97
C GLU J 15 4.45 -48.00 -25.23
N VAL J 16 5.07 -46.91 -24.78
CA VAL J 16 4.36 -45.90 -24.02
C VAL J 16 4.46 -44.53 -24.64
N ALA J 17 3.36 -43.79 -24.55
CA ALA J 17 3.33 -42.42 -25.05
C ALA J 17 3.83 -41.50 -23.92
N ALA J 18 4.70 -40.56 -24.29
CA ALA J 18 5.26 -39.66 -23.31
C ALA J 18 4.50 -38.34 -23.26
N PRO J 19 3.87 -38.05 -22.11
CA PRO J 19 3.11 -36.81 -21.91
C PRO J 19 3.99 -35.63 -22.27
N PRO J 20 3.38 -34.47 -22.55
CA PRO J 20 4.14 -33.29 -22.91
C PRO J 20 4.82 -32.61 -21.71
N LEU J 21 5.98 -32.02 -21.98
CA LEU J 21 6.76 -31.35 -20.96
C LEU J 21 5.81 -30.57 -20.09
N PRO J 22 5.99 -30.67 -18.75
CA PRO J 22 5.14 -29.94 -17.82
C PRO J 22 5.73 -28.54 -17.77
N GLU J 23 4.90 -27.55 -17.44
CA GLU J 23 5.45 -26.23 -17.42
C GLU J 23 5.88 -25.75 -16.05
N THR J 24 7.03 -25.09 -16.05
CA THR J 24 7.63 -24.53 -14.87
C THR J 24 6.67 -23.54 -14.25
N ILE J 25 6.78 -23.39 -12.93
CA ILE J 25 5.93 -22.47 -12.20
C ILE J 25 6.67 -21.17 -11.98
N THR J 26 6.22 -20.17 -12.73
CA THR J 26 6.80 -18.84 -12.72
C THR J 26 6.11 -17.88 -11.77
N ASP J 27 4.94 -18.29 -11.26
CA ASP J 27 4.18 -17.48 -10.31
C ASP J 27 5.09 -17.28 -9.09
N ASP J 28 5.59 -16.07 -8.94
CA ASP J 28 6.58 -15.73 -7.91
C ASP J 28 6.23 -15.88 -6.44
N ARG J 29 5.45 -16.91 -6.10
CA ARG J 29 5.05 -17.15 -4.71
C ARG J 29 5.95 -18.14 -3.96
N ARG J 30 6.62 -17.66 -2.90
CA ARG J 30 7.49 -18.52 -2.10
C ARG J 30 6.61 -19.64 -1.58
N VAL J 31 7.18 -20.83 -1.36
CA VAL J 31 6.33 -21.96 -0.97
C VAL J 31 6.10 -22.38 0.48
N GLY J 32 7.12 -22.35 1.33
CA GLY J 32 6.88 -22.73 2.72
C GLY J 32 7.29 -24.15 3.01
N ARG J 33 8.22 -24.27 3.94
CA ARG J 33 8.79 -25.56 4.23
C ARG J 33 8.36 -26.18 5.55
N ASN J 34 8.88 -27.36 5.86
CA ASN J 34 8.51 -28.10 7.05
C ASN J 34 9.58 -28.12 8.13
N TYR J 35 10.84 -28.10 7.72
CA TYR J 35 11.90 -28.08 8.72
C TYR J 35 12.92 -27.08 8.31
N PRO J 36 13.69 -26.54 9.27
CA PRO J 36 14.70 -25.54 8.91
C PRO J 36 15.50 -26.32 7.91
N GLU J 37 16.60 -25.81 7.39
CA GLU J 37 17.36 -26.59 6.42
C GLU J 37 16.60 -27.36 5.32
N GLN J 38 15.32 -27.12 5.07
CA GLN J 38 14.71 -27.78 3.92
C GLN J 38 14.89 -26.75 2.81
N PRO J 39 15.77 -27.01 1.83
CA PRO J 39 15.98 -26.03 0.76
C PRO J 39 14.72 -25.47 0.11
N PRO J 40 14.52 -24.13 0.18
CA PRO J 40 13.37 -23.47 -0.44
C PRO J 40 13.36 -23.85 -1.90
N VAL J 41 12.18 -23.95 -2.49
CA VAL J 41 12.04 -24.28 -3.89
C VAL J 41 12.07 -22.92 -4.65
N ILE J 42 12.60 -22.89 -5.87
CA ILE J 42 12.66 -21.63 -6.64
C ILE J 42 11.30 -21.31 -7.28
N PRO J 43 10.65 -20.23 -6.80
CA PRO J 43 9.34 -19.80 -7.29
C PRO J 43 9.36 -19.04 -8.57
N HIS J 44 10.53 -18.76 -9.11
CA HIS J 44 10.59 -18.03 -10.37
C HIS J 44 11.36 -18.81 -11.42
N SER J 45 11.59 -18.23 -12.57
CA SER J 45 12.30 -18.97 -13.62
C SER J 45 13.81 -18.94 -13.46
N ILE J 46 14.47 -19.87 -14.12
CA ILE J 46 15.90 -19.97 -14.11
C ILE J 46 16.42 -19.66 -15.50
N GLU J 47 15.92 -20.40 -16.49
CA GLU J 47 16.27 -20.26 -17.90
C GLU J 47 17.63 -19.64 -18.28
N GLY J 48 17.60 -18.35 -18.58
CA GLY J 48 18.81 -17.66 -19.01
C GLY J 48 19.87 -17.39 -17.98
N TYR J 49 19.57 -17.68 -16.72
CA TYR J 49 20.49 -17.41 -15.63
C TYR J 49 21.73 -18.26 -15.71
N GLN J 50 22.88 -17.60 -15.65
CA GLN J 50 24.15 -18.27 -15.74
C GLN J 50 24.89 -18.37 -14.42
N LEU J 51 25.45 -19.55 -14.18
CA LEU J 51 26.25 -19.80 -12.98
C LEU J 51 27.55 -20.38 -13.54
N SER J 52 28.61 -19.58 -13.53
CA SER J 52 29.86 -20.02 -14.12
C SER J 52 31.00 -19.43 -13.35
N VAL J 53 32.21 -19.64 -13.87
CA VAL J 53 33.43 -19.16 -13.24
C VAL J 53 33.44 -17.66 -13.26
N ASN J 54 32.73 -17.11 -14.24
CA ASN J 54 32.74 -15.67 -14.40
C ASN J 54 31.53 -14.92 -13.91
N ALA J 55 30.43 -15.62 -13.74
CA ALA J 55 29.24 -14.93 -13.28
C ALA J 55 28.25 -15.81 -12.51
N ASN J 56 27.46 -15.17 -11.66
CA ASN J 56 26.44 -15.88 -10.90
C ASN J 56 25.22 -14.98 -10.87
N ARG J 57 24.30 -15.22 -11.80
CA ARG J 57 23.12 -14.38 -11.91
C ARG J 57 22.37 -14.20 -10.61
N CYS J 58 22.26 -15.27 -9.85
CA CYS J 58 21.52 -15.25 -8.61
C CYS J 58 22.07 -14.30 -7.57
N LEU J 59 23.38 -14.22 -7.42
CA LEU J 59 23.91 -13.34 -6.42
C LEU J 59 23.69 -11.90 -6.73
N GLU J 60 23.05 -11.64 -7.86
CA GLU J 60 22.75 -10.26 -8.26
C GLU J 60 21.52 -9.76 -7.55
N CYS J 61 20.67 -10.68 -7.16
CA CYS J 61 19.47 -10.31 -6.47
C CYS J 61 19.50 -10.88 -5.05
N HIS J 62 20.22 -11.97 -4.85
CA HIS J 62 20.22 -12.62 -3.57
C HIS J 62 21.45 -12.32 -2.82
N ARG J 63 21.39 -11.22 -2.09
CA ARG J 63 22.53 -10.72 -1.33
C ARG J 63 22.06 -9.96 -0.09
N ARG J 64 22.99 -9.52 0.74
CA ARG J 64 22.59 -8.75 1.90
C ARG J 64 23.26 -7.39 1.85
N GLN J 65 22.56 -6.32 2.20
CA GLN J 65 23.23 -5.02 2.11
C GLN J 65 23.80 -4.60 3.45
N TYR J 66 24.98 -4.00 3.39
CA TYR J 66 25.60 -3.51 4.60
C TYR J 66 26.01 -2.04 4.48
N SER J 67 27.31 -1.78 4.39
CA SER J 67 27.82 -0.41 4.40
C SER J 67 26.87 0.63 5.04
N GLY J 68 26.22 0.20 6.12
CA GLY J 68 25.35 1.06 6.89
C GLY J 68 23.90 1.16 6.48
N LEU J 69 23.61 0.76 5.25
CA LEU J 69 22.26 0.84 4.71
C LEU J 69 21.38 -0.34 5.06
N VAL J 70 20.07 -0.14 4.94
CA VAL J 70 19.09 -1.17 5.23
C VAL J 70 18.22 -1.52 4.04
N ALA J 71 18.28 -2.80 3.66
CA ALA J 71 17.47 -3.34 2.57
C ALA J 71 17.01 -4.69 3.05
N ALA J 72 16.04 -5.26 2.35
CA ALA J 72 15.48 -6.55 2.74
C ALA J 72 16.44 -7.66 2.38
N PRO J 73 16.75 -8.55 3.34
CA PRO J 73 17.65 -9.69 3.14
C PRO J 73 17.16 -10.68 2.09
N MET J 74 18.08 -11.12 1.23
CA MET J 74 17.76 -12.07 0.17
C MET J 74 18.45 -13.45 0.17
N ILE J 75 19.31 -13.69 1.16
CA ILE J 75 19.97 -14.98 1.39
C ILE J 75 20.23 -14.95 2.88
N SER J 76 20.18 -16.13 3.48
CA SER J 76 20.40 -16.31 4.90
C SER J 76 21.90 -16.29 5.11
N ILE J 77 22.33 -15.74 6.24
CA ILE J 77 23.73 -15.60 6.47
C ILE J 77 24.48 -16.92 6.62
N THR J 78 23.72 -18.01 6.64
CA THR J 78 24.31 -19.32 6.75
C THR J 78 25.06 -19.63 5.47
N HIS J 79 24.73 -18.92 4.39
CA HIS J 79 25.42 -19.12 3.11
C HIS J 79 26.73 -18.31 3.14
N PHE J 80 27.07 -17.74 4.28
CA PHE J 80 28.32 -16.99 4.40
C PHE J 80 29.37 -17.81 5.15
N GLN J 81 28.99 -18.93 5.77
CA GLN J 81 29.96 -19.71 6.53
C GLN J 81 30.76 -20.65 5.64
N ASP J 82 32.05 -20.73 5.94
CA ASP J 82 32.93 -21.61 5.18
C ASP J 82 33.03 -22.95 5.90
N ARG J 83 33.63 -23.92 5.23
CA ARG J 83 33.89 -25.24 5.82
C ARG J 83 34.52 -24.75 7.11
N GLU J 84 34.23 -25.38 8.25
CA GLU J 84 34.75 -24.89 9.55
C GLU J 84 33.77 -23.90 10.21
N GLY J 85 32.64 -23.65 9.55
CA GLY J 85 31.61 -22.78 10.08
C GLY J 85 31.89 -21.30 10.27
N GLN J 86 33.12 -20.85 9.99
CA GLN J 86 33.43 -19.44 10.16
C GLN J 86 32.56 -18.58 9.27
N MET J 87 32.20 -17.39 9.74
CA MET J 87 31.38 -16.56 8.88
C MET J 87 32.15 -15.47 8.14
N LEU J 88 32.28 -15.71 6.83
CA LEU J 88 32.97 -14.80 5.94
C LEU J 88 32.18 -13.52 5.76
N ALA J 89 32.79 -12.50 5.18
CA ALA J 89 32.11 -11.26 4.98
C ALA J 89 31.25 -11.19 3.72
N ASP J 90 30.80 -12.33 3.20
CA ASP J 90 29.97 -12.39 1.99
C ASP J 90 29.77 -13.86 1.67
N VAL J 91 28.79 -14.19 0.83
CA VAL J 91 28.53 -15.58 0.46
C VAL J 91 29.80 -16.38 0.18
N SER J 92 29.94 -17.57 0.77
CA SER J 92 31.16 -18.32 0.51
C SER J 92 31.07 -19.13 -0.76
N PRO J 93 32.22 -19.38 -1.39
CA PRO J 93 32.33 -20.13 -2.64
C PRO J 93 31.71 -21.51 -2.60
N ARG J 94 31.71 -22.16 -1.45
CA ARG J 94 31.02 -23.45 -1.38
C ARG J 94 29.70 -22.71 -1.32
N ARG J 95 28.64 -23.22 -1.95
CA ARG J 95 27.34 -22.51 -2.00
C ARG J 95 27.21 -21.69 -3.29
N TYR J 96 28.33 -21.39 -3.95
CA TYR J 96 28.30 -20.62 -5.18
C TYR J 96 27.33 -21.26 -6.17
N PHE J 97 27.51 -22.53 -6.48
CA PHE J 97 26.56 -23.12 -7.39
C PHE J 97 25.30 -23.47 -6.61
N CYS J 98 24.31 -22.58 -6.66
CA CYS J 98 23.04 -22.76 -5.98
C CYS J 98 22.24 -23.89 -6.61
N THR J 99 22.12 -23.89 -7.94
CA THR J 99 21.33 -24.93 -8.60
C THR J 99 21.50 -26.36 -8.04
N ALA J 100 22.52 -26.53 -7.19
CA ALA J 100 22.81 -27.83 -6.58
C ALA J 100 21.85 -28.20 -5.45
N CYS J 101 21.35 -27.20 -4.75
CA CYS J 101 20.42 -27.41 -3.64
C CYS J 101 19.04 -26.87 -3.94
N HIS J 102 18.99 -25.72 -4.60
CA HIS J 102 17.72 -25.08 -4.91
C HIS J 102 17.21 -25.49 -6.27
N VAL J 103 15.99 -26.01 -6.23
CA VAL J 103 15.33 -26.53 -7.40
C VAL J 103 14.03 -25.80 -7.71
N PRO J 104 13.76 -25.54 -8.99
CA PRO J 104 12.51 -24.86 -9.37
C PRO J 104 11.47 -25.95 -9.49
N GLN J 105 10.22 -25.60 -9.75
CA GLN J 105 9.22 -26.65 -9.83
C GLN J 105 8.21 -26.53 -10.93
N THR J 106 7.62 -27.65 -11.33
CA THR J 106 6.62 -27.64 -12.39
C THR J 106 5.27 -28.09 -11.88
N ASN J 107 4.29 -28.00 -12.77
CA ASN J 107 2.93 -28.43 -12.46
C ASN J 107 2.99 -29.91 -12.78
N ALA J 108 3.19 -30.74 -11.77
CA ALA J 108 3.27 -32.16 -12.07
C ALA J 108 2.59 -32.84 -10.95
N GLN J 109 1.73 -33.80 -11.26
CA GLN J 109 1.04 -34.50 -10.21
C GLN J 109 1.90 -35.65 -9.74
N PRO J 110 2.21 -35.65 -8.44
CA PRO J 110 3.02 -36.72 -7.84
C PRO J 110 2.32 -38.01 -8.19
N LEU J 111 3.06 -38.99 -8.67
CA LEU J 111 2.46 -40.25 -9.07
C LEU J 111 1.96 -41.07 -7.88
N VAL J 112 2.32 -40.64 -6.68
CA VAL J 112 1.98 -41.36 -5.46
C VAL J 112 2.11 -40.39 -4.28
N THR J 113 1.19 -40.43 -3.33
CA THR J 113 1.31 -39.49 -2.23
C THR J 113 2.44 -39.89 -1.31
N ASN J 114 3.06 -38.89 -0.68
CA ASN J 114 4.17 -39.14 0.22
C ASN J 114 3.72 -38.82 1.64
N GLU J 115 3.67 -39.84 2.49
CA GLU J 115 3.20 -39.66 3.86
C GLU J 115 4.24 -39.13 4.86
N PHE J 116 5.10 -38.25 4.37
CA PHE J 116 6.10 -37.63 5.25
C PHE J 116 5.30 -36.72 6.21
N ARG J 117 5.64 -36.74 7.49
CA ARG J 117 4.92 -35.91 8.45
C ARG J 117 5.71 -34.69 8.96
N ASP J 118 4.98 -33.63 9.28
CA ASP J 118 5.56 -32.39 9.79
C ASP J 118 6.03 -32.51 11.26
N MET J 119 7.09 -31.80 11.65
CA MET J 119 7.56 -31.89 13.04
C MET J 119 6.53 -31.52 14.10
N LEU J 120 5.80 -30.42 13.92
CA LEU J 120 4.77 -30.05 14.89
C LEU J 120 3.53 -30.62 14.27
N THR J 121 2.66 -31.24 15.05
CA THR J 121 1.43 -31.80 14.46
C THR J 121 1.78 -32.84 13.40
N LEU J 122 2.30 -33.99 13.83
CA LEU J 122 2.70 -35.06 12.92
C LEU J 122 1.63 -35.44 11.88
N MET J 123 1.12 -34.42 11.19
CA MET J 123 0.12 -34.51 10.14
C MET J 123 0.91 -34.55 8.84
N PRO J 124 0.44 -35.31 7.83
CA PRO J 124 1.16 -35.36 6.56
C PRO J 124 1.39 -33.95 6.05
N ALA J 125 2.64 -33.59 5.80
CA ALA J 125 3.02 -32.25 5.33
C ALA J 125 2.25 -31.69 4.15
N SER J 126 1.94 -30.39 4.23
CA SER J 126 1.27 -29.71 3.13
C SER J 126 1.80 -28.28 3.11
N ASN J 127 2.37 -27.89 1.95
CA ASN J 127 3.03 -26.60 1.72
C ASN J 127 2.20 -25.59 0.90
N GLU J 128 1.77 -25.97 -0.21
N ILE K 12 10.75 30.32 -22.77
CA ILE K 12 10.58 30.36 -24.26
C ILE K 12 11.82 30.85 -25.04
N ARG K 13 12.44 31.98 -24.65
CA ARG K 13 13.61 32.49 -25.40
C ARG K 13 14.92 32.44 -24.65
N TRP K 14 15.84 31.65 -25.21
CA TRP K 14 17.14 31.44 -24.62
C TRP K 14 18.25 32.31 -25.15
N SER K 15 18.91 33.00 -24.24
CA SER K 15 20.01 33.88 -24.59
C SER K 15 21.28 33.50 -23.87
N LYS K 16 22.39 33.72 -24.57
CA LYS K 16 23.75 33.43 -24.11
C LYS K 16 24.19 34.48 -23.08
N ALA K 17 24.92 34.07 -22.04
CA ALA K 17 25.44 35.01 -21.02
C ALA K 17 26.39 34.36 -20.01
N PRO K 18 27.43 35.08 -19.58
CA PRO K 18 28.38 34.53 -18.64
C PRO K 18 27.91 34.69 -17.19
N CYS K 19 28.11 33.66 -16.35
CA CYS K 19 27.69 33.68 -14.95
C CYS K 19 28.11 34.97 -14.28
N ARG K 20 27.24 35.54 -13.49
CA ARG K 20 27.54 36.80 -12.85
C ARG K 20 28.38 36.71 -11.59
N PHE K 21 28.90 35.52 -11.30
CA PHE K 21 29.71 35.34 -10.09
C PHE K 21 31.15 35.04 -10.45
N CYS K 22 31.64 33.94 -9.89
CA CYS K 22 32.95 33.32 -10.11
C CYS K 22 33.87 33.79 -11.26
N GLY K 23 35.17 33.75 -11.06
CA GLY K 23 36.10 34.12 -12.11
C GLY K 23 36.35 32.95 -13.08
N THR K 24 35.71 31.81 -12.82
CA THR K 24 35.82 30.66 -13.71
C THR K 24 35.24 31.13 -15.04
N GLY K 25 34.02 31.68 -15.00
CA GLY K 25 33.39 32.21 -16.20
C GLY K 25 32.55 31.27 -17.05
N CYS K 26 31.72 30.45 -16.43
CA CYS K 26 30.92 29.48 -17.15
C CYS K 26 29.86 30.20 -17.93
N GLY K 27 29.45 29.59 -19.03
CA GLY K 27 28.44 30.19 -19.86
C GLY K 27 27.10 29.68 -19.39
N VAL K 28 26.14 30.58 -19.36
CA VAL K 28 24.80 30.23 -18.95
C VAL K 28 23.88 30.58 -20.09
N MET K 29 22.76 29.89 -20.16
CA MET K 29 21.79 30.21 -21.18
C MET K 29 20.56 30.69 -20.44
N VAL K 30 20.30 32.00 -20.54
CA VAL K 30 19.21 32.63 -19.83
C VAL K 30 17.89 32.49 -20.57
N GLY K 31 16.90 31.99 -19.82
CA GLY K 31 15.59 31.77 -20.36
C GLY K 31 14.75 32.98 -20.05
N THR K 32 14.12 33.48 -21.09
CA THR K 32 13.36 34.68 -20.94
C THR K 32 11.94 34.61 -21.44
N ARG K 33 11.01 35.15 -20.65
CA ARG K 33 9.59 35.16 -21.01
C ARG K 33 8.94 36.41 -20.45
N ASP K 34 8.18 37.12 -21.29
CA ASP K 34 7.50 38.34 -20.85
C ASP K 34 8.36 39.30 -20.05
N GLY K 35 9.54 39.62 -20.57
CA GLY K 35 10.43 40.56 -19.87
C GLY K 35 10.94 40.03 -18.55
N GLN K 36 10.89 38.72 -18.37
CA GLN K 36 11.33 38.08 -17.14
C GLN K 36 12.29 36.92 -17.35
N VAL K 37 13.26 36.76 -16.45
CA VAL K 37 14.17 35.63 -16.58
C VAL K 37 13.40 34.53 -15.88
N VAL K 38 13.07 33.45 -16.55
CA VAL K 38 12.30 32.43 -15.89
C VAL K 38 13.03 31.10 -15.77
N ALA K 39 14.27 31.07 -16.24
CA ALA K 39 15.10 29.87 -16.20
C ALA K 39 16.57 30.21 -16.44
N THR K 40 17.45 29.38 -15.90
CA THR K 40 18.89 29.57 -16.01
C THR K 40 19.54 28.21 -16.21
N HIS K 41 19.94 27.86 -17.43
CA HIS K 41 20.57 26.58 -17.68
C HIS K 41 22.03 26.69 -18.04
N GLY K 42 22.71 25.55 -18.13
CA GLY K 42 24.12 25.55 -18.47
C GLY K 42 24.28 25.58 -19.99
N ASP K 43 25.22 26.40 -20.44
CA ASP K 43 25.48 26.55 -21.86
C ASP K 43 26.36 25.44 -22.42
N THR K 44 25.77 24.46 -23.10
CA THR K 44 26.55 23.36 -23.60
C THR K 44 27.51 23.74 -24.70
N GLN K 45 27.40 24.95 -25.23
CA GLN K 45 28.29 25.36 -26.30
C GLN K 45 29.48 26.17 -25.79
N ALA K 46 29.53 26.37 -24.47
CA ALA K 46 30.60 27.16 -23.86
C ALA K 46 31.77 26.28 -23.50
N GLU K 47 33.01 26.66 -23.87
CA GLU K 47 34.19 25.84 -23.57
C GLU K 47 34.48 25.75 -22.10
N VAL K 48 34.25 26.81 -21.36
CA VAL K 48 34.57 26.77 -19.95
C VAL K 48 33.91 25.61 -19.25
N ASN K 49 32.59 25.67 -19.09
CA ASN K 49 31.81 24.67 -18.38
C ASN K 49 31.20 23.55 -19.21
N ARG K 50 30.69 23.89 -20.38
CA ARG K 50 30.07 22.89 -21.23
C ARG K 50 28.80 22.28 -20.61
N GLY K 51 27.79 23.12 -20.41
CA GLY K 51 26.52 22.68 -19.85
C GLY K 51 26.41 22.47 -18.35
N LEU K 52 27.49 22.77 -17.61
CA LEU K 52 27.50 22.58 -16.15
C LEU K 52 27.74 23.86 -15.39
N ASN K 53 26.98 24.06 -14.33
CA ASN K 53 27.13 25.24 -13.47
C ASN K 53 27.20 24.72 -12.07
N CYS K 54 27.17 25.60 -11.08
CA CYS K 54 27.19 25.14 -9.70
C CYS K 54 25.96 25.74 -9.06
N VAL K 55 25.71 25.43 -7.78
CA VAL K 55 24.49 25.92 -7.20
C VAL K 55 24.21 27.35 -7.55
N LYS K 56 25.14 28.24 -7.23
CA LYS K 56 24.92 29.64 -7.52
C LYS K 56 24.59 29.91 -8.96
N GLY K 57 25.18 29.13 -9.86
CA GLY K 57 24.96 29.36 -11.28
C GLY K 57 23.54 29.11 -11.71
N TYR K 58 23.05 27.93 -11.40
CA TYR K 58 21.69 27.55 -11.75
C TYR K 58 20.68 28.51 -11.12
N PHE K 59 21.03 29.13 -10.00
CA PHE K 59 20.11 30.04 -9.37
C PHE K 59 20.35 31.48 -9.75
N LEU K 60 20.93 31.69 -10.92
CA LEU K 60 21.14 33.06 -11.38
C LEU K 60 19.76 33.64 -11.64
N SER K 61 18.84 32.79 -12.02
CA SER K 61 17.50 33.22 -12.32
C SER K 61 16.85 34.05 -11.23
N LYS K 62 17.20 33.78 -9.99
CA LYS K 62 16.57 34.47 -8.87
C LYS K 62 17.33 35.61 -8.26
N ILE K 63 18.41 36.05 -8.91
CA ILE K 63 19.28 37.09 -8.37
C ILE K 63 18.84 38.52 -8.49
N MET K 64 18.17 38.85 -9.57
CA MET K 64 17.74 40.22 -9.76
C MET K 64 16.34 40.44 -9.18
N TYR K 65 15.82 39.46 -8.49
CA TYR K 65 14.45 39.59 -8.06
C TYR K 65 14.08 39.72 -6.61
N GLY K 66 15.02 40.07 -5.75
CA GLY K 66 14.67 40.28 -4.36
C GLY K 66 13.69 41.46 -4.35
N GLU K 67 12.78 41.54 -3.39
CA GLU K 67 11.80 42.63 -3.40
C GLU K 67 12.35 43.99 -3.02
N ASP K 68 13.64 44.02 -2.68
CA ASP K 68 14.31 45.25 -2.29
C ASP K 68 14.83 46.09 -3.43
N ARG K 69 15.13 45.44 -4.55
CA ARG K 69 15.71 46.12 -5.67
C ARG K 69 15.49 47.61 -5.58
N LEU K 70 16.57 48.38 -5.39
CA LEU K 70 16.50 49.85 -5.30
C LEU K 70 15.92 50.32 -6.62
N THR K 71 14.96 51.24 -6.55
CA THR K 71 14.28 51.73 -7.74
C THR K 71 14.35 53.23 -7.93
N THR K 72 14.77 53.94 -6.90
CA THR K 72 14.85 55.39 -6.94
C THR K 72 16.10 55.87 -6.25
N PRO K 73 16.72 56.92 -6.78
CA PRO K 73 17.90 57.38 -6.08
C PRO K 73 17.42 57.83 -4.70
N LEU K 74 18.26 57.66 -3.67
CA LEU K 74 17.92 58.06 -2.31
C LEU K 74 18.95 59.01 -1.67
N LEU K 75 18.54 60.27 -1.48
CA LEU K 75 19.41 61.25 -0.85
C LEU K 75 19.05 61.40 0.64
N ARG K 76 20.02 61.80 1.46
CA ARG K 76 19.76 62.01 2.88
C ARG K 76 19.14 63.39 3.17
N MET K 77 17.83 63.42 2.96
CA MET K 77 16.94 64.58 3.08
C MET K 77 16.59 65.09 1.67
N LYS K 78 15.32 64.87 1.30
CA LYS K 78 14.73 65.29 0.03
C LYS K 78 14.77 66.83 0.01
N ASP K 79 14.00 67.45 0.91
CA ASP K 79 13.96 68.90 1.07
C ASP K 79 14.29 69.19 2.53
N GLY K 80 14.80 70.36 2.78
CA GLY K 80 15.22 70.69 4.12
C GLY K 80 16.70 70.80 3.77
N VAL K 81 16.99 70.44 2.51
CA VAL K 81 18.32 70.51 1.89
C VAL K 81 18.98 69.13 1.72
N TYR K 82 19.77 68.72 2.69
CA TYR K 82 20.52 67.47 2.66
C TYR K 82 21.44 67.59 3.88
N HIS K 83 21.37 66.60 4.75
CA HIS K 83 22.18 66.65 5.95
C HIS K 83 22.77 65.28 6.23
N LYS K 84 24.09 65.23 6.37
CA LYS K 84 24.71 63.97 6.67
C LYS K 84 24.33 63.74 8.14
N GLU K 85 23.46 62.76 8.37
CA GLU K 85 22.92 62.41 9.70
C GLU K 85 21.40 62.58 9.46
N GLY K 86 21.02 62.56 8.19
CA GLY K 86 19.63 62.74 7.80
C GLY K 86 18.78 61.49 7.76
N GLU K 87 17.90 61.49 6.77
CA GLU K 87 16.95 60.42 6.54
C GLU K 87 17.34 59.98 5.14
N PHE K 88 16.51 59.14 4.51
CA PHE K 88 16.80 58.75 3.14
C PHE K 88 15.51 59.03 2.42
N ALA K 89 15.58 59.81 1.36
CA ALA K 89 14.38 60.15 0.63
C ALA K 89 14.46 59.94 -0.87
N PRO K 90 13.34 59.59 -1.49
CA PRO K 90 13.24 59.37 -2.92
C PRO K 90 13.66 60.68 -3.50
N VAL K 91 14.12 60.69 -4.73
CA VAL K 91 14.59 61.95 -5.32
C VAL K 91 14.87 61.65 -6.79
N SER K 92 14.52 62.57 -7.67
CA SER K 92 14.71 62.36 -9.10
C SER K 92 16.17 62.17 -9.45
N TRP K 93 16.42 61.60 -10.63
CA TRP K 93 17.81 61.38 -11.07
C TRP K 93 18.48 62.76 -11.17
N ASP K 94 17.81 63.66 -11.88
CA ASP K 94 18.29 65.02 -12.07
C ASP K 94 18.65 65.61 -10.70
N GLU K 95 17.70 65.57 -9.78
CA GLU K 95 17.93 66.10 -8.45
C GLU K 95 19.17 65.46 -7.87
N ALA K 96 19.18 64.13 -7.89
CA ALA K 96 20.27 63.33 -7.37
C ALA K 96 21.64 63.76 -7.92
N PHE K 97 21.68 64.00 -9.23
CA PHE K 97 22.91 64.45 -9.88
C PHE K 97 23.23 65.92 -9.52
N ASP K 98 22.19 66.74 -9.45
CA ASP K 98 22.34 68.14 -9.12
C ASP K 98 23.16 68.26 -7.83
N VAL K 99 22.72 67.53 -6.80
CA VAL K 99 23.37 67.54 -5.50
C VAL K 99 24.78 66.92 -5.52
N MET K 100 24.86 65.80 -6.22
CA MET K 100 26.07 65.02 -6.33
C MET K 100 27.11 65.76 -7.17
N ALA K 101 26.65 66.64 -8.05
CA ALA K 101 27.57 67.39 -8.89
C ALA K 101 28.12 68.56 -8.10
N ALA K 102 27.24 69.21 -7.35
CA ALA K 102 27.64 70.37 -6.54
C ALA K 102 28.71 69.98 -5.56
N GLN K 103 28.49 68.89 -4.83
CA GLN K 103 29.47 68.43 -3.84
C GLN K 103 30.82 68.22 -4.50
N ALA K 104 30.78 67.62 -5.69
CA ALA K 104 31.98 67.35 -6.47
C ALA K 104 32.70 68.65 -6.76
N LYS K 105 32.07 69.52 -7.56
CA LYS K 105 32.64 70.82 -7.94
C LYS K 105 33.34 71.52 -6.78
N LEU K 106 32.69 71.56 -5.61
CA LEU K 106 33.26 72.18 -4.42
C LEU K 106 34.60 71.55 -4.05
N VAL K 107 34.57 70.28 -3.66
CA VAL K 107 35.76 69.51 -3.29
C VAL K 107 36.85 69.70 -4.33
N LEU K 108 36.42 69.73 -5.59
CA LEU K 108 37.28 69.90 -6.75
C LEU K 108 37.75 71.37 -6.89
N LYS K 109 37.74 72.10 -5.77
CA LYS K 109 38.16 73.51 -5.72
C LYS K 109 38.79 73.88 -4.39
N GLU K 110 38.56 73.08 -3.38
CA GLU K 110 39.15 73.34 -2.08
C GLU K 110 40.40 72.50 -1.89
N LYS K 111 40.38 71.29 -2.42
CA LYS K 111 41.50 70.37 -2.31
C LYS K 111 41.85 69.75 -3.66
N ALA K 112 40.93 69.90 -4.62
CA ALA K 112 41.14 69.40 -5.98
C ALA K 112 41.14 67.87 -6.21
N PRO K 113 41.55 67.41 -7.43
CA PRO K 113 41.54 65.98 -7.74
C PRO K 113 42.00 64.98 -6.70
N GLU K 114 43.10 65.26 -6.02
CA GLU K 114 43.59 64.32 -5.02
C GLU K 114 42.61 64.21 -3.83
N ALA K 115 41.39 64.75 -4.01
CA ALA K 115 40.34 64.70 -2.97
C ALA K 115 39.04 63.99 -3.44
N VAL K 116 38.90 63.78 -4.76
CA VAL K 116 37.74 63.04 -5.28
C VAL K 116 38.33 61.61 -5.43
N GLY K 117 37.48 60.60 -5.19
CA GLY K 117 37.91 59.22 -5.32
C GLY K 117 36.82 58.21 -5.72
N MET K 118 37.20 57.22 -6.52
CA MET K 118 36.25 56.17 -6.91
C MET K 118 36.73 54.78 -6.46
N PHE K 119 35.77 53.91 -6.25
CA PHE K 119 36.10 52.57 -5.85
C PHE K 119 35.27 51.58 -6.70
N GLY K 120 35.86 51.11 -7.79
CA GLY K 120 35.19 50.19 -8.70
C GLY K 120 35.33 48.71 -8.36
N SER K 121 35.00 47.87 -9.33
CA SER K 121 35.08 46.44 -9.08
C SER K 121 35.29 45.55 -10.28
N GLY K 122 35.83 44.37 -9.98
CA GLY K 122 36.07 43.37 -10.99
C GLY K 122 34.74 42.77 -11.36
N GLN K 123 33.67 43.48 -11.00
CA GLN K 123 32.29 43.08 -11.25
C GLN K 123 31.65 44.11 -12.19
N TRP K 124 32.44 45.14 -12.50
CA TRP K 124 32.04 46.19 -13.44
C TRP K 124 32.18 45.57 -14.82
N THR K 125 31.39 46.02 -15.79
CA THR K 125 31.56 45.52 -17.13
C THR K 125 32.84 46.12 -17.73
N ILE K 126 33.37 45.50 -18.78
CA ILE K 126 34.58 46.04 -19.42
C ILE K 126 34.42 47.52 -19.71
N TRP K 127 33.32 47.88 -20.35
CA TRP K 127 33.10 49.28 -20.66
C TRP K 127 32.72 50.16 -19.51
N GLU K 128 32.35 49.56 -18.38
CA GLU K 128 31.99 50.35 -17.21
C GLU K 128 33.28 50.81 -16.52
N GLY K 129 34.28 49.93 -16.50
CA GLY K 129 35.55 50.28 -15.88
C GLY K 129 36.33 51.19 -16.82
N TYR K 130 35.99 51.15 -18.11
CA TYR K 130 36.67 51.99 -19.08
C TYR K 130 36.09 53.40 -18.93
N ALA K 131 34.77 53.49 -19.02
CA ALA K 131 34.11 54.76 -18.88
C ALA K 131 34.53 55.40 -17.58
N ALA K 132 34.75 54.59 -16.56
CA ALA K 132 35.15 55.13 -15.28
C ALA K 132 36.60 55.62 -15.33
N SER K 133 37.53 54.82 -15.86
CA SER K 133 38.93 55.25 -15.91
C SER K 133 38.97 56.61 -16.61
N LYS K 134 38.30 56.68 -17.76
CA LYS K 134 38.28 57.90 -18.55
C LYS K 134 37.76 59.07 -17.74
N LEU K 135 36.57 58.91 -17.15
CA LEU K 135 35.96 59.98 -16.37
C LEU K 135 36.79 60.47 -15.18
N MET K 136 37.41 59.56 -14.47
CA MET K 136 38.18 59.96 -13.33
C MET K 136 39.47 60.67 -13.74
N ARG K 137 40.08 60.23 -14.84
CA ARG K 137 41.36 60.82 -15.22
C ARG K 137 41.32 61.88 -16.28
N ALA K 138 40.81 61.54 -17.47
CA ALA K 138 40.75 62.50 -18.55
C ALA K 138 39.77 63.56 -18.13
N GLY K 139 38.81 63.19 -17.29
CA GLY K 139 37.79 64.13 -16.83
C GLY K 139 38.19 64.93 -15.59
N PHE K 140 37.87 64.41 -14.42
CA PHE K 140 38.19 65.09 -13.18
C PHE K 140 39.69 65.15 -12.93
N ARG K 141 40.49 64.59 -13.82
CA ARG K 141 41.95 64.60 -13.66
C ARG K 141 42.43 64.08 -12.32
N SER K 142 41.92 62.92 -11.93
CA SER K 142 42.31 62.26 -10.69
C SER K 142 42.59 60.78 -10.91
N ASN K 143 43.73 60.31 -10.39
CA ASN K 143 44.09 58.88 -10.51
C ASN K 143 43.73 58.14 -9.22
N ASN K 144 42.77 58.71 -8.50
CA ASN K 144 42.28 58.15 -7.25
C ASN K 144 41.20 57.08 -7.47
N LEU K 145 41.37 56.30 -8.53
CA LEU K 145 40.42 55.26 -8.91
C LEU K 145 41.01 53.90 -8.60
N ASP K 146 40.42 53.20 -7.65
CA ASP K 146 40.92 51.88 -7.30
C ASP K 146 39.77 50.90 -7.20
N PRO K 147 40.03 49.61 -7.44
CA PRO K 147 38.96 48.61 -7.37
C PRO K 147 39.02 47.72 -6.13
N ASN K 148 37.98 46.91 -5.98
CA ASN K 148 37.90 45.96 -4.91
C ASN K 148 38.93 44.87 -5.23
N ALA K 149 39.37 44.83 -6.50
CA ALA K 149 40.30 43.82 -6.97
C ALA K 149 41.61 43.98 -6.22
N ARG K 150 41.72 45.12 -5.55
CA ARG K 150 42.93 45.41 -4.79
C ARG K 150 43.00 44.44 -3.61
N HIS K 151 41.83 44.05 -3.12
CA HIS K 151 41.78 43.09 -2.01
C HIS K 151 42.01 41.68 -2.57
N CYS K 152 41.81 41.51 -3.89
CA CYS K 152 41.84 40.21 -4.56
C CYS K 152 43.02 39.77 -5.44
N MET K 153 43.25 40.48 -6.56
CA MET K 153 44.28 40.12 -7.53
C MET K 153 45.56 40.93 -7.58
N ALA K 154 45.63 41.99 -6.78
CA ALA K 154 46.80 42.86 -6.75
C ALA K 154 48.10 42.06 -6.65
N SER K 155 48.21 41.26 -5.60
CA SER K 155 49.40 40.45 -5.42
C SER K 155 49.80 39.71 -6.70
N ALA K 156 48.87 38.94 -7.27
CA ALA K 156 49.16 38.16 -8.46
C ALA K 156 49.55 39.00 -9.65
N ALA K 157 48.80 40.08 -9.86
CA ALA K 157 49.06 41.00 -10.97
C ALA K 157 50.43 41.63 -10.79
N THR K 158 50.70 42.10 -9.56
CA THR K 158 51.98 42.69 -9.23
C THR K 158 53.16 41.72 -9.55
N ALA K 159 53.10 40.48 -9.08
CA ALA K 159 54.17 39.54 -9.38
C ALA K 159 54.26 39.26 -10.87
N PHE K 160 53.13 39.32 -11.57
CA PHE K 160 53.12 39.04 -13.00
C PHE K 160 54.08 39.94 -13.71
N MET K 161 53.87 41.23 -13.51
CA MET K 161 54.69 42.25 -14.12
C MET K 161 56.13 41.99 -13.75
N ARG K 162 56.41 41.97 -12.45
CA ARG K 162 57.77 41.71 -12.00
C ARG K 162 58.41 40.48 -12.65
N THR K 163 57.78 39.32 -12.59
CA THR K 163 58.42 38.15 -13.19
C THR K 163 58.30 38.00 -14.70
N PHE K 164 57.18 38.44 -15.27
CA PHE K 164 57.00 38.28 -16.71
C PHE K 164 56.82 39.58 -17.47
N GLY K 165 56.71 40.67 -16.75
CA GLY K 165 56.59 41.96 -17.41
C GLY K 165 55.26 42.17 -18.10
N MET K 166 54.34 41.25 -17.89
CA MET K 166 53.02 41.37 -18.50
C MET K 166 52.02 40.60 -17.61
N ASP K 167 50.79 41.11 -17.52
CA ASP K 167 49.78 40.50 -16.65
C ASP K 167 49.03 39.31 -17.22
N GLU K 168 48.22 38.65 -16.38
CA GLU K 168 47.40 37.45 -16.71
C GLU K 168 48.27 36.24 -17.07
N PRO K 169 47.75 35.03 -16.83
CA PRO K 169 48.42 33.75 -17.06
C PRO K 169 48.86 33.48 -18.47
N MET K 170 49.77 32.51 -18.60
CA MET K 170 50.30 32.11 -19.89
C MET K 170 49.65 30.79 -20.25
N GLY K 171 48.94 30.21 -19.28
CA GLY K 171 48.23 28.95 -19.53
C GLY K 171 46.73 29.22 -19.74
N CYS K 172 45.92 28.17 -19.68
CA CYS K 172 44.47 28.25 -19.84
C CYS K 172 43.84 26.97 -19.32
N TYR K 173 42.53 27.00 -19.10
CA TYR K 173 41.79 25.86 -18.55
C TYR K 173 42.07 24.56 -19.28
N ASP K 174 42.51 24.68 -20.53
CA ASP K 174 42.87 23.51 -21.33
C ASP K 174 43.93 22.67 -20.57
N ASP K 175 44.65 23.28 -19.64
CA ASP K 175 45.64 22.55 -18.89
C ASP K 175 45.01 21.47 -18.02
N PHE K 176 43.82 21.77 -17.49
CA PHE K 176 43.13 20.84 -16.61
C PHE K 176 43.07 19.44 -17.18
N GLU K 177 42.92 19.36 -18.50
CA GLU K 177 42.81 18.07 -19.17
C GLU K 177 44.14 17.49 -19.56
N ALA K 178 45.17 18.33 -19.53
CA ALA K 178 46.51 17.90 -19.93
C ALA K 178 47.42 17.60 -18.78
N ALA K 179 47.19 18.24 -17.64
CA ALA K 179 48.06 18.07 -16.49
C ALA K 179 48.34 16.63 -16.08
N ASP K 180 49.45 16.46 -15.34
CA ASP K 180 49.86 15.16 -14.86
C ASP K 180 49.72 15.12 -13.38
N ALA K 181 49.49 16.27 -12.76
CA ALA K 181 49.28 16.30 -11.33
C ALA K 181 49.14 17.71 -10.89
N PHE K 182 48.17 17.93 -10.00
CA PHE K 182 47.77 19.26 -9.54
C PHE K 182 48.22 19.72 -8.15
N VAL K 183 48.78 20.92 -8.04
CA VAL K 183 49.07 21.38 -6.70
C VAL K 183 48.21 22.61 -6.40
N LEU K 184 47.43 22.51 -5.32
CA LEU K 184 46.53 23.58 -4.88
C LEU K 184 47.10 24.35 -3.68
N TRP K 185 47.76 25.48 -3.94
CA TRP K 185 48.33 26.23 -2.84
C TRP K 185 47.35 27.03 -1.99
N GLY K 186 46.60 26.30 -1.14
CA GLY K 186 45.68 26.96 -0.23
C GLY K 186 44.37 27.37 -0.86
N SER K 187 44.13 26.81 -2.04
CA SER K 187 42.91 27.09 -2.77
C SER K 187 41.79 26.20 -2.22
N ASN K 188 40.55 26.52 -2.59
CA ASN K 188 39.42 25.73 -2.16
C ASN K 188 38.48 25.68 -3.35
N MET K 189 39.03 25.27 -4.47
CA MET K 189 38.28 25.18 -5.70
C MET K 189 36.94 24.47 -5.55
N ALA K 190 36.94 23.38 -4.80
CA ALA K 190 35.74 22.61 -4.55
C ALA K 190 34.52 23.46 -4.28
N GLU K 191 34.71 24.59 -3.61
CA GLU K 191 33.62 25.50 -3.28
C GLU K 191 33.71 26.88 -3.95
N MET K 192 34.88 27.27 -4.40
CA MET K 192 35.02 28.60 -4.96
C MET K 192 35.22 28.63 -6.44
N HIS K 193 35.57 27.51 -7.04
CA HIS K 193 35.74 27.39 -8.48
C HIS K 193 35.27 25.97 -8.79
N PRO K 194 34.01 25.68 -8.50
CA PRO K 194 33.45 24.36 -8.71
C PRO K 194 33.60 23.75 -10.06
N ILE K 195 33.21 24.45 -11.10
CA ILE K 195 33.33 23.85 -12.41
C ILE K 195 34.77 23.61 -12.84
N LEU K 196 35.70 24.35 -12.25
CA LEU K 196 37.09 24.11 -12.57
C LEU K 196 37.48 22.84 -11.81
N TRP K 197 37.08 22.78 -10.54
CA TRP K 197 37.35 21.66 -9.68
C TRP K 197 36.71 20.42 -10.28
N SER K 198 35.59 20.62 -10.98
CA SER K 198 34.91 19.51 -11.63
C SER K 198 35.79 19.08 -12.76
N ARG K 199 36.41 20.06 -13.42
CA ARG K 199 37.24 19.77 -14.55
C ARG K 199 38.49 19.03 -14.13
N LEU K 200 39.00 19.40 -12.97
CA LEU K 200 40.20 18.79 -12.38
C LEU K 200 39.92 17.37 -11.84
N THR K 201 38.77 17.22 -11.20
CA THR K 201 38.32 15.94 -10.68
C THR K 201 38.11 14.94 -11.83
N ASP K 202 37.56 15.40 -12.94
CA ASP K 202 37.31 14.50 -14.04
C ASP K 202 38.65 13.96 -14.50
N ARG K 203 39.65 14.82 -14.51
CA ARG K 203 40.99 14.41 -14.96
C ARG K 203 41.63 13.39 -14.03
N ARG K 204 41.58 13.70 -12.73
CA ARG K 204 42.15 12.85 -11.69
C ARG K 204 41.49 11.50 -11.65
N LEU K 205 40.16 11.49 -11.56
CA LEU K 205 39.42 10.25 -11.49
C LEU K 205 39.41 9.44 -12.77
N SER K 206 39.55 10.10 -13.91
CA SER K 206 39.49 9.41 -15.19
C SER K 206 40.81 8.76 -15.57
N HIS K 207 41.91 9.32 -15.06
CA HIS K 207 43.24 8.79 -15.38
C HIS K 207 43.95 8.60 -14.05
N GLU K 208 43.96 7.36 -13.56
CA GLU K 208 44.54 7.09 -12.25
C GLU K 208 46.03 7.34 -12.06
N HIS K 209 46.71 7.70 -13.12
CA HIS K 209 48.13 8.00 -12.96
C HIS K 209 48.33 9.42 -12.38
N VAL K 210 47.29 10.23 -12.51
CA VAL K 210 47.32 11.62 -12.06
C VAL K 210 47.33 11.75 -10.56
N ARG K 211 48.06 12.74 -10.04
CA ARG K 211 48.11 12.95 -8.57
C ARG K 211 47.79 14.38 -8.13
N VAL K 212 46.95 14.50 -7.14
CA VAL K 212 46.53 15.80 -6.66
C VAL K 212 47.08 16.06 -5.28
N ALA K 213 47.61 17.24 -5.08
CA ALA K 213 48.15 17.60 -3.77
C ALA K 213 47.49 18.89 -3.43
N VAL K 214 46.85 18.94 -2.27
CA VAL K 214 46.22 20.17 -1.84
C VAL K 214 46.88 20.58 -0.54
N LEU K 215 47.25 21.84 -0.43
CA LEU K 215 47.82 22.35 0.80
C LEU K 215 46.81 23.36 1.40
N SER K 216 46.72 23.43 2.73
CA SER K 216 45.75 24.35 3.31
C SER K 216 46.02 24.65 4.75
N THR K 217 45.34 25.68 5.24
CA THR K 217 45.43 26.09 6.61
C THR K 217 44.53 25.21 7.44
N PHE K 218 43.41 24.80 6.84
CA PHE K 218 42.48 23.90 7.53
C PHE K 218 41.96 22.86 6.51
N THR K 219 41.36 21.78 7.01
CA THR K 219 40.81 20.74 6.13
C THR K 219 39.41 21.10 5.63
N HIS K 220 39.25 21.19 4.31
CA HIS K 220 37.97 21.57 3.72
C HIS K 220 37.63 20.63 2.61
N ARG K 221 36.50 20.91 1.96
CA ARG K 221 36.03 20.05 0.85
C ARG K 221 37.05 19.77 -0.23
N SER K 222 38.04 20.64 -0.38
CA SER K 222 39.03 20.42 -1.41
C SER K 222 40.05 19.37 -1.04
N SER K 223 40.52 19.31 0.22
CA SER K 223 41.52 18.27 0.41
C SER K 223 40.87 16.91 0.55
N ASP K 224 39.68 16.80 -0.01
CA ASP K 224 38.95 15.53 -0.01
C ASP K 224 39.25 14.75 -1.26
N LEU K 225 39.92 15.37 -2.22
CA LEU K 225 40.26 14.70 -3.46
C LEU K 225 41.76 14.49 -3.52
N SER K 226 42.45 14.90 -2.46
CA SER K 226 43.89 14.84 -2.44
C SER K 226 44.61 13.55 -2.15
N ASP K 227 45.70 13.35 -2.88
CA ASP K 227 46.54 12.20 -2.70
C ASP K 227 47.67 12.63 -1.76
N THR K 228 47.97 13.92 -1.73
CA THR K 228 49.04 14.41 -0.88
C THR K 228 48.40 15.53 -0.08
N PRO K 229 47.74 15.18 1.00
CA PRO K 229 47.09 16.20 1.84
C PRO K 229 47.99 16.85 2.87
N ILE K 230 48.26 18.14 2.68
CA ILE K 230 49.13 18.90 3.55
C ILE K 230 48.45 20.07 4.26
N ILE K 231 48.57 20.09 5.59
CA ILE K 231 48.04 21.23 6.33
C ILE K 231 49.19 21.92 7.04
N PHE K 232 49.52 23.13 6.56
CA PHE K 232 50.63 23.87 7.12
C PHE K 232 50.19 24.97 8.03
N ARG K 233 51.17 25.70 8.58
CA ARG K 233 50.93 26.80 9.51
C ARG K 233 50.67 28.10 8.73
N PRO K 234 49.70 28.88 9.19
CA PRO K 234 49.37 30.15 8.51
C PRO K 234 50.64 30.94 8.17
N GLY K 235 50.83 31.25 6.89
CA GLY K 235 51.97 32.03 6.45
C GLY K 235 53.26 31.26 6.16
N THR K 236 53.34 30.03 6.65
CA THR K 236 54.55 29.25 6.42
C THR K 236 54.64 28.63 5.02
N ASP K 237 53.68 28.93 4.17
CA ASP K 237 53.78 28.35 2.84
C ASP K 237 55.04 28.82 2.17
N ARG K 238 55.51 30.03 2.55
CA ARG K 238 56.74 30.66 2.00
C ARG K 238 57.94 29.72 2.13
N ALA K 239 58.10 29.18 3.34
CA ALA K 239 59.17 28.26 3.62
C ALA K 239 59.05 27.05 2.71
N ILE K 240 57.86 26.44 2.71
CA ILE K 240 57.67 25.24 1.87
C ILE K 240 58.11 25.46 0.44
N LEU K 241 57.67 26.58 -0.12
CA LEU K 241 57.99 26.91 -1.49
C LEU K 241 59.51 26.87 -1.77
N ASN K 242 60.27 27.45 -0.84
CA ASN K 242 61.70 27.50 -0.99
C ASN K 242 62.25 26.08 -0.88
N TYR K 243 61.77 25.32 0.10
CA TYR K 243 62.27 23.96 0.21
C TYR K 243 62.22 23.28 -1.16
N ILE K 244 61.06 23.30 -1.79
CA ILE K 244 60.91 22.65 -3.08
C ILE K 244 61.94 23.15 -4.09
N ALA K 245 62.24 24.45 -4.01
CA ALA K 245 63.23 25.02 -4.93
C ALA K 245 64.55 24.36 -4.62
N HIS K 246 64.87 24.36 -3.34
CA HIS K 246 66.11 23.75 -2.87
C HIS K 246 66.16 22.31 -3.34
N HIS K 247 65.05 21.59 -3.18
CA HIS K 247 64.99 20.19 -3.57
C HIS K 247 65.20 20.02 -5.07
N ILE K 248 64.67 20.94 -5.87
CA ILE K 248 64.85 20.78 -7.30
C ILE K 248 66.33 20.88 -7.62
N ILE K 249 66.97 21.85 -6.98
CA ILE K 249 68.37 22.16 -7.17
C ILE K 249 69.29 21.07 -6.65
N SER K 250 69.04 20.63 -5.40
CA SER K 250 69.84 19.61 -4.70
C SER K 250 69.90 18.27 -5.40
N THR K 251 68.78 17.84 -5.95
CA THR K 251 68.75 16.58 -6.66
C THR K 251 69.19 16.74 -8.11
N GLY K 252 69.70 17.93 -8.44
CA GLY K 252 70.19 18.22 -9.79
C GLY K 252 69.19 17.98 -10.92
N ARG K 253 67.99 18.54 -10.73
CA ARG K 253 66.93 18.40 -11.73
C ARG K 253 66.42 19.73 -12.25
N VAL K 254 67.35 20.67 -12.40
CA VAL K 254 67.01 21.98 -12.93
C VAL K 254 67.00 21.80 -14.45
N ASN K 255 66.21 22.60 -15.15
CA ASN K 255 66.21 22.50 -16.60
C ASN K 255 67.19 23.56 -17.06
N ARG K 256 68.46 23.18 -17.12
CA ARG K 256 69.51 24.08 -17.52
C ARG K 256 69.26 24.79 -18.85
N ASP K 257 69.04 24.04 -19.91
CA ASP K 257 68.81 24.65 -21.21
C ASP K 257 67.75 25.75 -21.13
N PHE K 258 66.77 25.58 -20.23
CA PHE K 258 65.70 26.56 -20.05
C PHE K 258 66.13 27.72 -19.15
N VAL K 259 66.65 27.39 -17.96
CA VAL K 259 67.09 28.42 -17.05
C VAL K 259 68.18 29.27 -17.65
N ASP K 260 69.14 28.64 -18.35
CA ASP K 260 70.23 29.39 -18.98
C ASP K 260 69.73 30.28 -20.11
N ARG K 261 68.83 29.75 -20.91
CA ARG K 261 68.31 30.49 -22.04
C ARG K 261 67.13 31.43 -21.79
N HIS K 262 66.29 31.16 -20.78
CA HIS K 262 65.09 31.99 -20.55
C HIS K 262 64.91 32.60 -19.16
N THR K 263 65.97 32.66 -18.37
CA THR K 263 65.85 33.18 -17.01
C THR K 263 66.90 34.17 -16.50
N ASN K 264 66.52 34.96 -15.50
CA ASN K 264 67.44 35.88 -14.84
C ASN K 264 67.15 35.62 -13.38
N PHE K 265 68.01 36.11 -12.48
CA PHE K 265 67.72 35.94 -11.05
C PHE K 265 67.66 37.31 -10.38
N ALA K 266 67.36 37.34 -9.09
CA ALA K 266 67.30 38.61 -8.40
C ALA K 266 67.03 38.34 -6.95
N LEU K 267 67.17 39.36 -6.12
CA LEU K 267 66.93 39.18 -4.69
C LEU K 267 65.93 40.23 -4.24
N GLY K 268 64.99 39.86 -3.38
CA GLY K 268 64.04 40.86 -2.95
C GLY K 268 64.45 41.55 -1.67
N ALA K 269 63.95 42.76 -1.49
CA ALA K 269 64.23 43.53 -0.26
C ALA K 269 63.66 42.73 0.93
N THR K 270 64.46 42.50 1.97
CA THR K 270 64.00 41.65 3.05
C THR K 270 63.29 42.13 4.32
N ASP K 271 63.51 43.35 4.81
CA ASP K 271 62.80 43.72 6.04
C ASP K 271 61.60 44.58 5.73
N ILE K 272 60.96 44.25 4.62
CA ILE K 272 59.74 44.86 4.14
C ILE K 272 58.76 44.96 5.33
N GLY K 273 57.76 45.83 5.28
CA GLY K 273 56.94 45.92 6.47
C GLY K 273 55.45 46.06 6.44
N TYR K 274 54.76 44.94 6.67
CA TYR K 274 53.29 44.85 6.75
C TYR K 274 52.45 46.12 6.46
N GLY K 275 52.40 46.53 5.20
CA GLY K 275 51.66 47.72 4.79
C GLY K 275 50.65 48.45 5.67
N LEU K 276 51.10 49.02 6.78
CA LEU K 276 50.22 49.73 7.69
C LEU K 276 50.47 51.23 7.58
N ARG K 277 50.11 51.94 8.64
CA ARG K 277 50.34 53.37 8.69
C ARG K 277 51.70 53.59 9.30
N PRO K 278 52.44 54.62 8.83
CA PRO K 278 53.75 54.87 9.46
C PRO K 278 53.21 55.35 10.82
N GLU K 279 53.73 54.83 11.91
CA GLU K 279 53.27 55.17 13.26
C GLU K 279 53.13 53.83 13.97
N HIS K 280 52.57 52.88 13.25
CA HIS K 280 52.41 51.54 13.79
C HIS K 280 53.83 51.02 13.94
N GLN K 281 54.07 50.34 15.04
CA GLN K 281 55.40 49.83 15.32
C GLN K 281 56.06 49.04 14.21
N LEU K 282 55.37 48.01 13.74
CA LEU K 282 55.88 47.12 12.69
C LEU K 282 56.56 47.83 11.51
N GLN K 283 56.14 49.07 11.22
CA GLN K 283 56.72 49.84 10.13
C GLN K 283 58.00 50.58 10.52
N LEU K 284 57.99 51.14 11.72
CA LEU K 284 59.17 51.83 12.25
C LEU K 284 60.33 50.81 12.29
N ALA K 285 60.04 49.63 12.83
CA ALA K 285 61.02 48.56 12.92
C ALA K 285 61.44 48.14 11.52
N ALA K 286 60.55 48.32 10.56
CA ALA K 286 60.76 47.86 9.18
C ALA K 286 61.83 48.52 8.34
N LYS K 287 63.04 48.57 8.84
CA LYS K 287 64.12 49.15 8.08
C LYS K 287 64.05 48.59 6.66
N GLY K 288 63.75 49.44 5.67
CA GLY K 288 63.66 48.96 4.31
C GLY K 288 62.22 48.93 3.77
N ALA K 289 61.27 49.48 4.53
CA ALA K 289 59.88 49.56 4.09
C ALA K 289 59.76 50.68 3.02
N ALA K 290 60.73 51.58 2.98
CA ALA K 290 60.72 52.67 2.03
C ALA K 290 60.90 52.16 0.60
N ASP K 291 61.59 51.04 0.43
CA ASP K 291 61.71 50.51 -0.91
C ASP K 291 60.67 49.40 -0.97
N ALA K 292 61.04 48.16 -0.65
CA ALA K 292 60.09 47.05 -0.72
C ALA K 292 59.77 46.88 -2.19
N GLY K 293 60.18 45.77 -2.77
CA GLY K 293 59.96 45.58 -4.20
C GLY K 293 61.23 46.00 -4.91
N ALA K 294 62.31 46.04 -4.13
CA ALA K 294 63.61 46.38 -4.67
C ALA K 294 64.06 45.07 -5.28
N MET K 295 64.64 45.14 -6.46
CA MET K 295 65.10 43.93 -7.11
C MET K 295 66.56 43.60 -6.92
N THR K 296 67.46 44.29 -7.61
CA THR K 296 68.89 44.01 -7.52
C THR K 296 69.20 42.59 -8.03
N PRO K 297 69.76 42.51 -9.25
CA PRO K 297 70.13 41.26 -9.91
C PRO K 297 71.05 40.41 -9.05
N THR K 298 71.27 39.18 -9.50
CA THR K 298 72.18 38.31 -8.81
C THR K 298 72.88 37.26 -9.63
N ASP K 299 72.85 36.05 -9.11
CA ASP K 299 73.61 34.95 -9.67
C ASP K 299 72.80 33.68 -9.48
N PHE K 300 72.92 32.72 -10.38
CA PHE K 300 72.22 31.46 -10.18
C PHE K 300 72.74 30.91 -8.84
N GLU K 301 74.04 31.04 -8.63
CA GLU K 301 74.69 30.53 -7.43
C GLU K 301 74.18 31.13 -6.12
N THR K 302 73.92 32.44 -6.10
CA THR K 302 73.46 33.09 -4.86
C THR K 302 72.06 32.66 -4.48
N PHE K 303 71.19 32.55 -5.49
CA PHE K 303 69.81 32.12 -5.26
C PHE K 303 69.86 30.75 -4.58
N ALA K 304 70.46 29.78 -5.27
CA ALA K 304 70.56 28.42 -4.77
C ALA K 304 70.96 28.37 -3.31
N ALA K 305 71.94 29.19 -2.94
CA ALA K 305 72.46 29.25 -1.58
C ALA K 305 71.47 29.86 -0.59
N LEU K 306 70.60 30.74 -1.07
CA LEU K 306 69.59 31.36 -0.20
C LEU K 306 68.55 30.30 0.10
N VAL K 307 68.20 29.57 -0.95
CA VAL K 307 67.21 28.53 -0.86
C VAL K 307 67.73 27.36 -0.03
N SER K 308 69.05 27.31 0.16
CA SER K 308 69.68 26.23 0.93
C SER K 308 69.30 26.26 2.41
N GLU K 309 69.08 27.45 2.95
CA GLU K 309 68.70 27.56 4.35
C GLU K 309 67.43 26.76 4.66
N TYR K 310 66.54 26.65 3.67
CA TYR K 310 65.27 25.94 3.85
C TYR K 310 65.43 24.48 3.51
N THR K 311 66.02 23.77 4.45
CA THR K 311 66.26 22.33 4.35
C THR K 311 64.91 21.65 4.52
N LEU K 312 64.79 20.42 4.02
CA LEU K 312 63.54 19.69 4.21
C LEU K 312 63.28 19.69 5.72
N GLU K 313 64.34 19.45 6.47
CA GLU K 313 64.27 19.42 7.92
C GLU K 313 63.82 20.78 8.46
N LYS K 314 64.19 21.87 7.78
CA LYS K 314 63.80 23.17 8.30
C LYS K 314 62.41 23.52 7.91
N ALA K 315 62.09 23.32 6.63
CA ALA K 315 60.76 23.64 6.13
C ALA K 315 59.75 22.93 7.02
N ALA K 316 59.96 21.64 7.24
CA ALA K 316 59.07 20.86 8.07
C ALA K 316 58.90 21.50 9.44
N GLU K 317 60.00 21.94 10.06
CA GLU K 317 59.95 22.56 11.39
C GLU K 317 59.05 23.79 11.41
N ILE K 318 59.18 24.64 10.39
CA ILE K 318 58.39 25.86 10.33
C ILE K 318 56.92 25.63 9.99
N SER K 319 56.63 24.72 9.05
CA SER K 319 55.24 24.44 8.66
C SER K 319 54.49 23.60 9.69
N GLY K 320 54.96 22.38 9.93
CA GLY K 320 54.29 21.54 10.90
C GLY K 320 53.84 20.31 10.17
N VAL K 321 54.37 20.17 8.96
CA VAL K 321 54.04 19.05 8.08
C VAL K 321 55.09 17.97 8.17
N GLU K 322 54.66 16.71 8.22
CA GLU K 322 55.62 15.62 8.30
C GLU K 322 56.47 15.73 7.03
N PRO K 323 57.80 15.69 7.16
CA PRO K 323 58.70 15.80 6.00
C PRO K 323 58.37 14.90 4.82
N ALA K 324 57.85 13.72 5.11
CA ALA K 324 57.53 12.76 4.06
C ALA K 324 56.59 13.36 3.00
N LEU K 325 55.67 14.20 3.45
CA LEU K 325 54.70 14.85 2.56
C LEU K 325 55.38 15.91 1.71
N LEU K 326 56.26 16.70 2.33
CA LEU K 326 57.00 17.71 1.61
C LEU K 326 57.89 17.02 0.57
N GLU K 327 58.30 15.78 0.86
CA GLU K 327 59.13 15.06 -0.08
C GLU K 327 58.24 14.66 -1.25
N GLU K 328 56.97 14.37 -0.94
CA GLU K 328 56.02 13.98 -1.99
C GLU K 328 55.74 15.16 -2.89
N LEU K 329 55.50 16.32 -2.29
CA LEU K 329 55.26 17.51 -3.07
C LEU K 329 56.51 17.73 -3.93
N ALA K 330 57.60 18.16 -3.29
CA ALA K 330 58.86 18.42 -3.96
C ALA K 330 59.07 17.56 -5.22
N GLU K 331 58.99 16.25 -5.06
CA GLU K 331 59.19 15.31 -6.16
C GLU K 331 58.28 15.47 -7.37
N LEU K 332 57.01 15.75 -7.10
CA LEU K 332 56.04 15.93 -8.16
C LEU K 332 56.47 17.09 -9.00
N TYR K 333 56.69 18.21 -8.31
CA TYR K 333 57.18 19.42 -8.97
C TYR K 333 58.53 19.15 -9.65
N ALA K 334 59.11 17.96 -9.47
CA ALA K 334 60.42 17.70 -10.08
C ALA K 334 60.59 16.58 -11.08
N ASP K 335 59.95 15.40 -10.96
CA ASP K 335 60.22 14.39 -11.98
C ASP K 335 59.88 15.09 -13.26
N PRO K 336 60.91 15.35 -14.06
CA PRO K 336 60.75 16.07 -15.31
C PRO K 336 59.82 15.44 -16.30
N ASP K 337 58.76 14.83 -15.81
CA ASP K 337 57.78 14.30 -16.73
C ASP K 337 56.40 14.58 -16.18
N ARG K 338 56.32 14.77 -14.88
CA ARG K 338 55.06 15.16 -14.29
C ARG K 338 54.79 16.58 -14.77
N LYS K 339 53.69 16.77 -15.48
CA LYS K 339 53.34 18.10 -15.89
C LYS K 339 52.66 18.67 -14.64
N TRP K 340 53.35 19.53 -13.91
CA TRP K 340 52.74 20.07 -12.74
C TRP K 340 51.78 21.14 -13.17
N MET K 341 50.81 21.44 -12.33
CA MET K 341 49.85 22.45 -12.69
C MET K 341 49.49 23.09 -11.39
N SER K 342 50.24 24.11 -11.00
CA SER K 342 50.01 24.77 -9.73
C SER K 342 48.92 25.78 -9.83
N LEU K 343 48.02 25.75 -8.85
CA LEU K 343 46.89 26.66 -8.77
C LEU K 343 46.85 27.33 -7.42
N TRP K 344 46.55 28.61 -7.43
CA TRP K 344 46.46 29.38 -6.19
C TRP K 344 45.46 30.54 -6.29
N THR K 345 44.76 30.79 -5.19
CA THR K 345 43.82 31.91 -5.17
C THR K 345 44.15 32.83 -3.98
N MET K 346 43.15 33.31 -3.25
CA MET K 346 43.42 34.22 -2.13
C MET K 346 44.45 33.75 -1.08
N GLY K 347 44.75 32.45 -1.04
CA GLY K 347 45.74 31.98 -0.07
C GLY K 347 47.07 32.72 -0.17
N PHE K 348 47.53 32.87 -1.42
CA PHE K 348 48.76 33.54 -1.77
C PHE K 348 48.55 35.04 -1.92
N ASN K 349 47.42 35.45 -2.49
CA ASN K 349 47.16 36.86 -2.74
C ASN K 349 46.88 37.71 -1.53
N GLN K 350 46.10 37.19 -0.59
CA GLN K 350 45.81 37.95 0.62
C GLN K 350 46.84 37.52 1.66
N HIS K 351 48.11 37.74 1.32
CA HIS K 351 49.26 37.31 2.13
C HIS K 351 50.14 38.54 2.26
N VAL K 352 50.55 38.88 3.48
CA VAL K 352 51.43 40.05 3.65
C VAL K 352 52.74 39.91 2.87
N ARG K 353 52.94 38.71 2.32
CA ARG K 353 54.09 38.40 1.51
C ARG K 353 53.58 37.66 0.29
N GLY K 354 52.44 38.10 -0.20
CA GLY K 354 51.84 37.44 -1.34
C GLY K 354 52.64 37.52 -2.62
N VAL K 355 53.13 38.71 -2.93
CA VAL K 355 53.92 38.92 -4.13
C VAL K 355 55.10 37.95 -4.11
N TRP K 356 55.68 37.76 -2.92
CA TRP K 356 56.79 36.81 -2.81
C TRP K 356 56.31 35.38 -3.13
N ALA K 357 55.17 35.00 -2.55
CA ALA K 357 54.60 33.68 -2.74
C ALA K 357 54.41 33.45 -4.22
N ASN K 358 53.70 34.37 -4.87
CA ASN K 358 53.50 34.25 -6.30
C ASN K 358 54.87 34.01 -6.94
N HIS K 359 55.80 34.88 -6.60
CA HIS K 359 57.13 34.75 -7.15
C HIS K 359 57.63 33.35 -6.97
N MET K 360 57.64 32.88 -5.73
CA MET K 360 58.11 31.54 -5.42
C MET K 360 57.48 30.41 -6.24
N VAL K 361 56.18 30.49 -6.56
CA VAL K 361 55.58 29.41 -7.34
C VAL K 361 56.12 29.43 -8.75
N TYR K 362 56.26 30.59 -9.33
CA TYR K 362 56.76 30.62 -10.68
C TYR K 362 58.17 30.02 -10.70
N ASN K 363 58.96 30.28 -9.66
CA ASN K 363 60.33 29.79 -9.58
C ASN K 363 60.38 28.28 -9.80
N LEU K 364 59.55 27.56 -9.06
CA LEU K 364 59.51 26.12 -9.17
C LEU K 364 59.32 25.74 -10.61
N HIS K 365 58.44 26.49 -11.29
CA HIS K 365 58.16 26.23 -12.69
C HIS K 365 59.30 26.67 -13.60
N LEU K 366 59.80 27.88 -13.36
CA LEU K 366 60.89 28.37 -14.16
C LEU K 366 62.12 27.45 -14.07
N LEU K 367 62.51 27.11 -12.84
CA LEU K 367 63.64 26.23 -12.59
C LEU K 367 63.49 24.95 -13.39
N THR K 368 62.28 24.43 -13.51
CA THR K 368 62.07 23.17 -14.21
C THR K 368 61.69 23.27 -15.67
N GLY K 369 61.32 24.47 -16.10
CA GLY K 369 60.93 24.65 -17.49
C GLY K 369 59.51 24.19 -17.74
N LYS K 370 58.72 24.12 -16.67
CA LYS K 370 57.32 23.69 -16.77
C LYS K 370 56.42 24.91 -16.83
N ILE K 371 56.34 25.49 -18.04
CA ILE K 371 55.55 26.69 -18.27
C ILE K 371 55.17 26.89 -19.75
N SER K 372 54.03 27.51 -19.99
CA SER K 372 53.56 27.77 -21.33
C SER K 372 53.38 26.57 -22.22
N GLU K 373 52.98 25.45 -21.63
CA GLU K 373 52.74 24.23 -22.41
C GLU K 373 51.45 23.63 -21.90
N PRO K 374 50.78 22.87 -22.77
CA PRO K 374 49.55 22.22 -22.32
C PRO K 374 49.92 21.26 -21.17
N GLY K 375 49.29 21.45 -20.01
CA GLY K 375 49.54 20.59 -18.88
C GLY K 375 50.56 21.12 -17.89
N ASN K 376 51.55 21.83 -18.38
CA ASN K 376 52.54 22.37 -17.48
C ASN K 376 52.23 23.83 -17.24
N SER K 377 51.63 24.16 -16.10
CA SER K 377 51.33 25.57 -15.91
C SER K 377 51.04 26.08 -14.50
N PRO K 378 51.61 27.26 -14.19
CA PRO K 378 51.35 27.84 -12.88
C PRO K 378 50.14 28.75 -13.12
N PHE K 379 48.94 28.25 -12.80
CA PHE K 379 47.75 29.02 -13.05
C PHE K 379 47.28 29.81 -11.85
N SER K 380 47.19 31.12 -12.04
CA SER K 380 46.67 31.98 -10.98
C SER K 380 45.17 32.04 -11.25
N LEU K 381 44.39 31.59 -10.28
CA LEU K 381 42.94 31.62 -10.39
C LEU K 381 42.48 33.02 -10.05
N THR K 382 41.57 33.58 -10.83
CA THR K 382 41.09 34.90 -10.49
C THR K 382 39.70 34.77 -9.91
N GLY K 383 39.41 35.64 -8.95
CA GLY K 383 38.15 35.59 -8.22
C GLY K 383 36.91 36.15 -8.86
N GLN K 384 36.84 37.47 -9.03
CA GLN K 384 35.65 38.05 -9.64
C GLN K 384 35.43 37.68 -11.12
N PRO K 385 34.24 37.99 -11.64
CA PRO K 385 33.91 37.69 -13.03
C PRO K 385 34.80 38.42 -14.03
N PHE K 386 35.11 39.68 -13.75
CA PHE K 386 35.95 40.47 -14.64
C PHE K 386 36.97 41.28 -13.86
N ALA K 387 37.61 40.67 -12.85
CA ALA K 387 38.66 41.35 -12.11
C ALA K 387 39.78 41.45 -13.16
N CYS K 388 39.78 40.49 -14.08
CA CYS K 388 40.76 40.44 -15.17
C CYS K 388 40.29 41.34 -16.29
N GLY K 389 39.20 40.91 -16.93
CA GLY K 389 38.64 41.64 -18.05
C GLY K 389 38.47 43.14 -17.86
N THR K 390 38.15 43.56 -16.64
CA THR K 390 37.93 44.97 -16.36
C THR K 390 39.00 45.58 -15.49
N ALA K 391 38.89 45.38 -14.17
CA ALA K 391 39.88 45.93 -13.23
C ALA K 391 41.33 45.85 -13.77
N ARG K 392 41.82 44.64 -13.97
CA ARG K 392 43.17 44.49 -14.46
C ARG K 392 43.39 44.98 -15.89
N GLU K 393 42.72 44.38 -16.85
CA GLU K 393 42.93 44.77 -18.24
C GLU K 393 42.64 46.20 -18.63
N VAL K 394 41.52 46.75 -18.17
CA VAL K 394 41.21 48.16 -18.46
C VAL K 394 42.09 49.04 -17.53
N GLY K 395 42.62 48.43 -16.48
CA GLY K 395 43.48 49.16 -15.59
C GLY K 395 42.68 50.15 -14.77
N THR K 396 42.01 49.61 -13.76
CA THR K 396 41.14 50.39 -12.90
C THR K 396 41.72 50.46 -11.49
N PHE K 397 43.05 50.59 -11.44
CA PHE K 397 43.74 50.69 -10.16
C PHE K 397 44.39 52.07 -10.11
N ALA K 398 44.57 52.57 -8.90
CA ALA K 398 45.17 53.87 -8.68
C ALA K 398 46.37 54.26 -9.52
N HIS K 399 47.26 53.32 -9.80
CA HIS K 399 48.47 53.66 -10.54
C HIS K 399 48.46 53.23 -11.98
N ARG K 400 47.30 52.88 -12.51
CA ARG K 400 47.33 52.29 -13.83
C ARG K 400 46.50 52.86 -14.97
N LEU K 401 46.89 52.45 -16.20
CA LEU K 401 46.21 52.81 -17.46
C LEU K 401 45.98 51.50 -18.25
N PRO K 402 45.22 51.55 -19.34
CA PRO K 402 44.94 50.34 -20.12
C PRO K 402 46.18 49.58 -20.55
N ALA K 403 45.96 48.32 -20.92
CA ALA K 403 47.01 47.44 -21.42
C ALA K 403 48.36 47.48 -20.70
N ASP K 404 48.32 47.28 -19.38
CA ASP K 404 49.54 47.23 -18.58
C ASP K 404 50.32 48.52 -18.43
N MET K 405 49.76 49.63 -18.89
CA MET K 405 50.43 50.91 -18.79
C MET K 405 50.27 51.61 -17.44
N VAL K 406 51.33 52.32 -17.05
CA VAL K 406 51.35 53.05 -15.79
C VAL K 406 51.18 54.55 -16.00
N VAL K 407 50.59 55.19 -15.00
CA VAL K 407 50.30 56.62 -15.01
C VAL K 407 51.60 57.42 -14.87
N THR K 408 52.58 56.76 -14.24
CA THR K 408 53.90 57.30 -14.02
C THR K 408 54.61 57.58 -15.35
N ASN K 409 54.79 56.52 -16.14
CA ASN K 409 55.43 56.62 -17.45
C ASN K 409 54.73 57.66 -18.35
N PRO K 410 55.49 58.67 -18.81
CA PRO K 410 55.03 59.76 -19.68
C PRO K 410 54.68 59.32 -21.10
N GLU K 411 55.35 58.27 -21.58
CA GLU K 411 55.10 57.79 -22.93
C GLU K 411 53.69 57.22 -22.96
N HIS K 412 53.33 56.49 -21.89
CA HIS K 412 52.01 55.85 -21.78
C HIS K 412 50.96 56.91 -21.68
N ARG K 413 51.19 57.83 -20.75
CA ARG K 413 50.30 58.94 -20.50
C ARG K 413 49.98 59.60 -21.84
N ALA K 414 51.03 59.89 -22.60
CA ALA K 414 50.88 60.50 -23.90
C ALA K 414 50.05 59.61 -24.82
N HIS K 415 50.41 58.33 -24.90
CA HIS K 415 49.70 57.39 -25.75
C HIS K 415 48.19 57.41 -25.47
N ALA K 416 47.84 57.42 -24.17
CA ALA K 416 46.44 57.46 -23.73
C ALA K 416 45.82 58.76 -24.20
N GLU K 417 46.55 59.85 -24.02
CA GLU K 417 46.07 61.16 -24.44
C GLU K 417 45.81 61.17 -25.95
N GLU K 418 46.69 60.54 -26.74
CA GLU K 418 46.52 60.55 -28.19
C GLU K 418 45.26 59.82 -28.60
N ILE K 419 44.98 58.69 -27.93
CA ILE K 419 43.81 57.88 -28.25
C ILE K 419 42.52 58.49 -27.74
N TRP K 420 42.56 59.07 -26.54
CA TRP K 420 41.39 59.69 -25.93
C TRP K 420 41.11 61.09 -26.48
N LYS K 421 41.85 61.47 -27.52
CA LYS K 421 41.74 62.77 -28.17
C LYS K 421 41.77 63.86 -27.12
N LEU K 422 42.89 63.93 -26.41
CA LEU K 422 43.04 64.93 -25.37
C LEU K 422 44.21 65.87 -25.60
N PRO K 423 44.20 67.03 -24.93
CA PRO K 423 45.30 67.99 -25.05
C PRO K 423 46.51 67.42 -24.28
N ALA K 424 47.69 67.51 -24.90
CA ALA K 424 48.93 67.01 -24.31
C ALA K 424 49.13 67.44 -22.87
N GLY K 425 49.73 66.56 -22.06
CA GLY K 425 49.98 66.86 -20.66
C GLY K 425 48.74 67.00 -19.80
N LEU K 426 47.59 66.57 -20.31
CA LEU K 426 46.36 66.66 -19.53
C LEU K 426 46.32 65.59 -18.43
N LEU K 427 46.51 64.32 -18.81
CA LEU K 427 46.48 63.22 -17.85
C LEU K 427 47.46 63.41 -16.69
N PRO K 428 47.02 63.13 -15.45
CA PRO K 428 47.80 63.25 -14.21
C PRO K 428 48.93 62.23 -14.07
N ASP K 429 50.04 62.62 -13.43
CA ASP K 429 51.21 61.76 -13.24
C ASP K 429 51.29 61.13 -11.86
N TRP K 430 50.55 61.68 -10.92
CA TRP K 430 50.55 61.15 -9.56
C TRP K 430 49.77 59.85 -9.35
N VAL K 431 50.37 58.95 -8.57
CA VAL K 431 49.74 57.67 -8.25
C VAL K 431 48.59 57.91 -7.26
N GLY K 432 47.45 57.26 -7.49
CA GLY K 432 46.30 57.46 -6.63
C GLY K 432 46.34 56.68 -5.33
N ALA K 433 45.29 56.86 -4.52
CA ALA K 433 45.17 56.19 -3.23
C ALA K 433 44.63 54.76 -3.40
N HIS K 434 45.42 53.77 -2.99
CA HIS K 434 44.95 52.40 -3.14
C HIS K 434 43.86 52.12 -2.12
N ALA K 435 43.10 51.04 -2.34
CA ALA K 435 41.99 50.62 -1.49
C ALA K 435 42.18 50.91 -0.01
N VAL K 436 43.16 50.28 0.60
CA VAL K 436 43.39 50.54 2.01
C VAL K 436 43.56 52.04 2.23
N GLU K 437 44.57 52.63 1.60
CA GLU K 437 44.82 54.05 1.71
C GLU K 437 43.52 54.84 1.59
N GLN K 438 42.77 54.55 0.52
CA GLN K 438 41.49 55.22 0.27
C GLN K 438 40.62 55.31 1.51
N ASP K 439 40.61 54.24 2.30
CA ASP K 439 39.80 54.21 3.53
C ASP K 439 40.43 55.16 4.50
N ARG K 440 41.73 55.05 4.65
CA ARG K 440 42.45 55.91 5.57
C ARG K 440 42.28 57.40 5.20
N LYS K 441 42.63 57.76 3.95
CA LYS K 441 42.50 59.15 3.50
C LYS K 441 41.06 59.66 3.71
N LEU K 442 40.14 58.72 3.81
CA LEU K 442 38.72 59.05 4.01
C LEU K 442 38.53 59.38 5.49
N HIS K 443 39.17 58.58 6.34
CA HIS K 443 39.10 58.72 7.78
C HIS K 443 39.64 60.10 8.15
N ASP K 444 40.76 60.43 7.52
CA ASP K 444 41.48 61.67 7.79
C ASP K 444 40.87 62.93 7.20
N GLY K 445 40.24 62.80 6.04
CA GLY K 445 39.62 63.98 5.44
C GLY K 445 40.31 64.42 4.16
N GLU K 446 41.19 63.57 3.62
CA GLU K 446 41.90 63.90 2.40
C GLU K 446 41.01 63.73 1.16
N ILE K 447 40.17 62.69 1.19
CA ILE K 447 39.27 62.44 0.07
C ILE K 447 37.92 62.83 0.63
N ASN K 448 37.27 63.77 -0.05
CA ASN K 448 35.99 64.32 0.41
C ASN K 448 34.82 64.03 -0.50
N PHE K 449 35.06 63.53 -1.70
CA PHE K 449 33.96 63.16 -2.59
C PHE K 449 34.27 61.69 -2.88
N TYR K 450 33.31 60.80 -2.69
CA TYR K 450 33.58 59.39 -2.92
C TYR K 450 32.47 58.68 -3.67
N TRP K 451 32.82 57.99 -4.76
CA TRP K 451 31.81 57.25 -5.52
C TRP K 451 32.15 55.77 -5.54
N VAL K 452 31.33 54.98 -4.84
CA VAL K 452 31.53 53.54 -4.75
C VAL K 452 30.64 52.90 -5.80
N GLN K 453 31.18 51.91 -6.50
CA GLN K 453 30.39 51.21 -7.52
C GLN K 453 30.61 49.68 -7.66
N VAL K 454 29.50 48.97 -7.66
CA VAL K 454 29.47 47.52 -7.78
C VAL K 454 30.36 46.80 -6.79
N ASN K 455 30.32 47.25 -5.54
CA ASN K 455 31.05 46.62 -4.45
C ASN K 455 30.36 47.03 -3.15
N ASN K 456 30.62 46.29 -2.09
CA ASN K 456 30.00 46.52 -0.80
C ASN K 456 31.15 46.66 0.18
N ASN K 457 32.04 47.58 -0.13
CA ASN K 457 33.25 47.75 0.64
C ASN K 457 33.13 47.94 2.12
N MET K 458 31.95 48.32 2.60
CA MET K 458 31.77 48.52 4.04
C MET K 458 31.83 47.20 4.78
N GLN K 459 31.73 46.12 3.99
CA GLN K 459 31.73 44.76 4.52
C GLN K 459 32.99 44.06 4.08
N ALA K 460 33.41 44.37 2.86
CA ALA K 460 34.56 43.73 2.28
C ALA K 460 35.90 44.21 2.85
N ALA K 461 36.00 45.51 3.03
CA ALA K 461 37.23 46.14 3.53
C ALA K 461 37.66 45.77 4.97
N PRO K 462 38.98 45.73 5.23
CA PRO K 462 39.57 45.37 6.51
C PRO K 462 39.48 46.47 7.56
N ASN K 463 39.34 46.06 8.83
CA ASN K 463 39.27 46.97 9.98
C ASN K 463 38.19 48.05 9.91
N ILE K 464 37.03 47.71 9.35
CA ILE K 464 35.99 48.72 9.19
C ILE K 464 35.77 49.70 10.34
N ASP K 465 35.81 49.20 11.58
CA ASP K 465 35.56 50.05 12.73
C ASP K 465 36.65 51.11 12.92
N GLN K 466 37.89 50.71 12.64
CA GLN K 466 39.04 51.60 12.80
C GLN K 466 39.09 52.72 11.78
N GLU K 467 39.07 52.36 10.51
CA GLU K 467 39.20 53.38 9.49
C GLU K 467 38.21 53.47 8.34
N THR K 468 37.35 52.47 8.14
CA THR K 468 36.45 52.56 7.01
C THR K 468 35.12 53.21 7.37
N TYR K 469 34.54 52.78 8.49
CA TYR K 469 33.26 53.34 8.90
C TYR K 469 33.35 54.86 9.22
N PRO K 470 34.30 55.26 10.07
CA PRO K 470 34.42 56.68 10.40
C PRO K 470 34.69 57.50 9.15
N GLY K 471 35.45 56.91 8.25
CA GLY K 471 35.80 57.57 6.99
C GLY K 471 34.58 57.83 6.10
N TYR K 472 33.58 56.95 6.15
CA TYR K 472 32.38 57.14 5.35
C TYR K 472 31.44 58.10 6.08
N ARG K 473 31.53 58.14 7.41
CA ARG K 473 30.64 59.01 8.16
C ARG K 473 31.27 60.36 8.53
N ASN K 474 32.52 60.57 8.12
CA ASN K 474 33.20 61.82 8.38
C ASN K 474 32.42 62.96 7.70
N PRO K 475 31.84 63.88 8.50
CA PRO K 475 31.04 64.99 7.95
C PRO K 475 31.67 65.91 6.90
N GLU K 476 32.99 65.86 6.70
CA GLU K 476 33.59 66.71 5.67
C GLU K 476 33.57 65.94 4.37
N ASN K 477 33.00 64.74 4.43
CA ASN K 477 32.89 63.84 3.28
C ASN K 477 31.49 63.55 2.79
N PHE K 478 31.40 63.38 1.48
CA PHE K 478 30.15 63.06 0.81
C PHE K 478 30.38 61.72 0.12
N ILE K 479 29.47 60.79 0.35
CA ILE K 479 29.61 59.45 -0.22
C ILE K 479 28.47 58.90 -1.05
N VAL K 480 28.77 58.53 -2.30
CA VAL K 480 27.77 57.94 -3.16
C VAL K 480 28.02 56.45 -3.35
N VAL K 481 26.94 55.68 -3.40
CA VAL K 481 27.04 54.26 -3.58
C VAL K 481 25.99 53.84 -4.59
N SER K 482 26.45 53.37 -5.75
CA SER K 482 25.54 52.86 -6.78
C SER K 482 25.45 51.37 -6.46
N ASP K 483 24.25 50.83 -6.43
CA ASP K 483 24.09 49.41 -6.14
C ASP K 483 22.71 49.01 -6.61
N ALA K 484 22.39 47.73 -6.40
CA ALA K 484 21.10 47.18 -6.82
C ALA K 484 20.28 46.68 -5.64
N TYR K 485 20.87 46.65 -4.46
CA TYR K 485 20.14 46.23 -3.28
C TYR K 485 20.65 47.01 -2.12
N PRO K 486 19.83 47.13 -1.07
CA PRO K 486 20.16 47.81 0.16
C PRO K 486 21.67 47.83 0.49
N THR K 487 22.19 46.81 1.16
CA THR K 487 23.64 46.78 1.48
C THR K 487 24.04 47.68 2.63
N VAL K 488 24.94 47.18 3.47
CA VAL K 488 25.36 47.99 4.59
C VAL K 488 26.11 49.24 4.08
N THR K 489 26.96 49.05 3.07
CA THR K 489 27.70 50.17 2.50
C THR K 489 26.75 51.32 2.13
N GLY K 490 25.62 50.98 1.53
CA GLY K 490 24.66 52.00 1.13
C GLY K 490 24.05 52.63 2.36
N ARG K 491 23.76 51.79 3.36
CA ARG K 491 23.19 52.28 4.60
C ARG K 491 24.17 53.30 5.19
N ALA K 492 25.46 53.04 5.00
CA ALA K 492 26.51 53.90 5.52
C ALA K 492 26.91 55.00 4.55
N ALA K 493 26.11 55.28 3.52
CA ALA K 493 26.45 56.36 2.57
C ALA K 493 25.54 57.58 2.66
N ASP K 494 25.65 58.50 1.73
CA ASP K 494 24.83 59.71 1.75
C ASP K 494 23.91 59.81 0.55
N LEU K 495 24.35 59.26 -0.56
CA LEU K 495 23.55 59.23 -1.78
C LEU K 495 23.68 57.82 -2.37
N VAL K 496 22.55 57.16 -2.58
CA VAL K 496 22.57 55.80 -3.11
C VAL K 496 21.85 55.78 -4.45
N LEU K 497 22.60 55.47 -5.50
CA LEU K 497 22.03 55.45 -6.84
C LEU K 497 21.71 54.03 -7.25
N PRO K 498 20.47 53.79 -7.74
CA PRO K 498 19.97 52.47 -8.20
C PRO K 498 20.58 51.98 -9.50
N ALA K 499 21.04 50.73 -9.53
CA ALA K 499 21.66 50.21 -10.74
C ALA K 499 20.96 49.09 -11.49
N ALA K 500 21.05 49.13 -12.82
CA ALA K 500 20.51 48.03 -13.62
C ALA K 500 21.62 46.99 -13.44
N MET K 501 21.19 45.78 -13.16
CA MET K 501 22.05 44.68 -12.83
C MET K 501 22.22 43.65 -13.93
N TRP K 502 23.22 42.79 -13.78
CA TRP K 502 23.49 41.71 -14.70
C TRP K 502 22.91 41.83 -16.09
N VAL K 503 21.85 41.07 -16.34
CA VAL K 503 21.24 41.03 -17.66
C VAL K 503 20.21 42.12 -18.01
N GLU K 504 20.13 43.13 -17.14
CA GLU K 504 19.25 44.27 -17.34
C GLU K 504 20.04 45.34 -18.12
N LYS K 505 21.30 45.04 -18.36
CA LYS K 505 22.18 45.95 -19.09
C LYS K 505 23.13 45.11 -19.99
N GLU K 506 23.41 45.57 -21.21
CA GLU K 506 24.34 44.83 -22.07
C GLU K 506 25.75 45.01 -21.48
N GLY K 507 26.51 43.92 -21.40
CA GLY K 507 27.84 44.01 -20.81
C GLY K 507 28.83 42.96 -21.32
N ALA K 508 30.03 43.01 -20.75
CA ALA K 508 31.10 42.11 -21.12
C ALA K 508 32.01 41.88 -19.91
N TYR K 509 32.55 40.67 -19.82
CA TYR K 509 33.41 40.29 -18.73
C TYR K 509 34.61 39.52 -19.24
N GLY K 510 35.61 39.38 -18.36
CA GLY K 510 36.84 38.65 -18.68
C GLY K 510 37.27 37.69 -17.57
N ASN K 511 37.21 36.39 -17.87
CA ASN K 511 37.52 35.37 -16.86
C ASN K 511 39.01 35.11 -16.66
N ALA K 512 39.31 34.32 -15.65
CA ALA K 512 40.66 33.99 -15.28
C ALA K 512 41.57 33.43 -16.36
N GLU K 513 41.00 32.93 -17.45
CA GLU K 513 41.86 32.38 -18.51
C GLU K 513 41.90 33.28 -19.74
N ARG K 514 41.79 34.58 -19.50
CA ARG K 514 41.82 35.56 -20.57
C ARG K 514 40.65 35.44 -21.53
N ARG K 515 39.50 34.99 -21.04
CA ARG K 515 38.34 34.84 -21.90
C ARG K 515 37.42 36.03 -21.73
N THR K 516 37.20 36.73 -22.85
CA THR K 516 36.37 37.92 -22.85
C THR K 516 35.04 37.59 -23.47
N HIS K 517 34.00 37.56 -22.67
CA HIS K 517 32.70 37.29 -23.24
C HIS K 517 31.65 38.38 -22.95
N PHE K 518 30.72 38.54 -23.91
CA PHE K 518 29.64 39.52 -23.89
C PHE K 518 28.28 38.95 -23.50
N TRP K 519 27.28 39.83 -23.47
CA TRP K 519 25.88 39.47 -23.24
C TRP K 519 25.05 40.72 -23.55
N HIS K 520 23.90 40.48 -24.21
CA HIS K 520 22.97 41.54 -24.58
C HIS K 520 22.07 41.83 -23.41
N GLN K 521 21.27 42.88 -23.54
CA GLN K 521 20.37 43.20 -22.47
C GLN K 521 19.17 42.31 -22.78
N LEU K 522 18.79 41.47 -21.81
CA LEU K 522 17.67 40.55 -21.98
C LEU K 522 16.37 40.99 -21.32
N VAL K 523 16.48 41.88 -20.37
CA VAL K 523 15.30 42.32 -19.68
C VAL K 523 15.47 43.77 -19.20
N GLU K 524 14.37 44.40 -18.76
CA GLU K 524 14.47 45.77 -18.30
C GLU K 524 14.64 45.82 -16.78
N ALA K 525 15.45 46.77 -16.30
CA ALA K 525 15.64 46.90 -14.87
C ALA K 525 14.35 47.44 -14.22
N PRO K 526 14.16 47.15 -12.93
CA PRO K 526 12.97 47.62 -12.22
C PRO K 526 13.01 49.12 -11.93
N GLY K 527 11.84 49.77 -12.02
CA GLY K 527 11.71 51.19 -11.75
C GLY K 527 12.61 52.14 -12.53
N GLU K 528 13.37 52.97 -11.80
CA GLU K 528 14.25 53.95 -12.40
C GLU K 528 15.72 53.58 -12.38
N ALA K 529 16.04 52.32 -12.17
CA ALA K 529 17.45 51.91 -12.15
C ALA K 529 18.06 51.94 -13.55
N ARG K 530 19.32 52.34 -13.61
CA ARG K 530 20.03 52.44 -14.88
C ARG K 530 21.44 51.86 -14.69
N SER K 531 22.02 51.36 -15.79
CA SER K 531 23.36 50.79 -15.72
C SER K 531 24.37 51.77 -15.09
N ASP K 532 25.43 51.21 -14.52
CA ASP K 532 26.47 52.02 -13.95
C ASP K 532 27.10 52.82 -15.10
N LEU K 533 27.08 52.23 -16.30
CA LEU K 533 27.67 52.91 -17.45
C LEU K 533 26.92 54.21 -17.60
N TRP K 534 25.59 54.10 -17.66
CA TRP K 534 24.75 55.26 -17.82
C TRP K 534 25.03 56.24 -16.72
N GLN K 535 25.01 55.77 -15.47
CA GLN K 535 25.29 56.63 -14.34
C GLN K 535 26.59 57.47 -14.54
N LEU K 536 27.67 56.79 -14.88
CA LEU K 536 28.93 57.45 -15.13
C LEU K 536 28.74 58.46 -16.28
N MET K 537 28.45 57.95 -17.48
CA MET K 537 28.28 58.81 -18.65
C MET K 537 27.41 60.05 -18.40
N GLU K 538 26.22 59.88 -17.79
CA GLU K 538 25.30 60.98 -17.53
C GLU K 538 25.87 61.99 -16.52
N PHE K 539 26.53 61.49 -15.48
CA PHE K 539 27.11 62.34 -14.47
C PHE K 539 28.17 63.21 -15.11
N SER K 540 28.61 62.78 -16.29
CA SER K 540 29.59 63.52 -17.07
C SER K 540 29.03 64.83 -17.57
N LYS K 541 27.87 64.75 -18.22
CA LYS K 541 27.18 65.89 -18.81
C LYS K 541 27.10 67.14 -17.92
N ARG K 542 27.66 67.05 -16.72
CA ARG K 542 27.61 68.15 -15.76
C ARG K 542 28.81 69.10 -15.67
N PHE K 543 29.97 68.59 -16.04
CA PHE K 543 31.16 69.39 -15.94
C PHE K 543 31.57 69.95 -17.28
N THR K 544 32.31 71.05 -17.23
CA THR K 544 32.73 71.73 -18.43
C THR K 544 34.26 71.81 -18.48
N THR K 545 34.82 71.85 -19.68
CA THR K 545 36.27 71.89 -19.83
C THR K 545 36.87 73.05 -19.07
N ASP K 546 36.07 74.10 -18.84
CA ASP K 546 36.51 75.22 -18.03
C ASP K 546 36.49 74.49 -16.68
N GLU K 547 35.61 74.88 -15.76
CA GLU K 547 35.41 74.20 -14.47
C GLU K 547 36.47 73.22 -13.88
N VAL K 548 36.76 72.17 -14.65
CA VAL K 548 37.65 71.08 -14.21
C VAL K 548 39.09 70.99 -14.70
N TRP K 549 39.35 71.37 -15.96
CA TRP K 549 40.71 71.32 -16.49
C TRP K 549 41.55 72.55 -16.14
N PRO K 550 42.89 72.39 -16.06
CA PRO K 550 43.79 73.53 -15.77
C PRO K 550 43.75 74.52 -16.97
N GLU K 551 43.75 75.81 -16.66
CA GLU K 551 43.66 76.88 -17.66
C GLU K 551 44.73 76.84 -18.77
N GLU K 552 45.95 76.51 -18.38
CA GLU K 552 47.05 76.42 -19.34
C GLU K 552 46.63 75.52 -20.50
N ILE K 553 46.28 74.28 -20.16
CA ILE K 553 45.87 73.29 -21.11
C ILE K 553 44.77 73.86 -22.00
N LEU K 554 43.83 74.57 -21.38
CA LEU K 554 42.75 75.18 -22.15
C LEU K 554 43.32 76.15 -23.15
N SER K 555 44.08 77.13 -22.64
CA SER K 555 44.74 78.14 -23.49
C SER K 555 45.25 77.45 -24.77
N ALA K 556 46.05 76.39 -24.57
CA ALA K 556 46.60 75.62 -25.69
C ALA K 556 45.50 75.10 -26.63
N ALA K 557 44.35 74.71 -26.11
CA ALA K 557 43.32 74.24 -27.02
C ALA K 557 41.93 74.73 -26.73
N PRO K 558 41.49 75.79 -27.42
CA PRO K 558 40.17 76.40 -27.34
C PRO K 558 39.04 75.37 -27.39
N ALA K 559 39.05 74.52 -28.43
CA ALA K 559 38.04 73.46 -28.51
C ALA K 559 38.40 72.57 -27.32
N TYR K 560 37.83 72.91 -26.18
CA TYR K 560 37.99 72.30 -24.85
C TYR K 560 37.74 73.52 -23.95
N ARG K 561 36.70 74.27 -24.30
CA ARG K 561 36.28 75.42 -23.53
C ARG K 561 34.78 75.39 -23.69
N GLY K 562 34.13 75.03 -22.60
CA GLY K 562 32.69 74.82 -22.62
C GLY K 562 32.66 73.30 -22.79
N LYS K 563 32.32 72.84 -23.99
CA LYS K 563 32.35 71.40 -24.23
C LYS K 563 31.55 70.49 -23.27
N THR K 564 32.06 70.30 -22.05
CA THR K 564 31.46 69.44 -21.02
C THR K 564 32.03 68.04 -21.13
N LEU K 565 32.55 67.58 -20.00
CA LEU K 565 33.11 66.25 -19.91
C LEU K 565 31.99 65.32 -20.39
N PHE K 566 32.08 64.90 -21.62
CA PHE K 566 31.06 64.00 -22.19
C PHE K 566 31.29 64.23 -23.64
N GLU K 567 31.19 65.51 -24.04
CA GLU K 567 31.45 65.79 -25.43
C GLU K 567 32.93 65.37 -25.56
N VAL K 568 33.73 65.76 -24.56
CA VAL K 568 35.13 65.43 -24.54
C VAL K 568 35.41 63.94 -24.22
N LEU K 569 34.51 63.27 -23.50
CA LEU K 569 34.76 61.88 -23.14
C LEU K 569 33.98 60.83 -23.86
N PHE K 570 32.74 61.13 -24.22
CA PHE K 570 31.90 60.13 -24.86
C PHE K 570 31.29 60.58 -26.18
N ALA K 571 31.44 61.87 -26.49
CA ALA K 571 30.92 62.44 -27.74
C ALA K 571 32.10 62.98 -28.56
N ASN K 572 33.17 62.19 -28.54
CA ASN K 572 34.43 62.46 -29.25
C ASN K 572 34.30 62.30 -30.74
N GLY K 573 33.25 61.63 -31.17
CA GLY K 573 33.13 61.39 -32.58
C GLY K 573 33.94 60.11 -32.77
N SER K 574 34.39 59.55 -31.63
CA SER K 574 35.12 58.29 -31.59
C SER K 574 34.17 57.29 -30.96
N VAL K 575 33.66 57.65 -29.77
CA VAL K 575 32.71 56.82 -29.02
C VAL K 575 31.29 56.95 -29.61
N ASP K 576 31.02 58.04 -30.33
CA ASP K 576 29.73 58.28 -31.00
C ASP K 576 29.74 57.55 -32.33
N ARG K 577 30.93 57.15 -32.75
CA ARG K 577 31.13 56.45 -34.01
C ARG K 577 29.96 55.61 -34.53
N PHE K 578 29.40 54.74 -33.68
CA PHE K 578 28.34 53.81 -34.07
C PHE K 578 26.93 54.21 -33.68
N PRO K 579 25.99 54.13 -34.63
CA PRO K 579 24.57 54.47 -34.46
C PRO K 579 23.71 53.60 -33.57
N ALA K 580 22.54 54.14 -33.15
CA ALA K 580 21.60 53.40 -32.31
C ALA K 580 21.16 52.14 -33.03
N SER K 581 21.51 52.05 -34.31
CA SER K 581 21.24 50.87 -35.11
C SER K 581 22.49 50.09 -34.70
N ASP K 582 23.00 49.18 -35.53
CA ASP K 582 24.22 48.46 -35.17
C ASP K 582 24.09 47.79 -33.81
N VAL K 583 22.87 47.51 -33.38
CA VAL K 583 22.69 46.98 -32.04
C VAL K 583 21.77 45.75 -32.03
N ASN K 584 21.93 44.88 -33.02
CA ASN K 584 21.10 43.67 -33.12
C ASN K 584 19.64 44.04 -32.99
N PRO K 585 18.88 43.85 -34.05
CA PRO K 585 17.44 44.15 -34.08
C PRO K 585 16.74 43.70 -32.81
N ASP K 586 16.91 42.43 -32.46
CA ASP K 586 16.32 41.91 -31.23
C ASP K 586 17.19 42.52 -30.13
N HIS K 587 16.78 42.41 -28.88
CA HIS K 587 17.58 42.97 -27.78
C HIS K 587 17.58 44.51 -27.71
N ALA K 588 17.19 45.03 -26.55
CA ALA K 588 17.13 46.48 -26.33
C ALA K 588 18.41 46.94 -25.66
N ASN K 589 18.58 48.25 -25.52
CA ASN K 589 19.79 48.81 -24.92
C ASN K 589 19.45 50.16 -24.31
N HIS K 590 19.04 50.19 -23.05
CA HIS K 590 18.65 51.48 -22.47
C HIS K 590 19.68 52.60 -22.58
N GLU K 591 20.95 52.25 -22.57
CA GLU K 591 21.98 53.28 -22.65
C GLU K 591 22.15 53.79 -24.07
N ALA K 592 21.41 53.21 -25.01
CA ALA K 592 21.50 53.62 -26.39
C ALA K 592 20.21 54.34 -26.79
N ALA K 593 19.14 54.11 -26.03
CA ALA K 593 17.86 54.79 -26.30
C ALA K 593 18.03 56.20 -25.75
N LEU K 594 18.70 56.28 -24.61
CA LEU K 594 19.03 57.57 -24.04
C LEU K 594 20.37 57.68 -24.78
N PHE K 595 20.81 58.88 -25.17
CA PHE K 595 22.06 59.09 -25.95
C PHE K 595 21.74 58.60 -27.36
N GLY K 596 22.44 59.10 -28.35
CA GLY K 596 22.12 58.67 -29.71
C GLY K 596 23.04 57.65 -30.34
N PHE K 597 24.13 57.30 -29.64
CA PHE K 597 25.08 56.36 -30.16
C PHE K 597 24.86 54.97 -29.65
N TYR K 598 25.91 54.19 -29.54
CA TYR K 598 25.84 52.83 -29.05
C TYR K 598 27.11 52.76 -28.22
N PRO K 599 27.03 53.14 -26.93
CA PRO K 599 28.12 53.21 -25.97
C PRO K 599 29.09 52.04 -25.95
N GLN K 600 28.54 50.87 -25.65
CA GLN K 600 29.34 49.67 -25.57
C GLN K 600 30.26 49.49 -26.79
N LYS K 601 29.68 49.44 -27.97
CA LYS K 601 30.48 49.28 -29.16
C LYS K 601 31.59 50.34 -29.17
N GLY K 602 31.20 51.62 -29.00
CA GLY K 602 32.15 52.71 -29.05
C GLY K 602 33.29 52.56 -28.07
N LEU K 603 32.94 52.39 -26.80
CA LEU K 603 33.94 52.25 -25.75
C LEU K 603 34.78 50.99 -25.99
N PHE K 604 34.14 49.88 -26.31
CA PHE K 604 34.91 48.67 -26.56
C PHE K 604 35.95 48.93 -27.65
N GLU K 605 35.52 49.28 -28.86
CA GLU K 605 36.48 49.48 -29.92
C GLU K 605 37.51 50.57 -29.61
N GLU K 606 37.13 51.61 -28.86
CA GLU K 606 38.16 52.60 -28.55
C GLU K 606 39.15 51.91 -27.61
N TYR K 607 38.71 51.51 -26.43
CA TYR K 607 39.55 50.82 -25.45
C TYR K 607 40.39 49.70 -26.11
N ALA K 608 39.81 49.06 -27.11
CA ALA K 608 40.47 47.96 -27.81
C ALA K 608 41.77 48.36 -28.50
N ALA K 609 41.85 49.61 -28.93
CA ALA K 609 43.03 50.12 -29.62
C ALA K 609 44.26 50.22 -28.72
N PHE K 610 44.07 50.13 -27.41
CA PHE K 610 45.24 50.21 -26.53
C PHE K 610 46.08 48.93 -26.67
N GLY K 611 45.39 47.80 -26.82
CA GLY K 611 46.05 46.53 -27.04
C GLY K 611 46.01 46.41 -28.55
N ARG K 612 46.03 45.21 -29.12
CA ARG K 612 45.99 45.09 -30.59
C ARG K 612 47.31 45.63 -31.14
N GLY K 613 48.23 44.71 -31.38
CA GLY K 613 49.55 45.06 -31.81
C GLY K 613 50.20 44.58 -30.53
N HIS K 614 50.65 45.50 -29.70
CA HIS K 614 51.26 45.16 -28.42
C HIS K 614 50.40 44.13 -27.67
N GLY K 615 50.74 42.83 -27.76
CA GLY K 615 49.96 41.76 -27.11
C GLY K 615 48.47 42.07 -26.98
N HIS K 616 47.87 41.79 -25.81
CA HIS K 616 46.48 42.14 -25.48
C HIS K 616 45.38 42.21 -26.58
N ASP K 617 45.60 41.59 -27.73
CA ASP K 617 44.66 41.69 -28.83
C ASP K 617 43.23 41.28 -28.58
N LEU K 618 42.29 42.23 -28.57
CA LEU K 618 40.89 41.84 -28.44
C LEU K 618 40.31 41.70 -29.85
N ALA K 619 39.31 40.84 -29.99
CA ALA K 619 38.68 40.63 -31.30
C ALA K 619 37.72 41.79 -31.59
N PRO K 620 37.15 41.82 -32.80
CA PRO K 620 36.20 42.91 -33.10
C PRO K 620 34.98 42.83 -32.19
N PHE K 621 34.52 43.98 -31.67
CA PHE K 621 33.35 43.99 -30.79
C PHE K 621 32.26 43.00 -31.24
N ASP K 622 31.71 43.18 -32.45
CA ASP K 622 30.65 42.31 -32.90
C ASP K 622 30.92 40.83 -32.78
N THR K 623 32.17 40.42 -32.97
CA THR K 623 32.51 39.01 -32.91
C THR K 623 32.18 38.40 -31.59
N TYR K 624 32.50 39.08 -30.51
CA TYR K 624 32.22 38.56 -29.19
C TYR K 624 30.74 38.25 -28.91
N HIS K 625 29.82 38.80 -29.71
CA HIS K 625 28.41 38.53 -29.48
C HIS K 625 27.98 37.27 -30.18
N GLU K 626 28.71 36.86 -31.21
CA GLU K 626 28.33 35.65 -31.94
C GLU K 626 28.96 34.39 -31.38
N VAL K 627 29.97 34.55 -30.53
CA VAL K 627 30.67 33.41 -29.98
C VAL K 627 30.61 33.39 -28.49
N ARG K 628 30.92 32.23 -27.89
CA ARG K 628 30.92 32.17 -26.42
C ARG K 628 32.36 32.43 -25.93
N GLY K 629 32.83 33.68 -26.12
CA GLY K 629 34.15 34.09 -25.69
C GLY K 629 35.34 33.59 -26.49
N LEU K 630 36.46 34.34 -26.40
CA LEU K 630 37.73 34.01 -27.05
C LEU K 630 38.83 34.38 -26.04
N HIS K 631 39.78 33.48 -25.73
CA HIS K 631 40.84 33.86 -24.79
C HIS K 631 41.83 34.81 -25.60
N TRP K 632 42.26 35.92 -25.01
CA TRP K 632 43.07 36.92 -25.67
C TRP K 632 44.57 36.92 -25.69
N PRO K 633 45.04 37.46 -26.87
CA PRO K 633 45.66 38.01 -28.09
C PRO K 633 44.89 37.33 -29.21
N VAL K 634 43.77 37.92 -29.57
CA VAL K 634 42.96 37.35 -30.65
C VAL K 634 43.48 38.05 -31.88
N VAL K 635 44.38 37.35 -32.58
CA VAL K 635 45.02 37.85 -33.77
C VAL K 635 44.46 37.18 -35.00
N GLU K 636 43.84 37.98 -35.85
CA GLU K 636 43.24 37.50 -37.08
C GLU K 636 42.09 36.56 -36.75
N GLY K 637 41.34 36.95 -35.70
CA GLY K 637 40.20 36.17 -35.26
C GLY K 637 40.53 34.83 -34.64
N GLU K 638 41.79 34.61 -34.26
CA GLU K 638 42.19 33.34 -33.65
C GLU K 638 42.71 33.55 -32.23
N GLU K 639 42.06 32.88 -31.29
CA GLU K 639 42.42 33.01 -29.89
C GLU K 639 43.73 32.32 -29.55
N THR K 640 44.26 32.71 -28.41
CA THR K 640 45.51 32.17 -27.92
C THR K 640 45.36 31.44 -26.60
N ARG K 641 45.64 30.13 -26.63
CA ARG K 641 45.54 29.35 -25.42
C ARG K 641 46.76 29.61 -24.58
N TRP K 642 47.92 29.16 -25.07
CA TRP K 642 49.18 29.33 -24.35
C TRP K 642 50.04 30.48 -24.87
N ARG K 643 50.41 31.38 -23.97
CA ARG K 643 51.21 32.56 -24.29
C ARG K 643 52.70 32.34 -24.12
N TYR K 644 53.49 33.04 -24.94
CA TYR K 644 54.95 32.98 -24.93
C TYR K 644 55.53 31.68 -25.51
N ARG K 645 54.78 30.99 -26.37
CA ARG K 645 55.31 29.76 -26.97
C ARG K 645 55.18 29.81 -28.46
N GLU K 646 56.29 29.64 -29.14
CA GLU K 646 56.23 29.65 -30.59
C GLU K 646 55.21 28.60 -31.03
N GLY K 647 54.36 28.99 -31.97
CA GLY K 647 53.36 28.06 -32.45
C GLY K 647 52.03 28.25 -31.74
N PHE K 648 52.07 28.52 -30.42
CA PHE K 648 50.85 28.73 -29.64
C PHE K 648 50.53 30.22 -29.59
N ASP K 649 51.56 31.02 -29.33
CA ASP K 649 51.44 32.48 -29.26
C ASP K 649 52.04 33.08 -30.56
N PRO K 650 51.30 33.94 -31.26
CA PRO K 650 51.80 34.54 -32.50
C PRO K 650 52.83 35.65 -32.30
N TYR K 651 52.94 36.13 -31.05
CA TYR K 651 53.91 37.17 -30.75
C TYR K 651 55.32 36.66 -30.54
N VAL K 652 55.49 35.35 -30.71
CA VAL K 652 56.78 34.71 -30.60
C VAL K 652 57.22 34.50 -32.05
N LYS K 653 58.35 35.12 -32.41
CA LYS K 653 58.88 35.04 -33.76
C LYS K 653 59.43 33.65 -34.09
N PRO K 654 59.20 33.18 -35.31
CA PRO K 654 59.61 31.86 -35.79
C PRO K 654 60.84 31.25 -35.17
N GLY K 655 61.99 31.88 -35.30
CA GLY K 655 63.15 31.29 -34.68
C GLY K 655 63.22 31.71 -33.23
N GLU K 656 62.47 31.05 -32.35
CA GLU K 656 62.53 31.49 -30.97
C GLU K 656 62.27 30.42 -29.94
N GLY K 657 61.08 29.84 -29.92
CA GLY K 657 60.75 28.82 -28.93
C GLY K 657 59.88 29.42 -27.83
N LEU K 658 60.51 30.09 -26.88
CA LEU K 658 59.81 30.77 -25.79
C LEU K 658 60.40 32.17 -25.78
N ARG K 659 59.65 33.14 -25.30
CA ARG K 659 60.15 34.50 -25.18
C ARG K 659 59.16 35.33 -24.42
N PHE K 660 59.38 35.43 -23.11
CA PHE K 660 58.51 36.23 -22.27
C PHE K 660 58.70 37.67 -22.72
N TYR K 661 58.14 37.97 -23.87
CA TYR K 661 58.26 39.28 -24.49
C TYR K 661 57.68 40.46 -23.69
N GLY K 662 57.36 40.24 -22.43
CA GLY K 662 56.86 41.35 -21.62
C GLY K 662 58.12 42.06 -21.18
N LYS K 663 59.15 41.25 -20.98
CA LYS K 663 60.46 41.70 -20.57
C LYS K 663 61.20 42.00 -21.86
N PRO K 664 62.09 43.02 -21.84
CA PRO K 664 62.85 43.41 -23.04
C PRO K 664 63.79 42.30 -23.50
N ASP K 665 64.58 41.76 -22.57
CA ASP K 665 65.50 40.68 -22.89
C ASP K 665 64.76 39.38 -23.11
N GLY K 666 63.49 39.35 -22.73
CA GLY K 666 62.69 38.16 -22.91
C GLY K 666 63.04 37.03 -21.98
N ARG K 667 63.42 37.37 -20.75
CA ARG K 667 63.73 36.36 -19.76
C ARG K 667 62.88 36.62 -18.52
N ALA K 668 62.34 35.56 -17.94
CA ALA K 668 61.51 35.68 -16.75
C ALA K 668 62.43 35.68 -15.53
N VAL K 669 62.02 36.46 -14.53
CA VAL K 669 62.79 36.62 -13.31
C VAL K 669 62.59 35.53 -12.25
N ILE K 670 63.66 35.11 -11.60
CA ILE K 670 63.55 34.16 -10.51
C ILE K 670 63.95 34.94 -9.25
N LEU K 671 63.03 35.07 -8.32
CA LEU K 671 63.33 35.86 -7.14
C LEU K 671 63.80 35.07 -5.95
N GLY K 672 64.90 35.52 -5.35
CA GLY K 672 65.40 34.90 -4.15
C GLY K 672 64.75 35.70 -3.03
N VAL K 673 63.85 35.06 -2.30
CA VAL K 673 63.20 35.79 -1.24
C VAL K 673 63.15 34.94 0.02
N PRO K 674 63.16 35.60 1.19
CA PRO K 674 63.15 34.95 2.49
C PRO K 674 61.78 34.82 3.15
N TYR K 675 61.55 33.68 3.81
CA TYR K 675 60.32 33.53 4.54
C TYR K 675 60.23 34.67 5.57
N GLU K 676 59.03 35.14 5.83
CA GLU K 676 58.87 36.13 6.85
C GLU K 676 57.60 35.80 7.62
N PRO K 677 57.38 36.41 8.77
CA PRO K 677 56.15 36.01 9.47
C PRO K 677 55.00 36.95 9.21
N PRO K 678 53.78 36.52 9.54
CA PRO K 678 52.57 37.34 9.37
C PRO K 678 52.58 38.54 10.31
N ALA K 679 51.82 39.57 9.96
CA ALA K 679 51.73 40.79 10.75
C ALA K 679 51.32 40.51 12.18
N GLU K 680 50.30 39.68 12.34
CA GLU K 680 49.83 39.34 13.68
C GLU K 680 49.65 37.82 13.87
N SER K 681 50.36 37.25 14.84
CA SER K 681 50.26 35.83 15.15
C SER K 681 49.63 35.70 16.52
N PRO K 682 49.05 34.54 16.83
CA PRO K 682 48.44 34.33 18.14
C PRO K 682 49.41 34.47 19.30
N ASP K 683 48.89 35.04 20.39
CA ASP K 683 49.61 35.30 21.62
C ASP K 683 49.11 34.38 22.72
N GLU K 684 49.25 34.88 23.94
CA GLU K 684 48.79 34.14 25.10
C GLU K 684 47.36 34.69 25.33
N GLU K 685 47.16 35.99 25.09
CA GLU K 685 45.84 36.60 25.28
C GLU K 685 44.91 36.14 24.14
N PHE K 686 45.39 36.24 22.90
CA PHE K 686 44.62 35.86 21.72
C PHE K 686 45.26 34.60 21.11
N GLY K 687 44.87 33.44 21.61
CA GLY K 687 45.46 32.20 21.15
C GLY K 687 45.06 31.58 19.81
N PHE K 688 43.94 32.01 19.23
CA PHE K 688 43.46 31.45 17.97
C PHE K 688 43.84 32.18 16.70
N TRP K 689 44.02 31.42 15.62
CA TRP K 689 44.29 31.99 14.31
C TRP K 689 42.91 32.30 13.71
N LEU K 690 42.74 33.48 13.15
CA LEU K 690 41.46 33.80 12.52
C LEU K 690 41.61 33.75 11.00
N VAL K 691 41.13 32.65 10.42
CA VAL K 691 41.16 32.49 8.98
C VAL K 691 39.80 32.98 8.51
N THR K 692 39.78 33.63 7.37
CA THR K 692 38.54 34.18 6.86
C THR K 692 38.30 33.82 5.40
N GLY K 693 37.07 33.52 5.04
CA GLY K 693 36.87 33.14 3.67
C GLY K 693 35.45 33.12 3.17
N ARG K 694 35.15 32.12 2.36
CA ARG K 694 33.82 31.96 1.76
C ARG K 694 33.20 30.57 1.89
N VAL K 695 31.99 30.47 1.35
CA VAL K 695 31.22 29.24 1.41
C VAL K 695 30.53 29.06 0.06
N LEU K 696 30.50 27.83 -0.47
CA LEU K 696 29.89 27.54 -1.77
C LEU K 696 28.61 28.28 -2.10
N GLU K 697 27.66 28.26 -1.16
CA GLU K 697 26.35 28.85 -1.34
C GLU K 697 26.28 30.38 -1.42
N HIS K 698 27.30 31.07 -0.94
CA HIS K 698 27.22 32.52 -0.94
C HIS K 698 28.31 33.30 -1.61
N TRP K 699 27.90 34.34 -2.31
CA TRP K 699 28.84 35.24 -2.98
C TRP K 699 29.09 36.53 -2.15
N HIS K 700 30.33 36.69 -1.66
CA HIS K 700 30.78 37.87 -0.90
C HIS K 700 29.86 38.35 0.21
N SER K 701 29.18 39.49 -0.04
CA SER K 701 28.26 40.11 0.91
C SER K 701 26.93 39.39 1.04
N GLY K 702 26.68 38.42 0.17
CA GLY K 702 25.40 37.75 0.18
C GLY K 702 24.26 38.68 -0.26
N SER K 703 24.56 39.88 -0.80
CA SER K 703 23.50 40.79 -1.22
C SER K 703 22.69 40.17 -2.31
N MET K 704 23.26 39.19 -3.00
CA MET K 704 22.52 38.55 -4.03
C MET K 704 22.12 37.15 -3.59
N THR K 705 23.07 36.36 -3.13
CA THR K 705 22.73 35.03 -2.74
C THR K 705 21.86 34.94 -1.49
N LEU K 706 22.05 35.85 -0.53
CA LEU K 706 21.20 35.79 0.66
C LEU K 706 19.76 36.15 0.31
N ARG K 707 19.52 36.47 -0.96
CA ARG K 707 18.18 36.78 -1.39
C ARG K 707 17.58 35.67 -2.20
N TRP K 708 18.42 34.78 -2.73
CA TRP K 708 17.93 33.64 -3.49
C TRP K 708 17.58 32.70 -2.33
N PRO K 709 16.28 32.35 -2.16
CA PRO K 709 15.79 31.47 -1.08
C PRO K 709 16.53 30.16 -0.86
N GLU K 710 16.71 29.33 -1.89
CA GLU K 710 17.40 28.07 -1.65
C GLU K 710 18.83 28.24 -1.14
N LEU K 711 19.48 29.33 -1.53
CA LEU K 711 20.84 29.53 -1.07
C LEU K 711 20.82 30.00 0.37
N TYR K 712 19.88 30.90 0.69
CA TYR K 712 19.78 31.42 2.06
C TYR K 712 19.49 30.25 2.95
N LYS K 713 18.40 29.57 2.66
CA LYS K 713 18.01 28.40 3.42
C LYS K 713 19.18 27.43 3.61
N ALA K 714 19.94 27.22 2.54
CA ALA K 714 21.06 26.30 2.58
C ALA K 714 22.16 26.61 3.58
N PHE K 715 22.24 27.89 3.97
CA PHE K 715 23.29 28.37 4.88
C PHE K 715 22.87 29.79 5.25
N PRO K 716 21.81 29.91 6.04
CA PRO K 716 21.24 31.19 6.49
C PRO K 716 22.18 32.23 7.06
N GLY K 717 23.05 31.85 7.97
CA GLY K 717 23.92 32.86 8.53
C GLY K 717 25.31 32.34 8.76
N ALA K 718 26.21 33.28 9.03
CA ALA K 718 27.62 32.97 9.24
C ALA K 718 27.82 32.11 10.50
N VAL K 719 28.97 31.46 10.57
CA VAL K 719 29.29 30.58 11.67
C VAL K 719 30.78 30.56 11.93
N CYS K 720 31.18 30.25 13.16
CA CYS K 720 32.58 30.09 13.46
C CYS K 720 32.92 28.57 13.46
N PHE K 721 33.80 28.14 12.55
CA PHE K 721 34.22 26.74 12.49
C PHE K 721 35.34 26.62 13.49
N MET K 722 35.22 25.66 14.40
CA MET K 722 36.26 25.46 15.42
C MET K 722 36.57 23.96 15.59
N HIS K 723 37.63 23.63 16.33
CA HIS K 723 37.95 22.22 16.54
C HIS K 723 36.99 21.65 17.58
N PRO K 724 36.54 20.38 17.41
CA PRO K 724 35.62 19.76 18.37
C PRO K 724 36.16 19.73 19.78
N GLU K 725 37.49 19.69 19.93
CA GLU K 725 38.08 19.66 21.27
C GLU K 725 38.40 21.05 21.79
N ASP K 726 38.75 21.97 20.90
CA ASP K 726 39.04 23.33 21.35
C ASP K 726 37.75 23.92 21.92
N ALA K 727 36.65 23.22 21.70
CA ALA K 727 35.37 23.66 22.21
C ALA K 727 35.09 23.00 23.55
N ARG K 728 35.13 21.66 23.59
CA ARG K 728 34.91 20.94 24.85
C ARG K 728 35.67 21.66 25.98
N SER K 729 36.98 21.87 25.75
CA SER K 729 37.84 22.52 26.72
C SER K 729 37.28 23.80 27.27
N ARG K 730 36.89 24.72 26.40
CA ARG K 730 36.34 25.99 26.86
C ARG K 730 34.91 25.85 27.37
N GLY K 731 34.43 24.62 27.44
CA GLY K 731 33.09 24.37 27.91
C GLY K 731 32.04 24.81 26.90
N LEU K 732 32.43 24.79 25.64
CA LEU K 732 31.58 25.18 24.52
C LEU K 732 31.13 23.95 23.77
N ASN K 733 29.92 24.01 23.23
CA ASN K 733 29.37 22.91 22.42
C ASN K 733 29.05 23.49 21.06
N ARG K 734 28.52 22.65 20.18
CA ARG K 734 28.13 23.09 18.86
C ARG K 734 26.85 23.90 19.05
N GLY K 735 26.81 25.11 18.52
CA GLY K 735 25.61 25.92 18.64
C GLY K 735 25.74 27.02 19.66
N SER K 736 26.78 26.93 20.48
CA SER K 736 27.03 27.93 21.50
C SER K 736 27.24 29.29 20.84
N GLU K 737 26.77 30.36 21.48
CA GLU K 737 26.96 31.71 20.96
C GLU K 737 28.35 32.25 21.45
N VAL K 738 29.34 32.25 20.55
CA VAL K 738 30.68 32.72 20.89
C VAL K 738 31.00 34.14 20.42
N ARG K 739 32.06 34.68 21.00
CA ARG K 739 32.52 36.02 20.68
C ARG K 739 33.88 35.88 20.09
N VAL K 740 33.99 36.15 18.81
CA VAL K 740 35.29 36.10 18.18
C VAL K 740 35.83 37.52 18.44
N ILE K 741 36.90 37.59 19.23
CA ILE K 741 37.48 38.86 19.64
C ILE K 741 38.94 39.15 19.22
N SER K 742 39.17 40.44 18.91
CA SER K 742 40.48 40.93 18.52
C SER K 742 40.76 42.26 19.19
N ARG K 743 41.96 42.79 18.97
CA ARG K 743 42.33 44.08 19.53
C ARG K 743 41.49 45.15 18.82
N ARG K 744 40.84 44.76 17.72
CA ARG K 744 40.02 45.66 16.91
C ARG K 744 38.49 45.48 17.01
N GLY K 745 38.01 44.27 17.32
CA GLY K 745 36.58 44.08 17.41
C GLY K 745 36.08 42.70 17.80
N GLU K 746 34.75 42.58 17.88
CA GLU K 746 34.05 41.33 18.25
C GLU K 746 32.84 41.01 17.37
N ILE K 747 32.54 39.73 17.34
CA ILE K 747 31.36 39.28 16.65
C ILE K 747 30.80 38.22 17.56
N ARG K 748 29.54 37.91 17.28
CA ARG K 748 28.85 36.82 17.92
C ARG K 748 28.44 35.98 16.72
N THR K 749 29.04 34.81 16.59
CA THR K 749 28.66 33.90 15.52
C THR K 749 28.39 32.72 16.40
N ARG K 750 27.77 31.68 15.86
CA ARG K 750 27.58 30.54 16.68
C ARG K 750 28.63 29.57 16.24
N LEU K 751 29.01 28.73 17.16
CA LEU K 751 30.05 27.76 16.92
C LEU K 751 29.53 26.69 16.01
N GLU K 752 30.41 26.14 15.21
CA GLU K 752 30.01 24.98 14.45
C GLU K 752 31.21 24.11 14.33
N THR K 753 31.14 22.97 14.95
CA THR K 753 32.23 22.05 14.86
C THR K 753 31.49 20.95 14.14
N ARG K 754 32.22 20.16 13.38
CA ARG K 754 31.62 19.08 12.62
C ARG K 754 30.93 19.60 11.35
N GLY K 755 31.35 20.79 10.91
CA GLY K 755 30.84 21.35 9.67
C GLY K 755 31.73 20.91 8.53
N ARG K 756 31.68 21.58 7.38
CA ARG K 756 32.54 21.18 6.23
C ARG K 756 34.02 21.43 6.46
N ASN K 757 34.35 22.57 7.06
CA ASN K 757 35.72 22.90 7.36
C ASN K 757 36.10 22.33 8.71
N ARG K 758 37.02 21.37 8.67
CA ARG K 758 37.56 20.68 9.85
C ARG K 758 38.86 21.36 10.31
N MET K 759 38.70 22.28 11.25
CA MET K 759 39.80 23.08 11.77
C MET K 759 40.85 22.36 12.57
N PRO K 760 42.10 22.85 12.51
CA PRO K 760 43.19 22.24 13.28
C PRO K 760 43.15 22.95 14.63
N ARG K 761 43.73 22.35 15.66
CA ARG K 761 43.66 22.98 16.95
C ARG K 761 44.33 24.33 16.89
N GLY K 762 43.63 25.36 17.37
CA GLY K 762 44.17 26.70 17.40
C GLY K 762 43.81 27.59 16.22
N VAL K 763 43.11 27.02 15.24
CA VAL K 763 42.69 27.77 14.04
C VAL K 763 41.17 27.80 13.90
N VAL K 764 40.63 28.98 13.63
CA VAL K 764 39.19 29.18 13.50
C VAL K 764 38.86 29.85 12.16
N PHE K 765 37.74 29.49 11.56
CA PHE K 765 37.36 30.07 10.27
C PHE K 765 35.94 30.64 10.24
N VAL K 766 35.80 31.90 9.82
CA VAL K 766 34.46 32.49 9.71
C VAL K 766 34.26 33.15 8.34
N PRO K 767 33.19 32.73 7.64
CA PRO K 767 32.90 33.32 6.33
C PRO K 767 32.30 34.71 6.55
N TRP K 768 32.51 35.62 5.61
CA TRP K 768 32.04 37.00 5.78
C TRP K 768 30.77 37.48 5.11
N PHE K 769 29.98 36.58 4.50
CA PHE K 769 28.76 36.97 3.80
C PHE K 769 27.66 37.61 4.60
N ASP K 770 27.70 37.44 5.92
CA ASP K 770 26.67 37.95 6.82
C ASP K 770 26.88 39.37 7.37
N ALA K 771 26.05 40.33 6.94
CA ALA K 771 26.20 41.72 7.42
C ALA K 771 25.87 41.87 8.92
N SER K 772 25.16 40.89 9.46
CA SER K 772 24.87 40.95 10.89
C SER K 772 26.22 40.63 11.56
N GLN K 773 26.99 39.76 10.92
CA GLN K 773 28.26 39.38 11.51
C GLN K 773 29.48 39.95 10.76
N LEU K 774 29.74 41.24 10.94
CA LEU K 774 30.87 41.89 10.27
C LEU K 774 32.24 41.45 10.81
N ILE K 775 32.78 40.32 10.33
CA ILE K 775 34.09 39.86 10.81
C ILE K 775 35.16 40.86 10.47
N ASN K 776 34.93 41.66 9.42
CA ASN K 776 35.94 42.61 9.06
C ASN K 776 36.21 43.69 10.09
N LYS K 777 35.43 43.68 11.18
CA LYS K 777 35.69 44.61 12.27
C LYS K 777 36.87 44.00 13.03
N VAL K 778 36.92 42.66 13.07
CA VAL K 778 37.93 41.87 13.77
C VAL K 778 39.26 41.77 13.03
N THR K 779 39.21 41.90 11.70
CA THR K 779 40.39 41.76 10.84
C THR K 779 41.44 42.87 10.90
N LEU K 780 42.71 42.50 10.70
CA LEU K 780 43.81 43.47 10.71
C LEU K 780 44.17 44.02 9.33
N ASP K 781 44.28 45.34 9.33
CA ASP K 781 44.61 46.21 8.20
C ASP K 781 45.90 45.91 7.38
N ALA K 782 46.65 44.86 7.71
CA ALA K 782 47.91 44.64 7.00
C ALA K 782 47.85 44.23 5.53
N ASN K 783 48.84 44.66 4.74
CA ASN K 783 48.90 44.35 3.29
C ASN K 783 50.25 43.78 2.88
N ASP K 784 50.37 43.36 1.63
CA ASP K 784 51.64 42.91 1.10
C ASP K 784 52.14 44.26 0.62
N PRO K 785 53.15 44.81 1.31
CA PRO K 785 53.74 46.12 1.01
C PRO K 785 54.09 46.44 -0.44
N ILE K 786 54.17 45.44 -1.31
CA ILE K 786 54.45 45.70 -2.74
C ILE K 786 53.16 45.90 -3.56
N SER K 787 52.23 44.96 -3.41
CA SER K 787 50.95 44.97 -4.13
C SER K 787 49.88 45.78 -3.40
N ARG K 788 50.05 45.88 -2.09
CA ARG K 788 49.13 46.61 -1.20
C ARG K 788 47.81 45.89 -1.04
N GLN K 789 47.86 44.56 -1.16
CA GLN K 789 46.67 43.74 -1.02
C GLN K 789 46.54 43.37 0.44
N THR K 790 45.49 43.81 1.12
CA THR K 790 45.31 43.48 2.54
C THR K 790 45.18 41.95 2.74
N ASP K 791 45.63 41.46 3.89
CA ASP K 791 45.66 40.03 4.20
C ASP K 791 44.55 39.63 5.19
N PHE K 792 43.56 38.89 4.69
CA PHE K 792 42.43 38.51 5.52
C PHE K 792 42.51 37.09 6.03
N LYS K 793 43.56 36.36 5.69
CA LYS K 793 43.62 34.97 6.12
C LYS K 793 44.21 34.62 7.50
N LYS K 794 44.76 35.59 8.23
CA LYS K 794 45.33 35.31 9.56
C LYS K 794 45.54 36.53 10.45
N CYS K 795 45.22 36.35 11.73
CA CYS K 795 45.40 37.36 12.76
C CYS K 795 45.03 36.63 14.05
N ALA K 796 45.41 37.19 15.19
CA ALA K 796 45.14 36.54 16.46
C ALA K 796 43.78 36.94 16.98
N VAL K 797 43.03 35.95 17.46
CA VAL K 797 41.70 36.20 17.98
C VAL K 797 41.38 35.35 19.21
N LYS K 798 40.57 35.90 20.12
CA LYS K 798 40.18 35.16 21.32
C LYS K 798 38.68 34.84 21.27
N ILE K 799 38.28 33.73 21.90
CA ILE K 799 36.87 33.29 21.89
C ILE K 799 36.25 32.97 23.28
N GLU K 800 35.16 33.65 23.62
CA GLU K 800 34.44 33.44 24.90
C GLU K 800 32.90 33.29 24.69
N ALA K 801 32.15 32.77 25.55
N ASP L 2 16.77 34.15 12.31
CA ASP L 2 16.60 35.33 11.38
C ASP L 2 16.73 36.66 12.17
N ALA L 3 17.89 37.33 11.96
CA ALA L 3 18.24 38.54 12.68
C ALA L 3 18.59 39.77 11.83
N PRO L 4 19.19 40.85 12.42
CA PRO L 4 19.47 42.07 11.66
C PRO L 4 19.84 41.82 10.25
N ARG L 5 18.83 42.04 9.41
CA ARG L 5 18.94 41.84 7.99
C ARG L 5 20.41 41.65 7.71
N LEU L 6 20.80 40.39 7.61
CA LEU L 6 22.16 40.03 7.30
C LEU L 6 22.35 40.76 5.96
N THR L 7 21.27 41.38 5.50
CA THR L 7 21.26 42.14 4.27
C THR L 7 21.56 43.64 4.53
N GLY L 8 21.00 44.25 5.59
CA GLY L 8 21.23 45.66 5.85
C GLY L 8 22.03 46.06 7.08
N ALA L 9 22.14 45.17 8.05
CA ALA L 9 22.87 45.41 9.31
C ALA L 9 22.38 46.63 10.10
N ASP L 10 21.75 46.40 11.26
CA ASP L 10 21.21 47.51 12.09
C ASP L 10 22.30 48.47 12.50
N ARG L 11 22.02 49.79 12.57
CA ARG L 11 23.01 50.83 12.95
C ARG L 11 24.36 50.15 13.03
N PRO L 12 24.94 49.79 11.84
CA PRO L 12 26.21 49.07 11.68
C PRO L 12 27.24 49.02 12.78
N MET L 13 27.78 47.82 12.95
CA MET L 13 28.84 47.56 13.91
C MET L 13 28.47 47.73 15.37
N SER L 14 27.22 48.08 15.61
CA SER L 14 26.68 48.29 16.95
C SER L 14 26.95 47.16 17.99
N GLU L 15 26.57 45.94 17.63
CA GLU L 15 26.69 44.72 18.45
C GLU L 15 25.37 44.00 18.21
N VAL L 16 25.46 42.83 17.61
CA VAL L 16 24.28 42.06 17.29
C VAL L 16 24.34 40.68 17.86
N ALA L 17 23.17 40.20 18.28
CA ALA L 17 23.05 38.86 18.82
C ALA L 17 22.81 37.92 17.62
N ALA L 18 23.50 36.79 17.61
CA ALA L 18 23.37 35.84 16.54
C ALA L 18 22.40 34.72 16.89
N PRO L 19 21.29 34.62 16.16
CA PRO L 19 20.27 33.59 16.36
C PRO L 19 20.93 32.23 16.34
N PRO L 20 20.27 31.22 16.91
CA PRO L 20 20.83 29.87 16.95
C PRO L 20 20.75 29.14 15.61
N LEU L 21 21.75 28.29 15.36
CA LEU L 21 21.85 27.51 14.15
C LEU L 21 20.46 26.98 13.82
N PRO L 22 20.04 27.12 12.55
CA PRO L 22 18.73 26.66 12.12
C PRO L 22 18.91 25.19 11.88
N GLU L 23 17.85 24.42 11.98
CA GLU L 23 18.03 23.00 11.81
C GLU L 23 17.71 22.51 10.43
N THR L 24 18.57 21.61 9.96
CA THR L 24 18.44 20.99 8.67
C THR L 24 17.11 20.28 8.56
N ILE L 25 16.60 20.18 7.35
CA ILE L 25 15.32 19.53 7.10
C ILE L 25 15.60 18.10 6.67
N THR L 26 15.29 17.18 7.56
CA THR L 26 15.52 15.77 7.36
C THR L 26 14.30 15.04 6.86
N ASP L 27 13.14 15.71 6.88
CA ASP L 27 11.86 15.15 6.40
C ASP L 27 12.09 14.83 4.93
N ASP L 28 12.19 13.54 4.62
CA ASP L 28 12.53 13.05 3.28
C ASP L 28 11.62 13.37 2.09
N ARG L 29 11.01 14.54 2.09
CA ARG L 29 10.10 14.93 1.02
C ARG L 29 10.79 15.73 -0.09
N ARG L 30 10.79 15.20 -1.32
CA ARG L 30 11.38 15.90 -2.48
C ARG L 30 10.67 17.23 -2.62
N VAL L 31 11.33 18.26 -3.13
CA VAL L 31 10.66 19.55 -3.16
C VAL L 31 9.93 20.10 -4.38
N GLY L 32 10.45 19.92 -5.58
CA GLY L 32 9.69 20.42 -6.72
C GLY L 32 10.25 21.70 -7.22
N ARG L 33 10.68 21.70 -8.49
CA ARG L 33 11.35 22.86 -9.05
C ARG L 33 10.53 23.60 -10.07
N ASN L 34 11.10 24.66 -10.63
CA ASN L 34 10.41 25.51 -11.58
C ASN L 34 10.86 25.38 -13.03
N TYR L 35 12.11 25.01 -13.26
CA TYR L 35 12.61 24.84 -14.61
C TYR L 35 13.45 23.59 -14.61
N PRO L 36 13.61 22.94 -15.77
CA PRO L 36 14.43 21.72 -15.82
C PRO L 36 15.75 22.26 -15.32
N GLU L 37 16.82 21.49 -15.29
CA GLU L 37 18.08 22.07 -14.81
C GLU L 37 18.11 22.91 -13.55
N GLN L 38 17.06 22.93 -12.75
CA GLN L 38 17.16 23.66 -11.49
C GLN L 38 17.56 22.51 -10.56
N PRO L 39 18.77 22.55 -9.99
CA PRO L 39 19.23 21.47 -9.11
C PRO L 39 18.31 21.15 -7.93
N PRO L 40 17.80 19.92 -7.87
CA PRO L 40 16.92 19.51 -6.78
C PRO L 40 17.64 19.82 -5.47
N VAL L 41 16.88 20.13 -4.45
CA VAL L 41 17.44 20.39 -3.14
C VAL L 41 17.54 19.02 -2.41
N ILE L 42 18.48 18.87 -1.49
CA ILE L 42 18.59 17.60 -0.80
C ILE L 42 17.60 17.53 0.38
N PRO L 43 16.60 16.62 0.27
CA PRO L 43 15.56 16.45 1.29
C PRO L 43 15.98 15.63 2.49
N HIS L 44 17.20 15.12 2.49
CA HIS L 44 17.63 14.33 3.63
C HIS L 44 18.90 14.89 4.25
N SER L 45 19.51 14.15 5.17
CA SER L 45 20.74 14.65 5.78
C SER L 45 21.97 14.30 4.97
N ILE L 46 23.05 15.04 5.21
CA ILE L 46 24.30 14.82 4.55
C ILE L 46 25.30 14.31 5.59
N GLU L 47 25.43 15.07 6.68
CA GLU L 47 26.33 14.78 7.79
C GLU L 47 27.54 13.85 7.59
N GLY L 48 27.37 12.56 7.92
CA GLY L 48 28.46 11.62 7.82
C GLY L 48 28.89 11.18 6.44
N TYR L 49 28.15 11.63 5.44
CA TYR L 49 28.42 11.26 4.06
C TYR L 49 29.71 11.80 3.53
N GLN L 50 30.55 10.90 3.07
CA GLN L 50 31.85 11.28 2.56
C GLN L 50 31.91 11.30 1.04
N LEU L 51 32.56 12.33 0.52
CA LEU L 51 32.79 12.46 -0.92
C LEU L 51 34.31 12.68 -1.04
N SER L 52 35.05 11.66 -1.46
CA SER L 52 36.49 11.77 -1.53
C SER L 52 37.03 10.98 -2.69
N VAL L 53 38.35 10.93 -2.78
CA VAL L 53 39.03 10.21 -3.84
C VAL L 53 38.71 8.75 -3.76
N ASN L 54 38.41 8.31 -2.56
CA ASN L 54 38.18 6.91 -2.34
C ASN L 54 36.74 6.47 -2.20
N ALA L 55 35.85 7.41 -1.92
CA ALA L 55 34.45 7.05 -1.77
C ALA L 55 33.48 8.17 -2.07
N ASN L 56 32.26 7.77 -2.45
CA ASN L 56 31.18 8.71 -2.74
C ASN L 56 29.92 8.09 -2.18
N ARG L 57 29.58 8.46 -0.95
CA ARG L 57 28.41 7.90 -0.31
C ARG L 57 27.11 7.98 -1.17
N CYS L 58 26.86 9.10 -1.85
CA CYS L 58 25.65 9.21 -2.65
C CYS L 58 25.55 8.21 -3.73
N LEU L 59 26.65 7.94 -4.41
CA LEU L 59 26.52 6.99 -5.51
C LEU L 59 26.13 5.59 -5.08
N GLU L 60 25.97 5.41 -3.77
CA GLU L 60 25.58 4.12 -3.23
C GLU L 60 24.10 3.95 -3.35
N CYS L 61 23.41 5.07 -3.36
CA CYS L 61 21.96 5.07 -3.45
C CYS L 61 21.46 5.61 -4.77
N HIS L 62 22.14 6.64 -5.27
CA HIS L 62 21.74 7.31 -6.50
C HIS L 62 22.44 6.75 -7.69
N ARG L 63 21.87 5.69 -8.24
CA ARG L 63 22.47 5.02 -9.36
C ARG L 63 21.37 4.46 -10.20
N ARG L 64 21.71 3.87 -11.35
CA ARG L 64 20.70 3.28 -12.20
C ARG L 64 21.01 1.79 -12.36
N GLN L 65 20.01 0.90 -12.31
CA GLN L 65 20.34 -0.51 -12.47
C GLN L 65 20.16 -0.95 -13.90
N TYR L 66 21.08 -1.80 -14.35
CA TYR L 66 20.99 -2.33 -15.69
C TYR L 66 21.07 -3.84 -15.69
N SER L 67 22.17 -4.39 -16.16
CA SER L 67 22.31 -5.83 -16.34
C SER L 67 20.99 -6.61 -16.44
N GLY L 68 20.04 -6.03 -17.16
CA GLY L 68 18.75 -6.66 -17.40
C GLY L 68 17.63 -6.44 -16.39
N LEU L 69 18.00 -6.06 -15.18
CA LEU L 69 17.04 -5.86 -14.11
C LEU L 69 16.37 -4.48 -14.09
N VAL L 70 15.25 -4.38 -13.38
CA VAL L 70 14.52 -3.14 -13.28
C VAL L 70 14.35 -2.68 -11.87
N ALA L 71 14.86 -1.48 -11.59
CA ALA L 71 14.73 -0.85 -10.29
C ALA L 71 14.40 0.61 -10.59
N ALA L 72 13.98 1.35 -9.58
CA ALA L 72 13.63 2.75 -9.76
C ALA L 72 14.88 3.60 -9.91
N PRO L 73 14.90 4.47 -10.90
CA PRO L 73 16.03 5.35 -11.17
C PRO L 73 16.29 6.35 -10.08
N MET L 74 17.55 6.57 -9.75
CA MET L 74 17.94 7.49 -8.69
C MET L 74 18.86 8.67 -9.07
N ILE L 75 19.23 8.76 -10.34
CA ILE L 75 20.00 9.88 -10.88
C ILE L 75 19.58 9.93 -12.33
N SER L 76 19.51 11.13 -12.88
CA SER L 76 19.16 11.31 -14.28
C SER L 76 20.37 10.97 -15.12
N ILE L 77 20.13 10.37 -16.26
CA ILE L 77 21.23 9.95 -17.09
C ILE L 77 22.07 11.09 -17.63
N THR L 78 21.66 12.31 -17.32
CA THR L 78 22.39 13.47 -17.78
C THR L 78 23.65 13.54 -16.98
N HIS L 79 23.66 12.83 -15.85
CA HIS L 79 24.84 12.78 -15.01
C HIS L 79 25.84 11.72 -15.54
N PHE L 80 25.56 11.17 -16.71
CA PHE L 80 26.43 10.20 -17.33
C PHE L 80 27.21 10.84 -18.50
N GLN L 81 26.83 12.03 -18.93
CA GLN L 81 27.50 12.61 -20.07
C GLN L 81 28.80 13.28 -19.70
N ASP L 82 29.79 13.13 -20.55
CA ASP L 82 31.09 13.72 -20.29
C ASP L 82 31.18 15.02 -21.04
N ARG L 83 32.18 15.82 -20.71
CA ARG L 83 32.44 17.08 -21.42
C ARG L 83 32.31 16.56 -22.86
N GLU L 84 31.71 17.30 -23.77
CA GLU L 84 31.52 16.78 -25.13
C GLU L 84 30.18 16.06 -25.28
N GLY L 85 29.42 15.97 -24.19
CA GLY L 85 28.10 15.39 -24.19
C GLY L 85 27.92 13.92 -24.41
N GLN L 86 29.00 13.20 -24.65
CA GLN L 86 28.89 11.77 -24.88
C GLN L 86 28.33 11.05 -23.65
N MET L 87 27.56 9.99 -23.85
CA MET L 87 27.03 9.31 -22.69
C MET L 87 27.79 8.06 -22.30
N LEU L 88 28.54 8.18 -21.21
CA LEU L 88 29.32 7.11 -20.65
C LEU L 88 28.42 6.04 -20.09
N ALA L 89 29.01 4.92 -19.73
CA ALA L 89 28.22 3.80 -19.21
C ALA L 89 28.00 3.85 -17.69
N ASP L 90 28.04 5.04 -17.10
CA ASP L 90 27.87 5.22 -15.66
C ASP L 90 28.19 6.69 -15.36
N VAL L 91 27.77 7.18 -14.20
CA VAL L 91 28.00 8.57 -13.83
C VAL L 91 29.40 9.03 -14.16
N SER L 92 29.55 10.20 -14.80
CA SER L 92 30.89 10.64 -15.14
C SER L 92 31.54 11.39 -13.98
N PRO L 93 32.87 11.37 -13.93
CA PRO L 93 33.68 11.99 -12.90
C PRO L 93 33.41 13.47 -12.74
N ARG L 94 33.07 14.16 -13.82
CA ARG L 94 32.69 15.56 -13.65
C ARG L 94 31.36 15.16 -13.09
N ARG L 95 30.86 15.85 -12.07
CA ARG L 95 29.59 15.43 -11.44
C ARG L 95 29.83 14.59 -10.20
N TYR L 96 31.02 14.00 -10.05
CA TYR L 96 31.34 13.18 -8.89
C TYR L 96 31.08 13.96 -7.58
N PHE L 97 31.62 15.15 -7.43
CA PHE L 97 31.34 15.89 -6.22
C PHE L 97 30.01 16.56 -6.44
N CYS L 98 28.98 15.96 -5.87
CA CYS L 98 27.62 16.47 -5.97
C CYS L 98 27.40 17.69 -5.10
N THR L 99 27.95 17.67 -3.89
CA THR L 99 27.76 18.78 -2.99
C THR L 99 27.99 20.13 -3.63
N ALA L 100 28.52 20.14 -4.85
CA ALA L 100 28.80 21.37 -5.57
C ALA L 100 27.57 21.95 -6.19
N CYS L 101 26.62 21.07 -6.51
CA CYS L 101 25.37 21.48 -7.13
C CYS L 101 24.15 21.30 -6.27
N HIS L 102 24.08 20.16 -5.59
CA HIS L 102 22.95 19.86 -4.72
C HIS L 102 23.19 20.35 -3.28
N VAL L 103 22.23 21.14 -2.84
CA VAL L 103 22.30 21.72 -1.54
C VAL L 103 21.16 21.26 -0.63
N PRO L 104 21.45 20.99 0.65
CA PRO L 104 20.37 20.58 1.55
C PRO L 104 19.70 21.87 2.02
N GLN L 105 18.68 21.79 2.87
CA GLN L 105 18.06 23.01 3.32
C GLN L 105 17.63 23.04 4.76
N THR L 106 17.54 24.24 5.33
CA THR L 106 17.15 24.39 6.72
C THR L 106 15.85 25.15 6.85
N ASN L 107 15.36 25.21 8.08
CA ASN L 107 14.16 25.96 8.36
C ASN L 107 14.67 27.38 8.53
N ALA L 108 14.62 28.19 7.49
CA ALA L 108 15.10 29.54 7.65
C ALA L 108 14.17 30.43 6.89
N GLN L 109 13.76 31.52 7.52
CA GLN L 109 12.84 32.41 6.85
C GLN L 109 13.64 33.38 6.00
N PRO L 110 13.35 33.40 4.69
CA PRO L 110 14.03 34.29 3.77
C PRO L 110 13.85 35.70 4.33
N LEU L 111 14.92 36.46 4.40
CA LEU L 111 14.86 37.80 4.96
C LEU L 111 14.09 38.75 4.06
N VAL L 112 13.80 38.31 2.85
CA VAL L 112 13.13 39.15 1.88
C VAL L 112 12.50 38.24 0.81
N THR L 113 11.29 38.52 0.36
CA THR L 113 10.70 37.64 -0.65
C THR L 113 11.38 37.83 -1.99
N ASN L 114 11.44 36.75 -2.76
CA ASN L 114 12.06 36.80 -4.08
C ASN L 114 10.96 36.68 -5.13
N GLU L 115 10.76 37.74 -5.93
CA GLU L 115 9.72 37.76 -6.97
C GLU L 115 10.07 37.08 -8.31
N PHE L 116 10.82 35.98 -8.24
CA PHE L 116 11.21 35.21 -9.43
C PHE L 116 9.93 34.53 -9.87
N ARG L 117 9.66 34.54 -11.17
CA ARG L 117 8.41 33.97 -11.66
C ARG L 117 8.59 32.66 -12.39
N ASP L 118 7.56 31.81 -12.34
CA ASP L 118 7.56 30.49 -12.99
C ASP L 118 7.36 30.58 -14.53
N MET L 119 7.96 29.67 -15.30
CA MET L 119 7.80 29.71 -16.75
C MET L 119 6.36 29.66 -17.20
N LEU L 120 5.58 28.69 -16.73
CA LEU L 120 4.16 28.63 -17.10
C LEU L 120 3.46 29.43 -16.01
N THR L 121 2.51 30.28 -16.37
CA THR L 121 1.84 31.07 -15.33
C THR L 121 2.84 31.94 -14.61
N LEU L 122 3.32 33.01 -15.26
CA LEU L 122 4.31 33.89 -14.66
C LEU L 122 3.95 34.43 -13.28
N MET L 123 3.58 33.52 -12.40
CA MET L 123 3.19 33.77 -11.00
C MET L 123 4.46 33.55 -10.18
N PRO L 124 4.68 34.35 -9.13
CA PRO L 124 5.86 34.17 -8.29
C PRO L 124 5.93 32.71 -7.87
N ALA L 125 7.07 32.09 -8.14
CA ALA L 125 7.28 30.67 -7.84
C ALA L 125 7.00 30.23 -6.43
N SER L 126 6.44 29.02 -6.29
CA SER L 126 6.20 28.45 -4.97
C SER L 126 6.37 26.94 -5.11
N ASN L 127 7.26 26.38 -4.30
CA ASN L 127 7.64 24.97 -4.33
C ASN L 127 7.08 24.08 -3.19
N GLU L 128 7.28 24.48 -2.04
N ILE M 12 33.31 0.19 -21.40
CA ILE M 12 34.58 0.84 -20.97
C ILE M 12 35.26 1.66 -22.08
N ARG M 13 35.45 1.09 -23.27
CA ARG M 13 36.11 1.85 -24.34
C ARG M 13 35.23 2.26 -25.52
N TRP M 14 35.05 3.57 -25.68
CA TRP M 14 34.22 4.13 -26.72
C TRP M 14 34.93 4.53 -27.99
N SER M 15 34.46 3.98 -29.09
CA SER M 15 35.01 4.25 -30.41
C SER M 15 33.97 4.83 -31.35
N LYS M 16 34.44 5.65 -32.24
CA LYS M 16 33.65 6.33 -33.23
C LYS M 16 33.29 5.37 -34.37
N ALA M 17 32.08 5.44 -34.91
CA ALA M 17 31.69 4.59 -36.07
C ALA M 17 30.35 4.99 -36.67
N PRO M 18 30.20 4.88 -38.00
CA PRO M 18 28.95 5.25 -38.63
C PRO M 18 27.91 4.11 -38.64
N CYS M 19 26.64 4.43 -38.41
CA CYS M 19 25.60 3.41 -38.38
C CYS M 19 25.77 2.48 -39.57
N ARG M 20 25.57 1.18 -39.35
CA ARG M 20 25.71 0.19 -40.40
C ARG M 20 24.45 0.04 -41.29
N PHE M 21 23.46 0.89 -41.10
CA PHE M 21 22.24 0.78 -41.89
C PHE M 21 22.06 1.96 -42.85
N CYS M 22 20.92 2.64 -42.70
CA CYS M 22 20.48 3.86 -43.39
C CYS M 22 21.51 4.70 -44.13
N GLY M 23 21.07 5.43 -45.15
CA GLY M 23 21.96 6.31 -45.89
C GLY M 23 22.04 7.67 -45.22
N THR M 24 21.34 7.81 -44.10
CA THR M 24 21.38 9.06 -43.36
C THR M 24 22.80 9.22 -42.93
N GLY M 25 23.32 8.21 -42.25
CA GLY M 25 24.71 8.23 -41.84
C GLY M 25 24.99 8.74 -40.45
N CYS M 26 24.17 8.38 -39.49
CA CYS M 26 24.39 8.85 -38.13
C CYS M 26 25.67 8.32 -37.59
N GLY M 27 26.20 9.02 -36.62
CA GLY M 27 27.44 8.63 -36.00
C GLY M 27 27.08 7.93 -34.72
N VAL M 28 27.77 6.83 -34.46
CA VAL M 28 27.52 6.03 -33.31
C VAL M 28 28.82 5.95 -32.55
N MET M 29 28.73 5.73 -31.26
CA MET M 29 29.90 5.55 -30.43
C MET M 29 29.79 4.17 -29.83
N VAL M 30 30.61 3.27 -30.36
CA VAL M 30 30.63 1.88 -30.00
C VAL M 30 31.36 1.62 -28.72
N GLY M 31 30.68 0.97 -27.79
CA GLY M 31 31.26 0.67 -26.50
C GLY M 31 31.82 -0.71 -26.54
N THR M 32 33.09 -0.84 -26.19
CA THR M 32 33.77 -2.10 -26.30
C THR M 32 34.40 -2.59 -25.02
N ARG M 33 34.24 -3.88 -24.73
CA ARG M 33 34.83 -4.49 -23.52
C ARG M 33 35.19 -5.92 -23.78
N ASP M 34 36.40 -6.31 -23.41
CA ASP M 34 36.86 -7.68 -23.63
C ASP M 34 36.58 -8.22 -25.02
N GLY M 35 36.94 -7.46 -26.05
CA GLY M 35 36.74 -7.94 -27.41
C GLY M 35 35.28 -8.08 -27.81
N GLN M 36 34.42 -7.41 -27.06
CA GLN M 36 32.98 -7.43 -27.31
C GLN M 36 32.36 -6.04 -27.36
N VAL M 37 31.36 -5.87 -28.22
CA VAL M 37 30.66 -4.61 -28.31
C VAL M 37 29.61 -4.80 -27.24
N VAL M 38 29.59 -3.95 -26.21
CA VAL M 38 28.64 -4.11 -25.14
C VAL M 38 27.66 -2.95 -25.01
N ALA M 39 27.78 -1.97 -25.89
CA ALA M 39 26.93 -0.79 -25.89
C ALA M 39 27.01 -0.03 -27.22
N THR M 40 25.95 0.67 -27.56
CA THR M 40 25.90 1.44 -28.79
C THR M 40 25.16 2.74 -28.51
N HIS M 41 25.86 3.85 -28.40
CA HIS M 41 25.23 5.12 -28.12
C HIS M 41 25.26 6.12 -29.28
N GLY M 42 24.54 7.22 -29.14
CA GLY M 42 24.57 8.22 -30.19
C GLY M 42 25.81 9.13 -30.03
N ASP M 43 26.48 9.40 -31.14
CA ASP M 43 27.66 10.25 -31.17
C ASP M 43 27.31 11.72 -31.13
N THR M 44 27.45 12.36 -29.99
CA THR M 44 27.10 13.76 -29.88
C THR M 44 27.98 14.69 -30.64
N GLN M 45 29.10 14.19 -31.14
CA GLN M 45 30.02 15.04 -31.88
C GLN M 45 29.81 14.94 -33.39
N ALA M 46 28.88 14.10 -33.82
CA ALA M 46 28.60 13.90 -35.25
C ALA M 46 27.58 14.89 -35.75
N GLU M 47 27.87 15.59 -36.85
CA GLU M 47 26.95 16.59 -37.40
C GLU M 47 25.64 16.00 -37.89
N VAL M 48 25.66 14.82 -38.47
CA VAL M 48 24.44 14.25 -38.98
C VAL M 48 23.38 14.19 -37.94
N ASN M 49 23.53 13.27 -36.97
CA ASN M 49 22.54 13.03 -35.90
C ASN M 49 22.71 13.84 -34.61
N ARG M 50 23.94 13.98 -34.15
CA ARG M 50 24.20 14.72 -32.93
C ARG M 50 23.58 14.05 -31.72
N GLY M 51 24.09 12.85 -31.40
CA GLY M 51 23.64 12.11 -30.24
C GLY M 51 22.33 11.35 -30.33
N LEU M 52 21.72 11.35 -31.52
CA LEU M 52 20.45 10.67 -31.69
C LEU M 52 20.51 9.59 -32.71
N ASN M 53 19.91 8.44 -32.43
CA ASN M 53 19.83 7.34 -33.39
C ASN M 53 18.36 6.91 -33.44
N CYS M 54 18.04 5.87 -34.21
CA CYS M 54 16.68 5.34 -34.27
C CYS M 54 16.68 3.97 -33.59
N VAL M 55 15.60 3.21 -33.63
CA VAL M 55 15.66 1.93 -32.95
C VAL M 55 16.83 1.11 -33.44
N LYS M 56 16.88 0.90 -34.75
CA LYS M 56 17.93 0.08 -35.35
C LYS M 56 19.32 0.53 -34.94
N GLY M 57 19.49 1.84 -34.78
CA GLY M 57 20.79 2.37 -34.44
C GLY M 57 21.27 1.97 -33.09
N TYR M 58 20.41 2.19 -32.10
CA TYR M 58 20.76 1.87 -30.74
C TYR M 58 21.00 0.35 -30.58
N PHE M 59 20.39 -0.44 -31.45
CA PHE M 59 20.57 -1.87 -31.33
C PHE M 59 21.66 -2.39 -32.24
N LEU M 60 22.58 -1.53 -32.59
CA LEU M 60 23.66 -1.97 -33.46
C LEU M 60 24.47 -2.98 -32.64
N SER M 61 24.45 -2.78 -31.34
CA SER M 61 25.20 -3.63 -30.46
C SER M 61 24.87 -5.10 -30.60
N LYS M 62 23.65 -5.41 -31.03
CA LYS M 62 23.26 -6.81 -31.12
C LYS M 62 23.30 -7.44 -32.49
N ILE M 63 23.84 -6.72 -33.47
CA ILE M 63 23.85 -7.17 -34.86
C ILE M 63 24.83 -8.25 -35.32
N MET M 64 26.02 -8.23 -34.77
CA MET M 64 27.03 -9.19 -35.15
C MET M 64 26.95 -10.43 -34.28
N TYR M 65 25.95 -10.48 -33.42
CA TYR M 65 25.93 -11.58 -32.48
C TYR M 65 24.91 -12.68 -32.54
N GLY M 66 24.19 -12.83 -33.64
CA GLY M 66 23.26 -13.94 -33.75
C GLY M 66 24.10 -15.22 -33.62
N GLU M 67 23.54 -16.34 -33.15
CA GLU M 67 24.37 -17.52 -32.98
C GLU M 67 24.76 -18.24 -34.27
N ASP M 68 24.23 -17.75 -35.39
CA ASP M 68 24.48 -18.32 -36.70
C ASP M 68 25.77 -17.91 -37.36
N ARG M 69 26.23 -16.71 -37.03
CA ARG M 69 27.41 -16.17 -37.66
C ARG M 69 28.23 -17.26 -38.34
N LEU M 70 28.30 -17.18 -39.68
CA LEU M 70 29.06 -18.14 -40.47
C LEU M 70 30.50 -18.04 -40.01
N THR M 71 31.13 -19.18 -39.79
CA THR M 71 32.49 -19.22 -39.28
C THR M 71 33.48 -19.97 -40.13
N THR M 72 32.98 -20.76 -41.08
CA THR M 72 33.80 -21.59 -41.95
C THR M 72 33.26 -21.55 -43.35
N PRO M 73 34.14 -21.55 -44.34
CA PRO M 73 33.59 -21.54 -45.71
C PRO M 73 32.82 -22.83 -45.87
N LEU M 74 31.75 -22.82 -46.66
CA LEU M 74 30.95 -24.01 -46.85
C LEU M 74 30.76 -24.38 -48.32
N LEU M 75 31.37 -25.49 -48.75
CA LEU M 75 31.24 -25.93 -50.13
C LEU M 75 30.22 -27.05 -50.21
N ARG M 76 29.62 -27.23 -51.40
CA ARG M 76 28.64 -28.28 -51.58
C ARG M 76 29.28 -29.60 -51.93
N MET M 77 29.72 -30.25 -50.86
CA MET M 77 30.43 -31.54 -50.81
C MET M 77 31.92 -31.26 -50.54
N LYS M 78 32.33 -31.63 -49.33
CA LYS M 78 33.71 -31.53 -48.84
C LYS M 78 34.57 -32.45 -49.74
N ASP M 79 34.33 -33.76 -49.65
CA ASP M 79 35.02 -34.75 -50.48
C ASP M 79 33.92 -35.54 -51.18
N GLY M 80 34.28 -36.11 -52.30
CA GLY M 80 33.31 -36.79 -53.11
C GLY M 80 33.37 -35.84 -54.30
N VAL M 81 34.14 -34.77 -54.07
CA VAL M 81 34.43 -33.71 -55.04
C VAL M 81 33.67 -32.40 -54.75
N TYR M 82 32.49 -32.25 -55.34
CA TYR M 82 31.67 -31.04 -55.22
C TYR M 82 30.61 -31.27 -56.26
N HIS M 83 29.36 -31.21 -55.82
CA HIS M 83 28.24 -31.44 -56.73
C HIS M 83 27.13 -30.44 -56.46
N LYS M 84 26.76 -29.70 -57.50
CA LYS M 84 25.67 -28.76 -57.37
C LYS M 84 24.43 -29.65 -57.25
N GLU M 85 23.87 -29.70 -56.04
CA GLU M 85 22.71 -30.52 -55.68
C GLU M 85 23.29 -31.36 -54.53
N GLY M 86 24.37 -30.85 -53.95
CA GLY M 86 25.05 -31.53 -52.87
C GLY M 86 24.58 -31.22 -51.47
N GLU M 87 25.54 -31.20 -50.56
CA GLU M 87 25.31 -30.96 -49.15
C GLU M 87 26.11 -29.69 -48.92
N PHE M 88 26.32 -29.30 -47.67
CA PHE M 88 27.15 -28.14 -47.41
C PHE M 88 28.14 -28.64 -46.39
N ALA M 89 29.41 -28.45 -46.69
CA ALA M 89 30.41 -28.95 -45.78
C ALA M 89 31.46 -27.93 -45.43
N PRO M 90 31.98 -28.00 -44.19
CA PRO M 90 33.03 -27.12 -43.70
C PRO M 90 34.19 -27.36 -44.67
N VAL M 91 35.09 -26.42 -44.78
CA VAL M 91 36.17 -26.60 -45.73
C VAL M 91 37.11 -25.44 -45.48
N SER M 92 38.41 -25.70 -45.57
CA SER M 92 39.42 -24.66 -45.33
C SER M 92 39.31 -23.52 -46.32
N TRP M 93 39.90 -22.38 -45.98
CA TRP M 93 39.86 -21.25 -46.87
C TRP M 93 40.58 -21.67 -48.16
N ASP M 94 41.80 -22.16 -47.99
CA ASP M 94 42.60 -22.61 -49.11
C ASP M 94 41.75 -23.51 -49.99
N GLU M 95 41.21 -24.57 -49.41
CA GLU M 95 40.39 -25.50 -50.15
C GLU M 95 39.33 -24.71 -50.91
N ALA M 96 38.60 -23.88 -50.15
CA ALA M 96 37.52 -23.07 -50.70
C ALA M 96 37.98 -22.25 -51.91
N PHE M 97 39.15 -21.65 -51.80
CA PHE M 97 39.65 -20.88 -52.93
C PHE M 97 40.10 -21.78 -54.09
N ASP M 98 40.71 -22.90 -53.73
CA ASP M 98 41.19 -23.85 -54.72
C ASP M 98 40.04 -24.17 -55.68
N VAL M 99 38.90 -24.54 -55.12
CA VAL M 99 37.75 -24.91 -55.91
C VAL M 99 37.18 -23.73 -56.66
N MET M 100 37.11 -22.62 -55.94
CA MET M 100 36.53 -21.40 -56.46
C MET M 100 37.38 -20.80 -57.56
N ALA M 101 38.68 -21.08 -57.50
CA ALA M 101 39.58 -20.56 -58.50
C ALA M 101 39.48 -21.39 -59.78
N ALA M 102 39.44 -22.71 -59.61
CA ALA M 102 39.35 -23.62 -60.73
C ALA M 102 38.12 -23.30 -61.55
N GLN M 103 36.97 -23.22 -60.90
CA GLN M 103 35.72 -22.92 -61.60
C GLN M 103 35.89 -21.66 -62.44
N ALA M 104 36.52 -20.66 -61.85
CA ALA M 104 36.76 -19.37 -62.52
C ALA M 104 37.59 -19.59 -63.79
N LYS M 105 38.84 -20.03 -63.61
CA LYS M 105 39.75 -20.28 -64.71
C LYS M 105 39.07 -20.96 -65.91
N LEU M 106 38.25 -21.97 -65.63
CA LEU M 106 37.55 -22.71 -66.66
C LEU M 106 36.64 -21.77 -67.44
N VAL M 107 35.64 -21.24 -66.76
CA VAL M 107 34.68 -20.32 -67.37
C VAL M 107 35.42 -19.25 -68.18
N LEU M 108 36.54 -18.83 -67.59
CA LEU M 108 37.40 -17.78 -68.14
C LEU M 108 38.22 -18.32 -69.31
N LYS M 109 37.71 -19.37 -69.96
CA LYS M 109 38.39 -20.01 -71.11
C LYS M 109 37.42 -20.61 -72.09
N GLU M 110 36.20 -20.85 -71.64
CA GLU M 110 35.18 -21.39 -72.50
C GLU M 110 34.32 -20.27 -73.07
N LYS M 111 34.07 -19.27 -72.24
CA LYS M 111 33.26 -18.14 -72.66
C LYS M 111 33.93 -16.83 -72.31
N ALA M 112 34.97 -16.91 -71.46
CA ALA M 112 35.76 -15.73 -71.08
C ALA M 112 35.09 -14.64 -70.18
N PRO M 113 35.73 -13.46 -69.99
CA PRO M 113 35.18 -12.39 -69.13
C PRO M 113 33.68 -12.12 -69.13
N GLU M 114 33.07 -12.05 -70.31
CA GLU M 114 31.65 -11.77 -70.38
C GLU M 114 30.80 -12.93 -69.79
N ALA M 115 31.46 -13.82 -69.03
CA ALA M 115 30.80 -14.96 -68.38
C ALA M 115 31.05 -15.02 -66.88
N VAL M 116 32.05 -14.26 -66.38
CA VAL M 116 32.29 -14.15 -64.93
C VAL M 116 31.48 -12.88 -64.53
N GLY M 117 30.90 -12.85 -63.33
CA GLY M 117 30.12 -11.69 -62.92
C GLY M 117 30.07 -11.46 -61.40
N MET M 118 30.11 -10.21 -60.97
CA MET M 118 30.04 -9.90 -59.53
C MET M 118 28.83 -9.05 -59.22
N PHE M 119 28.35 -9.19 -57.99
CA PHE M 119 27.20 -8.42 -57.56
C PHE M 119 27.53 -7.86 -56.19
N GLY M 120 27.99 -6.60 -56.17
CA GLY M 120 28.35 -5.90 -54.94
C GLY M 120 27.24 -5.11 -54.28
N SER M 121 27.59 -4.24 -53.34
CA SER M 121 26.57 -3.47 -52.68
C SER M 121 27.03 -2.16 -52.07
N GLY M 122 26.02 -1.32 -51.86
CA GLY M 122 26.21 0.00 -51.29
C GLY M 122 26.43 -0.18 -49.83
N GLN M 123 26.76 -1.43 -49.47
CA GLN M 123 27.01 -1.82 -48.09
C GLN M 123 28.47 -2.26 -47.99
N TRP M 124 29.12 -2.32 -49.15
CA TRP M 124 30.54 -2.63 -49.23
C TRP M 124 31.30 -1.38 -48.70
N THR M 125 32.48 -1.57 -48.14
CA THR M 125 33.24 -0.45 -47.71
C THR M 125 33.82 0.23 -48.97
N ILE M 126 34.18 1.51 -48.87
CA ILE M 126 34.78 2.22 -50.01
C ILE M 126 35.89 1.39 -50.64
N TRP M 127 36.83 0.90 -49.83
CA TRP M 127 37.89 0.11 -50.39
C TRP M 127 37.50 -1.31 -50.79
N GLU M 128 36.33 -1.75 -50.39
CA GLU M 128 35.95 -3.08 -50.79
C GLU M 128 35.43 -3.01 -52.23
N GLY M 129 34.69 -1.93 -52.52
CA GLY M 129 34.14 -1.75 -53.85
C GLY M 129 35.23 -1.32 -54.82
N TYR M 130 36.32 -0.79 -54.27
CA TYR M 130 37.44 -0.35 -55.10
C TYR M 130 38.25 -1.61 -55.45
N ALA M 131 38.60 -2.41 -54.43
CA ALA M 131 39.36 -3.63 -54.65
C ALA M 131 38.54 -4.50 -55.60
N ALA M 132 37.21 -4.45 -55.50
CA ALA M 132 36.40 -5.25 -56.39
C ALA M 132 36.48 -4.76 -57.81
N SER M 133 36.27 -3.45 -58.01
CA SER M 133 36.31 -2.86 -59.35
C SER M 133 37.64 -3.22 -60.02
N LYS M 134 38.71 -3.04 -59.27
CA LYS M 134 40.02 -3.34 -59.78
C LYS M 134 40.10 -4.79 -60.21
N LEU M 135 39.81 -5.70 -59.27
CA LEU M 135 39.86 -7.15 -59.52
C LEU M 135 39.04 -7.63 -60.72
N MET M 136 37.83 -7.12 -60.83
CA MET M 136 37.00 -7.54 -61.92
C MET M 136 37.46 -7.02 -63.26
N ARG M 137 38.02 -5.81 -63.28
CA ARG M 137 38.37 -5.22 -64.56
C ARG M 137 39.82 -5.30 -64.91
N ALA M 138 40.66 -4.67 -64.10
CA ALA M 138 42.09 -4.73 -64.39
C ALA M 138 42.54 -6.18 -64.29
N GLY M 139 41.82 -6.99 -63.49
CA GLY M 139 42.21 -8.38 -63.29
C GLY M 139 41.57 -9.31 -64.29
N PHE M 140 40.40 -9.82 -63.97
CA PHE M 140 39.71 -10.75 -64.87
C PHE M 140 39.26 -10.07 -66.16
N ARG M 141 39.53 -8.79 -66.31
CA ARG M 141 39.12 -8.08 -67.52
C ARG M 141 37.64 -8.22 -67.89
N SER M 142 36.77 -8.03 -66.88
CA SER M 142 35.31 -8.10 -67.05
C SER M 142 34.60 -6.90 -66.41
N ASN M 143 33.68 -6.28 -67.15
CA ASN M 143 32.93 -5.13 -66.61
C ASN M 143 31.54 -5.61 -66.17
N ASN M 144 31.47 -6.90 -65.87
CA ASN M 144 30.23 -7.52 -65.41
C ASN M 144 30.04 -7.37 -63.90
N LEU M 145 30.43 -6.20 -63.41
CA LEU M 145 30.33 -5.89 -61.99
C LEU M 145 29.22 -4.90 -61.76
N ASP M 146 28.17 -5.34 -61.08
CA ASP M 146 27.05 -4.47 -60.77
C ASP M 146 26.64 -4.58 -59.29
N PRO M 147 26.04 -3.51 -58.75
CA PRO M 147 25.65 -3.56 -57.34
C PRO M 147 24.14 -3.70 -57.15
N ASN M 148 23.79 -3.84 -55.87
CA ASN M 148 22.41 -3.91 -55.46
C ASN M 148 21.87 -2.49 -55.59
N ALA M 149 22.78 -1.51 -55.66
CA ALA M 149 22.39 -0.10 -55.76
C ALA M 149 21.65 0.12 -57.07
N ARG M 150 21.72 -0.87 -57.95
CA ARG M 150 21.04 -0.80 -59.23
C ARG M 150 19.54 -0.81 -58.96
N HIS M 151 19.13 -1.53 -57.94
CA HIS M 151 17.72 -1.57 -57.57
C HIS M 151 17.32 -0.27 -56.81
N CYS M 152 18.33 0.44 -56.29
CA CYS M 152 18.15 1.62 -55.43
C CYS M 152 18.42 3.05 -55.97
N MET M 153 19.67 3.39 -56.30
CA MET M 153 20.02 4.75 -56.74
C MET M 153 20.28 4.99 -58.23
N ALA M 154 20.20 3.94 -59.04
CA ALA M 154 20.46 4.08 -60.47
C ALA M 154 19.67 5.24 -61.07
N SER M 155 18.36 5.20 -60.94
CA SER M 155 17.53 6.27 -61.48
C SER M 155 18.06 7.64 -61.12
N ALA M 156 18.23 7.89 -59.83
CA ALA M 156 18.71 9.18 -59.36
C ALA M 156 20.08 9.54 -59.94
N ALA M 157 21.01 8.59 -59.90
CA ALA M 157 22.37 8.81 -60.43
C ALA M 157 22.31 9.12 -61.92
N THR M 158 21.52 8.32 -62.63
CA THR M 158 21.36 8.50 -64.05
C THR M 158 20.84 9.92 -64.35
N ALA M 159 19.78 10.34 -63.69
CA ALA M 159 19.28 11.68 -63.97
C ALA M 159 20.30 12.78 -63.59
N PHE M 160 21.10 12.50 -62.57
CA PHE M 160 22.12 13.43 -62.12
C PHE M 160 23.03 13.79 -63.28
N MET M 161 23.61 12.77 -63.89
CA MET M 161 24.50 12.97 -65.00
C MET M 161 23.77 13.73 -66.09
N ARG M 162 22.66 13.18 -66.56
CA ARG M 162 21.91 13.87 -67.61
C ARG M 162 21.61 15.35 -67.29
N THR M 163 21.02 15.65 -66.14
CA THR M 163 20.75 17.06 -65.86
C THR M 163 21.95 17.90 -65.40
N PHE M 164 22.84 17.35 -64.57
CA PHE M 164 23.95 18.15 -64.07
C PHE M 164 25.33 17.68 -64.53
N GLY M 165 25.38 16.57 -65.23
CA GLY M 165 26.66 16.09 -65.71
C GLY M 165 27.59 15.58 -64.63
N MET M 166 27.07 15.52 -63.42
CA MET M 166 27.87 15.04 -62.28
C MET M 166 26.93 14.43 -61.20
N ASP M 167 27.38 13.35 -60.54
CA ASP M 167 26.54 12.67 -59.57
C ASP M 167 26.47 13.30 -58.17
N GLU M 168 25.55 12.80 -57.35
CA GLU M 168 25.29 13.22 -55.95
C GLU M 168 24.74 14.62 -55.90
N PRO M 169 24.00 14.94 -54.84
CA PRO M 169 23.35 16.22 -54.59
C PRO M 169 24.28 17.41 -54.48
N MET M 170 23.69 18.59 -54.65
CA MET M 170 24.39 19.88 -54.57
C MET M 170 24.07 20.51 -53.22
N GLY M 171 23.12 19.92 -52.51
CA GLY M 171 22.77 20.45 -51.21
C GLY M 171 23.34 19.56 -50.11
N CYS M 172 22.81 19.68 -48.90
CA CYS M 172 23.26 18.88 -47.77
C CYS M 172 22.25 19.00 -46.65
N TYR M 173 22.35 18.11 -45.66
CA TYR M 173 21.43 18.07 -44.51
C TYR M 173 21.22 19.44 -43.86
N ASP M 174 22.19 20.33 -44.04
CA ASP M 174 22.14 21.68 -43.50
C ASP M 174 20.88 22.37 -44.02
N ASP M 175 20.34 21.86 -45.11
CA ASP M 175 19.13 22.44 -45.66
C ASP M 175 17.93 22.26 -44.73
N PHE M 176 17.86 21.11 -44.05
CA PHE M 176 16.77 20.81 -43.13
C PHE M 176 16.47 21.96 -42.18
N GLU M 177 17.52 22.64 -41.72
CA GLU M 177 17.37 23.74 -40.80
C GLU M 177 17.11 25.07 -41.46
N ALA M 178 17.36 25.14 -42.76
CA ALA M 178 17.20 26.37 -43.54
C ALA M 178 15.95 26.45 -44.39
N ALA M 179 15.39 25.29 -44.75
CA ALA M 179 14.20 25.24 -45.57
C ALA M 179 13.02 26.03 -45.04
N ASP M 180 12.11 26.35 -45.96
CA ASP M 180 10.90 27.10 -45.66
C ASP M 180 9.69 26.24 -45.80
N ALA M 181 9.90 25.08 -46.40
CA ALA M 181 8.82 24.11 -46.54
C ALA M 181 9.29 22.90 -47.33
N PHE M 182 8.84 21.74 -46.87
CA PHE M 182 9.31 20.47 -47.38
C PHE M 182 8.34 19.70 -48.24
N VAL M 183 8.81 19.17 -49.37
CA VAL M 183 7.93 18.33 -50.18
C VAL M 183 8.51 16.95 -50.26
N LEU M 184 7.73 15.98 -49.79
CA LEU M 184 8.17 14.57 -49.77
C LEU M 184 7.56 13.74 -50.87
N TRP M 185 8.26 13.57 -51.98
CA TRP M 185 7.69 12.84 -53.09
C TRP M 185 7.61 11.31 -52.95
N GLY M 186 6.69 10.84 -52.09
CA GLY M 186 6.54 9.40 -51.91
C GLY M 186 7.57 8.78 -50.98
N SER M 187 8.21 9.63 -50.21
CA SER M 187 9.19 9.17 -49.25
C SER M 187 8.46 8.82 -47.96
N ASN M 188 9.16 8.10 -47.09
CA ASN M 188 8.60 7.71 -45.80
C ASN M 188 9.71 7.87 -44.78
N MET M 189 10.27 9.06 -44.77
CA MET M 189 11.36 9.38 -43.88
C MET M 189 11.09 8.97 -42.44
N ALA M 190 9.88 9.20 -41.97
CA ALA M 190 9.48 8.86 -40.61
C ALA M 190 9.98 7.50 -40.18
N GLU M 191 10.01 6.54 -41.11
CA GLU M 191 10.46 5.20 -40.81
C GLU M 191 11.74 4.80 -41.51
N MET M 192 12.10 5.48 -42.61
CA MET M 192 13.30 5.06 -43.37
C MET M 192 14.51 5.95 -43.23
N HIS M 193 14.31 7.17 -42.77
CA HIS M 193 15.39 8.12 -42.55
C HIS M 193 14.92 8.89 -41.30
N PRO M 194 14.75 8.19 -40.18
CA PRO M 194 14.29 8.78 -38.94
C PRO M 194 15.01 10.01 -38.43
N ILE M 195 16.31 9.95 -38.32
CA ILE M 195 16.98 11.11 -37.80
C ILE M 195 16.91 12.28 -38.73
N LEU M 196 16.65 12.01 -40.02
CA LEU M 196 16.53 13.12 -40.96
C LEU M 196 15.12 13.67 -40.73
N TRP M 197 14.18 12.75 -40.55
CA TRP M 197 12.80 13.12 -40.31
C TRP M 197 12.71 13.88 -39.01
N SER M 198 13.60 13.53 -38.08
CA SER M 198 13.64 14.20 -36.79
C SER M 198 14.13 15.59 -37.03
N ARG M 199 15.11 15.71 -37.91
CA ARG M 199 15.68 16.98 -38.20
C ARG M 199 14.68 17.88 -38.87
N LEU M 200 13.84 17.30 -39.72
CA LEU M 200 12.81 18.04 -40.46
C LEU M 200 11.66 18.44 -39.54
N THR M 201 11.29 17.52 -38.66
CA THR M 201 10.23 17.77 -37.70
C THR M 201 10.61 18.88 -36.75
N ASP M 202 11.86 18.91 -36.33
CA ASP M 202 12.31 19.94 -35.40
C ASP M 202 12.14 21.29 -36.06
N ARG M 203 12.41 21.33 -37.36
CA ARG M 203 12.31 22.58 -38.10
C ARG M 203 10.86 23.03 -38.22
N ARG M 204 10.01 22.09 -38.62
CA ARG M 204 8.60 22.35 -38.79
C ARG M 204 7.93 22.77 -37.50
N LEU M 205 8.12 21.98 -36.45
CA LEU M 205 7.49 22.28 -35.18
C LEU M 205 8.07 23.47 -34.46
N SER M 206 9.33 23.78 -34.73
CA SER M 206 9.98 24.89 -34.05
C SER M 206 9.69 26.25 -34.67
N HIS M 207 9.41 26.26 -35.98
CA HIS M 207 9.09 27.49 -36.66
C HIS M 207 7.78 27.28 -37.37
N GLU M 208 6.67 27.74 -36.77
CA GLU M 208 5.34 27.51 -37.33
C GLU M 208 5.02 28.10 -38.72
N HIS M 209 5.94 28.87 -39.28
CA HIS M 209 5.72 29.42 -40.62
C HIS M 209 6.01 28.36 -41.68
N VAL M 210 6.78 27.36 -41.30
CA VAL M 210 7.20 26.28 -42.19
C VAL M 210 6.05 25.35 -42.57
N ARG M 211 6.03 24.87 -43.82
CA ARG M 211 4.98 23.95 -44.25
C ARG M 211 5.50 22.66 -44.87
N VAL M 212 4.90 21.56 -44.48
CA VAL M 212 5.33 20.27 -44.99
C VAL M 212 4.25 19.68 -45.85
N ALA M 213 4.64 19.11 -46.98
CA ALA M 213 3.69 18.49 -47.86
C ALA M 213 4.24 17.12 -48.15
N VAL M 214 3.47 16.08 -47.85
CA VAL M 214 3.92 14.75 -48.14
C VAL M 214 2.97 14.14 -49.14
N LEU M 215 3.50 13.55 -50.20
CA LEU M 215 2.67 12.87 -51.21
C LEU M 215 2.97 11.38 -51.08
N SER M 216 1.96 10.53 -51.24
CA SER M 216 2.19 9.10 -51.11
C SER M 216 1.15 8.25 -51.79
N THR M 217 1.48 6.98 -51.98
CA THR M 217 0.57 6.03 -52.60
C THR M 217 -0.43 5.59 -51.53
N PHE M 218 0.02 5.56 -50.27
CA PHE M 218 -0.83 5.18 -49.13
C PHE M 218 -0.50 6.06 -47.94
N THR M 219 -1.37 6.06 -46.93
CA THR M 219 -1.15 6.90 -45.76
C THR M 219 -0.28 6.18 -44.75
N HIS M 220 0.87 6.77 -44.40
CA HIS M 220 1.78 6.14 -43.46
C HIS M 220 2.23 7.13 -42.40
N ARG M 221 3.11 6.70 -41.52
CA ARG M 221 3.62 7.55 -40.46
C ARG M 221 4.15 8.90 -40.93
N SER M 222 4.57 9.01 -42.18
CA SER M 222 5.11 10.28 -42.63
C SER M 222 4.03 11.32 -42.93
N SER M 223 2.90 10.96 -43.55
CA SER M 223 1.95 12.02 -43.78
C SER M 223 1.19 12.35 -42.49
N ASP M 224 1.85 12.09 -41.36
CA ASP M 224 1.26 12.41 -40.08
C ASP M 224 1.77 13.75 -39.63
N LEU M 225 2.76 14.29 -40.34
CA LEU M 225 3.32 15.61 -40.01
C LEU M 225 2.96 16.61 -41.09
N SER M 226 2.20 16.15 -42.07
CA SER M 226 1.87 16.99 -43.20
C SER M 226 0.78 18.00 -43.09
N ASP M 227 1.03 19.14 -43.73
CA ASP M 227 0.08 20.24 -43.78
C ASP M 227 -0.67 20.11 -45.11
N THR M 228 -0.02 19.49 -46.09
CA THR M 228 -0.62 19.31 -47.38
C THR M 228 -0.51 17.83 -47.68
N PRO M 229 -1.43 17.03 -47.13
CA PRO M 229 -1.45 15.58 -47.33
C PRO M 229 -2.11 15.14 -48.62
N ILE M 230 -1.28 14.64 -49.53
CA ILE M 230 -1.72 14.18 -50.85
C ILE M 230 -1.52 12.69 -51.09
N ILE M 231 -2.59 12.00 -51.47
CA ILE M 231 -2.46 10.60 -51.84
C ILE M 231 -2.86 10.43 -53.31
N PHE M 232 -1.85 10.18 -54.14
CA PHE M 232 -2.09 10.02 -55.57
C PHE M 232 -2.13 8.55 -56.06
N ARG M 233 -2.34 8.40 -57.36
CA ARG M 233 -2.43 7.09 -57.97
C ARG M 233 -1.04 6.59 -58.34
N PRO M 234 -0.76 5.30 -58.07
CA PRO M 234 0.56 4.74 -58.38
C PRO M 234 1.02 5.16 -59.78
N GLY M 235 2.18 5.79 -59.87
CA GLY M 235 2.72 6.18 -61.15
C GLY M 235 2.26 7.53 -61.68
N THR M 236 1.20 8.07 -61.11
CA THR M 236 0.71 9.34 -61.61
C THR M 236 1.49 10.54 -61.10
N ASP M 237 2.51 10.32 -60.30
CA ASP M 237 3.27 11.45 -59.78
C ASP M 237 3.82 12.27 -60.93
N ARG M 238 4.09 11.56 -62.05
CA ARG M 238 4.63 12.17 -63.28
C ARG M 238 3.79 13.34 -63.73
N ALA M 239 2.47 13.13 -63.78
CA ALA M 239 1.53 14.16 -64.18
C ALA M 239 1.57 15.34 -63.21
N ILE M 240 1.48 15.05 -61.92
CA ILE M 240 1.51 16.11 -60.92
C ILE M 240 2.72 17.02 -61.11
N LEU M 241 3.88 16.40 -61.27
CA LEU M 241 5.12 17.14 -61.46
C LEU M 241 5.02 18.16 -62.60
N ASN M 242 4.48 17.71 -63.72
CA ASN M 242 4.35 18.59 -64.86
C ASN M 242 3.35 19.73 -64.54
N TYR M 243 2.22 19.39 -63.94
CA TYR M 243 1.28 20.44 -63.60
C TYR M 243 2.00 21.58 -62.89
N ILE M 244 2.79 21.25 -61.87
CA ILE M 244 3.49 22.27 -61.08
C ILE M 244 4.39 23.11 -62.00
N ALA M 245 5.03 22.45 -62.96
CA ALA M 245 5.88 23.16 -63.92
C ALA M 245 4.98 24.16 -64.66
N HIS M 246 3.87 23.63 -65.19
CA HIS M 246 2.91 24.43 -65.89
C HIS M 246 2.45 25.58 -65.02
N HIS M 247 2.16 25.31 -63.75
CA HIS M 247 1.68 26.35 -62.87
C HIS M 247 2.74 27.43 -62.62
N ILE M 248 3.99 27.02 -62.54
CA ILE M 248 5.04 28.01 -62.32
C ILE M 248 5.07 28.96 -63.53
N ILE M 249 5.01 28.36 -64.71
CA ILE M 249 5.04 29.07 -65.99
C ILE M 249 3.82 29.97 -66.22
N SER M 250 2.62 29.41 -66.04
CA SER M 250 1.33 30.10 -66.25
C SER M 250 1.17 31.34 -65.40
N THR M 251 1.62 31.26 -64.15
CA THR M 251 1.47 32.40 -63.24
C THR M 251 2.64 33.37 -63.39
N GLY M 252 3.48 33.11 -64.39
CA GLY M 252 4.62 33.97 -64.68
C GLY M 252 5.60 34.16 -63.54
N ARG M 253 5.97 33.04 -62.92
CA ARG M 253 6.90 33.09 -61.80
C ARG M 253 8.15 32.29 -62.04
N VAL M 254 8.61 32.30 -63.28
CA VAL M 254 9.84 31.63 -63.64
C VAL M 254 10.98 32.59 -63.24
N ASN M 255 12.15 32.05 -62.92
CA ASN M 255 13.25 32.91 -62.56
C ASN M 255 14.02 33.07 -63.82
N ARG M 256 13.63 34.06 -64.61
CA ARG M 256 14.26 34.31 -65.89
C ARG M 256 15.78 34.47 -65.84
N ASP M 257 16.25 35.41 -65.02
CA ASP M 257 17.70 35.62 -64.94
C ASP M 257 18.45 34.31 -64.73
N PHE M 258 17.82 33.35 -64.03
CA PHE M 258 18.42 32.05 -63.75
C PHE M 258 18.26 31.08 -64.92
N VAL M 259 17.04 30.95 -65.41
CA VAL M 259 16.78 30.05 -66.51
C VAL M 259 17.51 30.49 -67.76
N ASP M 260 17.53 31.79 -68.03
CA ASP M 260 18.24 32.31 -69.20
C ASP M 260 19.74 32.09 -69.08
N ARG M 261 20.27 32.36 -67.89
CA ARG M 261 21.71 32.26 -67.64
C ARG M 261 22.27 30.88 -67.28
N HIS M 262 21.47 30.01 -66.65
CA HIS M 262 21.97 28.69 -66.22
C HIS M 262 21.21 27.45 -66.71
N THR M 263 20.42 27.56 -67.75
CA THR M 263 19.61 26.44 -68.21
C THR M 263 19.54 26.15 -69.71
N ASN M 264 19.26 24.89 -70.07
CA ASN M 264 19.06 24.46 -71.46
C ASN M 264 17.79 23.65 -71.41
N PHE M 265 17.20 23.31 -72.53
CA PHE M 265 16.01 22.49 -72.45
C PHE M 265 16.25 21.27 -73.32
N ALA M 266 15.26 20.37 -73.39
CA ALA M 266 15.41 19.16 -74.19
C ALA M 266 14.13 18.37 -74.10
N LEU M 267 14.00 17.38 -74.96
CA LEU M 267 12.81 16.55 -74.96
C LEU M 267 13.21 15.09 -74.84
N GLY M 268 12.52 14.32 -74.03
CA GLY M 268 12.91 12.93 -73.91
C GLY M 268 12.19 12.01 -74.87
N ALA M 269 12.81 10.88 -75.20
CA ALA M 269 12.20 9.91 -76.10
C ALA M 269 10.93 9.44 -75.41
N THR M 270 9.81 9.40 -76.13
CA THR M 270 8.53 9.06 -75.51
C THR M 270 7.92 7.66 -75.45
N ASP M 271 8.15 6.78 -76.43
CA ASP M 271 7.51 5.47 -76.30
C ASP M 271 8.48 4.43 -75.77
N ILE M 272 9.31 4.88 -74.86
CA ILE M 272 10.29 4.09 -74.15
C ILE M 272 9.57 2.81 -73.65
N GLY M 273 10.29 1.75 -73.35
CA GLY M 273 9.53 0.58 -72.96
C GLY M 273 9.93 -0.33 -71.83
N TYR M 274 9.24 -0.17 -70.70
CA TYR M 274 9.42 -0.98 -69.48
C TYR M 274 10.50 -2.09 -69.46
N GLY M 275 11.76 -1.68 -69.41
CA GLY M 275 12.90 -2.58 -69.42
C GLY M 275 12.78 -4.08 -69.16
N LEU M 276 12.15 -4.78 -70.10
CA LEU M 276 11.96 -6.23 -69.99
C LEU M 276 12.83 -6.94 -71.01
N ARG M 277 12.44 -8.16 -71.32
CA ARG M 277 13.15 -8.93 -72.32
C ARG M 277 12.52 -8.62 -73.66
N PRO M 278 13.33 -8.57 -74.73
CA PRO M 278 12.72 -8.34 -76.04
C PRO M 278 12.00 -9.68 -76.16
N GLU M 279 10.72 -9.67 -76.53
CA GLU M 279 9.92 -10.91 -76.61
C GLU M 279 8.64 -10.58 -75.87
N HIS M 280 8.80 -9.89 -74.75
CA HIS M 280 7.65 -9.49 -73.97
C HIS M 280 6.95 -8.44 -74.83
N GLN M 281 5.63 -8.50 -74.86
CA GLN M 281 4.87 -7.59 -75.70
C GLN M 281 5.19 -6.11 -75.55
N LEU M 282 5.12 -5.61 -74.32
CA LEU M 282 5.37 -4.21 -74.01
C LEU M 282 6.58 -3.61 -74.74
N GLN M 283 7.58 -4.44 -75.01
CA GLN M 283 8.78 -3.96 -75.70
C GLN M 283 8.61 -3.90 -77.22
N LEU M 284 7.96 -4.92 -77.78
CA LEU M 284 7.70 -4.97 -79.22
C LEU M 284 6.89 -3.72 -79.59
N ALA M 285 5.83 -3.48 -78.83
CA ALA M 285 5.00 -2.31 -79.02
C ALA M 285 5.81 -1.02 -78.80
N ALA M 286 6.86 -1.10 -77.99
CA ALA M 286 7.68 0.06 -77.64
C ALA M 286 8.52 0.75 -78.70
N LYS M 287 7.88 1.14 -79.80
CA LYS M 287 8.62 1.83 -80.88
C LYS M 287 9.49 2.91 -80.21
N GLY M 288 10.81 2.74 -80.24
CA GLY M 288 11.67 3.72 -79.62
C GLY M 288 12.36 3.26 -78.34
N ALA M 289 12.26 1.96 -78.04
CA ALA M 289 12.93 1.40 -76.87
C ALA M 289 14.41 1.23 -77.21
N ALA M 290 14.75 1.27 -78.50
CA ALA M 290 16.13 1.12 -78.94
C ALA M 290 16.97 2.33 -78.52
N ASP M 291 16.36 3.50 -78.37
CA ASP M 291 17.15 4.62 -77.90
C ASP M 291 16.78 4.71 -76.41
N ALA M 292 15.76 5.50 -76.08
CA ALA M 292 15.36 5.68 -74.68
C ALA M 292 16.51 6.42 -74.04
N GLY M 293 16.28 7.66 -73.64
CA GLY M 293 17.35 8.46 -73.07
C GLY M 293 17.91 9.32 -74.18
N ALA M 294 17.11 9.45 -75.23
CA ALA M 294 17.48 10.28 -76.35
C ALA M 294 17.15 11.65 -75.84
N MET M 295 18.03 12.60 -76.10
CA MET M 295 17.79 13.96 -75.65
C MET M 295 17.17 14.91 -76.68
N THR M 296 17.93 15.38 -77.66
CA THR M 296 17.43 16.32 -78.67
C THR M 296 16.98 17.64 -78.02
N PRO M 297 17.81 18.67 -78.16
CA PRO M 297 17.57 20.00 -77.62
C PRO M 297 16.24 20.55 -78.03
N THR M 298 15.87 21.69 -77.43
CA THR M 298 14.64 22.34 -77.81
C THR M 298 14.60 23.82 -77.62
N ASP M 299 13.52 24.27 -77.01
CA ASP M 299 13.20 25.67 -76.88
C ASP M 299 12.49 25.87 -75.56
N PHE M 300 12.63 27.04 -74.94
CA PHE M 300 11.90 27.27 -73.71
C PHE M 300 10.41 27.18 -74.07
N GLU M 301 10.06 27.70 -75.24
CA GLU M 301 8.69 27.74 -75.71
C GLU M 301 8.05 26.36 -75.87
N THR M 302 8.79 25.41 -76.43
CA THR M 302 8.26 24.06 -76.66
C THR M 302 7.97 23.31 -75.37
N PHE M 303 8.90 23.41 -74.42
CA PHE M 303 8.77 22.78 -73.12
C PHE M 303 7.46 23.26 -72.52
N ALA M 304 7.37 24.57 -72.28
CA ALA M 304 6.18 25.18 -71.71
C ALA M 304 4.87 24.63 -72.31
N ALA M 305 4.86 24.48 -73.63
CA ALA M 305 3.69 23.98 -74.36
C ALA M 305 3.43 22.49 -74.11
N LEU M 306 4.48 21.73 -73.84
CA LEU M 306 4.34 20.31 -73.55
C LEU M 306 3.69 20.18 -72.18
N VAL M 307 4.18 21.01 -71.25
CA VAL M 307 3.72 21.03 -69.88
C VAL M 307 2.30 21.60 -69.79
N SER M 308 1.85 22.25 -70.86
CA SER M 308 0.51 22.85 -70.90
C SER M 308 -0.58 21.80 -70.89
N GLU M 309 -0.30 20.64 -71.47
CA GLU M 309 -1.28 19.57 -71.54
C GLU M 309 -1.74 19.15 -70.16
N TYR M 310 -0.83 19.24 -69.21
CA TYR M 310 -1.13 18.87 -67.83
C TYR M 310 -1.71 20.03 -67.04
N THR M 311 -2.99 20.28 -67.31
CA THR M 311 -3.77 21.33 -66.66
C THR M 311 -4.00 20.90 -65.24
N LEU M 312 -4.27 21.86 -64.35
CA LEU M 312 -4.56 21.50 -62.98
C LEU M 312 -5.73 20.51 -63.09
N GLU M 313 -6.68 20.85 -63.97
CA GLU M 313 -7.86 20.02 -64.18
C GLU M 313 -7.49 18.65 -64.69
N LYS M 314 -6.38 18.57 -65.43
CA LYS M 314 -6.02 17.26 -65.94
C LYS M 314 -5.21 16.47 -64.96
N ALA M 315 -4.24 17.13 -64.34
CA ALA M 315 -3.40 16.47 -63.34
C ALA M 315 -4.31 15.83 -62.31
N ALA M 316 -5.24 16.62 -61.79
CA ALA M 316 -6.18 16.11 -60.80
C ALA M 316 -6.90 14.84 -61.31
N GLU M 317 -7.39 14.87 -62.55
CA GLU M 317 -8.10 13.72 -63.14
C GLU M 317 -7.24 12.45 -63.11
N ILE M 318 -5.97 12.58 -63.51
CA ILE M 318 -5.06 11.44 -63.55
C ILE M 318 -4.64 10.93 -62.17
N SER M 319 -4.38 11.85 -61.24
CA SER M 319 -3.93 11.44 -59.90
C SER M 319 -5.08 10.96 -59.01
N GLY M 320 -6.06 11.81 -58.79
CA GLY M 320 -7.17 11.40 -57.95
C GLY M 320 -7.17 12.29 -56.74
N VAL M 321 -6.38 13.36 -56.83
CA VAL M 321 -6.22 14.35 -55.77
C VAL M 321 -7.08 15.55 -56.03
N GLU M 322 -7.76 16.03 -54.98
CA GLU M 322 -8.62 17.20 -55.16
C GLU M 322 -7.71 18.32 -55.65
N PRO M 323 -8.09 19.01 -56.72
CA PRO M 323 -7.28 20.11 -57.28
C PRO M 323 -6.76 21.15 -56.28
N ALA M 324 -7.54 21.45 -55.24
CA ALA M 324 -7.15 22.42 -54.21
C ALA M 324 -5.78 22.11 -53.56
N LEU M 325 -5.49 20.81 -53.39
CA LEU M 325 -4.22 20.35 -52.82
C LEU M 325 -3.08 20.59 -53.80
N LEU M 326 -3.29 20.21 -55.06
CA LEU M 326 -2.29 20.44 -56.08
C LEU M 326 -2.01 21.96 -56.22
N GLU M 327 -3.01 22.77 -55.91
CA GLU M 327 -2.84 24.21 -55.99
C GLU M 327 -1.97 24.59 -54.81
N GLU M 328 -2.12 23.85 -53.71
CA GLU M 328 -1.31 24.15 -52.52
C GLU M 328 0.12 23.78 -52.78
N LEU M 329 0.35 22.62 -53.38
CA LEU M 329 1.69 22.19 -53.70
C LEU M 329 2.26 23.23 -54.64
N ALA M 330 1.78 23.22 -55.88
CA ALA M 330 2.24 24.16 -56.90
C ALA M 330 2.74 25.51 -56.33
N GLU M 331 1.90 26.16 -55.54
CA GLU M 331 2.20 27.47 -54.96
C GLU M 331 3.44 27.51 -54.10
N LEU M 332 3.61 26.47 -53.27
CA LEU M 332 4.75 26.40 -52.36
C LEU M 332 5.99 26.42 -53.21
N TYR M 333 6.05 25.49 -54.16
CA TYR M 333 7.15 25.40 -55.13
C TYR M 333 7.28 26.71 -55.95
N ALA M 334 6.37 27.66 -55.77
CA ALA M 334 6.44 28.90 -56.54
C ALA M 334 6.61 30.25 -55.83
N ASP M 335 5.96 30.51 -54.67
CA ASP M 335 6.17 31.83 -54.07
C ASP M 335 7.66 31.90 -53.97
N PRO M 336 8.25 32.80 -54.79
CA PRO M 336 9.70 32.98 -54.84
C PRO M 336 10.32 33.39 -53.53
N ASP M 337 9.77 32.92 -52.42
CA ASP M 337 10.39 33.21 -51.15
C ASP M 337 10.39 31.92 -50.32
N ARG M 338 9.46 31.03 -50.62
CA ARG M 338 9.45 29.74 -49.95
C ARG M 338 10.68 28.99 -50.45
N LYS M 339 11.57 28.64 -49.53
CA LYS M 339 12.73 27.86 -49.92
C LYS M 339 12.18 26.45 -49.93
N TRP M 340 11.93 25.93 -51.12
CA TRP M 340 11.42 24.60 -51.17
C TRP M 340 12.56 23.63 -50.92
N MET M 341 12.24 22.43 -50.48
CA MET M 341 13.26 21.45 -50.20
C MET M 341 12.61 20.15 -50.54
N SER M 342 12.74 19.73 -51.78
CA SER M 342 12.14 18.50 -52.23
C SER M 342 13.00 17.30 -51.92
N LEU M 343 12.35 16.28 -51.36
CA LEU M 343 13.02 15.05 -50.99
C LEU M 343 12.31 13.87 -51.62
N TRP M 344 13.09 12.88 -52.05
CA TRP M 344 12.52 11.71 -52.67
C TRP M 344 13.45 10.53 -52.52
N THR M 345 12.84 9.35 -52.36
CA THR M 345 13.61 8.11 -52.22
C THR M 345 13.10 7.09 -53.26
N MET M 346 12.94 5.82 -52.87
CA MET M 346 12.52 4.81 -53.83
C MET M 346 11.21 5.07 -54.58
N GLY M 347 10.40 6.01 -54.10
CA GLY M 347 9.16 6.31 -54.81
C GLY M 347 9.43 6.68 -56.26
N PHE M 348 10.43 7.54 -56.45
CA PHE M 348 10.87 8.03 -57.76
C PHE M 348 11.86 7.08 -58.40
N ASN M 349 12.76 6.53 -57.61
CA ASN M 349 13.79 5.65 -58.15
C ASN M 349 13.37 4.29 -58.68
N GLN M 350 12.44 3.62 -57.98
CA GLN M 350 11.93 2.31 -58.41
C GLN M 350 10.65 2.57 -59.20
N HIS M 351 10.78 3.37 -60.25
CA HIS M 351 9.69 3.84 -61.07
C HIS M 351 10.09 3.54 -62.51
N VAL M 352 9.23 2.88 -63.28
CA VAL M 352 9.58 2.59 -64.65
C VAL M 352 9.86 3.85 -65.44
N ARG M 353 9.60 4.99 -64.82
CA ARG M 353 9.88 6.27 -65.43
C ARG M 353 10.56 7.12 -64.38
N GLY M 354 11.42 6.48 -63.61
CA GLY M 354 12.10 7.18 -62.53
C GLY M 354 12.99 8.30 -62.96
N VAL M 355 13.84 8.02 -63.95
CA VAL M 355 14.75 9.00 -64.47
C VAL M 355 13.94 10.25 -64.84
N TRP M 356 12.78 10.04 -65.46
CA TRP M 356 11.96 11.19 -65.82
C TRP M 356 11.53 11.97 -64.57
N ALA M 357 11.06 11.22 -63.57
CA ALA M 357 10.57 11.81 -62.34
C ALA M 357 11.67 12.65 -61.75
N ASN M 358 12.85 12.06 -61.60
CA ASN M 358 13.98 12.81 -61.06
C ASN M 358 14.10 14.10 -61.89
N HIS M 359 14.13 13.93 -63.21
CA HIS M 359 14.25 15.09 -64.08
C HIS M 359 13.19 16.12 -63.71
N MET M 360 11.94 15.67 -63.71
CA MET M 360 10.87 16.58 -63.41
C MET M 360 11.02 17.37 -62.09
N VAL M 361 11.55 16.75 -61.04
CA VAL M 361 11.69 17.50 -59.80
C VAL M 361 12.72 18.58 -59.99
N TYR M 362 13.82 18.25 -60.66
CA TYR M 362 14.83 19.27 -60.82
C TYR M 362 14.24 20.46 -61.57
N ASN M 363 13.41 20.17 -62.58
CA ASN M 363 12.81 21.23 -63.37
C ASN M 363 12.13 22.28 -62.49
N LEU M 364 11.31 21.82 -61.57
CA LEU M 364 10.61 22.75 -60.73
C LEU M 364 11.60 23.64 -60.06
N HIS M 365 12.75 23.08 -59.70
CA HIS M 365 13.77 23.87 -59.02
C HIS M 365 14.53 24.77 -59.97
N LEU M 366 14.91 24.21 -61.11
CA LEU M 366 15.63 24.99 -62.13
C LEU M 366 14.78 26.18 -62.63
N LEU M 367 13.52 25.91 -62.95
CA LEU M 367 12.62 26.96 -63.40
C LEU M 367 12.57 28.11 -62.38
N THR M 368 12.61 27.81 -61.10
CA THR M 368 12.49 28.85 -60.09
C THR M 368 13.83 29.37 -59.58
N GLY M 369 14.90 28.65 -59.89
CA GLY M 369 16.21 29.06 -59.41
C GLY M 369 16.41 28.67 -57.94
N LYS M 370 15.67 27.65 -57.48
CA LYS M 370 15.76 27.19 -56.10
C LYS M 370 16.68 25.97 -56.03
N ILE M 371 17.98 26.25 -56.02
CA ILE M 371 19.00 25.22 -56.01
C ILE M 371 20.37 25.73 -55.53
N SER M 372 21.16 24.82 -54.97
CA SER M 372 22.47 25.15 -54.46
C SER M 372 22.53 26.30 -53.44
N GLU M 373 21.52 26.41 -52.61
CA GLU M 373 21.51 27.44 -51.59
C GLU M 373 21.01 26.81 -50.32
N PRO M 374 21.42 27.34 -49.18
CA PRO M 374 20.92 26.79 -47.91
C PRO M 374 19.40 26.96 -47.90
N GLY M 375 18.70 25.87 -47.70
CA GLY M 375 17.25 25.92 -47.64
C GLY M 375 16.55 25.60 -48.94
N ASN M 376 17.17 25.97 -50.05
CA ASN M 376 16.54 25.70 -51.35
C ASN M 376 17.23 24.53 -51.97
N SER M 377 16.60 23.36 -51.92
CA SER M 377 17.28 22.21 -52.50
C SER M 377 16.48 20.98 -52.85
N PRO M 378 16.77 20.39 -54.02
CA PRO M 378 16.07 19.16 -54.42
C PRO M 378 17.02 18.06 -53.90
N PHE M 379 16.71 17.51 -52.73
CA PHE M 379 17.58 16.49 -52.14
C PHE M 379 17.16 15.06 -52.46
N SER M 380 18.08 14.34 -53.11
CA SER M 380 17.81 12.95 -53.38
C SER M 380 18.31 12.20 -52.15
N LEU M 381 17.41 11.51 -51.46
CA LEU M 381 17.82 10.72 -50.31
C LEU M 381 18.43 9.41 -50.81
N THR M 382 19.53 8.97 -50.23
CA THR M 382 20.08 7.71 -50.69
C THR M 382 19.81 6.68 -49.63
N GLY M 383 19.55 5.46 -50.09
CA GLY M 383 19.23 4.35 -49.21
C GLY M 383 20.29 3.68 -48.37
N GLN M 384 21.20 2.93 -48.99
CA GLN M 384 22.23 2.22 -48.23
C GLN M 384 23.25 3.13 -47.59
N PRO M 385 24.05 2.59 -46.66
CA PRO M 385 25.09 3.36 -45.96
C PRO M 385 26.13 3.98 -46.89
N PHE M 386 26.53 3.24 -47.94
CA PHE M 386 27.54 3.73 -48.88
C PHE M 386 27.15 3.39 -50.31
N ALA M 387 25.89 3.61 -50.68
CA ALA M 387 25.51 3.32 -52.08
C ALA M 387 26.17 4.49 -52.80
N CYS M 388 26.38 5.58 -52.05
CA CYS M 388 27.04 6.77 -52.59
C CYS M 388 28.54 6.58 -52.47
N GLY M 389 29.01 6.57 -51.22
CA GLY M 389 30.43 6.42 -50.96
C GLY M 389 31.19 5.35 -51.72
N THR M 390 30.51 4.24 -51.98
CA THR M 390 31.11 3.09 -52.67
C THR M 390 30.51 2.83 -54.05
N ALA M 391 29.35 2.18 -54.10
CA ALA M 391 28.72 1.87 -55.40
C ALA M 391 28.83 3.00 -56.40
N ARG M 392 28.23 4.14 -56.08
CA ARG M 392 28.26 5.29 -56.97
C ARG M 392 29.66 5.92 -57.16
N GLU M 393 30.21 6.48 -56.10
CA GLU M 393 31.51 7.10 -56.19
C GLU M 393 32.68 6.25 -56.68
N VAL M 394 32.85 5.03 -56.17
CA VAL M 394 33.93 4.18 -56.66
C VAL M 394 33.51 3.65 -58.03
N GLY M 395 32.20 3.69 -58.30
CA GLY M 395 31.73 3.26 -59.61
C GLY M 395 31.75 1.76 -59.74
N THR M 396 30.79 1.13 -59.05
CA THR M 396 30.68 -0.31 -58.99
C THR M 396 29.47 -0.78 -59.75
N PHE M 397 29.25 -0.14 -60.88
CA PHE M 397 28.14 -0.51 -61.76
C PHE M 397 28.75 -1.01 -63.09
N ALA M 398 28.03 -1.92 -63.73
CA ALA M 398 28.44 -2.52 -65.01
C ALA M 398 29.11 -1.59 -66.03
N HIS M 399 28.64 -0.35 -66.14
CA HIS M 399 29.19 0.56 -67.15
C HIS M 399 30.12 1.63 -66.59
N ARG M 400 30.58 1.48 -65.37
CA ARG M 400 31.33 2.57 -64.79
C ARG M 400 32.73 2.40 -64.22
N LEU M 401 33.40 3.52 -64.07
CA LEU M 401 34.74 3.59 -63.47
C LEU M 401 34.70 4.73 -62.41
N PRO M 402 35.77 4.87 -61.60
CA PRO M 402 35.80 5.91 -60.55
C PRO M 402 35.46 7.32 -61.02
N ALA M 403 35.12 8.17 -60.07
CA ALA M 403 34.82 9.56 -60.32
C ALA M 403 33.99 9.90 -61.55
N ASP M 404 32.82 9.30 -61.67
CA ASP M 404 31.90 9.55 -62.78
C ASP M 404 32.34 9.14 -64.16
N MET M 405 33.43 8.39 -64.27
CA MET M 405 33.96 7.95 -65.56
C MET M 405 33.27 6.70 -66.09
N VAL M 406 33.16 6.64 -67.41
CA VAL M 406 32.55 5.50 -68.07
C VAL M 406 33.62 4.60 -68.71
N VAL M 407 33.30 3.31 -68.81
CA VAL M 407 34.13 2.27 -69.41
C VAL M 407 34.17 2.44 -70.94
N THR M 408 33.14 3.07 -71.46
CA THR M 408 33.00 3.35 -72.88
C THR M 408 34.09 4.32 -73.30
N ASN M 409 34.11 5.49 -72.70
CA ASN M 409 35.09 6.52 -73.02
C ASN M 409 36.52 6.01 -72.86
N PRO M 410 37.35 6.11 -73.92
CA PRO M 410 38.74 5.67 -74.00
C PRO M 410 39.69 6.53 -73.23
N GLU M 411 39.36 7.80 -73.07
CA GLU M 411 40.23 8.70 -72.32
C GLU M 411 40.20 8.27 -70.85
N HIS M 412 38.99 7.92 -70.38
CA HIS M 412 38.81 7.49 -68.99
C HIS M 412 39.53 6.18 -68.79
N ARG M 413 39.23 5.23 -69.66
CA ARG M 413 39.83 3.90 -69.62
C ARG M 413 41.35 4.08 -69.49
N ALA M 414 41.91 4.96 -70.30
CA ALA M 414 43.33 5.24 -70.30
C ALA M 414 43.75 5.80 -68.95
N HIS M 415 43.02 6.81 -68.48
CA HIS M 415 43.30 7.44 -67.20
C HIS M 415 43.37 6.42 -66.06
N ALA M 416 42.43 5.49 -66.05
CA ALA M 416 42.38 4.43 -65.04
C ALA M 416 43.60 3.55 -65.17
N GLU M 417 43.90 3.18 -66.43
CA GLU M 417 45.07 2.37 -66.71
C GLU M 417 46.36 3.04 -66.21
N GLU M 418 46.47 4.36 -66.40
CA GLU M 418 47.67 5.08 -65.98
C GLU M 418 47.84 5.06 -64.48
N ILE M 419 46.73 5.15 -63.74
CA ILE M 419 46.75 5.16 -62.27
C ILE M 419 46.94 3.76 -61.67
N TRP M 420 46.27 2.79 -62.27
CA TRP M 420 46.35 1.41 -61.80
C TRP M 420 47.66 0.71 -62.25
N LYS M 421 48.55 1.49 -62.87
CA LYS M 421 49.81 1.00 -63.40
C LYS M 421 49.54 -0.22 -64.23
N LEU M 422 48.82 -0.01 -65.33
CA LEU M 422 48.50 -1.11 -66.24
C LEU M 422 48.99 -0.89 -67.66
N PRO M 423 49.10 -1.99 -68.43
CA PRO M 423 49.51 -1.88 -69.82
C PRO M 423 48.34 -1.28 -70.63
N ALA M 424 48.66 -0.34 -71.51
CA ALA M 424 47.67 0.36 -72.32
C ALA M 424 46.70 -0.59 -73.01
N GLY M 425 45.47 -0.16 -73.15
CA GLY M 425 44.45 -0.97 -73.82
C GLY M 425 44.05 -2.23 -73.07
N LEU M 426 44.44 -2.35 -71.80
CA LEU M 426 44.09 -3.54 -70.99
C LEU M 426 42.64 -3.52 -70.57
N LEU M 427 42.20 -2.44 -69.93
CA LEU M 427 40.81 -2.36 -69.49
C LEU M 427 39.82 -2.56 -70.65
N PRO M 428 38.73 -3.30 -70.39
CA PRO M 428 37.67 -3.63 -71.35
C PRO M 428 36.77 -2.44 -71.71
N ASP M 429 36.25 -2.42 -72.93
CA ASP M 429 35.39 -1.32 -73.42
C ASP M 429 33.92 -1.63 -73.38
N TRP M 430 33.60 -2.92 -73.30
CA TRP M 430 32.19 -3.38 -73.26
C TRP M 430 31.46 -3.15 -71.93
N VAL M 431 30.19 -2.71 -72.06
CA VAL M 431 29.33 -2.46 -70.90
C VAL M 431 28.84 -3.80 -70.33
N GLY M 432 28.99 -3.96 -69.01
CA GLY M 432 28.61 -5.19 -68.35
C GLY M 432 27.11 -5.42 -68.20
N ALA M 433 26.76 -6.57 -67.64
CA ALA M 433 25.36 -6.94 -67.41
C ALA M 433 24.81 -6.26 -66.14
N HIS M 434 23.77 -5.45 -66.29
CA HIS M 434 23.22 -4.79 -65.12
C HIS M 434 22.45 -5.81 -64.28
N ALA M 435 22.14 -5.43 -63.04
CA ALA M 435 21.45 -6.31 -62.10
C ALA M 435 20.40 -7.23 -62.68
N VAL M 436 19.33 -6.66 -63.23
CA VAL M 436 18.29 -7.47 -63.82
C VAL M 436 18.94 -8.38 -64.87
N GLU M 437 19.59 -7.81 -65.86
CA GLU M 437 20.25 -8.60 -66.89
C GLU M 437 21.05 -9.74 -66.24
N GLN M 438 21.89 -9.40 -65.28
CA GLN M 438 22.72 -10.37 -64.60
C GLN M 438 21.93 -11.59 -64.21
N ASP M 439 20.70 -11.39 -63.77
CA ASP M 439 19.86 -12.52 -63.34
C ASP M 439 19.50 -13.31 -64.58
N ARG M 440 19.04 -12.60 -65.59
CA ARG M 440 18.63 -13.23 -66.83
C ARG M 440 19.80 -14.01 -67.45
N LYS M 441 20.91 -13.32 -67.72
CA LYS M 441 22.07 -14.00 -68.29
C LYS M 441 22.49 -15.23 -67.47
N LEU M 442 22.01 -15.27 -66.21
CA LEU M 442 22.33 -16.36 -65.30
C LEU M 442 21.37 -17.49 -65.61
N HIS M 443 20.13 -17.10 -65.88
CA HIS M 443 19.07 -18.04 -66.21
C HIS M 443 19.43 -18.78 -67.50
N ASP M 444 19.91 -18.00 -68.46
CA ASP M 444 20.25 -18.49 -69.77
C ASP M 444 21.55 -19.27 -69.87
N GLY M 445 22.54 -18.89 -69.08
CA GLY M 445 23.79 -19.61 -69.11
C GLY M 445 24.95 -18.79 -69.62
N GLU M 446 24.73 -17.48 -69.74
CA GLU M 446 25.76 -16.58 -70.25
C GLU M 446 26.81 -16.27 -69.17
N ILE M 447 26.36 -16.13 -67.93
CA ILE M 447 27.33 -15.89 -66.85
C ILE M 447 27.40 -17.21 -66.09
N ASN M 448 28.60 -17.77 -65.98
CA ASN M 448 28.75 -19.08 -65.37
C ASN M 448 29.54 -19.09 -64.10
N PHE M 449 30.21 -17.98 -63.78
CA PHE M 449 30.91 -17.88 -62.50
C PHE M 449 30.28 -16.63 -61.87
N TYR M 450 29.86 -16.73 -60.61
CA TYR M 450 29.17 -15.61 -60.00
C TYR M 450 29.57 -15.43 -58.54
N TRP M 451 30.00 -14.22 -58.21
CA TRP M 451 30.39 -13.92 -56.84
C TRP M 451 29.48 -12.81 -56.29
N VAL M 452 28.65 -13.18 -55.31
CA VAL M 452 27.73 -12.25 -54.67
C VAL M 452 28.38 -11.75 -53.39
N GLN M 453 28.31 -10.44 -53.15
CA GLN M 453 28.88 -9.90 -51.92
C GLN M 453 28.08 -8.80 -51.20
N VAL M 454 27.93 -9.01 -49.90
CA VAL M 454 27.22 -8.08 -49.04
C VAL M 454 25.86 -7.70 -49.55
N ASN M 455 25.11 -8.68 -50.00
CA ASN M 455 23.74 -8.48 -50.43
C ASN M 455 23.06 -9.84 -50.37
N ASN M 456 21.73 -9.82 -50.37
CA ASN M 456 20.93 -11.04 -50.27
C ASN M 456 19.97 -11.00 -51.46
N ASN M 457 20.56 -10.84 -52.64
CA ASN M 457 19.80 -10.71 -53.86
C ASN M 457 18.73 -11.72 -54.17
N MET M 458 18.82 -12.92 -53.57
CA MET M 458 17.78 -13.94 -53.83
C MET M 458 16.44 -13.49 -53.25
N GLN M 459 16.49 -12.47 -52.39
CA GLN M 459 15.29 -11.93 -51.73
C GLN M 459 15.04 -10.53 -52.25
N ALA M 460 16.12 -9.81 -52.51
CA ALA M 460 15.99 -8.45 -52.97
C ALA M 460 15.54 -8.33 -54.41
N ALA M 461 16.13 -9.14 -55.28
CA ALA M 461 15.83 -9.11 -56.71
C ALA M 461 14.37 -9.41 -57.10
N PRO M 462 13.90 -8.81 -58.22
CA PRO M 462 12.54 -8.99 -58.74
C PRO M 462 12.31 -10.32 -59.50
N ASN M 463 11.07 -10.80 -59.43
CA ASN M 463 10.70 -12.03 -60.12
C ASN M 463 11.58 -13.24 -59.86
N ILE M 464 12.10 -13.38 -58.65
CA ILE M 464 12.96 -14.52 -58.33
C ILE M 464 12.62 -15.89 -58.92
N ASP M 465 11.32 -16.23 -58.95
CA ASP M 465 10.89 -17.52 -59.45
C ASP M 465 11.09 -17.65 -60.94
N GLN M 466 10.85 -16.55 -61.65
CA GLN M 466 11.01 -16.56 -63.10
C GLN M 466 12.46 -16.65 -63.56
N GLU M 467 13.29 -15.69 -63.12
CA GLU M 467 14.67 -15.66 -63.57
C GLU M 467 15.85 -15.66 -62.60
N THR M 468 15.62 -15.43 -61.31
CA THR M 468 16.75 -15.39 -60.39
C THR M 468 17.09 -16.70 -59.75
N TYR M 469 16.06 -17.41 -59.31
CA TYR M 469 16.27 -18.71 -58.68
C TYR M 469 16.85 -19.76 -59.67
N PRO M 470 16.21 -19.93 -60.83
CA PRO M 470 16.72 -20.91 -61.79
C PRO M 470 18.13 -20.57 -62.23
N GLY M 471 18.41 -19.26 -62.31
CA GLY M 471 19.71 -18.78 -62.71
C GLY M 471 20.78 -19.14 -61.71
N TYR M 472 20.42 -19.19 -60.43
CA TYR M 472 21.42 -19.54 -59.43
C TYR M 472 21.56 -21.06 -59.37
N ARG M 473 20.49 -21.76 -59.70
CA ARG M 473 20.56 -23.21 -59.64
C ARG M 473 20.89 -23.88 -60.97
N ASN M 474 21.10 -23.07 -62.02
CA ASN M 474 21.45 -23.59 -63.35
C ASN M 474 22.79 -24.36 -63.23
N PRO M 475 22.76 -25.69 -63.44
CA PRO M 475 23.98 -26.51 -63.31
C PRO M 475 25.22 -26.12 -64.11
N GLU M 476 25.08 -25.25 -65.11
CA GLU M 476 26.29 -24.85 -65.86
C GLU M 476 26.95 -23.67 -65.15
N ASN M 477 26.33 -23.26 -64.03
CA ASN M 477 26.77 -22.12 -63.21
C ASN M 477 27.28 -22.49 -61.83
N PHE M 478 28.22 -21.69 -61.36
CA PHE M 478 28.82 -21.87 -60.06
C PHE M 478 28.58 -20.56 -59.37
N ILE M 479 28.07 -20.61 -58.14
CA ILE M 479 27.76 -19.39 -57.41
C ILE M 479 28.34 -19.25 -56.02
N VAL M 480 29.09 -18.18 -55.81
CA VAL M 480 29.66 -17.89 -54.50
C VAL M 480 28.94 -16.75 -53.78
N VAL M 481 28.72 -16.91 -52.48
CA VAL M 481 28.05 -15.89 -51.70
C VAL M 481 28.82 -15.63 -50.42
N SER M 482 29.41 -14.44 -50.30
CA SER M 482 30.14 -14.07 -49.11
C SER M 482 29.07 -13.39 -48.29
N ASP M 483 28.99 -13.73 -47.00
CA ASP M 483 27.99 -13.17 -46.11
C ASP M 483 28.36 -13.44 -44.68
N ALA M 484 27.55 -12.94 -43.76
CA ALA M 484 27.84 -13.09 -42.36
C ALA M 484 26.80 -13.90 -41.64
N TYR M 485 25.71 -14.21 -42.33
CA TYR M 485 24.67 -15.04 -41.74
C TYR M 485 24.07 -15.87 -42.82
N PRO M 486 23.42 -16.98 -42.43
CA PRO M 486 22.72 -17.89 -43.30
C PRO M 486 22.19 -17.21 -44.58
N THR M 487 20.98 -16.73 -44.56
CA THR M 487 20.47 -16.07 -45.77
C THR M 487 19.96 -17.02 -46.86
N VAL M 488 18.83 -16.68 -47.47
CA VAL M 488 18.29 -17.54 -48.50
C VAL M 488 19.24 -17.59 -49.70
N THR M 489 19.81 -16.45 -50.06
CA THR M 489 20.75 -16.38 -51.17
C THR M 489 21.88 -17.40 -50.99
N GLY M 490 22.40 -17.49 -49.76
CA GLY M 490 23.46 -18.45 -49.52
C GLY M 490 22.93 -19.86 -49.62
N ARG M 491 21.73 -20.07 -49.13
CA ARG M 491 21.13 -21.39 -49.18
C ARG M 491 21.02 -21.78 -50.65
N ALA M 492 20.78 -20.78 -51.49
CA ALA M 492 20.64 -21.02 -52.92
C ALA M 492 21.96 -20.93 -53.68
N ALA M 493 23.10 -20.94 -52.99
CA ALA M 493 24.40 -20.88 -53.70
C ALA M 493 25.18 -22.19 -53.66
N ASP M 494 26.44 -22.17 -54.08
CA ASP M 494 27.24 -23.40 -54.12
C ASP M 494 28.42 -23.28 -53.17
N LEU M 495 28.96 -22.08 -53.03
CA LEU M 495 30.07 -21.84 -52.12
C LEU M 495 29.71 -20.60 -51.31
N VAL M 496 29.76 -20.71 -49.99
CA VAL M 496 29.41 -19.58 -49.13
C VAL M 496 30.62 -19.23 -48.26
N LEU M 497 31.15 -18.04 -48.47
CA LEU M 497 32.35 -17.62 -47.72
C LEU M 497 31.98 -16.70 -46.58
N PRO M 498 32.46 -16.99 -45.37
CA PRO M 498 32.20 -16.22 -44.14
C PRO M 498 32.87 -14.83 -44.07
N ALA M 499 32.11 -13.80 -43.71
CA ALA M 499 32.65 -12.45 -43.69
C ALA M 499 32.72 -11.78 -42.34
N ALA M 500 33.78 -10.98 -42.15
CA ALA M 500 33.96 -10.18 -40.96
C ALA M 500 33.02 -9.03 -41.29
N MET M 501 32.21 -8.67 -40.33
CA MET M 501 31.14 -7.71 -40.49
C MET M 501 31.43 -6.40 -39.82
N TRP M 502 30.63 -5.38 -40.18
CA TRP M 502 30.73 -4.03 -39.59
C TRP M 502 32.03 -3.66 -38.92
N VAL M 503 32.04 -3.68 -37.60
CA VAL M 503 33.19 -3.26 -36.83
C VAL M 503 34.28 -4.32 -36.58
N GLU M 504 34.13 -5.46 -37.24
CA GLU M 504 35.09 -6.54 -37.11
C GLU M 504 36.15 -6.29 -38.18
N LYS M 505 35.92 -5.25 -38.97
CA LYS M 505 36.85 -4.91 -40.03
C LYS M 505 36.94 -3.39 -40.12
N GLU M 506 38.13 -2.84 -40.39
CA GLU M 506 38.23 -1.39 -40.57
C GLU M 506 37.58 -1.04 -41.92
N GLY M 507 36.78 0.03 -41.91
CA GLY M 507 36.06 0.44 -43.10
C GLY M 507 35.67 1.90 -43.22
N ALA M 508 35.02 2.24 -44.33
CA ALA M 508 34.62 3.60 -44.58
C ALA M 508 33.35 3.55 -45.43
N TYR M 509 32.51 4.56 -45.23
CA TYR M 509 31.25 4.66 -45.94
C TYR M 509 31.00 6.10 -46.38
N GLY M 510 30.01 6.26 -47.25
CA GLY M 510 29.65 7.59 -47.72
C GLY M 510 28.15 7.80 -47.72
N ASN M 511 27.66 8.72 -46.89
CA ASN M 511 26.22 8.94 -46.78
C ASN M 511 25.64 9.81 -47.88
N ALA M 512 24.30 9.90 -47.89
CA ALA M 512 23.55 10.69 -48.89
C ALA M 512 23.92 12.15 -49.08
N GLU M 513 24.63 12.74 -48.12
CA GLU M 513 25.00 14.13 -48.28
C GLU M 513 26.50 14.27 -48.60
N ARG M 514 27.07 13.27 -49.26
CA ARG M 514 28.48 13.31 -49.62
C ARG M 514 29.42 13.26 -48.42
N ARG M 515 29.00 12.63 -47.34
CA ARG M 515 29.83 12.56 -46.13
C ARG M 515 30.55 11.25 -46.08
N THR M 516 31.87 11.32 -46.10
CA THR M 516 32.68 10.11 -46.12
C THR M 516 33.24 9.91 -44.76
N HIS M 517 32.80 8.87 -44.07
CA HIS M 517 33.35 8.59 -42.75
C HIS M 517 33.92 7.16 -42.59
N PHE M 518 34.95 7.07 -41.75
CA PHE M 518 35.70 5.84 -41.46
C PHE M 518 35.34 5.20 -40.11
N TRP M 519 36.01 4.09 -39.81
CA TRP M 519 35.92 3.39 -38.53
C TRP M 519 36.99 2.32 -38.52
N HIS M 520 37.64 2.20 -37.37
CA HIS M 520 38.72 1.23 -37.15
C HIS M 520 38.09 -0.09 -36.82
N GLN M 521 38.93 -1.11 -36.72
CA GLN M 521 38.42 -2.40 -36.36
C GLN M 521 38.42 -2.40 -34.82
N LEU M 522 37.24 -2.62 -34.24
CA LEU M 522 37.08 -2.60 -32.80
C LEU M 522 37.00 -3.96 -32.14
N VAL M 523 36.70 -4.99 -32.92
CA VAL M 523 36.62 -6.35 -32.37
C VAL M 523 37.02 -7.38 -33.41
N GLU M 524 37.28 -8.61 -32.99
CA GLU M 524 37.64 -9.62 -33.95
C GLU M 524 36.40 -10.42 -34.40
N ALA M 525 36.38 -10.81 -35.67
CA ALA M 525 35.27 -11.59 -36.19
C ALA M 525 35.29 -13.00 -35.61
N PRO M 526 34.13 -13.67 -35.56
CA PRO M 526 34.06 -15.01 -34.99
C PRO M 526 34.65 -16.04 -35.93
N GLY M 527 35.28 -17.05 -35.35
CA GLY M 527 35.87 -18.13 -36.13
C GLY M 527 36.84 -17.75 -37.22
N GLU M 528 36.58 -18.25 -38.43
CA GLU M 528 37.47 -18.02 -39.57
C GLU M 528 36.96 -16.98 -40.55
N ALA M 529 36.06 -16.12 -40.09
CA ALA M 529 35.56 -15.10 -41.00
C ALA M 529 36.60 -13.98 -41.22
N ARG M 530 36.60 -13.43 -42.42
CA ARG M 530 37.54 -12.41 -42.81
C ARG M 530 36.81 -11.37 -43.68
N SER M 531 37.26 -10.11 -43.61
CA SER M 531 36.63 -9.06 -44.40
C SER M 531 36.48 -9.42 -45.87
N ASP M 532 35.51 -8.80 -46.52
CA ASP M 532 35.29 -9.05 -47.94
C ASP M 532 36.51 -8.55 -48.69
N LEU M 533 37.17 -7.54 -48.10
CA LEU M 533 38.37 -6.96 -48.70
C LEU M 533 39.37 -8.09 -48.81
N TRP M 534 39.62 -8.74 -47.67
CA TRP M 534 40.56 -9.83 -47.64
C TRP M 534 40.15 -10.88 -48.64
N GLN M 535 38.89 -11.28 -48.62
CA GLN M 535 38.42 -12.29 -49.55
C GLN M 535 38.80 -11.98 -50.98
N LEU M 536 38.50 -10.75 -51.41
CA LEU M 536 38.82 -10.28 -52.74
C LEU M 536 40.35 -10.33 -52.96
N MET M 537 41.10 -9.58 -52.16
CA MET M 537 42.54 -9.54 -52.28
C MET M 537 43.17 -10.93 -52.31
N GLU M 538 42.81 -11.81 -51.38
CA GLU M 538 43.37 -13.16 -51.32
C GLU M 538 43.03 -14.00 -52.56
N PHE M 539 41.79 -13.88 -53.03
CA PHE M 539 41.34 -14.63 -54.20
C PHE M 539 42.12 -14.23 -55.41
N SER M 540 42.81 -13.08 -55.26
CA SER M 540 43.66 -12.50 -56.30
C SER M 540 44.91 -13.34 -56.49
N LYS M 541 45.60 -13.59 -55.40
CA LYS M 541 46.84 -14.36 -55.38
C LYS M 541 46.83 -15.66 -56.19
N ARG M 542 45.73 -15.95 -56.86
CA ARG M 542 45.57 -17.18 -57.63
C ARG M 542 45.77 -17.11 -59.12
N PHE M 543 45.54 -15.95 -59.70
CA PHE M 543 45.68 -15.82 -61.13
C PHE M 543 46.99 -15.18 -61.51
N THR M 544 47.43 -15.46 -62.73
CA THR M 544 48.69 -14.98 -63.23
C THR M 544 48.47 -14.13 -64.49
N THR M 545 49.34 -13.15 -64.69
CA THR M 545 49.21 -12.26 -65.84
C THR M 545 49.12 -13.06 -67.14
N ASP M 546 49.69 -14.27 -67.13
CA ASP M 546 49.58 -15.17 -68.26
C ASP M 546 48.08 -15.48 -68.09
N GLU M 547 47.75 -16.73 -67.80
CA GLU M 547 46.36 -17.14 -67.50
C GLU M 547 45.16 -16.26 -67.92
N VAL M 548 45.14 -15.03 -67.40
CA VAL M 548 44.03 -14.13 -67.58
C VAL M 548 44.10 -12.97 -68.58
N TRP M 549 45.29 -12.39 -68.77
CA TRP M 549 45.41 -11.27 -69.73
C TRP M 549 45.64 -11.73 -71.18
N PRO M 550 45.21 -10.91 -72.16
CA PRO M 550 45.44 -11.27 -73.57
C PRO M 550 46.97 -11.22 -73.85
N GLU M 551 47.45 -12.17 -74.66
CA GLU M 551 48.87 -12.30 -74.99
C GLU M 551 49.51 -11.06 -75.61
N GLU M 552 48.77 -10.39 -76.50
CA GLU M 552 49.27 -9.19 -77.13
C GLU M 552 49.78 -8.26 -76.04
N ILE M 553 48.87 -7.88 -75.16
CA ILE M 553 49.17 -6.98 -74.07
C ILE M 553 50.43 -7.44 -73.36
N LEU M 554 50.51 -8.74 -73.11
CA LEU M 554 51.69 -9.30 -72.44
C LEU M 554 52.93 -8.99 -73.25
N SER M 555 52.92 -9.44 -74.50
CA SER M 555 54.04 -9.22 -75.41
C SER M 555 54.59 -7.81 -75.18
N ALA M 556 53.69 -6.82 -75.25
CA ALA M 556 54.04 -5.43 -75.06
C ALA M 556 54.76 -5.21 -73.71
N ALA M 557 54.32 -5.92 -72.66
CA ALA M 557 54.98 -5.71 -71.38
C ALA M 557 55.28 -6.97 -70.58
N PRO M 558 56.52 -7.45 -70.69
CA PRO M 558 57.05 -8.64 -70.01
C PRO M 558 56.73 -8.60 -68.52
N ALA M 559 57.12 -7.51 -67.85
CA ALA M 559 56.80 -7.38 -66.42
C ALA M 559 55.27 -7.30 -66.41
N TYR M 560 54.65 -8.49 -66.41
CA TYR M 560 53.21 -8.76 -66.47
C TYR M 560 53.23 -10.13 -67.14
N ARG M 561 54.10 -11.00 -66.66
CA ARG M 561 54.19 -12.38 -67.14
C ARG M 561 54.59 -13.13 -65.88
N GLY M 562 53.64 -13.90 -65.36
CA GLY M 562 53.83 -14.58 -64.09
C GLY M 562 53.12 -13.58 -63.16
N LYS M 563 53.88 -12.82 -62.39
CA LYS M 563 53.28 -11.77 -61.56
C LYS M 563 52.18 -12.18 -60.58
N THR M 564 50.99 -12.47 -61.11
CA THR M 564 49.78 -12.85 -60.35
C THR M 564 48.95 -11.60 -60.01
N LEU M 565 47.68 -11.65 -60.39
CA LEU M 565 46.75 -10.57 -60.11
C LEU M 565 46.85 -10.41 -58.59
N PHE M 566 47.57 -9.40 -58.16
CA PHE M 566 47.73 -9.14 -56.75
C PHE M 566 48.99 -8.34 -56.76
N GLU M 567 50.03 -8.93 -57.33
CA GLU M 567 51.28 -8.19 -57.44
C GLU M 567 50.86 -7.02 -58.35
N VAL M 568 50.14 -7.36 -59.43
CA VAL M 568 49.66 -6.35 -60.36
C VAL M 568 48.52 -5.47 -59.79
N LEU M 569 47.73 -5.98 -58.85
CA LEU M 569 46.60 -5.22 -58.33
C LEU M 569 46.76 -4.65 -56.93
N PHE M 570 47.45 -5.35 -56.04
CA PHE M 570 47.58 -4.87 -54.68
C PHE M 570 48.99 -4.74 -54.16
N ALA M 571 49.95 -5.25 -54.94
CA ALA M 571 51.37 -5.18 -54.61
C ALA M 571 52.09 -4.37 -55.70
N ASN M 572 51.44 -3.28 -56.11
CA ASN M 572 51.91 -2.36 -57.14
C ASN M 572 53.05 -1.53 -56.68
N GLY M 573 53.23 -1.47 -55.36
CA GLY M 573 54.24 -0.60 -54.81
C GLY M 573 53.53 0.74 -54.71
N SER M 574 52.22 0.71 -54.99
CA SER M 574 51.33 1.87 -54.91
C SER M 574 50.46 1.59 -53.69
N VAL M 575 49.78 0.45 -53.72
CA VAL M 575 48.91 -0.01 -52.63
C VAL M 575 49.74 -0.55 -51.46
N ASP M 576 50.99 -0.98 -51.71
CA ASP M 576 51.90 -1.51 -50.67
C ASP M 576 52.58 -0.32 -50.00
N ARG M 577 52.45 0.83 -50.64
CA ARG M 577 53.04 2.08 -50.17
C ARG M 577 53.22 2.21 -48.65
N PHE M 578 52.14 1.95 -47.89
CA PHE M 578 52.15 2.12 -46.43
C PHE M 578 52.33 0.85 -45.61
N PRO M 579 53.23 0.89 -44.62
CA PRO M 579 53.58 -0.22 -43.73
C PRO M 579 52.53 -0.68 -42.73
N ALA M 580 52.73 -1.87 -42.16
CA ALA M 580 51.82 -2.42 -41.16
C ALA M 580 51.81 -1.53 -39.94
N SER M 581 52.71 -0.56 -39.93
CA SER M 581 52.75 0.45 -38.89
C SER M 581 51.75 1.40 -39.54
N ASP M 582 51.79 2.72 -39.27
CA ASP M 582 50.85 3.66 -39.91
C ASP M 582 49.41 3.22 -39.68
N VAL M 583 49.15 2.45 -38.63
CA VAL M 583 47.81 1.94 -38.45
C VAL M 583 47.28 2.13 -37.05
N ASN M 584 47.54 3.31 -36.47
CA ASN M 584 47.11 3.64 -35.11
C ASN M 584 47.50 2.51 -34.16
N PRO M 585 48.43 2.77 -33.22
CA PRO M 585 48.92 1.80 -32.26
C PRO M 585 47.79 0.96 -31.69
N ASP M 586 46.75 1.63 -31.18
CA ASP M 586 45.57 0.95 -30.65
C ASP M 586 44.84 0.48 -31.90
N HIS M 587 43.84 -0.39 -31.77
CA HIS M 587 43.12 -0.89 -32.95
C HIS M 587 43.92 -1.89 -33.83
N ALA M 588 43.35 -3.06 -34.04
CA ALA M 588 43.97 -4.08 -34.85
C ALA M 588 43.46 -4.03 -36.30
N ASN M 589 44.09 -4.79 -37.19
CA ASN M 589 43.67 -4.77 -38.58
C ASN M 589 43.99 -6.13 -39.19
N HIS M 590 43.08 -7.09 -39.14
CA HIS M 590 43.39 -8.42 -39.66
C HIS M 590 43.90 -8.44 -41.11
N GLU M 591 43.44 -7.51 -41.94
CA GLU M 591 43.89 -7.50 -43.32
C GLU M 591 45.31 -6.92 -43.47
N ALA M 592 45.89 -6.47 -42.36
CA ALA M 592 47.22 -5.90 -42.39
C ALA M 592 48.19 -6.84 -41.65
N ALA M 593 47.65 -7.76 -40.85
CA ALA M 593 48.49 -8.73 -40.14
C ALA M 593 48.80 -9.79 -41.21
N LEU M 594 47.79 -10.10 -42.02
CA LEU M 594 47.96 -11.01 -43.12
C LEU M 594 48.35 -9.91 -44.12
N PHE M 595 49.25 -10.19 -45.07
CA PHE M 595 49.75 -9.16 -46.01
C PHE M 595 50.71 -8.25 -45.20
N GLY M 596 51.65 -7.59 -45.84
CA GLY M 596 52.56 -6.77 -45.07
C GLY M 596 52.32 -5.27 -45.14
N PHE M 597 51.37 -4.86 -45.96
CA PHE M 597 51.08 -3.45 -46.07
C PHE M 597 49.92 -3.03 -45.19
N TYR M 598 49.19 -2.02 -45.63
CA TYR M 598 48.05 -1.50 -44.90
C TYR M 598 47.08 -1.20 -46.03
N PRO M 599 46.31 -2.21 -46.45
CA PRO M 599 45.35 -2.15 -47.55
C PRO M 599 44.49 -0.90 -47.65
N GLN M 600 43.70 -0.65 -46.62
CA GLN M 600 42.81 0.47 -46.60
C GLN M 600 43.52 1.76 -46.97
N LYS M 601 44.59 2.08 -46.25
CA LYS M 601 45.30 3.31 -46.56
C LYS M 601 45.68 3.33 -48.04
N GLY M 602 46.32 2.25 -48.50
CA GLY M 602 46.76 2.16 -49.87
C GLY M 602 45.64 2.33 -50.88
N LEU M 603 44.60 1.53 -50.74
CA LEU M 603 43.49 1.62 -51.67
C LEU M 603 42.84 3.00 -51.61
N PHE M 604 42.58 3.49 -50.41
CA PHE M 604 41.95 4.78 -50.29
C PHE M 604 42.78 5.82 -51.06
N GLU M 605 44.05 6.02 -50.67
CA GLU M 605 44.84 7.03 -51.32
C GLU M 605 45.01 6.80 -52.81
N GLU M 606 45.04 5.54 -53.25
CA GLU M 606 45.15 5.35 -54.70
C GLU M 606 43.80 5.82 -55.31
N TYR M 607 42.72 5.15 -54.95
CA TYR M 607 41.39 5.50 -55.44
C TYR M 607 41.14 7.01 -55.36
N ALA M 608 41.71 7.64 -54.33
CA ALA M 608 41.53 9.05 -54.09
C ALA M 608 42.05 9.93 -55.22
N ALA M 609 43.09 9.45 -55.92
CA ALA M 609 43.69 10.19 -57.01
C ALA M 609 42.78 10.32 -58.23
N PHE M 610 41.70 9.55 -58.30
CA PHE M 610 40.82 9.69 -59.43
C PHE M 610 40.08 11.00 -59.36
N GLY M 611 39.70 11.40 -58.13
CA GLY M 611 39.03 12.66 -57.89
C GLY M 611 40.17 13.57 -57.49
N ARG M 612 39.95 14.61 -56.70
CA ARG M 612 41.07 15.47 -56.35
C ARG M 612 41.52 16.19 -57.61
N GLY M 613 41.07 17.42 -57.73
CA GLY M 613 41.34 18.18 -58.92
C GLY M 613 39.91 18.12 -59.42
N HIS M 614 39.69 17.40 -60.51
CA HIS M 614 38.33 17.25 -61.04
C HIS M 614 37.34 16.97 -59.88
N GLY M 615 36.61 18.00 -59.42
CA GLY M 615 35.65 17.85 -58.32
C GLY M 615 36.01 16.74 -57.34
N HIS M 616 35.03 15.92 -56.94
CA HIS M 616 35.22 14.73 -56.08
C HIS M 616 36.36 14.67 -55.03
N ASP M 617 36.91 15.81 -54.63
CA ASP M 617 38.03 15.82 -53.71
C ASP M 617 37.88 15.12 -52.40
N LEU M 618 38.62 14.05 -52.16
CA LEU M 618 38.53 13.39 -50.87
C LEU M 618 39.67 13.93 -50.04
N ALA M 619 39.51 13.95 -48.72
CA ALA M 619 40.56 14.43 -47.83
C ALA M 619 41.62 13.36 -47.67
N PRO M 620 42.72 13.68 -46.97
CA PRO M 620 43.76 12.66 -46.74
C PRO M 620 43.19 11.50 -45.90
N PHE M 621 43.48 10.27 -46.29
CA PHE M 621 43.02 9.11 -45.52
C PHE M 621 43.07 9.32 -44.00
N ASP M 622 44.25 9.54 -43.43
CA ASP M 622 44.34 9.74 -41.98
C ASP M 622 43.37 10.77 -41.42
N THR M 623 43.10 11.84 -42.15
CA THR M 623 42.18 12.86 -41.63
C THR M 623 40.82 12.28 -41.24
N TYR M 624 40.26 11.47 -42.14
CA TYR M 624 38.95 10.88 -41.87
C TYR M 624 38.85 10.07 -40.56
N HIS M 625 39.98 9.64 -40.01
CA HIS M 625 39.91 8.88 -38.77
C HIS M 625 39.87 9.81 -37.57
N GLU M 626 40.32 11.05 -37.73
CA GLU M 626 40.34 11.97 -36.60
C GLU M 626 39.05 12.76 -36.50
N VAL M 627 38.26 12.77 -37.58
CA VAL M 627 37.02 13.55 -37.63
C VAL M 627 35.80 12.68 -37.87
N ARG M 628 34.62 13.21 -37.55
CA ARG M 628 33.39 12.45 -37.81
C ARG M 628 32.86 12.84 -39.22
N GLY M 629 33.63 12.46 -40.25
CA GLY M 629 33.26 12.73 -41.62
C GLY M 629 33.41 14.15 -42.14
N LEU M 630 33.53 14.30 -43.47
CA LEU M 630 33.62 15.61 -44.13
C LEU M 630 32.83 15.45 -45.43
N HIS M 631 31.90 16.38 -45.77
CA HIS M 631 31.17 16.21 -47.03
C HIS M 631 32.13 16.63 -48.17
N TRP M 632 32.17 15.84 -49.24
CA TRP M 632 33.17 16.03 -50.32
C TRP M 632 32.81 16.87 -51.51
N PRO M 633 33.78 17.56 -52.15
CA PRO M 633 35.10 18.12 -52.46
C PRO M 633 35.75 18.72 -51.24
N VAL M 634 36.65 17.98 -50.65
CA VAL M 634 37.37 18.51 -49.52
C VAL M 634 38.63 19.07 -50.10
N VAL M 635 38.65 20.39 -50.26
CA VAL M 635 39.78 21.11 -50.83
C VAL M 635 40.50 21.89 -49.76
N GLU M 636 41.76 21.55 -49.56
CA GLU M 636 42.60 22.18 -48.55
C GLU M 636 42.02 21.91 -47.17
N GLY M 637 41.55 20.68 -46.98
CA GLY M 637 41.00 20.26 -45.71
C GLY M 637 39.68 20.91 -45.35
N GLU M 638 39.00 21.50 -46.32
CA GLU M 638 37.71 22.16 -46.06
C GLU M 638 36.59 21.54 -46.88
N GLU M 639 35.57 21.07 -46.17
CA GLU M 639 34.44 20.41 -46.80
C GLU M 639 33.52 21.36 -47.49
N THR M 640 32.71 20.82 -48.39
CA THR M 640 31.78 21.58 -49.19
C THR M 640 30.34 21.23 -48.92
N ARG M 641 29.58 22.18 -48.39
CA ARG M 641 28.19 21.94 -48.13
C ARG M 641 27.41 21.99 -49.41
N TRP M 642 27.33 23.17 -50.01
CA TRP M 642 26.59 23.40 -51.25
C TRP M 642 27.48 23.49 -52.48
N ARG M 643 27.20 22.65 -53.48
CA ARG M 643 27.97 22.56 -54.71
C ARG M 643 27.45 23.44 -55.81
N TYR M 644 28.36 23.93 -56.66
CA TYR M 644 28.02 24.79 -57.78
C TYR M 644 27.63 26.23 -57.42
N ARG M 645 28.08 26.72 -56.26
CA ARG M 645 27.77 28.10 -55.85
C ARG M 645 29.02 28.79 -55.50
N GLU M 646 29.26 29.92 -56.15
CA GLU M 646 30.46 30.66 -55.85
C GLU M 646 30.43 30.98 -54.33
N GLY M 647 31.55 30.78 -53.66
CA GLY M 647 31.61 31.05 -52.23
C GLY M 647 31.42 29.79 -51.40
N PHE M 648 30.52 28.92 -51.85
CA PHE M 648 30.26 27.68 -51.15
C PHE M 648 31.12 26.58 -51.77
N ASP M 649 31.14 26.52 -53.09
CA ASP M 649 31.92 25.52 -53.84
C ASP M 649 33.17 26.21 -54.39
N PRO M 650 34.37 25.65 -54.16
CA PRO M 650 35.59 26.28 -54.66
C PRO M 650 35.81 26.06 -56.13
N TYR M 651 35.05 25.15 -56.73
CA TYR M 651 35.22 24.89 -58.15
C TYR M 651 34.48 25.88 -59.03
N VAL M 652 33.87 26.86 -58.39
CA VAL M 652 33.18 27.92 -59.10
C VAL M 652 34.13 29.13 -59.05
N LYS M 653 34.56 29.57 -60.24
CA LYS M 653 35.51 30.68 -60.37
C LYS M 653 34.90 32.01 -59.96
N PRO M 654 35.67 32.84 -59.24
CA PRO M 654 35.25 34.15 -58.75
C PRO M 654 34.17 34.87 -59.50
N GLY M 655 34.40 35.20 -60.75
CA GLY M 655 33.34 35.89 -61.47
C GLY M 655 32.38 34.87 -62.06
N GLU M 656 31.44 34.35 -61.28
CA GLU M 656 30.56 33.33 -61.83
C GLU M 656 29.18 33.28 -61.22
N GLY M 657 29.08 32.94 -59.94
CA GLY M 657 27.78 32.83 -59.29
C GLY M 657 27.43 31.36 -59.13
N LEU M 658 26.90 30.78 -60.21
CA LEU M 658 26.55 29.36 -60.29
C LEU M 658 27.19 28.85 -61.56
N ARG M 659 27.50 27.57 -61.58
CA ARG M 659 28.06 26.96 -62.76
C ARG M 659 28.09 25.46 -62.57
N PHE M 660 27.06 24.79 -63.07
CA PHE M 660 26.98 23.34 -62.99
C PHE M 660 28.11 22.83 -63.88
N TYR M 661 29.34 22.94 -63.36
CA TYR M 661 30.52 22.57 -64.08
C TYR M 661 30.65 21.12 -64.48
N GLY M 662 29.58 20.34 -64.32
CA GLY M 662 29.65 18.95 -64.72
C GLY M 662 29.46 19.00 -66.22
N LYS M 663 28.60 19.93 -66.63
CA LYS M 663 28.27 20.18 -68.02
C LYS M 663 29.34 21.13 -68.54
N PRO M 664 29.74 20.98 -69.82
CA PRO M 664 30.77 21.84 -70.40
C PRO M 664 30.34 23.31 -70.39
N ASP M 665 29.14 23.57 -70.92
CA ASP M 665 28.63 24.94 -70.98
C ASP M 665 28.20 25.44 -69.63
N GLY M 666 28.13 24.52 -68.67
CA GLY M 666 27.77 24.88 -67.31
C GLY M 666 26.31 25.26 -67.12
N ARG M 667 25.45 24.58 -67.86
CA ARG M 667 24.01 24.81 -67.77
C ARG M 667 23.35 23.48 -67.49
N ALA M 668 22.38 23.49 -66.58
CA ALA M 668 21.65 22.30 -66.22
C ALA M 668 20.50 22.14 -67.20
N VAL M 669 20.22 20.89 -67.53
CA VAL M 669 19.16 20.55 -68.48
C VAL M 669 17.73 20.49 -67.91
N ILE M 670 16.76 20.97 -68.67
CA ILE M 670 15.38 20.90 -68.21
C ILE M 670 14.73 19.96 -69.21
N LEU M 671 14.22 18.83 -68.75
CA LEU M 671 13.66 17.87 -69.68
C LEU M 671 12.19 17.99 -69.86
N GLY M 672 11.76 17.95 -71.12
CA GLY M 672 10.35 17.97 -71.45
C GLY M 672 9.97 16.51 -71.60
N VAL M 673 9.20 15.97 -70.65
CA VAL M 673 8.86 14.57 -70.74
C VAL M 673 7.39 14.35 -70.48
N PRO M 674 6.83 13.30 -71.07
CA PRO M 674 5.39 12.98 -70.94
C PRO M 674 5.02 11.91 -69.92
N TYR M 675 3.91 12.09 -69.24
CA TYR M 675 3.48 11.09 -68.29
C TYR M 675 3.28 9.79 -69.05
N GLU M 676 3.57 8.67 -68.40
CA GLU M 676 3.35 7.39 -69.03
C GLU M 676 2.81 6.46 -67.97
N PRO M 677 2.24 5.33 -68.38
CA PRO M 677 1.72 4.45 -67.34
C PRO M 677 2.70 3.35 -66.89
N PRO M 678 2.44 2.76 -65.71
CA PRO M 678 3.27 1.69 -65.16
C PRO M 678 3.17 0.46 -66.04
N ALA M 679 4.17 -0.41 -65.91
CA ALA M 679 4.22 -1.64 -66.70
C ALA M 679 2.99 -2.49 -66.52
N GLU M 680 2.57 -2.65 -65.27
CA GLU M 680 1.40 -3.46 -64.99
C GLU M 680 0.43 -2.77 -64.03
N SER M 681 -0.79 -2.54 -64.49
CA SER M 681 -1.82 -1.92 -63.66
C SER M 681 -2.89 -2.96 -63.33
N PRO M 682 -3.67 -2.73 -62.29
CA PRO M 682 -4.72 -3.69 -61.93
C PRO M 682 -5.77 -3.85 -63.02
N ASP M 683 -6.24 -5.09 -63.13
CA ASP M 683 -7.24 -5.54 -64.11
C ASP M 683 -8.52 -5.89 -63.41
N GLU M 684 -9.25 -6.81 -64.02
CA GLU M 684 -10.51 -7.28 -63.48
C GLU M 684 -10.11 -8.55 -62.70
N GLU M 685 -9.16 -9.31 -63.26
CA GLU M 685 -8.73 -10.52 -62.58
C GLU M 685 -7.89 -10.12 -61.35
N PHE M 686 -6.89 -9.24 -61.54
CA PHE M 686 -6.02 -8.78 -60.47
C PHE M 686 -6.33 -7.33 -60.13
N GLY M 687 -7.32 -7.12 -59.25
CA GLY M 687 -7.75 -5.77 -58.92
C GLY M 687 -6.95 -4.88 -57.99
N PHE M 688 -6.01 -5.45 -57.24
CA PHE M 688 -5.21 -4.70 -56.28
C PHE M 688 -3.85 -4.22 -56.73
N TRP M 689 -3.45 -3.07 -56.21
CA TRP M 689 -2.13 -2.52 -56.49
C TRP M 689 -1.20 -3.15 -55.45
N LEU M 690 -0.07 -3.66 -55.90
CA LEU M 690 0.85 -4.21 -54.93
C LEU M 690 2.03 -3.26 -54.71
N VAL M 691 1.98 -2.54 -53.59
CA VAL M 691 3.04 -1.63 -53.23
C VAL M 691 3.96 -2.44 -52.34
N THR M 692 5.26 -2.19 -52.43
CA THR M 692 6.23 -2.97 -51.67
C THR M 692 7.22 -2.09 -51.00
N GLY M 693 7.59 -2.39 -49.77
CA GLY M 693 8.52 -1.50 -49.10
C GLY M 693 9.20 -2.01 -47.85
N ARG M 694 9.34 -1.12 -46.87
CA ARG M 694 10.01 -1.46 -45.61
C ARG M 694 9.27 -1.05 -44.37
N VAL M 695 9.88 -1.33 -43.22
CA VAL M 695 9.28 -1.04 -41.93
C VAL M 695 10.39 -0.60 -41.03
N LEU M 696 10.11 0.38 -40.18
CA LEU M 696 11.13 0.93 -39.26
C LEU M 696 12.06 -0.05 -38.57
N GLU M 697 11.47 -1.08 -38.02
CA GLU M 697 12.21 -2.07 -37.28
C GLU M 697 13.12 -3.01 -38.07
N HIS M 698 12.94 -3.08 -39.37
CA HIS M 698 13.76 -4.01 -40.14
C HIS M 698 14.49 -3.48 -41.33
N TRP M 699 15.72 -4.00 -41.49
CA TRP M 699 16.63 -3.63 -42.58
C TRP M 699 16.63 -4.71 -43.64
N HIS M 700 16.10 -4.38 -44.83
CA HIS M 700 16.03 -5.27 -45.98
C HIS M 700 15.60 -6.70 -45.73
N SER M 701 16.57 -7.63 -45.76
CA SER M 701 16.33 -9.06 -45.57
C SER M 701 16.11 -9.44 -44.15
N GLY M 702 16.29 -8.52 -43.24
CA GLY M 702 16.14 -8.89 -41.85
C GLY M 702 17.24 -9.84 -41.37
N SER M 703 18.26 -10.11 -42.18
CA SER M 703 19.32 -11.02 -41.75
C SER M 703 20.00 -10.50 -40.52
N MET M 704 19.89 -9.18 -40.31
CA MET M 704 20.52 -8.60 -39.14
C MET M 704 19.49 -8.20 -38.10
N THR M 705 18.46 -7.49 -38.52
CA THR M 705 17.46 -7.05 -37.56
C THR M 705 16.56 -8.17 -37.08
N LEU M 706 16.28 -9.17 -37.91
CA LEU M 706 15.44 -10.31 -37.46
C LEU M 706 16.21 -11.16 -36.46
N ARG M 707 17.46 -10.78 -36.17
CA ARG M 707 18.25 -11.49 -35.18
C ARG M 707 18.41 -10.69 -33.92
N TRP M 708 18.18 -9.39 -34.01
CA TRP M 708 18.21 -8.57 -32.82
C TRP M 708 16.82 -8.85 -32.24
N PRO M 709 16.75 -9.43 -31.03
CA PRO M 709 15.50 -9.79 -30.35
C PRO M 709 14.45 -8.70 -30.25
N GLU M 710 14.80 -7.51 -29.73
CA GLU M 710 13.77 -6.50 -29.62
C GLU M 710 13.17 -6.09 -30.95
N LEU M 711 13.96 -6.12 -32.01
CA LEU M 711 13.43 -5.75 -33.30
C LEU M 711 12.54 -6.87 -33.85
N TYR M 712 12.96 -8.11 -33.67
CA TYR M 712 12.17 -9.23 -34.16
C TYR M 712 10.83 -9.19 -33.45
N LYS M 713 10.89 -9.25 -32.13
CA LYS M 713 9.71 -9.18 -31.28
C LYS M 713 8.79 -8.02 -31.69
N ALA M 714 9.37 -6.87 -31.98
CA ALA M 714 8.63 -5.69 -32.36
C ALA M 714 7.81 -5.83 -33.64
N PHE M 715 8.18 -6.76 -34.51
CA PHE M 715 7.51 -6.96 -35.80
C PHE M 715 8.05 -8.26 -36.35
N PRO M 716 7.74 -9.37 -35.70
CA PRO M 716 8.20 -10.72 -36.05
C PRO M 716 8.14 -11.12 -37.51
N GLY M 717 7.00 -10.93 -38.15
CA GLY M 717 6.93 -11.36 -39.54
C GLY M 717 6.16 -10.40 -40.43
N ALA M 718 6.34 -10.59 -41.74
CA ALA M 718 5.70 -9.75 -42.75
C ALA M 718 4.19 -9.80 -42.71
N VAL M 719 3.55 -8.79 -43.26
CA VAL M 719 2.10 -8.70 -43.20
C VAL M 719 1.59 -7.94 -44.41
N CYS M 720 0.36 -8.24 -44.80
CA CYS M 720 -0.25 -7.53 -45.90
C CYS M 720 -1.15 -6.40 -45.32
N PHE M 721 -0.81 -5.15 -45.61
CA PHE M 721 -1.64 -4.06 -45.12
C PHE M 721 -2.74 -3.92 -46.15
N MET M 722 -3.98 -3.87 -45.68
CA MET M 722 -5.12 -3.72 -46.60
C MET M 722 -6.16 -2.73 -46.03
N HIS M 723 -7.14 -2.33 -46.84
CA HIS M 723 -8.17 -1.40 -46.36
C HIS M 723 -9.15 -2.19 -45.48
N PRO M 724 -9.59 -1.59 -44.36
CA PRO M 724 -10.54 -2.30 -43.49
C PRO M 724 -11.81 -2.73 -44.18
N GLU M 725 -12.20 -2.04 -45.26
CA GLU M 725 -13.43 -2.42 -45.96
C GLU M 725 -13.14 -3.38 -47.10
N ASP M 726 -11.98 -3.25 -47.72
CA ASP M 726 -11.62 -4.14 -48.82
C ASP M 726 -11.49 -5.53 -48.23
N ALA M 727 -11.49 -5.62 -46.91
CA ALA M 727 -11.40 -6.90 -46.24
C ALA M 727 -12.80 -7.39 -45.93
N ARG M 728 -13.61 -6.57 -45.24
CA ARG M 728 -14.98 -6.96 -44.88
C ARG M 728 -15.66 -7.58 -46.10
N SER M 729 -15.62 -6.86 -47.22
CA SER M 729 -16.21 -7.31 -48.48
C SER M 729 -15.83 -8.74 -48.86
N ARG M 730 -14.53 -9.05 -48.89
CA ARG M 730 -14.09 -10.38 -49.27
C ARG M 730 -14.30 -11.39 -48.15
N GLY M 731 -14.95 -10.93 -47.07
CA GLY M 731 -15.21 -11.79 -45.94
C GLY M 731 -13.94 -12.10 -45.15
N LEU M 732 -13.00 -11.16 -45.19
CA LEU M 732 -11.72 -11.26 -44.51
C LEU M 732 -11.71 -10.33 -43.30
N ASN M 733 -11.00 -10.75 -42.27
CA ASN M 733 -10.86 -9.96 -41.05
C ASN M 733 -9.38 -9.72 -40.86
N ARG M 734 -9.04 -9.03 -39.79
CA ARG M 734 -7.65 -8.78 -39.47
C ARG M 734 -7.10 -10.10 -38.94
N GLY M 735 -5.99 -10.56 -39.50
CA GLY M 735 -5.40 -11.81 -39.01
C GLY M 735 -5.62 -12.98 -39.93
N SER M 736 -6.53 -12.79 -40.90
CA SER M 736 -6.85 -13.82 -41.88
C SER M 736 -5.61 -14.15 -42.69
N GLU M 737 -5.43 -15.42 -43.04
CA GLU M 737 -4.28 -15.83 -43.84
C GLU M 737 -4.67 -15.64 -45.31
N VAL M 738 -4.12 -14.61 -45.95
CA VAL M 738 -4.42 -14.33 -47.34
C VAL M 738 -3.32 -14.74 -48.30
N ARG M 739 -3.70 -14.81 -49.58
CA ARG M 739 -2.77 -15.18 -50.63
C ARG M 739 -2.63 -13.99 -51.55
N VAL M 740 -1.46 -13.38 -51.56
CA VAL M 740 -1.24 -12.27 -52.44
C VAL M 740 -0.75 -12.97 -53.71
N ILE M 741 -1.55 -12.84 -54.77
CA ILE M 741 -1.28 -13.51 -56.02
C ILE M 741 -1.06 -12.64 -57.24
N SER M 742 -0.14 -13.09 -58.08
CA SER M 742 0.23 -12.45 -59.34
C SER M 742 0.35 -13.47 -60.46
N ARG M 743 0.56 -13.00 -61.68
CA ARG M 743 0.76 -13.90 -62.82
C ARG M 743 2.12 -14.61 -62.62
N ARG M 744 2.88 -14.14 -61.64
CA ARG M 744 4.20 -14.68 -61.34
C ARG M 744 4.32 -15.47 -60.03
N GLY M 745 3.47 -15.20 -59.03
CA GLY M 745 3.60 -15.97 -57.79
C GLY M 745 2.62 -15.63 -56.68
N GLU M 746 2.75 -16.32 -55.55
CA GLU M 746 1.86 -16.14 -54.40
C GLU M 746 2.63 -16.13 -53.10
N ILE M 747 2.01 -15.51 -52.10
CA ILE M 747 2.56 -15.53 -50.77
C ILE M 747 1.36 -15.74 -49.90
N ARG M 748 1.64 -16.12 -48.66
CA ARG M 748 0.64 -16.23 -47.63
C ARG M 748 1.20 -15.29 -46.58
N THR M 749 0.54 -14.17 -46.35
CA THR M 749 0.98 -13.22 -45.31
C THR M 749 -0.33 -13.15 -44.60
N ARG M 750 -0.36 -12.56 -43.43
CA ARG M 750 -1.65 -12.43 -42.81
C ARG M 750 -2.04 -10.99 -43.02
N LEU M 751 -3.33 -10.77 -43.03
CA LEU M 751 -3.86 -9.44 -43.26
C LEU M 751 -3.62 -8.58 -42.05
N GLU M 752 -3.47 -7.29 -42.27
CA GLU M 752 -3.42 -6.44 -41.13
C GLU M 752 -4.01 -5.18 -41.61
N THR M 753 -5.15 -4.85 -41.04
CA THR M 753 -5.81 -3.61 -41.38
C THR M 753 -5.70 -2.97 -40.01
N ARG M 754 -5.66 -1.64 -39.98
CA ARG M 754 -5.52 -0.89 -38.73
C ARG M 754 -4.08 -0.88 -38.23
N GLY M 755 -3.13 -1.11 -39.14
CA GLY M 755 -1.72 -1.08 -38.79
C GLY M 755 -1.23 0.34 -39.04
N ARG M 756 0.07 0.53 -39.15
CA ARG M 756 0.62 1.88 -39.40
C ARG M 756 0.26 2.42 -40.79
N ASN M 757 0.37 1.57 -41.81
CA ASN M 757 0.06 2.01 -43.15
C ASN M 757 -1.42 1.85 -43.41
N ARG M 758 -2.11 2.97 -43.61
CA ARG M 758 -3.54 3.01 -43.85
C ARG M 758 -3.76 3.07 -45.36
N MET M 759 -4.03 1.92 -45.94
CA MET M 759 -4.20 1.79 -47.37
C MET M 759 -5.46 2.40 -47.96
N PRO M 760 -5.39 2.84 -49.22
CA PRO M 760 -6.56 3.40 -49.88
C PRO M 760 -7.21 2.19 -50.52
N ARG M 761 -8.48 2.29 -50.86
CA ARG M 761 -9.18 1.16 -51.46
C ARG M 761 -8.51 0.75 -52.77
N GLY M 762 -8.20 -0.55 -52.88
CA GLY M 762 -7.57 -1.09 -54.08
C GLY M 762 -6.04 -1.16 -54.05
N VAL M 763 -5.43 -0.71 -52.95
CA VAL M 763 -3.98 -0.72 -52.81
C VAL M 763 -3.57 -1.52 -51.59
N VAL M 764 -2.58 -2.38 -51.77
CA VAL M 764 -2.08 -3.25 -50.71
C VAL M 764 -0.56 -3.11 -50.56
N PHE M 765 -0.04 -3.20 -49.33
CA PHE M 765 1.40 -3.05 -49.10
C PHE M 765 2.03 -4.19 -48.31
N VAL M 766 3.08 -4.80 -48.81
CA VAL M 766 3.75 -5.85 -48.01
C VAL M 766 5.23 -5.60 -47.94
N PRO M 767 5.81 -5.59 -46.73
CA PRO M 767 7.26 -5.36 -46.56
C PRO M 767 7.98 -6.65 -46.93
N TRP M 768 9.20 -6.55 -47.43
CA TRP M 768 9.92 -7.76 -47.86
C TRP M 768 10.98 -8.39 -46.97
N PHE M 769 11.08 -7.97 -45.72
CA PHE M 769 12.12 -8.50 -44.81
C PHE M 769 12.04 -9.96 -44.43
N ASP M 770 10.90 -10.58 -44.64
CA ASP M 770 10.67 -11.96 -44.26
C ASP M 770 10.98 -13.01 -45.37
N ALA M 771 12.00 -13.84 -45.14
CA ALA M 771 12.38 -14.86 -46.12
C ALA M 771 11.32 -15.95 -46.26
N SER M 772 10.47 -16.08 -45.26
CA SER M 772 9.40 -17.06 -45.35
C SER M 772 8.40 -16.50 -46.39
N GLN M 773 8.29 -15.18 -46.44
CA GLN M 773 7.33 -14.54 -47.34
C GLN M 773 8.00 -13.79 -48.49
N LEU M 774 8.54 -14.51 -49.46
CA LEU M 774 9.24 -13.88 -50.58
C LEU M 774 8.28 -13.14 -51.53
N ILE M 775 7.97 -11.87 -51.23
CA ILE M 775 7.07 -11.12 -52.11
C ILE M 775 7.70 -10.92 -53.46
N ASN M 776 9.03 -10.97 -53.51
CA ASN M 776 9.66 -10.76 -54.79
C ASN M 776 9.37 -11.83 -55.82
N LYS M 777 8.64 -12.87 -55.43
CA LYS M 777 8.21 -13.89 -56.38
C LYS M 777 7.01 -13.26 -57.13
N VAL M 778 6.23 -12.45 -56.41
CA VAL M 778 5.03 -11.79 -56.91
C VAL M 778 5.31 -10.56 -57.78
N THR M 779 6.47 -9.94 -57.56
CA THR M 779 6.89 -8.72 -58.25
C THR M 779 7.26 -8.83 -59.71
N LEU M 780 6.96 -7.78 -60.47
CA LEU M 780 7.28 -7.77 -61.91
C LEU M 780 8.64 -7.17 -62.21
N ASP M 781 9.33 -7.87 -63.09
CA ASP M 781 10.67 -7.58 -63.59
C ASP M 781 10.90 -6.19 -64.27
N ALA M 782 9.91 -5.31 -64.36
CA ALA M 782 10.11 -4.05 -65.09
C ALA M 782 11.08 -3.01 -64.53
N ASN M 783 11.78 -2.29 -65.42
CA ASN M 783 12.75 -1.25 -65.02
C ASN M 783 12.51 0.09 -65.69
N ASP M 784 13.25 1.11 -65.26
CA ASP M 784 13.18 2.38 -65.94
C ASP M 784 14.23 2.10 -67.02
N PRO M 785 13.79 1.97 -68.28
CA PRO M 785 14.66 1.70 -69.44
C PRO M 785 15.95 2.49 -69.62
N ILE M 786 16.10 3.63 -68.94
CA ILE M 786 17.33 4.41 -69.04
C ILE M 786 18.35 4.00 -67.93
N SER M 787 17.87 3.97 -66.69
CA SER M 787 18.71 3.65 -65.53
C SER M 787 18.78 2.16 -65.28
N ARG M 788 17.75 1.45 -65.76
CA ARG M 788 17.61 0.00 -65.59
C ARG M 788 17.34 -0.39 -64.14
N GLN M 789 16.67 0.48 -63.41
CA GLN M 789 16.33 0.23 -62.00
C GLN M 789 14.96 -0.42 -61.96
N THR M 790 14.88 -1.67 -61.49
CA THR M 790 13.59 -2.33 -61.44
C THR M 790 12.58 -1.57 -60.55
N ASP M 791 11.30 -1.69 -60.87
CA ASP M 791 10.23 -0.99 -60.15
C ASP M 791 9.43 -1.92 -59.23
N PHE M 792 9.65 -1.77 -57.91
CA PHE M 792 8.98 -2.62 -56.95
C PHE M 792 7.76 -2.00 -56.31
N LYS M 793 7.40 -0.79 -56.69
CA LYS M 793 6.26 -0.15 -56.04
C LYS M 793 4.85 -0.36 -56.59
N LYS M 794 4.71 -1.06 -57.73
CA LYS M 794 3.36 -1.31 -58.29
C LYS M 794 3.26 -2.42 -59.32
N CYS M 795 2.19 -3.19 -59.22
CA CYS M 795 1.89 -4.27 -60.14
C CYS M 795 0.53 -4.76 -59.70
N ALA M 796 -0.15 -5.53 -60.54
CA ALA M 796 -1.49 -5.98 -60.21
C ALA M 796 -1.44 -7.29 -59.45
N VAL M 797 -2.24 -7.39 -58.38
CA VAL M 797 -2.27 -8.57 -57.55
C VAL M 797 -3.67 -8.92 -57.06
N LYS M 798 -3.95 -10.20 -56.90
CA LYS M 798 -5.26 -10.62 -56.42
C LYS M 798 -5.10 -11.25 -55.03
N ILE M 799 -6.14 -11.16 -54.20
CA ILE M 799 -6.08 -11.70 -52.83
C ILE M 799 -7.24 -12.64 -52.43
N GLU M 800 -6.92 -13.86 -51.99
CA GLU M 800 -7.95 -14.85 -51.57
C GLU M 800 -7.56 -15.52 -50.23
N ALA M 801 -8.42 -16.10 -49.50
N ASP N 2 6.05 -18.36 -35.32
CA ASP N 2 7.49 -18.64 -35.68
C ASP N 2 7.57 -19.80 -36.70
N ALA N 3 7.87 -19.43 -37.95
CA ALA N 3 7.90 -20.38 -39.07
C ALA N 3 9.22 -20.45 -39.87
N PRO N 4 9.23 -21.09 -41.09
CA PRO N 4 10.47 -21.24 -41.84
C PRO N 4 11.40 -20.10 -41.71
N ARG N 5 12.39 -20.35 -40.86
CA ARG N 5 13.41 -19.39 -40.54
C ARG N 5 13.25 -18.29 -41.57
N LEU N 6 12.54 -17.24 -41.16
CA LEU N 6 12.33 -16.09 -41.99
C LEU N 6 13.79 -15.66 -42.29
N THR N 7 14.71 -16.38 -41.67
CA THR N 7 16.15 -16.17 -41.83
C THR N 7 16.74 -17.06 -42.96
N GLY N 8 16.34 -18.34 -43.08
CA GLY N 8 16.85 -19.23 -44.10
C GLY N 8 15.92 -19.71 -45.21
N ALA N 9 14.61 -19.59 -45.02
CA ALA N 9 13.58 -20.03 -46.00
C ALA N 9 13.72 -21.49 -46.45
N ASP N 10 12.80 -22.37 -46.04
CA ASP N 10 12.86 -23.80 -46.38
C ASP N 10 12.86 -23.99 -47.88
N ARG N 11 13.58 -25.00 -48.41
CA ARG N 11 13.67 -25.28 -49.86
C ARG N 11 12.96 -24.14 -50.60
N PRO N 12 13.59 -22.92 -50.60
CA PRO N 12 13.08 -21.68 -51.16
C PRO N 12 11.99 -21.69 -52.18
N MET N 13 11.08 -20.74 -51.99
CA MET N 13 9.96 -20.52 -52.89
C MET N 13 8.95 -21.64 -53.00
N SER N 14 9.17 -22.70 -52.22
CA SER N 14 8.31 -23.88 -52.19
C SER N 14 6.80 -23.61 -51.97
N GLU N 15 6.48 -22.89 -50.90
CA GLU N 15 5.12 -22.53 -50.47
C GLU N 15 5.16 -22.71 -48.98
N VAL N 16 4.98 -21.61 -48.26
CA VAL N 16 5.03 -21.64 -46.83
C VAL N 16 3.77 -21.09 -46.20
N ALA N 17 3.38 -21.68 -45.08
CA ALA N 17 2.22 -21.22 -44.35
C ALA N 17 2.69 -20.16 -43.37
N ALA N 18 1.94 -19.06 -43.29
CA ALA N 18 2.28 -17.95 -42.43
C ALA N 18 1.57 -18.00 -41.09
N PRO N 19 2.32 -18.19 -40.01
CA PRO N 19 1.78 -18.24 -38.65
C PRO N 19 0.90 -17.06 -38.41
N PRO N 20 0.02 -17.14 -37.43
CA PRO N 20 -0.88 -16.03 -37.12
C PRO N 20 -0.19 -14.88 -36.37
N LEU N 21 -0.67 -13.66 -36.65
CA LEU N 21 -0.12 -12.46 -36.04
C LEU N 21 0.12 -12.75 -34.58
N PRO N 22 1.29 -12.34 -34.05
CA PRO N 22 1.63 -12.57 -32.65
C PRO N 22 0.96 -11.44 -31.94
N GLU N 23 0.65 -11.62 -30.67
CA GLU N 23 -0.04 -10.57 -29.98
C GLU N 23 0.86 -9.71 -29.15
N THR N 24 0.58 -8.41 -29.24
CA THR N 24 1.31 -7.39 -28.53
C THR N 24 1.25 -7.65 -27.05
N ILE N 25 2.27 -7.21 -26.34
CA ILE N 25 2.32 -7.39 -24.90
C ILE N 25 1.82 -6.13 -24.24
N THR N 26 0.65 -6.27 -23.64
CA THR N 26 -0.03 -5.17 -22.98
C THR N 26 0.21 -5.15 -21.48
N ASP N 27 0.80 -6.21 -20.95
CA ASP N 27 1.10 -6.31 -19.53
C ASP N 27 2.06 -5.17 -19.25
N ASP N 28 1.57 -4.16 -18.54
CA ASP N 28 2.32 -2.93 -18.27
C ASP N 28 3.60 -2.99 -17.47
N ARG N 29 4.38 -4.06 -17.61
CA ARG N 29 5.65 -4.19 -16.89
C ARG N 29 6.87 -3.67 -17.67
N ARG N 30 7.57 -2.67 -17.12
CA ARG N 30 8.76 -2.10 -17.75
C ARG N 30 9.75 -3.23 -17.90
N VAL N 31 10.63 -3.21 -18.91
CA VAL N 31 11.49 -4.37 -19.10
C VAL N 31 12.93 -4.43 -18.58
N GLY N 32 13.69 -3.36 -18.63
CA GLY N 32 15.03 -3.45 -18.09
C GLY N 32 16.07 -3.63 -19.17
N ARG N 33 16.98 -2.67 -19.27
CA ARG N 33 17.95 -2.69 -20.35
C ARG N 33 19.33 -3.03 -19.90
N ASN N 34 20.28 -3.03 -20.85
CA ASN N 34 21.67 -3.42 -20.59
C ASN N 34 22.68 -2.27 -20.58
N TYR N 35 22.42 -1.23 -21.34
CA TYR N 35 23.32 -0.11 -21.36
C TYR N 35 22.47 1.13 -21.33
N PRO N 36 23.02 2.27 -20.83
CA PRO N 36 22.23 3.51 -20.81
C PRO N 36 21.83 3.67 -22.25
N GLU N 37 21.21 4.75 -22.68
CA GLU N 37 20.89 4.82 -24.10
C GLU N 37 20.37 3.61 -24.86
N GLN N 38 19.92 2.56 -24.18
CA GLN N 38 19.29 1.47 -24.91
C GLN N 38 17.80 1.87 -24.80
N PRO N 39 17.15 2.21 -25.91
CA PRO N 39 15.75 2.61 -25.84
C PRO N 39 14.81 1.62 -25.14
N PRO N 40 14.13 2.06 -24.06
CA PRO N 40 13.20 1.22 -23.32
C PRO N 40 12.19 0.75 -24.32
N VAL N 41 11.67 -0.45 -24.12
CA VAL N 41 10.65 -1.03 -24.99
C VAL N 41 9.28 -0.57 -24.45
N ILE N 42 8.28 -0.41 -25.31
CA ILE N 42 6.98 0.05 -24.82
C ILE N 42 6.17 -1.11 -24.23
N PRO N 43 5.96 -1.10 -22.90
CA PRO N 43 5.24 -2.15 -22.18
C PRO N 43 3.73 -2.09 -22.30
N HIS N 44 3.21 -1.09 -22.98
CA HIS N 44 1.78 -1.03 -23.14
C HIS N 44 1.39 -0.98 -24.61
N SER N 45 0.13 -0.68 -24.87
CA SER N 45 -0.33 -0.63 -26.25
C SER N 45 -0.13 0.72 -26.85
N ILE N 46 -0.14 0.75 -28.17
CA ILE N 46 0.01 1.98 -28.92
C ILE N 46 -1.31 2.29 -29.64
N GLU N 47 -1.78 1.30 -30.38
CA GLU N 47 -3.00 1.35 -31.16
C GLU N 47 -3.57 2.72 -31.56
N GLY N 48 -4.53 3.20 -30.80
CA GLY N 48 -5.16 4.47 -31.14
C GLY N 48 -4.37 5.75 -30.94
N TYR N 49 -3.17 5.63 -30.38
CA TYR N 49 -2.35 6.77 -30.09
C TYR N 49 -1.86 7.47 -31.33
N GLN N 50 -2.14 8.76 -31.42
CA GLN N 50 -1.77 9.53 -32.57
C GLN N 50 -0.56 10.41 -32.33
N LEU N 51 0.30 10.45 -33.32
CA LEU N 51 1.48 11.30 -33.27
C LEU N 51 1.40 12.07 -34.60
N SER N 52 1.07 13.35 -34.53
CA SER N 52 0.92 14.13 -35.74
C SER N 52 1.32 15.56 -35.49
N VAL N 53 1.12 16.38 -36.50
CA VAL N 53 1.43 17.81 -36.41
C VAL N 53 0.60 18.47 -35.33
N ASN N 54 -0.58 17.93 -35.11
CA ASN N 54 -1.48 18.53 -34.16
C ASN N 54 -1.56 17.88 -32.81
N ALA N 55 -1.09 16.64 -32.70
CA ALA N 55 -1.15 15.98 -31.40
C ALA N 55 -0.11 14.92 -31.18
N ASN N 56 0.22 14.70 -29.89
CA ASN N 56 1.17 13.68 -29.50
C ASN N 56 0.61 13.03 -28.26
N ARG N 57 -0.09 11.94 -28.44
CA ARG N 57 -0.72 11.25 -27.31
C ARG N 57 0.23 10.94 -26.18
N CYS N 58 1.46 10.61 -26.53
CA CYS N 58 2.48 10.24 -25.56
C CYS N 58 2.84 11.30 -24.59
N LEU N 59 2.97 12.51 -25.10
CA LEU N 59 3.38 13.59 -24.24
C LEU N 59 2.34 13.93 -23.21
N GLU N 60 1.18 13.26 -23.29
CA GLU N 60 0.08 13.49 -22.35
C GLU N 60 0.35 12.81 -21.04
N CYS N 61 1.11 11.73 -21.10
CA CYS N 61 1.48 11.00 -19.90
C CYS N 61 2.95 11.15 -19.51
N HIS N 62 3.82 11.09 -20.52
CA HIS N 62 5.26 11.17 -20.38
C HIS N 62 5.70 12.59 -20.44
N ARG N 63 5.74 13.22 -19.27
CA ARG N 63 6.13 14.61 -19.13
C ARG N 63 6.70 14.80 -17.74
N ARG N 64 7.20 15.99 -17.43
CA ARG N 64 7.75 16.24 -16.12
C ARG N 64 7.02 17.41 -15.51
N GLN N 65 6.69 17.36 -14.22
CA GLN N 65 5.96 18.50 -13.66
C GLN N 65 6.90 19.46 -12.97
N TYR N 66 6.61 20.74 -13.16
CA TYR N 66 7.39 21.76 -12.52
C TYR N 66 6.53 22.72 -11.71
N SER N 67 6.41 23.96 -12.16
CA SER N 67 5.69 25.02 -11.45
C SER N 67 5.60 24.80 -9.93
N GLY N 68 6.69 24.30 -9.36
CA GLY N 68 6.79 24.08 -7.93
C GLY N 68 6.29 22.75 -7.40
N LEU N 69 5.48 22.05 -8.17
CA LEU N 69 4.89 20.79 -7.76
C LEU N 69 5.75 19.55 -7.99
N VAL N 70 5.46 18.47 -7.25
CA VAL N 70 6.22 17.25 -7.35
C VAL N 70 5.38 16.08 -7.77
N ALA N 71 5.75 15.51 -8.91
CA ALA N 71 5.08 14.32 -9.45
C ALA N 71 6.19 13.42 -9.93
N ALA N 72 5.85 12.17 -10.23
CA ALA N 72 6.85 11.22 -10.70
C ALA N 72 7.20 11.51 -12.13
N PRO N 73 8.49 11.55 -12.45
CA PRO N 73 9.00 11.81 -13.81
C PRO N 73 8.62 10.73 -14.79
N MET N 74 8.21 11.14 -15.98
CA MET N 74 7.80 10.21 -17.03
C MET N 74 8.58 10.21 -18.37
N ILE N 75 9.59 11.07 -18.47
CA ILE N 75 10.54 11.12 -19.59
C ILE N 75 11.82 11.67 -18.96
N SER N 76 12.95 11.21 -19.45
CA SER N 76 14.25 11.66 -18.99
C SER N 76 14.50 13.01 -19.61
N ILE N 77 15.15 13.87 -18.86
CA ILE N 77 15.37 15.21 -19.33
C ILE N 77 16.27 15.31 -20.54
N THR N 78 16.81 14.17 -20.93
CA THR N 78 17.67 14.14 -22.08
C THR N 78 16.83 14.39 -23.30
N HIS N 79 15.52 14.19 -23.18
CA HIS N 79 14.60 14.40 -24.31
C HIS N 79 14.31 15.90 -24.46
N PHE N 80 14.89 16.71 -23.58
CA PHE N 80 14.69 18.15 -23.62
C PHE N 80 15.84 18.87 -24.36
N GLN N 81 16.93 18.17 -24.64
CA GLN N 81 18.06 18.82 -25.26
C GLN N 81 17.89 18.90 -26.73
N ASP N 82 18.28 20.04 -27.32
CA ASP N 82 18.16 20.28 -28.75
C ASP N 82 19.47 19.96 -29.38
N ARG N 83 19.49 19.88 -30.71
CA ARG N 83 20.70 19.68 -31.48
C ARG N 83 21.57 20.75 -30.79
N GLU N 84 22.82 20.45 -30.49
CA GLU N 84 23.67 21.41 -29.77
C GLU N 84 23.66 21.13 -28.28
N GLY N 85 22.89 20.13 -27.86
CA GLY N 85 22.82 19.73 -26.46
C GLY N 85 22.18 20.64 -25.43
N GLN N 86 21.77 21.83 -25.86
CA GLN N 86 21.17 22.79 -24.93
C GLN N 86 19.90 22.21 -24.33
N MET N 87 19.63 22.51 -23.07
CA MET N 87 18.41 21.99 -22.49
C MET N 87 17.25 22.95 -22.47
N LEU N 88 16.31 22.70 -23.37
CA LEU N 88 15.12 23.50 -23.52
C LEU N 88 14.24 23.36 -22.30
N ALA N 89 13.20 24.20 -22.17
CA ALA N 89 12.31 24.12 -21.03
C ALA N 89 11.16 23.09 -21.18
N ASP N 90 11.33 22.08 -22.02
CA ASP N 90 10.30 21.07 -22.26
C ASP N 90 10.82 20.20 -23.41
N VAL N 91 10.24 19.03 -23.60
CA VAL N 91 10.65 18.10 -24.64
C VAL N 91 10.92 18.78 -25.96
N SER N 92 12.06 18.50 -26.60
CA SER N 92 12.32 19.18 -27.86
C SER N 92 11.68 18.48 -29.05
N PRO N 93 11.40 19.24 -30.10
CA PRO N 93 10.77 18.73 -31.31
C PRO N 93 11.50 17.60 -31.95
N ARG N 94 12.82 17.58 -31.84
CA ARG N 94 13.54 16.42 -32.36
C ARG N 94 13.10 15.58 -31.17
N ARG N 95 12.77 14.30 -31.35
CA ARG N 95 12.27 13.45 -30.23
C ARG N 95 10.74 13.42 -30.21
N TYR N 96 10.09 14.36 -30.89
CA TYR N 96 8.64 14.43 -30.94
C TYR N 96 8.06 13.09 -31.41
N PHE N 97 8.50 12.61 -32.56
CA PHE N 97 8.00 11.32 -33.03
C PHE N 97 8.78 10.23 -32.29
N CYS N 98 8.18 9.77 -31.21
CA CYS N 98 8.76 8.73 -30.37
C CYS N 98 8.84 7.40 -31.06
N THR N 99 7.77 7.03 -31.76
CA THR N 99 7.68 5.74 -32.41
C THR N 99 8.92 5.39 -33.21
N ALA N 100 9.77 6.39 -33.43
CA ALA N 100 11.01 6.20 -34.18
C ALA N 100 12.08 5.46 -33.43
N CYS N 101 12.07 5.60 -32.11
CA CYS N 101 13.04 4.97 -31.24
C CYS N 101 12.43 4.01 -30.26
N HIS N 102 11.21 4.26 -29.82
CA HIS N 102 10.58 3.36 -28.88
C HIS N 102 9.62 2.41 -29.53
N VAL N 103 9.91 1.14 -29.35
CA VAL N 103 9.16 0.07 -29.96
C VAL N 103 8.40 -0.81 -28.94
N PRO N 104 7.19 -1.22 -29.28
CA PRO N 104 6.44 -2.07 -28.37
C PRO N 104 6.90 -3.49 -28.67
N GLN N 105 6.38 -4.49 -27.97
CA GLN N 105 6.78 -5.86 -28.26
C GLN N 105 5.72 -6.92 -28.22
N THR N 106 5.94 -8.01 -28.96
CA THR N 106 4.98 -9.09 -29.01
C THR N 106 5.56 -10.36 -28.42
N ASN N 107 4.72 -11.36 -28.34
CA ASN N 107 5.13 -12.65 -27.85
C ASN N 107 5.67 -13.32 -29.12
N ALA N 108 6.98 -13.30 -29.29
CA ALA N 108 7.51 -13.92 -30.48
C ALA N 108 8.79 -14.58 -30.08
N GLN N 109 8.98 -15.83 -30.48
CA GLN N 109 10.21 -16.49 -30.12
C GLN N 109 11.29 -16.16 -31.12
N PRO N 110 12.41 -15.61 -30.64
CA PRO N 110 13.53 -15.25 -31.50
C PRO N 110 13.88 -16.51 -32.25
N LEU N 111 14.06 -16.40 -33.55
CA LEU N 111 14.38 -17.53 -34.39
C LEU N 111 15.79 -18.05 -34.16
N VAL N 112 16.58 -17.31 -33.41
CA VAL N 112 17.97 -17.67 -33.15
C VAL N 112 18.44 -16.88 -31.94
N THR N 113 19.20 -17.50 -31.03
CA THR N 113 19.63 -16.74 -29.87
C THR N 113 20.70 -15.72 -30.23
N ASN N 114 20.70 -14.60 -29.52
CA ASN N 114 21.66 -13.55 -29.78
C ASN N 114 22.64 -13.53 -28.61
N GLU N 115 23.91 -13.82 -28.87
CA GLU N 115 24.93 -13.83 -27.83
C GLU N 115 25.54 -12.48 -27.47
N PHE N 116 24.73 -11.43 -27.48
CA PHE N 116 25.18 -10.09 -27.12
C PHE N 116 25.45 -10.15 -25.62
N ARG N 117 26.55 -9.58 -25.14
CA ARG N 117 26.84 -9.66 -23.73
C ARG N 117 26.66 -8.35 -22.98
N ASP N 118 26.36 -8.45 -21.69
CA ASP N 118 26.15 -7.27 -20.81
C ASP N 118 27.46 -6.58 -20.41
N MET N 119 27.46 -5.27 -20.22
CA MET N 119 28.70 -4.58 -19.81
C MET N 119 29.31 -5.12 -18.52
N LEU N 120 28.52 -5.25 -17.44
CA LEU N 120 29.08 -5.80 -16.20
C LEU N 120 28.78 -7.29 -16.31
N THR N 121 29.71 -8.16 -15.94
CA THR N 121 29.44 -9.60 -16.06
C THR N 121 29.16 -9.97 -17.51
N LEU N 122 30.19 -9.95 -18.35
CA LEU N 122 30.01 -10.26 -19.76
C LEU N 122 29.25 -11.56 -20.05
N MET N 123 28.09 -11.70 -19.41
CA MET N 123 27.21 -12.85 -19.52
C MET N 123 26.18 -12.47 -20.59
N PRO N 124 25.77 -13.44 -21.44
CA PRO N 124 24.76 -13.11 -22.45
C PRO N 124 23.59 -12.41 -21.77
N ALA N 125 23.23 -11.23 -22.27
CA ALA N 125 22.15 -10.42 -21.71
C ALA N 125 20.83 -11.10 -21.52
N SER N 126 20.15 -10.75 -20.43
CA SER N 126 18.81 -11.28 -20.15
C SER N 126 18.06 -10.17 -19.41
N ASN N 127 16.91 -9.77 -19.98
CA ASN N 127 16.06 -8.69 -19.50
C ASN N 127 14.76 -9.12 -18.79
N GLU N 128 14.01 -9.89 -19.42
N ILE O 12 38.28 -8.79 4.45
CA ILE O 12 39.05 -9.75 3.58
C ILE O 12 39.95 -10.75 4.33
N ARG O 13 40.78 -10.29 5.27
CA ARG O 13 41.68 -11.21 5.98
C ARG O 13 41.35 -11.44 7.46
N TRP O 14 41.01 -12.69 7.77
CA TRP O 14 40.63 -13.11 9.11
C TRP O 14 41.74 -13.70 9.97
N SER O 15 41.94 -13.06 11.11
CA SER O 15 42.94 -13.48 12.07
C SER O 15 42.35 -13.82 13.42
N LYS O 16 42.96 -14.83 14.01
CA LYS O 16 42.63 -15.37 15.32
C LYS O 16 42.99 -14.38 16.44
N ALA O 17 42.15 -14.23 17.46
CA ALA O 17 42.50 -13.33 18.61
C ALA O 17 41.53 -13.44 19.81
N PRO O 18 42.04 -13.34 21.02
CA PRO O 18 41.17 -13.45 22.19
C PRO O 18 40.55 -12.12 22.59
N CYS O 19 39.28 -12.14 23.00
CA CYS O 19 38.59 -10.90 23.33
C CYS O 19 39.43 -10.04 24.25
N ARG O 20 39.43 -8.76 24.00
CA ARG O 20 40.21 -7.86 24.83
C ARG O 20 39.56 -7.49 26.17
N PHE O 21 38.41 -8.08 26.47
CA PHE O 21 37.72 -7.76 27.74
C PHE O 21 37.73 -8.90 28.77
N CYS O 22 36.52 -9.40 29.05
CA CYS O 22 36.20 -10.47 29.96
C CYS O 22 37.16 -11.68 30.17
N GLY O 23 37.28 -12.10 31.43
CA GLY O 23 38.14 -13.21 31.81
C GLY O 23 37.61 -14.53 31.27
N THR O 24 36.48 -14.44 30.59
CA THR O 24 35.92 -15.64 30.03
C THR O 24 36.93 -16.12 29.02
N GLY O 25 37.27 -15.22 28.11
CA GLY O 25 38.28 -15.50 27.10
C GLY O 25 37.77 -16.10 25.80
N CYS O 26 36.66 -15.60 25.26
CA CYS O 26 36.16 -16.12 23.99
C CYS O 26 37.15 -15.79 22.86
N GLY O 27 37.08 -16.60 21.83
CA GLY O 27 37.93 -16.41 20.68
C GLY O 27 37.18 -15.58 19.66
N VAL O 28 37.88 -14.61 19.09
CA VAL O 28 37.32 -13.72 18.09
C VAL O 28 38.14 -13.88 16.84
N MET O 29 37.51 -13.58 15.71
CA MET O 29 38.20 -13.67 14.46
C MET O 29 38.17 -12.27 13.89
N VAL O 30 39.31 -11.59 13.94
CA VAL O 30 39.44 -10.22 13.50
C VAL O 30 39.58 -10.09 12.00
N GLY O 31 38.66 -9.31 11.42
CA GLY O 31 38.64 -9.07 10.00
C GLY O 31 39.47 -7.85 9.69
N THR O 32 40.40 -8.05 8.77
CA THR O 32 41.31 -6.97 8.46
C THR O 32 41.40 -6.58 6.99
N ARG O 33 41.39 -5.27 6.75
CA ARG O 33 41.48 -4.74 5.39
C ARG O 33 42.24 -3.42 5.39
N ASP O 34 43.21 -3.29 4.48
CA ASP O 34 43.99 -2.07 4.37
C ASP O 34 44.49 -1.55 5.72
N GLY O 35 45.09 -2.43 6.51
CA GLY O 35 45.62 -2.00 7.80
C GLY O 35 44.57 -1.53 8.80
N GLN O 36 43.33 -1.93 8.52
CA GLN O 36 42.19 -1.58 9.37
C GLN O 36 41.37 -2.83 9.80
N VAL O 37 40.86 -2.78 11.03
CA VAL O 37 40.03 -3.87 11.51
C VAL O 37 38.68 -3.43 10.99
N VAL O 38 38.06 -4.23 10.15
CA VAL O 38 36.78 -3.81 9.61
C VAL O 38 35.62 -4.72 10.02
N ALA O 39 35.93 -5.75 10.80
CA ALA O 39 34.93 -6.70 11.25
C ALA O 39 35.44 -7.51 12.43
N THR O 40 34.53 -7.95 13.28
CA THR O 40 34.87 -8.73 14.45
C THR O 40 33.87 -9.84 14.60
N HIS O 41 34.20 -11.06 14.23
CA HIS O 41 33.25 -12.17 14.40
C HIS O 41 33.59 -13.20 15.50
N GLY O 42 32.67 -14.12 15.75
CA GLY O 42 32.92 -15.14 16.75
C GLY O 42 33.72 -16.29 16.14
N ASP O 43 34.75 -16.73 16.87
CA ASP O 43 35.62 -17.80 16.43
C ASP O 43 35.01 -19.19 16.64
N THR O 44 34.44 -19.76 15.59
CA THR O 44 33.81 -21.07 15.74
C THR O 44 34.75 -22.21 16.04
N GLN O 45 36.06 -21.95 16.00
CA GLN O 45 37.00 -23.02 16.31
C GLN O 45 37.49 -22.91 17.76
N ALA O 46 37.05 -21.88 18.48
CA ALA O 46 37.50 -21.72 19.85
C ALA O 46 36.61 -22.50 20.82
N GLU O 47 37.23 -23.26 21.74
CA GLU O 47 36.47 -24.06 22.73
C GLU O 47 35.67 -23.20 23.69
N VAL O 48 36.25 -22.07 24.11
CA VAL O 48 35.57 -21.25 25.08
C VAL O 48 34.17 -20.94 24.64
N ASN O 49 34.04 -20.07 23.60
CA ASN O 49 32.74 -19.56 23.07
C ASN O 49 32.17 -20.29 21.91
N ARG O 50 33.01 -20.72 20.99
CA ARG O 50 32.53 -21.46 19.82
C ARG O 50 31.59 -20.63 18.94
N GLY O 51 32.11 -19.55 18.38
CA GLY O 51 31.32 -18.71 17.50
C GLY O 51 30.38 -17.69 18.13
N LEU O 52 30.37 -17.61 19.46
CA LEU O 52 29.49 -16.66 20.15
C LEU O 52 30.25 -15.66 20.98
N ASN O 53 29.84 -14.39 20.93
CA ASN O 53 30.48 -13.34 21.76
C ASN O 53 29.28 -12.64 22.39
N CYS O 54 29.51 -11.54 23.08
CA CYS O 54 28.42 -10.76 23.68
C CYS O 54 28.44 -9.44 22.93
N VAL O 55 27.68 -8.45 23.41
CA VAL O 55 27.71 -7.17 22.74
C VAL O 55 29.13 -6.61 22.63
N LYS O 56 29.82 -6.45 23.76
CA LYS O 56 31.18 -5.89 23.78
C LYS O 56 32.12 -6.66 22.85
N GLY O 57 31.92 -7.96 22.71
CA GLY O 57 32.80 -8.75 21.88
C GLY O 57 32.69 -8.44 20.40
N TYR O 58 31.46 -8.44 19.90
CA TYR O 58 31.19 -8.15 18.52
C TYR O 58 31.64 -6.74 18.18
N PHE O 59 31.67 -5.85 19.17
CA PHE O 59 32.09 -4.47 18.93
C PHE O 59 33.53 -4.22 19.24
N LEU O 60 34.34 -5.27 19.16
CA LEU O 60 35.74 -5.08 19.43
C LEU O 60 36.29 -4.23 18.28
N SER O 61 35.65 -4.40 17.13
CA SER O 61 36.07 -3.72 15.93
C SER O 61 36.16 -2.22 16.10
N LYS O 62 35.38 -1.64 17.00
CA LYS O 62 35.37 -0.20 17.16
C LYS O 62 36.13 0.34 18.36
N ILE O 63 36.91 -0.52 19.00
CA ILE O 63 37.64 -0.12 20.22
C ILE O 63 38.90 0.71 20.09
N MET O 64 39.70 0.40 19.07
CA MET O 64 40.94 1.13 18.90
C MET O 64 40.72 2.39 18.09
N TYR O 65 39.47 2.73 17.78
CA TYR O 65 39.29 3.82 16.88
C TYR O 65 38.66 5.13 17.31
N GLY O 66 38.59 5.39 18.61
CA GLY O 66 38.04 6.68 19.03
C GLY O 66 39.00 7.72 18.48
N GLU O 67 38.52 8.94 18.19
CA GLU O 67 39.41 9.96 17.61
C GLU O 67 40.43 10.55 18.57
N ASP O 68 40.40 10.09 19.82
CA ASP O 68 41.31 10.57 20.84
C ASP O 68 42.63 9.86 20.88
N ARG O 69 42.63 8.60 20.47
CA ARG O 69 43.86 7.81 20.51
C ARG O 69 45.11 8.67 20.67
N LEU O 70 45.74 8.55 21.84
CA LEU O 70 46.95 9.32 22.15
C LEU O 70 47.97 8.92 21.11
N THR O 71 48.64 9.91 20.53
CA THR O 71 49.61 9.64 19.49
C THR O 71 51.04 10.10 19.77
N THR O 72 51.18 10.97 20.78
CA THR O 72 52.46 11.57 21.14
C THR O 72 52.61 11.60 22.63
N PRO O 73 53.84 11.37 23.13
CA PRO O 73 53.95 11.44 24.58
C PRO O 73 53.63 12.91 24.97
N LEU O 74 53.04 13.10 26.14
CA LEU O 74 52.67 14.45 26.59
C LEU O 74 53.23 14.79 27.96
N LEU O 75 54.22 15.68 27.98
CA LEU O 75 54.82 16.11 29.24
C LEU O 75 54.19 17.43 29.74
N ARG O 76 54.27 17.69 31.05
CA ARG O 76 53.69 18.91 31.58
C ARG O 76 54.66 20.05 31.50
N MET O 77 54.70 20.64 30.31
CA MET O 77 55.58 21.72 29.88
C MET O 77 56.70 21.15 28.98
N LYS O 78 56.60 21.47 27.69
CA LYS O 78 57.56 21.08 26.65
C LYS O 78 58.90 21.74 27.00
N ASP O 79 58.92 23.06 26.93
CA ASP O 79 60.09 23.84 27.29
C ASP O 79 59.64 24.84 28.36
N GLY O 80 60.58 25.28 29.16
CA GLY O 80 60.23 26.14 30.27
C GLY O 80 60.62 25.17 31.37
N VAL O 81 60.96 23.95 30.91
CA VAL O 81 61.43 22.81 31.71
C VAL O 81 60.40 21.68 31.88
N TYR O 82 59.58 21.78 32.93
CA TYR O 82 58.55 20.79 33.28
C TYR O 82 58.12 21.21 34.68
N HIS O 83 56.83 21.46 34.84
CA HIS O 83 56.33 21.90 36.13
C HIS O 83 55.04 21.17 36.47
N LYS O 84 55.03 20.53 37.62
CA LYS O 84 53.82 19.83 38.04
C LYS O 84 52.87 20.97 38.41
N GLU O 85 51.86 21.15 37.58
CA GLU O 85 50.85 22.22 37.71
C GLU O 85 51.01 22.95 36.37
N GLY O 86 51.59 22.23 35.42
CA GLY O 86 51.85 22.78 34.10
C GLY O 86 50.73 22.64 33.08
N GLU O 87 51.15 22.45 31.84
CA GLU O 87 50.27 22.31 30.69
C GLU O 87 50.61 20.89 30.23
N PHE O 88 50.15 20.52 29.05
CA PHE O 88 50.50 19.22 28.53
C PHE O 88 51.01 19.54 27.16
N ALA O 89 52.20 19.07 26.86
CA ALA O 89 52.77 19.36 25.56
C ALA O 89 53.32 18.13 24.84
N PRO O 90 53.23 18.15 23.50
CA PRO O 90 53.74 17.07 22.65
C PRO O 90 55.22 17.01 22.97
N VAL O 91 55.85 15.87 22.76
CA VAL O 91 57.26 15.79 23.11
C VAL O 91 57.75 14.48 22.54
N SER O 92 58.97 14.47 22.01
CA SER O 92 59.52 13.26 21.43
C SER O 92 59.63 12.11 22.44
N TRP O 93 59.73 10.89 21.94
CA TRP O 93 59.88 9.75 22.83
C TRP O 93 61.16 9.97 23.63
N ASP O 94 62.25 10.21 22.91
CA ASP O 94 63.53 10.43 23.53
C ASP O 94 63.39 11.44 24.65
N GLU O 95 62.86 12.60 24.30
CA GLU O 95 62.68 13.68 25.27
C GLU O 95 61.92 13.15 26.46
N ALA O 96 60.78 12.51 26.15
CA ALA O 96 59.92 11.96 27.19
C ALA O 96 60.71 11.02 28.13
N PHE O 97 61.55 10.16 27.55
CA PHE O 97 62.34 9.24 28.36
C PHE O 97 63.46 9.95 29.12
N ASP O 98 64.06 10.94 28.47
CA ASP O 98 65.11 11.75 29.08
C ASP O 98 64.63 12.30 30.44
N VAL O 99 63.48 12.96 30.43
CA VAL O 99 62.90 13.53 31.62
C VAL O 99 62.49 12.46 32.64
N MET O 100 61.82 11.44 32.12
CA MET O 100 61.31 10.33 32.91
C MET O 100 62.43 9.49 33.51
N ALA O 101 63.61 9.53 32.89
CA ALA O 101 64.73 8.75 33.40
C ALA O 101 65.37 9.52 34.54
N ALA O 102 65.54 10.82 34.32
CA ALA O 102 66.16 11.72 35.30
C ALA O 102 65.40 11.66 36.62
N GLN O 103 64.09 11.85 36.55
CA GLN O 103 63.26 11.79 37.74
C GLN O 103 63.52 10.47 38.49
N ALA O 104 63.60 9.38 37.73
CA ALA O 104 63.84 8.06 38.29
C ALA O 104 65.16 8.05 39.05
N LYS O 105 66.26 8.22 38.32
CA LYS O 105 67.61 8.24 38.90
C LYS O 105 67.69 9.03 40.21
N LEU O 106 67.10 10.21 40.26
CA LEU O 106 67.11 11.03 41.46
C LEU O 106 66.47 10.28 42.63
N VAL O 107 65.17 9.99 42.50
CA VAL O 107 64.40 9.26 43.52
C VAL O 107 65.19 8.01 43.96
N LEU O 108 65.77 7.37 42.97
CA LEU O 108 66.56 6.18 43.13
C LEU O 108 67.92 6.49 43.81
N LYS O 109 67.98 7.62 44.52
CA LYS O 109 69.22 8.06 45.21
C LYS O 109 68.94 8.83 46.47
N GLU O 110 67.72 9.33 46.60
CA GLU O 110 67.34 10.07 47.80
C GLU O 110 66.61 9.15 48.78
N LYS O 111 65.84 8.23 48.22
CA LYS O 111 65.08 7.28 49.02
C LYS O 111 65.24 5.85 48.47
N ALA O 112 65.81 5.73 47.27
CA ALA O 112 66.07 4.42 46.66
C ALA O 112 64.85 3.56 46.22
N PRO O 113 65.07 2.26 45.89
CA PRO O 113 63.98 1.39 45.43
C PRO O 113 62.61 1.44 46.09
N GLU O 114 62.59 1.48 47.42
CA GLU O 114 61.32 1.51 48.15
C GLU O 114 60.56 2.86 47.91
N ALA O 115 60.98 3.61 46.89
CA ALA O 115 60.37 4.89 46.51
C ALA O 115 59.92 4.93 45.03
N VAL O 116 60.40 3.99 44.22
CA VAL O 116 59.93 3.91 42.85
C VAL O 116 58.78 2.85 42.96
N GLY O 117 57.73 2.99 42.13
CA GLY O 117 56.64 2.02 42.15
C GLY O 117 55.86 1.89 40.84
N MET O 118 55.50 0.64 40.50
CA MET O 118 54.71 0.39 39.29
C MET O 118 53.32 -0.18 39.62
N PHE O 119 52.35 0.10 38.75
CA PHE O 119 50.98 -0.39 38.94
C PHE O 119 50.50 -0.99 37.61
N GLY O 120 50.66 -2.32 37.49
CA GLY O 120 50.32 -3.02 36.26
C GLY O 120 48.89 -3.49 36.22
N SER O 121 48.58 -4.37 35.27
CA SER O 121 47.20 -4.87 35.18
C SER O 121 47.07 -6.28 34.59
N GLY O 122 45.91 -6.87 34.87
CA GLY O 122 45.58 -8.17 34.37
C GLY O 122 45.18 -8.01 32.91
N GLN O 123 45.47 -6.81 32.39
CA GLN O 123 45.18 -6.44 31.00
C GLN O 123 46.50 -6.33 30.21
N TRP O 124 47.61 -6.47 30.94
CA TRP O 124 48.96 -6.51 30.37
C TRP O 124 49.07 -7.88 29.67
N THR O 125 49.89 -7.92 28.64
CA THR O 125 50.14 -9.17 27.96
C THR O 125 51.07 -9.98 28.87
N ILE O 126 51.10 -11.29 28.68
CA ILE O 126 51.97 -12.16 29.49
C ILE O 126 53.42 -11.62 29.52
N TRP O 127 53.94 -11.26 28.35
CA TRP O 127 55.28 -10.77 28.34
C TRP O 127 55.44 -9.34 28.80
N GLU O 128 54.35 -8.62 28.91
CA GLU O 128 54.46 -7.24 29.34
C GLU O 128 54.61 -7.23 30.87
N GLY O 129 53.91 -8.15 31.52
CA GLY O 129 53.99 -8.24 32.96
C GLY O 129 55.29 -8.91 33.33
N TYR O 130 55.86 -9.67 32.40
CA TYR O 130 57.11 -10.36 32.68
C TYR O 130 58.21 -9.34 32.56
N ALA O 131 58.24 -8.64 31.43
CA ALA O 131 59.22 -7.59 31.21
C ALA O 131 59.15 -6.60 32.37
N ALA O 132 57.94 -6.35 32.87
CA ALA O 132 57.81 -5.43 33.97
C ALA O 132 58.43 -6.01 35.24
N SER O 133 58.03 -7.24 35.60
CA SER O 133 58.54 -7.85 36.82
C SER O 133 60.07 -7.78 36.82
N LYS O 134 60.65 -8.20 35.71
CA LYS O 134 62.09 -8.19 35.55
C LYS O 134 62.67 -6.79 35.77
N LEU O 135 62.17 -5.83 35.02
CA LEU O 135 62.64 -4.45 35.09
C LEU O 135 62.58 -3.85 36.45
N MET O 136 61.45 -4.07 37.16
CA MET O 136 61.29 -3.50 38.50
C MET O 136 62.19 -4.16 39.54
N ARG O 137 62.37 -5.48 39.40
CA ARG O 137 63.16 -6.17 40.40
C ARG O 137 64.62 -6.41 40.07
N ALA O 138 64.88 -7.20 39.03
CA ALA O 138 66.25 -7.46 38.61
C ALA O 138 66.90 -6.11 38.24
N GLY O 139 66.08 -5.17 37.77
CA GLY O 139 66.59 -3.87 37.35
C GLY O 139 66.70 -2.86 38.47
N PHE O 140 65.65 -2.06 38.65
CA PHE O 140 65.65 -1.04 39.69
C PHE O 140 65.70 -1.63 41.10
N ARG O 141 65.74 -2.97 41.19
CA ARG O 141 65.77 -3.65 42.49
C ARG O 141 64.66 -3.22 43.48
N SER O 142 63.43 -3.16 42.99
CA SER O 142 62.26 -2.77 43.79
C SER O 142 61.07 -3.78 43.61
N ASN O 143 60.49 -4.22 44.73
CA ASN O 143 59.36 -5.15 44.67
C ASN O 143 58.08 -4.36 44.87
N ASN O 144 58.14 -3.08 44.51
CA ASN O 144 57.00 -2.19 44.61
C ASN O 144 56.13 -2.22 43.36
N LEU O 145 56.00 -3.43 42.80
CA LEU O 145 55.22 -3.67 41.61
C LEU O 145 53.93 -4.41 41.97
N ASP O 146 52.81 -3.72 41.82
CA ASP O 146 51.51 -4.31 42.11
C ASP O 146 50.50 -4.08 40.95
N PRO O 147 49.54 -4.99 40.79
CA PRO O 147 48.56 -4.80 39.71
C PRO O 147 47.20 -4.31 40.20
N ASN O 148 46.32 -4.06 39.23
CA ASN O 148 44.94 -3.65 39.48
C ASN O 148 44.23 -4.95 39.92
N ALA O 149 44.86 -6.11 39.63
CA ALA O 149 44.29 -7.41 40.01
C ALA O 149 44.16 -7.52 41.55
N ARG O 150 44.83 -6.59 42.22
CA ARG O 150 44.79 -6.55 43.67
C ARG O 150 43.36 -6.20 44.10
N HIS O 151 42.70 -5.36 43.30
CA HIS O 151 41.31 -4.99 43.59
C HIS O 151 40.39 -6.16 43.17
N CYS O 152 40.91 -7.05 42.32
CA CYS O 152 40.12 -8.16 41.73
C CYS O 152 40.30 -9.62 42.16
N MET O 153 41.47 -10.20 41.93
CA MET O 153 41.68 -11.60 42.25
C MET O 153 42.52 -11.94 43.49
N ALA O 154 43.03 -10.92 44.17
CA ALA O 154 43.85 -11.18 45.37
C ALA O 154 43.20 -12.16 46.35
N SER O 155 42.00 -11.82 46.82
CA SER O 155 41.30 -12.71 47.72
C SER O 155 41.32 -14.16 47.23
N ALA O 156 40.86 -14.42 46.00
CA ALA O 156 40.79 -15.78 45.47
C ALA O 156 42.14 -16.44 45.37
N ALA O 157 43.14 -15.68 44.93
CA ALA O 157 44.48 -16.23 44.79
C ALA O 157 45.02 -16.57 46.16
N THR O 158 44.84 -15.65 47.11
CA THR O 158 45.32 -15.85 48.47
C THR O 158 44.74 -17.13 49.05
N ALA O 159 43.42 -17.29 49.01
CA ALA O 159 42.81 -18.49 49.54
C ALA O 159 43.29 -19.73 48.83
N PHE O 160 43.58 -19.60 47.53
CA PHE O 160 44.07 -20.73 46.74
C PHE O 160 45.30 -21.38 47.37
N MET O 161 46.32 -20.52 47.59
CA MET O 161 47.58 -20.94 48.21
C MET O 161 47.25 -21.56 49.57
N ARG O 162 46.60 -20.79 50.45
CA ARG O 162 46.26 -21.32 51.77
C ARG O 162 45.55 -22.69 51.69
N THR O 163 44.46 -22.80 50.95
CA THR O 163 43.81 -24.09 50.91
C THR O 163 44.43 -25.16 50.00
N PHE O 164 45.01 -24.77 48.87
CA PHE O 164 45.56 -25.77 47.97
C PHE O 164 47.05 -25.66 47.73
N GLY O 165 47.61 -24.57 48.22
CA GLY O 165 49.04 -24.34 48.10
C GLY O 165 49.50 -24.05 46.69
N MET O 166 48.52 -23.85 45.82
CA MET O 166 48.80 -23.55 44.40
C MET O 166 47.62 -22.75 43.81
N ASP O 167 47.95 -21.78 42.97
CA ASP O 167 46.94 -20.90 42.42
C ASP O 167 46.09 -21.45 41.24
N GLU O 168 45.05 -20.69 40.89
CA GLU O 168 44.11 -21.01 39.80
C GLU O 168 43.32 -22.26 40.09
N PRO O 169 42.13 -22.36 39.46
CA PRO O 169 41.19 -23.48 39.60
C PRO O 169 41.70 -24.86 39.20
N MET O 170 41.02 -25.89 39.73
CA MET O 170 41.31 -27.29 39.45
C MET O 170 40.30 -27.80 38.43
N GLY O 171 39.27 -26.99 38.17
CA GLY O 171 38.26 -27.36 37.19
C GLY O 171 38.49 -26.54 35.90
N CYS O 172 37.46 -26.50 35.06
CA CYS O 172 37.52 -25.77 33.79
C CYS O 172 36.07 -25.65 33.27
N TYR O 173 35.88 -24.77 32.29
CA TYR O 173 34.57 -24.53 31.65
C TYR O 173 33.83 -25.81 31.24
N ASP O 174 34.59 -26.87 30.99
CA ASP O 174 34.00 -28.17 30.64
C ASP O 174 32.98 -28.59 31.71
N ASP O 175 33.12 -28.00 32.91
CA ASP O 175 32.20 -28.31 34.00
C ASP O 175 30.77 -27.82 33.71
N PHE O 176 30.66 -26.68 33.01
CA PHE O 176 29.36 -26.11 32.65
C PHE O 176 28.43 -27.13 32.00
N GLU O 177 29.00 -28.04 31.21
CA GLU O 177 28.18 -29.03 30.52
C GLU O 177 27.99 -30.28 31.33
N ALA O 178 28.80 -30.44 32.37
CA ALA O 178 28.74 -31.66 33.19
C ALA O 178 27.98 -31.50 34.48
N ALA O 179 27.92 -30.26 34.98
CA ALA O 179 27.28 -29.97 36.27
C ALA O 179 25.83 -30.46 36.41
N ASP O 180 25.40 -30.60 37.65
CA ASP O 180 24.07 -31.08 37.96
C ASP O 180 23.29 -29.97 38.57
N ALA O 181 23.99 -28.91 38.93
CA ALA O 181 23.31 -27.76 39.47
C ALA O 181 24.31 -26.70 39.87
N PHE O 182 23.97 -25.45 39.57
CA PHE O 182 24.86 -24.32 39.75
C PHE O 182 24.57 -23.37 40.90
N VAL O 183 25.60 -23.02 41.67
CA VAL O 183 25.37 -22.05 42.72
C VAL O 183 26.20 -20.80 42.45
N LEU O 184 25.51 -19.68 42.29
CA LEU O 184 26.18 -18.44 41.97
C LEU O 184 26.33 -17.54 43.18
N TRP O 185 27.49 -17.55 43.83
CA TRP O 185 27.64 -16.74 45.04
C TRP O 185 27.81 -15.22 44.87
N GLY O 186 26.71 -14.54 44.49
CA GLY O 186 26.76 -13.09 44.31
C GLY O 186 27.33 -12.65 42.97
N SER O 187 27.42 -13.62 42.06
CA SER O 187 27.92 -13.37 40.71
C SER O 187 26.78 -12.83 39.85
N ASN O 188 27.15 -12.23 38.71
CA ASN O 188 26.18 -11.67 37.79
C ASN O 188 26.65 -12.04 36.40
N MET O 189 26.91 -13.32 36.24
CA MET O 189 27.40 -13.83 34.97
C MET O 189 26.63 -13.31 33.77
N ALA O 190 25.30 -13.28 33.91
CA ALA O 190 24.41 -12.82 32.85
C ALA O 190 24.93 -11.59 32.13
N GLU O 191 25.57 -10.69 32.88
CA GLU O 191 26.10 -9.45 32.34
C GLU O 191 27.61 -9.36 32.37
N MET O 192 28.25 -10.14 33.23
CA MET O 192 29.71 -10.02 33.33
C MET O 192 30.51 -11.17 32.72
N HIS O 193 29.88 -12.31 32.50
CA HIS O 193 30.53 -13.45 31.90
C HIS O 193 29.41 -14.07 31.05
N PRO O 194 28.90 -13.28 30.11
CA PRO O 194 27.82 -13.72 29.24
C PRO O 194 27.96 -15.05 28.55
N ILE O 195 29.05 -15.26 27.84
CA ILE O 195 29.18 -16.54 27.15
C ILE O 195 29.29 -17.71 28.11
N LEU O 196 29.73 -17.45 29.34
CA LEU O 196 29.78 -18.53 30.31
C LEU O 196 28.34 -18.78 30.76
N TRP O 197 27.63 -17.67 31.02
CA TRP O 197 26.23 -17.72 31.44
C TRP O 197 25.38 -18.39 30.35
N SER O 198 25.82 -18.22 29.10
CA SER O 198 25.15 -18.81 27.97
C SER O 198 25.39 -20.28 28.04
N ARG O 199 26.62 -20.62 28.42
CA ARG O 199 26.99 -22.01 28.49
C ARG O 199 26.21 -22.71 29.60
N LEU O 200 26.00 -21.99 30.70
CA LEU O 200 25.28 -22.50 31.86
C LEU O 200 23.79 -22.59 31.56
N THR O 201 23.28 -21.58 30.86
CA THR O 201 21.88 -21.56 30.48
C THR O 201 21.53 -22.67 29.52
N ASP O 202 22.46 -22.98 28.63
CA ASP O 202 22.23 -24.07 27.68
C ASP O 202 22.08 -25.39 28.44
N ARG O 203 22.90 -25.57 29.46
CA ARG O 203 22.87 -26.76 30.29
C ARG O 203 21.56 -26.84 31.07
N ARG O 204 21.22 -25.76 31.76
CA ARG O 204 20.01 -25.72 32.56
C ARG O 204 18.74 -25.95 31.77
N LEU O 205 18.61 -25.21 30.67
CA LEU O 205 17.42 -25.30 29.81
C LEU O 205 17.34 -26.56 29.00
N SER O 206 18.49 -27.13 28.66
CA SER O 206 18.53 -28.35 27.84
C SER O 206 18.25 -29.64 28.60
N HIS O 207 18.56 -29.63 29.91
CA HIS O 207 18.34 -30.78 30.77
C HIS O 207 17.57 -30.31 31.97
N GLU O 208 16.26 -30.54 31.96
CA GLU O 208 15.41 -30.03 33.04
C GLU O 208 15.63 -30.57 34.46
N HIS O 209 16.53 -31.54 34.60
CA HIS O 209 16.83 -32.06 35.92
C HIS O 209 17.80 -31.11 36.66
N VAL O 210 18.49 -30.30 35.89
CA VAL O 210 19.46 -29.38 36.42
C VAL O 210 18.84 -28.25 37.24
N ARG O 211 19.52 -27.82 38.31
CA ARG O 211 18.97 -26.72 39.13
C ARG O 211 19.95 -25.57 39.38
N VAL O 212 19.48 -24.35 39.19
CA VAL O 212 20.34 -23.19 39.39
C VAL O 212 19.95 -22.39 40.60
N ALA O 213 20.93 -22.01 41.40
CA ALA O 213 20.57 -21.21 42.55
C ALA O 213 21.50 -20.01 42.51
N VAL O 214 20.90 -18.82 42.49
CA VAL O 214 21.72 -17.62 42.46
C VAL O 214 21.48 -16.84 43.73
N LEU O 215 22.56 -16.43 44.39
CA LEU O 215 22.43 -15.62 45.61
C LEU O 215 22.91 -14.23 45.26
N SER O 216 22.29 -13.21 45.83
CA SER O 216 22.72 -11.83 45.51
C SER O 216 22.29 -10.79 46.52
N THR O 217 22.93 -9.63 46.45
CA THR O 217 22.62 -8.52 47.32
C THR O 217 21.38 -7.82 46.76
N PHE O 218 21.22 -7.84 45.44
CA PHE O 218 20.03 -7.25 44.84
C PHE O 218 19.61 -8.15 43.66
N THR O 219 18.38 -7.97 43.16
CA THR O 219 17.88 -8.77 42.05
C THR O 219 18.35 -8.23 40.70
N HIS O 220 19.06 -9.04 39.93
CA HIS O 220 19.58 -8.59 38.63
C HIS O 220 19.27 -9.61 37.56
N ARG O 221 19.77 -9.36 36.36
CA ARG O 221 19.53 -10.27 35.25
C ARG O 221 19.90 -11.71 35.50
N SER O 222 20.77 -11.96 36.48
CA SER O 222 21.20 -13.33 36.73
C SER O 222 20.16 -14.13 37.52
N SER O 223 19.57 -13.54 38.57
CA SER O 223 18.61 -14.39 39.27
C SER O 223 17.30 -14.52 38.49
N ASP O 224 17.41 -14.34 37.18
CA ASP O 224 16.26 -14.50 36.31
C ASP O 224 16.24 -15.91 35.78
N LEU O 225 17.31 -16.66 36.01
CA LEU O 225 17.34 -18.03 35.51
C LEU O 225 17.31 -18.97 36.70
N SER O 226 17.18 -18.39 37.88
CA SER O 226 17.23 -19.18 39.09
C SER O 226 16.03 -19.94 39.54
N ASP O 227 16.30 -21.13 40.06
CA ASP O 227 15.28 -22.00 40.64
C ASP O 227 15.28 -21.75 42.16
N THR O 228 16.42 -21.32 42.67
CA THR O 228 16.51 -21.04 44.07
C THR O 228 17.05 -19.63 44.19
N PRO O 229 16.15 -18.66 44.08
CA PRO O 229 16.53 -17.25 44.16
C PRO O 229 16.66 -16.72 45.59
N ILE O 230 17.89 -16.43 46.00
CA ILE O 230 18.19 -15.92 47.34
C ILE O 230 18.76 -14.49 47.38
N ILE O 231 18.16 -13.64 48.20
CA ILE O 231 18.71 -12.31 48.35
C ILE O 231 19.04 -12.11 49.80
N PHE O 232 20.32 -12.12 50.09
CA PHE O 232 20.80 -11.95 51.45
C PHE O 232 21.29 -10.55 51.80
N ARG O 233 21.70 -10.38 53.05
CA ARG O 233 22.22 -9.11 53.54
C ARG O 233 23.70 -8.94 53.14
N PRO O 234 24.09 -7.70 52.77
CA PRO O 234 25.49 -7.42 52.38
C PRO O 234 26.43 -7.98 53.45
N GLY O 235 27.33 -8.90 53.03
CA GLY O 235 28.31 -9.46 53.96
C GLY O 235 27.87 -10.69 54.74
N THR O 236 26.57 -10.96 54.77
CA THR O 236 26.09 -12.10 55.52
C THR O 236 26.28 -13.41 54.79
N ASP O 237 26.86 -13.36 53.62
CA ASP O 237 27.03 -14.62 52.91
C ASP O 237 27.88 -15.58 53.74
N ARG O 238 28.76 -15.00 54.58
CA ARG O 238 29.66 -15.75 55.48
C ARG O 238 28.88 -16.76 56.33
N ALA O 239 27.82 -16.24 56.97
CA ALA O 239 26.96 -17.06 57.82
C ALA O 239 26.32 -18.20 57.00
N ILE O 240 25.74 -17.83 55.86
CA ILE O 240 25.10 -18.85 55.04
C ILE O 240 26.07 -20.01 54.74
N LEU O 241 27.29 -19.65 54.34
CA LEU O 241 28.26 -20.65 53.98
C LEU O 241 28.44 -21.65 55.09
N ASN O 242 28.57 -21.13 56.30
CA ASN O 242 28.78 -22.01 57.45
C ASN O 242 27.53 -22.88 57.66
N TYR O 243 26.35 -22.28 57.58
CA TYR O 243 25.16 -23.09 57.77
C TYR O 243 25.23 -24.33 56.89
N ILE O 244 25.54 -24.13 55.63
CA ILE O 244 25.60 -25.26 54.70
C ILE O 244 26.60 -26.31 55.16
N ALA O 245 27.71 -25.84 55.73
CA ALA O 245 28.73 -26.75 56.23
C ALA O 245 28.10 -27.58 57.37
N HIS O 246 27.46 -26.83 58.28
CA HIS O 246 26.78 -27.43 59.43
C HIS O 246 25.77 -28.47 58.96
N HIS O 247 24.98 -28.08 57.95
CA HIS O 247 23.95 -28.96 57.41
C HIS O 247 24.57 -30.24 56.80
N ILE O 248 25.70 -30.10 56.11
CA ILE O 248 26.32 -31.27 55.51
C ILE O 248 26.66 -32.24 56.63
N ILE O 249 27.30 -31.69 57.65
CA ILE O 249 27.73 -32.43 58.83
C ILE O 249 26.57 -33.05 59.63
N SER O 250 25.56 -32.22 59.98
CA SER O 250 24.39 -32.62 60.78
C SER O 250 23.60 -33.77 60.19
N THR O 251 23.45 -33.74 58.87
CA THR O 251 22.70 -34.80 58.21
C THR O 251 23.58 -36.02 57.90
N GLY O 252 24.81 -35.96 58.40
CA GLY O 252 25.76 -37.05 58.23
C GLY O 252 26.04 -37.42 56.77
N ARG O 253 26.33 -36.40 55.97
CA ARG O 253 26.61 -36.64 54.56
C ARG O 253 27.97 -36.12 54.16
N VAL O 254 28.93 -36.30 55.06
CA VAL O 254 30.29 -35.88 54.77
C VAL O 254 30.88 -37.05 53.98
N ASN O 255 31.87 -36.76 53.14
CA ASN O 255 32.50 -37.83 52.38
C ASN O 255 33.73 -38.21 53.18
N ARG O 256 33.53 -39.12 54.14
CA ARG O 256 34.60 -39.55 55.03
C ARG O 256 35.85 -40.03 54.31
N ASP O 257 35.71 -41.03 53.44
CA ASP O 257 36.86 -41.54 52.72
C ASP O 257 37.71 -40.40 52.12
N PHE O 258 37.05 -39.31 51.71
CA PHE O 258 37.72 -38.16 51.10
C PHE O 258 38.29 -37.21 52.16
N VAL O 259 37.46 -36.85 53.12
CA VAL O 259 37.93 -35.94 54.16
C VAL O 259 39.07 -36.55 54.96
N ASP O 260 38.93 -37.84 55.31
CA ASP O 260 39.96 -38.55 56.07
C ASP O 260 41.25 -38.66 55.27
N ARG O 261 41.11 -39.00 53.98
CA ARG O 261 42.26 -39.21 53.12
C ARG O 261 42.87 -37.98 52.45
N HIS O 262 42.08 -36.94 52.18
CA HIS O 262 42.60 -35.74 51.49
C HIS O 262 42.46 -34.37 52.19
N THR O 263 42.17 -34.38 53.48
CA THR O 263 41.93 -33.13 54.19
C THR O 263 42.61 -32.89 55.55
N ASN O 264 42.75 -31.62 55.90
CA ASN O 264 43.30 -31.20 57.19
C ASN O 264 42.33 -30.12 57.63
N PHE O 265 42.38 -29.69 58.89
CA PHE O 265 41.52 -28.60 59.30
C PHE O 265 42.38 -27.49 59.89
N ALA O 266 41.75 -26.38 60.27
CA ALA O 266 42.51 -25.27 60.84
C ALA O 266 41.52 -24.21 61.29
N LEU O 267 42.01 -23.25 62.06
CA LEU O 267 41.12 -22.20 62.51
C LEU O 267 41.73 -20.85 62.14
N GLY O 268 40.92 -19.92 61.67
CA GLY O 268 41.51 -18.64 61.31
C GLY O 268 41.48 -17.65 62.44
N ALA O 269 42.42 -16.69 62.40
CA ALA O 269 42.49 -15.62 63.39
C ALA O 269 41.16 -14.84 63.30
N THR O 270 40.51 -14.61 64.44
CA THR O 270 39.21 -13.99 64.43
C THR O 270 38.95 -12.49 64.58
N ASP O 271 39.77 -11.72 65.29
CA ASP O 271 39.43 -10.30 65.37
C ASP O 271 40.25 -9.46 64.39
N ILE O 272 40.46 -10.07 63.22
CA ILE O 272 41.15 -9.48 62.09
C ILE O 272 40.57 -8.08 61.89
N GLY O 273 41.29 -7.18 61.23
CA GLY O 273 40.73 -5.85 61.14
C GLY O 273 40.75 -5.00 59.90
N TYR O 274 39.61 -4.98 59.21
CA TYR O 274 39.37 -4.17 58.00
C TYR O 274 40.53 -3.32 57.42
N GLY O 275 41.51 -4.02 56.83
CA GLY O 275 42.70 -3.39 56.25
C GLY O 275 42.77 -1.90 55.99
N LEU O 276 42.81 -1.09 57.05
CA LEU O 276 42.90 0.37 56.94
C LEU O 276 44.26 0.83 57.42
N ARG O 277 44.33 2.11 57.76
CA ARG O 277 45.56 2.67 58.31
C ARG O 277 45.55 2.47 59.83
N PRO O 278 46.73 2.19 60.42
CA PRO O 278 46.74 2.07 61.88
C PRO O 278 46.44 3.52 62.20
N GLU O 279 45.49 3.79 63.10
CA GLU O 279 45.08 5.16 63.45
C GLU O 279 43.57 5.13 63.37
N HIS O 280 43.05 4.47 62.35
CA HIS O 280 41.62 4.34 62.19
C HIS O 280 41.17 3.46 63.35
N GLN O 281 40.07 3.80 63.96
CA GLN O 281 39.59 3.05 65.10
C GLN O 281 39.50 1.55 64.92
N LEU O 282 38.79 1.12 63.88
CA LEU O 282 38.57 -0.30 63.62
C LEU O 282 39.80 -1.19 63.78
N GLN O 283 40.98 -0.60 63.55
CA GLN O 283 42.23 -1.35 63.64
C GLN O 283 42.78 -1.42 65.09
N LEU O 284 42.69 -0.30 65.78
CA LEU O 284 43.14 -0.25 67.18
C LEU O 284 42.33 -1.31 67.94
N ALA O 285 41.00 -1.29 67.74
CA ALA O 285 40.10 -2.24 68.38
C ALA O 285 40.43 -3.67 67.89
N ALA O 286 41.02 -3.80 66.69
CA ALA O 286 41.31 -5.10 66.10
C ALA O 286 42.37 -5.97 66.73
N LYS O 287 42.25 -6.26 68.02
CA LYS O 287 43.22 -7.13 68.70
C LYS O 287 43.45 -8.34 67.78
N GLY O 288 44.66 -8.47 67.24
CA GLY O 288 44.92 -9.60 66.36
C GLY O 288 45.04 -9.23 64.88
N ALA O 289 45.06 -7.94 64.59
CA ALA O 289 45.23 -7.48 63.21
C ALA O 289 46.71 -7.67 62.81
N ALA O 290 47.59 -7.83 63.81
CA ALA O 290 49.02 -7.99 63.56
C ALA O 290 49.31 -9.34 62.91
N ASP O 291 48.46 -10.34 63.15
CA ASP O 291 48.68 -11.60 62.46
C ASP O 291 47.68 -11.55 61.30
N ALA O 292 46.48 -12.10 61.50
CA ALA O 292 45.46 -12.14 60.44
C ALA O 292 46.05 -13.11 59.39
N GLY O 293 45.40 -14.25 59.23
CA GLY O 293 45.91 -15.23 58.29
C GLY O 293 46.71 -16.22 59.10
N ALA O 294 46.46 -16.20 60.40
CA ALA O 294 47.11 -17.13 61.29
C ALA O 294 46.28 -18.39 61.08
N MET O 295 46.97 -19.54 60.97
CA MET O 295 46.27 -20.80 60.76
C MET O 295 46.00 -21.61 62.04
N THR O 296 47.01 -22.28 62.60
CA THR O 296 46.84 -23.11 63.79
C THR O 296 45.89 -24.27 63.51
N PRO O 297 46.44 -25.46 63.32
CA PRO O 297 45.72 -26.70 63.01
C PRO O 297 44.65 -26.95 64.03
N THR O 298 43.83 -27.96 63.73
CA THR O 298 42.79 -28.35 64.66
C THR O 298 42.35 -29.79 64.60
N ASP O 299 41.03 -29.94 64.61
CA ASP O 299 40.39 -31.25 64.73
C ASP O 299 39.14 -31.25 63.89
N PHE O 300 38.77 -32.40 63.31
CA PHE O 300 37.52 -32.43 62.57
C PHE O 300 36.41 -32.02 63.55
N GLU O 301 36.52 -32.50 64.79
CA GLU O 301 35.54 -32.25 65.82
C GLU O 301 35.37 -30.77 66.15
N THR O 302 36.47 -30.03 66.25
CA THR O 302 36.38 -28.62 66.61
C THR O 302 35.70 -27.77 65.54
N PHE O 303 36.05 -28.05 64.28
CA PHE O 303 35.47 -27.34 63.15
C PHE O 303 33.95 -27.51 63.22
N ALA O 304 33.52 -28.77 63.14
CA ALA O 304 32.10 -29.07 63.19
C ALA O 304 31.37 -28.25 64.27
N ALA O 305 31.98 -28.15 65.45
CA ALA O 305 31.40 -27.43 66.59
C ALA O 305 31.34 -25.92 66.39
N LEU O 306 32.26 -25.40 65.59
CA LEU O 306 32.31 -23.97 65.32
C LEU O 306 31.18 -23.67 64.37
N VAL O 307 31.03 -24.54 63.38
CA VAL O 307 30.00 -24.42 62.37
C VAL O 307 28.61 -24.63 62.95
N SER O 308 28.56 -25.23 64.14
CA SER O 308 27.31 -25.53 64.85
C SER O 308 26.57 -24.27 65.25
N GLU O 309 27.33 -23.22 65.58
CA GLU O 309 26.73 -21.96 66.01
C GLU O 309 25.79 -21.38 64.96
N TYR O 310 26.12 -21.63 63.69
CA TYR O 310 25.31 -21.17 62.56
C TYR O 310 24.20 -22.17 62.23
N THR O 311 23.15 -22.15 63.05
CA THR O 311 21.99 -23.00 62.89
C THR O 311 21.22 -22.48 61.67
N LEU O 312 20.42 -23.33 61.03
CA LEU O 312 19.60 -22.85 59.91
C LEU O 312 18.83 -21.64 60.47
N GLU O 313 18.32 -21.78 61.69
CA GLU O 313 17.56 -20.74 62.35
C GLU O 313 18.43 -19.49 62.54
N LYS O 314 19.73 -19.67 62.76
CA LYS O 314 20.57 -18.49 62.97
C LYS O 314 21.00 -17.89 61.66
N ALA O 315 21.42 -18.73 60.71
CA ALA O 315 21.83 -18.22 59.42
C ALA O 315 20.70 -17.34 58.88
N ALA O 316 19.51 -17.92 58.84
CA ALA O 316 18.36 -17.18 58.37
C ALA O 316 18.24 -15.82 59.06
N GLU O 317 18.35 -15.79 60.38
CA GLU O 317 18.23 -14.52 61.11
C GLU O 317 19.26 -13.48 60.64
N ILE O 318 20.48 -13.91 60.37
CA ILE O 318 21.53 -12.97 59.95
C ILE O 318 21.39 -12.51 58.50
N SER O 319 21.03 -13.43 57.60
CA SER O 319 20.89 -13.07 56.20
C SER O 319 19.62 -12.31 55.88
N GLY O 320 18.48 -12.92 56.18
CA GLY O 320 17.22 -12.26 55.90
C GLY O 320 16.49 -13.11 54.88
N VAL O 321 17.00 -14.33 54.72
CA VAL O 321 16.44 -15.28 53.78
C VAL O 321 15.52 -16.26 54.47
N GLU O 322 14.40 -16.57 53.83
CA GLU O 322 13.48 -17.52 54.45
C GLU O 322 14.27 -18.84 54.55
N PRO O 323 14.25 -19.47 55.73
CA PRO O 323 14.96 -20.74 55.94
C PRO O 323 14.75 -21.81 54.88
N ALA O 324 13.53 -21.89 54.34
CA ALA O 324 13.22 -22.90 53.33
C ALA O 324 14.16 -22.86 52.14
N LEU O 325 14.64 -21.66 51.82
CA LEU O 325 15.56 -21.47 50.69
C LEU O 325 16.96 -21.98 51.05
N LEU O 326 17.40 -21.65 52.26
CA LEU O 326 18.70 -22.10 52.73
C LEU O 326 18.68 -23.64 52.82
N GLU O 327 17.49 -24.20 53.04
CA GLU O 327 17.40 -25.64 53.12
C GLU O 327 17.55 -26.16 51.72
N GLU O 328 17.07 -25.37 50.75
CA GLU O 328 17.16 -25.78 49.35
C GLU O 328 18.60 -25.75 48.89
N LEU O 329 19.32 -24.69 49.25
CA LEU O 329 20.72 -24.58 48.89
C LEU O 329 21.43 -25.76 49.55
N ALA O 330 21.57 -25.69 50.87
CA ALA O 330 22.23 -26.71 51.67
C ALA O 330 22.14 -28.11 51.02
N GLU O 331 20.90 -28.57 50.78
CA GLU O 331 20.62 -29.88 50.19
C GLU O 331 21.31 -30.14 48.87
N LEU O 332 21.29 -29.15 48.00
CA LEU O 332 21.89 -29.29 46.68
C LEU O 332 23.35 -29.63 46.87
N TYR O 333 24.03 -28.75 47.62
CA TYR O 333 25.44 -28.94 47.97
C TYR O 333 25.64 -30.26 48.70
N ALA O 334 24.55 -30.98 49.01
CA ALA O 334 24.68 -32.23 49.76
C ALA O 334 24.24 -33.55 49.15
N ASP O 335 23.10 -33.64 48.44
CA ASP O 335 22.75 -34.98 47.92
C ASP O 335 24.01 -35.37 47.17
N PRO O 336 24.69 -36.40 47.69
CA PRO O 336 25.93 -36.86 47.10
C PRO O 336 25.78 -37.38 45.68
N ASP O 337 24.91 -36.74 44.90
CA ASP O 337 24.83 -37.11 43.52
C ASP O 337 24.71 -35.86 42.67
N ARG O 338 24.27 -34.78 43.30
CA ARG O 338 24.19 -33.49 42.63
C ARG O 338 25.64 -33.03 42.46
N LYS O 339 26.08 -32.86 41.22
CA LYS O 339 27.40 -32.34 40.99
C LYS O 339 27.21 -30.85 41.15
N TRP O 340 27.60 -30.34 42.30
CA TRP O 340 27.48 -28.94 42.50
C TRP O 340 28.57 -28.24 41.70
N MET O 341 28.33 -26.98 41.36
CA MET O 341 29.30 -26.26 40.58
C MET O 341 29.18 -24.86 41.06
N SER O 342 29.94 -24.54 42.09
CA SER O 342 29.87 -23.21 42.69
C SER O 342 30.71 -22.23 41.90
N LEU O 343 30.14 -21.05 41.66
CA LEU O 343 30.80 -19.98 40.94
C LEU O 343 30.76 -18.70 41.75
N TRP O 344 31.85 -17.94 41.72
CA TRP O 344 31.90 -16.67 42.43
C TRP O 344 32.89 -15.67 41.82
N THR O 345 32.51 -14.40 41.87
CA THR O 345 33.36 -13.36 41.33
C THR O 345 33.56 -12.27 42.39
N MET O 346 33.51 -11.00 42.02
CA MET O 346 33.78 -9.96 43.00
C MET O 346 32.94 -9.96 44.27
N GLY O 347 31.82 -10.69 44.27
CA GLY O 347 30.99 -10.75 45.48
C GLY O 347 31.81 -11.21 46.69
N PHE O 348 32.59 -12.28 46.48
CA PHE O 348 33.46 -12.88 47.49
C PHE O 348 34.83 -12.21 47.57
N ASN O 349 35.37 -11.83 46.43
CA ASN O 349 36.70 -11.23 46.37
C ASN O 349 36.84 -9.82 46.94
N GLN O 350 35.86 -8.95 46.67
CA GLN O 350 35.88 -7.57 47.20
C GLN O 350 35.05 -7.58 48.51
N HIS O 351 35.49 -8.43 49.42
CA HIS O 351 34.82 -8.69 50.68
C HIS O 351 35.89 -8.52 51.76
N VAL O 352 35.62 -7.71 52.79
CA VAL O 352 36.61 -7.52 53.85
C VAL O 352 36.96 -8.86 54.52
N ARG O 353 36.21 -9.90 54.17
CA ARG O 353 36.44 -11.23 54.66
C ARG O 353 36.35 -12.16 53.46
N GLY O 354 36.91 -11.68 52.35
CA GLY O 354 36.88 -12.45 51.11
C GLY O 354 37.62 -13.77 51.18
N VAL O 355 38.83 -13.72 51.72
CA VAL O 355 39.65 -14.91 51.83
C VAL O 355 38.88 -15.98 52.60
N TRP O 356 38.18 -15.55 53.64
CA TRP O 356 37.38 -16.50 54.42
C TRP O 356 36.26 -17.08 53.57
N ALA O 357 35.59 -16.21 52.81
CA ALA O 357 34.48 -16.62 51.93
C ALA O 357 34.95 -17.69 50.94
N ASN O 358 36.08 -17.39 50.28
CA ASN O 358 36.68 -18.34 49.37
C ASN O 358 36.87 -19.65 50.14
N HIS O 359 37.55 -19.54 51.29
CA HIS O 359 37.79 -20.72 52.10
C HIS O 359 36.48 -21.50 52.33
N MET O 360 35.49 -20.80 52.86
CA MET O 360 34.23 -21.45 53.13
C MET O 360 33.59 -22.18 51.92
N VAL O 361 33.78 -21.67 50.70
CA VAL O 361 33.16 -22.38 49.56
C VAL O 361 33.86 -23.68 49.32
N TYR O 362 35.19 -23.62 49.41
CA TYR O 362 35.95 -24.82 49.19
C TYR O 362 35.53 -25.89 50.21
N ASN O 363 35.33 -25.46 51.47
CA ASN O 363 34.93 -26.39 52.54
C ASN O 363 33.74 -27.26 52.14
N LEU O 364 32.70 -26.62 51.64
CA LEU O 364 31.50 -27.34 51.26
C LEU O 364 31.85 -28.42 50.27
N HIS O 365 32.79 -28.09 49.39
CA HIS O 365 33.23 -29.03 48.37
C HIS O 365 34.15 -30.09 48.96
N LEU O 366 35.11 -29.64 49.76
CA LEU O 366 36.01 -30.57 50.41
C LEU O 366 35.23 -31.55 51.28
N LEU O 367 34.34 -31.04 52.14
CA LEU O 367 33.55 -31.90 53.02
C LEU O 367 32.83 -32.99 52.26
N THR O 368 32.37 -32.65 51.05
CA THR O 368 31.59 -33.61 50.24
C THR O 368 32.39 -34.40 49.22
N GLY O 369 33.63 -33.95 49.00
CA GLY O 369 34.47 -34.59 48.01
C GLY O 369 34.04 -34.24 46.59
N LYS O 370 33.45 -33.05 46.44
CA LYS O 370 32.97 -32.59 45.11
C LYS O 370 33.99 -31.60 44.56
N ILE O 371 35.07 -32.13 44.00
CA ILE O 371 36.18 -31.34 43.47
C ILE O 371 37.05 -32.13 42.48
N SER O 372 37.66 -31.40 41.57
CA SER O 372 38.50 -31.99 40.54
C SER O 372 37.85 -33.09 39.71
N GLU O 373 36.58 -32.94 39.42
CA GLU O 373 35.90 -33.92 38.57
C GLU O 373 35.00 -33.14 37.60
N PRO O 374 34.75 -33.73 36.41
CA PRO O 374 33.88 -33.05 35.45
C PRO O 374 32.51 -32.90 36.12
N GLY O 375 32.05 -31.65 36.22
CA GLY O 375 30.76 -31.37 36.82
C GLY O 375 30.80 -30.96 38.28
N ASN O 376 31.76 -31.49 39.02
CA ASN O 376 31.85 -31.15 40.42
C ASN O 376 32.97 -30.16 40.60
N SER O 377 32.64 -28.89 40.77
CA SER O 377 33.74 -27.96 40.92
C SER O 377 33.48 -26.59 41.48
N PRO O 378 34.40 -26.14 42.35
CA PRO O 378 34.22 -24.78 42.90
C PRO O 378 35.06 -23.88 41.96
N PHE O 379 34.37 -23.28 40.99
CA PHE O 379 35.05 -22.42 40.03
C PHE O 379 35.12 -20.94 40.41
N SER O 380 36.34 -20.45 40.53
CA SER O 380 36.50 -19.05 40.79
C SER O 380 36.54 -18.41 39.40
N LEU O 381 35.60 -17.49 39.16
CA LEU O 381 35.59 -16.78 37.89
C LEU O 381 36.62 -15.64 38.00
N THR O 382 37.42 -15.44 36.97
CA THR O 382 38.38 -14.34 37.03
C THR O 382 37.87 -13.19 36.13
N GLY O 383 38.11 -11.96 36.61
CA GLY O 383 37.65 -10.76 35.92
C GLY O 383 38.33 -10.33 34.65
N GLN O 384 39.55 -9.81 34.74
CA GLN O 384 40.26 -9.38 33.53
C GLN O 384 40.66 -10.49 32.56
N PRO O 385 41.07 -10.09 31.34
CA PRO O 385 41.49 -11.04 30.29
C PRO O 385 42.70 -11.89 30.68
N PHE O 386 43.67 -11.27 31.37
CA PHE O 386 44.85 -11.99 31.83
C PHE O 386 45.22 -11.63 33.26
N ALA O 387 44.23 -11.52 34.15
CA ALA O 387 44.60 -11.25 35.55
C ALA O 387 45.27 -12.54 35.98
N CYS O 388 44.88 -13.64 35.34
CA CYS O 388 45.46 -14.96 35.59
C CYS O 388 46.79 -15.08 34.83
N GLY O 389 46.64 -15.21 33.49
CA GLY O 389 47.77 -15.35 32.58
C GLY O 389 48.96 -14.44 32.86
N THR O 390 48.69 -13.22 33.32
CA THR O 390 49.76 -12.28 33.57
C THR O 390 49.94 -11.96 35.04
N ALA O 391 49.08 -11.09 35.57
CA ALA O 391 49.16 -10.68 36.99
C ALA O 391 49.48 -11.86 37.96
N ARG O 392 48.59 -12.83 38.01
CA ARG O 392 48.82 -13.95 38.87
C ARG O 392 49.96 -14.84 38.40
N GLU O 393 49.83 -15.48 37.24
CA GLU O 393 50.88 -16.40 36.81
C GLU O 393 52.31 -15.82 36.67
N VAL O 394 52.47 -14.66 36.06
CA VAL O 394 53.81 -14.09 35.97
C VAL O 394 54.14 -13.51 37.37
N GLY O 395 53.13 -13.32 38.19
CA GLY O 395 53.42 -12.82 39.51
C GLY O 395 53.83 -11.36 39.49
N THR O 396 52.81 -10.52 39.32
CA THR O 396 52.97 -9.09 39.19
C THR O 396 52.36 -8.36 40.40
N PHE O 397 52.55 -9.00 41.55
CA PHE O 397 52.06 -8.41 42.79
C PHE O 397 53.28 -8.15 43.66
N ALA O 398 53.16 -7.11 44.48
CA ALA O 398 54.22 -6.64 45.39
C ALA O 398 55.08 -7.71 46.09
N HIS O 399 54.48 -8.84 46.46
CA HIS O 399 55.21 -9.88 47.19
C HIS O 399 55.55 -11.10 46.35
N ARG O 400 55.40 -11.02 45.04
CA ARG O 400 55.54 -12.23 44.28
C ARG O 400 56.54 -12.34 43.14
N LEU O 401 56.83 -13.59 42.76
CA LEU O 401 57.70 -13.93 41.62
C LEU O 401 56.94 -14.99 40.78
N PRO O 402 57.47 -15.34 39.61
CA PRO O 402 56.82 -16.31 38.72
C PRO O 402 56.44 -17.62 39.39
N ALA O 403 55.57 -18.36 38.72
CA ALA O 403 55.10 -19.66 39.18
C ALA O 403 54.87 -19.84 40.69
N ASP O 404 54.03 -18.99 41.28
CA ASP O 404 53.69 -19.10 42.69
C ASP O 404 54.81 -18.84 43.70
N MET O 405 55.94 -18.31 43.24
CA MET O 405 57.05 -18.04 44.13
C MET O 405 56.98 -16.71 44.81
N VAL O 406 57.47 -16.67 46.03
CA VAL O 406 57.49 -15.45 46.84
C VAL O 406 58.91 -14.84 46.89
N VAL O 407 58.92 -13.51 47.01
CA VAL O 407 60.12 -12.71 47.10
C VAL O 407 60.84 -12.97 48.46
N THR O 408 60.03 -13.36 49.45
CA THR O 408 60.48 -13.66 50.80
C THR O 408 61.42 -14.85 50.80
N ASN O 409 60.91 -15.98 50.32
CA ASN O 409 61.68 -17.22 50.22
C ASN O 409 62.98 -17.02 49.40
N PRO O 410 64.15 -17.32 50.02
CA PRO O 410 65.50 -17.18 49.44
C PRO O 410 65.83 -18.21 48.38
N GLU O 411 65.18 -19.37 48.46
CA GLU O 411 65.41 -20.41 47.46
C GLU O 411 64.80 -19.93 46.12
N HIS O 412 63.61 -19.32 46.20
CA HIS O 412 62.91 -18.81 45.01
C HIS O 412 63.73 -17.68 44.43
N ARG O 413 64.05 -16.71 45.28
CA ARG O 413 64.83 -15.55 44.89
C ARG O 413 66.05 -16.04 44.09
N ALA O 414 66.74 -17.04 44.65
CA ALA O 414 67.92 -17.59 44.02
C ALA O 414 67.55 -18.19 42.65
N HIS O 415 66.50 -19.01 42.64
CA HIS O 415 66.03 -19.66 41.42
C HIS O 415 65.79 -18.65 40.30
N ALA O 416 65.15 -17.53 40.66
CA ALA O 416 64.85 -16.45 39.71
C ALA O 416 66.16 -15.87 39.23
N GLU O 417 67.08 -15.66 40.18
CA GLU O 417 68.39 -15.11 39.86
C GLU O 417 69.16 -16.01 38.88
N GLU O 418 69.08 -17.33 39.09
CA GLU O 418 69.78 -18.28 38.21
C GLU O 418 69.22 -18.24 36.77
N ILE O 419 67.91 -18.11 36.63
CA ILE O 419 67.28 -18.07 35.30
C ILE O 419 67.46 -16.71 34.61
N TRP O 420 67.35 -15.63 35.39
CA TRP O 420 67.51 -14.27 34.86
C TRP O 420 68.97 -13.88 34.64
N LYS O 421 69.86 -14.86 34.85
CA LYS O 421 71.31 -14.65 34.68
C LYS O 421 71.73 -13.44 35.46
N LEU O 422 71.54 -13.51 36.78
CA LEU O 422 71.89 -12.42 37.66
C LEU O 422 72.91 -12.80 38.73
N PRO O 423 73.56 -11.76 39.29
CA PRO O 423 74.54 -12.02 40.36
C PRO O 423 73.77 -12.40 41.64
N ALA O 424 74.26 -13.40 42.36
CA ALA O 424 73.61 -13.88 43.58
C ALA O 424 73.27 -12.75 44.57
N GLY O 425 72.17 -12.91 45.29
CA GLY O 425 71.74 -11.92 46.27
C GLY O 425 71.33 -10.59 45.68
N LEU O 426 71.11 -10.54 44.36
CA LEU O 426 70.71 -9.28 43.73
C LEU O 426 69.25 -8.97 44.04
N LEU O 427 68.36 -9.91 43.71
CA LEU O 427 66.93 -9.69 43.93
C LEU O 427 66.63 -9.29 45.38
N PRO O 428 65.71 -8.31 45.58
CA PRO O 428 65.27 -7.77 46.88
C PRO O 428 64.38 -8.77 47.68
N ASP O 429 64.50 -8.76 49.01
CA ASP O 429 63.75 -9.66 49.88
C ASP O 429 62.50 -9.00 50.50
N TRP O 430 62.48 -7.66 50.48
CA TRP O 430 61.35 -6.91 51.05
C TRP O 430 60.07 -6.94 50.22
N VAL O 431 58.95 -7.08 50.92
CA VAL O 431 57.61 -7.08 50.28
C VAL O 431 57.23 -5.64 49.88
N GLY O 432 56.80 -5.47 48.63
CA GLY O 432 56.43 -4.16 48.15
C GLY O 432 55.07 -3.64 48.65
N ALA O 433 54.76 -2.42 48.23
CA ALA O 433 53.51 -1.77 48.60
C ALA O 433 52.34 -2.28 47.76
N HIS O 434 51.33 -2.84 48.41
CA HIS O 434 50.18 -3.34 47.65
C HIS O 434 49.34 -2.13 47.20
N ALA O 435 48.44 -2.38 46.25
CA ALA O 435 47.58 -1.36 45.63
C ALA O 435 47.11 -0.24 46.58
N VAL O 436 46.34 -0.62 47.59
CA VAL O 436 45.89 0.37 48.54
C VAL O 436 47.10 1.13 49.12
N GLU O 437 48.00 0.40 49.77
CA GLU O 437 49.21 0.99 50.35
C GLU O 437 49.86 1.94 49.35
N GLN O 438 50.10 1.44 48.13
CA GLN O 438 50.71 2.24 47.08
C GLN O 438 50.10 3.64 46.96
N ASP O 439 48.78 3.73 47.12
CA ASP O 439 48.10 5.02 47.04
C ASP O 439 48.51 5.82 48.25
N ARG O 440 48.43 5.18 49.40
CA ARG O 440 48.75 5.85 50.66
C ARG O 440 50.19 6.35 50.67
N LYS O 441 51.15 5.45 50.44
CA LYS O 441 52.56 5.82 50.40
C LYS O 441 52.78 6.96 49.39
N LEU O 442 51.84 7.11 48.45
CA LEU O 442 51.94 8.15 47.44
C LEU O 442 51.50 9.45 48.09
N HIS O 443 50.43 9.35 48.87
CA HIS O 443 49.83 10.47 49.58
C HIS O 443 50.86 11.06 50.51
N ASP O 444 51.57 10.16 51.19
CA ASP O 444 52.55 10.53 52.18
C ASP O 444 53.90 11.03 51.67
N GLY O 445 54.32 10.50 50.52
CA GLY O 445 55.60 10.91 49.96
C GLY O 445 56.66 9.84 49.98
N GLU O 446 56.28 8.58 50.24
CA GLU O 446 57.21 7.45 50.32
C GLU O 446 57.60 6.96 48.93
N ILE O 447 56.64 6.97 48.02
CA ILE O 447 56.89 6.57 46.64
C ILE O 447 56.86 7.89 45.86
N ASN O 448 57.97 8.17 45.18
CA ASN O 448 58.09 9.44 44.47
C ASN O 448 58.18 9.35 42.93
N PHE O 449 58.33 8.13 42.43
CA PHE O 449 58.39 7.91 41.00
C PHE O 449 57.31 6.88 40.82
N TYR O 450 56.39 7.11 39.90
CA TYR O 450 55.31 6.17 39.74
C TYR O 450 55.00 5.91 38.27
N TRP O 451 54.93 4.63 37.89
CA TRP O 451 54.59 4.29 36.51
C TRP O 451 53.33 3.42 36.46
N VAL O 452 52.26 4.01 35.96
CA VAL O 452 50.98 3.31 35.83
C VAL O 452 50.89 2.69 34.43
N GLN O 453 50.40 1.46 34.35
CA GLN O 453 50.26 0.87 33.04
C GLN O 453 49.04 0.00 32.83
N VAL O 454 48.33 0.28 31.72
CA VAL O 454 47.13 -0.46 31.33
C VAL O 454 46.06 -0.56 32.43
N ASN O 455 45.83 0.56 33.10
CA ASN O 455 44.78 0.65 34.11
C ASN O 455 44.48 2.13 34.25
N ASN O 456 43.31 2.42 34.82
CA ASN O 456 42.84 3.79 35.01
C ASN O 456 42.55 3.91 36.52
N ASN O 457 43.57 3.63 37.32
CA ASN O 457 43.43 3.61 38.75
C ASN O 457 42.85 4.81 39.45
N MET O 458 42.88 5.98 38.79
CA MET O 458 42.32 7.17 39.41
C MET O 458 40.80 7.05 39.54
N GLN O 459 40.24 6.08 38.80
CA GLN O 459 38.80 5.83 38.76
C GLN O 459 38.50 4.50 39.44
N ALA O 460 39.37 3.53 39.20
CA ALA O 460 39.21 2.20 39.77
C ALA O 460 39.44 2.12 41.30
N ALA O 461 40.50 2.79 41.76
CA ALA O 461 40.88 2.80 43.17
C ALA O 461 39.87 3.41 44.16
N PRO O 462 39.84 2.87 45.41
CA PRO O 462 38.93 3.30 46.47
C PRO O 462 39.35 4.61 47.18
N ASN O 463 38.37 5.39 47.60
CA ASN O 463 38.60 6.64 48.30
C ASN O 463 39.50 7.65 47.59
N ILE O 464 39.41 7.73 46.27
CA ILE O 464 40.26 8.64 45.51
C ILE O 464 40.49 10.02 46.12
N ASP O 465 39.46 10.64 46.68
CA ASP O 465 39.60 11.98 47.23
C ASP O 465 40.47 12.03 48.47
N GLN O 466 40.37 10.99 49.29
CA GLN O 466 41.14 10.91 50.50
C GLN O 466 42.63 10.62 50.26
N GLU O 467 42.95 9.55 49.53
CA GLU O 467 44.34 9.19 49.34
C GLU O 467 44.91 8.95 47.95
N THR O 468 44.10 8.84 46.92
CA THR O 468 44.67 8.57 45.61
C THR O 468 44.97 9.83 44.81
N TYR O 469 44.02 10.74 44.78
CA TYR O 469 44.20 11.98 44.04
C TYR O 469 45.34 12.85 44.61
N PRO O 470 45.33 13.12 45.93
CA PRO O 470 46.40 13.95 46.50
C PRO O 470 47.74 13.26 46.30
N GLY O 471 47.73 11.93 46.34
CA GLY O 471 48.95 11.18 46.14
C GLY O 471 49.55 11.30 44.74
N TYR O 472 48.68 11.49 43.74
CA TYR O 472 49.15 11.65 42.37
C TYR O 472 49.56 13.09 42.13
N ARG O 473 48.95 14.00 42.88
CA ARG O 473 49.26 15.43 42.72
C ARG O 473 50.28 15.99 43.75
N ASN O 474 50.78 15.11 44.63
CA ASN O 474 51.78 15.49 45.62
C ASN O 474 53.05 15.94 44.87
N PRO O 475 53.39 17.24 44.97
CA PRO O 475 54.57 17.79 44.26
C PRO O 475 55.93 17.11 44.47
N GLU O 476 56.08 16.25 45.46
CA GLU O 476 57.39 15.57 45.61
C GLU O 476 57.37 14.31 44.75
N ASN O 477 56.25 14.13 44.06
CA ASN O 477 56.03 12.95 43.22
C ASN O 477 55.92 13.24 41.73
N PHE O 478 56.41 12.27 40.95
CA PHE O 478 56.36 12.32 39.50
C PHE O 478 55.58 11.09 39.05
N ILE O 479 54.59 11.33 38.21
CA ILE O 479 53.71 10.24 37.75
C ILE O 479 53.57 10.03 36.25
N VAL O 480 53.87 8.80 35.82
CA VAL O 480 53.73 8.45 34.41
C VAL O 480 52.56 7.51 34.20
N VAL O 481 51.84 7.75 33.11
CA VAL O 481 50.69 6.92 32.79
C VAL O 481 50.71 6.56 31.31
N SER O 482 50.93 5.27 31.05
CA SER O 482 50.93 4.77 29.69
C SER O 482 49.45 4.37 29.46
N ASP O 483 48.89 4.77 28.32
CA ASP O 483 47.51 4.47 28.03
C ASP O 483 47.29 4.69 26.54
N ALA O 484 46.07 4.43 26.08
CA ALA O 484 45.70 4.58 24.68
C ALA O 484 44.64 5.64 24.48
N TYR O 485 44.06 6.12 25.56
CA TYR O 485 43.04 7.16 25.45
C TYR O 485 43.18 8.06 26.64
N PRO O 486 42.68 9.29 26.51
CA PRO O 486 42.68 10.32 27.54
C PRO O 486 42.65 9.74 28.97
N THR O 487 41.46 9.47 29.52
CA THR O 487 41.43 8.91 30.88
C THR O 487 41.66 9.96 31.98
N VAL O 488 40.89 9.87 33.06
CA VAL O 488 41.08 10.81 34.15
C VAL O 488 42.48 10.57 34.81
N THR O 489 42.89 9.31 34.94
CA THR O 489 44.18 9.01 35.53
C THR O 489 45.26 9.78 34.80
N GLY O 490 45.23 9.78 33.48
CA GLY O 490 46.24 10.49 32.72
C GLY O 490 46.13 11.98 32.95
N ARG O 491 44.89 12.45 33.04
CA ARG O 491 44.68 13.87 33.24
C ARG O 491 45.31 14.23 34.59
N ALA O 492 45.27 13.28 35.52
CA ALA O 492 45.84 13.54 36.83
C ALA O 492 47.33 13.16 36.93
N ALA O 493 48.00 12.89 35.82
CA ALA O 493 49.43 12.50 35.87
C ALA O 493 50.36 13.61 35.39
N ASP O 494 51.65 13.30 35.22
CA ASP O 494 52.62 14.32 34.81
C ASP O 494 53.22 14.00 33.44
N LEU O 495 53.35 12.72 33.17
CA LEU O 495 53.86 12.27 31.89
C LEU O 495 52.91 11.15 31.39
N VAL O 496 52.35 11.34 30.20
CA VAL O 496 51.47 10.34 29.65
C VAL O 496 52.06 9.71 28.38
N LEU O 497 52.33 8.42 28.41
CA LEU O 497 52.95 7.83 27.25
C LEU O 497 51.90 7.07 26.44
N PRO O 498 51.86 7.28 25.11
CA PRO O 498 50.91 6.61 24.18
C PRO O 498 51.20 5.12 23.95
N ALA O 499 50.17 4.29 24.05
CA ALA O 499 50.36 2.86 23.87
C ALA O 499 49.67 2.22 22.66
N ALA O 500 50.35 1.24 22.07
CA ALA O 500 49.78 0.47 20.98
C ALA O 500 48.88 -0.46 21.79
N MET O 501 47.65 -0.58 21.29
CA MET O 501 46.58 -1.32 21.92
C MET O 501 46.25 -2.67 21.31
N TRP O 502 45.54 -3.49 22.08
CA TRP O 502 45.08 -4.78 21.61
C TRP O 502 45.85 -5.46 20.43
N VAL O 503 45.27 -5.36 19.24
CA VAL O 503 45.80 -6.00 18.06
C VAL O 503 46.85 -5.18 17.26
N GLU O 504 47.23 -4.05 17.85
CA GLU O 504 48.26 -3.21 17.24
C GLU O 504 49.65 -3.68 17.72
N LYS O 505 49.61 -4.71 18.59
CA LYS O 505 50.80 -5.29 19.18
C LYS O 505 50.59 -6.80 19.34
N GLU O 506 51.61 -7.61 19.11
CA GLU O 506 51.44 -9.06 19.30
C GLU O 506 51.41 -9.33 20.81
N GLY O 507 50.48 -10.17 21.23
CA GLY O 507 50.34 -10.44 22.66
C GLY O 507 49.82 -11.82 23.05
N ALA O 508 49.67 -12.04 24.35
CA ALA O 508 49.16 -13.31 24.83
C ALA O 508 48.41 -13.03 26.13
N TYR O 509 47.35 -13.80 26.38
CA TYR O 509 46.53 -13.65 27.58
C TYR O 509 46.22 -15.03 28.19
N GLY O 510 45.74 -14.99 29.44
CA GLY O 510 45.37 -16.21 30.16
C GLY O 510 44.02 -16.08 30.85
N ASN O 511 43.03 -16.81 30.35
CA ASN O 511 41.67 -16.73 30.90
C ASN O 511 41.47 -17.51 32.20
N ALA O 512 40.32 -17.27 32.83
CA ALA O 512 39.96 -17.89 34.10
C ALA O 512 40.08 -19.42 34.20
N GLU O 513 40.10 -20.12 33.06
CA GLU O 513 40.21 -21.57 33.12
C GLU O 513 41.60 -22.08 32.75
N ARG O 514 42.62 -21.26 33.04
CA ARG O 514 44.02 -21.58 32.74
C ARG O 514 44.30 -21.71 31.23
N ARG O 515 43.58 -20.93 30.44
CA ARG O 515 43.77 -20.99 29.01
C ARG O 515 44.64 -19.84 28.58
N THR O 516 45.77 -20.20 27.99
CA THR O 516 46.76 -19.21 27.54
C THR O 516 46.68 -19.12 26.04
N HIS O 517 46.23 -17.98 25.55
CA HIS O 517 46.16 -17.82 24.11
C HIS O 517 46.86 -16.55 23.62
N PHE O 518 47.42 -16.66 22.40
CA PHE O 518 48.18 -15.59 21.71
C PHE O 518 47.37 -14.83 20.63
N TRP O 519 48.07 -13.91 19.98
CA TRP O 519 47.57 -13.16 18.84
C TRP O 519 48.71 -12.35 18.26
N HIS O 520 48.77 -12.33 16.91
CA HIS O 520 49.81 -11.61 16.18
C HIS O 520 49.42 -10.17 16.09
N GLN O 521 50.29 -9.37 15.54
CA GLN O 521 49.96 -7.96 15.40
C GLN O 521 49.26 -7.90 14.05
N LEU O 522 48.03 -7.38 14.04
CA LEU O 522 47.24 -7.35 12.81
C LEU O 522 47.17 -5.99 12.15
N VAL O 523 47.53 -4.97 12.90
CA VAL O 523 47.47 -3.62 12.35
C VAL O 523 48.49 -2.72 13.05
N GLU O 524 48.73 -1.55 12.48
CA GLU O 524 49.68 -0.64 13.09
C GLU O 524 48.99 0.38 14.00
N ALA O 525 49.62 0.68 15.12
CA ALA O 525 49.06 1.65 16.04
C ALA O 525 49.12 3.06 15.40
N PRO O 526 48.22 3.95 15.83
CA PRO O 526 48.21 5.31 15.28
C PRO O 526 49.36 6.20 15.80
N GLY O 527 49.86 7.07 14.92
CA GLY O 527 50.93 7.99 15.27
C GLY O 527 52.19 7.35 15.82
N GLU O 528 52.60 7.84 16.99
CA GLU O 528 53.82 7.39 17.60
C GLU O 528 53.59 6.43 18.75
N ALA O 529 52.41 5.84 18.85
CA ALA O 529 52.19 4.92 19.96
C ALA O 529 52.96 3.61 19.77
N ARG O 530 53.42 3.05 20.89
CA ARG O 530 54.20 1.81 20.90
C ARG O 530 53.74 0.91 22.04
N SER O 531 53.86 -0.41 21.86
CA SER O 531 53.43 -1.35 22.90
C SER O 531 54.04 -1.02 24.26
N ASP O 532 53.37 -1.46 25.32
CA ASP O 532 53.84 -1.23 26.67
C ASP O 532 55.14 -2.01 26.79
N LEU O 533 55.21 -3.14 26.09
CA LEU O 533 56.42 -3.96 26.10
C LEU O 533 57.58 -3.07 25.66
N TRP O 534 57.43 -2.48 24.48
CA TRP O 534 58.44 -1.59 23.96
C TRP O 534 58.75 -0.50 25.03
N GLN O 535 57.73 0.23 25.48
CA GLN O 535 57.96 1.27 26.47
C GLN O 535 58.88 0.81 27.60
N LEU O 536 58.56 -0.34 28.20
CA LEU O 536 59.34 -0.93 29.27
C LEU O 536 60.76 -1.19 28.76
N MET O 537 60.88 -2.07 27.78
CA MET O 537 62.21 -2.44 27.27
C MET O 537 63.06 -1.23 26.93
N GLU O 538 62.47 -0.24 26.24
CA GLU O 538 63.25 0.95 25.82
C GLU O 538 63.69 1.80 27.02
N PHE O 539 62.78 1.98 27.97
CA PHE O 539 63.10 2.77 29.15
C PHE O 539 64.24 2.13 29.92
N SER O 540 64.47 0.85 29.60
CA SER O 540 65.56 0.09 30.21
C SER O 540 66.92 0.63 29.78
N LYS O 541 67.12 0.73 28.46
CA LYS O 541 68.34 1.21 27.81
C LYS O 541 68.98 2.46 28.45
N ARG O 542 68.32 3.00 29.47
CA ARG O 542 68.80 4.19 30.19
C ARG O 542 69.65 4.02 31.44
N PHE O 543 69.48 2.91 32.13
CA PHE O 543 70.21 2.69 33.36
C PHE O 543 71.37 1.76 33.15
N THR O 544 72.36 1.90 34.02
CA THR O 544 73.59 1.14 33.91
C THR O 544 73.78 0.32 35.19
N THR O 545 74.43 -0.84 35.07
CA THR O 545 74.64 -1.69 36.23
C THR O 545 75.30 -0.94 37.36
N ASP O 546 76.04 0.11 37.02
CA ASP O 546 76.65 0.97 38.03
C ASP O 546 75.34 1.61 38.51
N GLU O 547 75.19 2.92 38.35
CA GLU O 547 73.95 3.64 38.68
C GLU O 547 72.91 3.03 39.65
N VAL O 548 72.39 1.87 39.29
CA VAL O 548 71.31 1.21 40.02
C VAL O 548 71.61 0.02 40.94
N TRP O 549 72.56 -0.82 40.58
CA TRP O 549 72.87 -1.95 41.45
C TRP O 549 73.84 -1.61 42.62
N PRO O 550 73.73 -2.35 43.74
CA PRO O 550 74.64 -2.10 44.87
C PRO O 550 76.10 -2.47 44.42
N GLU O 551 77.07 -1.66 44.86
CA GLU O 551 78.48 -1.85 44.53
C GLU O 551 79.04 -3.23 44.88
N GLU O 552 78.65 -3.75 46.05
CA GLU O 552 79.11 -5.08 46.48
C GLU O 552 78.88 -6.10 45.37
N ILE O 553 77.63 -6.22 44.98
CA ILE O 553 77.21 -7.13 43.94
C ILE O 553 78.08 -6.92 42.71
N LEU O 554 78.32 -5.65 42.36
CA LEU O 554 79.15 -5.33 41.21
C LEU O 554 80.53 -5.91 41.40
N SER O 555 81.19 -5.50 42.49
CA SER O 555 82.52 -5.99 42.82
C SER O 555 82.59 -7.51 42.50
N ALA O 556 81.62 -8.26 43.00
CA ALA O 556 81.53 -9.71 42.76
C ALA O 556 81.50 -10.04 41.26
N ALA O 557 80.78 -9.25 40.46
CA ALA O 557 80.77 -9.54 39.04
C ALA O 557 80.94 -8.33 38.11
N PRO O 558 82.18 -8.10 37.64
CA PRO O 558 82.60 -7.04 36.71
C PRO O 558 81.63 -6.95 35.55
N ALA O 559 81.44 -8.07 34.84
CA ALA O 559 80.48 -8.09 33.72
C ALA O 559 79.12 -7.85 34.40
N TYR O 560 78.84 -6.55 34.59
CA TYR O 560 77.66 -5.98 35.26
C TYR O 560 78.27 -4.66 35.76
N ARG O 561 78.98 -3.99 34.86
CA ARG O 561 79.57 -2.70 35.15
C ARG O 561 79.52 -2.01 33.80
N GLY O 562 78.64 -1.02 33.69
CA GLY O 562 78.37 -0.37 32.43
C GLY O 562 77.11 -1.15 31.99
N LYS O 563 77.27 -2.05 31.02
CA LYS O 563 76.16 -2.90 30.61
C LYS O 563 74.84 -2.19 30.22
N THR O 564 74.11 -1.67 31.21
CA THR O 564 72.79 -1.01 31.07
C THR O 564 71.66 -2.03 31.20
N LEU O 565 70.71 -1.71 32.08
CA LEU O 565 69.55 -2.57 32.30
C LEU O 565 68.93 -2.71 30.93
N PHE O 566 69.12 -3.87 30.33
CA PHE O 566 68.61 -4.12 28.99
C PHE O 566 69.56 -5.18 28.49
N GLU O 567 70.85 -4.85 28.49
CA GLU O 567 71.83 -5.85 28.08
C GLU O 567 71.63 -6.94 29.15
N VAL O 568 71.55 -6.47 30.40
CA VAL O 568 71.35 -7.36 31.54
C VAL O 568 69.92 -7.95 31.61
N LEU O 569 68.93 -7.22 31.08
CA LEU O 569 67.55 -7.72 31.17
C LEU O 569 66.92 -8.32 29.91
N PHE O 570 67.24 -7.75 28.74
CA PHE O 570 66.64 -8.21 27.48
C PHE O 570 67.65 -8.63 26.41
N ALA O 571 68.92 -8.32 26.65
CA ALA O 571 69.99 -8.69 25.73
C ALA O 571 70.95 -9.67 26.41
N ASN O 572 70.34 -10.58 27.17
CA ASN O 572 71.01 -11.64 27.93
C ASN O 572 71.63 -12.69 27.05
N GLY O 573 71.19 -12.73 25.80
CA GLY O 573 71.65 -13.80 24.94
C GLY O 573 70.70 -14.94 25.29
N SER O 574 69.69 -14.62 26.09
CA SER O 574 68.63 -15.56 26.48
C SER O 574 67.37 -15.04 25.78
N VAL O 575 67.06 -13.78 26.02
CA VAL O 575 65.90 -13.14 25.42
C VAL O 575 66.22 -12.75 23.94
N ASP O 576 67.50 -12.60 23.62
CA ASP O 576 67.93 -12.25 22.25
C ASP O 576 67.95 -13.53 21.41
N ARG O 577 67.90 -14.65 22.12
CA ARG O 577 67.95 -15.97 21.53
C ARG O 577 67.39 -16.08 20.09
N PHE O 578 66.17 -15.58 19.88
CA PHE O 578 65.47 -15.69 18.59
C PHE O 578 65.52 -14.47 17.69
N PRO O 579 65.86 -14.67 16.40
CA PRO O 579 66.00 -13.64 15.36
C PRO O 579 64.73 -12.95 14.89
N ALA O 580 64.90 -11.79 14.22
CA ALA O 580 63.78 -11.01 13.68
C ALA O 580 63.02 -11.85 12.66
N SER O 581 63.61 -12.99 12.31
CA SER O 581 62.93 -13.95 11.44
C SER O 581 62.16 -14.69 12.55
N ASP O 582 61.81 -15.98 12.36
CA ASP O 582 61.09 -16.70 13.43
C ASP O 582 59.81 -15.98 13.85
N VAL O 583 59.29 -15.12 12.99
CA VAL O 583 58.14 -14.31 13.37
C VAL O 583 57.01 -14.36 12.35
N ASN O 584 56.74 -15.54 11.81
CA ASN O 584 55.70 -15.70 10.81
C ASN O 584 55.84 -14.64 9.72
N PRO O 585 56.17 -15.08 8.50
CA PRO O 585 56.36 -14.20 7.34
C PRO O 585 55.28 -13.12 7.29
N ASP O 586 54.01 -13.53 7.33
CA ASP O 586 52.90 -12.58 7.33
C ASP O 586 52.95 -12.01 8.75
N HIS O 587 52.20 -10.94 9.02
CA HIS O 587 52.20 -10.34 10.37
C HIS O 587 53.49 -9.61 10.72
N ALA O 588 53.32 -8.34 11.08
CA ALA O 588 54.44 -7.48 11.46
C ALA O 588 54.61 -7.46 12.99
N ASN O 589 55.73 -6.90 13.47
CA ASN O 589 56.02 -6.86 14.89
C ASN O 589 56.86 -5.63 15.18
N HIS O 590 56.24 -4.49 15.50
CA HIS O 590 57.01 -3.27 15.71
C HIS O 590 58.10 -3.39 16.76
N GLU O 591 57.89 -4.26 17.77
CA GLU O 591 58.91 -4.42 18.82
C GLU O 591 60.07 -5.33 18.36
N ALA O 592 59.99 -5.84 17.13
CA ALA O 592 61.03 -6.70 16.58
C ALA O 592 61.74 -5.97 15.46
N ALA O 593 61.10 -4.92 14.94
CA ALA O 593 61.71 -4.11 13.88
C ALA O 593 62.68 -3.17 14.61
N LEU O 594 62.24 -2.65 15.75
CA LEU O 594 63.10 -1.84 16.58
C LEU O 594 63.65 -3.03 17.38
N PHE O 595 64.93 -3.01 17.77
CA PHE O 595 65.56 -4.15 18.46
C PHE O 595 65.84 -5.20 17.37
N GLY O 596 66.79 -6.08 17.58
CA GLY O 596 67.05 -7.07 16.54
C GLY O 596 66.55 -8.49 16.81
N PHE O 597 65.99 -8.71 18.00
CA PHE O 597 65.52 -10.05 18.33
C PHE O 597 64.02 -10.16 18.10
N TYR O 598 63.36 -11.01 18.88
CA TYR O 598 61.94 -11.23 18.77
C TYR O 598 61.53 -11.36 20.23
N PRO O 599 61.28 -10.21 20.90
CA PRO O 599 60.91 -10.08 22.32
C PRO O 599 59.96 -11.10 22.90
N GLN O 600 58.76 -11.13 22.35
CA GLN O 600 57.74 -12.06 22.80
C GLN O 600 58.27 -13.51 22.88
N LYS O 601 58.82 -14.02 21.79
CA LYS O 601 59.31 -15.38 21.84
C LYS O 601 60.31 -15.53 22.99
N GLY O 602 61.31 -14.63 23.02
CA GLY O 602 62.35 -14.69 24.04
C GLY O 602 61.79 -14.67 25.44
N LEU O 603 61.00 -13.63 25.75
CA LEU O 603 60.41 -13.50 27.08
C LEU O 603 59.55 -14.71 27.41
N PHE O 604 58.69 -15.10 26.47
CA PHE O 604 57.82 -16.23 26.72
C PHE O 604 58.65 -17.47 27.09
N GLU O 605 59.54 -17.89 26.21
CA GLU O 605 60.31 -19.07 26.51
C GLU O 605 61.17 -18.93 27.78
N GLU O 606 61.69 -17.73 28.06
CA GLU O 606 62.46 -17.63 29.29
C GLU O 606 61.45 -17.78 30.47
N TYR O 607 60.50 -16.86 30.59
CA TYR O 607 59.48 -16.92 31.64
C TYR O 607 58.91 -18.37 31.76
N ALA O 608 58.80 -19.08 30.63
CA ALA O 608 58.24 -20.43 30.60
C ALA O 608 59.03 -21.42 31.45
N ALA O 609 60.32 -21.18 31.57
CA ALA O 609 61.18 -22.07 32.35
C ALA O 609 60.93 -22.05 33.86
N PHE O 610 60.20 -21.05 34.34
CA PHE O 610 59.87 -21.04 35.77
C PHE O 610 58.92 -22.19 36.14
N GLY O 611 57.95 -22.45 35.25
CA GLY O 611 57.00 -23.55 35.40
C GLY O 611 57.66 -24.65 34.58
N ARG O 612 56.88 -25.60 34.04
CA ARG O 612 57.48 -26.69 33.24
C ARG O 612 58.29 -27.52 34.22
N GLY O 613 57.68 -28.63 34.62
CA GLY O 613 58.28 -29.47 35.62
C GLY O 613 57.30 -29.12 36.72
N HIS O 614 57.75 -28.39 37.72
CA HIS O 614 56.87 -27.95 38.82
C HIS O 614 55.56 -27.42 38.22
N GLY O 615 54.53 -28.28 38.15
CA GLY O 615 53.23 -27.87 37.59
C GLY O 615 53.33 -26.81 36.51
N HIS O 616 52.46 -25.79 36.54
CA HIS O 616 52.48 -24.66 35.60
C HIS O 616 52.98 -24.80 34.13
N ASP O 617 53.05 -26.02 33.61
CA ASP O 617 53.58 -26.25 32.27
C ASP O 617 53.02 -25.50 31.10
N LEU O 618 53.74 -24.53 30.57
CA LEU O 618 53.23 -23.86 29.39
C LEU O 618 53.76 -24.63 28.15
N ALA O 619 53.02 -24.57 27.05
CA ALA O 619 53.44 -25.23 25.82
C ALA O 619 54.52 -24.40 25.12
N PRO O 620 55.14 -24.95 24.05
CA PRO O 620 56.16 -24.17 23.31
C PRO O 620 55.52 -22.90 22.74
N PHE O 621 56.20 -21.78 22.85
CA PHE O 621 55.69 -20.51 22.31
C PHE O 621 54.99 -20.66 20.95
N ASP O 622 55.70 -21.13 19.93
CA ASP O 622 55.11 -21.29 18.60
C ASP O 622 53.78 -22.05 18.58
N THR O 623 53.64 -23.09 19.41
CA THR O 623 52.39 -23.86 19.44
C THR O 623 51.17 -22.98 19.69
N TYR O 624 51.27 -22.07 20.67
CA TYR O 624 50.15 -21.20 21.00
C TYR O 624 49.61 -20.34 19.84
N HIS O 625 50.42 -20.15 18.80
CA HIS O 625 49.98 -19.36 17.64
C HIS O 625 49.20 -20.21 16.65
N GLU O 626 49.42 -21.52 16.67
CA GLU O 626 48.73 -22.39 15.71
C GLU O 626 47.41 -22.89 16.24
N VAL O 627 47.21 -22.75 17.56
CA VAL O 627 45.99 -23.25 18.19
C VAL O 627 45.21 -22.14 18.87
N ARG O 628 43.94 -22.40 19.18
CA ARG O 628 43.15 -21.40 19.93
C ARG O 628 43.25 -21.75 21.44
N GLY O 629 44.46 -21.53 21.99
CA GLY O 629 44.76 -21.78 23.39
C GLY O 629 44.79 -23.23 23.88
N LEU O 630 45.41 -23.40 25.06
CA LEU O 630 45.50 -24.72 25.72
C LEU O 630 45.42 -24.43 27.21
N HIS O 631 44.56 -25.14 27.97
CA HIS O 631 44.53 -24.87 29.43
C HIS O 631 45.83 -25.53 30.04
N TRP O 632 46.49 -24.80 30.97
CA TRP O 632 47.76 -25.27 31.54
C TRP O 632 47.95 -26.05 32.87
N PRO O 633 49.02 -26.93 32.65
CA PRO O 633 50.09 -27.91 32.76
C PRO O 633 50.02 -28.64 31.35
N VAL O 634 50.66 -28.01 30.37
CA VAL O 634 50.64 -28.58 29.05
C VAL O 634 51.89 -29.41 29.02
N VAL O 635 51.68 -30.71 29.23
CA VAL O 635 52.76 -31.67 29.29
C VAL O 635 52.71 -32.55 28.07
N GLU O 636 53.81 -32.48 27.31
CA GLU O 636 53.96 -33.25 26.07
C GLU O 636 52.90 -32.82 25.08
N GLY O 637 52.64 -31.53 25.07
CA GLY O 637 51.68 -30.98 24.14
C GLY O 637 50.24 -31.33 24.44
N GLU O 638 49.96 -31.79 25.67
CA GLU O 638 48.59 -32.12 26.06
C GLU O 638 48.12 -31.29 27.25
N GLU O 639 47.03 -30.55 27.03
CA GLU O 639 46.45 -29.68 28.04
C GLU O 639 45.75 -30.44 29.14
N THR O 640 45.60 -29.75 30.26
CA THR O 640 44.99 -30.33 31.44
C THR O 640 43.68 -29.64 31.83
N ARG O 641 42.60 -30.39 31.75
CA ARG O 641 41.29 -29.85 32.12
C ARG O 641 41.21 -29.78 33.62
N TRP O 642 41.10 -30.96 34.24
CA TRP O 642 41.00 -31.07 35.70
C TRP O 642 42.32 -31.41 36.39
N ARG O 643 42.70 -30.53 37.33
CA ARG O 643 43.93 -30.66 38.10
C ARG O 643 43.76 -31.46 39.42
N TYR O 644 44.83 -32.16 39.82
CA TYR O 644 44.87 -32.97 41.03
C TYR O 644 44.05 -34.26 40.94
N ARG O 645 43.83 -34.78 39.73
CA ARG O 645 43.11 -36.03 39.60
C ARG O 645 43.90 -36.98 38.78
N GLU O 646 44.17 -38.15 39.33
CA GLU O 646 44.91 -39.14 38.58
C GLU O 646 44.13 -39.41 37.27
N GLY O 647 44.85 -39.41 36.14
CA GLY O 647 44.20 -39.66 34.86
C GLY O 647 43.91 -38.37 34.12
N PHE O 648 43.50 -37.35 34.87
CA PHE O 648 43.22 -36.03 34.29
C PHE O 648 44.47 -35.16 34.41
N ASP O 649 45.09 -35.13 35.58
CA ASP O 649 46.32 -34.36 35.80
C ASP O 649 47.52 -35.34 35.78
N PRO O 650 48.57 -35.05 35.01
CA PRO O 650 49.72 -35.96 34.95
C PRO O 650 50.66 -35.85 36.17
N TYR O 651 50.48 -34.81 36.97
CA TYR O 651 51.32 -34.63 38.15
C TYR O 651 50.86 -35.47 39.33
N VAL O 652 49.83 -36.28 39.09
CA VAL O 652 49.32 -37.18 40.12
C VAL O 652 49.87 -38.55 39.71
N LYS O 653 50.70 -39.14 40.60
CA LYS O 653 51.35 -40.44 40.35
C LYS O 653 50.35 -41.58 40.37
N PRO O 654 50.51 -42.54 39.43
CA PRO O 654 49.63 -43.70 39.25
C PRO O 654 48.87 -44.21 40.48
N GLY O 655 49.58 -44.58 41.53
CA GLY O 655 48.86 -45.06 42.70
C GLY O 655 48.52 -43.87 43.59
N GLU O 656 47.47 -43.15 43.25
CA GLU O 656 47.13 -41.99 44.06
C GLU O 656 45.65 -41.61 44.11
N GLY O 657 45.06 -41.21 42.99
CA GLY O 657 43.67 -40.81 42.99
C GLY O 657 43.61 -39.30 42.92
N LEU O 658 43.77 -38.64 44.06
CA LEU O 658 43.78 -37.18 44.18
C LEU O 658 45.03 -36.85 44.97
N ARG O 659 45.55 -35.66 44.80
CA ARG O 659 46.69 -35.24 45.56
C ARG O 659 46.96 -33.79 45.28
N PHE O 660 46.41 -32.92 46.13
CA PHE O 660 46.62 -31.48 46.00
C PHE O 660 48.13 -31.26 46.28
N TYR O 661 48.93 -31.62 45.28
CA TYR O 661 50.37 -31.55 45.38
C TYR O 661 50.95 -30.14 45.58
N GLY O 662 50.10 -29.15 45.86
CA GLY O 662 50.61 -27.80 46.08
C GLY O 662 51.12 -27.86 47.52
N LYS O 663 50.35 -28.61 48.31
CA LYS O 663 50.64 -28.85 49.69
C LYS O 663 51.64 -30.04 49.74
N PRO O 664 52.60 -30.02 50.72
CA PRO O 664 53.58 -31.11 50.83
C PRO O 664 52.89 -32.44 51.14
N ASP O 665 52.03 -32.46 52.16
CA ASP O 665 51.34 -33.69 52.53
C ASP O 665 50.26 -34.05 51.52
N GLY O 666 49.97 -33.11 50.61
CA GLY O 666 48.93 -33.31 49.59
C GLY O 666 47.50 -33.38 50.10
N ARG O 667 47.21 -32.53 51.10
CA ARG O 667 45.88 -32.47 51.72
C ARG O 667 45.47 -31.02 51.68
N ALA O 668 44.20 -30.79 51.32
CA ALA O 668 43.65 -29.46 51.24
C ALA O 668 43.11 -29.08 52.61
N VAL O 669 43.28 -27.81 52.94
CA VAL O 669 42.87 -27.26 54.22
C VAL O 669 41.40 -26.87 54.29
N ILE O 670 40.76 -27.14 55.44
CA ILE O 670 39.37 -26.77 55.67
C ILE O 670 39.47 -25.79 56.80
N LEU O 671 39.08 -24.55 56.53
CA LEU O 671 39.19 -23.53 57.56
C LEU O 671 37.94 -23.29 58.39
N GLY O 672 38.15 -23.27 59.71
CA GLY O 672 37.07 -22.97 60.61
C GLY O 672 37.14 -21.45 60.79
N VAL O 673 36.15 -20.74 60.24
CA VAL O 673 36.18 -19.29 60.36
C VAL O 673 34.82 -18.75 60.78
N PRO O 674 34.83 -17.61 61.49
CA PRO O 674 33.60 -16.97 62.01
C PRO O 674 33.07 -15.82 61.17
N TYR O 675 31.75 -15.74 61.07
CA TYR O 675 31.16 -14.64 60.35
C TYR O 675 31.60 -13.34 61.04
N GLU O 676 31.81 -12.30 60.27
CA GLU O 676 32.15 -11.02 60.86
C GLU O 676 31.37 -9.96 60.10
N PRO O 677 31.32 -8.74 60.64
CA PRO O 677 30.55 -7.77 59.87
C PRO O 677 31.44 -6.91 58.94
N PRO O 678 30.82 -6.20 57.99
CA PRO O 678 31.51 -5.30 57.07
C PRO O 678 32.08 -4.09 57.81
N ALA O 679 33.08 -3.47 57.20
CA ALA O 679 33.74 -2.32 57.78
C ALA O 679 32.77 -1.18 58.09
N GLU O 680 31.87 -0.91 57.15
CA GLU O 680 30.91 0.16 57.37
C GLU O 680 29.49 -0.33 57.00
N SER O 681 28.57 -0.27 57.96
CA SER O 681 27.18 -0.64 57.72
C SER O 681 26.32 0.63 57.85
N PRO O 682 25.12 0.62 57.25
CA PRO O 682 24.22 1.79 57.35
C PRO O 682 23.84 2.14 58.79
N ASP O 683 23.78 3.46 59.02
CA ASP O 683 23.46 4.08 60.29
C ASP O 683 22.09 4.72 60.20
N GLU O 684 21.92 5.74 61.02
CA GLU O 684 20.67 6.49 61.06
C GLU O 684 20.93 7.68 60.13
N GLU O 685 22.17 8.16 60.13
CA GLU O 685 22.48 9.28 59.25
C GLU O 685 22.57 8.73 57.80
N PHE O 686 23.35 7.66 57.61
CA PHE O 686 23.53 7.08 56.28
C PHE O 686 22.79 5.75 56.21
N GLY O 687 21.50 5.80 55.89
CA GLY O 687 20.66 4.59 55.85
C GLY O 687 20.76 3.57 54.73
N PHE O 688 21.35 3.95 53.60
CA PHE O 688 21.46 3.06 52.46
C PHE O 688 22.77 2.26 52.31
N TRP O 689 22.64 1.06 51.73
CA TRP O 689 23.80 0.23 51.43
C TRP O 689 24.29 0.70 50.07
N LEU O 690 25.60 0.91 49.90
CA LEU O 690 26.08 1.31 48.60
C LEU O 690 26.79 0.14 47.94
N VAL O 691 26.09 -0.51 47.01
CA VAL O 691 26.66 -1.63 46.27
C VAL O 691 27.23 -1.04 45.01
N THR O 692 28.34 -1.57 44.56
CA THR O 692 28.99 -0.98 43.40
C THR O 692 29.36 -2.03 42.40
N GLY O 693 29.16 -1.76 41.11
CA GLY O 693 29.50 -2.78 40.15
C GLY O 693 29.63 -2.36 38.69
N ARG O 694 29.14 -3.24 37.82
CA ARG O 694 29.24 -3.01 36.38
C ARG O 694 27.93 -3.21 35.62
N VAL O 695 28.01 -3.06 34.30
CA VAL O 695 26.88 -3.15 33.43
C VAL O 695 27.37 -3.80 32.17
N LEU O 696 26.55 -4.67 31.59
CA LEU O 696 26.87 -5.42 30.36
C LEU O 696 27.58 -4.64 29.27
N GLU O 697 27.01 -3.51 28.92
CA GLU O 697 27.53 -2.66 27.87
C GLU O 697 28.88 -1.96 28.12
N HIS O 698 29.34 -1.88 29.38
CA HIS O 698 30.59 -1.17 29.64
C HIS O 698 31.65 -1.89 30.41
N TRP O 699 32.88 -1.66 29.96
CA TRP O 699 34.08 -2.26 30.56
C TRP O 699 34.80 -1.23 31.46
N HIS O 700 34.80 -1.48 32.77
CA HIS O 700 35.45 -0.63 33.80
C HIS O 700 35.24 0.89 33.69
N SER O 701 36.30 1.58 33.25
CA SER O 701 36.30 3.04 33.07
C SER O 701 35.52 3.52 31.84
N GLY O 702 35.11 2.57 30.98
CA GLY O 702 34.42 2.94 29.77
C GLY O 702 35.35 3.67 28.79
N SER O 703 36.67 3.68 29.05
CA SER O 703 37.61 4.38 28.14
C SER O 703 37.55 3.74 26.78
N MET O 704 37.07 2.51 26.74
CA MET O 704 36.97 1.90 25.44
C MET O 704 35.51 1.79 25.02
N THR O 705 34.66 1.30 25.91
CA THR O 705 33.29 1.11 25.50
C THR O 705 32.53 2.41 25.38
N LEU O 706 32.87 3.39 26.21
CA LEU O 706 32.18 4.68 26.09
C LEU O 706 32.55 5.39 24.80
N ARG O 707 33.39 4.74 24.00
CA ARG O 707 33.79 5.30 22.73
C ARG O 707 33.18 4.53 21.59
N TRP O 708 32.78 3.29 21.85
CA TRP O 708 32.13 2.52 20.80
C TRP O 708 30.71 3.11 20.88
N PRO O 709 30.20 3.73 19.77
CA PRO O 709 28.88 4.38 19.72
C PRO O 709 27.68 3.59 20.19
N GLU O 710 27.48 2.40 19.64
CA GLU O 710 26.34 1.64 20.07
C GLU O 710 26.34 1.33 21.58
N LEU O 711 27.53 1.14 22.17
CA LEU O 711 27.58 0.82 23.58
C LEU O 711 27.28 2.09 24.39
N TYR O 712 27.82 3.21 23.92
CA TYR O 712 27.61 4.45 24.64
C TYR O 712 26.13 4.72 24.62
N LYS O 713 25.59 4.81 23.41
CA LYS O 713 24.16 5.04 23.19
C LYS O 713 23.27 4.12 24.04
N ALA O 714 23.67 2.84 24.10
CA ALA O 714 22.95 1.81 24.86
C ALA O 714 22.86 2.09 26.37
N PHE O 715 23.82 2.85 26.91
CA PHE O 715 23.87 3.18 28.34
C PHE O 715 24.85 4.34 28.48
N PRO O 716 24.45 5.53 27.98
CA PRO O 716 25.30 6.71 28.01
C PRO O 716 25.99 7.07 29.32
N GLY O 717 25.25 7.13 30.43
CA GLY O 717 25.90 7.50 31.68
C GLY O 717 25.44 6.68 32.88
N ALA O 718 26.23 6.77 33.94
CA ALA O 718 25.97 6.04 35.18
C ALA O 718 24.63 6.43 35.78
N VAL O 719 24.12 5.53 36.61
CA VAL O 719 22.81 5.75 37.24
C VAL O 719 22.75 5.10 38.61
N CYS O 720 21.92 5.66 39.49
CA CYS O 720 21.75 5.07 40.79
C CYS O 720 20.47 4.21 40.77
N PHE O 721 20.63 2.89 40.96
CA PHE O 721 19.46 2.02 40.99
C PHE O 721 18.95 2.07 42.41
N MET O 722 17.65 2.32 42.54
CA MET O 722 17.04 2.40 43.86
C MET O 722 15.67 1.68 43.89
N HIS O 723 15.09 1.50 45.07
CA HIS O 723 13.78 0.84 45.15
C HIS O 723 12.69 1.84 44.73
N PRO O 724 11.68 1.38 43.99
CA PRO O 724 10.62 2.29 43.58
C PRO O 724 9.92 2.96 44.74
N GLU O 725 9.91 2.33 45.91
CA GLU O 725 9.26 2.94 47.07
C GLU O 725 10.22 3.77 47.91
N ASP O 726 11.49 3.37 47.96
CA ASP O 726 12.47 4.14 48.69
C ASP O 726 12.59 5.50 48.03
N ALA O 727 12.02 5.62 46.84
CA ALA O 727 12.05 6.88 46.13
C ALA O 727 10.79 7.69 46.44
N ARG O 728 9.62 7.10 46.20
CA ARG O 728 8.34 7.77 46.47
C ARG O 728 8.44 8.49 47.83
N SER O 729 8.87 7.73 48.84
CA SER O 729 9.00 8.25 50.20
C SER O 729 9.80 9.55 50.30
N ARG O 730 11.00 9.55 49.71
CA ARG O 730 11.84 10.74 49.77
C ARG O 730 11.35 11.81 48.78
N GLY O 731 10.21 11.55 48.14
CA GLY O 731 9.65 12.49 47.19
C GLY O 731 10.44 12.54 45.91
N LEU O 732 11.12 11.43 45.61
CA LEU O 732 11.93 11.25 44.40
C LEU O 732 11.21 10.38 43.37
N ASN O 733 11.43 10.69 42.10
CA ASN O 733 10.83 9.91 41.04
C ASN O 733 11.99 9.36 40.23
N ARG O 734 11.66 8.67 39.16
CA ARG O 734 12.68 8.14 38.27
C ARG O 734 13.21 9.34 37.46
N GLY O 735 14.53 9.50 37.42
CA GLY O 735 15.09 10.60 36.67
C GLY O 735 15.53 11.77 37.52
N SER O 736 15.11 11.78 38.78
CA SER O 736 15.51 12.84 39.70
C SER O 736 17.03 12.87 39.84
N GLU O 737 17.58 14.05 40.03
CA GLU O 737 19.02 14.19 40.19
C GLU O 737 19.35 14.02 41.69
N VAL O 738 19.86 12.85 42.06
CA VAL O 738 20.18 12.60 43.45
C VAL O 738 21.66 12.75 43.81
N ARG O 739 21.91 12.84 45.11
CA ARG O 739 23.25 12.97 45.60
C ARG O 739 23.56 11.73 46.43
N VAL O 740 24.43 10.87 45.91
CA VAL O 740 24.80 9.71 46.69
C VAL O 740 25.96 10.25 47.58
N ILE O 741 25.70 10.28 48.90
CA ILE O 741 26.65 10.83 49.86
C ILE O 741 27.18 9.89 50.94
N SER O 742 28.46 10.10 51.26
CA SER O 742 29.19 9.34 52.27
C SER O 742 30.03 10.26 53.12
N ARG O 743 30.68 9.71 54.14
CA ARG O 743 31.54 10.51 54.99
C ARG O 743 32.78 10.91 54.16
N ARG O 744 32.93 10.29 52.98
CA ARG O 744 34.05 10.56 52.10
C ARG O 744 33.73 11.37 50.84
N GLY O 745 32.51 11.28 50.31
CA GLY O 745 32.20 12.06 49.10
C GLY O 745 30.77 12.01 48.56
N GLU O 746 30.53 12.75 47.46
CA GLU O 746 29.22 12.81 46.82
C GLU O 746 29.29 12.70 45.32
N ILE O 747 28.18 12.23 44.76
CA ILE O 747 28.03 12.16 43.33
C ILE O 747 26.62 12.61 43.07
N ARG O 748 26.40 12.96 41.83
CA ARG O 748 25.08 13.30 41.34
C ARG O 748 24.94 12.28 40.20
N THR O 749 24.02 11.34 40.36
CA THR O 749 23.75 10.36 39.31
C THR O 749 22.25 10.62 39.28
N ARG O 750 21.57 10.10 38.28
CA ARG O 750 20.15 10.29 38.32
C ARG O 750 19.63 8.95 38.77
N LEU O 751 18.46 9.01 39.37
CA LEU O 751 17.80 7.85 39.91
C LEU O 751 17.27 7.02 38.77
N GLU O 752 17.22 5.72 38.99
CA GLU O 752 16.59 4.87 38.03
C GLU O 752 16.03 3.75 38.80
N THR O 753 14.72 3.70 38.82
CA THR O 753 14.05 2.63 39.49
C THR O 753 13.39 2.02 38.29
N ARG O 754 13.13 0.73 38.35
CA ARG O 754 12.53 0.03 37.22
C ARG O 754 13.57 -0.26 36.13
N GLY O 755 14.84 -0.31 36.51
CA GLY O 755 15.90 -0.64 35.57
C GLY O 755 16.15 -2.13 35.67
N ARG O 756 17.30 -2.61 35.19
CA ARG O 756 17.59 -4.05 35.24
C ARG O 756 17.79 -4.57 36.67
N ASN O 757 18.51 -3.80 37.48
CA ASN O 757 18.76 -4.17 38.86
C ASN O 757 17.63 -3.69 39.76
N ARG O 758 16.88 -4.66 40.29
CA ARG O 758 15.76 -4.40 41.16
C ARG O 758 16.23 -4.48 42.62
N MET O 759 16.53 -3.30 43.15
CA MET O 759 17.03 -3.16 44.51
C MET O 759 16.07 -3.50 45.65
N PRO O 760 16.63 -4.00 46.77
CA PRO O 760 15.79 -4.32 47.93
C PRO O 760 15.75 -3.02 48.72
N ARG O 761 14.75 -2.85 49.57
CA ARG O 761 14.67 -1.60 50.31
C ARG O 761 15.91 -1.40 51.14
N GLY O 762 16.50 -0.21 51.01
CA GLY O 762 17.71 0.13 51.77
C GLY O 762 19.04 -0.15 51.08
N VAL O 763 18.97 -0.69 49.86
CA VAL O 763 20.17 -1.00 49.08
C VAL O 763 20.15 -0.27 47.73
N VAL O 764 21.26 0.39 47.43
CA VAL O 764 21.42 1.18 46.21
C VAL O 764 22.65 0.73 45.39
N PHE O 765 22.54 0.73 44.06
CA PHE O 765 23.65 0.28 43.22
C PHE O 765 24.06 1.28 42.13
N VAL O 766 25.34 1.61 42.06
CA VAL O 766 25.78 2.51 40.99
C VAL O 766 26.99 1.93 40.31
N PRO O 767 26.95 1.84 38.97
CA PRO O 767 28.07 1.30 38.20
C PRO O 767 29.14 2.41 38.14
N TRP O 768 30.41 2.03 38.01
CA TRP O 768 31.49 3.02 38.01
C TRP O 768 32.15 3.47 36.70
N PHE O 769 31.64 3.03 35.55
CA PHE O 769 32.20 3.37 34.23
C PHE O 769 32.25 4.85 33.83
N ASP O 770 31.45 5.68 34.47
CA ASP O 770 31.39 7.10 34.15
C ASP O 770 32.38 8.00 34.95
N ALA O 771 33.36 8.58 34.26
CA ALA O 771 34.34 9.46 34.92
C ALA O 771 33.67 10.76 35.40
N SER O 772 32.52 11.11 34.85
CA SER O 772 31.86 12.30 35.34
C SER O 772 31.36 11.92 36.74
N GLN O 773 30.99 10.65 36.91
CA GLN O 773 30.44 10.21 38.17
C GLN O 773 31.38 9.28 38.95
N LEU O 774 32.42 9.87 39.54
CA LEU O 774 33.39 9.07 40.29
C LEU O 774 32.85 8.52 41.64
N ILE O 775 32.21 7.35 41.61
CA ILE O 775 31.65 6.79 42.83
C ILE O 775 32.77 6.44 43.78
N ASN O 776 33.94 6.19 43.22
CA ASN O 776 35.02 5.80 44.10
C ASN O 776 35.46 6.87 45.06
N LYS O 777 34.83 8.04 44.99
CA LYS O 777 35.09 9.13 45.94
C LYS O 777 34.27 8.78 47.19
N VAL O 778 33.12 8.16 46.95
CA VAL O 778 32.17 7.77 47.99
C VAL O 778 32.57 6.49 48.71
N THR O 779 33.30 5.62 48.01
CA THR O 779 33.72 4.31 48.54
C THR O 779 34.74 4.29 49.69
N LEU O 780 34.60 3.29 50.55
CA LEU O 780 35.51 3.12 51.71
C LEU O 780 36.72 2.21 51.43
N ASP O 781 37.86 2.77 51.81
CA ASP O 781 39.19 2.18 51.71
C ASP O 781 39.40 0.75 52.32
N ALA O 782 38.37 0.12 52.90
CA ALA O 782 38.61 -1.18 53.55
C ALA O 782 38.99 -2.37 52.67
N ASN O 783 39.86 -3.26 53.18
CA ASN O 783 40.32 -4.47 52.45
C ASN O 783 40.16 -5.75 53.28
N ASP O 784 40.35 -6.89 52.63
CA ASP O 784 40.33 -8.15 53.38
C ASP O 784 41.80 -8.11 53.85
N PRO O 785 42.01 -7.93 55.17
CA PRO O 785 43.34 -7.86 55.79
C PRO O 785 44.39 -8.96 55.42
N ILE O 786 43.96 -10.09 54.85
CA ILE O 786 44.89 -11.15 54.42
C ILE O 786 45.37 -10.92 52.95
N SER O 787 44.41 -10.76 52.03
CA SER O 787 44.67 -10.59 50.62
C SER O 787 44.93 -9.15 50.27
N ARG O 788 44.38 -8.26 51.10
CA ARG O 788 44.50 -6.82 50.93
C ARG O 788 43.70 -6.30 49.75
N GLN O 789 42.63 -7.01 49.41
CA GLN O 789 41.74 -6.62 48.32
C GLN O 789 40.68 -5.65 48.85
N THR O 790 40.68 -4.42 48.40
CA THR O 790 39.67 -3.50 48.90
C THR O 790 38.26 -4.03 48.60
N ASP O 791 37.28 -3.61 49.42
CA ASP O 791 35.89 -4.06 49.30
C ASP O 791 35.00 -2.91 48.75
N PHE O 792 34.54 -3.07 47.51
CA PHE O 792 33.70 -2.04 46.89
C PHE O 792 32.20 -2.38 46.93
N LYS O 793 31.83 -3.53 47.47
CA LYS O 793 30.42 -3.88 47.46
C LYS O 793 29.49 -3.37 48.58
N LYS O 794 30.03 -2.71 49.60
CA LYS O 794 29.15 -2.18 50.67
C LYS O 794 29.75 -1.12 51.56
N CYS O 795 28.93 -0.13 51.89
CA CYS O 795 29.30 0.98 52.78
C CYS O 795 28.01 1.75 52.96
N ALA O 796 27.95 2.63 53.96
CA ALA O 796 26.73 3.39 54.21
C ALA O 796 26.73 4.66 53.39
N VAL O 797 25.58 4.97 52.80
CA VAL O 797 25.44 6.16 51.98
C VAL O 797 24.08 6.83 52.18
N LYS O 798 24.06 8.15 52.07
CA LYS O 798 22.81 8.88 52.19
C LYS O 798 22.43 9.53 50.83
N ILE O 799 21.12 9.67 50.56
CA ILE O 799 20.65 10.22 49.29
C ILE O 799 19.65 11.39 49.38
N GLU O 800 20.00 12.53 48.78
CA GLU O 800 19.14 13.72 48.78
C GLU O 800 19.05 14.35 47.38
N ALA O 801 18.08 15.13 47.09
N ASP P 2 24.74 14.58 27.83
CA ASP P 2 26.22 14.51 27.49
C ASP P 2 26.98 15.59 28.31
N ALA P 3 27.74 15.10 29.30
CA ALA P 3 28.45 15.97 30.23
C ALA P 3 29.96 15.72 30.37
N PRO P 4 30.66 16.31 31.38
CA PRO P 4 32.11 16.17 31.51
C PRO P 4 32.61 14.87 31.04
N ARG P 5 33.16 14.92 29.83
CA ARG P 5 33.69 13.75 29.17
C ARG P 5 33.78 12.66 30.21
N LEU P 6 32.75 11.83 30.23
CA LEU P 6 32.69 10.71 31.15
C LEU P 6 34.01 10.00 30.79
N THR P 7 34.68 10.52 29.78
CA THR P 7 35.95 9.98 29.32
C THR P 7 37.16 10.64 30.01
N GLY P 8 37.11 11.97 30.23
CA GLY P 8 38.22 12.68 30.84
C GLY P 8 38.03 13.33 32.21
N ALA P 9 36.78 13.53 32.62
CA ALA P 9 36.43 14.14 33.91
C ALA P 9 37.08 15.51 34.14
N ASP P 10 36.28 16.58 34.13
CA ASP P 10 36.78 17.94 34.33
C ASP P 10 37.48 18.05 35.67
N ARG P 11 38.57 18.85 35.76
CA ARG P 11 39.35 19.04 37.01
C ARG P 11 38.79 18.05 38.04
N PRO P 12 39.10 16.74 37.84
CA PRO P 12 38.63 15.62 38.66
C PRO P 12 38.13 15.82 40.06
N MET P 13 37.05 15.11 40.36
CA MET P 13 36.45 15.11 41.67
C MET P 13 35.88 16.43 42.15
N SER P 14 35.94 17.43 41.28
CA SER P 14 35.44 18.77 41.56
C SER P 14 33.96 18.85 42.06
N GLU P 15 33.04 18.25 41.29
CA GLU P 15 31.59 18.22 41.53
C GLU P 15 30.99 18.45 40.15
N VAL P 16 30.31 17.43 39.67
CA VAL P 16 29.69 17.50 38.35
C VAL P 16 28.19 17.25 38.39
N ALA P 17 27.48 17.97 37.53
CA ALA P 17 26.04 17.83 37.41
C ALA P 17 25.80 16.70 36.42
N ALA P 18 24.87 15.82 36.75
CA ALA P 18 24.57 14.69 35.89
C ALA P 18 23.36 14.97 35.00
N PRO P 19 23.56 14.98 33.67
CA PRO P 19 22.50 15.23 32.70
C PRO P 19 21.37 14.26 32.95
N PRO P 20 20.16 14.59 32.47
CA PRO P 20 19.01 13.71 32.66
C PRO P 20 19.03 12.48 31.76
N LEU P 21 18.51 11.39 32.30
CA LEU P 21 18.44 10.14 31.58
C LEU P 21 18.07 10.41 30.13
N PRO P 22 18.78 9.79 29.20
CA PRO P 22 18.47 9.99 27.79
C PRO P 22 17.31 9.06 27.50
N GLU P 23 16.53 9.36 26.47
CA GLU P 23 15.39 8.50 26.21
C GLU P 23 15.66 7.49 25.14
N THR P 24 15.17 6.30 25.41
CA THR P 24 15.27 5.16 24.53
C THR P 24 14.61 5.49 23.20
N ILE P 25 15.08 4.85 22.14
CA ILE P 25 14.51 5.10 20.84
C ILE P 25 13.51 4.01 20.53
N THR P 26 12.24 4.39 20.54
CA THR P 26 11.13 3.51 20.31
C THR P 26 10.65 3.51 18.89
N ASP P 27 11.17 4.43 18.08
CA ASP P 27 10.80 4.53 16.66
C ASP P 27 11.26 3.22 16.04
N ASP P 28 10.30 2.38 15.67
CA ASP P 28 10.56 1.04 15.16
C ASP P 28 11.34 0.84 13.88
N ARG P 29 12.34 1.68 13.62
CA ARG P 29 13.15 1.57 12.41
C ARG P 29 14.44 0.76 12.60
N ARG P 30 14.57 -0.34 11.86
CA ARG P 30 15.78 -1.16 11.93
C ARG P 30 16.95 -0.27 11.55
N VAL P 31 18.16 -0.54 12.06
CA VAL P 31 19.25 0.36 11.79
C VAL P 31 20.27 0.13 10.69
N GLY P 32 20.72 -1.08 10.47
CA GLY P 32 21.67 -1.24 9.39
C GLY P 32 23.09 -1.32 9.89
N ARG P 33 23.73 -2.47 9.63
CA ARG P 33 25.06 -2.72 10.12
C ARG P 33 26.15 -2.67 9.05
N ASN P 34 27.39 -2.88 9.49
CA ASN P 34 28.56 -2.80 8.63
C ASN P 34 29.18 -4.16 8.24
N TYR P 35 29.05 -5.15 9.10
CA TYR P 35 29.60 -6.45 8.78
C TYR P 35 28.58 -7.48 9.21
N PRO P 36 28.63 -8.69 8.62
CA PRO P 36 27.66 -9.71 9.02
C PRO P 36 27.96 -9.86 10.50
N GLU P 37 27.34 -10.75 11.22
CA GLU P 37 27.68 -10.85 12.65
C GLU P 37 27.79 -9.57 13.49
N GLN P 38 27.36 -8.41 13.01
CA GLN P 38 27.37 -7.25 13.87
C GLN P 38 25.96 -7.30 14.44
N PRO P 39 25.81 -7.57 15.75
CA PRO P 39 24.47 -7.64 16.35
C PRO P 39 23.54 -6.45 16.10
N PRO P 40 22.39 -6.70 15.48
CA PRO P 40 21.42 -5.62 15.21
C PRO P 40 21.13 -4.96 16.53
N VAL P 41 20.81 -3.68 16.47
CA VAL P 41 20.45 -2.95 17.66
C VAL P 41 18.93 -3.10 17.78
N ILE P 42 18.39 -3.08 19.00
CA ILE P 42 16.94 -3.18 19.16
C ILE P 42 16.23 -1.84 18.90
N PRO P 43 15.44 -1.77 17.82
CA PRO P 43 14.73 -0.55 17.44
C PRO P 43 13.45 -0.26 18.22
N HIS P 44 13.06 -1.17 19.13
CA HIS P 44 11.84 -0.96 19.87
C HIS P 44 12.14 -0.99 21.34
N SER P 45 11.09 -0.94 22.18
CA SER P 45 11.32 -0.97 23.62
C SER P 45 11.49 -2.37 24.18
N ILE P 46 12.06 -2.44 25.38
CA ILE P 46 12.27 -3.70 26.07
C ILE P 46 11.40 -3.72 27.31
N GLU P 47 11.55 -2.68 28.12
CA GLU P 47 10.81 -2.51 29.38
C GLU P 47 10.19 -3.74 30.06
N GLY P 48 8.90 -3.95 29.83
CA GLY P 48 8.23 -5.06 30.47
C GLY P 48 8.60 -6.46 30.05
N TYR P 49 9.37 -6.58 28.98
CA TYR P 49 9.72 -7.89 28.45
C TYR P 49 10.55 -8.70 29.40
N GLN P 50 10.11 -9.93 29.64
CA GLN P 50 10.80 -10.81 30.58
C GLN P 50 11.52 -11.92 29.87
N LEU P 51 12.72 -12.19 30.35
CA LEU P 51 13.56 -13.29 29.86
C LEU P 51 13.92 -14.07 31.13
N SER P 52 13.31 -15.24 31.31
CA SER P 52 13.55 -16.01 32.51
C SER P 52 13.46 -17.48 32.18
N VAL P 53 13.55 -18.30 33.23
CA VAL P 53 13.50 -19.74 33.11
C VAL P 53 12.16 -20.18 32.55
N ASN P 54 11.15 -19.36 32.82
CA ASN P 54 9.81 -19.70 32.43
C ASN P 54 9.27 -19.00 31.18
N ALA P 55 9.89 -17.90 30.80
CA ALA P 55 9.39 -17.21 29.63
C ALA P 55 10.43 -16.39 28.92
N ASN P 56 10.19 -16.18 27.62
CA ASN P 56 11.07 -15.38 26.81
C ASN P 56 10.16 -14.55 25.90
N ARG P 57 9.86 -13.32 26.30
CA ARG P 57 8.98 -12.48 25.53
C ARG P 57 9.36 -12.35 24.06
N CYS P 58 10.64 -12.22 23.80
CA CYS P 58 11.16 -12.07 22.44
C CYS P 58 10.81 -13.22 21.50
N LEU P 59 10.93 -14.45 21.97
CA LEU P 59 10.65 -15.56 21.10
C LEU P 59 9.19 -15.66 20.68
N GLU P 60 8.38 -14.74 21.23
CA GLU P 60 6.97 -14.69 20.89
C GLU P 60 6.78 -14.01 19.56
N CYS P 61 7.69 -13.11 19.22
CA CYS P 61 7.64 -12.38 17.97
C CYS P 61 8.76 -12.76 17.02
N HIS P 62 9.94 -13.08 17.54
CA HIS P 62 11.05 -13.43 16.68
C HIS P 62 11.18 -14.94 16.57
N ARG P 63 10.55 -15.50 15.56
CA ARG P 63 10.56 -16.96 15.37
C ARG P 63 10.39 -17.21 13.88
N ARG P 64 10.45 -18.46 13.46
CA ARG P 64 10.26 -18.77 12.05
C ARG P 64 9.10 -19.74 11.90
N GLN P 65 8.26 -19.58 10.89
CA GLN P 65 7.12 -20.49 10.78
C GLN P 65 7.40 -21.59 9.82
N TYR P 66 6.97 -22.80 10.19
CA TYR P 66 7.16 -23.93 9.32
C TYR P 66 5.85 -24.65 9.03
N SER P 67 5.68 -25.84 9.61
CA SER P 67 4.52 -26.68 9.35
C SER P 67 3.81 -26.38 8.03
N GLY P 68 4.60 -26.06 7.02
CA GLY P 68 4.11 -25.84 5.68
C GLY P 68 3.69 -24.45 5.30
N LEU P 69 3.46 -23.62 6.29
CA LEU P 69 3.03 -22.25 6.06
C LEU P 69 4.19 -21.25 5.80
N VAL P 70 3.83 -20.09 5.24
CA VAL P 70 4.81 -19.06 4.93
C VAL P 70 4.53 -17.73 5.62
N ALA P 71 5.47 -17.30 6.43
CA ALA P 71 5.37 -16.01 7.10
C ALA P 71 6.73 -15.41 6.99
N ALA P 72 6.84 -14.13 7.30
CA ALA P 72 8.13 -13.44 7.25
C ALA P 72 9.03 -13.85 8.42
N PRO P 73 10.28 -14.19 8.12
CA PRO P 73 11.25 -14.61 9.15
C PRO P 73 11.59 -13.52 10.13
N MET P 74 11.70 -13.89 11.40
CA MET P 74 11.99 -12.92 12.46
C MET P 74 13.25 -13.15 13.27
N ILE P 75 13.99 -14.24 12.98
CA ILE P 75 15.30 -14.52 13.58
C ILE P 75 15.98 -15.31 12.49
N SER P 76 17.32 -15.16 12.44
CA SER P 76 18.16 -15.86 11.48
C SER P 76 18.35 -17.27 12.00
N ILE P 77 18.40 -18.21 11.08
CA ILE P 77 18.54 -19.60 11.46
C ILE P 77 19.87 -19.94 12.15
N THR P 78 20.76 -18.96 12.21
CA THR P 78 22.02 -19.15 12.87
C THR P 78 21.76 -19.20 14.37
N HIS P 79 20.56 -18.77 14.77
CA HIS P 79 20.17 -18.76 16.15
C HIS P 79 19.65 -20.15 16.52
N PHE P 80 19.66 -21.06 15.54
CA PHE P 80 19.22 -22.44 15.75
C PHE P 80 20.39 -23.41 15.99
N GLN P 81 21.61 -22.98 15.72
CA GLN P 81 22.74 -23.91 15.84
C GLN P 81 23.24 -24.02 17.26
N ASP P 82 23.58 -25.25 17.64
CA ASP P 82 24.09 -25.52 18.97
C ASP P 82 25.60 -25.51 18.92
N ARG P 83 26.21 -25.51 20.08
CA ARG P 83 27.66 -25.59 20.23
C ARG P 83 27.87 -26.76 19.29
N GLU P 84 28.92 -26.76 18.48
CA GLU P 84 29.12 -27.85 17.51
C GLU P 84 28.46 -27.52 16.17
N GLY P 85 27.82 -26.38 16.11
CA GLY P 85 27.23 -25.91 14.88
C GLY P 85 26.03 -26.61 14.30
N GLN P 86 25.62 -27.72 14.91
CA GLN P 86 24.46 -28.45 14.40
C GLN P 86 23.19 -27.59 14.39
N MET P 87 22.32 -27.79 13.40
CA MET P 87 21.14 -26.97 13.41
C MET P 87 19.93 -27.66 13.94
N LEU P 88 19.54 -27.23 15.13
CA LEU P 88 18.39 -27.76 15.83
C LEU P 88 17.11 -27.35 15.12
N ALA P 89 16.01 -27.96 15.50
CA ALA P 89 14.74 -27.63 14.88
C ALA P 89 14.01 -26.40 15.48
N ASP P 90 14.77 -25.47 16.08
CA ASP P 90 14.20 -24.28 16.73
C ASP P 90 15.34 -23.61 17.46
N VAL P 91 15.17 -22.33 17.83
CA VAL P 91 16.20 -21.56 18.52
C VAL P 91 16.87 -22.33 19.63
N SER P 92 18.20 -22.36 19.65
CA SER P 92 18.85 -23.13 20.71
C SER P 92 18.97 -22.35 22.00
N PRO P 93 19.05 -23.07 23.12
CA PRO P 93 19.14 -22.49 24.45
C PRO P 93 20.31 -21.57 24.64
N ARG P 94 21.40 -21.83 23.95
CA ARG P 94 22.50 -20.88 24.04
C ARG P 94 21.78 -19.92 23.10
N ARG P 95 21.83 -18.61 23.34
CA ARG P 95 21.06 -17.64 22.51
C ARG P 95 19.71 -17.28 23.16
N TYR P 96 19.28 -18.07 24.12
CA TYR P 96 18.02 -17.81 24.81
C TYR P 96 18.04 -16.42 25.41
N PHE P 97 19.07 -16.08 26.18
CA PHE P 97 19.07 -14.74 26.72
C PHE P 97 19.61 -13.79 25.65
N CYS P 98 18.71 -13.11 24.96
CA CYS P 98 19.09 -12.18 23.89
C CYS P 98 19.77 -10.95 24.41
N THR P 99 19.20 -10.39 25.46
CA THR P 99 19.72 -9.15 26.00
C THR P 99 21.23 -9.15 26.14
N ALA P 100 21.85 -10.31 25.99
CA ALA P 100 23.30 -10.44 26.11
C ALA P 100 24.06 -9.90 24.90
N CYS P 101 23.45 -10.01 23.72
CA CYS P 101 24.07 -9.53 22.43
C CYS P 101 23.34 -8.35 21.77
N HIS P 102 22.00 -8.36 21.90
CA HIS P 102 21.17 -7.30 21.34
C HIS P 102 20.91 -6.20 22.36
N VAL P 103 21.27 -5.01 21.95
CA VAL P 103 21.12 -3.88 22.82
C VAL P 103 20.21 -2.83 22.18
N PRO P 104 19.36 -2.18 22.99
CA PRO P 104 18.49 -1.13 22.45
C PRO P 104 19.34 0.17 22.45
N GLN P 105 18.79 1.28 21.98
CA GLN P 105 19.58 2.50 21.97
C GLN P 105 18.84 3.76 22.32
N THR P 106 19.58 4.74 22.81
CA THR P 106 19.00 6.02 23.23
C THR P 106 19.53 7.14 22.38
N ASN P 107 18.98 8.33 22.62
CA ASN P 107 19.40 9.51 21.91
C ASN P 107 20.57 9.99 22.75
N ALA P 108 21.78 9.64 22.36
CA ALA P 108 22.90 10.09 23.13
C ALA P 108 24.00 10.45 22.15
N GLN P 109 24.61 11.61 22.35
CA GLN P 109 25.65 12.04 21.45
C GLN P 109 26.96 11.45 21.88
N PRO P 110 27.58 10.67 20.99
CA PRO P 110 28.87 10.04 21.28
C PRO P 110 29.77 11.19 21.71
N LEU P 111 30.49 10.98 22.80
CA LEU P 111 31.37 12.01 23.34
C LEU P 111 32.61 12.22 22.45
N VAL P 112 32.81 11.33 21.49
CA VAL P 112 33.97 11.37 20.62
C VAL P 112 33.67 10.55 19.39
N THR P 113 34.05 11.01 18.20
CA THR P 113 33.73 10.21 17.00
C THR P 113 34.61 8.97 16.91
N ASN P 114 34.05 7.90 16.35
CA ASN P 114 34.80 6.67 16.24
C ASN P 114 35.12 6.46 14.76
N GLU P 115 36.41 6.44 14.43
CA GLU P 115 36.83 6.30 13.04
C GLU P 115 36.91 4.88 12.54
N PHE P 116 35.98 4.04 12.98
CA PHE P 116 35.93 2.66 12.51
C PHE P 116 35.50 2.72 11.04
N ARG P 117 36.14 1.95 10.17
CA ARG P 117 35.79 2.02 8.76
C ARG P 117 35.01 0.80 8.25
N ASP P 118 34.18 1.03 7.23
CA ASP P 118 33.36 -0.03 6.63
C ASP P 118 34.17 -0.98 5.71
N MET P 119 33.82 -2.26 5.62
CA MET P 119 34.58 -3.18 4.76
C MET P 119 34.65 -2.74 3.30
N LEU P 120 33.52 -2.39 2.70
CA LEU P 120 33.52 -1.92 1.30
C LEU P 120 33.63 -0.43 1.43
N THR P 121 34.48 0.22 0.65
CA THR P 121 34.59 1.69 0.78
C THR P 121 35.08 2.07 2.16
N LEU P 122 36.33 1.76 2.47
CA LEU P 122 36.87 2.04 3.79
C LEU P 122 36.64 3.47 4.27
N MET P 123 35.38 3.88 4.22
CA MET P 123 34.91 5.18 4.64
C MET P 123 34.39 4.99 6.08
N PRO P 124 34.60 5.99 6.96
CA PRO P 124 34.10 5.86 8.34
C PRO P 124 32.63 5.45 8.30
N ALA P 125 32.30 4.36 8.99
CA ALA P 125 30.94 3.84 9.04
C ALA P 125 29.84 4.81 9.42
N SER P 126 28.71 4.68 8.75
CA SER P 126 27.55 5.50 9.08
C SER P 126 26.32 4.60 8.81
N ASN P 127 25.52 4.45 9.85
CA ASN P 127 24.34 3.57 9.83
C ASN P 127 22.98 4.34 9.72
N GLU P 128 22.77 5.24 10.56
#